data_6S3U
#
_entry.id   6S3U
#
_cell.length_a   459.190
_cell.length_b   116.660
_cell.length_c   285.640
_cell.angle_alpha   90.00
_cell.angle_beta   124.20
_cell.angle_gamma   90.00
#
_symmetry.space_group_name_H-M   'C 1 2 1'
#
_entity_poly.entity_id   1
_entity_poly.type   'polypeptide(L)'
_entity_poly.pdbx_seq_one_letter_code
;SVKHQQAVDETLTPWTWNNNNFSSLKITGENPGSFGLVRSQNDNLNISSVTKNSSDDNLKYLNAVEKYLDGQQNFAIRRY
DNNGRALYDINLAKMENPSTVQRGLNGEPIFDPFKGFGLTGNAPTDWNEIKGKVPVEVVQSPHSPNLYFVLLVPKVALEY
HNLNNQVVKESLEVKATQSSFNPTQRLQKDSPVKDSSKQGEKLSETTASSMSSGMATSTRAKALKVEVERGSQSDSLLKN
DFAKKPLKHKNSSGEVKLEAEKEFTEAWKPLLTTDQIAREKGMGATVVSFYDAPYSENHTAFGLVDHIDPKKMVENYPPS
WKTPKWNHHGIWDYNARNLLLQTTGFFNPRRHPEWFDEGQAKADNTSPGFKVGDTDHKKDGFKKNSSSPIALPFEAYFAN
IGNMVAIGNSVFIFGGNGHATKMFTTNPLSIGVFRIKYTDNFSKSSVTGWPYAVLFGGLINPQTNGLKDLPLGTNRWFEY
VPRMAVSGVKWVGNQLVLAGTLTMGDTATVPRLKYDQLEKHLNLVAQGQGLLREDLQIFTPYGWANRPDIPVGAWLQDEM
GSKFGPHYFLNNPDIQDNVNNDTVEALISSYKNTDKLKHVYPYRYSGLYAWQLFNWSNKLTNTPLSANFVNENSYAPNSL
FAAILNEDLLTGLSDKIFYGKENEFAENEADRFNQLLSLNPNPNTNWARYLNVVQRFTTGPNLDSSTFDQFLDFLPWIGN
GKPFSNSPSPSTSASSSTPLPTFSNINVGVKSMITQHLNKENTRWVFIPNFSPDIWTGAGYRVQSANQKNGIPFEQVKPS
NNSTPFDPNSDDNKVTPSGGSSKPTTYPALPNSISPTSDWINALTFTNKNNPQRNQLLLRSLLGTIPVLINKSGDSNDQF
NKDSEQKWDKTETNEGNLPGFGEVNGLYNAALLHTYGFFGTNTNSTDPKIGFKADSSSSSSSTLVGSGLNWTSQDVGNLV
VINDTSFGFQLGGWFITFTDFIRPRTGYLGITLSSLQDQTIIWADQPWTSFKGSYLDSDGTPKSLWDPTALKSLPNSSTT
YDTNPTLSPSFQLYQPNKVKAYQTTNTYNKLIEPVDATSAATNMTSLLKLLTTKNIKAKLGKGTASSQGNNNGGGVSQTI
NTITTTGNISEGLKEETSIQAETLKKFFDSKQNNKSEIGIGDSTFTKMDGKLTGVVSTPLVNLINGQGATSDSDTEKISF
KPGNQIDFNRLFTLPVTELFDPNTMFVYDQYVPLLVNLPSGFDQASIRLKVISYSVENQTLGVRLEFKDPQTQQFIPVLN
ASSTGPQTVFQPFNQWADHHHHHH
;
_entity_poly.pdbx_strand_id   A,B,C,D,E,F
#
# COMPACT_ATOMS: atom_id res chain seq x y z
N LYS A 3 -55.52 -38.81 8.44
CA LYS A 3 -56.39 -37.73 7.97
C LYS A 3 -55.55 -36.70 7.14
N HIS A 4 -54.88 -37.18 6.04
CA HIS A 4 -54.11 -36.29 5.17
C HIS A 4 -55.11 -35.59 4.32
N GLN A 5 -55.58 -34.50 4.90
CA GLN A 5 -56.63 -33.62 4.46
C GLN A 5 -56.45 -33.04 3.07
N GLN A 6 -55.18 -32.90 2.65
CA GLN A 6 -54.84 -32.40 1.32
C GLN A 6 -53.93 -33.36 0.53
N ALA A 7 -54.23 -34.67 0.61
CA ALA A 7 -53.57 -35.71 -0.16
C ALA A 7 -54.12 -35.58 -1.57
N VAL A 8 -53.32 -35.89 -2.60
CA VAL A 8 -53.75 -35.72 -4.00
C VAL A 8 -54.95 -36.57 -4.34
N ASP A 9 -56.07 -35.90 -4.64
CA ASP A 9 -57.34 -36.51 -5.06
C ASP A 9 -57.21 -36.82 -6.54
N GLU A 10 -57.17 -38.10 -6.87
CA GLU A 10 -57.01 -38.56 -8.24
C GLU A 10 -58.23 -38.30 -9.13
N THR A 11 -59.41 -38.04 -8.55
CA THR A 11 -60.66 -37.77 -9.27
C THR A 11 -60.64 -36.38 -9.90
N LEU A 12 -59.79 -35.51 -9.35
CA LEU A 12 -59.59 -34.15 -9.86
C LEU A 12 -58.51 -34.18 -10.95
N THR A 13 -58.67 -33.34 -11.98
CA THR A 13 -57.75 -33.26 -13.11
C THR A 13 -57.53 -31.82 -13.51
N PRO A 14 -56.39 -31.45 -14.15
CA PRO A 14 -56.19 -30.02 -14.50
C PRO A 14 -57.23 -29.48 -15.47
N TRP A 15 -57.47 -28.17 -15.38
CA TRP A 15 -58.41 -27.45 -16.20
C TRP A 15 -57.91 -26.04 -16.46
N THR A 16 -58.51 -25.34 -17.41
CA THR A 16 -58.09 -23.98 -17.74
C THR A 16 -59.29 -23.06 -17.61
N TRP A 17 -59.17 -21.93 -16.88
CA TRP A 17 -60.33 -21.04 -16.78
C TRP A 17 -60.46 -20.19 -18.03
N ASN A 18 -61.63 -20.21 -18.68
CA ASN A 18 -61.90 -19.48 -19.92
C ASN A 18 -61.55 -17.98 -19.85
N ASN A 19 -61.89 -17.32 -18.73
CA ASN A 19 -61.70 -15.90 -18.52
C ASN A 19 -60.28 -15.45 -18.43
N ASN A 20 -59.34 -16.28 -17.97
CA ASN A 20 -57.94 -15.79 -17.91
C ASN A 20 -56.95 -16.64 -18.70
N ASN A 21 -57.30 -17.93 -18.84
CA ASN A 21 -56.58 -19.04 -19.47
C ASN A 21 -55.47 -19.54 -18.56
N PHE A 22 -55.70 -19.46 -17.23
CA PHE A 22 -54.76 -19.99 -16.24
C PHE A 22 -54.99 -21.48 -16.08
N SER A 23 -53.90 -22.26 -16.05
CA SER A 23 -54.01 -23.70 -15.89
C SER A 23 -53.02 -24.22 -14.86
N SER A 24 -51.91 -23.46 -14.68
CA SER A 24 -50.83 -23.74 -13.74
C SER A 24 -49.90 -22.54 -13.66
N LEU A 25 -49.29 -22.33 -12.47
CA LEU A 25 -48.31 -21.28 -12.21
C LEU A 25 -46.96 -21.96 -12.17
N LYS A 26 -45.97 -21.42 -12.90
CA LYS A 26 -44.62 -21.98 -12.91
C LYS A 26 -43.92 -21.49 -11.65
N ILE A 27 -43.75 -22.37 -10.66
CA ILE A 27 -43.11 -21.99 -9.41
C ILE A 27 -41.61 -22.00 -9.59
N THR A 28 -40.99 -20.84 -9.32
CA THR A 28 -39.55 -20.59 -9.39
C THR A 28 -38.96 -20.68 -8.00
N GLY A 29 -37.66 -20.44 -7.92
CA GLY A 29 -36.97 -20.38 -6.65
C GLY A 29 -36.48 -21.67 -6.03
N GLU A 30 -36.23 -21.59 -4.71
CA GLU A 30 -35.66 -22.65 -3.90
C GLU A 30 -36.45 -23.96 -3.98
N ASN A 31 -37.80 -23.83 -3.88
CA ASN A 31 -38.73 -24.95 -3.98
C ASN A 31 -39.55 -24.77 -5.26
N PRO A 32 -39.00 -25.21 -6.41
CA PRO A 32 -39.72 -25.01 -7.66
C PRO A 32 -40.79 -26.06 -7.90
N GLY A 33 -41.57 -25.84 -8.95
CA GLY A 33 -42.62 -26.74 -9.33
C GLY A 33 -43.76 -26.02 -10.02
N SER A 34 -44.98 -26.39 -9.65
CA SER A 34 -46.16 -25.81 -10.25
C SER A 34 -47.34 -25.87 -9.31
N PHE A 35 -48.22 -24.87 -9.43
CA PHE A 35 -49.47 -24.81 -8.70
C PHE A 35 -50.47 -24.78 -9.83
N GLY A 36 -51.03 -25.93 -10.13
CA GLY A 36 -51.99 -26.08 -11.22
C GLY A 36 -53.43 -26.20 -10.77
N LEU A 37 -54.36 -25.55 -11.52
CA LEU A 37 -55.80 -25.65 -11.28
C LEU A 37 -56.20 -27.12 -11.43
N VAL A 38 -57.21 -27.56 -10.66
CA VAL A 38 -57.61 -28.95 -10.69
C VAL A 38 -59.15 -29.05 -10.40
N ARG A 39 -59.85 -29.90 -11.18
CA ARG A 39 -61.30 -30.04 -11.18
C ARG A 39 -61.85 -31.47 -11.25
N SER A 40 -63.08 -31.70 -10.69
CA SER A 40 -63.88 -32.93 -10.75
C SER A 40 -64.57 -32.90 -12.11
N GLN A 41 -64.62 -34.06 -12.84
CA GLN A 41 -65.23 -34.10 -14.20
C GLN A 41 -66.58 -34.91 -14.31
N ASN A 42 -67.40 -34.78 -13.26
CA ASN A 42 -68.74 -35.35 -13.17
C ASN A 42 -69.64 -34.50 -14.07
N ASP A 43 -70.60 -35.12 -14.72
CA ASP A 43 -71.51 -34.26 -15.43
C ASP A 43 -72.89 -34.46 -14.79
N ASN A 44 -73.93 -34.49 -15.65
CA ASN A 44 -75.35 -34.55 -15.33
C ASN A 44 -75.58 -33.73 -14.07
N LEU A 45 -75.40 -32.43 -14.30
CA LEU A 45 -75.59 -31.38 -13.35
C LEU A 45 -76.94 -30.65 -13.43
N ASN A 46 -77.71 -30.63 -14.52
CA ASN A 46 -78.95 -29.81 -14.60
C ASN A 46 -79.19 -28.74 -13.45
N ILE A 47 -78.64 -27.55 -13.75
CA ILE A 47 -78.84 -26.33 -13.01
C ILE A 47 -80.36 -26.01 -13.20
N SER A 48 -81.02 -26.77 -14.12
CA SER A 48 -82.45 -26.77 -14.43
C SER A 48 -83.23 -27.21 -13.20
N SER A 49 -82.63 -28.09 -12.36
CA SER A 49 -83.25 -28.54 -11.13
C SER A 49 -83.58 -27.38 -10.19
N VAL A 50 -82.65 -26.41 -10.07
CA VAL A 50 -82.81 -25.17 -9.28
C VAL A 50 -83.82 -24.28 -9.97
N THR A 51 -84.94 -24.04 -9.28
CA THR A 51 -86.08 -23.29 -9.81
C THR A 51 -86.20 -21.88 -9.29
N LYS A 52 -86.88 -21.02 -10.05
CA LYS A 52 -87.11 -19.64 -9.69
C LYS A 52 -88.59 -19.41 -9.58
N ASN A 53 -89.11 -19.40 -8.35
CA ASN A 53 -90.57 -19.28 -8.07
C ASN A 53 -91.14 -17.84 -8.21
N SER A 54 -90.61 -17.05 -9.17
CA SER A 54 -90.93 -15.65 -9.49
C SER A 54 -90.60 -14.71 -8.36
N SER A 55 -91.16 -15.02 -7.13
CA SER A 55 -91.07 -14.31 -5.85
C SER A 55 -89.76 -13.58 -5.66
N ASP A 56 -88.80 -14.17 -4.91
CA ASP A 56 -87.55 -13.47 -4.77
C ASP A 56 -86.69 -13.74 -6.00
N ASP A 57 -85.73 -12.86 -6.04
CA ASP A 57 -84.87 -12.30 -7.02
C ASP A 57 -83.73 -13.12 -7.46
N ASN A 58 -83.00 -12.52 -8.39
CA ASN A 58 -81.80 -13.01 -9.03
C ASN A 58 -80.81 -13.55 -7.98
N LEU A 59 -80.52 -12.75 -6.94
CA LEU A 59 -79.64 -13.15 -5.85
C LEU A 59 -80.12 -14.43 -5.16
N LYS A 60 -81.44 -14.50 -4.83
CA LYS A 60 -82.07 -15.65 -4.18
C LYS A 60 -81.88 -16.87 -5.05
N TYR A 61 -82.08 -16.72 -6.38
CA TYR A 61 -81.85 -17.78 -7.36
C TYR A 61 -80.39 -18.18 -7.36
N LEU A 62 -79.47 -17.21 -7.45
CA LEU A 62 -78.04 -17.47 -7.48
C LEU A 62 -77.54 -18.24 -6.29
N ASN A 63 -77.86 -17.76 -5.07
CA ASN A 63 -77.41 -18.41 -3.85
C ASN A 63 -77.77 -19.88 -3.87
N ALA A 64 -79.01 -20.17 -4.37
CA ALA A 64 -79.57 -21.50 -4.54
C ALA A 64 -78.78 -22.34 -5.54
N VAL A 65 -78.32 -21.70 -6.64
CA VAL A 65 -77.50 -22.38 -7.64
C VAL A 65 -76.15 -22.68 -7.01
N GLU A 66 -75.52 -21.68 -6.34
CA GLU A 66 -74.21 -21.91 -5.69
C GLU A 66 -74.33 -23.00 -4.66
N LYS A 67 -75.46 -23.05 -3.92
CA LYS A 67 -75.67 -24.12 -2.95
C LYS A 67 -75.76 -25.50 -3.61
N TYR A 68 -76.39 -25.54 -4.83
CA TYR A 68 -76.53 -26.77 -5.62
C TYR A 68 -75.17 -27.27 -6.06
N LEU A 69 -74.45 -26.36 -6.73
CA LEU A 69 -73.12 -26.59 -7.27
C LEU A 69 -72.15 -26.95 -6.17
N ASP A 70 -72.39 -26.43 -4.93
CA ASP A 70 -71.56 -26.74 -3.78
C ASP A 70 -71.56 -28.25 -3.54
N GLY A 71 -72.73 -28.85 -3.73
CA GLY A 71 -72.88 -30.28 -3.56
C GLY A 71 -72.63 -31.09 -4.82
N GLN A 72 -72.09 -30.49 -5.84
CA GLN A 72 -71.89 -31.24 -7.06
C GLN A 72 -70.44 -31.17 -7.56
N GLN A 73 -69.98 -29.96 -7.93
CA GLN A 73 -68.65 -29.66 -8.43
C GLN A 73 -67.60 -29.77 -7.30
N ASN A 74 -66.33 -29.95 -7.68
CA ASN A 74 -65.19 -30.01 -6.76
C ASN A 74 -63.94 -29.41 -7.37
N PHE A 75 -63.25 -28.51 -6.64
CA PHE A 75 -62.07 -27.85 -7.15
C PHE A 75 -61.00 -27.69 -6.08
N ALA A 76 -59.73 -27.71 -6.51
CA ALA A 76 -58.55 -27.47 -5.68
C ALA A 76 -57.51 -26.80 -6.56
N ILE A 77 -56.26 -26.68 -6.05
CA ILE A 77 -55.08 -26.19 -6.77
C ILE A 77 -53.98 -27.14 -6.38
N ARG A 78 -53.56 -28.10 -7.21
CA ARG A 78 -52.56 -28.96 -6.62
C ARG A 78 -51.13 -28.52 -6.92
N ARG A 79 -50.23 -28.75 -5.93
CA ARG A 79 -48.81 -28.43 -5.93
C ARG A 79 -48.06 -29.58 -6.54
N TYR A 80 -47.30 -29.32 -7.59
CA TYR A 80 -46.48 -30.31 -8.28
C TYR A 80 -44.99 -30.02 -8.00
N ASP A 81 -44.16 -31.08 -7.97
CA ASP A 81 -42.73 -30.93 -7.77
C ASP A 81 -42.09 -30.49 -9.05
N ASN A 82 -40.83 -30.08 -8.99
CA ASN A 82 -40.10 -29.60 -10.17
C ASN A 82 -40.17 -30.55 -11.40
N ASN A 83 -40.43 -31.87 -11.18
CA ASN A 83 -40.53 -32.86 -12.26
C ASN A 83 -41.91 -32.93 -12.90
N GLY A 84 -42.90 -32.36 -12.22
CA GLY A 84 -44.28 -32.33 -12.67
C GLY A 84 -45.17 -33.27 -11.89
N ARG A 85 -44.60 -34.00 -10.95
CA ARG A 85 -45.36 -34.94 -10.13
C ARG A 85 -46.13 -34.23 -9.04
N ALA A 86 -47.40 -34.57 -8.88
CA ALA A 86 -48.23 -33.99 -7.85
C ALA A 86 -47.73 -34.34 -6.45
N LEU A 87 -47.77 -33.37 -5.53
CA LEU A 87 -47.32 -33.53 -4.15
C LEU A 87 -48.50 -33.56 -3.20
N TYR A 88 -49.26 -32.46 -3.16
CA TYR A 88 -50.45 -32.30 -2.34
C TYR A 88 -51.48 -31.51 -3.08
N ASP A 89 -52.72 -31.54 -2.62
CA ASP A 89 -53.86 -30.86 -3.26
C ASP A 89 -54.06 -29.80 -2.22
N ILE A 90 -54.87 -28.81 -2.39
CA ILE A 90 -55.20 -27.89 -1.28
C ILE A 90 -56.55 -27.48 -1.84
N ASN A 91 -57.64 -28.15 -1.34
CA ASN A 91 -59.07 -28.02 -1.72
C ASN A 91 -59.77 -27.41 -0.53
N LEU A 92 -60.17 -26.13 -0.67
CA LEU A 92 -60.81 -25.35 0.41
C LEU A 92 -62.10 -25.92 0.97
N ALA A 93 -62.87 -26.59 0.12
CA ALA A 93 -64.12 -27.18 0.54
C ALA A 93 -63.91 -28.38 1.47
N LYS A 94 -62.90 -29.21 1.14
CA LYS A 94 -62.64 -30.43 1.90
C LYS A 94 -61.61 -30.25 3.04
N MET A 95 -61.12 -29.01 3.26
CA MET A 95 -60.20 -28.73 4.37
C MET A 95 -61.06 -28.55 5.62
N GLU A 96 -60.86 -29.49 6.58
CA GLU A 96 -61.58 -29.61 7.85
C GLU A 96 -61.04 -28.68 8.93
N ASN A 97 -59.70 -28.58 9.02
CA ASN A 97 -59.02 -27.73 10.00
C ASN A 97 -58.05 -26.79 9.26
N PRO A 98 -58.56 -25.73 8.57
CA PRO A 98 -57.65 -24.82 7.86
C PRO A 98 -57.03 -23.85 8.86
N SER A 99 -55.73 -23.59 8.76
CA SER A 99 -55.15 -22.70 9.75
C SER A 99 -54.46 -21.49 9.18
N THR A 100 -54.48 -20.37 9.93
CA THR A 100 -53.75 -19.16 9.57
C THR A 100 -52.33 -19.41 10.10
N VAL A 101 -51.32 -18.79 9.47
CA VAL A 101 -49.94 -18.92 9.88
C VAL A 101 -49.68 -18.07 11.14
N GLN A 102 -48.79 -18.56 12.01
CA GLN A 102 -48.33 -17.85 13.19
C GLN A 102 -47.33 -16.83 12.68
N ARG A 103 -47.32 -15.64 13.27
CA ARG A 103 -46.37 -14.59 12.90
C ARG A 103 -45.55 -14.20 14.12
N GLY A 104 -44.56 -13.35 13.86
CA GLY A 104 -43.75 -12.71 14.87
C GLY A 104 -44.45 -11.41 15.24
N LEU A 105 -43.79 -10.54 15.99
CA LEU A 105 -44.44 -9.26 16.30
C LEU A 105 -44.42 -8.33 15.11
N ASN A 106 -43.42 -8.53 14.20
CA ASN A 106 -43.18 -7.77 12.98
C ASN A 106 -44.16 -8.16 11.88
N GLY A 107 -44.83 -9.29 12.09
CA GLY A 107 -45.81 -9.83 11.16
C GLY A 107 -45.23 -10.93 10.29
N GLU A 108 -43.94 -11.22 10.49
CA GLU A 108 -43.24 -12.25 9.74
C GLU A 108 -43.67 -13.62 10.18
N PRO A 109 -44.21 -14.45 9.27
CA PRO A 109 -44.64 -15.81 9.65
C PRO A 109 -43.54 -16.67 10.25
N ILE A 110 -43.94 -17.55 11.13
CA ILE A 110 -43.12 -18.49 11.87
C ILE A 110 -42.93 -19.71 10.97
N PHE A 111 -41.66 -20.00 10.64
CA PHE A 111 -41.35 -21.08 9.72
C PHE A 111 -40.00 -21.75 9.94
N ASP A 112 -39.99 -23.10 9.96
CA ASP A 112 -38.79 -23.93 9.97
C ASP A 112 -38.84 -24.70 8.66
N PRO A 113 -37.72 -24.80 7.93
CA PRO A 113 -37.73 -25.49 6.61
C PRO A 113 -38.18 -26.92 6.60
N PHE A 114 -38.08 -27.59 7.77
CA PHE A 114 -38.41 -28.99 7.95
C PHE A 114 -39.74 -29.20 8.65
N LYS A 115 -39.96 -28.46 9.76
CA LYS A 115 -41.20 -28.51 10.54
C LYS A 115 -42.35 -27.83 9.79
N GLY A 116 -42.00 -26.82 9.02
CA GLY A 116 -42.96 -26.03 8.27
C GLY A 116 -43.41 -24.81 9.04
N PHE A 117 -44.62 -24.37 8.72
CA PHE A 117 -45.19 -23.18 9.33
C PHE A 117 -45.83 -23.47 10.66
N GLY A 118 -45.71 -22.49 11.56
CA GLY A 118 -46.37 -22.51 12.86
C GLY A 118 -47.82 -22.18 12.57
N LEU A 119 -48.74 -23.01 13.06
CA LEU A 119 -50.16 -22.79 12.73
C LEU A 119 -50.99 -22.36 13.93
N THR A 120 -51.76 -21.30 13.74
CA THR A 120 -52.58 -20.72 14.80
C THR A 120 -53.71 -21.62 15.23
N GLY A 121 -54.18 -22.42 14.28
CA GLY A 121 -55.30 -23.32 14.51
C GLY A 121 -56.59 -22.59 14.36
N ASN A 122 -56.55 -21.41 13.76
CA ASN A 122 -57.74 -20.64 13.50
C ASN A 122 -57.94 -20.56 12.01
N ALA A 123 -59.18 -20.73 11.57
CA ALA A 123 -59.48 -20.67 10.15
C ALA A 123 -59.43 -19.23 9.66
N PRO A 124 -59.05 -19.00 8.40
CA PRO A 124 -58.99 -17.61 7.91
C PRO A 124 -60.37 -16.95 7.85
N THR A 125 -60.38 -15.61 7.99
CA THR A 125 -61.55 -14.74 8.01
C THR A 125 -62.51 -15.00 6.86
N ASP A 126 -63.82 -15.09 7.18
CA ASP A 126 -64.91 -15.36 6.23
C ASP A 126 -64.74 -16.73 5.57
N TRP A 127 -64.24 -17.75 6.33
CA TRP A 127 -63.99 -19.08 5.80
C TRP A 127 -65.22 -19.75 5.21
N ASN A 128 -66.38 -19.59 5.83
CA ASN A 128 -67.59 -20.25 5.34
C ASN A 128 -68.00 -19.83 3.94
N GLU A 129 -67.84 -18.54 3.59
CA GLU A 129 -68.19 -18.06 2.24
C GLU A 129 -67.14 -18.43 1.20
N ILE A 130 -65.87 -18.29 1.58
CA ILE A 130 -64.73 -18.54 0.71
C ILE A 130 -64.38 -20.03 0.51
N LYS A 131 -64.76 -20.98 1.43
CA LYS A 131 -64.42 -22.42 1.25
C LYS A 131 -64.99 -23.00 -0.06
N GLY A 132 -66.21 -22.57 -0.35
CA GLY A 132 -66.96 -23.00 -1.53
C GLY A 132 -66.50 -22.42 -2.85
N LYS A 133 -65.66 -21.37 -2.79
CA LYS A 133 -65.16 -20.69 -3.99
C LYS A 133 -64.17 -21.53 -4.77
N VAL A 134 -64.09 -21.27 -6.10
CA VAL A 134 -63.23 -22.01 -7.03
C VAL A 134 -61.94 -21.23 -7.31
N PRO A 135 -60.77 -21.87 -7.03
CA PRO A 135 -59.49 -21.23 -7.35
C PRO A 135 -59.30 -21.22 -8.89
N VAL A 136 -59.01 -20.02 -9.41
CA VAL A 136 -58.87 -19.74 -10.85
C VAL A 136 -57.48 -19.19 -11.24
N GLU A 137 -56.68 -18.72 -10.27
CA GLU A 137 -55.34 -18.20 -10.53
C GLU A 137 -54.44 -18.22 -9.27
N VAL A 138 -53.17 -18.61 -9.45
CA VAL A 138 -52.16 -18.62 -8.39
C VAL A 138 -50.99 -17.76 -8.83
N VAL A 139 -50.57 -16.80 -8.01
CA VAL A 139 -49.40 -15.97 -8.32
C VAL A 139 -48.43 -15.99 -7.12
N GLN A 140 -47.11 -16.13 -7.38
CA GLN A 140 -46.17 -16.17 -6.25
C GLN A 140 -45.50 -14.84 -6.00
N SER A 141 -45.23 -14.52 -4.71
CA SER A 141 -44.56 -13.28 -4.32
C SER A 141 -43.16 -13.34 -4.83
N PRO A 142 -42.68 -12.23 -5.41
CA PRO A 142 -41.36 -12.26 -6.04
C PRO A 142 -40.22 -12.20 -5.05
N HIS A 143 -40.35 -11.34 -4.03
CA HIS A 143 -39.34 -11.11 -3.01
C HIS A 143 -39.55 -12.00 -1.81
N SER A 144 -40.79 -12.10 -1.30
CA SER A 144 -41.02 -12.93 -0.13
C SER A 144 -41.16 -14.40 -0.53
N PRO A 145 -40.42 -15.29 0.17
CA PRO A 145 -40.53 -16.73 -0.14
C PRO A 145 -41.69 -17.42 0.62
N ASN A 146 -42.20 -18.51 0.02
CA ASN A 146 -43.32 -19.32 0.52
C ASN A 146 -44.64 -18.57 0.42
N LEU A 147 -44.61 -17.33 -0.07
CA LEU A 147 -45.81 -16.53 -0.18
C LEU A 147 -46.40 -16.69 -1.57
N TYR A 148 -47.69 -16.94 -1.65
CA TYR A 148 -48.41 -17.10 -2.91
C TYR A 148 -49.76 -16.46 -2.71
N PHE A 149 -50.53 -16.29 -3.79
CA PHE A 149 -51.84 -15.67 -3.75
C PHE A 149 -52.81 -16.40 -4.62
N VAL A 150 -54.00 -16.73 -4.07
CA VAL A 150 -55.02 -17.46 -4.81
C VAL A 150 -56.18 -16.53 -5.15
N LEU A 151 -56.74 -16.71 -6.38
CA LEU A 151 -57.90 -15.97 -6.89
C LEU A 151 -59.09 -16.91 -6.81
N LEU A 152 -60.13 -16.49 -6.08
CA LEU A 152 -61.33 -17.29 -5.87
C LEU A 152 -62.54 -16.61 -6.44
N VAL A 153 -63.37 -17.39 -7.15
CA VAL A 153 -64.61 -16.89 -7.73
C VAL A 153 -65.75 -17.83 -7.31
N PRO A 154 -67.02 -17.38 -7.31
CA PRO A 154 -68.12 -18.31 -6.96
C PRO A 154 -68.25 -19.40 -8.03
N LYS A 155 -68.78 -20.61 -7.64
CA LYS A 155 -68.99 -21.78 -8.55
C LYS A 155 -69.94 -21.39 -9.69
N VAL A 156 -70.85 -20.44 -9.39
CA VAL A 156 -71.83 -19.78 -10.23
C VAL A 156 -71.16 -19.02 -11.39
N ALA A 157 -70.10 -18.24 -11.09
CA ALA A 157 -69.33 -17.48 -12.10
C ALA A 157 -68.85 -18.37 -13.25
N LEU A 158 -68.58 -19.65 -12.94
CA LEU A 158 -68.17 -20.63 -13.93
C LEU A 158 -69.39 -21.04 -14.80
N GLU A 159 -70.48 -21.51 -14.14
CA GLU A 159 -71.71 -21.95 -14.80
C GLU A 159 -72.61 -20.81 -15.25
N TYR A 160 -72.05 -19.58 -15.41
CA TYR A 160 -72.82 -18.39 -15.75
C TYR A 160 -73.74 -18.59 -16.97
N HIS A 161 -73.20 -19.19 -18.03
CA HIS A 161 -73.96 -19.38 -19.27
C HIS A 161 -75.04 -20.46 -19.18
N ASN A 162 -74.97 -21.34 -18.19
CA ASN A 162 -75.94 -22.41 -17.99
C ASN A 162 -77.06 -22.03 -17.03
N LEU A 163 -77.11 -20.78 -16.58
CA LEU A 163 -78.17 -20.33 -15.68
C LEU A 163 -79.45 -20.11 -16.48
N ASN A 164 -80.65 -20.10 -15.81
CA ASN A 164 -81.96 -19.94 -16.46
C ASN A 164 -82.02 -18.83 -17.54
N ASN A 165 -82.61 -19.17 -18.71
CA ASN A 165 -82.79 -18.32 -19.91
C ASN A 165 -83.44 -16.97 -19.58
N GLN A 166 -84.32 -16.95 -18.57
CA GLN A 166 -84.99 -15.73 -18.13
C GLN A 166 -84.10 -14.90 -17.19
N VAL A 167 -83.05 -15.50 -16.59
CA VAL A 167 -82.11 -14.78 -15.72
C VAL A 167 -80.90 -14.33 -16.57
N VAL A 168 -80.16 -15.27 -17.21
CA VAL A 168 -79.03 -14.93 -18.07
C VAL A 168 -79.50 -14.95 -19.56
N LYS A 169 -79.74 -13.75 -20.12
CA LYS A 169 -80.20 -13.58 -21.50
C LYS A 169 -79.30 -12.60 -22.30
N GLU A 170 -79.63 -12.38 -23.59
CA GLU A 170 -78.96 -11.48 -24.53
C GLU A 170 -79.63 -10.09 -24.54
N SER A 171 -78.90 -9.05 -24.93
CA SER A 171 -79.41 -7.70 -25.02
C SER A 171 -80.38 -7.51 -26.23
N LEU A 172 -80.20 -8.34 -27.28
CA LEU A 172 -81.06 -8.27 -28.46
C LEU A 172 -82.28 -9.15 -28.24
N GLU A 173 -83.46 -8.53 -28.15
CA GLU A 173 -84.71 -9.24 -27.94
C GLU A 173 -85.12 -9.98 -29.21
N VAL A 174 -85.32 -11.29 -29.09
CA VAL A 174 -85.80 -12.03 -30.25
C VAL A 174 -87.18 -12.63 -29.87
N LYS A 175 -88.27 -11.97 -30.36
CA LYS A 175 -89.66 -12.36 -30.08
C LYS A 175 -90.04 -13.54 -30.90
N ALA A 176 -90.75 -14.49 -30.28
CA ALA A 176 -91.20 -15.75 -30.81
C ALA A 176 -92.27 -15.59 -31.92
N THR A 177 -91.89 -14.87 -32.99
CA THR A 177 -92.76 -14.62 -34.14
C THR A 177 -92.19 -15.26 -35.43
N GLN A 178 -93.05 -15.95 -36.20
CA GLN A 178 -92.67 -16.56 -37.49
C GLN A 178 -93.22 -15.69 -38.63
N SER A 179 -93.44 -14.41 -38.35
CA SER A 179 -93.99 -13.43 -39.26
C SER A 179 -93.08 -13.21 -40.48
N SER A 180 -92.03 -12.42 -40.29
CA SER A 180 -91.08 -12.03 -41.34
C SER A 180 -90.01 -11.23 -40.69
N PHE A 181 -88.82 -11.30 -41.22
CA PHE A 181 -87.70 -10.60 -40.65
C PHE A 181 -87.43 -9.26 -41.27
N ASN A 182 -87.48 -8.24 -40.41
CA ASN A 182 -87.13 -6.87 -40.76
C ASN A 182 -86.18 -6.38 -39.69
N PRO A 183 -84.87 -6.19 -40.01
CA PRO A 183 -83.92 -5.73 -38.99
C PRO A 183 -84.37 -4.41 -38.35
N THR A 184 -84.82 -3.44 -39.17
CA THR A 184 -85.27 -2.09 -38.77
C THR A 184 -86.50 -2.07 -37.84
N GLN A 185 -87.13 -3.23 -37.57
CA GLN A 185 -88.34 -3.26 -36.78
C GLN A 185 -88.14 -2.69 -35.37
N ARG A 186 -86.99 -2.97 -34.72
CA ARG A 186 -86.74 -2.46 -33.37
C ARG A 186 -86.28 -0.99 -33.35
N LEU A 187 -85.72 -0.53 -34.49
CA LEU A 187 -85.12 0.79 -34.74
C LEU A 187 -86.11 1.96 -34.86
N GLN A 188 -85.71 3.14 -34.29
CA GLN A 188 -86.45 4.41 -34.37
C GLN A 188 -85.83 5.13 -35.56
N LYS A 189 -86.57 5.26 -36.67
CA LYS A 189 -86.06 5.82 -37.93
C LYS A 189 -86.72 7.11 -38.42
N ASP A 190 -87.77 7.62 -37.74
CA ASP A 190 -88.48 8.84 -38.20
C ASP A 190 -87.78 10.12 -37.80
N SER A 191 -87.20 10.78 -38.80
CA SER A 191 -86.45 12.02 -38.70
C SER A 191 -87.25 13.19 -38.09
N PRO A 192 -86.58 14.11 -37.35
CA PRO A 192 -87.31 15.24 -36.75
C PRO A 192 -87.86 16.23 -37.77
N VAL A 193 -88.76 17.11 -37.35
CA VAL A 193 -89.43 18.09 -38.20
C VAL A 193 -89.38 19.48 -37.57
N LYS A 194 -89.67 20.56 -38.35
CA LYS A 194 -89.63 21.91 -37.75
C LYS A 194 -90.75 22.04 -36.76
N ASP A 195 -90.47 22.59 -35.58
CA ASP A 195 -91.43 22.60 -34.48
C ASP A 195 -92.62 23.59 -34.64
N SER A 196 -92.53 24.72 -35.35
CA SER A 196 -93.60 25.72 -35.57
C SER A 196 -94.08 26.39 -34.27
N SER A 197 -94.24 25.63 -33.16
CA SER A 197 -94.64 26.10 -31.83
C SER A 197 -93.75 27.28 -31.41
N LYS A 198 -92.45 27.13 -31.62
CA LYS A 198 -91.51 28.20 -31.33
C LYS A 198 -90.42 28.24 -32.37
N GLN A 199 -90.48 29.27 -33.21
CA GLN A 199 -89.51 29.54 -34.26
C GLN A 199 -88.64 30.70 -33.79
N GLY A 200 -88.94 31.16 -32.58
CA GLY A 200 -88.17 32.18 -31.87
C GLY A 200 -86.90 31.55 -31.36
N GLU A 201 -86.88 30.20 -31.37
CA GLU A 201 -85.76 29.33 -30.99
C GLU A 201 -84.79 29.11 -32.15
N LYS A 202 -85.08 29.69 -33.33
CA LYS A 202 -84.19 29.65 -34.48
C LYS A 202 -83.17 30.78 -34.28
N LEU A 203 -81.86 30.48 -34.43
CA LEU A 203 -80.76 31.45 -34.23
C LEU A 203 -80.86 32.68 -35.08
N SER A 204 -80.43 33.83 -34.53
CA SER A 204 -80.48 35.13 -35.21
C SER A 204 -79.18 35.48 -35.94
N GLU A 205 -79.25 36.29 -37.02
CA GLU A 205 -78.07 36.75 -37.75
C GLU A 205 -77.43 37.92 -37.02
N THR A 206 -76.14 38.20 -37.28
CA THR A 206 -75.46 39.34 -36.66
C THR A 206 -75.92 40.60 -37.36
N THR A 207 -76.00 41.71 -36.61
CA THR A 207 -76.45 43.01 -37.12
C THR A 207 -75.38 43.65 -38.05
N ALA A 208 -74.29 44.23 -37.51
CA ALA A 208 -73.25 44.89 -38.33
C ALA A 208 -71.87 44.78 -37.67
N SER A 209 -70.92 45.68 -38.03
CA SER A 209 -69.56 45.71 -37.48
C SER A 209 -69.31 46.92 -36.57
N SER A 213 -62.71 50.80 -44.73
CA SER A 213 -62.23 50.10 -43.54
C SER A 213 -61.72 48.70 -43.91
N GLY A 214 -62.41 47.64 -43.45
CA GLY A 214 -62.11 46.23 -43.70
C GLY A 214 -62.11 45.93 -45.18
N MET A 215 -60.98 45.43 -45.69
CA MET A 215 -60.76 45.19 -47.11
C MET A 215 -61.76 44.22 -47.76
N ALA A 216 -61.82 42.94 -47.39
CA ALA A 216 -62.72 42.04 -48.13
C ALA A 216 -64.16 42.06 -47.66
N THR A 217 -65.12 41.92 -48.62
CA THR A 217 -66.58 41.89 -48.38
C THR A 217 -67.30 40.95 -49.34
N SER A 218 -68.45 40.41 -48.89
CA SER A 218 -69.30 39.49 -49.65
C SER A 218 -70.78 39.56 -49.24
N THR A 219 -71.64 39.17 -50.18
CA THR A 219 -73.10 39.18 -50.05
C THR A 219 -73.65 37.93 -49.36
N ARG A 220 -72.75 37.04 -48.87
CA ARG A 220 -73.18 35.81 -48.21
C ARG A 220 -73.83 36.05 -46.87
N ALA A 221 -74.97 35.33 -46.61
CA ALA A 221 -75.81 35.38 -45.41
C ALA A 221 -74.96 35.44 -44.17
N LYS A 222 -75.15 36.50 -43.37
CA LYS A 222 -74.39 36.76 -42.15
C LYS A 222 -74.37 35.57 -41.16
N ALA A 223 -73.31 35.48 -40.33
CA ALA A 223 -73.15 34.42 -39.31
C ALA A 223 -74.30 34.46 -38.29
N LEU A 224 -74.58 33.32 -37.65
CA LEU A 224 -75.65 33.20 -36.66
C LEU A 224 -75.07 33.37 -35.28
N LYS A 225 -75.65 34.26 -34.48
CA LYS A 225 -75.12 34.50 -33.14
C LYS A 225 -75.72 33.57 -32.09
N VAL A 226 -74.83 33.02 -31.23
CA VAL A 226 -75.12 32.12 -30.10
C VAL A 226 -74.70 32.89 -28.86
N GLU A 227 -75.69 33.56 -28.26
CA GLU A 227 -75.49 34.43 -27.11
C GLU A 227 -75.86 33.70 -25.84
N VAL A 228 -75.02 33.79 -24.82
CA VAL A 228 -75.27 33.18 -23.52
C VAL A 228 -74.89 34.16 -22.42
N GLU A 229 -75.87 34.54 -21.58
CA GLU A 229 -75.69 35.48 -20.47
C GLU A 229 -76.33 34.90 -19.24
N ARG A 230 -75.65 35.01 -18.09
CA ARG A 230 -76.12 34.43 -16.84
C ARG A 230 -77.34 35.12 -16.24
N GLY A 231 -77.25 36.42 -16.02
CA GLY A 231 -78.32 37.17 -15.39
C GLY A 231 -78.43 36.90 -13.90
N SER A 232 -79.45 37.46 -13.25
CA SER A 232 -79.61 37.28 -11.82
C SER A 232 -80.77 36.36 -11.48
N GLN A 233 -80.64 35.09 -11.87
CA GLN A 233 -81.66 34.10 -11.59
C GLN A 233 -81.06 32.80 -11.09
N SER A 234 -81.74 32.18 -10.14
CA SER A 234 -81.32 30.93 -9.52
C SER A 234 -81.42 29.71 -10.46
N ASP A 235 -82.49 29.66 -11.27
CA ASP A 235 -82.79 28.55 -12.17
C ASP A 235 -82.78 28.92 -13.66
N SER A 236 -82.69 30.22 -13.96
CA SER A 236 -82.73 30.66 -15.33
C SER A 236 -81.54 31.51 -15.78
N LEU A 237 -81.27 31.50 -17.08
CA LEU A 237 -80.21 32.29 -17.71
C LEU A 237 -80.84 33.44 -18.45
N LEU A 238 -80.15 34.61 -18.46
CA LEU A 238 -80.58 35.82 -19.17
C LEU A 238 -80.70 35.49 -20.66
N LYS A 239 -79.74 34.74 -21.20
CA LYS A 239 -79.70 34.26 -22.58
C LYS A 239 -79.09 32.87 -22.57
N ASN A 240 -79.62 31.96 -23.39
CA ASN A 240 -79.13 30.60 -23.47
C ASN A 240 -79.41 30.06 -24.86
N ASP A 241 -78.71 30.59 -25.86
CA ASP A 241 -78.93 30.23 -27.26
C ASP A 241 -78.58 28.78 -27.60
N PHE A 242 -77.65 28.14 -26.87
CA PHE A 242 -77.32 26.74 -27.16
C PHE A 242 -78.54 25.80 -26.92
N ALA A 243 -79.42 26.19 -25.97
CA ALA A 243 -80.61 25.44 -25.58
C ALA A 243 -81.69 25.47 -26.63
N LYS A 244 -81.69 26.55 -27.47
CA LYS A 244 -82.67 26.82 -28.54
C LYS A 244 -82.80 25.65 -29.51
N LYS A 245 -83.96 24.95 -29.41
CA LYS A 245 -84.33 23.75 -30.16
C LYS A 245 -85.56 24.04 -31.05
N PRO A 246 -85.39 24.61 -32.27
CA PRO A 246 -86.54 24.87 -33.13
C PRO A 246 -86.97 23.66 -33.96
N LEU A 247 -86.63 22.44 -33.52
CA LEU A 247 -87.06 21.19 -34.13
C LEU A 247 -87.75 20.30 -33.10
N LYS A 248 -88.44 19.24 -33.56
CA LYS A 248 -89.17 18.32 -32.67
C LYS A 248 -89.36 16.94 -33.29
N HIS A 249 -89.43 15.89 -32.43
CA HIS A 249 -89.64 14.49 -32.82
C HIS A 249 -90.91 14.33 -33.63
N LYS A 250 -90.88 13.47 -34.66
CA LYS A 250 -92.02 13.15 -35.50
C LYS A 250 -93.16 12.64 -34.61
N ASN A 251 -94.38 13.16 -34.78
CA ASN A 251 -95.51 12.74 -33.96
C ASN A 251 -96.43 11.77 -34.71
N SER A 252 -96.25 10.48 -34.40
CA SER A 252 -97.04 9.37 -34.95
C SER A 252 -98.15 9.00 -33.91
N SER A 253 -98.96 10.05 -33.51
CA SER A 253 -99.98 10.04 -32.44
C SER A 253 -99.32 9.50 -31.13
N GLY A 254 -98.01 9.74 -31.10
CA GLY A 254 -97.04 9.35 -30.08
C GLY A 254 -95.67 9.54 -30.70
N GLU A 255 -94.84 10.41 -30.07
CA GLU A 255 -93.50 10.79 -30.51
C GLU A 255 -92.61 9.61 -30.92
N VAL A 256 -91.80 9.81 -32.00
CA VAL A 256 -90.81 8.83 -32.45
C VAL A 256 -89.54 9.31 -31.75
N LYS A 257 -89.38 8.86 -30.51
CA LYS A 257 -88.27 9.17 -29.64
C LYS A 257 -87.83 7.91 -28.89
N LEU A 258 -86.64 7.94 -28.27
CA LEU A 258 -86.11 6.82 -27.53
C LEU A 258 -86.68 6.78 -26.09
N GLU A 259 -87.54 5.78 -25.82
CA GLU A 259 -88.18 5.53 -24.52
C GLU A 259 -87.84 4.10 -24.09
N ALA A 260 -87.06 3.97 -23.01
CA ALA A 260 -86.62 2.67 -22.49
C ALA A 260 -87.76 1.83 -21.92
N GLU A 261 -88.81 2.50 -21.39
CA GLU A 261 -89.99 1.89 -20.82
C GLU A 261 -90.73 1.09 -21.88
N LYS A 262 -91.07 1.74 -22.98
CA LYS A 262 -91.80 1.14 -24.09
C LYS A 262 -90.94 0.16 -24.92
N GLU A 263 -89.68 0.52 -25.26
CA GLU A 263 -88.81 -0.31 -26.09
C GLU A 263 -88.26 -1.57 -25.42
N PHE A 264 -87.78 -1.46 -24.16
CA PHE A 264 -87.20 -2.59 -23.41
C PHE A 264 -88.16 -3.12 -22.37
N THR A 265 -89.18 -3.84 -22.86
CA THR A 265 -90.26 -4.48 -22.07
C THR A 265 -89.71 -5.65 -21.26
N GLU A 266 -88.82 -6.46 -21.89
CA GLU A 266 -88.11 -7.59 -21.30
C GLU A 266 -86.64 -7.18 -21.28
N ALA A 267 -86.38 -6.02 -20.69
CA ALA A 267 -85.07 -5.36 -20.60
C ALA A 267 -83.96 -6.22 -20.07
N TRP A 268 -82.76 -6.13 -20.69
CA TRP A 268 -81.56 -6.85 -20.24
C TRP A 268 -81.12 -6.18 -18.93
N LYS A 269 -80.88 -7.00 -17.93
CA LYS A 269 -80.39 -6.52 -16.64
C LYS A 269 -79.23 -7.46 -16.14
N PRO A 270 -78.23 -6.92 -15.39
CA PRO A 270 -77.12 -7.77 -14.93
C PRO A 270 -77.53 -8.78 -13.87
N LEU A 271 -76.75 -9.88 -13.69
CA LEU A 271 -77.07 -10.91 -12.69
C LEU A 271 -77.18 -10.35 -11.30
N LEU A 272 -76.28 -9.44 -10.91
CA LEU A 272 -76.26 -8.78 -9.61
C LEU A 272 -75.77 -7.33 -9.74
N THR A 273 -76.38 -6.40 -8.99
CA THR A 273 -75.96 -4.99 -8.98
C THR A 273 -74.65 -4.87 -8.24
N THR A 274 -73.92 -3.79 -8.51
CA THR A 274 -72.63 -3.50 -7.88
C THR A 274 -72.70 -3.60 -6.35
N ASP A 275 -73.80 -3.13 -5.75
CA ASP A 275 -74.01 -3.17 -4.30
C ASP A 275 -74.23 -4.56 -3.78
N GLN A 276 -74.93 -5.42 -4.56
CA GLN A 276 -75.16 -6.83 -4.22
C GLN A 276 -73.82 -7.55 -4.15
N ILE A 277 -72.95 -7.41 -5.19
CA ILE A 277 -71.63 -8.05 -5.24
C ILE A 277 -70.78 -7.54 -4.08
N ALA A 278 -70.96 -6.25 -3.73
CA ALA A 278 -70.26 -5.60 -2.63
C ALA A 278 -70.67 -6.22 -1.29
N ARG A 279 -71.99 -6.34 -1.03
CA ARG A 279 -72.52 -6.90 0.19
C ARG A 279 -72.27 -8.39 0.29
N GLU A 280 -72.77 -9.15 -0.71
CA GLU A 280 -72.68 -10.61 -0.76
C GLU A 280 -71.26 -11.11 -0.97
N LYS A 281 -70.56 -11.30 0.16
CA LYS A 281 -69.17 -11.75 0.27
C LYS A 281 -68.84 -12.95 -0.57
N GLY A 282 -69.75 -13.91 -0.58
CA GLY A 282 -69.60 -15.13 -1.36
C GLY A 282 -69.79 -14.96 -2.85
N MET A 283 -70.59 -13.94 -3.27
CA MET A 283 -70.87 -13.72 -4.70
C MET A 283 -69.76 -12.92 -5.43
N GLY A 284 -68.76 -12.46 -4.70
CA GLY A 284 -67.63 -11.75 -5.29
C GLY A 284 -66.32 -12.53 -5.32
N ALA A 285 -65.35 -11.99 -6.06
CA ALA A 285 -64.01 -12.55 -6.17
C ALA A 285 -63.20 -12.22 -4.92
N THR A 286 -62.40 -13.17 -4.47
CA THR A 286 -61.60 -13.02 -3.25
C THR A 286 -60.17 -13.40 -3.54
N VAL A 287 -59.24 -12.68 -2.92
CA VAL A 287 -57.84 -13.01 -3.06
C VAL A 287 -57.29 -13.41 -1.70
N VAL A 288 -56.91 -14.69 -1.59
CA VAL A 288 -56.36 -15.23 -0.36
C VAL A 288 -54.83 -15.47 -0.46
N SER A 289 -54.06 -14.71 0.38
CA SER A 289 -52.62 -14.80 0.62
C SER A 289 -52.42 -16.10 1.39
N PHE A 290 -51.52 -16.97 0.93
CA PHE A 290 -51.23 -18.21 1.63
C PHE A 290 -49.73 -18.52 1.59
N TYR A 291 -49.31 -19.47 2.45
CA TYR A 291 -47.91 -19.89 2.59
C TYR A 291 -47.73 -21.35 2.17
N ASP A 292 -46.55 -21.65 1.61
CA ASP A 292 -46.29 -22.95 1.00
C ASP A 292 -44.82 -23.36 0.87
N ALA A 293 -44.45 -24.37 1.65
CA ALA A 293 -43.13 -25.01 1.66
C ALA A 293 -43.41 -26.50 1.42
N PRO A 294 -43.17 -27.07 0.21
CA PRO A 294 -43.63 -28.45 -0.04
C PRO A 294 -42.93 -29.55 0.70
N TYR A 295 -41.63 -29.38 0.98
CA TYR A 295 -40.90 -30.46 1.60
C TYR A 295 -40.92 -30.38 3.14
N SER A 296 -41.68 -29.40 3.69
CA SER A 296 -41.82 -29.23 5.13
C SER A 296 -43.02 -30.01 5.63
N GLU A 297 -43.08 -30.21 6.95
CA GLU A 297 -44.16 -30.98 7.62
C GLU A 297 -45.50 -30.25 7.48
N ASN A 298 -45.63 -29.07 8.14
CA ASN A 298 -46.83 -28.23 8.05
C ASN A 298 -46.56 -27.33 6.86
N HIS A 299 -46.83 -27.87 5.66
CA HIS A 299 -46.49 -27.23 4.39
C HIS A 299 -47.44 -26.15 3.91
N THR A 300 -48.70 -26.18 4.36
CA THR A 300 -49.64 -25.15 3.91
C THR A 300 -50.18 -24.42 5.14
N ALA A 301 -50.37 -23.11 5.02
CA ALA A 301 -50.87 -22.20 6.04
C ALA A 301 -51.51 -21.01 5.32
N PHE A 302 -52.58 -20.47 5.88
CA PHE A 302 -53.25 -19.34 5.29
C PHE A 302 -52.77 -18.01 5.83
N GLY A 303 -53.04 -16.95 5.10
CA GLY A 303 -52.62 -15.62 5.51
C GLY A 303 -53.70 -14.58 5.64
N LEU A 304 -53.97 -13.86 4.54
CA LEU A 304 -54.89 -12.72 4.45
C LEU A 304 -55.96 -12.99 3.41
N VAL A 305 -57.24 -12.91 3.82
CA VAL A 305 -58.39 -13.09 2.90
C VAL A 305 -59.06 -11.70 2.64
N ASP A 306 -58.93 -11.22 1.37
CA ASP A 306 -59.42 -9.93 0.88
C ASP A 306 -60.39 -10.07 -0.24
N HIS A 307 -61.57 -9.52 -0.04
CA HIS A 307 -62.59 -9.57 -1.06
C HIS A 307 -62.39 -8.40 -2.00
N ILE A 308 -62.56 -8.63 -3.31
CA ILE A 308 -62.39 -7.59 -4.31
C ILE A 308 -63.71 -6.79 -4.46
N ASP A 309 -63.92 -5.80 -3.55
CA ASP A 309 -65.11 -4.97 -3.53
C ASP A 309 -65.24 -4.17 -4.80
N PRO A 310 -66.31 -4.42 -5.61
CA PRO A 310 -66.47 -3.64 -6.85
C PRO A 310 -66.59 -2.13 -6.56
N LYS A 311 -67.21 -1.76 -5.39
CA LYS A 311 -67.40 -0.38 -4.91
C LYS A 311 -66.09 0.35 -4.76
N LYS A 312 -64.99 -0.38 -4.43
CA LYS A 312 -63.67 0.20 -4.29
C LYS A 312 -63.14 0.78 -5.61
N MET A 313 -63.57 0.19 -6.78
CA MET A 313 -63.23 0.61 -8.16
C MET A 313 -64.15 1.75 -8.54
N VAL A 314 -65.45 1.56 -8.28
CA VAL A 314 -66.51 2.51 -8.59
C VAL A 314 -66.29 3.85 -7.86
N GLU A 315 -65.72 3.80 -6.63
CA GLU A 315 -65.39 4.97 -5.82
C GLU A 315 -64.40 5.86 -6.57
N ASN A 316 -63.44 5.25 -7.28
CA ASN A 316 -62.39 5.97 -7.99
C ASN A 316 -62.71 6.23 -9.49
N TYR A 317 -63.96 6.14 -9.88
CA TYR A 317 -64.35 6.49 -11.23
C TYR A 317 -64.37 8.04 -11.31
N PRO A 318 -64.07 8.65 -12.48
CA PRO A 318 -64.22 10.13 -12.61
C PRO A 318 -65.64 10.61 -12.27
N PRO A 319 -65.82 11.87 -11.86
CA PRO A 319 -67.20 12.32 -11.52
C PRO A 319 -68.09 12.51 -12.76
N SER A 320 -67.41 12.47 -13.93
CA SER A 320 -67.94 12.57 -15.29
C SER A 320 -68.91 11.43 -15.44
N TRP A 321 -68.51 10.28 -14.92
CA TRP A 321 -69.15 8.97 -14.97
C TRP A 321 -70.45 8.80 -14.14
N LYS A 322 -70.74 9.74 -13.22
CA LYS A 322 -71.98 9.74 -12.43
C LYS A 322 -73.16 10.21 -13.32
N THR A 323 -72.83 10.94 -14.38
CA THR A 323 -73.75 11.56 -15.34
C THR A 323 -73.22 11.18 -16.75
N PRO A 324 -73.34 9.91 -17.18
CA PRO A 324 -72.77 9.53 -18.48
C PRO A 324 -73.70 9.69 -19.70
N LYS A 325 -74.96 10.14 -19.48
CA LYS A 325 -75.91 10.41 -20.56
C LYS A 325 -75.71 11.86 -21.06
N TRP A 326 -74.67 12.54 -20.53
CA TRP A 326 -74.33 13.93 -20.79
C TRP A 326 -72.86 14.04 -21.10
N ASN A 327 -72.41 15.20 -21.65
CA ASN A 327 -70.99 15.49 -21.91
C ASN A 327 -70.68 17.00 -21.75
N HIS A 328 -69.38 17.40 -21.76
CA HIS A 328 -68.96 18.78 -21.53
C HIS A 328 -69.59 19.77 -22.51
N HIS A 329 -69.91 19.35 -23.75
CA HIS A 329 -70.57 20.20 -24.76
C HIS A 329 -72.00 20.54 -24.32
N GLY A 330 -72.56 19.64 -23.53
CA GLY A 330 -73.86 19.80 -22.90
C GLY A 330 -75.12 19.80 -23.73
N ILE A 331 -75.95 20.82 -23.48
CA ILE A 331 -77.30 20.99 -24.00
C ILE A 331 -77.35 21.13 -25.51
N TRP A 332 -76.35 21.81 -26.15
CA TRP A 332 -76.42 21.92 -27.61
C TRP A 332 -76.35 20.54 -28.25
N ASP A 333 -75.38 19.73 -27.79
CA ASP A 333 -75.14 18.38 -28.27
C ASP A 333 -76.24 17.42 -27.82
N TYR A 334 -76.80 17.62 -26.61
CA TYR A 334 -77.88 16.77 -26.10
C TYR A 334 -79.06 16.77 -27.04
N ASN A 335 -79.63 17.97 -27.29
CA ASN A 335 -80.79 18.16 -28.16
C ASN A 335 -80.48 17.65 -29.56
N ALA A 336 -79.32 18.05 -30.12
CA ALA A 336 -78.84 17.63 -31.44
C ALA A 336 -78.84 16.10 -31.62
N ARG A 337 -78.15 15.35 -30.71
CA ARG A 337 -78.08 13.87 -30.73
C ARG A 337 -79.51 13.30 -30.52
N ASN A 338 -80.20 13.74 -29.44
CA ASN A 338 -81.53 13.34 -29.07
C ASN A 338 -82.51 13.37 -30.24
N LEU A 339 -82.60 14.53 -30.92
CA LEU A 339 -83.49 14.75 -32.08
C LEU A 339 -83.11 13.84 -33.23
N LEU A 340 -81.81 13.67 -33.46
CA LEU A 340 -81.25 12.83 -34.52
C LEU A 340 -81.39 11.31 -34.21
N LEU A 341 -82.20 10.94 -33.16
CA LEU A 341 -82.46 9.57 -32.67
C LEU A 341 -81.13 8.80 -32.44
N GLN A 342 -80.23 9.48 -31.76
CA GLN A 342 -78.90 9.04 -31.46
C GLN A 342 -78.81 8.96 -29.94
N THR A 343 -77.84 8.20 -29.44
CA THR A 343 -77.56 8.06 -28.02
C THR A 343 -76.88 9.33 -27.55
N THR A 344 -77.26 9.84 -26.38
CA THR A 344 -76.60 11.02 -25.82
C THR A 344 -75.41 10.61 -24.90
N GLY A 345 -74.53 11.56 -24.63
CA GLY A 345 -73.41 11.36 -23.72
C GLY A 345 -72.16 10.73 -24.30
N PHE A 346 -71.31 10.20 -23.40
CA PHE A 346 -70.05 9.57 -23.75
C PHE A 346 -70.03 8.08 -23.42
N PHE A 347 -71.00 7.64 -22.60
CA PHE A 347 -71.19 6.26 -22.15
C PHE A 347 -72.66 6.09 -21.79
N ASN A 348 -73.49 5.84 -22.81
CA ASN A 348 -74.93 5.73 -22.65
C ASN A 348 -75.37 4.31 -22.40
N PRO A 349 -76.28 4.12 -21.41
CA PRO A 349 -76.77 2.76 -21.10
C PRO A 349 -77.22 2.01 -22.34
N ARG A 350 -77.96 2.69 -23.26
CA ARG A 350 -78.46 2.12 -24.51
C ARG A 350 -77.28 1.48 -25.33
N ARG A 351 -76.10 2.13 -25.35
CA ARG A 351 -74.95 1.58 -26.06
C ARG A 351 -74.29 0.43 -25.29
N HIS A 352 -73.85 0.70 -24.06
CA HIS A 352 -73.19 -0.27 -23.20
C HIS A 352 -73.97 -0.49 -21.87
N PRO A 353 -75.03 -1.34 -21.87
CA PRO A 353 -75.80 -1.53 -20.62
C PRO A 353 -75.08 -2.40 -19.58
N GLU A 354 -74.02 -3.12 -19.99
CA GLU A 354 -73.25 -4.05 -19.16
C GLU A 354 -72.71 -3.40 -17.87
N TRP A 355 -72.48 -2.05 -17.93
CA TRP A 355 -71.90 -1.25 -16.85
C TRP A 355 -72.93 -0.51 -15.99
N PHE A 356 -74.22 -0.59 -16.37
CA PHE A 356 -75.28 0.06 -15.59
C PHE A 356 -76.03 -0.94 -14.72
N ASP A 357 -76.14 -0.61 -13.42
CA ASP A 357 -76.78 -1.47 -12.44
C ASP A 357 -78.19 -1.94 -12.87
N GLU A 358 -78.97 -1.03 -13.50
CA GLU A 358 -80.32 -1.37 -13.96
C GLU A 358 -80.39 -1.71 -15.46
N GLY A 359 -79.24 -2.04 -16.07
CA GLY A 359 -79.13 -2.41 -17.48
C GLY A 359 -79.93 -1.55 -18.45
N GLN A 360 -80.65 -2.21 -19.39
CA GLN A 360 -81.47 -1.59 -20.44
C GLN A 360 -82.62 -0.74 -19.93
N ALA A 361 -82.98 -0.85 -18.63
CA ALA A 361 -84.05 -0.04 -18.02
C ALA A 361 -83.82 1.48 -18.16
N LYS A 362 -82.53 1.89 -18.19
CA LYS A 362 -82.16 3.28 -18.35
C LYS A 362 -81.62 3.54 -19.78
N ALA A 363 -81.93 2.62 -20.73
CA ALA A 363 -81.48 2.70 -22.12
C ALA A 363 -82.29 3.69 -22.98
N ASP A 364 -82.17 4.98 -22.65
CA ASP A 364 -82.77 6.14 -23.34
C ASP A 364 -81.95 7.37 -22.99
N ASN A 365 -82.46 8.57 -23.27
CA ASN A 365 -81.69 9.76 -22.97
C ASN A 365 -82.22 10.54 -21.77
N THR A 366 -83.39 10.12 -21.26
CA THR A 366 -84.11 10.76 -20.15
C THR A 366 -83.28 10.91 -18.88
N SER A 367 -83.60 11.95 -18.08
CA SER A 367 -82.91 12.31 -16.82
C SER A 367 -81.35 12.22 -16.92
N PRO A 368 -80.69 13.06 -17.76
CA PRO A 368 -79.23 12.94 -17.90
C PRO A 368 -78.43 13.51 -16.74
N GLY A 369 -79.13 14.19 -15.83
CA GLY A 369 -78.56 14.85 -14.65
C GLY A 369 -78.52 16.35 -14.83
N PHE A 370 -79.15 16.81 -15.92
CA PHE A 370 -79.26 18.19 -16.33
C PHE A 370 -80.65 18.47 -16.93
N LYS A 371 -81.30 19.57 -16.50
CA LYS A 371 -82.64 19.96 -16.97
C LYS A 371 -82.69 20.07 -18.50
N VAL A 372 -83.55 19.29 -19.12
CA VAL A 372 -83.71 19.29 -20.56
C VAL A 372 -85.21 19.34 -20.92
N GLY A 373 -85.50 20.00 -22.04
CA GLY A 373 -86.85 20.13 -22.58
C GLY A 373 -87.86 20.87 -21.73
N ASP A 374 -87.40 21.83 -20.90
CA ASP A 374 -88.28 22.64 -20.07
C ASP A 374 -89.08 23.56 -20.97
N THR A 375 -90.30 23.95 -20.51
CA THR A 375 -91.25 24.84 -21.21
C THR A 375 -90.57 26.14 -21.70
N ASP A 376 -89.58 26.62 -20.91
CA ASP A 376 -88.74 27.78 -21.16
C ASP A 376 -87.33 27.23 -21.31
N HIS A 377 -86.75 27.34 -22.50
CA HIS A 377 -85.41 26.81 -22.81
C HIS A 377 -84.28 27.41 -21.97
N LYS A 378 -84.40 28.66 -21.53
CA LYS A 378 -83.33 29.27 -20.74
C LYS A 378 -83.29 28.76 -19.28
N LYS A 379 -83.99 27.66 -19.02
CA LYS A 379 -84.00 26.97 -17.73
C LYS A 379 -83.28 25.63 -17.90
N ASP A 380 -82.95 25.25 -19.17
CA ASP A 380 -82.24 24.01 -19.55
C ASP A 380 -80.72 24.09 -19.25
N GLY A 381 -80.09 22.92 -19.17
CA GLY A 381 -78.66 22.78 -18.96
C GLY A 381 -78.17 23.04 -17.55
N PHE A 382 -79.10 23.04 -16.56
CA PHE A 382 -78.79 23.23 -15.14
C PHE A 382 -78.72 21.89 -14.47
N LYS A 383 -77.80 21.73 -13.52
CA LYS A 383 -77.58 20.48 -12.81
C LYS A 383 -78.83 20.05 -12.05
N LYS A 384 -79.38 18.88 -12.39
CA LYS A 384 -80.54 18.29 -11.74
C LYS A 384 -80.16 16.88 -11.22
N ASN A 385 -81.12 16.17 -10.62
CA ASN A 385 -80.90 14.83 -10.07
C ASN A 385 -80.78 13.74 -11.15
N SER A 386 -79.73 12.90 -11.03
CA SER A 386 -79.48 11.77 -11.94
C SER A 386 -79.78 10.47 -11.21
N SER A 387 -79.97 9.40 -11.98
CA SER A 387 -80.26 8.04 -11.51
C SER A 387 -79.68 7.01 -12.48
N SER A 388 -78.65 7.44 -13.26
CA SER A 388 -78.04 6.60 -14.27
C SER A 388 -76.48 6.51 -14.22
N PRO A 389 -75.79 6.44 -13.04
CA PRO A 389 -74.32 6.36 -13.08
C PRO A 389 -73.73 5.06 -13.57
N ILE A 390 -72.43 5.13 -14.00
CA ILE A 390 -71.63 3.97 -14.40
C ILE A 390 -71.30 3.25 -13.11
N ALA A 391 -71.45 1.93 -13.12
CA ALA A 391 -71.18 1.10 -11.96
C ALA A 391 -70.26 -0.07 -12.39
N LEU A 392 -70.40 -1.21 -11.71
CA LEU A 392 -69.66 -2.44 -11.99
C LEU A 392 -70.53 -3.69 -11.65
N PRO A 393 -71.60 -3.96 -12.46
CA PRO A 393 -72.45 -5.12 -12.19
C PRO A 393 -71.74 -6.45 -12.48
N PHE A 394 -72.32 -7.59 -11.96
CA PHE A 394 -71.82 -8.97 -12.05
C PHE A 394 -71.03 -9.27 -13.33
N GLU A 395 -71.69 -9.03 -14.48
CA GLU A 395 -71.26 -9.18 -15.86
C GLU A 395 -69.88 -8.52 -16.10
N ALA A 396 -69.83 -7.19 -15.98
CA ALA A 396 -68.62 -6.38 -16.16
C ALA A 396 -67.61 -6.63 -15.08
N TYR A 397 -68.08 -6.94 -13.85
CA TYR A 397 -67.25 -7.18 -12.69
C TYR A 397 -66.36 -8.39 -12.89
N PHE A 398 -66.95 -9.56 -13.18
CA PHE A 398 -66.20 -10.81 -13.37
C PHE A 398 -65.33 -10.80 -14.63
N ALA A 399 -65.67 -9.93 -15.59
CA ALA A 399 -64.89 -9.73 -16.78
C ALA A 399 -63.54 -9.12 -16.38
N ASN A 400 -63.54 -8.35 -15.24
CA ASN A 400 -62.36 -7.69 -14.64
C ASN A 400 -61.71 -8.56 -13.53
N ILE A 401 -62.10 -9.83 -13.47
CA ILE A 401 -61.52 -10.76 -12.51
C ILE A 401 -60.63 -11.76 -13.24
N GLY A 402 -59.35 -11.62 -13.02
CA GLY A 402 -58.32 -12.43 -13.64
C GLY A 402 -57.04 -11.63 -13.81
N ASN A 403 -55.98 -12.27 -14.39
CA ASN A 403 -54.68 -11.70 -14.67
C ASN A 403 -54.17 -10.82 -13.51
N MET A 404 -53.67 -11.50 -12.46
CA MET A 404 -53.13 -10.88 -11.23
C MET A 404 -51.61 -11.01 -11.19
N VAL A 405 -50.89 -9.94 -10.75
CA VAL A 405 -49.41 -9.88 -10.62
C VAL A 405 -48.95 -9.23 -9.34
N ALA A 406 -47.89 -9.79 -8.72
CA ALA A 406 -47.31 -9.30 -7.47
C ALA A 406 -46.07 -8.48 -7.73
N ILE A 407 -46.17 -7.18 -7.44
CA ILE A 407 -45.06 -6.27 -7.63
C ILE A 407 -44.82 -5.62 -6.27
N GLY A 408 -43.71 -6.01 -5.64
CA GLY A 408 -43.33 -5.54 -4.31
C GLY A 408 -44.33 -5.95 -3.25
N ASN A 409 -44.77 -4.98 -2.44
CA ASN A 409 -45.74 -5.28 -1.39
C ASN A 409 -47.21 -5.24 -1.86
N SER A 410 -47.45 -5.16 -3.19
CA SER A 410 -48.81 -5.13 -3.72
C SER A 410 -49.12 -6.27 -4.69
N VAL A 411 -50.42 -6.59 -4.82
CA VAL A 411 -50.95 -7.57 -5.77
C VAL A 411 -51.99 -6.88 -6.60
N PHE A 412 -51.82 -6.95 -7.93
CA PHE A 412 -52.68 -6.28 -8.90
C PHE A 412 -53.53 -7.26 -9.70
N ILE A 413 -54.79 -6.90 -9.99
CA ILE A 413 -55.73 -7.65 -10.81
C ILE A 413 -56.09 -6.78 -12.01
N PHE A 414 -55.59 -7.16 -13.20
CA PHE A 414 -55.84 -6.40 -14.41
C PHE A 414 -57.09 -6.80 -15.17
N GLY A 415 -57.61 -7.99 -14.87
CA GLY A 415 -58.83 -8.52 -15.46
C GLY A 415 -58.61 -9.58 -16.52
N GLY A 416 -59.69 -10.22 -16.91
CA GLY A 416 -59.67 -11.27 -17.94
C GLY A 416 -60.19 -10.81 -19.28
N ASN A 417 -60.38 -11.76 -20.21
CA ASN A 417 -60.88 -11.50 -21.57
C ASN A 417 -62.40 -11.25 -21.57
N GLY A 418 -63.03 -11.43 -20.42
CA GLY A 418 -64.47 -11.24 -20.26
C GLY A 418 -65.36 -12.34 -20.81
N HIS A 419 -64.78 -13.51 -21.18
CA HIS A 419 -65.54 -14.63 -21.74
C HIS A 419 -66.43 -15.32 -20.76
N ALA A 420 -66.10 -15.22 -19.46
CA ALA A 420 -66.85 -15.84 -18.38
C ALA A 420 -68.27 -15.34 -18.30
N THR A 421 -68.50 -14.05 -18.66
CA THR A 421 -69.82 -13.41 -18.66
C THR A 421 -70.31 -12.94 -20.08
N LYS A 422 -69.46 -13.12 -21.13
CA LYS A 422 -69.77 -12.71 -22.51
C LYS A 422 -70.82 -13.57 -23.20
N MET A 423 -71.88 -12.90 -23.67
CA MET A 423 -72.99 -13.45 -24.47
C MET A 423 -72.72 -12.96 -25.93
N PHE A 424 -73.54 -13.36 -26.92
CA PHE A 424 -73.34 -12.94 -28.30
C PHE A 424 -73.59 -11.47 -28.48
N THR A 425 -74.53 -10.91 -27.68
CA THR A 425 -74.89 -9.49 -27.76
C THR A 425 -74.40 -8.65 -26.52
N THR A 426 -73.43 -9.19 -25.78
CA THR A 426 -72.85 -8.48 -24.66
C THR A 426 -71.35 -8.38 -24.84
N ASN A 427 -70.74 -7.34 -24.27
CA ASN A 427 -69.29 -7.14 -24.33
C ASN A 427 -68.74 -6.77 -22.94
N PRO A 428 -68.81 -7.70 -21.94
CA PRO A 428 -68.27 -7.39 -20.61
C PRO A 428 -66.75 -7.31 -20.68
N LEU A 429 -66.17 -6.23 -20.17
CA LEU A 429 -64.73 -6.03 -20.23
C LEU A 429 -64.12 -5.45 -18.93
N SER A 430 -62.78 -5.54 -18.84
CA SER A 430 -62.02 -5.01 -17.71
C SER A 430 -61.95 -3.50 -17.85
N ILE A 431 -62.63 -2.76 -16.95
CA ILE A 431 -62.68 -1.29 -16.94
C ILE A 431 -61.44 -0.65 -16.29
N GLY A 432 -60.74 -1.40 -15.41
CA GLY A 432 -59.56 -0.94 -14.70
C GLY A 432 -58.70 -2.02 -14.05
N VAL A 433 -57.88 -1.60 -13.03
CA VAL A 433 -57.01 -2.46 -12.24
C VAL A 433 -57.43 -2.40 -10.78
N PHE A 434 -57.38 -3.55 -10.10
CA PHE A 434 -57.60 -3.68 -8.66
C PHE A 434 -56.24 -3.90 -7.96
N ARG A 435 -56.01 -3.34 -6.77
CA ARG A 435 -54.73 -3.55 -6.08
C ARG A 435 -54.80 -3.70 -4.59
N ILE A 436 -54.39 -4.88 -4.13
CA ILE A 436 -54.30 -5.15 -2.71
C ILE A 436 -52.87 -4.81 -2.28
N LYS A 437 -52.76 -3.71 -1.49
CA LYS A 437 -51.52 -3.21 -0.92
C LYS A 437 -51.31 -3.83 0.48
N TYR A 438 -50.42 -4.85 0.52
CA TYR A 438 -50.06 -5.59 1.72
C TYR A 438 -48.98 -4.89 2.51
N THR A 439 -49.11 -4.88 3.82
CA THR A 439 -48.18 -4.19 4.72
C THR A 439 -47.70 -5.12 5.84
N ASP A 440 -46.73 -4.66 6.64
CA ASP A 440 -46.24 -5.37 7.83
C ASP A 440 -46.07 -6.87 7.59
N ASN A 441 -45.10 -7.22 6.74
CA ASN A 441 -44.76 -8.60 6.34
C ASN A 441 -45.99 -9.35 5.82
N PHE A 442 -46.84 -8.61 5.06
CA PHE A 442 -48.05 -9.12 4.44
C PHE A 442 -49.10 -9.63 5.49
N SER A 443 -49.14 -8.92 6.65
CA SER A 443 -50.06 -9.19 7.76
C SER A 443 -51.26 -8.24 7.74
N LYS A 444 -51.12 -7.10 7.07
CA LYS A 444 -52.19 -6.13 6.91
C LYS A 444 -52.42 -5.91 5.40
N SER A 445 -53.61 -5.47 5.00
CA SER A 445 -53.95 -5.28 3.58
C SER A 445 -54.85 -4.07 3.35
N SER A 446 -54.93 -3.61 2.08
CA SER A 446 -55.78 -2.50 1.64
C SER A 446 -56.18 -2.74 0.20
N VAL A 447 -57.50 -2.77 -0.09
CA VAL A 447 -57.97 -3.02 -1.47
C VAL A 447 -58.53 -1.76 -2.13
N THR A 448 -58.14 -1.55 -3.40
CA THR A 448 -58.52 -0.37 -4.21
C THR A 448 -58.63 -0.72 -5.69
N GLY A 449 -59.37 0.11 -6.43
CA GLY A 449 -59.55 -0.05 -7.87
C GLY A 449 -59.42 1.28 -8.59
N TRP A 450 -58.60 1.32 -9.67
CA TRP A 450 -58.43 2.51 -10.50
C TRP A 450 -58.91 2.19 -11.92
N PRO A 451 -59.83 3.01 -12.53
CA PRO A 451 -60.26 2.73 -13.91
C PRO A 451 -59.14 3.01 -14.91
N TYR A 452 -59.04 2.19 -15.99
CA TYR A 452 -58.02 2.35 -17.03
C TYR A 452 -58.00 3.74 -17.58
N ALA A 453 -59.20 4.37 -17.71
CA ALA A 453 -59.38 5.74 -18.18
C ALA A 453 -58.45 6.77 -17.56
N VAL A 454 -58.22 6.70 -16.22
CA VAL A 454 -57.34 7.64 -15.55
C VAL A 454 -55.89 7.23 -15.73
N LEU A 455 -55.60 5.91 -15.68
CA LEU A 455 -54.27 5.33 -15.87
C LEU A 455 -53.72 5.59 -17.28
N PHE A 456 -54.63 5.79 -18.26
CA PHE A 456 -54.32 6.04 -19.67
C PHE A 456 -54.51 7.51 -20.12
N GLY A 457 -54.69 8.42 -19.17
CA GLY A 457 -54.91 9.84 -19.47
C GLY A 457 -53.75 10.55 -20.14
N GLY A 458 -52.55 10.12 -19.79
CA GLY A 458 -51.31 10.67 -20.33
C GLY A 458 -50.92 10.23 -21.72
N LEU A 459 -51.83 9.53 -22.43
CA LEU A 459 -51.59 8.99 -23.76
C LEU A 459 -51.42 10.05 -24.85
N ILE A 460 -50.28 9.90 -25.56
CA ILE A 460 -49.79 10.79 -26.64
C ILE A 460 -49.17 9.99 -27.79
N ASN A 461 -49.33 10.51 -29.04
CA ASN A 461 -48.87 9.89 -30.28
C ASN A 461 -47.43 9.37 -30.20
N PRO A 462 -46.46 10.17 -29.69
CA PRO A 462 -45.06 9.66 -29.59
C PRO A 462 -44.84 8.32 -28.86
N GLN A 463 -45.80 7.86 -28.04
CA GLN A 463 -45.66 6.59 -27.31
C GLN A 463 -45.73 5.36 -28.25
N THR A 464 -46.41 5.51 -29.44
CA THR A 464 -46.53 4.45 -30.45
C THR A 464 -45.58 4.66 -31.59
N ASN A 465 -45.24 3.57 -32.30
CA ASN A 465 -44.32 3.57 -33.45
C ASN A 465 -45.01 3.06 -34.73
N GLY A 466 -46.29 2.79 -34.60
CA GLY A 466 -47.16 2.33 -35.67
C GLY A 466 -48.11 3.43 -36.11
N LEU A 467 -49.44 3.11 -36.09
CA LEU A 467 -50.49 4.08 -36.50
C LEU A 467 -50.61 5.21 -35.49
N LYS A 468 -50.80 6.42 -36.03
CA LYS A 468 -50.90 7.65 -35.26
C LYS A 468 -52.30 8.24 -35.35
N ASP A 469 -52.64 9.11 -34.40
CA ASP A 469 -53.92 9.83 -34.26
C ASP A 469 -55.13 8.92 -33.96
N LEU A 470 -54.86 7.73 -33.39
CA LEU A 470 -55.91 6.79 -33.01
C LEU A 470 -56.78 7.43 -31.92
N PRO A 471 -58.09 7.17 -31.90
CA PRO A 471 -58.94 7.75 -30.86
C PRO A 471 -58.74 7.12 -29.47
N LEU A 472 -57.67 7.52 -28.76
CA LEU A 472 -57.33 7.07 -27.40
C LEU A 472 -57.11 8.24 -26.42
N GLY A 473 -57.43 9.45 -26.91
CA GLY A 473 -57.35 10.70 -26.18
C GLY A 473 -58.59 10.93 -25.34
N THR A 474 -58.43 11.72 -24.27
CA THR A 474 -59.49 12.02 -23.30
C THR A 474 -59.33 13.49 -22.93
N ASN A 475 -59.94 13.94 -21.81
CA ASN A 475 -59.93 15.32 -21.34
C ASN A 475 -60.26 15.37 -19.86
N ARG A 476 -60.24 16.58 -19.22
CA ARG A 476 -60.49 16.80 -17.78
C ARG A 476 -61.65 15.97 -17.24
N TRP A 477 -62.77 15.88 -18.00
CA TRP A 477 -63.92 15.00 -17.71
C TRP A 477 -63.53 13.79 -18.54
N PHE A 478 -63.22 12.65 -17.92
CA PHE A 478 -62.71 11.52 -18.70
C PHE A 478 -63.78 10.83 -19.54
N GLU A 479 -64.05 11.41 -20.70
CA GLU A 479 -65.09 10.98 -21.63
C GLU A 479 -64.71 9.72 -22.40
N TYR A 480 -63.40 9.46 -22.56
CA TYR A 480 -62.95 8.24 -23.18
C TYR A 480 -62.83 7.24 -22.07
N VAL A 481 -63.53 6.14 -22.25
CA VAL A 481 -63.64 5.03 -21.30
C VAL A 481 -62.97 3.75 -21.87
N PRO A 482 -61.64 3.64 -21.80
CA PRO A 482 -61.00 2.43 -22.29
C PRO A 482 -61.34 1.24 -21.38
N ARG A 483 -61.63 0.11 -22.04
CA ARG A 483 -61.92 -1.18 -21.44
C ARG A 483 -61.09 -2.22 -22.20
N MET A 484 -60.75 -3.35 -21.53
CA MET A 484 -59.89 -4.37 -22.15
C MET A 484 -60.38 -5.80 -22.03
N ALA A 485 -59.90 -6.63 -22.96
CA ALA A 485 -60.01 -8.09 -22.99
C ALA A 485 -58.53 -8.47 -22.77
N VAL A 486 -58.10 -8.41 -21.49
CA VAL A 486 -56.74 -8.62 -21.01
C VAL A 486 -56.17 -10.03 -21.32
N SER A 487 -55.07 -10.03 -22.09
CA SER A 487 -54.30 -11.22 -22.44
C SER A 487 -53.47 -11.62 -21.21
N GLY A 488 -52.85 -10.63 -20.56
CA GLY A 488 -52.06 -10.82 -19.37
C GLY A 488 -51.16 -9.64 -19.08
N VAL A 489 -50.55 -9.62 -17.88
CA VAL A 489 -49.56 -8.63 -17.47
C VAL A 489 -48.38 -9.46 -17.10
N LYS A 490 -47.26 -9.22 -17.77
CA LYS A 490 -46.05 -9.99 -17.57
C LYS A 490 -44.76 -9.15 -17.67
N TRP A 491 -43.67 -9.68 -17.12
CA TRP A 491 -42.39 -9.00 -17.23
C TRP A 491 -41.75 -9.50 -18.49
N VAL A 492 -41.45 -8.60 -19.41
CA VAL A 492 -40.74 -8.96 -20.63
C VAL A 492 -39.42 -8.30 -20.39
N GLY A 493 -38.48 -9.13 -19.94
CA GLY A 493 -37.18 -8.64 -19.51
C GLY A 493 -37.38 -7.90 -18.20
N ASN A 494 -37.00 -6.63 -18.17
CA ASN A 494 -37.14 -5.78 -16.99
C ASN A 494 -38.31 -4.81 -17.19
N GLN A 495 -39.11 -5.03 -18.27
CA GLN A 495 -40.24 -4.15 -18.61
C GLN A 495 -41.58 -4.79 -18.31
N LEU A 496 -42.51 -4.03 -17.74
CA LEU A 496 -43.81 -4.62 -17.39
C LEU A 496 -44.82 -4.43 -18.51
N VAL A 497 -45.22 -5.52 -19.18
CA VAL A 497 -46.13 -5.43 -20.33
C VAL A 497 -47.54 -5.90 -20.02
N LEU A 498 -48.51 -5.06 -20.34
CA LEU A 498 -49.94 -5.32 -20.24
C LEU A 498 -50.38 -5.47 -21.70
N ALA A 499 -50.94 -6.63 -22.07
CA ALA A 499 -51.35 -6.86 -23.44
C ALA A 499 -52.83 -7.32 -23.56
N GLY A 500 -53.33 -7.39 -24.80
CA GLY A 500 -54.70 -7.80 -25.07
C GLY A 500 -55.36 -6.90 -26.08
N THR A 501 -56.70 -6.73 -25.97
CA THR A 501 -57.43 -5.86 -26.89
C THR A 501 -58.16 -4.76 -26.13
N LEU A 502 -58.09 -3.55 -26.66
CA LEU A 502 -58.62 -2.32 -26.10
C LEU A 502 -59.78 -1.73 -26.88
N THR A 503 -60.69 -1.07 -26.16
CA THR A 503 -61.81 -0.37 -26.75
C THR A 503 -61.38 1.06 -26.99
N MET A 504 -61.17 1.41 -28.27
CA MET A 504 -60.84 2.76 -28.72
C MET A 504 -62.10 3.65 -28.59
N GLY A 505 -61.94 4.94 -28.85
CA GLY A 505 -63.02 5.89 -28.88
C GLY A 505 -63.92 5.63 -30.08
N ASP A 506 -65.19 6.13 -30.03
CA ASP A 506 -66.09 5.93 -31.14
C ASP A 506 -65.70 6.77 -32.31
N THR A 507 -65.60 6.08 -33.45
CA THR A 507 -65.12 6.61 -34.71
C THR A 507 -66.21 6.50 -35.81
N ALA A 508 -67.07 5.46 -35.77
CA ALA A 508 -68.12 5.21 -36.78
C ALA A 508 -69.36 6.08 -36.67
N THR A 509 -69.56 6.78 -35.52
CA THR A 509 -70.73 7.65 -35.27
C THR A 509 -70.31 9.15 -35.09
N VAL A 510 -68.99 9.43 -35.36
CA VAL A 510 -68.39 10.78 -35.33
C VAL A 510 -69.16 11.71 -36.28
N PRO A 511 -69.41 11.37 -37.59
CA PRO A 511 -70.22 12.28 -38.41
C PRO A 511 -71.70 12.28 -37.96
N ARG A 512 -72.37 13.43 -38.13
CA ARG A 512 -73.80 13.53 -37.74
C ARG A 512 -74.65 13.79 -38.97
N LEU A 513 -75.85 13.22 -39.01
CA LEU A 513 -76.71 13.39 -40.17
C LEU A 513 -77.45 14.73 -40.21
N LYS A 514 -77.96 15.10 -41.41
CA LYS A 514 -78.83 16.27 -41.63
C LYS A 514 -80.20 15.74 -41.16
N TYR A 515 -80.90 16.50 -40.28
CA TYR A 515 -82.13 16.08 -39.61
C TYR A 515 -83.14 15.32 -40.50
N ASP A 516 -83.16 15.54 -41.83
CA ASP A 516 -84.11 14.82 -42.66
C ASP A 516 -83.60 13.46 -43.16
N GLN A 517 -82.30 13.35 -43.38
CA GLN A 517 -81.66 12.16 -43.94
C GLN A 517 -81.67 10.84 -43.08
N LEU A 518 -82.45 10.79 -42.00
CA LEU A 518 -82.46 9.62 -41.12
C LEU A 518 -82.92 8.30 -41.76
N GLU A 519 -84.00 8.32 -42.57
CA GLU A 519 -84.57 7.08 -43.14
C GLU A 519 -83.80 6.49 -44.31
N LYS A 520 -82.91 7.30 -44.94
CA LYS A 520 -82.06 6.84 -46.06
C LYS A 520 -80.78 6.13 -45.58
N HIS A 521 -80.33 6.50 -44.35
CA HIS A 521 -79.08 6.08 -43.70
C HIS A 521 -79.24 5.16 -42.47
N LEU A 522 -80.20 4.22 -42.54
CA LEU A 522 -80.56 3.28 -41.48
C LEU A 522 -79.40 2.60 -40.73
N ASN A 523 -78.39 2.07 -41.46
CA ASN A 523 -77.23 1.39 -40.86
C ASN A 523 -76.55 2.31 -39.85
N LEU A 524 -76.26 3.55 -40.28
CA LEU A 524 -75.62 4.59 -39.47
C LEU A 524 -76.44 5.01 -38.24
N VAL A 525 -77.77 5.11 -38.41
CA VAL A 525 -78.69 5.51 -37.35
C VAL A 525 -78.63 4.50 -36.25
N ALA A 526 -78.69 3.20 -36.64
CA ALA A 526 -78.65 2.03 -35.76
C ALA A 526 -77.33 1.94 -34.97
N GLN A 527 -76.23 2.41 -35.57
CA GLN A 527 -74.93 2.46 -34.89
C GLN A 527 -75.02 3.50 -33.77
N GLY A 528 -75.68 4.65 -33.99
CA GLY A 528 -75.86 5.68 -32.97
C GLY A 528 -76.95 5.32 -31.97
N GLN A 529 -77.94 4.56 -32.42
CA GLN A 529 -79.10 4.11 -31.65
C GLN A 529 -78.73 3.03 -30.65
N GLY A 530 -77.59 2.38 -30.85
CA GLY A 530 -77.18 1.29 -30.00
C GLY A 530 -77.65 -0.08 -30.46
N LEU A 531 -78.46 -0.14 -31.56
CA LEU A 531 -78.98 -1.37 -32.16
C LEU A 531 -77.91 -2.15 -32.96
N LEU A 532 -77.25 -1.46 -33.91
CA LEU A 532 -76.16 -2.08 -34.67
C LEU A 532 -74.85 -1.87 -33.89
N ARG A 533 -74.39 -2.94 -33.21
CA ARG A 533 -73.18 -2.89 -32.40
C ARG A 533 -71.91 -3.03 -33.24
N GLU A 534 -71.87 -2.37 -34.41
CA GLU A 534 -70.72 -2.39 -35.33
C GLU A 534 -69.81 -1.22 -35.06
N ASP A 535 -68.56 -1.49 -34.75
CA ASP A 535 -67.58 -0.45 -34.45
C ASP A 535 -66.90 0.16 -35.72
N LEU A 536 -66.87 -0.63 -36.82
CA LEU A 536 -66.31 -0.22 -38.11
C LEU A 536 -67.13 0.91 -38.70
N GLN A 537 -66.46 1.77 -39.44
CA GLN A 537 -67.09 2.89 -40.11
C GLN A 537 -67.87 2.43 -41.33
N ILE A 538 -69.19 2.67 -41.33
CA ILE A 538 -69.98 2.34 -42.50
C ILE A 538 -70.04 3.59 -43.39
N PHE A 539 -69.66 3.41 -44.67
CA PHE A 539 -69.62 4.46 -45.68
C PHE A 539 -71.00 4.79 -46.25
N THR A 540 -71.69 5.71 -45.57
CA THR A 540 -73.00 6.25 -45.97
C THR A 540 -72.83 7.76 -45.75
N PRO A 541 -72.13 8.47 -46.68
CA PRO A 541 -71.78 9.87 -46.41
C PRO A 541 -72.74 10.94 -46.94
N TYR A 542 -73.60 10.60 -47.92
CA TYR A 542 -74.50 11.56 -48.55
C TYR A 542 -75.23 12.46 -47.56
N GLY A 543 -75.90 11.83 -46.59
CA GLY A 543 -76.76 12.47 -45.60
C GLY A 543 -76.12 13.24 -44.47
N TRP A 544 -74.78 13.09 -44.31
CA TRP A 544 -74.04 13.79 -43.27
C TRP A 544 -74.23 15.30 -43.36
N ALA A 545 -74.32 15.95 -42.21
CA ALA A 545 -74.36 17.41 -42.09
C ALA A 545 -72.92 17.84 -42.30
N ASN A 546 -72.69 18.99 -42.95
CA ASN A 546 -71.36 19.54 -43.23
C ASN A 546 -70.40 19.54 -42.03
N ARG A 547 -70.94 19.69 -40.80
CA ARG A 547 -70.24 19.65 -39.52
C ARG A 547 -71.14 18.99 -38.45
N PRO A 548 -70.57 18.13 -37.59
CA PRO A 548 -71.39 17.53 -36.53
C PRO A 548 -71.68 18.50 -35.37
N ASP A 549 -70.86 19.56 -35.20
CA ASP A 549 -70.99 20.51 -34.10
C ASP A 549 -71.97 21.71 -34.33
N ILE A 550 -72.70 21.75 -35.47
CA ILE A 550 -73.71 22.81 -35.76
C ILE A 550 -74.91 22.61 -34.81
N PRO A 551 -75.28 23.67 -34.04
CA PRO A 551 -76.40 23.53 -33.09
C PRO A 551 -77.74 23.60 -33.76
N VAL A 552 -78.77 22.98 -33.15
CA VAL A 552 -80.16 22.85 -33.68
C VAL A 552 -80.78 24.17 -34.18
N GLY A 553 -80.50 25.28 -33.51
CA GLY A 553 -80.97 26.61 -33.89
C GLY A 553 -80.62 27.02 -35.31
N ALA A 554 -79.47 26.56 -35.80
CA ALA A 554 -78.94 26.83 -37.14
C ALA A 554 -79.39 25.83 -38.24
N TRP A 555 -80.19 24.82 -37.87
CA TRP A 555 -80.62 23.80 -38.81
C TRP A 555 -81.67 24.25 -39.80
N LEU A 556 -82.47 25.27 -39.44
CA LEU A 556 -83.56 25.68 -40.32
C LEU A 556 -83.38 27.07 -40.92
N GLN A 557 -82.13 27.49 -41.17
CA GLN A 557 -81.88 28.77 -41.84
C GLN A 557 -82.27 28.66 -43.30
N ASP A 558 -81.86 27.56 -43.93
CA ASP A 558 -82.25 27.24 -45.32
C ASP A 558 -82.89 25.89 -45.25
N GLU A 559 -84.23 25.92 -45.26
CA GLU A 559 -85.06 24.73 -45.16
C GLU A 559 -85.19 24.03 -46.51
N MET A 560 -85.53 24.80 -47.55
CA MET A 560 -85.73 24.28 -48.90
C MET A 560 -84.47 23.73 -49.50
N GLY A 561 -83.33 24.28 -49.09
CA GLY A 561 -82.04 23.81 -49.54
C GLY A 561 -81.45 24.66 -50.63
N SER A 562 -82.32 25.31 -51.41
CA SER A 562 -82.03 26.19 -52.55
C SER A 562 -80.80 27.10 -52.36
N LYS A 563 -80.65 27.70 -51.17
CA LYS A 563 -79.57 28.62 -50.77
C LYS A 563 -78.22 27.92 -50.53
N PHE A 564 -78.22 26.56 -50.44
CA PHE A 564 -77.08 25.71 -50.08
C PHE A 564 -76.54 26.21 -48.74
N GLY A 565 -77.51 26.47 -47.84
CA GLY A 565 -77.35 27.02 -46.48
C GLY A 565 -75.92 27.03 -46.04
N PRO A 566 -75.24 28.18 -46.12
CA PRO A 566 -73.79 28.23 -45.77
C PRO A 566 -73.44 27.66 -44.39
N HIS A 567 -74.40 27.80 -43.46
CA HIS A 567 -74.34 27.36 -42.09
C HIS A 567 -74.38 25.83 -41.99
N TYR A 568 -75.55 25.24 -42.26
CA TYR A 568 -75.90 23.82 -42.15
C TYR A 568 -76.32 23.33 -43.54
N PHE A 569 -75.58 22.37 -44.12
CA PHE A 569 -75.91 21.80 -45.44
C PHE A 569 -75.43 20.36 -45.59
N LEU A 570 -75.91 19.61 -46.62
CA LEU A 570 -75.46 18.22 -46.86
C LEU A 570 -74.00 18.22 -47.23
N ASN A 571 -73.16 17.63 -46.35
CA ASN A 571 -71.71 17.52 -46.44
C ASN A 571 -71.26 17.15 -47.85
N ASN A 572 -70.52 18.08 -48.50
CA ASN A 572 -69.93 17.89 -49.83
C ASN A 572 -68.65 18.67 -49.91
N PRO A 573 -67.47 18.02 -49.99
CA PRO A 573 -66.21 18.79 -49.99
C PRO A 573 -65.96 19.59 -51.24
N ASP A 574 -66.74 19.38 -52.31
CA ASP A 574 -66.57 20.10 -53.56
C ASP A 574 -67.06 21.53 -53.45
N ILE A 575 -68.16 21.75 -52.70
CA ILE A 575 -68.73 23.09 -52.51
C ILE A 575 -68.13 23.83 -51.25
N GLN A 576 -67.01 23.29 -50.69
CA GLN A 576 -66.32 23.94 -49.58
C GLN A 576 -65.60 25.20 -50.07
N ASP A 577 -65.34 26.15 -49.13
CA ASP A 577 -64.66 27.40 -49.46
C ASP A 577 -63.17 27.24 -49.41
N ASN A 578 -62.46 28.11 -50.18
CA ASN A 578 -61.01 28.13 -50.25
C ASN A 578 -60.41 28.84 -49.06
N VAL A 579 -59.08 28.75 -48.89
CA VAL A 579 -58.45 29.37 -47.75
C VAL A 579 -57.78 30.71 -48.14
N ASN A 580 -58.09 31.25 -49.35
CA ASN A 580 -57.57 32.55 -49.80
C ASN A 580 -57.98 33.67 -48.85
N ASN A 581 -57.02 34.53 -48.50
CA ASN A 581 -57.18 35.63 -47.55
C ASN A 581 -58.49 36.36 -47.68
N ASP A 582 -58.90 36.65 -48.92
CA ASP A 582 -60.13 37.36 -49.22
C ASP A 582 -61.36 36.59 -48.76
N THR A 583 -61.38 35.26 -48.98
CA THR A 583 -62.49 34.36 -48.58
C THR A 583 -62.65 34.35 -47.06
N VAL A 584 -61.53 34.09 -46.35
CA VAL A 584 -61.45 33.99 -44.89
C VAL A 584 -61.77 35.33 -44.20
N GLU A 585 -61.22 36.43 -44.75
CA GLU A 585 -61.40 37.79 -44.26
C GLU A 585 -62.87 38.14 -44.21
N ALA A 586 -63.57 37.91 -45.31
CA ALA A 586 -64.96 38.27 -45.45
C ALA A 586 -65.91 37.32 -44.72
N LEU A 587 -65.68 36.00 -44.79
CA LEU A 587 -66.58 35.00 -44.22
C LEU A 587 -66.29 34.59 -42.75
N ILE A 588 -65.07 34.82 -42.24
CA ILE A 588 -64.75 34.40 -40.87
C ILE A 588 -64.34 35.57 -39.97
N SER A 589 -63.21 36.24 -40.25
CA SER A 589 -62.69 37.32 -39.38
C SER A 589 -63.59 38.58 -39.26
N SER A 590 -64.60 38.67 -40.14
CA SER A 590 -65.58 39.76 -40.14
C SER A 590 -66.43 39.72 -38.86
N TYR A 591 -66.67 38.50 -38.34
CA TYR A 591 -67.43 38.19 -37.12
C TYR A 591 -66.46 37.81 -36.01
N LYS A 592 -66.58 38.48 -34.86
CA LYS A 592 -65.68 38.23 -33.75
C LYS A 592 -66.43 37.75 -32.53
N ASN A 593 -66.04 36.57 -31.97
CA ASN A 593 -66.66 35.95 -30.80
C ASN A 593 -66.21 36.66 -29.54
N THR A 594 -67.01 36.56 -28.48
CA THR A 594 -66.73 37.23 -27.22
C THR A 594 -66.98 36.33 -26.03
N ASP A 595 -67.03 36.98 -24.87
CA ASP A 595 -67.33 36.46 -23.56
C ASP A 595 -68.78 35.87 -23.51
N LYS A 596 -69.72 36.56 -24.17
CA LYS A 596 -71.13 36.22 -24.21
C LYS A 596 -71.66 35.92 -25.63
N LEU A 597 -70.76 35.66 -26.60
CA LEU A 597 -71.19 35.40 -27.98
C LEU A 597 -70.27 34.50 -28.77
N LYS A 598 -70.86 33.52 -29.46
CA LYS A 598 -70.19 32.59 -30.38
C LYS A 598 -70.93 32.66 -31.70
N HIS A 599 -70.27 32.37 -32.83
CA HIS A 599 -70.89 32.45 -34.17
C HIS A 599 -70.96 31.16 -34.94
N VAL A 600 -72.07 30.94 -35.66
CA VAL A 600 -72.23 29.82 -36.57
C VAL A 600 -71.86 30.43 -37.92
N TYR A 601 -70.56 30.43 -38.22
CA TYR A 601 -69.96 31.03 -39.41
C TYR A 601 -70.57 30.60 -40.73
N PRO A 602 -70.72 31.55 -41.68
CA PRO A 602 -71.31 31.20 -43.00
C PRO A 602 -70.27 30.70 -43.99
N TYR A 603 -69.03 30.49 -43.55
CA TYR A 603 -67.97 29.88 -44.34
C TYR A 603 -68.39 28.42 -44.54
N ARG A 604 -68.38 27.94 -45.78
CA ARG A 604 -68.79 26.57 -46.10
C ARG A 604 -67.71 25.56 -45.73
N TYR A 605 -67.87 24.89 -44.57
CA TYR A 605 -66.93 23.84 -44.14
C TYR A 605 -67.62 22.53 -44.52
N SER A 606 -66.82 21.47 -44.79
CA SER A 606 -67.24 20.10 -45.10
C SER A 606 -66.03 19.27 -45.56
N GLY A 607 -66.12 17.96 -45.37
CA GLY A 607 -65.10 16.98 -45.70
C GLY A 607 -65.56 15.56 -45.44
N LEU A 608 -64.81 14.60 -45.97
CA LEU A 608 -65.15 13.19 -45.81
C LEU A 608 -64.48 12.55 -44.58
N TYR A 609 -64.86 11.29 -44.24
CA TYR A 609 -64.47 10.54 -43.04
C TYR A 609 -63.21 11.04 -42.37
N ALA A 610 -62.08 11.03 -43.06
CA ALA A 610 -60.80 11.47 -42.52
C ALA A 610 -60.86 12.84 -41.84
N TRP A 611 -61.42 13.83 -42.53
CA TRP A 611 -61.59 15.19 -42.04
C TRP A 611 -62.53 15.28 -40.83
N GLN A 612 -63.72 14.63 -40.94
CA GLN A 612 -64.74 14.58 -39.88
C GLN A 612 -64.14 14.02 -38.58
N LEU A 613 -63.36 12.95 -38.71
CA LEU A 613 -62.69 12.29 -37.61
C LEU A 613 -61.62 13.16 -37.08
N PHE A 614 -60.74 13.68 -37.96
CA PHE A 614 -59.63 14.53 -37.58
C PHE A 614 -60.04 15.69 -36.65
N ASN A 615 -61.22 16.27 -36.88
CA ASN A 615 -61.66 17.40 -36.05
C ASN A 615 -62.63 17.03 -34.93
N TRP A 616 -63.42 15.95 -35.09
CA TRP A 616 -64.38 15.65 -34.03
C TRP A 616 -64.23 14.29 -33.34
N SER A 617 -63.12 13.58 -33.57
CA SER A 617 -62.83 12.34 -32.86
C SER A 617 -61.82 12.63 -31.74
N ASN A 618 -61.66 11.67 -30.79
CA ASN A 618 -60.73 11.80 -29.67
C ASN A 618 -59.35 11.32 -30.04
N LYS A 619 -58.84 11.82 -31.17
CA LYS A 619 -57.52 11.53 -31.71
C LYS A 619 -56.40 11.84 -30.71
N LEU A 620 -55.34 11.07 -30.80
CA LEU A 620 -54.14 11.25 -30.03
C LEU A 620 -53.31 12.44 -30.60
N THR A 621 -52.69 13.24 -29.72
CA THR A 621 -51.84 14.33 -30.18
C THR A 621 -50.52 14.25 -29.47
N ASN A 622 -49.84 15.39 -29.34
CA ASN A 622 -48.55 15.43 -28.67
C ASN A 622 -48.70 15.85 -27.19
N THR A 623 -49.89 16.41 -26.85
CA THR A 623 -50.27 16.86 -25.50
C THR A 623 -51.32 15.89 -24.93
N PRO A 624 -51.34 15.60 -23.61
CA PRO A 624 -52.36 14.69 -23.11
C PRO A 624 -53.64 15.46 -22.74
N LEU A 625 -54.78 14.74 -22.52
CA LEU A 625 -56.08 15.33 -22.15
C LEU A 625 -56.51 16.48 -23.10
N SER A 626 -56.12 16.31 -24.38
CA SER A 626 -56.21 17.18 -25.54
C SER A 626 -57.48 17.08 -26.38
N ALA A 627 -58.28 16.02 -26.20
CA ALA A 627 -59.49 15.81 -27.00
C ALA A 627 -60.66 16.67 -26.58
N ASN A 628 -61.00 17.68 -27.40
CA ASN A 628 -62.16 18.51 -27.07
C ASN A 628 -63.44 17.79 -27.48
N PHE A 629 -63.27 16.78 -28.34
CA PHE A 629 -64.37 15.96 -28.80
C PHE A 629 -64.04 14.51 -28.60
N VAL A 630 -64.88 13.82 -27.79
CA VAL A 630 -64.85 12.37 -27.56
C VAL A 630 -66.28 12.07 -27.88
N ASN A 631 -66.54 11.43 -29.03
CA ASN A 631 -67.91 11.17 -29.51
C ASN A 631 -68.67 10.25 -28.52
N GLU A 632 -68.20 8.99 -28.43
CA GLU A 632 -68.69 7.94 -27.56
C GLU A 632 -67.57 6.91 -27.41
N ASN A 633 -67.89 5.70 -26.96
CA ASN A 633 -66.92 4.62 -26.83
C ASN A 633 -67.38 3.37 -27.58
N SER A 634 -66.40 2.59 -28.11
CA SER A 634 -66.70 1.38 -28.90
C SER A 634 -67.47 0.32 -28.12
N TYR A 635 -68.26 -0.48 -28.82
CA TYR A 635 -69.06 -1.57 -28.26
C TYR A 635 -68.17 -2.73 -27.80
N ALA A 636 -67.33 -3.18 -28.74
CA ALA A 636 -66.41 -4.30 -28.60
C ALA A 636 -64.95 -3.83 -28.71
N PRO A 637 -63.97 -4.59 -28.15
CA PRO A 637 -62.55 -4.17 -28.29
C PRO A 637 -62.24 -4.04 -29.76
N ASN A 638 -61.78 -2.87 -30.20
CA ASN A 638 -61.55 -2.65 -31.63
C ASN A 638 -60.11 -2.41 -31.95
N SER A 639 -59.20 -2.68 -30.99
CA SER A 639 -57.76 -2.48 -31.21
C SER A 639 -56.84 -3.42 -30.48
N LEU A 640 -55.78 -3.91 -31.18
CA LEU A 640 -54.72 -4.70 -30.55
C LEU A 640 -53.98 -3.74 -29.64
N PHE A 641 -53.57 -4.20 -28.46
CA PHE A 641 -52.93 -3.25 -27.56
C PHE A 641 -52.00 -3.92 -26.58
N ALA A 642 -50.78 -3.40 -26.50
CA ALA A 642 -49.77 -3.87 -25.56
C ALA A 642 -49.10 -2.61 -25.09
N ALA A 643 -48.81 -2.52 -23.79
CA ALA A 643 -48.21 -1.32 -23.23
C ALA A 643 -47.26 -1.60 -22.10
N ILE A 644 -46.10 -0.89 -22.13
CA ILE A 644 -45.08 -0.95 -21.09
C ILE A 644 -45.56 -0.03 -19.98
N LEU A 645 -45.85 -0.63 -18.82
CA LEU A 645 -46.38 0.06 -17.67
C LEU A 645 -45.30 0.49 -16.71
N ASN A 646 -45.64 1.51 -15.89
CA ASN A 646 -44.79 2.07 -14.85
C ASN A 646 -45.04 1.37 -13.49
N GLU A 647 -44.22 0.34 -13.21
CA GLU A 647 -44.23 -0.46 -11.99
C GLU A 647 -44.26 0.43 -10.74
N ASP A 648 -43.36 1.40 -10.65
CA ASP A 648 -43.22 2.35 -9.55
C ASP A 648 -44.45 3.20 -9.33
N LEU A 649 -45.18 3.50 -10.40
CA LEU A 649 -46.40 4.27 -10.28
C LEU A 649 -47.50 3.40 -9.73
N LEU A 650 -47.69 2.21 -10.33
CA LEU A 650 -48.67 1.20 -9.93
C LEU A 650 -48.52 0.89 -8.44
N THR A 651 -47.28 0.62 -7.99
CA THR A 651 -47.00 0.30 -6.60
C THR A 651 -47.04 1.49 -5.67
N GLY A 652 -46.67 2.65 -6.21
CA GLY A 652 -46.59 3.89 -5.44
C GLY A 652 -47.88 4.62 -5.19
N LEU A 653 -48.67 4.83 -6.24
CA LEU A 653 -49.95 5.57 -6.23
C LEU A 653 -50.87 5.27 -5.03
N SER A 654 -51.55 6.33 -4.57
CA SER A 654 -52.44 6.24 -3.44
C SER A 654 -53.71 5.42 -3.73
N ASP A 655 -54.37 4.91 -2.68
CA ASP A 655 -55.58 4.12 -2.86
C ASP A 655 -56.70 4.98 -3.38
N LYS A 656 -57.11 6.04 -2.64
CA LYS A 656 -58.19 6.89 -3.14
C LYS A 656 -57.65 8.01 -3.95
N ILE A 657 -58.27 8.16 -5.13
CA ILE A 657 -57.95 9.16 -6.13
C ILE A 657 -58.95 10.27 -5.99
N PHE A 658 -58.45 11.46 -5.69
CA PHE A 658 -59.23 12.67 -5.48
C PHE A 658 -59.21 13.53 -6.69
N TYR A 659 -60.39 13.69 -7.29
CA TYR A 659 -60.58 14.56 -8.44
C TYR A 659 -60.87 15.98 -7.93
N GLY A 660 -61.00 16.92 -8.85
CA GLY A 660 -61.29 18.31 -8.52
C GLY A 660 -62.51 18.81 -9.26
N LYS A 661 -62.82 20.11 -9.12
CA LYS A 661 -63.97 20.68 -9.84
C LYS A 661 -63.66 20.66 -11.37
N GLU A 662 -62.36 20.57 -11.70
CA GLU A 662 -61.85 20.51 -13.06
C GLU A 662 -62.22 19.20 -13.77
N ASN A 663 -62.63 18.18 -13.02
CA ASN A 663 -63.01 16.90 -13.60
C ASN A 663 -64.53 16.79 -13.71
N GLU A 664 -65.23 17.84 -13.25
CA GLU A 664 -66.69 17.91 -13.18
C GLU A 664 -67.26 18.80 -14.25
N PHE A 665 -68.46 18.43 -14.78
CA PHE A 665 -69.18 19.22 -15.78
C PHE A 665 -69.75 20.47 -15.11
N ALA A 666 -69.92 21.56 -15.88
CA ALA A 666 -70.46 22.82 -15.39
C ALA A 666 -71.92 22.70 -14.89
N GLU A 667 -72.20 23.39 -13.77
CA GLU A 667 -73.51 23.39 -13.11
C GLU A 667 -74.63 24.09 -13.92
N ASN A 668 -74.26 24.91 -14.93
CA ASN A 668 -75.18 25.61 -15.82
C ASN A 668 -74.51 25.94 -17.14
N GLU A 669 -75.32 26.12 -18.20
CA GLU A 669 -74.84 26.42 -19.55
C GLU A 669 -74.04 27.73 -19.68
N ALA A 670 -74.13 28.64 -18.67
CA ALA A 670 -73.38 29.90 -18.65
C ALA A 670 -71.92 29.64 -18.26
N ASP A 671 -71.71 28.84 -17.21
CA ASP A 671 -70.38 28.46 -16.78
C ASP A 671 -69.75 27.67 -17.92
N ARG A 672 -70.51 26.70 -18.47
CA ARG A 672 -70.15 25.79 -19.56
C ARG A 672 -69.65 26.51 -20.79
N PHE A 673 -70.26 27.64 -21.10
CA PHE A 673 -69.96 28.44 -22.29
C PHE A 673 -68.47 28.85 -22.43
N ASN A 674 -67.83 29.23 -21.31
CA ASN A 674 -66.46 29.71 -21.36
C ASN A 674 -65.43 28.72 -20.81
N GLN A 675 -65.77 27.42 -20.84
CA GLN A 675 -64.94 26.30 -20.37
C GLN A 675 -63.59 26.23 -21.09
N LEU A 676 -62.47 26.16 -20.37
CA LEU A 676 -61.16 26.00 -21.01
C LEU A 676 -60.93 24.49 -21.07
N LEU A 677 -60.56 23.94 -22.24
CA LEU A 677 -60.38 22.47 -22.35
C LEU A 677 -59.31 21.89 -21.39
N SER A 678 -58.28 22.69 -21.10
CA SER A 678 -57.21 22.31 -20.20
C SER A 678 -57.20 23.18 -18.95
N LEU A 679 -57.29 22.52 -17.80
CA LEU A 679 -57.29 23.18 -16.52
C LEU A 679 -56.21 22.59 -15.65
N ASN A 680 -55.56 23.46 -14.87
CA ASN A 680 -54.50 23.01 -13.98
C ASN A 680 -55.12 22.42 -12.72
N PRO A 681 -54.71 21.18 -12.31
CA PRO A 681 -55.31 20.55 -11.13
C PRO A 681 -55.05 21.37 -9.88
N ASN A 682 -56.06 21.46 -8.99
CA ASN A 682 -55.88 22.24 -7.78
C ASN A 682 -55.04 21.43 -6.77
N PRO A 683 -54.21 22.10 -5.91
CA PRO A 683 -53.28 21.36 -5.04
C PRO A 683 -53.88 20.35 -4.06
N ASN A 684 -55.20 20.38 -3.85
CA ASN A 684 -55.85 19.44 -2.95
C ASN A 684 -56.16 18.10 -3.64
N THR A 685 -56.18 18.07 -5.00
CA THR A 685 -56.40 16.86 -5.79
C THR A 685 -55.11 16.05 -6.00
N ASN A 686 -55.26 14.79 -6.44
CA ASN A 686 -54.14 13.91 -6.74
C ASN A 686 -54.36 13.13 -8.04
N TRP A 687 -55.55 13.29 -8.65
CA TRP A 687 -55.99 12.60 -9.86
C TRP A 687 -54.97 12.63 -10.97
N ALA A 688 -54.33 13.80 -11.12
CA ALA A 688 -53.33 14.07 -12.13
C ALA A 688 -52.14 13.11 -12.09
N ARG A 689 -51.79 12.61 -10.88
CA ARG A 689 -50.65 11.71 -10.68
C ARG A 689 -50.82 10.31 -11.29
N TYR A 690 -52.07 9.91 -11.57
CA TYR A 690 -52.42 8.60 -12.12
C TYR A 690 -52.31 8.47 -13.64
N LEU A 691 -52.21 9.62 -14.35
CA LEU A 691 -52.26 9.71 -15.81
C LEU A 691 -51.14 8.99 -16.58
N ASN A 692 -49.94 8.96 -16.03
CA ASN A 692 -48.87 8.39 -16.83
C ASN A 692 -48.40 6.99 -16.43
N VAL A 693 -49.33 6.01 -16.30
CA VAL A 693 -48.86 4.66 -15.97
C VAL A 693 -48.34 3.96 -17.25
N VAL A 694 -48.85 4.39 -18.42
CA VAL A 694 -48.42 3.87 -19.73
C VAL A 694 -47.17 4.64 -20.16
N GLN A 695 -46.03 3.94 -20.24
CA GLN A 695 -44.78 4.57 -20.67
C GLN A 695 -44.73 4.62 -22.21
N ARG A 696 -45.07 3.50 -22.85
CA ARG A 696 -45.12 3.34 -24.30
C ARG A 696 -46.21 2.37 -24.62
N PHE A 697 -46.57 2.24 -25.90
CA PHE A 697 -47.64 1.31 -26.33
C PHE A 697 -47.56 0.92 -27.79
N THR A 698 -48.12 -0.25 -28.11
CA THR A 698 -48.22 -0.72 -29.48
C THR A 698 -49.66 -1.05 -29.76
N THR A 699 -50.00 -1.12 -31.03
CA THR A 699 -51.36 -1.25 -31.50
C THR A 699 -51.43 -2.18 -32.74
N GLY A 700 -50.26 -2.74 -33.05
CA GLY A 700 -50.03 -3.62 -34.20
C GLY A 700 -48.65 -3.42 -34.78
N PRO A 701 -48.47 -3.61 -36.12
CA PRO A 701 -47.13 -3.43 -36.69
C PRO A 701 -46.75 -1.97 -36.77
N ASN A 702 -45.43 -1.72 -36.87
CA ASN A 702 -44.86 -0.38 -36.91
C ASN A 702 -44.92 0.24 -38.32
N LEU A 703 -46.15 0.45 -38.84
CA LEU A 703 -46.44 1.06 -40.15
C LEU A 703 -47.48 2.18 -39.94
N ASP A 704 -47.50 3.23 -40.79
CA ASP A 704 -48.52 4.28 -40.68
C ASP A 704 -49.18 4.60 -42.01
N SER A 705 -50.39 5.18 -41.95
CA SER A 705 -51.24 5.60 -43.07
C SER A 705 -51.22 4.62 -44.24
N SER A 706 -51.09 5.13 -45.47
CA SER A 706 -51.08 4.39 -46.72
C SER A 706 -50.12 3.18 -46.73
N THR A 707 -48.94 3.33 -46.09
CA THR A 707 -47.94 2.26 -45.97
C THR A 707 -48.58 1.07 -45.26
N PHE A 708 -49.40 1.33 -44.21
CA PHE A 708 -50.06 0.31 -43.41
C PHE A 708 -51.00 -0.53 -44.26
N ASP A 709 -51.76 0.11 -45.20
CA ASP A 709 -52.73 -0.57 -46.07
C ASP A 709 -52.08 -1.66 -46.89
N GLN A 710 -50.85 -1.42 -47.34
CA GLN A 710 -50.06 -2.37 -48.14
C GLN A 710 -49.82 -3.69 -47.39
N PHE A 711 -49.68 -3.60 -46.05
CA PHE A 711 -49.55 -4.77 -45.20
C PHE A 711 -50.92 -5.44 -45.06
N LEU A 712 -51.98 -4.66 -44.79
CA LEU A 712 -53.34 -5.19 -44.65
C LEU A 712 -53.67 -6.14 -45.81
N ASP A 713 -53.19 -5.79 -47.02
CA ASP A 713 -53.42 -6.64 -48.19
C ASP A 713 -52.56 -7.88 -48.13
N PHE A 714 -51.28 -7.70 -47.78
CA PHE A 714 -50.29 -8.77 -47.69
C PHE A 714 -50.76 -9.96 -46.85
N LEU A 715 -51.49 -9.72 -45.74
CA LEU A 715 -51.98 -10.79 -44.86
C LEU A 715 -53.18 -11.54 -45.44
N PRO A 716 -53.33 -12.85 -45.18
CA PRO A 716 -54.47 -13.59 -45.73
C PRO A 716 -55.69 -13.70 -44.82
N TRP A 717 -56.79 -14.23 -45.37
CA TRP A 717 -58.03 -14.45 -44.61
C TRP A 717 -58.06 -15.91 -44.12
N ILE A 718 -58.17 -16.12 -42.79
CA ILE A 718 -58.17 -17.47 -42.18
C ILE A 718 -59.12 -18.48 -42.85
N GLY A 719 -60.34 -18.05 -43.16
CA GLY A 719 -61.34 -18.89 -43.79
C GLY A 719 -60.93 -19.48 -45.12
N ASN A 720 -60.22 -18.69 -45.96
CA ASN A 720 -59.77 -19.06 -47.32
C ASN A 720 -58.33 -19.48 -47.49
N GLY A 721 -57.43 -18.78 -46.81
CA GLY A 721 -55.99 -18.97 -46.97
C GLY A 721 -55.53 -18.08 -48.11
N LYS A 722 -56.48 -17.32 -48.67
CA LYS A 722 -56.28 -16.37 -49.76
C LYS A 722 -56.04 -14.98 -49.20
N PRO A 723 -55.06 -14.23 -49.75
CA PRO A 723 -54.79 -12.90 -49.21
C PRO A 723 -55.79 -11.86 -49.70
N PHE A 724 -55.88 -10.75 -48.97
CA PHE A 724 -56.74 -9.61 -49.26
C PHE A 724 -56.28 -8.89 -50.53
N SER A 725 -55.00 -9.10 -50.90
CA SER A 725 -54.35 -8.55 -52.07
C SER A 725 -54.88 -9.11 -53.39
N ASN A 726 -55.19 -10.42 -53.45
CA ASN A 726 -55.66 -11.14 -54.66
C ASN A 726 -54.60 -11.07 -55.78
N SER A 727 -53.33 -10.78 -55.40
CA SER A 727 -52.25 -10.57 -56.38
C SER A 727 -51.84 -11.83 -57.19
N PRO A 728 -51.83 -13.09 -56.65
CA PRO A 728 -51.48 -14.22 -57.53
C PRO A 728 -52.51 -14.43 -58.67
N SER A 729 -52.04 -14.62 -59.94
CA SER A 729 -52.92 -14.78 -61.13
C SER A 729 -53.81 -16.04 -61.08
N ALA A 734 -52.28 -14.20 -68.22
CA ALA A 734 -53.67 -14.64 -68.11
C ALA A 734 -54.66 -13.59 -68.68
N SER A 735 -55.64 -13.13 -67.87
CA SER A 735 -56.66 -12.13 -68.26
C SER A 735 -56.33 -10.68 -67.80
N SER A 736 -56.97 -9.65 -68.42
CA SER A 736 -56.84 -8.23 -68.03
C SER A 736 -57.90 -7.85 -66.96
N SER A 737 -59.06 -8.57 -66.96
CA SER A 737 -60.07 -8.61 -65.92
C SER A 737 -59.58 -9.70 -64.92
N THR A 738 -58.67 -9.25 -64.04
CA THR A 738 -58.01 -9.97 -62.95
C THR A 738 -58.24 -9.14 -61.69
N PRO A 739 -58.61 -9.83 -60.58
CA PRO A 739 -58.96 -9.14 -59.34
C PRO A 739 -57.93 -8.18 -58.76
N LEU A 740 -58.45 -7.06 -58.27
CA LEU A 740 -57.73 -5.97 -57.63
C LEU A 740 -57.63 -6.18 -56.09
N PRO A 741 -56.68 -5.51 -55.39
CA PRO A 741 -56.63 -5.64 -53.94
C PRO A 741 -57.72 -4.83 -53.25
N THR A 742 -58.11 -5.28 -52.04
CA THR A 742 -59.15 -4.66 -51.23
C THR A 742 -58.69 -3.36 -50.51
N PHE A 743 -57.49 -3.38 -49.89
CA PHE A 743 -57.01 -2.25 -49.09
C PHE A 743 -56.13 -1.22 -49.79
N SER A 744 -55.31 -1.64 -50.76
CA SER A 744 -54.36 -0.79 -51.49
C SER A 744 -55.03 0.04 -52.62
N ASN A 745 -54.33 1.15 -52.96
CA ASN A 745 -54.71 2.06 -54.02
C ASN A 745 -53.69 1.96 -55.16
N ILE A 746 -52.44 1.53 -54.82
CA ILE A 746 -51.30 1.33 -55.72
C ILE A 746 -51.69 0.37 -56.85
N ASN A 747 -51.51 0.83 -58.11
CA ASN A 747 -51.84 0.12 -59.36
C ASN A 747 -53.38 -0.11 -59.51
N VAL A 748 -54.18 0.64 -58.75
CA VAL A 748 -55.63 0.55 -58.80
C VAL A 748 -56.13 1.87 -59.37
N GLY A 749 -56.88 1.74 -60.46
CA GLY A 749 -57.47 2.87 -61.15
C GLY A 749 -56.46 3.62 -62.01
N VAL A 750 -56.37 4.93 -61.78
CA VAL A 750 -55.46 5.73 -62.57
C VAL A 750 -54.49 6.57 -61.72
N LYS A 751 -53.29 6.81 -62.25
CA LYS A 751 -52.26 7.60 -61.56
C LYS A 751 -52.54 9.08 -61.82
N SER A 752 -52.95 9.82 -60.78
CA SER A 752 -53.26 11.24 -60.81
C SER A 752 -52.05 12.09 -60.52
N MET A 753 -52.03 13.35 -61.00
CA MET A 753 -50.90 14.24 -60.79
C MET A 753 -51.11 15.22 -59.63
N ILE A 754 -50.05 15.28 -58.76
CA ILE A 754 -49.70 15.99 -57.51
C ILE A 754 -49.43 17.53 -57.71
N THR A 755 -50.25 18.33 -56.97
CA THR A 755 -50.36 19.80 -56.80
C THR A 755 -51.63 20.04 -55.93
N GLN A 756 -51.99 21.32 -55.62
CA GLN A 756 -53.18 21.77 -54.86
C GLN A 756 -53.23 21.32 -53.38
N HIS A 757 -52.18 21.67 -52.61
CA HIS A 757 -52.14 21.43 -51.16
C HIS A 757 -53.35 22.23 -50.63
N LEU A 758 -54.23 21.60 -49.80
CA LEU A 758 -55.46 22.29 -49.43
C LEU A 758 -55.44 23.08 -48.09
N ASN A 759 -55.09 22.53 -46.91
CA ASN A 759 -55.09 23.40 -45.72
C ASN A 759 -53.87 23.15 -44.76
N LYS A 760 -53.85 23.82 -43.57
CA LYS A 760 -52.87 23.79 -42.48
C LYS A 760 -51.45 24.26 -42.88
N GLU A 761 -51.31 24.93 -44.05
CA GLU A 761 -50.06 25.45 -44.65
C GLU A 761 -48.93 24.40 -44.63
N ASN A 762 -49.26 23.20 -45.15
CA ASN A 762 -48.32 22.09 -45.32
C ASN A 762 -47.80 22.19 -46.79
N THR A 763 -47.46 23.44 -47.17
CA THR A 763 -46.97 23.90 -48.48
C THR A 763 -45.65 23.20 -48.86
N ARG A 764 -44.53 23.62 -48.26
CA ARG A 764 -43.18 23.21 -48.57
C ARG A 764 -42.85 23.49 -50.01
N TRP A 765 -42.62 22.48 -50.88
CA TRP A 765 -42.10 22.64 -52.24
C TRP A 765 -40.61 23.02 -52.28
N VAL A 766 -39.97 23.23 -51.09
CA VAL A 766 -38.56 23.57 -51.02
C VAL A 766 -37.71 22.41 -51.47
N PHE A 767 -38.03 21.18 -51.03
CA PHE A 767 -37.25 20.02 -51.45
C PHE A 767 -38.11 19.06 -52.24
N ILE A 768 -37.76 18.91 -53.54
CA ILE A 768 -38.45 18.07 -54.54
C ILE A 768 -37.67 16.74 -54.72
N PRO A 769 -38.36 15.60 -54.57
CA PRO A 769 -37.65 14.31 -54.66
C PRO A 769 -37.20 13.91 -56.05
N ASN A 770 -36.20 13.00 -56.12
CA ASN A 770 -35.62 12.45 -57.35
C ASN A 770 -36.58 11.51 -58.15
N PHE A 771 -37.90 11.65 -57.92
CA PHE A 771 -38.93 10.86 -58.58
C PHE A 771 -40.24 11.64 -58.63
N SER A 772 -41.18 11.21 -59.50
CA SER A 772 -42.49 11.87 -59.59
C SER A 772 -43.41 11.21 -58.55
N PRO A 773 -43.90 11.97 -57.55
CA PRO A 773 -44.67 11.33 -56.49
C PRO A 773 -46.06 10.78 -56.88
N ASP A 774 -46.66 11.13 -58.00
CA ASP A 774 -47.98 10.73 -58.53
C ASP A 774 -48.77 9.64 -57.72
N ILE A 775 -49.90 10.07 -57.15
CA ILE A 775 -50.79 9.28 -56.31
C ILE A 775 -51.82 8.55 -57.15
N TRP A 776 -52.05 7.27 -56.84
CA TRP A 776 -53.09 6.51 -57.51
C TRP A 776 -54.44 6.84 -56.87
N THR A 777 -55.45 7.00 -57.70
CA THR A 777 -56.82 7.33 -57.31
C THR A 777 -57.51 6.20 -56.55
N GLY A 778 -57.15 4.98 -56.90
CA GLY A 778 -57.76 3.79 -56.33
C GLY A 778 -58.98 3.47 -57.16
N ALA A 779 -59.97 2.77 -56.56
CA ALA A 779 -61.22 2.37 -57.22
C ALA A 779 -62.31 3.39 -56.93
N GLY A 780 -63.26 3.52 -57.84
CA GLY A 780 -64.36 4.46 -57.68
C GLY A 780 -63.93 5.91 -57.86
N TYR A 781 -63.00 6.13 -58.78
CA TYR A 781 -62.44 7.44 -59.07
C TYR A 781 -63.27 8.25 -60.04
N ARG A 782 -63.01 9.56 -60.06
CA ARG A 782 -63.70 10.52 -60.92
C ARG A 782 -62.73 11.21 -61.83
N VAL A 783 -62.91 11.03 -63.15
CA VAL A 783 -62.07 11.66 -64.17
C VAL A 783 -62.95 12.43 -65.17
N GLN A 784 -62.36 13.52 -65.71
CA GLN A 784 -62.97 14.43 -66.66
C GLN A 784 -63.11 13.68 -67.97
N SER A 785 -62.00 13.06 -68.42
CA SER A 785 -61.87 12.23 -69.61
C SER A 785 -60.73 11.25 -69.35
N ALA A 786 -60.61 10.21 -70.19
CA ALA A 786 -59.53 9.22 -70.07
C ALA A 786 -58.15 9.88 -70.28
N ASN A 787 -58.11 10.90 -71.14
CA ASN A 787 -56.94 11.69 -71.50
C ASN A 787 -56.57 12.64 -70.37
N GLN A 788 -57.57 13.28 -69.73
CA GLN A 788 -57.38 14.24 -68.63
C GLN A 788 -57.65 13.62 -67.23
N LYS A 789 -56.55 13.24 -66.56
CA LYS A 789 -56.60 12.63 -65.22
C LYS A 789 -55.75 13.40 -64.20
N ASN A 790 -55.68 14.74 -64.33
CA ASN A 790 -54.93 15.63 -63.42
C ASN A 790 -55.88 16.66 -62.77
N GLY A 791 -56.75 16.16 -61.91
CA GLY A 791 -57.73 16.96 -61.21
C GLY A 791 -59.06 16.96 -61.91
N ILE A 792 -60.12 17.33 -61.18
CA ILE A 792 -61.46 17.38 -61.75
C ILE A 792 -62.03 18.80 -61.70
N PRO A 793 -62.42 19.37 -62.84
CA PRO A 793 -62.98 20.74 -62.80
C PRO A 793 -64.27 20.78 -61.98
N PHE A 794 -64.52 21.92 -61.31
CA PHE A 794 -65.70 22.09 -60.47
C PHE A 794 -67.03 21.79 -61.17
N GLU A 795 -67.06 21.78 -62.53
CA GLU A 795 -68.26 21.52 -63.33
C GLU A 795 -68.98 20.16 -62.97
N GLN A 796 -68.31 19.24 -62.24
CA GLN A 796 -68.91 17.97 -61.79
C GLN A 796 -69.23 18.17 -60.30
N VAL A 797 -70.19 19.11 -60.13
CA VAL A 797 -70.75 19.84 -58.98
C VAL A 797 -72.02 19.29 -58.44
N LYS A 798 -72.28 19.58 -57.15
CA LYS A 798 -73.49 19.20 -56.48
C LYS A 798 -74.65 20.02 -57.07
N PRO A 799 -75.57 19.39 -57.83
CA PRO A 799 -76.67 20.15 -58.45
C PRO A 799 -77.99 19.95 -57.71
N SER A 800 -77.92 19.82 -56.41
CA SER A 800 -78.96 19.30 -55.53
C SER A 800 -80.42 19.80 -55.52
N ASN A 801 -80.77 21.03 -55.24
CA ASN A 801 -82.17 21.35 -54.98
C ASN A 801 -83.07 21.52 -56.19
N ASN A 802 -84.13 20.69 -56.37
CA ASN A 802 -85.07 20.78 -57.53
C ASN A 802 -84.30 20.75 -58.89
N SER A 803 -83.22 19.96 -58.96
CA SER A 803 -82.35 19.78 -60.14
C SER A 803 -81.82 21.11 -60.73
N THR A 804 -81.64 22.14 -59.87
CA THR A 804 -81.13 23.46 -60.24
C THR A 804 -79.70 23.57 -59.67
N PRO A 805 -78.68 23.25 -60.50
CA PRO A 805 -77.29 23.26 -60.02
C PRO A 805 -76.81 24.50 -59.29
N PHE A 806 -75.85 24.27 -58.40
CA PHE A 806 -75.15 25.25 -57.60
C PHE A 806 -74.33 26.12 -58.55
N ASP A 807 -74.49 27.44 -58.48
CA ASP A 807 -73.70 28.31 -59.35
C ASP A 807 -72.54 28.90 -58.58
N PRO A 808 -71.29 28.52 -58.93
CA PRO A 808 -70.13 29.05 -58.22
C PRO A 808 -69.91 30.55 -58.25
N ASN A 809 -70.43 31.28 -59.25
CA ASN A 809 -70.21 32.71 -59.47
C ASN A 809 -71.41 33.55 -58.99
N SER A 810 -72.37 32.94 -58.26
CA SER A 810 -73.52 33.65 -57.72
C SER A 810 -73.07 34.67 -56.68
N ASP A 811 -73.77 35.80 -56.57
CA ASP A 811 -73.41 36.94 -55.69
C ASP A 811 -72.95 36.53 -54.29
N ASP A 812 -73.65 35.54 -53.66
CA ASP A 812 -73.28 35.05 -52.32
C ASP A 812 -72.05 34.13 -52.33
N ASN A 813 -71.84 33.35 -53.43
CA ASN A 813 -70.68 32.45 -53.57
C ASN A 813 -69.40 33.14 -54.07
N LYS A 814 -69.41 34.49 -54.12
CA LYS A 814 -68.27 35.29 -54.55
C LYS A 814 -67.90 36.31 -53.47
N VAL A 815 -66.62 36.68 -53.39
CA VAL A 815 -66.08 37.67 -52.46
C VAL A 815 -65.37 38.72 -53.28
N THR A 816 -65.41 40.00 -52.85
CA THR A 816 -64.71 41.02 -53.60
C THR A 816 -63.82 41.84 -52.64
N PRO A 817 -62.49 41.89 -52.90
CA PRO A 817 -61.59 42.69 -52.05
C PRO A 817 -61.74 44.18 -52.33
N SER A 818 -61.22 45.03 -51.43
CA SER A 818 -61.31 46.49 -51.53
C SER A 818 -60.59 46.98 -52.75
N GLY A 819 -61.34 47.09 -53.82
CA GLY A 819 -60.81 47.52 -55.10
C GLY A 819 -61.68 47.01 -56.22
N GLY A 820 -62.18 45.81 -56.04
CA GLY A 820 -63.05 45.21 -57.02
C GLY A 820 -62.51 43.96 -57.65
N SER A 821 -63.34 43.38 -58.51
CA SER A 821 -63.20 42.11 -59.25
C SER A 821 -63.56 40.94 -58.33
N SER A 822 -64.84 40.74 -58.21
CA SER A 822 -65.52 39.71 -57.46
C SER A 822 -65.14 38.30 -57.97
N LYS A 823 -64.35 37.58 -57.17
CA LYS A 823 -63.90 36.21 -57.46
C LYS A 823 -64.73 35.17 -56.65
N PRO A 824 -64.97 33.92 -57.14
CA PRO A 824 -65.70 32.96 -56.31
C PRO A 824 -64.86 32.32 -55.18
N THR A 825 -65.53 31.81 -54.14
CA THR A 825 -64.92 31.15 -52.95
C THR A 825 -64.57 29.65 -53.18
N THR A 826 -65.28 29.02 -54.13
CA THR A 826 -65.09 27.61 -54.47
C THR A 826 -63.71 27.29 -55.07
N TYR A 827 -63.41 26.00 -55.14
CA TYR A 827 -62.17 25.53 -55.74
C TYR A 827 -62.38 25.30 -57.23
N PRO A 828 -61.34 25.50 -58.05
CA PRO A 828 -61.50 25.28 -59.49
C PRO A 828 -61.46 23.80 -59.87
N ALA A 829 -60.58 23.06 -59.22
CA ALA A 829 -60.38 21.64 -59.44
C ALA A 829 -60.38 20.92 -58.11
N LEU A 830 -60.94 19.72 -58.07
CA LEU A 830 -61.06 18.90 -56.88
C LEU A 830 -60.47 17.51 -57.10
N PRO A 831 -59.98 16.80 -56.05
CA PRO A 831 -59.33 15.49 -56.25
C PRO A 831 -60.14 14.43 -57.01
N ASN A 832 -59.42 13.50 -57.65
CA ASN A 832 -59.95 12.46 -58.53
C ASN A 832 -60.53 11.21 -57.84
N SER A 833 -61.08 11.35 -56.61
CA SER A 833 -61.76 10.24 -55.87
C SER A 833 -62.50 10.74 -54.63
N ILE A 834 -63.72 10.23 -54.43
CA ILE A 834 -64.47 10.58 -53.23
C ILE A 834 -65.06 9.30 -52.64
N SER A 835 -64.59 8.15 -53.18
CA SER A 835 -64.96 6.76 -52.85
C SER A 835 -64.47 6.38 -51.45
N PRO A 836 -64.96 5.25 -50.85
CA PRO A 836 -64.45 4.85 -49.53
C PRO A 836 -62.94 4.59 -49.53
N THR A 837 -62.40 4.12 -50.66
CA THR A 837 -60.99 3.80 -50.82
C THR A 837 -60.14 5.06 -51.19
N SER A 838 -60.68 6.29 -51.09
CA SER A 838 -59.92 7.52 -51.38
C SER A 838 -58.81 7.80 -50.36
N ASP A 839 -57.60 8.02 -50.85
CA ASP A 839 -56.43 8.31 -50.02
C ASP A 839 -55.62 9.49 -50.62
N TRP A 840 -56.02 10.73 -50.27
CA TRP A 840 -55.41 11.97 -50.75
C TRP A 840 -54.64 12.64 -49.65
N ILE A 841 -53.32 12.49 -49.71
CA ILE A 841 -52.36 13.01 -48.73
C ILE A 841 -52.40 14.56 -48.63
N ASN A 842 -52.52 15.25 -49.76
CA ASN A 842 -52.60 16.70 -49.71
C ASN A 842 -54.05 17.21 -49.79
N ALA A 843 -55.04 16.37 -49.47
CA ALA A 843 -56.45 16.74 -49.46
C ALA A 843 -57.25 15.95 -48.42
N LEU A 844 -57.01 16.25 -47.12
CA LEU A 844 -57.63 15.60 -45.96
C LEU A 844 -59.15 15.56 -46.10
N THR A 845 -59.69 16.69 -46.55
CA THR A 845 -61.10 16.98 -46.73
C THR A 845 -61.75 16.00 -47.75
N PHE A 846 -60.95 15.46 -48.70
CA PHE A 846 -61.41 14.50 -49.73
C PHE A 846 -61.04 13.02 -49.45
N THR A 847 -60.29 12.78 -48.36
CA THR A 847 -59.85 11.45 -47.97
C THR A 847 -60.85 10.80 -47.03
N ASN A 848 -61.08 9.49 -47.24
CA ASN A 848 -61.97 8.63 -46.45
C ASN A 848 -61.19 7.62 -45.64
N LYS A 849 -60.07 7.12 -46.20
CA LYS A 849 -59.19 6.18 -45.55
C LYS A 849 -58.55 6.88 -44.35
N ASN A 850 -58.60 6.23 -43.17
CA ASN A 850 -58.07 6.77 -41.92
C ASN A 850 -57.52 5.68 -41.01
N ASN A 851 -56.49 6.07 -40.19
CA ASN A 851 -55.81 5.21 -39.22
C ASN A 851 -56.80 4.57 -38.21
N PRO A 852 -57.72 5.33 -37.58
CA PRO A 852 -58.70 4.67 -36.70
C PRO A 852 -59.38 3.47 -37.34
N GLN A 853 -59.69 3.53 -38.66
CA GLN A 853 -60.30 2.40 -39.38
C GLN A 853 -59.25 1.35 -39.66
N ARG A 854 -58.05 1.77 -40.17
CA ARG A 854 -56.92 0.89 -40.47
C ARG A 854 -56.64 -0.04 -39.29
N ASN A 855 -56.71 0.52 -38.05
CA ASN A 855 -56.49 -0.23 -36.83
C ASN A 855 -57.51 -1.35 -36.65
N GLN A 856 -58.79 -0.99 -36.71
CA GLN A 856 -59.90 -1.93 -36.56
C GLN A 856 -59.78 -3.02 -37.60
N LEU A 857 -59.51 -2.60 -38.88
CA LEU A 857 -59.40 -3.45 -40.06
C LEU A 857 -58.37 -4.55 -39.89
N LEU A 858 -57.21 -4.21 -39.27
CA LEU A 858 -56.14 -5.18 -38.97
C LEU A 858 -56.67 -6.27 -38.02
N LEU A 859 -57.27 -5.87 -36.86
CA LEU A 859 -57.83 -6.78 -35.86
C LEU A 859 -58.87 -7.65 -36.51
N ARG A 860 -59.73 -7.03 -37.31
CA ARG A 860 -60.86 -7.63 -37.98
C ARG A 860 -60.50 -8.50 -39.19
N SER A 861 -59.31 -8.34 -39.76
CA SER A 861 -58.91 -9.20 -40.89
C SER A 861 -58.25 -10.50 -40.34
N LEU A 862 -57.68 -10.38 -39.12
CA LEU A 862 -57.07 -11.49 -38.39
C LEU A 862 -58.22 -12.29 -37.78
N LEU A 863 -59.25 -11.61 -37.26
CA LEU A 863 -60.44 -12.28 -36.77
C LEU A 863 -61.24 -12.78 -38.01
N GLY A 864 -60.95 -12.14 -39.17
CA GLY A 864 -61.55 -12.40 -40.47
C GLY A 864 -63.06 -12.20 -40.52
N THR A 865 -63.53 -11.17 -39.80
CA THR A 865 -64.95 -10.86 -39.64
C THR A 865 -65.35 -9.50 -40.27
N ILE A 866 -64.55 -8.95 -41.20
CA ILE A 866 -64.90 -7.68 -41.86
C ILE A 866 -66.12 -7.91 -42.76
N PRO A 867 -67.25 -7.18 -42.59
CA PRO A 867 -68.44 -7.45 -43.41
C PRO A 867 -68.38 -7.03 -44.88
N VAL A 868 -69.25 -7.67 -45.70
CA VAL A 868 -69.39 -7.41 -47.15
C VAL A 868 -70.80 -6.94 -47.51
N LEU A 869 -70.90 -5.96 -48.44
CA LEU A 869 -72.19 -5.46 -48.91
C LEU A 869 -72.77 -6.39 -49.97
N ILE A 870 -74.00 -6.81 -49.77
CA ILE A 870 -74.65 -7.78 -50.61
C ILE A 870 -75.87 -7.17 -51.32
N ASN A 871 -75.92 -7.39 -52.66
CA ASN A 871 -76.98 -6.94 -53.58
C ASN A 871 -77.69 -8.14 -54.17
N LYS A 872 -76.92 -9.17 -54.55
CA LYS A 872 -77.41 -10.41 -55.15
C LYS A 872 -76.98 -11.54 -54.22
N SER A 873 -77.95 -12.36 -53.73
CA SER A 873 -77.69 -13.48 -52.82
C SER A 873 -76.93 -14.66 -53.43
N GLY A 874 -77.55 -15.73 -53.86
CA GLY A 874 -76.84 -16.89 -54.40
C GLY A 874 -77.87 -17.77 -55.03
N ASP A 875 -79.14 -17.50 -54.64
CA ASP A 875 -80.39 -18.12 -55.05
C ASP A 875 -80.59 -18.00 -56.56
N SER A 876 -81.15 -19.05 -57.17
CA SER A 876 -81.37 -19.23 -58.61
C SER A 876 -81.77 -17.99 -59.43
N ASN A 877 -82.61 -17.13 -58.88
CA ASN A 877 -83.15 -15.93 -59.52
C ASN A 877 -82.52 -14.61 -59.05
N ASP A 878 -81.42 -14.69 -58.28
CA ASP A 878 -80.71 -13.54 -57.67
C ASP A 878 -79.22 -13.91 -57.58
N GLN A 879 -78.56 -14.03 -58.75
CA GLN A 879 -77.17 -14.44 -58.84
C GLN A 879 -76.19 -13.34 -59.23
N PHE A 880 -74.90 -13.64 -59.12
CA PHE A 880 -73.82 -12.74 -59.48
C PHE A 880 -72.78 -13.50 -60.31
N ASN A 881 -72.95 -13.43 -61.65
CA ASN A 881 -72.04 -14.05 -62.62
C ASN A 881 -70.84 -13.14 -62.83
N LYS A 882 -69.74 -13.46 -62.14
CA LYS A 882 -68.49 -12.70 -62.14
C LYS A 882 -67.98 -12.36 -63.54
N ASP A 883 -67.96 -13.35 -64.45
CA ASP A 883 -67.46 -13.23 -65.81
C ASP A 883 -68.14 -12.14 -66.64
N SER A 884 -69.41 -11.87 -66.33
CA SER A 884 -70.21 -10.87 -67.05
C SER A 884 -70.43 -9.56 -66.29
N GLU A 885 -70.77 -9.65 -64.98
CA GLU A 885 -71.11 -8.48 -64.16
C GLU A 885 -69.91 -7.78 -63.51
N GLN A 886 -68.74 -8.46 -63.39
CA GLN A 886 -67.54 -7.87 -62.79
C GLN A 886 -66.43 -7.59 -63.78
N LYS A 887 -66.18 -6.29 -64.02
CA LYS A 887 -65.16 -5.81 -64.92
C LYS A 887 -64.18 -5.04 -64.06
N TRP A 888 -63.04 -5.69 -63.73
CA TRP A 888 -61.99 -5.11 -62.85
C TRP A 888 -61.34 -3.85 -63.45
N ASP A 889 -61.28 -3.77 -64.78
CA ASP A 889 -60.71 -2.63 -65.50
C ASP A 889 -61.62 -1.39 -65.55
N LYS A 890 -62.93 -1.57 -65.28
CA LYS A 890 -63.90 -0.47 -65.33
C LYS A 890 -64.37 0.00 -63.94
N THR A 891 -63.42 0.21 -62.99
CA THR A 891 -63.65 0.72 -61.62
C THR A 891 -64.26 2.13 -61.59
N GLU A 892 -64.03 2.90 -62.69
CA GLU A 892 -64.45 4.28 -62.99
C GLU A 892 -65.96 4.37 -63.12
N THR A 893 -66.59 3.27 -63.65
CA THR A 893 -68.04 3.08 -63.93
C THR A 893 -68.74 2.15 -62.97
N ASN A 894 -69.99 1.82 -63.26
CA ASN A 894 -70.84 0.89 -62.49
C ASN A 894 -70.39 -0.56 -62.66
N GLU A 895 -69.54 -0.83 -63.67
CA GLU A 895 -69.03 -2.17 -63.94
C GLU A 895 -67.96 -2.61 -62.93
N GLY A 896 -67.45 -1.63 -62.17
CA GLY A 896 -66.46 -1.80 -61.10
C GLY A 896 -67.13 -2.27 -59.83
N ASN A 897 -68.47 -2.15 -59.79
CA ASN A 897 -69.36 -2.56 -58.70
C ASN A 897 -68.93 -2.02 -57.32
N LEU A 898 -68.40 -0.78 -57.31
CA LEU A 898 -68.02 -0.13 -56.08
C LEU A 898 -69.29 0.50 -55.54
N PRO A 899 -69.85 -0.02 -54.43
CA PRO A 899 -71.09 0.55 -53.89
C PRO A 899 -71.13 2.07 -53.75
N GLY A 900 -70.11 2.63 -53.09
CA GLY A 900 -70.02 4.05 -52.81
C GLY A 900 -71.08 4.49 -51.81
N PHE A 901 -71.67 3.48 -51.13
CA PHE A 901 -72.73 3.64 -50.13
C PHE A 901 -73.10 2.32 -49.51
N GLY A 902 -73.01 2.25 -48.19
CA GLY A 902 -73.41 1.10 -47.39
C GLY A 902 -72.33 0.10 -47.06
N GLU A 903 -71.17 0.21 -47.70
CA GLU A 903 -70.03 -0.70 -47.51
C GLU A 903 -69.12 -0.26 -46.37
N VAL A 904 -68.17 -1.14 -45.96
CA VAL A 904 -67.19 -0.82 -44.91
C VAL A 904 -66.24 0.22 -45.50
N ASN A 905 -66.11 1.38 -44.83
CA ASN A 905 -65.24 2.49 -45.24
C ASN A 905 -63.78 2.10 -45.36
N GLY A 906 -63.12 2.61 -46.38
CA GLY A 906 -61.69 2.38 -46.59
C GLY A 906 -61.25 1.11 -47.28
N LEU A 907 -62.16 0.47 -48.02
CA LEU A 907 -61.86 -0.75 -48.77
C LEU A 907 -62.74 -0.87 -50.00
N TYR A 908 -62.31 -1.69 -50.96
CA TYR A 908 -63.06 -1.95 -52.19
C TYR A 908 -63.88 -3.24 -52.03
N ASN A 909 -65.17 -3.09 -51.75
CA ASN A 909 -66.11 -4.18 -51.48
C ASN A 909 -65.98 -5.41 -52.39
N ALA A 910 -65.89 -5.17 -53.71
CA ALA A 910 -65.75 -6.21 -54.73
C ALA A 910 -64.50 -7.08 -54.54
N ALA A 911 -63.40 -6.46 -54.15
CA ALA A 911 -62.17 -7.19 -53.91
C ALA A 911 -62.30 -8.04 -52.63
N LEU A 912 -62.99 -7.50 -51.57
CA LEU A 912 -63.23 -8.20 -50.29
C LEU A 912 -64.13 -9.39 -50.55
N LEU A 913 -65.17 -9.21 -51.38
CA LEU A 913 -66.09 -10.30 -51.74
C LEU A 913 -65.35 -11.41 -52.48
N HIS A 914 -64.43 -11.02 -53.40
CA HIS A 914 -63.65 -11.96 -54.17
C HIS A 914 -62.72 -12.77 -53.26
N THR A 915 -62.01 -12.06 -52.34
CA THR A 915 -61.10 -12.59 -51.31
C THR A 915 -61.82 -13.63 -50.45
N TYR A 916 -63.08 -13.31 -50.05
CA TYR A 916 -63.95 -14.17 -49.24
C TYR A 916 -64.52 -15.33 -50.06
N GLY A 917 -64.31 -15.32 -51.38
CA GLY A 917 -64.79 -16.35 -52.29
C GLY A 917 -66.30 -16.43 -52.41
N PHE A 918 -66.98 -15.28 -52.11
CA PHE A 918 -68.42 -15.07 -52.17
C PHE A 918 -68.91 -15.27 -53.59
N PHE A 919 -68.06 -14.86 -54.54
CA PHE A 919 -68.16 -15.10 -55.97
C PHE A 919 -66.75 -15.55 -56.39
N GLY A 920 -66.67 -16.70 -57.04
CA GLY A 920 -65.39 -17.27 -57.42
C GLY A 920 -65.07 -18.59 -56.74
N THR A 921 -64.00 -19.22 -57.22
CA THR A 921 -63.55 -20.52 -56.78
C THR A 921 -62.78 -20.52 -55.43
N ASN A 922 -62.44 -19.32 -54.91
CA ASN A 922 -61.68 -19.15 -53.65
C ASN A 922 -62.13 -20.09 -52.52
N THR A 923 -63.41 -19.99 -52.10
CA THR A 923 -63.96 -20.82 -51.01
C THR A 923 -64.68 -22.07 -51.48
N ASN A 924 -65.67 -21.90 -52.38
CA ASN A 924 -66.43 -23.00 -52.90
C ASN A 924 -65.93 -23.33 -54.29
N SER A 925 -65.72 -24.63 -54.55
CA SER A 925 -65.24 -25.14 -55.83
C SER A 925 -66.21 -24.80 -56.97
N THR A 926 -67.49 -24.62 -56.62
CA THR A 926 -68.53 -24.23 -57.55
C THR A 926 -68.99 -22.84 -57.12
N ASP A 927 -68.64 -21.80 -57.91
CA ASP A 927 -68.93 -20.37 -57.66
C ASP A 927 -70.22 -20.16 -56.90
N PRO A 928 -70.18 -19.63 -55.66
CA PRO A 928 -71.41 -19.44 -54.88
C PRO A 928 -72.30 -18.34 -55.47
N LYS A 929 -71.74 -17.52 -56.36
CA LYS A 929 -72.39 -16.42 -57.10
C LYS A 929 -73.13 -15.42 -56.17
N ILE A 930 -72.45 -15.01 -55.08
CA ILE A 930 -72.93 -14.03 -54.10
C ILE A 930 -72.14 -12.76 -54.31
N GLY A 931 -72.82 -11.61 -54.36
CA GLY A 931 -72.11 -10.34 -54.58
C GLY A 931 -72.92 -9.06 -54.54
N PHE A 932 -72.37 -8.01 -55.19
CA PHE A 932 -73.01 -6.69 -55.30
C PHE A 932 -72.94 -6.25 -56.76
N LYS A 933 -74.10 -5.95 -57.36
CA LYS A 933 -74.15 -5.48 -58.75
C LYS A 933 -74.60 -4.02 -58.77
N ALA A 934 -73.65 -3.09 -59.05
CA ALA A 934 -73.96 -1.67 -59.15
C ALA A 934 -74.74 -1.53 -60.43
N ASP A 935 -76.09 -1.53 -60.30
CA ASP A 935 -77.05 -1.54 -61.38
C ASP A 935 -77.40 -0.20 -61.96
N SER A 936 -77.40 -0.12 -63.29
CA SER A 936 -77.71 1.09 -64.04
C SER A 936 -79.17 1.11 -64.49
N SER A 937 -79.90 0.02 -64.23
CA SER A 937 -81.29 -0.12 -64.65
C SER A 937 -82.30 0.11 -63.54
N SER A 938 -81.99 -0.27 -62.28
CA SER A 938 -82.97 -0.13 -61.19
C SER A 938 -82.41 0.41 -59.86
N SER A 939 -83.32 0.72 -58.91
CA SER A 939 -82.99 1.19 -57.56
C SER A 939 -82.39 0.00 -56.82
N SER A 940 -81.24 0.20 -56.20
CA SER A 940 -80.53 -0.88 -55.53
C SER A 940 -80.83 -1.01 -54.05
N SER A 941 -81.11 -2.24 -53.66
CA SER A 941 -81.43 -2.65 -52.30
C SER A 941 -80.28 -3.56 -51.79
N SER A 942 -79.58 -3.13 -50.74
CA SER A 942 -78.42 -3.85 -50.22
C SER A 942 -78.35 -3.91 -48.69
N THR A 943 -77.64 -4.91 -48.13
CA THR A 943 -77.39 -5.09 -46.69
C THR A 943 -76.03 -5.73 -46.47
N LEU A 944 -75.29 -5.28 -45.44
CA LEU A 944 -74.01 -5.90 -45.11
C LEU A 944 -74.26 -7.30 -44.51
N VAL A 945 -73.32 -8.24 -44.72
CA VAL A 945 -73.40 -9.60 -44.17
C VAL A 945 -72.03 -9.99 -43.60
N GLY A 946 -72.00 -10.98 -42.71
CA GLY A 946 -70.77 -11.50 -42.13
C GLY A 946 -69.97 -12.32 -43.12
N SER A 947 -68.73 -12.66 -42.75
CA SER A 947 -67.88 -13.47 -43.62
C SER A 947 -68.27 -14.96 -43.50
N GLY A 948 -68.82 -15.31 -42.35
CA GLY A 948 -69.20 -16.68 -42.02
C GLY A 948 -68.39 -17.24 -40.86
N LEU A 949 -67.42 -16.47 -40.36
CA LEU A 949 -66.55 -16.85 -39.24
C LEU A 949 -67.16 -16.29 -37.96
N ASN A 950 -66.88 -16.94 -36.82
CA ASN A 950 -67.48 -16.49 -35.56
C ASN A 950 -66.46 -15.97 -34.48
N TRP A 951 -65.26 -15.55 -34.91
CA TRP A 951 -64.27 -15.05 -33.97
C TRP A 951 -64.61 -13.63 -33.50
N THR A 952 -64.50 -13.39 -32.15
CA THR A 952 -64.75 -12.07 -31.53
C THR A 952 -63.45 -11.42 -31.07
N SER A 953 -63.47 -10.09 -30.93
CA SER A 953 -62.30 -9.36 -30.45
C SER A 953 -62.05 -9.55 -28.92
N GLN A 954 -62.73 -10.54 -28.33
CA GLN A 954 -62.58 -10.91 -26.93
C GLN A 954 -61.88 -12.25 -26.84
N ASP A 955 -61.65 -12.90 -28.00
CA ASP A 955 -60.98 -14.19 -28.14
C ASP A 955 -59.47 -14.03 -27.94
N VAL A 956 -59.09 -13.48 -26.79
CA VAL A 956 -57.72 -13.18 -26.40
C VAL A 956 -57.22 -14.22 -25.37
N GLY A 957 -56.25 -15.01 -25.80
CA GLY A 957 -55.61 -16.04 -24.98
C GLY A 957 -54.65 -15.48 -23.96
N ASN A 958 -53.97 -16.35 -23.21
CA ASN A 958 -53.04 -15.88 -22.19
C ASN A 958 -51.78 -15.36 -22.84
N LEU A 959 -51.04 -14.46 -22.09
CA LEU A 959 -49.81 -13.80 -22.53
C LEU A 959 -48.61 -14.76 -22.45
N VAL A 960 -47.81 -14.83 -23.51
CA VAL A 960 -46.64 -15.70 -23.56
C VAL A 960 -45.38 -14.87 -23.76
N VAL A 961 -44.44 -14.91 -22.79
CA VAL A 961 -43.19 -14.16 -22.96
C VAL A 961 -42.25 -15.10 -23.68
N ILE A 962 -41.74 -14.66 -24.85
CA ILE A 962 -40.90 -15.50 -25.70
C ILE A 962 -39.41 -15.30 -25.41
N ASN A 963 -39.00 -14.07 -25.03
CA ASN A 963 -37.63 -13.68 -24.63
C ASN A 963 -37.67 -12.28 -23.98
N ASP A 964 -36.50 -11.75 -23.59
CA ASP A 964 -36.38 -10.45 -22.92
C ASP A 964 -36.82 -9.24 -23.78
N THR A 965 -37.19 -9.49 -25.04
CA THR A 965 -37.61 -8.44 -25.99
C THR A 965 -38.87 -8.75 -26.82
N SER A 966 -39.40 -9.98 -26.69
CA SER A 966 -40.57 -10.40 -27.44
C SER A 966 -41.57 -11.16 -26.59
N PHE A 967 -42.85 -11.08 -26.97
CA PHE A 967 -43.98 -11.69 -26.30
C PHE A 967 -45.12 -11.80 -27.31
N GLY A 968 -46.10 -12.63 -27.00
CA GLY A 968 -47.24 -12.82 -27.88
C GLY A 968 -48.42 -13.50 -27.23
N PHE A 969 -49.52 -13.61 -27.99
CA PHE A 969 -50.73 -14.24 -27.48
C PHE A 969 -51.63 -14.69 -28.60
N GLN A 970 -52.52 -15.65 -28.31
CA GLN A 970 -53.43 -16.14 -29.33
C GLN A 970 -54.61 -15.17 -29.46
N LEU A 971 -54.73 -14.48 -30.61
CA LEU A 971 -55.84 -13.59 -30.94
C LEU A 971 -56.63 -14.29 -32.01
N GLY A 972 -57.74 -14.87 -31.59
CA GLY A 972 -58.60 -15.65 -32.48
C GLY A 972 -57.85 -16.86 -32.99
N GLY A 973 -57.77 -16.97 -34.31
CA GLY A 973 -57.09 -18.06 -34.99
C GLY A 973 -55.65 -17.77 -35.28
N TRP A 974 -55.21 -16.55 -34.99
CA TRP A 974 -53.85 -16.11 -35.23
C TRP A 974 -53.07 -15.95 -33.95
N PHE A 975 -51.83 -16.37 -33.93
CA PHE A 975 -51.00 -16.14 -32.75
C PHE A 975 -50.09 -14.97 -33.10
N ILE A 976 -50.39 -13.82 -32.52
CA ILE A 976 -49.66 -12.59 -32.74
C ILE A 976 -48.45 -12.47 -31.78
N THR A 977 -47.28 -12.02 -32.30
CA THR A 977 -46.05 -11.82 -31.54
C THR A 977 -45.51 -10.42 -31.82
N PHE A 978 -45.13 -9.71 -30.76
CA PHE A 978 -44.63 -8.34 -30.79
C PHE A 978 -43.10 -8.29 -30.62
N THR A 979 -42.42 -8.36 -31.77
CA THR A 979 -40.96 -8.39 -31.86
C THR A 979 -40.29 -7.04 -31.62
N ASP A 980 -40.90 -5.97 -32.17
CA ASP A 980 -40.29 -4.65 -32.07
C ASP A 980 -41.07 -3.71 -31.17
N PHE A 981 -41.48 -4.23 -29.97
CA PHE A 981 -42.07 -3.38 -28.95
C PHE A 981 -41.03 -3.07 -27.91
N ILE A 982 -40.41 -4.09 -27.30
CA ILE A 982 -39.44 -3.88 -26.23
C ILE A 982 -38.21 -3.13 -26.74
N ARG A 983 -37.40 -3.74 -27.61
CA ARG A 983 -36.23 -3.06 -28.24
C ARG A 983 -36.59 -3.03 -29.71
N PRO A 984 -37.14 -1.90 -30.16
CA PRO A 984 -37.63 -1.84 -31.53
C PRO A 984 -36.53 -1.62 -32.59
N ARG A 985 -36.35 -2.63 -33.44
CA ARG A 985 -35.42 -2.63 -34.57
C ARG A 985 -36.06 -1.80 -35.72
N THR A 986 -35.32 -0.84 -36.29
CA THR A 986 -35.87 -0.03 -37.39
C THR A 986 -35.89 -0.82 -38.68
N GLY A 987 -36.87 -0.54 -39.53
CA GLY A 987 -37.06 -1.22 -40.81
C GLY A 987 -37.64 -2.62 -40.72
N TYR A 988 -38.07 -2.99 -39.51
CA TYR A 988 -38.70 -4.26 -39.21
C TYR A 988 -40.17 -3.96 -38.90
N LEU A 989 -41.12 -4.84 -39.35
CA LEU A 989 -42.57 -4.58 -39.17
C LEU A 989 -43.04 -4.81 -37.73
N GLY A 990 -42.37 -5.70 -37.00
CA GLY A 990 -42.61 -5.95 -35.57
C GLY A 990 -43.81 -6.78 -35.14
N ILE A 991 -44.31 -7.64 -36.03
CA ILE A 991 -45.43 -8.53 -35.80
C ILE A 991 -45.12 -9.87 -36.47
N THR A 992 -45.49 -10.98 -35.81
CA THR A 992 -45.41 -12.31 -36.40
C THR A 992 -46.71 -12.97 -36.18
N LEU A 993 -47.38 -13.38 -37.26
CA LEU A 993 -48.70 -14.03 -37.24
C LEU A 993 -48.69 -15.49 -37.71
N SER A 994 -49.16 -16.39 -36.83
CA SER A 994 -49.22 -17.82 -37.09
C SER A 994 -50.69 -18.26 -37.07
N SER A 995 -51.25 -18.58 -38.27
CA SER A 995 -52.66 -18.97 -38.40
C SER A 995 -52.87 -20.41 -38.08
N LEU A 996 -54.01 -20.69 -37.48
CA LEU A 996 -54.46 -22.03 -37.15
C LEU A 996 -54.71 -22.80 -38.45
N GLN A 997 -54.63 -24.13 -38.38
CA GLN A 997 -54.83 -24.98 -39.54
C GLN A 997 -56.18 -25.73 -39.54
N ASP A 998 -56.64 -26.22 -38.36
CA ASP A 998 -57.89 -27.00 -38.24
C ASP A 998 -59.09 -26.19 -38.64
N GLN A 999 -59.52 -26.44 -39.89
CA GLN A 999 -60.64 -25.77 -40.52
C GLN A 999 -61.91 -25.95 -39.72
N THR A 1000 -62.09 -27.13 -39.09
CA THR A 1000 -63.28 -27.44 -38.29
C THR A 1000 -63.44 -26.46 -37.13
N ILE A 1001 -62.32 -25.84 -36.70
CA ILE A 1001 -62.30 -24.83 -35.64
C ILE A 1001 -62.51 -23.44 -36.30
N ILE A 1002 -61.71 -23.11 -37.34
CA ILE A 1002 -61.74 -21.82 -38.07
C ILE A 1002 -63.18 -21.36 -38.40
N TRP A 1003 -63.98 -22.29 -38.88
CA TRP A 1003 -65.34 -21.97 -39.30
C TRP A 1003 -66.41 -22.15 -38.23
N ALA A 1004 -66.14 -22.99 -37.21
CA ALA A 1004 -67.03 -23.33 -36.10
C ALA A 1004 -67.91 -22.18 -35.55
N ASP A 1005 -69.04 -22.57 -34.94
CA ASP A 1005 -70.07 -21.68 -34.40
C ASP A 1005 -69.65 -20.93 -33.14
N GLN A 1006 -68.92 -21.56 -32.23
CA GLN A 1006 -68.34 -20.90 -31.07
C GLN A 1006 -66.88 -21.37 -31.10
N PRO A 1007 -66.00 -20.77 -31.91
CA PRO A 1007 -64.66 -21.36 -32.11
C PRO A 1007 -63.68 -21.26 -30.96
N TRP A 1008 -63.77 -20.20 -30.15
CA TRP A 1008 -62.83 -19.98 -29.07
C TRP A 1008 -63.01 -20.93 -27.90
N THR A 1009 -64.06 -21.78 -28.00
CA THR A 1009 -64.39 -22.77 -26.98
C THR A 1009 -63.46 -24.02 -27.11
N SER A 1010 -62.71 -24.11 -28.23
CA SER A 1010 -61.76 -25.17 -28.47
C SER A 1010 -60.40 -24.75 -27.92
N PHE A 1011 -60.23 -23.46 -27.56
CA PHE A 1011 -58.97 -22.96 -27.04
C PHE A 1011 -58.73 -23.33 -25.57
N LYS A 1012 -57.59 -24.00 -25.33
CA LYS A 1012 -57.21 -24.44 -23.98
C LYS A 1012 -55.83 -23.89 -23.50
N GLY A 1013 -55.56 -22.63 -23.82
CA GLY A 1013 -54.35 -21.95 -23.37
C GLY A 1013 -53.15 -22.04 -24.27
N SER A 1014 -52.26 -21.05 -24.17
CA SER A 1014 -51.00 -20.96 -24.90
C SER A 1014 -49.89 -21.12 -23.83
N TYR A 1015 -48.73 -21.68 -24.19
CA TYR A 1015 -47.60 -21.89 -23.29
C TYR A 1015 -46.28 -21.89 -24.09
N LEU A 1016 -45.19 -21.30 -23.53
CA LEU A 1016 -43.89 -21.29 -24.20
C LEU A 1016 -43.24 -22.62 -23.89
N ASP A 1017 -42.88 -23.41 -24.91
CA ASP A 1017 -42.29 -24.72 -24.65
C ASP A 1017 -40.80 -24.64 -24.41
N SER A 1018 -40.27 -25.68 -23.75
CA SER A 1018 -38.86 -25.93 -23.40
C SER A 1018 -37.94 -25.72 -24.60
N ASP A 1019 -38.42 -26.05 -25.82
CA ASP A 1019 -37.71 -25.86 -27.09
C ASP A 1019 -37.48 -24.38 -27.43
N GLY A 1020 -38.29 -23.49 -26.85
CA GLY A 1020 -38.20 -22.04 -27.05
C GLY A 1020 -39.37 -21.40 -27.77
N THR A 1021 -40.21 -22.24 -28.43
CA THR A 1021 -41.35 -21.79 -29.24
C THR A 1021 -42.67 -21.80 -28.49
N PRO A 1022 -43.56 -20.78 -28.72
CA PRO A 1022 -44.87 -20.78 -28.06
C PRO A 1022 -45.84 -21.74 -28.75
N LYS A 1023 -46.63 -22.46 -27.95
CA LYS A 1023 -47.60 -23.48 -28.38
C LYS A 1023 -48.99 -23.22 -27.78
N SER A 1024 -50.06 -23.60 -28.48
CA SER A 1024 -51.43 -23.38 -28.02
C SER A 1024 -52.26 -24.67 -28.09
N LEU A 1025 -52.97 -24.98 -26.99
CA LEU A 1025 -53.82 -26.15 -26.91
C LEU A 1025 -55.17 -25.92 -27.56
N TRP A 1026 -55.56 -26.90 -28.39
CA TRP A 1026 -56.85 -26.90 -29.08
C TRP A 1026 -57.58 -28.23 -28.86
N ASP A 1027 -58.88 -28.15 -28.59
CA ASP A 1027 -59.71 -29.32 -28.36
C ASP A 1027 -61.10 -29.15 -29.01
N PRO A 1028 -61.22 -29.51 -30.30
CA PRO A 1028 -62.50 -29.32 -31.00
C PRO A 1028 -63.68 -30.08 -30.41
N THR A 1029 -63.40 -31.11 -29.59
CA THR A 1029 -64.43 -31.90 -28.92
C THR A 1029 -65.14 -31.01 -27.90
N ALA A 1030 -64.39 -30.03 -27.37
CA ALA A 1030 -64.85 -29.04 -26.40
C ALA A 1030 -65.51 -27.81 -27.04
N LEU A 1031 -65.77 -27.87 -28.37
CA LEU A 1031 -66.44 -26.78 -29.06
C LEU A 1031 -67.88 -26.73 -28.61
N LYS A 1032 -68.32 -25.58 -28.07
CA LYS A 1032 -69.69 -25.39 -27.62
C LYS A 1032 -70.56 -25.09 -28.84
N SER A 1033 -71.69 -25.80 -28.95
CA SER A 1033 -72.66 -25.63 -30.05
C SER A 1033 -73.54 -24.45 -29.71
N LEU A 1034 -74.22 -23.85 -30.70
CA LEU A 1034 -75.11 -22.71 -30.46
C LEU A 1034 -76.27 -23.06 -29.48
N PRO A 1035 -76.99 -22.09 -28.87
CA PRO A 1035 -77.94 -22.43 -27.80
C PRO A 1035 -78.94 -23.59 -27.99
N ASN A 1036 -79.89 -23.59 -28.96
CA ASN A 1036 -80.85 -24.70 -29.14
C ASN A 1036 -81.57 -24.67 -30.49
N SER A 1037 -81.82 -25.84 -31.05
CA SER A 1037 -82.54 -25.98 -32.32
C SER A 1037 -84.06 -25.85 -32.10
N SER A 1038 -84.54 -24.62 -31.76
CA SER A 1038 -85.94 -24.34 -31.48
C SER A 1038 -86.82 -24.67 -32.70
N THR A 1039 -87.92 -25.43 -32.48
CA THR A 1039 -88.86 -25.96 -33.49
C THR A 1039 -88.05 -27.03 -34.32
N THR A 1040 -88.20 -27.06 -35.66
CA THR A 1040 -87.44 -27.97 -36.54
C THR A 1040 -85.97 -27.47 -36.61
N TYR A 1041 -85.84 -26.12 -36.51
CA TYR A 1041 -84.69 -25.20 -36.46
C TYR A 1041 -85.22 -23.85 -36.99
N ASP A 1042 -86.27 -23.30 -36.32
CA ASP A 1042 -86.97 -22.02 -36.55
C ASP A 1042 -87.33 -21.76 -38.05
N THR A 1043 -87.29 -20.46 -38.48
CA THR A 1043 -87.50 -19.80 -39.79
C THR A 1043 -87.12 -18.26 -39.74
N ASN A 1044 -86.06 -17.80 -38.95
CA ASN A 1044 -85.71 -16.35 -38.81
C ASN A 1044 -84.15 -16.05 -38.48
N PRO A 1045 -83.73 -14.96 -37.76
CA PRO A 1045 -82.29 -14.77 -37.50
C PRO A 1045 -81.77 -15.60 -36.32
N THR A 1046 -80.52 -16.09 -36.42
CA THR A 1046 -79.89 -16.88 -35.36
C THR A 1046 -78.66 -16.16 -34.83
N LEU A 1047 -78.74 -15.77 -33.56
CA LEU A 1047 -77.70 -15.06 -32.83
C LEU A 1047 -76.49 -15.96 -32.64
N SER A 1048 -75.35 -15.47 -33.14
CA SER A 1048 -74.05 -16.13 -33.09
C SER A 1048 -73.04 -15.10 -32.53
N PRO A 1049 -71.79 -15.47 -32.12
CA PRO A 1049 -70.87 -14.46 -31.54
C PRO A 1049 -70.54 -13.30 -32.47
N SER A 1050 -70.42 -13.59 -33.74
CA SER A 1050 -70.12 -12.61 -34.77
C SER A 1050 -71.40 -11.99 -35.40
N PHE A 1051 -72.60 -12.37 -34.89
CA PHE A 1051 -73.86 -11.85 -35.43
C PHE A 1051 -74.03 -10.36 -35.21
N GLN A 1052 -74.41 -9.64 -36.31
CA GLN A 1052 -74.69 -8.20 -36.31
C GLN A 1052 -76.02 -7.93 -36.95
N LEU A 1053 -76.67 -6.83 -36.53
CA LEU A 1053 -78.00 -6.47 -37.02
C LEU A 1053 -77.96 -5.43 -38.14
N TYR A 1054 -77.22 -5.70 -39.21
CA TYR A 1054 -77.12 -4.79 -40.34
C TYR A 1054 -78.50 -4.45 -41.02
N GLN A 1055 -78.76 -3.13 -41.07
CA GLN A 1055 -79.92 -2.47 -41.65
C GLN A 1055 -79.74 -2.35 -43.17
N PRO A 1056 -80.87 -2.40 -43.93
CA PRO A 1056 -80.79 -2.24 -45.38
C PRO A 1056 -80.47 -0.80 -45.83
N ASN A 1057 -79.70 -0.70 -46.91
CA ASN A 1057 -79.33 0.55 -47.55
C ASN A 1057 -80.03 0.52 -48.90
N LYS A 1058 -80.59 1.66 -49.34
CA LYS A 1058 -81.23 1.70 -50.65
C LYS A 1058 -80.79 2.94 -51.40
N VAL A 1059 -80.17 2.74 -52.58
CA VAL A 1059 -79.70 3.83 -53.44
C VAL A 1059 -80.41 3.81 -54.79
N LYS A 1060 -80.40 4.97 -55.49
CA LYS A 1060 -80.97 5.10 -56.83
C LYS A 1060 -80.08 4.32 -57.81
N ALA A 1061 -80.51 4.15 -59.07
CA ALA A 1061 -79.71 3.43 -60.07
C ALA A 1061 -78.43 4.19 -60.41
N TYR A 1062 -77.31 3.46 -60.41
CA TYR A 1062 -75.97 3.97 -60.69
C TYR A 1062 -75.87 4.44 -62.13
N GLN A 1063 -75.05 5.47 -62.37
CA GLN A 1063 -74.87 5.98 -63.73
C GLN A 1063 -73.92 5.12 -64.55
N THR A 1064 -74.14 5.04 -65.87
CA THR A 1064 -73.30 4.27 -66.79
C THR A 1064 -71.96 4.96 -66.99
N THR A 1065 -71.99 6.30 -66.93
CA THR A 1065 -70.88 7.21 -67.10
C THR A 1065 -70.87 8.25 -65.97
N ASN A 1066 -69.65 8.63 -65.52
CA ASN A 1066 -69.40 9.63 -64.46
C ASN A 1066 -70.08 9.21 -63.15
N THR A 1067 -69.99 7.91 -62.83
CA THR A 1067 -70.66 7.27 -61.70
C THR A 1067 -70.33 7.89 -60.37
N TYR A 1068 -69.04 7.89 -60.03
CA TYR A 1068 -68.57 8.35 -58.74
C TYR A 1068 -68.01 9.75 -58.81
N ASN A 1069 -68.56 10.56 -59.73
CA ASN A 1069 -68.20 11.96 -59.89
C ASN A 1069 -68.82 12.74 -58.73
N LYS A 1070 -70.05 12.37 -58.39
CA LYS A 1070 -70.76 12.95 -57.28
C LYS A 1070 -70.90 11.81 -56.27
N LEU A 1071 -71.29 12.14 -55.02
CA LEU A 1071 -71.54 11.17 -53.95
C LEU A 1071 -72.78 10.35 -54.33
N ILE A 1072 -72.83 9.03 -53.96
CA ILE A 1072 -73.98 8.15 -54.26
C ILE A 1072 -75.18 8.57 -53.42
N GLU A 1073 -76.31 8.83 -54.08
CA GLU A 1073 -77.51 9.30 -53.42
C GLU A 1073 -78.44 8.16 -52.97
N PRO A 1074 -78.70 8.02 -51.66
CA PRO A 1074 -79.66 7.00 -51.21
C PRO A 1074 -81.10 7.53 -51.24
N VAL A 1075 -82.05 6.65 -50.89
CA VAL A 1075 -83.49 6.90 -50.78
C VAL A 1075 -83.98 6.16 -49.56
N ASP A 1076 -85.23 6.40 -49.14
CA ASP A 1076 -85.81 5.73 -47.96
C ASP A 1076 -85.69 4.19 -48.07
N ALA A 1077 -85.34 3.51 -46.99
CA ALA A 1077 -85.21 2.07 -47.06
C ALA A 1077 -85.96 1.34 -45.94
N THR A 1078 -86.75 2.11 -45.14
CA THR A 1078 -87.52 1.58 -44.01
C THR A 1078 -88.35 0.34 -44.41
N SER A 1079 -88.91 0.44 -45.63
CA SER A 1079 -89.75 -0.52 -46.32
C SER A 1079 -88.95 -1.61 -47.06
N ALA A 1080 -87.79 -1.24 -47.64
CA ALA A 1080 -86.87 -2.07 -48.47
C ALA A 1080 -86.60 -3.50 -47.99
N ALA A 1081 -86.77 -3.77 -46.67
CA ALA A 1081 -86.54 -5.09 -46.09
C ALA A 1081 -87.44 -6.16 -46.66
N THR A 1082 -88.64 -5.76 -47.08
CA THR A 1082 -89.73 -6.62 -47.58
C THR A 1082 -89.32 -7.54 -48.74
N ASN A 1083 -88.52 -7.05 -49.67
CA ASN A 1083 -88.09 -7.81 -50.83
C ASN A 1083 -86.75 -8.52 -50.63
N MET A 1084 -85.94 -8.08 -49.65
CA MET A 1084 -84.64 -8.67 -49.39
C MET A 1084 -84.66 -10.02 -48.66
N THR A 1085 -85.83 -10.66 -48.49
CA THR A 1085 -86.04 -11.96 -47.80
C THR A 1085 -84.88 -12.95 -47.98
N SER A 1086 -84.38 -13.05 -49.25
CA SER A 1086 -83.29 -13.90 -49.73
C SER A 1086 -81.96 -13.54 -49.13
N LEU A 1087 -81.60 -12.24 -49.19
CA LEU A 1087 -80.36 -11.62 -48.70
C LEU A 1087 -80.38 -11.55 -47.17
N LEU A 1088 -81.50 -11.06 -46.60
CA LEU A 1088 -81.73 -10.90 -45.17
C LEU A 1088 -81.50 -12.19 -44.44
N LYS A 1089 -81.69 -13.32 -45.15
CA LYS A 1089 -81.50 -14.68 -44.66
C LYS A 1089 -80.04 -14.86 -44.28
N LEU A 1090 -79.12 -14.32 -45.10
CA LEU A 1090 -77.66 -14.38 -44.93
C LEU A 1090 -77.12 -13.43 -43.87
N LEU A 1091 -77.98 -12.82 -43.03
CA LEU A 1091 -77.52 -12.01 -41.90
C LEU A 1091 -77.08 -12.96 -40.79
N THR A 1092 -77.58 -14.23 -40.87
CA THR A 1092 -77.32 -15.37 -39.98
C THR A 1092 -76.17 -16.17 -40.59
N THR A 1093 -75.13 -16.41 -39.76
CA THR A 1093 -73.85 -17.06 -40.10
C THR A 1093 -73.97 -18.37 -40.84
N LYS A 1094 -74.70 -19.32 -40.23
CA LYS A 1094 -74.96 -20.66 -40.71
C LYS A 1094 -75.27 -20.70 -42.25
N ASN A 1095 -76.13 -19.76 -42.72
CA ASN A 1095 -76.56 -19.63 -44.11
C ASN A 1095 -75.44 -19.31 -45.10
N ILE A 1096 -74.48 -18.45 -44.68
CA ILE A 1096 -73.33 -18.10 -45.51
C ILE A 1096 -72.36 -19.27 -45.50
N LYS A 1097 -72.17 -19.92 -44.31
CA LYS A 1097 -71.31 -21.09 -44.14
C LYS A 1097 -71.77 -22.17 -45.13
N ALA A 1098 -73.09 -22.27 -45.30
CA ALA A 1098 -73.73 -23.21 -46.20
C ALA A 1098 -73.40 -22.92 -47.66
N LYS A 1099 -73.66 -21.68 -48.13
CA LYS A 1099 -73.42 -21.30 -49.51
C LYS A 1099 -71.94 -21.38 -49.92
N LEU A 1100 -71.02 -21.21 -48.95
CA LEU A 1100 -69.59 -21.25 -49.22
C LEU A 1100 -69.02 -22.68 -49.19
N GLY A 1101 -69.88 -23.64 -48.89
CA GLY A 1101 -69.53 -25.06 -48.81
C GLY A 1101 -68.72 -25.38 -47.58
N LYS A 1102 -69.18 -24.89 -46.41
CA LYS A 1102 -68.52 -25.06 -45.12
C LYS A 1102 -69.55 -25.45 -44.09
N GLY A 1103 -69.08 -25.43 -42.84
CA GLY A 1103 -69.81 -25.57 -41.59
C GLY A 1103 -69.96 -26.96 -41.05
N THR A 1104 -70.54 -27.83 -41.88
CA THR A 1104 -70.82 -29.21 -41.52
C THR A 1104 -69.72 -30.16 -42.07
N ALA A 1105 -68.89 -30.72 -41.13
CA ALA A 1105 -67.74 -31.64 -41.30
C ALA A 1105 -66.71 -31.20 -42.36
N GLY A 1113 -58.31 -33.08 -36.19
CA GLY A 1113 -57.60 -32.21 -35.26
C GLY A 1113 -57.61 -32.67 -33.81
N GLY A 1114 -57.34 -31.73 -32.88
CA GLY A 1114 -57.28 -31.99 -31.45
C GLY A 1114 -55.86 -32.24 -30.99
N GLY A 1115 -55.21 -31.16 -30.57
CA GLY A 1115 -53.82 -31.19 -30.11
C GLY A 1115 -53.19 -29.83 -29.81
N VAL A 1116 -51.92 -29.64 -30.24
CA VAL A 1116 -51.19 -28.43 -29.93
C VAL A 1116 -50.61 -27.72 -31.18
N SER A 1117 -50.87 -26.39 -31.30
CA SER A 1117 -50.42 -25.57 -32.43
C SER A 1117 -49.19 -24.69 -32.10
N GLN A 1118 -48.06 -25.02 -32.72
CA GLN A 1118 -46.78 -24.34 -32.57
C GLN A 1118 -46.70 -23.19 -33.57
N THR A 1119 -46.10 -22.07 -33.20
CA THR A 1119 -45.93 -20.93 -34.11
C THR A 1119 -44.84 -21.17 -35.16
N ILE A 1120 -44.79 -20.29 -36.17
CA ILE A 1120 -43.81 -20.30 -37.27
C ILE A 1120 -42.37 -20.07 -36.75
N ASN A 1121 -41.38 -20.65 -37.45
CA ASN A 1121 -39.96 -20.51 -37.08
C ASN A 1121 -39.41 -19.17 -37.54
N THR A 1122 -39.15 -18.30 -36.57
CA THR A 1122 -38.64 -16.98 -36.86
C THR A 1122 -37.19 -16.89 -36.42
N ILE A 1123 -36.42 -16.05 -37.14
CA ILE A 1123 -35.02 -15.74 -36.90
C ILE A 1123 -34.86 -14.23 -36.70
N THR A 1124 -33.65 -13.79 -36.34
CA THR A 1124 -33.35 -12.38 -36.07
C THR A 1124 -33.63 -11.45 -37.24
N THR A 1125 -33.37 -11.94 -38.46
CA THR A 1125 -33.58 -11.22 -39.72
C THR A 1125 -35.06 -11.23 -40.16
N THR A 1126 -35.88 -12.15 -39.59
CA THR A 1126 -37.31 -12.26 -39.91
C THR A 1126 -37.99 -10.98 -39.52
N GLY A 1127 -38.75 -10.43 -40.46
CA GLY A 1127 -39.53 -9.20 -40.28
C GLY A 1127 -38.88 -7.99 -40.92
N ASN A 1128 -37.70 -8.20 -41.54
CA ASN A 1128 -36.98 -7.09 -42.12
C ASN A 1128 -37.57 -6.63 -43.42
N ILE A 1129 -38.47 -5.66 -43.32
CA ILE A 1129 -39.15 -5.05 -44.47
C ILE A 1129 -38.48 -3.71 -44.87
N SER A 1130 -37.20 -3.51 -44.48
CA SER A 1130 -36.49 -2.26 -44.75
C SER A 1130 -36.42 -1.93 -46.22
N GLU A 1131 -36.20 -2.94 -47.08
CA GLU A 1131 -36.14 -2.71 -48.53
C GLU A 1131 -37.43 -2.10 -49.08
N GLY A 1132 -38.55 -2.56 -48.53
CA GLY A 1132 -39.87 -2.12 -48.89
C GLY A 1132 -40.25 -0.75 -48.33
N LEU A 1133 -39.46 -0.24 -47.37
CA LEU A 1133 -39.78 1.06 -46.78
C LEU A 1133 -39.01 2.21 -47.40
N LYS A 1134 -37.97 1.89 -48.21
CA LYS A 1134 -37.14 2.84 -48.96
C LYS A 1134 -38.02 3.74 -49.85
N GLU A 1135 -37.77 5.05 -49.86
CA GLU A 1135 -38.52 5.97 -50.70
C GLU A 1135 -37.58 6.42 -51.83
N GLU A 1136 -36.84 5.45 -52.39
CA GLU A 1136 -35.82 5.63 -53.43
C GLU A 1136 -36.42 5.97 -54.81
N THR A 1137 -37.25 5.06 -55.35
CA THR A 1137 -37.86 5.19 -56.68
C THR A 1137 -39.32 5.61 -56.57
N SER A 1138 -40.04 5.08 -55.57
CA SER A 1138 -41.45 5.38 -55.41
C SER A 1138 -41.70 5.82 -53.99
N ILE A 1139 -42.89 6.39 -53.74
CA ILE A 1139 -43.30 6.81 -52.40
C ILE A 1139 -43.40 5.52 -51.54
N GLN A 1140 -43.12 5.65 -50.23
CA GLN A 1140 -43.05 4.53 -49.30
C GLN A 1140 -44.14 3.48 -49.53
N ALA A 1141 -45.41 3.88 -49.62
CA ALA A 1141 -46.52 2.95 -49.85
C ALA A 1141 -46.37 2.14 -51.13
N GLU A 1142 -45.88 2.76 -52.23
CA GLU A 1142 -45.67 2.06 -53.49
C GLU A 1142 -44.54 1.05 -53.39
N THR A 1143 -43.34 1.48 -52.91
CA THR A 1143 -42.19 0.58 -52.75
C THR A 1143 -42.50 -0.65 -51.88
N LEU A 1144 -43.37 -0.50 -50.87
CA LEU A 1144 -43.77 -1.61 -49.99
C LEU A 1144 -44.70 -2.58 -50.72
N LYS A 1145 -45.67 -2.05 -51.53
CA LYS A 1145 -46.58 -2.88 -52.30
C LYS A 1145 -45.76 -3.74 -53.26
N LYS A 1146 -44.75 -3.15 -53.92
CA LYS A 1146 -43.87 -3.85 -54.85
C LYS A 1146 -43.08 -4.95 -54.13
N PHE A 1147 -42.56 -4.62 -52.92
CA PHE A 1147 -41.80 -5.53 -52.06
C PHE A 1147 -42.64 -6.72 -51.61
N PHE A 1148 -43.88 -6.46 -51.14
CA PHE A 1148 -44.77 -7.51 -50.65
C PHE A 1148 -45.14 -8.45 -51.77
N ASP A 1149 -45.37 -7.88 -52.96
CA ASP A 1149 -45.72 -8.64 -54.16
C ASP A 1149 -44.59 -9.57 -54.55
N SER A 1150 -43.33 -9.11 -54.41
CA SER A 1150 -42.17 -9.93 -54.73
C SER A 1150 -42.03 -11.09 -53.73
N LYS A 1151 -42.42 -10.86 -52.48
CA LYS A 1151 -42.35 -11.84 -51.39
C LYS A 1151 -43.69 -12.55 -51.13
N GLN A 1152 -44.45 -12.84 -52.19
CA GLN A 1152 -45.76 -13.48 -52.04
C GLN A 1152 -45.71 -15.00 -51.88
N ASN A 1153 -44.66 -15.63 -52.39
CA ASN A 1153 -44.55 -17.08 -52.24
C ASN A 1153 -43.84 -17.44 -50.95
N ASN A 1154 -43.07 -16.49 -50.39
CA ASN A 1154 -42.36 -16.69 -49.14
C ASN A 1154 -42.77 -15.65 -48.11
N LYS A 1155 -44.04 -15.73 -47.67
CA LYS A 1155 -44.63 -14.83 -46.66
C LYS A 1155 -43.99 -15.08 -45.28
N SER A 1156 -43.45 -16.28 -45.10
CA SER A 1156 -42.74 -16.77 -43.93
C SER A 1156 -41.54 -15.88 -43.59
N GLU A 1157 -40.86 -15.37 -44.63
CA GLU A 1157 -39.69 -14.48 -44.51
C GLU A 1157 -40.00 -13.19 -43.75
N ILE A 1158 -41.25 -12.71 -43.87
CA ILE A 1158 -41.73 -11.49 -43.24
C ILE A 1158 -42.26 -11.78 -41.81
N GLY A 1159 -42.89 -12.95 -41.64
CA GLY A 1159 -43.43 -13.36 -40.36
C GLY A 1159 -44.91 -13.71 -40.43
N ILE A 1160 -45.42 -14.03 -41.62
CA ILE A 1160 -46.80 -14.47 -41.81
C ILE A 1160 -46.77 -15.92 -42.27
N GLY A 1161 -47.52 -16.78 -41.59
CA GLY A 1161 -47.53 -18.20 -41.92
C GLY A 1161 -48.48 -19.09 -41.15
N ASP A 1162 -48.56 -20.36 -41.60
CA ASP A 1162 -49.41 -21.38 -41.00
C ASP A 1162 -48.69 -22.04 -39.84
N SER A 1163 -49.29 -21.98 -38.67
CA SER A 1163 -48.76 -22.58 -37.47
C SER A 1163 -48.78 -24.11 -37.64
N THR A 1164 -47.63 -24.77 -37.46
CA THR A 1164 -47.51 -26.25 -37.54
C THR A 1164 -48.30 -26.92 -36.39
N PHE A 1165 -48.80 -28.14 -36.61
CA PHE A 1165 -49.57 -28.81 -35.58
C PHE A 1165 -49.09 -30.22 -35.26
N THR A 1166 -49.22 -30.62 -33.98
CA THR A 1166 -48.87 -31.95 -33.51
C THR A 1166 -50.11 -32.57 -32.87
N LYS A 1167 -50.60 -33.68 -33.47
CA LYS A 1167 -51.79 -34.39 -33.03
C LYS A 1167 -51.65 -34.94 -31.64
N MET A 1168 -52.71 -34.85 -30.84
CA MET A 1168 -52.74 -35.36 -29.46
C MET A 1168 -53.99 -36.21 -29.23
N ASP A 1169 -53.83 -37.26 -28.41
CA ASP A 1169 -54.94 -38.16 -28.14
C ASP A 1169 -55.75 -37.71 -26.93
N GLY A 1170 -57.07 -37.70 -27.09
CA GLY A 1170 -58.02 -37.32 -26.04
C GLY A 1170 -58.22 -35.84 -25.81
N LYS A 1171 -59.17 -35.51 -24.91
CA LYS A 1171 -59.51 -34.14 -24.52
C LYS A 1171 -58.33 -33.48 -23.76
N LEU A 1172 -57.88 -32.32 -24.25
CA LEU A 1172 -56.82 -31.54 -23.62
C LEU A 1172 -57.52 -30.53 -22.72
N THR A 1173 -57.17 -30.52 -21.42
CA THR A 1173 -57.80 -29.64 -20.44
C THR A 1173 -56.93 -28.47 -20.03
N GLY A 1174 -55.62 -28.70 -20.09
CA GLY A 1174 -54.63 -27.70 -19.73
C GLY A 1174 -53.24 -28.29 -19.64
N VAL A 1175 -52.29 -27.49 -19.13
CA VAL A 1175 -50.91 -27.88 -18.98
C VAL A 1175 -50.45 -27.64 -17.52
N VAL A 1176 -49.45 -28.40 -17.07
CA VAL A 1176 -48.84 -28.23 -15.75
C VAL A 1176 -47.43 -27.85 -16.04
N SER A 1177 -47.04 -26.60 -15.69
CA SER A 1177 -45.73 -26.13 -16.06
C SER A 1177 -44.83 -25.80 -14.89
N THR A 1178 -43.72 -26.52 -14.81
CA THR A 1178 -42.67 -26.32 -13.81
C THR A 1178 -41.54 -25.71 -14.62
N PRO A 1179 -40.58 -25.00 -13.99
CA PRO A 1179 -39.45 -24.47 -14.76
C PRO A 1179 -38.76 -25.50 -15.63
N LEU A 1180 -38.75 -26.78 -15.21
CA LEU A 1180 -38.17 -27.91 -15.93
C LEU A 1180 -39.02 -28.46 -17.08
N VAL A 1181 -40.36 -28.50 -16.94
CA VAL A 1181 -41.21 -29.13 -17.95
C VAL A 1181 -42.64 -28.56 -18.06
N ASN A 1182 -43.28 -28.76 -19.22
CA ASN A 1182 -44.68 -28.41 -19.51
C ASN A 1182 -45.34 -29.76 -19.88
N LEU A 1183 -46.27 -30.25 -19.04
CA LEU A 1183 -46.92 -31.54 -19.31
C LEU A 1183 -48.36 -31.33 -19.61
N ILE A 1184 -48.81 -31.76 -20.82
CA ILE A 1184 -50.21 -31.60 -21.21
C ILE A 1184 -51.02 -32.53 -20.35
N ASN A 1185 -51.85 -31.93 -19.48
CA ASN A 1185 -52.65 -32.55 -18.43
C ASN A 1185 -51.59 -33.07 -17.46
N GLY A 1186 -51.47 -34.34 -17.23
CA GLY A 1186 -50.36 -34.73 -16.40
C GLY A 1186 -49.61 -35.78 -17.16
N GLN A 1187 -49.21 -35.45 -18.37
CA GLN A 1187 -48.42 -36.32 -19.24
C GLN A 1187 -47.21 -36.84 -18.42
N GLY A 1188 -46.65 -37.99 -18.83
CA GLY A 1188 -45.56 -38.71 -18.20
C GLY A 1188 -44.47 -37.90 -17.51
N ALA A 1189 -44.70 -37.51 -16.26
CA ALA A 1189 -43.69 -36.82 -15.50
C ALA A 1189 -42.73 -37.92 -15.04
N THR A 1190 -41.46 -37.77 -15.39
CA THR A 1190 -40.45 -38.77 -15.06
C THR A 1190 -39.39 -38.20 -14.13
N SER A 1191 -38.69 -39.09 -13.41
CA SER A 1191 -37.55 -38.76 -12.56
C SER A 1191 -36.43 -38.22 -13.46
N ASP A 1192 -35.64 -37.25 -12.97
CA ASP A 1192 -34.56 -36.68 -13.76
C ASP A 1192 -33.42 -37.67 -13.92
N SER A 1193 -33.13 -37.99 -15.18
CA SER A 1193 -32.07 -38.92 -15.58
C SER A 1193 -30.68 -38.39 -15.25
N ASP A 1194 -30.52 -37.06 -15.20
CA ASP A 1194 -29.24 -36.45 -14.88
C ASP A 1194 -28.85 -36.69 -13.41
N THR A 1195 -29.83 -36.58 -12.50
CA THR A 1195 -29.61 -36.72 -11.06
C THR A 1195 -29.81 -38.12 -10.51
N GLU A 1196 -30.39 -39.05 -11.29
CA GLU A 1196 -30.73 -40.43 -10.89
C GLU A 1196 -29.59 -41.19 -10.13
N LYS A 1197 -28.32 -40.81 -10.32
CA LYS A 1197 -27.21 -41.47 -9.65
C LYS A 1197 -26.80 -40.78 -8.31
N ILE A 1198 -27.21 -39.49 -8.14
CA ILE A 1198 -26.95 -38.66 -6.96
C ILE A 1198 -27.97 -38.96 -5.88
N SER A 1199 -27.53 -39.07 -4.63
CA SER A 1199 -28.37 -39.38 -3.47
C SER A 1199 -27.67 -38.95 -2.19
N PHE A 1200 -28.39 -38.77 -1.09
CA PHE A 1200 -27.75 -38.42 0.18
C PHE A 1200 -27.21 -39.70 0.79
N LYS A 1201 -26.16 -39.57 1.63
CA LYS A 1201 -25.55 -40.71 2.30
C LYS A 1201 -26.46 -41.11 3.46
N PRO A 1202 -26.87 -42.39 3.58
CA PRO A 1202 -27.75 -42.78 4.71
C PRO A 1202 -27.09 -42.51 6.06
N GLY A 1203 -27.86 -42.02 7.03
CA GLY A 1203 -27.44 -41.67 8.38
C GLY A 1203 -26.28 -42.45 8.97
N ASN A 1204 -26.35 -43.79 8.87
CA ASN A 1204 -25.34 -44.74 9.35
C ASN A 1204 -23.95 -44.56 8.69
N GLN A 1205 -23.94 -44.34 7.37
CA GLN A 1205 -22.76 -44.19 6.52
C GLN A 1205 -21.95 -42.89 6.71
N ILE A 1206 -22.37 -42.03 7.65
CA ILE A 1206 -21.69 -40.77 7.93
C ILE A 1206 -20.44 -41.02 8.80
N ASP A 1207 -19.37 -40.27 8.54
CA ASP A 1207 -18.07 -40.40 9.19
C ASP A 1207 -18.07 -39.99 10.68
N PHE A 1208 -18.89 -38.98 11.07
CA PHE A 1208 -19.07 -38.44 12.42
C PHE A 1208 -17.86 -37.70 13.00
N ASN A 1209 -16.64 -38.26 12.91
CA ASN A 1209 -15.46 -37.60 13.49
C ASN A 1209 -15.10 -36.29 12.75
N ARG A 1210 -14.75 -36.40 11.45
CA ARG A 1210 -14.31 -35.30 10.59
C ARG A 1210 -15.30 -34.15 10.57
N LEU A 1211 -14.93 -33.09 11.29
CA LEU A 1211 -15.56 -31.77 11.45
C LEU A 1211 -17.09 -31.78 11.83
N PHE A 1212 -17.62 -32.95 12.28
CA PHE A 1212 -19.00 -33.09 12.78
C PHE A 1212 -18.98 -33.16 14.30
N THR A 1213 -17.75 -33.35 14.87
CA THR A 1213 -17.48 -33.37 16.31
C THR A 1213 -17.46 -31.91 16.73
N LEU A 1214 -16.59 -31.12 16.08
CA LEU A 1214 -16.46 -29.69 16.26
C LEU A 1214 -17.71 -28.94 15.65
N PRO A 1215 -18.09 -27.72 16.15
CA PRO A 1215 -19.28 -27.01 15.65
C PRO A 1215 -19.65 -27.08 14.18
N VAL A 1216 -20.97 -27.05 13.94
CA VAL A 1216 -21.66 -27.12 12.65
C VAL A 1216 -21.27 -25.98 11.71
N THR A 1217 -21.09 -24.78 12.25
CA THR A 1217 -20.70 -23.55 11.53
C THR A 1217 -19.43 -23.70 10.65
N GLU A 1218 -18.59 -24.69 10.99
CA GLU A 1218 -17.32 -25.00 10.32
C GLU A 1218 -17.50 -25.87 9.07
N LEU A 1219 -18.74 -26.21 8.71
CA LEU A 1219 -19.03 -27.07 7.57
C LEU A 1219 -19.59 -26.33 6.37
N PHE A 1220 -19.91 -25.04 6.55
CA PHE A 1220 -20.45 -24.21 5.49
C PHE A 1220 -19.93 -22.78 5.58
N ASP A 1221 -19.84 -22.10 4.43
CA ASP A 1221 -19.36 -20.72 4.30
C ASP A 1221 -20.48 -19.83 4.79
N PRO A 1222 -20.33 -19.13 5.93
CA PRO A 1222 -21.42 -18.31 6.47
C PRO A 1222 -21.99 -17.25 5.54
N ASN A 1223 -21.12 -16.66 4.70
CA ASN A 1223 -21.54 -15.64 3.76
C ASN A 1223 -22.46 -16.23 2.65
N THR A 1224 -22.03 -17.36 2.04
CA THR A 1224 -22.73 -18.01 0.92
C THR A 1224 -23.85 -18.98 1.37
N MET A 1225 -23.67 -19.62 2.54
CA MET A 1225 -24.53 -20.60 3.21
C MET A 1225 -24.52 -21.97 2.51
N PHE A 1226 -23.39 -22.27 1.85
CA PHE A 1226 -23.18 -23.55 1.16
C PHE A 1226 -22.13 -24.37 1.85
N VAL A 1227 -22.33 -25.70 1.88
CA VAL A 1227 -21.38 -26.65 2.47
C VAL A 1227 -20.10 -26.51 1.66
N TYR A 1228 -18.95 -26.38 2.35
CA TYR A 1228 -17.64 -26.25 1.70
C TYR A 1228 -17.41 -27.44 0.79
N ASP A 1229 -16.93 -27.18 -0.44
CA ASP A 1229 -16.68 -28.18 -1.48
C ASP A 1229 -16.08 -29.51 -1.03
N GLN A 1230 -15.27 -29.45 0.03
CA GLN A 1230 -14.56 -30.55 0.66
C GLN A 1230 -15.46 -31.56 1.38
N TYR A 1231 -16.48 -31.10 2.11
CA TYR A 1231 -17.39 -32.00 2.86
C TYR A 1231 -18.54 -32.56 2.01
N VAL A 1232 -18.78 -31.94 0.85
CA VAL A 1232 -19.85 -32.36 -0.04
C VAL A 1232 -19.80 -33.87 -0.35
N PRO A 1233 -18.67 -34.50 -0.76
CA PRO A 1233 -18.71 -35.96 -1.02
C PRO A 1233 -18.84 -36.79 0.25
N LEU A 1234 -18.70 -36.14 1.41
CA LEU A 1234 -18.84 -36.79 2.70
C LEU A 1234 -20.34 -37.05 3.03
N LEU A 1235 -21.22 -36.18 2.49
CA LEU A 1235 -22.68 -36.23 2.71
C LEU A 1235 -23.51 -36.78 1.55
N VAL A 1236 -22.98 -36.74 0.31
CA VAL A 1236 -23.71 -37.23 -0.84
C VAL A 1236 -22.99 -38.40 -1.53
N ASN A 1237 -23.77 -39.37 -2.02
CA ASN A 1237 -23.29 -40.52 -2.78
C ASN A 1237 -23.30 -40.11 -4.24
N LEU A 1238 -22.14 -40.14 -4.88
CA LEU A 1238 -22.01 -39.71 -6.27
C LEU A 1238 -21.46 -40.82 -7.16
N PRO A 1239 -21.86 -40.87 -8.44
CA PRO A 1239 -21.32 -41.91 -9.34
C PRO A 1239 -19.82 -41.76 -9.52
N SER A 1240 -19.11 -42.89 -9.65
CA SER A 1240 -17.65 -42.86 -9.81
C SER A 1240 -17.23 -41.95 -10.96
N GLY A 1241 -16.42 -40.97 -10.60
CA GLY A 1241 -15.92 -39.97 -11.51
C GLY A 1241 -16.94 -38.91 -11.85
N PHE A 1242 -17.56 -38.34 -10.82
CA PHE A 1242 -18.56 -37.31 -11.02
C PHE A 1242 -18.01 -35.93 -10.73
N ASP A 1243 -18.40 -34.93 -11.54
CA ASP A 1243 -17.97 -33.55 -11.34
C ASP A 1243 -18.61 -32.93 -10.11
N GLN A 1244 -17.80 -32.75 -9.08
CA GLN A 1244 -18.15 -32.17 -7.78
C GLN A 1244 -18.72 -30.76 -7.93
N ALA A 1245 -18.28 -30.04 -8.97
CA ALA A 1245 -18.68 -28.67 -9.26
C ALA A 1245 -20.05 -28.52 -9.90
N SER A 1246 -20.65 -29.63 -10.34
CA SER A 1246 -21.98 -29.61 -10.93
C SER A 1246 -23.06 -29.89 -9.87
N ILE A 1247 -22.65 -30.00 -8.57
CA ILE A 1247 -23.57 -30.20 -7.44
C ILE A 1247 -23.23 -29.32 -6.26
N ARG A 1248 -24.26 -28.95 -5.46
CA ARG A 1248 -24.10 -28.12 -4.27
C ARG A 1248 -25.07 -28.48 -3.17
N LEU A 1249 -24.70 -28.09 -1.94
CA LEU A 1249 -25.44 -28.38 -0.72
C LEU A 1249 -25.73 -27.09 0.04
N LYS A 1250 -26.94 -26.51 -0.15
CA LYS A 1250 -27.31 -25.26 0.54
C LYS A 1250 -27.78 -25.59 1.93
N VAL A 1251 -27.35 -24.81 2.93
CA VAL A 1251 -27.73 -25.01 4.31
C VAL A 1251 -29.03 -24.27 4.56
N ILE A 1252 -30.08 -25.07 4.76
CA ILE A 1252 -31.46 -24.62 4.94
C ILE A 1252 -31.74 -24.19 6.38
N SER A 1253 -31.07 -24.87 7.32
CA SER A 1253 -31.17 -24.62 8.74
C SER A 1253 -29.98 -25.29 9.38
N TYR A 1254 -29.58 -24.81 10.56
CA TYR A 1254 -28.48 -25.37 11.35
C TYR A 1254 -28.62 -24.99 12.81
N SER A 1255 -28.12 -25.85 13.69
CA SER A 1255 -28.12 -25.59 15.13
C SER A 1255 -26.79 -26.04 15.68
N VAL A 1256 -25.92 -25.05 16.02
CA VAL A 1256 -24.60 -25.33 16.57
C VAL A 1256 -24.83 -26.12 17.83
N GLU A 1257 -25.78 -25.61 18.65
CA GLU A 1257 -26.23 -26.13 19.94
C GLU A 1257 -26.70 -27.59 19.89
N ASN A 1258 -27.67 -27.90 19.00
CA ASN A 1258 -28.26 -29.22 18.86
C ASN A 1258 -27.51 -30.13 17.88
N GLN A 1259 -26.44 -29.60 17.22
CA GLN A 1259 -25.60 -30.29 16.22
C GLN A 1259 -26.47 -30.90 15.10
N THR A 1260 -27.15 -30.02 14.35
CA THR A 1260 -28.04 -30.38 13.23
C THR A 1260 -27.67 -29.54 12.00
N LEU A 1261 -27.66 -30.15 10.82
CA LEU A 1261 -27.27 -29.49 9.58
C LEU A 1261 -28.27 -29.87 8.51
N GLY A 1262 -29.23 -28.98 8.29
CA GLY A 1262 -30.26 -29.17 7.28
C GLY A 1262 -29.79 -28.71 5.92
N VAL A 1263 -29.82 -29.62 4.92
CA VAL A 1263 -29.38 -29.31 3.56
C VAL A 1263 -30.37 -29.70 2.46
N ARG A 1264 -30.13 -29.15 1.28
CA ARG A 1264 -30.86 -29.37 0.04
C ARG A 1264 -29.78 -29.56 -1.02
N LEU A 1265 -29.92 -30.66 -1.76
CA LEU A 1265 -29.00 -31.02 -2.82
C LEU A 1265 -29.42 -30.37 -4.12
N GLU A 1266 -28.55 -29.55 -4.68
CA GLU A 1266 -28.81 -28.90 -5.94
C GLU A 1266 -27.83 -29.43 -6.99
N PHE A 1267 -28.22 -29.38 -8.26
CA PHE A 1267 -27.43 -29.89 -9.38
C PHE A 1267 -27.52 -28.94 -10.55
N LYS A 1268 -26.37 -28.62 -11.15
CA LYS A 1268 -26.24 -27.71 -12.29
C LYS A 1268 -26.87 -28.36 -13.51
N ASP A 1269 -28.07 -27.88 -13.92
CA ASP A 1269 -28.79 -28.41 -15.09
C ASP A 1269 -27.90 -28.27 -16.33
N PRO A 1270 -27.75 -29.33 -17.16
CA PRO A 1270 -26.86 -29.20 -18.33
C PRO A 1270 -27.41 -28.22 -19.37
N GLN A 1271 -28.76 -28.15 -19.53
CA GLN A 1271 -29.42 -27.24 -20.47
C GLN A 1271 -29.16 -25.77 -20.05
N THR A 1272 -29.84 -25.30 -18.99
CA THR A 1272 -29.65 -23.97 -18.40
C THR A 1272 -28.60 -24.16 -17.32
N GLN A 1273 -27.52 -23.38 -17.30
CA GLN A 1273 -26.44 -23.59 -16.32
C GLN A 1273 -26.82 -23.16 -14.86
N GLN A 1274 -28.12 -23.29 -14.50
CA GLN A 1274 -28.68 -23.00 -13.16
C GLN A 1274 -28.85 -24.28 -12.37
N PHE A 1275 -28.79 -24.16 -11.05
CA PHE A 1275 -28.94 -25.31 -10.17
C PHE A 1275 -30.37 -25.66 -9.92
N ILE A 1276 -30.69 -26.94 -10.10
CA ILE A 1276 -32.02 -27.51 -9.90
C ILE A 1276 -31.98 -28.46 -8.70
N PRO A 1277 -33.09 -28.65 -7.93
CA PRO A 1277 -32.98 -29.54 -6.77
C PRO A 1277 -32.98 -31.00 -7.18
N VAL A 1278 -32.10 -31.80 -6.56
CA VAL A 1278 -31.96 -33.24 -6.77
C VAL A 1278 -33.10 -33.85 -5.99
N LEU A 1279 -34.28 -33.93 -6.62
CA LEU A 1279 -35.51 -34.40 -6.00
C LEU A 1279 -35.42 -35.84 -5.52
N ASN A 1280 -34.55 -36.63 -6.15
CA ASN A 1280 -34.28 -38.03 -5.77
C ASN A 1280 -33.22 -38.18 -4.63
N ALA A 1281 -32.79 -37.05 -4.03
CA ALA A 1281 -31.79 -37.01 -2.96
C ALA A 1281 -32.26 -37.76 -1.75
N SER A 1282 -33.56 -37.67 -1.43
CA SER A 1282 -34.17 -38.35 -0.30
C SER A 1282 -35.51 -38.99 -0.69
N SER A 1283 -35.96 -39.87 0.19
CA SER A 1283 -37.24 -40.59 0.16
C SER A 1283 -38.38 -39.58 0.21
N THR A 1284 -38.15 -38.46 0.90
CA THR A 1284 -39.05 -37.34 1.13
C THR A 1284 -38.90 -36.26 0.04
N GLY A 1285 -37.68 -35.80 -0.23
CA GLY A 1285 -37.41 -34.77 -1.23
C GLY A 1285 -35.95 -34.38 -1.34
N PRO A 1286 -35.59 -33.22 -1.93
CA PRO A 1286 -34.16 -32.85 -2.02
C PRO A 1286 -33.59 -32.33 -0.71
N GLN A 1287 -34.43 -32.23 0.31
CA GLN A 1287 -34.16 -31.75 1.67
C GLN A 1287 -33.86 -32.93 2.60
N THR A 1288 -32.94 -32.72 3.56
CA THR A 1288 -32.63 -33.67 4.63
C THR A 1288 -31.87 -33.04 5.79
N VAL A 1289 -31.96 -33.64 6.97
CA VAL A 1289 -31.22 -33.13 8.12
C VAL A 1289 -30.19 -34.12 8.55
N PHE A 1290 -28.97 -33.60 8.79
CA PHE A 1290 -27.86 -34.40 9.24
C PHE A 1290 -27.60 -34.11 10.71
N GLN A 1291 -27.66 -35.15 11.55
CA GLN A 1291 -27.44 -35.01 12.97
C GLN A 1291 -26.65 -36.20 13.51
N PRO A 1292 -25.71 -35.98 14.47
CA PRO A 1292 -24.94 -37.12 15.00
C PRO A 1292 -25.78 -38.10 15.82
N PHE A 1293 -25.82 -39.38 15.39
CA PHE A 1293 -26.57 -40.52 15.88
C PHE A 1293 -27.80 -40.18 16.76
N ASN A 1294 -28.65 -39.28 16.24
CA ASN A 1294 -29.84 -38.80 16.93
C ASN A 1294 -31.07 -39.16 16.13
N HIS B 4 1.53 5.38 9.72
CA HIS B 4 2.59 6.36 9.93
C HIS B 4 2.86 7.16 8.67
N GLN B 5 3.06 6.45 7.55
CA GLN B 5 3.39 7.00 6.24
C GLN B 5 2.34 7.94 5.67
N GLN B 6 1.07 7.75 6.11
CA GLN B 6 -0.08 8.54 5.70
C GLN B 6 -0.79 9.21 6.89
N ALA B 7 0.01 9.75 7.81
CA ALA B 7 -0.47 10.53 8.96
C ALA B 7 -0.89 11.87 8.41
N VAL B 8 -1.93 12.50 8.99
CA VAL B 8 -2.45 13.77 8.48
C VAL B 8 -1.40 14.89 8.52
N ASP B 9 -1.01 15.36 7.32
CA ASP B 9 -0.07 16.45 7.14
C ASP B 9 -0.86 17.74 7.29
N GLU B 10 -0.59 18.50 8.35
CA GLU B 10 -1.32 19.74 8.62
C GLU B 10 -0.98 20.89 7.64
N THR B 11 0.13 20.78 6.88
CA THR B 11 0.56 21.78 5.91
C THR B 11 -0.33 21.76 4.68
N LEU B 12 -1.01 20.63 4.45
CA LEU B 12 -1.95 20.45 3.37
C LEU B 12 -3.34 20.92 3.84
N THR B 13 -4.10 21.55 2.95
CA THR B 13 -5.44 22.07 3.24
C THR B 13 -6.40 21.76 2.09
N PRO B 14 -7.74 21.67 2.31
CA PRO B 14 -8.63 21.35 1.21
C PRO B 14 -8.59 22.38 0.09
N TRP B 15 -8.86 21.93 -1.14
CA TRP B 15 -8.90 22.75 -2.35
C TRP B 15 -9.96 22.23 -3.30
N THR B 16 -10.32 23.03 -4.30
CA THR B 16 -11.35 22.63 -5.26
C THR B 16 -10.75 22.67 -6.67
N TRP B 17 -10.90 21.59 -7.46
CA TRP B 17 -10.35 21.64 -8.82
C TRP B 17 -11.28 22.42 -9.73
N ASN B 18 -10.75 23.44 -10.41
CA ASN B 18 -11.51 24.32 -11.30
C ASN B 18 -12.34 23.58 -12.36
N ASN B 19 -11.74 22.53 -12.98
CA ASN B 19 -12.33 21.75 -14.05
C ASN B 19 -13.55 20.92 -13.65
N ASN B 20 -13.68 20.46 -12.40
CA ASN B 20 -14.86 19.66 -12.06
C ASN B 20 -15.65 20.24 -10.90
N ASN B 21 -14.95 20.99 -10.02
CA ASN B 21 -15.36 21.62 -8.77
C ASN B 21 -15.49 20.58 -7.66
N PHE B 22 -14.65 19.54 -7.71
CA PHE B 22 -14.61 18.53 -6.67
C PHE B 22 -13.75 19.06 -5.51
N SER B 23 -14.24 18.90 -4.28
CA SER B 23 -13.50 19.34 -3.10
C SER B 23 -13.46 18.26 -2.02
N SER B 24 -14.48 17.38 -2.04
CA SER B 24 -14.70 16.26 -1.14
C SER B 24 -15.84 15.37 -1.64
N LEU B 25 -15.73 14.05 -1.36
CA LEU B 25 -16.74 13.04 -1.69
C LEU B 25 -17.43 12.69 -0.37
N LYS B 26 -18.76 12.68 -0.37
CA LYS B 26 -19.54 12.34 0.81
C LYS B 26 -19.58 10.82 0.91
N ILE B 27 -18.82 10.26 1.84
CA ILE B 27 -18.76 8.80 2.01
C ILE B 27 -19.97 8.32 2.81
N THR B 28 -20.72 7.40 2.20
CA THR B 28 -21.92 6.79 2.74
C THR B 28 -21.59 5.44 3.33
N GLY B 29 -22.61 4.78 3.85
CA GLY B 29 -22.51 3.42 4.36
C GLY B 29 -22.01 3.19 5.75
N GLU B 30 -21.52 1.94 5.98
CA GLU B 30 -21.05 1.41 7.25
C GLU B 30 -19.97 2.29 7.88
N ASN B 31 -18.99 2.73 7.06
CA ASN B 31 -17.90 3.62 7.48
C ASN B 31 -18.07 4.95 6.75
N PRO B 32 -18.91 5.87 7.29
CA PRO B 32 -19.14 7.13 6.57
C PRO B 32 -18.08 8.15 6.86
N GLY B 33 -18.15 9.25 6.12
CA GLY B 33 -17.22 10.34 6.26
C GLY B 33 -17.01 11.10 4.98
N SER B 34 -15.77 11.44 4.69
CA SER B 34 -15.44 12.22 3.50
C SER B 34 -14.04 11.93 3.01
N PHE B 35 -13.86 12.03 1.69
CA PHE B 35 -12.57 11.92 1.06
C PHE B 35 -12.44 13.23 0.37
N GLY B 36 -11.70 14.14 1.00
CA GLY B 36 -11.52 15.50 0.51
C GLY B 36 -10.16 15.76 -0.08
N LEU B 37 -10.13 16.52 -1.21
CA LEU B 37 -8.88 16.91 -1.89
C LEU B 37 -8.08 17.74 -0.89
N VAL B 38 -6.75 17.68 -0.98
CA VAL B 38 -5.92 18.39 -0.04
C VAL B 38 -4.59 18.79 -0.73
N ARG B 39 -4.17 20.06 -0.49
CA ARG B 39 -3.05 20.70 -1.14
C ARG B 39 -2.12 21.52 -0.24
N SER B 40 -0.81 21.59 -0.65
CA SER B 40 0.25 22.40 -0.04
C SER B 40 -0.02 23.82 -0.54
N GLN B 41 0.22 24.83 0.30
CA GLN B 41 -0.05 26.25 0.02
C GLN B 41 1.23 27.16 -0.16
N ASN B 42 2.35 26.53 -0.60
CA ASN B 42 3.65 27.17 -0.83
C ASN B 42 3.54 28.12 -1.99
N ASP B 43 4.31 29.16 -1.90
CA ASP B 43 4.31 30.08 -3.02
C ASP B 43 5.72 30.10 -3.59
N ASN B 44 6.20 31.29 -3.97
CA ASN B 44 7.49 31.56 -4.59
C ASN B 44 7.88 30.39 -5.51
N LEU B 45 7.05 30.19 -6.54
CA LEU B 45 7.30 29.19 -7.55
C LEU B 45 7.19 29.86 -8.89
N ASN B 46 8.22 29.73 -9.70
CA ASN B 46 8.22 30.35 -11.01
C ASN B 46 8.46 29.31 -12.04
N ILE B 47 7.39 28.96 -12.76
CA ILE B 47 7.41 28.01 -13.88
C ILE B 47 8.32 28.63 -14.96
N SER B 48 8.63 29.94 -14.76
CA SER B 48 9.53 30.78 -15.55
C SER B 48 10.94 30.21 -15.49
N SER B 49 11.31 29.60 -14.34
CA SER B 49 12.62 28.99 -14.16
C SER B 49 12.87 27.90 -15.21
N VAL B 50 11.85 27.09 -15.52
CA VAL B 50 11.95 26.04 -16.55
C VAL B 50 11.95 26.72 -17.92
N THR B 51 13.02 26.51 -18.68
CA THR B 51 13.25 27.19 -19.97
C THR B 51 13.00 26.35 -21.20
N LYS B 52 12.73 27.01 -22.33
CA LYS B 52 12.47 26.37 -23.59
C LYS B 52 13.49 26.78 -24.64
N ASN B 53 14.47 25.91 -24.91
CA ASN B 53 15.49 26.16 -25.93
C ASN B 53 14.83 25.68 -27.27
N SER B 54 15.21 26.21 -28.42
CA SER B 54 14.61 25.88 -29.71
C SER B 54 14.61 24.38 -30.02
N SER B 55 15.62 23.68 -29.49
CA SER B 55 15.81 22.24 -29.63
C SER B 55 14.77 21.45 -28.85
N ASP B 56 14.23 22.07 -27.79
CA ASP B 56 13.20 21.44 -26.98
C ASP B 56 11.84 21.51 -27.67
N ASP B 57 11.14 20.38 -27.62
CA ASP B 57 9.81 20.09 -28.10
C ASP B 57 8.88 20.38 -26.90
N ASN B 58 7.59 20.64 -27.17
CA ASN B 58 6.56 20.91 -26.15
C ASN B 58 6.61 19.86 -25.05
N LEU B 59 6.66 18.58 -25.45
CA LEU B 59 6.74 17.45 -24.53
C LEU B 59 7.97 17.56 -23.60
N LYS B 60 9.15 17.86 -24.20
CA LYS B 60 10.43 18.01 -23.48
C LYS B 60 10.29 19.12 -22.44
N TYR B 61 9.61 20.23 -22.84
CA TYR B 61 9.33 21.35 -21.95
C TYR B 61 8.42 20.90 -20.82
N LEU B 62 7.32 20.24 -21.18
CA LEU B 62 6.34 19.77 -20.21
C LEU B 62 6.94 18.87 -19.15
N ASN B 63 7.62 17.80 -19.58
CA ASN B 63 8.21 16.84 -18.66
C ASN B 63 9.05 17.56 -17.62
N ALA B 64 9.80 18.58 -18.08
CA ALA B 64 10.66 19.42 -17.28
C ALA B 64 9.86 20.24 -16.27
N VAL B 65 8.68 20.74 -16.68
CA VAL B 65 7.79 21.50 -15.79
C VAL B 65 7.25 20.54 -14.74
N GLU B 66 6.76 19.35 -15.17
CA GLU B 66 6.24 18.36 -14.21
C GLU B 66 7.33 17.97 -13.23
N LYS B 67 8.57 17.83 -13.70
CA LYS B 67 9.69 17.52 -12.81
C LYS B 67 9.94 18.62 -11.78
N TYR B 68 9.79 19.90 -12.20
CA TYR B 68 9.95 21.07 -11.33
C TYR B 68 8.88 21.06 -10.26
N LEU B 69 7.62 20.97 -10.73
CA LEU B 69 6.43 20.96 -9.89
C LEU B 69 6.45 19.78 -8.95
N ASP B 70 7.09 18.66 -9.36
CA ASP B 70 7.21 17.48 -8.53
C ASP B 70 7.94 17.84 -7.25
N GLY B 71 8.96 18.68 -7.39
CA GLY B 71 9.74 19.16 -6.25
C GLY B 71 9.20 20.41 -5.59
N GLN B 72 7.97 20.83 -5.94
CA GLN B 72 7.44 22.04 -5.34
C GLN B 72 6.07 21.80 -4.68
N GLN B 73 5.07 21.45 -5.50
CA GLN B 73 3.69 21.20 -5.09
C GLN B 73 3.60 19.87 -4.29
N ASN B 74 2.52 19.74 -3.51
CA ASN B 74 2.18 18.53 -2.77
C ASN B 74 0.69 18.32 -2.66
N PHE B 75 0.22 17.11 -2.98
CA PHE B 75 -1.20 16.79 -2.97
C PHE B 75 -1.47 15.40 -2.41
N ALA B 76 -2.62 15.27 -1.76
CA ALA B 76 -3.13 14.02 -1.20
C ALA B 76 -4.65 14.08 -1.28
N ILE B 77 -5.32 13.12 -0.65
CA ILE B 77 -6.77 13.08 -0.53
C ILE B 77 -6.99 12.64 0.88
N ARG B 78 -7.36 13.52 1.81
CA ARG B 78 -7.46 12.93 3.15
C ARG B 78 -8.88 12.45 3.51
N ARG B 79 -8.90 11.35 4.28
CA ARG B 79 -10.09 10.67 4.75
C ARG B 79 -10.52 11.31 6.07
N TYR B 80 -11.79 11.75 6.15
CA TYR B 80 -12.38 12.36 7.35
C TYR B 80 -13.42 11.42 7.91
N ASP B 81 -13.62 11.47 9.23
CA ASP B 81 -14.62 10.65 9.91
C ASP B 81 -15.97 11.29 9.75
N ASN B 82 -17.04 10.57 10.10
CA ASN B 82 -18.40 11.09 9.93
C ASN B 82 -18.65 12.49 10.54
N ASN B 83 -17.82 12.92 11.53
CA ASN B 83 -17.93 14.24 12.17
C ASN B 83 -17.21 15.34 11.43
N GLY B 84 -16.33 14.96 10.50
CA GLY B 84 -15.54 15.88 9.69
C GLY B 84 -14.08 15.96 10.10
N ARG B 85 -13.70 15.21 11.14
CA ARG B 85 -12.33 15.20 11.63
C ARG B 85 -11.44 14.33 10.75
N ALA B 86 -10.28 14.86 10.36
CA ALA B 86 -9.34 14.13 9.53
C ALA B 86 -8.82 12.90 10.25
N LEU B 87 -8.68 11.78 9.52
CA LEU B 87 -8.21 10.50 10.05
C LEU B 87 -6.80 10.22 9.54
N TYR B 88 -6.64 10.08 8.22
CA TYR B 88 -5.37 9.80 7.56
C TYR B 88 -5.30 10.52 6.24
N ASP B 89 -4.12 10.58 5.64
CA ASP B 89 -3.88 11.42 4.48
C ASP B 89 -3.80 10.81 3.09
N ILE B 90 -3.16 9.64 2.89
CA ILE B 90 -2.96 9.00 1.54
C ILE B 90 -2.49 10.02 0.40
N ASN B 91 -1.16 10.29 0.42
CA ASN B 91 -0.38 11.13 -0.50
C ASN B 91 0.53 10.18 -1.28
N LEU B 92 0.23 10.00 -2.59
CA LEU B 92 0.96 9.08 -3.46
C LEU B 92 2.46 9.36 -3.62
N ALA B 93 2.83 10.64 -3.57
CA ALA B 93 4.24 11.02 -3.70
C ALA B 93 5.05 10.59 -2.47
N LYS B 94 4.49 10.76 -1.28
CA LYS B 94 5.20 10.45 -0.04
C LYS B 94 5.00 9.01 0.47
N MET B 95 4.26 8.18 -0.28
CA MET B 95 4.08 6.79 0.13
C MET B 95 5.26 5.99 -0.35
N GLU B 96 5.99 5.44 0.62
CA GLU B 96 7.08 4.50 0.41
C GLU B 96 6.26 3.23 0.66
N ASN B 97 6.66 2.08 0.22
CA ASN B 97 5.84 0.90 0.45
C ASN B 97 4.29 1.04 0.16
N PRO B 98 3.86 1.45 -1.06
CA PRO B 98 2.44 1.38 -1.39
C PRO B 98 2.12 -0.08 -1.78
N SER B 99 1.02 -0.63 -1.30
CA SER B 99 0.79 -2.01 -1.65
C SER B 99 -0.53 -2.29 -2.34
N THR B 100 -0.54 -3.30 -3.21
CA THR B 100 -1.77 -3.76 -3.85
C THR B 100 -2.43 -4.67 -2.84
N VAL B 101 -3.76 -4.76 -2.89
CA VAL B 101 -4.50 -5.61 -1.97
C VAL B 101 -4.38 -7.08 -2.39
N GLN B 102 -4.39 -7.99 -1.40
CA GLN B 102 -4.37 -9.43 -1.63
C GLN B 102 -5.77 -9.78 -2.00
N ARG B 103 -5.93 -10.72 -2.93
CA ARG B 103 -7.27 -11.17 -3.33
C ARG B 103 -7.39 -12.66 -3.07
N GLY B 104 -8.60 -13.16 -3.28
CA GLY B 104 -8.93 -14.57 -3.25
C GLY B 104 -8.73 -15.10 -4.66
N LEU B 105 -9.19 -16.33 -4.94
CA LEU B 105 -9.03 -16.83 -6.30
C LEU B 105 -10.07 -16.22 -7.24
N ASN B 106 -11.20 -15.78 -6.66
CA ASN B 106 -12.32 -15.12 -7.34
C ASN B 106 -12.01 -13.66 -7.68
N GLY B 107 -10.96 -13.13 -7.05
CA GLY B 107 -10.49 -11.76 -7.23
C GLY B 107 -10.95 -10.85 -6.12
N GLU B 108 -11.71 -11.42 -5.16
CA GLU B 108 -12.24 -10.68 -4.01
C GLU B 108 -11.13 -10.36 -3.02
N PRO B 109 -10.88 -9.06 -2.72
CA PRO B 109 -9.83 -8.70 -1.76
C PRO B 109 -9.97 -9.30 -0.38
N ILE B 110 -8.82 -9.54 0.25
CA ILE B 110 -8.67 -10.12 1.58
C ILE B 110 -8.82 -9.01 2.60
N PHE B 111 -9.80 -9.14 3.51
CA PHE B 111 -10.07 -8.11 4.50
C PHE B 111 -10.68 -8.58 5.82
N ASP B 112 -10.13 -8.07 6.96
CA ASP B 112 -10.66 -8.25 8.32
C ASP B 112 -11.03 -6.85 8.79
N PRO B 113 -12.21 -6.67 9.40
CA PRO B 113 -12.64 -5.33 9.80
C PRO B 113 -11.73 -4.58 10.74
N PHE B 114 -10.90 -5.33 11.52
CA PHE B 114 -10.00 -4.79 12.51
C PHE B 114 -8.57 -4.77 12.05
N LYS B 115 -8.10 -5.86 11.44
CA LYS B 115 -6.73 -5.99 10.91
C LYS B 115 -6.57 -5.18 9.62
N GLY B 116 -7.65 -5.08 8.86
CA GLY B 116 -7.67 -4.38 7.59
C GLY B 116 -7.41 -5.31 6.43
N PHE B 117 -6.85 -4.73 5.37
CA PHE B 117 -6.58 -5.46 4.14
C PHE B 117 -5.28 -6.21 4.18
N GLY B 118 -5.30 -7.37 3.53
CA GLY B 118 -4.11 -8.18 3.32
C GLY B 118 -3.32 -7.50 2.23
N LEU B 119 -2.04 -7.23 2.46
CA LEU B 119 -1.26 -6.48 1.46
C LEU B 119 -0.18 -7.33 0.80
N THR B 120 -0.13 -7.26 -0.53
CA THR B 120 0.80 -8.04 -1.33
C THR B 120 2.24 -7.58 -1.14
N GLY B 121 2.40 -6.31 -0.83
CA GLY B 121 3.72 -5.72 -0.66
C GLY B 121 4.31 -5.32 -2.00
N ASN B 122 3.47 -5.27 -3.03
CA ASN B 122 3.88 -4.84 -4.35
C ASN B 122 3.19 -3.56 -4.69
N ALA B 123 3.95 -2.61 -5.24
CA ALA B 123 3.40 -1.31 -5.62
C ALA B 123 2.53 -1.45 -6.86
N PRO B 124 1.46 -0.65 -7.00
CA PRO B 124 0.62 -0.77 -8.20
C PRO B 124 1.35 -0.39 -9.50
N THR B 125 0.92 -0.99 -10.61
CA THR B 125 1.49 -0.87 -11.96
C THR B 125 1.68 0.57 -12.40
N ASP B 126 2.85 0.86 -12.98
CA ASP B 126 3.25 2.21 -13.44
C ASP B 126 3.30 3.21 -12.25
N TRP B 127 3.69 2.75 -11.04
CA TRP B 127 3.73 3.61 -9.86
C TRP B 127 4.60 4.84 -10.00
N ASN B 128 5.74 4.73 -10.66
CA ASN B 128 6.62 5.88 -10.77
C ASN B 128 6.01 7.06 -11.52
N GLU B 129 5.20 6.80 -12.57
CA GLU B 129 4.54 7.90 -13.33
C GLU B 129 3.36 8.49 -12.59
N ILE B 130 2.56 7.60 -11.98
CA ILE B 130 1.34 7.95 -11.28
C ILE B 130 1.54 8.52 -9.85
N LYS B 131 2.68 8.28 -9.16
CA LYS B 131 2.89 8.80 -7.78
C LYS B 131 2.85 10.34 -7.74
N GLY B 132 3.44 10.93 -8.77
CA GLY B 132 3.53 12.38 -8.98
C GLY B 132 2.26 13.06 -9.40
N LYS B 133 1.24 12.29 -9.82
CA LYS B 133 -0.02 12.85 -10.28
C LYS B 133 -0.86 13.38 -9.14
N VAL B 134 -1.72 14.36 -9.46
CA VAL B 134 -2.54 15.04 -8.47
C VAL B 134 -3.98 14.45 -8.45
N PRO B 135 -4.45 13.97 -7.25
CA PRO B 135 -5.81 13.49 -7.14
C PRO B 135 -6.76 14.71 -7.22
N VAL B 136 -7.75 14.60 -8.14
CA VAL B 136 -8.74 15.64 -8.45
C VAL B 136 -10.19 15.18 -8.22
N GLU B 137 -10.47 13.86 -8.07
CA GLU B 137 -11.81 13.32 -7.84
C GLU B 137 -11.80 11.92 -7.22
N VAL B 138 -12.68 11.70 -6.21
CA VAL B 138 -12.83 10.41 -5.52
C VAL B 138 -14.30 10.00 -5.65
N VAL B 139 -14.55 8.78 -6.14
CA VAL B 139 -15.90 8.24 -6.26
C VAL B 139 -15.96 6.85 -5.59
N GLN B 140 -17.02 6.57 -4.79
CA GLN B 140 -17.09 5.26 -4.13
C GLN B 140 -17.98 4.28 -4.86
N SER B 141 -17.58 2.98 -4.85
CA SER B 141 -18.36 1.91 -5.50
C SER B 141 -19.66 1.78 -4.76
N PRO B 142 -20.75 1.65 -5.51
CA PRO B 142 -22.07 1.62 -4.86
C PRO B 142 -22.41 0.28 -4.19
N HIS B 143 -22.05 -0.80 -4.86
CA HIS B 143 -22.33 -2.15 -4.40
C HIS B 143 -21.17 -2.72 -3.62
N SER B 144 -19.95 -2.60 -4.13
CA SER B 144 -18.80 -3.14 -3.43
C SER B 144 -18.35 -2.22 -2.30
N PRO B 145 -18.16 -2.79 -1.09
CA PRO B 145 -17.68 -1.98 0.05
C PRO B 145 -16.15 -1.84 0.09
N ASN B 146 -15.69 -0.69 0.67
CA ASN B 146 -14.27 -0.32 0.81
C ASN B 146 -13.65 0.01 -0.53
N LEU B 147 -14.42 -0.05 -1.61
CA LEU B 147 -13.90 0.24 -2.94
C LEU B 147 -14.18 1.66 -3.27
N TYR B 148 -13.15 2.36 -3.75
CA TYR B 148 -13.24 3.76 -4.16
C TYR B 148 -12.39 3.89 -5.41
N PHE B 149 -12.49 5.04 -6.09
CA PHE B 149 -11.72 5.31 -7.30
C PHE B 149 -11.18 6.71 -7.30
N VAL B 150 -9.89 6.85 -7.61
CA VAL B 150 -9.25 8.16 -7.64
C VAL B 150 -8.95 8.57 -9.07
N LEU B 151 -9.11 9.89 -9.35
CA LEU B 151 -8.83 10.52 -10.65
C LEU B 151 -7.51 11.28 -10.51
N LEU B 152 -6.55 10.94 -11.34
CA LEU B 152 -5.23 11.54 -11.30
C LEU B 152 -4.91 12.28 -12.57
N VAL B 153 -4.37 13.47 -12.44
CA VAL B 153 -3.98 14.30 -13.57
C VAL B 153 -2.54 14.77 -13.36
N PRO B 154 -1.78 15.13 -14.43
CA PRO B 154 -0.41 15.64 -14.21
C PRO B 154 -0.45 16.99 -13.47
N LYS B 155 0.62 17.32 -12.66
CA LYS B 155 0.75 18.59 -11.89
C LYS B 155 0.70 19.79 -12.84
N VAL B 156 1.17 19.56 -14.10
CA VAL B 156 1.21 20.43 -15.28
C VAL B 156 -0.23 20.83 -15.69
N ALA B 157 -1.18 19.86 -15.75
CA ALA B 157 -2.58 20.10 -16.10
C ALA B 157 -3.19 21.21 -15.21
N LEU B 158 -2.72 21.31 -13.95
CA LEU B 158 -3.19 22.34 -13.03
C LEU B 158 -2.60 23.72 -13.42
N GLU B 159 -1.25 23.80 -13.55
CA GLU B 159 -0.50 25.00 -13.91
C GLU B 159 -0.52 25.30 -15.41
N TYR B 160 -1.51 24.74 -16.15
CA TYR B 160 -1.63 24.91 -17.60
C TYR B 160 -1.53 26.37 -18.06
N HIS B 161 -2.27 27.25 -17.40
CA HIS B 161 -2.30 28.66 -17.78
C HIS B 161 -1.01 29.44 -17.45
N ASN B 162 -0.19 28.91 -16.56
CA ASN B 162 1.04 29.56 -16.15
C ASN B 162 2.27 29.09 -16.94
N LEU B 163 2.05 28.26 -17.97
CA LEU B 163 3.16 27.77 -18.81
C LEU B 163 3.59 28.89 -19.78
N ASN B 164 4.80 28.79 -20.37
CA ASN B 164 5.37 29.78 -21.28
C ASN B 164 4.41 30.28 -22.36
N ASN B 165 4.35 31.62 -22.55
CA ASN B 165 3.53 32.38 -23.51
C ASN B 165 3.64 31.86 -24.92
N GLN B 166 4.81 31.33 -25.30
CA GLN B 166 5.06 30.77 -26.63
C GLN B 166 4.55 29.33 -26.73
N VAL B 167 4.34 28.66 -25.58
CA VAL B 167 3.78 27.30 -25.57
C VAL B 167 2.24 27.36 -25.43
N VAL B 168 1.75 27.95 -24.31
CA VAL B 168 0.31 28.10 -24.08
C VAL B 168 -0.13 29.54 -24.48
N LYS B 169 -0.74 29.65 -25.67
CA LYS B 169 -1.21 30.94 -26.22
C LYS B 169 -2.71 30.88 -26.64
N GLU B 170 -3.23 32.01 -27.14
CA GLU B 170 -4.60 32.16 -27.64
C GLU B 170 -4.67 31.92 -29.16
N SER B 171 -5.86 31.58 -29.69
CA SER B 171 -6.09 31.38 -31.12
C SER B 171 -6.06 32.70 -31.91
N LEU B 172 -6.41 33.82 -31.26
CA LEU B 172 -6.38 35.14 -31.91
C LEU B 172 -5.00 35.71 -31.79
N GLU B 173 -4.29 35.89 -32.92
CA GLU B 173 -2.91 36.41 -32.93
C GLU B 173 -2.74 37.75 -32.15
N VAL B 174 -3.23 38.93 -32.62
CA VAL B 174 -3.08 40.25 -31.96
C VAL B 174 -1.56 40.70 -32.01
N LYS B 175 -1.26 41.38 -33.11
CA LYS B 175 0.04 41.93 -33.47
C LYS B 175 0.61 43.00 -32.51
N ALA B 176 -0.22 43.65 -31.65
CA ALA B 176 0.18 44.72 -30.71
C ALA B 176 0.81 45.98 -31.40
N THR B 177 0.44 46.20 -32.68
CA THR B 177 0.79 47.36 -33.51
C THR B 177 0.05 48.62 -33.00
N GLN B 178 0.74 49.79 -33.03
CA GLN B 178 0.21 51.09 -32.60
C GLN B 178 -0.28 51.91 -33.81
N SER B 179 -0.44 51.24 -34.98
CA SER B 179 -0.83 51.83 -36.24
C SER B 179 -2.26 52.41 -36.17
N SER B 180 -3.27 51.54 -36.21
CA SER B 180 -4.69 51.85 -36.13
C SER B 180 -5.38 50.50 -35.99
N PHE B 181 -6.49 50.43 -35.22
CA PHE B 181 -7.17 49.15 -35.06
C PHE B 181 -8.24 48.95 -36.08
N ASN B 182 -8.13 47.87 -36.86
CA ASN B 182 -9.13 47.45 -37.83
C ASN B 182 -9.45 45.98 -37.57
N PRO B 183 -10.64 45.64 -37.03
CA PRO B 183 -10.95 44.23 -36.77
C PRO B 183 -10.81 43.36 -38.03
N THR B 184 -11.34 43.85 -39.18
CA THR B 184 -11.32 43.18 -40.49
C THR B 184 -9.93 42.90 -41.07
N GLN B 185 -8.85 43.36 -40.42
CA GLN B 185 -7.50 43.18 -40.95
C GLN B 185 -7.14 41.68 -41.13
N ARG B 186 -7.55 40.80 -40.19
CA ARG B 186 -7.24 39.37 -40.29
C ARG B 186 -8.16 38.63 -41.27
N LEU B 187 -9.34 39.21 -41.52
CA LEU B 187 -10.45 38.69 -42.32
C LEU B 187 -10.28 38.75 -43.85
N GLN B 188 -10.72 37.68 -44.54
CA GLN B 188 -10.74 37.57 -46.00
C GLN B 188 -12.15 38.03 -46.40
N LYS B 189 -12.23 39.21 -47.04
CA LYS B 189 -13.50 39.84 -47.39
C LYS B 189 -13.77 40.07 -48.87
N ASP B 190 -12.83 39.72 -49.78
CA ASP B 190 -13.04 39.96 -51.21
C ASP B 190 -13.85 38.87 -51.89
N SER B 191 -15.09 39.24 -52.24
CA SER B 191 -16.10 38.39 -52.86
C SER B 191 -15.65 37.78 -54.20
N PRO B 192 -16.11 36.55 -54.53
CA PRO B 192 -15.71 35.94 -55.80
C PRO B 192 -16.25 36.65 -57.05
N VAL B 193 -15.67 36.34 -58.20
CA VAL B 193 -16.00 36.96 -59.49
C VAL B 193 -16.26 35.90 -60.56
N LYS B 194 -16.89 36.27 -61.70
CA LYS B 194 -17.13 35.26 -62.74
C LYS B 194 -15.82 34.84 -63.35
N ASP B 195 -15.61 33.52 -63.46
CA ASP B 195 -14.40 32.91 -64.00
C ASP B 195 -14.68 32.68 -65.48
N SER B 196 -14.33 33.66 -66.30
CA SER B 196 -14.48 33.67 -67.75
C SER B 196 -13.75 32.50 -68.44
N SER B 197 -12.74 31.91 -67.74
CA SER B 197 -11.93 30.76 -68.18
C SER B 197 -12.81 29.63 -68.66
N LYS B 198 -13.84 29.32 -67.87
CA LYS B 198 -14.82 28.33 -68.25
C LYS B 198 -16.21 28.74 -67.81
N GLN B 199 -17.02 29.09 -68.81
CA GLN B 199 -18.41 29.48 -68.63
C GLN B 199 -19.26 28.31 -69.10
N GLY B 200 -18.57 27.24 -69.52
CA GLY B 200 -19.19 25.98 -69.90
C GLY B 200 -19.62 25.26 -68.64
N GLU B 201 -19.10 25.75 -67.48
CA GLU B 201 -19.38 25.29 -66.13
C GLU B 201 -20.64 25.96 -65.57
N LYS B 202 -21.29 26.85 -66.35
CA LYS B 202 -22.55 27.48 -65.96
C LYS B 202 -23.63 26.48 -66.35
N LEU B 203 -24.58 26.19 -65.43
CA LEU B 203 -25.65 25.22 -65.64
C LEU B 203 -26.54 25.52 -66.84
N SER B 204 -27.03 24.46 -67.50
CA SER B 204 -27.88 24.58 -68.71
C SER B 204 -29.36 24.56 -68.38
N GLU B 205 -30.19 25.20 -69.22
CA GLU B 205 -31.64 25.20 -69.05
C GLU B 205 -32.22 23.91 -69.63
N THR B 206 -33.43 23.52 -69.21
CA THR B 206 -34.07 22.33 -69.77
C THR B 206 -34.57 22.70 -71.17
N THR B 207 -34.63 21.71 -72.08
CA THR B 207 -35.09 21.89 -73.45
C THR B 207 -36.61 22.23 -73.52
N ALA B 208 -37.53 21.26 -73.28
CA ALA B 208 -38.98 21.50 -73.27
C ALA B 208 -39.67 20.85 -72.06
N SER B 209 -40.81 21.41 -71.62
CA SER B 209 -41.61 20.91 -70.51
C SER B 209 -43.03 20.57 -70.98
N SER B 213 -51.64 19.29 -73.47
CA SER B 213 -51.24 18.45 -72.34
C SER B 213 -51.38 19.20 -71.02
N GLY B 214 -50.23 19.58 -70.42
CA GLY B 214 -50.12 20.30 -69.16
C GLY B 214 -50.89 21.60 -69.17
N MET B 215 -51.82 21.75 -68.22
CA MET B 215 -52.69 22.91 -68.11
C MET B 215 -51.95 24.24 -67.90
N ALA B 216 -51.22 24.44 -66.79
CA ALA B 216 -50.60 25.75 -66.59
C ALA B 216 -49.26 25.95 -67.30
N THR B 217 -48.99 27.18 -67.78
CA THR B 217 -47.74 27.58 -68.47
C THR B 217 -47.35 29.02 -68.17
N SER B 218 -46.04 29.34 -68.28
CA SER B 218 -45.50 30.71 -68.06
C SER B 218 -44.23 30.99 -68.86
N THR B 219 -43.96 32.28 -69.08
CA THR B 219 -42.80 32.78 -69.84
C THR B 219 -41.51 32.88 -68.99
N ARG B 220 -41.55 32.41 -67.74
CA ARG B 220 -40.38 32.49 -66.85
C ARG B 220 -39.29 31.52 -67.26
N ALA B 221 -38.04 31.98 -67.21
CA ALA B 221 -36.82 31.25 -67.57
C ALA B 221 -36.84 29.85 -67.02
N LYS B 222 -36.71 28.85 -67.90
CA LYS B 222 -36.76 27.41 -67.58
C LYS B 222 -35.77 26.99 -66.48
N ALA B 223 -36.08 25.89 -65.74
CA ALA B 223 -35.24 25.36 -64.66
C ALA B 223 -33.85 24.96 -65.18
N LEU B 224 -32.86 24.94 -64.29
CA LEU B 224 -31.49 24.58 -64.66
C LEU B 224 -31.25 23.13 -64.34
N LYS B 225 -30.76 22.37 -65.31
CA LYS B 225 -30.55 20.94 -65.09
C LYS B 225 -29.17 20.63 -64.51
N VAL B 226 -29.17 19.76 -63.47
CA VAL B 226 -28.01 19.25 -62.74
C VAL B 226 -27.98 17.76 -63.03
N GLU B 227 -27.19 17.40 -64.05
CA GLU B 227 -27.06 16.04 -64.55
C GLU B 227 -25.81 15.39 -63.97
N VAL B 228 -25.95 14.16 -63.49
CA VAL B 228 -24.82 13.39 -62.95
C VAL B 228 -24.92 11.94 -63.45
N GLU B 229 -23.91 11.49 -64.20
CA GLU B 229 -23.82 10.13 -64.74
C GLU B 229 -22.45 9.57 -64.46
N ARG B 230 -22.37 8.29 -64.08
CA ARG B 230 -21.13 7.65 -63.69
C ARG B 230 -20.18 7.37 -64.86
N GLY B 231 -20.66 6.66 -65.87
CA GLY B 231 -19.84 6.27 -67.01
C GLY B 231 -18.85 5.18 -66.65
N SER B 232 -17.96 4.81 -67.59
CA SER B 232 -17.00 3.75 -67.33
C SER B 232 -15.58 4.29 -67.16
N GLN B 233 -15.38 5.05 -66.09
CA GLN B 233 -14.07 5.61 -65.77
C GLN B 233 -13.72 5.43 -64.32
N SER B 234 -12.46 5.14 -64.06
CA SER B 234 -11.93 4.92 -62.72
C SER B 234 -11.87 6.20 -61.88
N ASP B 235 -11.48 7.32 -62.50
CA ASP B 235 -11.30 8.62 -61.84
C ASP B 235 -12.25 9.71 -62.30
N SER B 236 -13.00 9.45 -63.38
CA SER B 236 -13.89 10.45 -63.93
C SER B 236 -15.35 10.02 -64.06
N LEU B 237 -16.25 11.02 -64.04
CA LEU B 237 -17.69 10.81 -64.20
C LEU B 237 -18.09 11.25 -65.59
N LEU B 238 -19.07 10.55 -66.19
CA LEU B 238 -19.62 10.87 -67.51
C LEU B 238 -20.19 12.30 -67.48
N LYS B 239 -20.90 12.64 -66.39
CA LYS B 239 -21.47 13.96 -66.13
C LYS B 239 -21.36 14.23 -64.63
N ASN B 240 -21.04 15.47 -64.24
CA ASN B 240 -20.90 15.85 -62.84
C ASN B 240 -21.20 17.33 -62.70
N ASP B 241 -22.47 17.69 -62.88
CA ASP B 241 -22.89 19.09 -62.85
C ASP B 241 -22.74 19.80 -61.48
N PHE B 242 -22.78 19.04 -60.37
CA PHE B 242 -22.62 19.66 -59.05
C PHE B 242 -21.21 20.26 -58.88
N ALA B 243 -20.21 19.68 -59.56
CA ALA B 243 -18.82 20.11 -59.52
C ALA B 243 -18.59 21.41 -60.24
N LYS B 244 -19.45 21.71 -61.26
CA LYS B 244 -19.39 22.91 -62.11
C LYS B 244 -19.34 24.22 -61.31
N LYS B 245 -18.15 24.85 -61.32
CA LYS B 245 -17.78 26.07 -60.60
C LYS B 245 -17.44 27.20 -61.59
N PRO B 246 -18.46 27.94 -62.13
CA PRO B 246 -18.15 29.04 -63.06
C PRO B 246 -17.78 30.36 -62.38
N LEU B 247 -17.33 30.30 -61.13
CA LEU B 247 -16.84 31.46 -60.37
C LEU B 247 -15.41 31.19 -59.87
N LYS B 248 -14.72 32.24 -59.40
CA LYS B 248 -13.36 32.13 -58.90
C LYS B 248 -13.01 33.24 -57.93
N HIS B 249 -12.09 32.94 -56.99
CA HIS B 249 -11.58 33.87 -55.97
C HIS B 249 -11.00 35.14 -56.63
N LYS B 250 -11.22 36.30 -55.98
CA LYS B 250 -10.71 37.59 -56.41
C LYS B 250 -9.17 37.50 -56.50
N ASN B 251 -8.58 37.96 -57.61
CA ASN B 251 -7.14 37.88 -57.78
C ASN B 251 -6.45 39.24 -57.54
N SER B 252 -5.88 39.38 -56.33
CA SER B 252 -5.13 40.57 -55.89
C SER B 252 -3.62 40.27 -56.07
N SER B 253 -3.23 39.87 -57.32
CA SER B 253 -1.89 39.40 -57.74
C SER B 253 -1.49 38.19 -56.85
N GLY B 254 -2.54 37.56 -56.32
CA GLY B 254 -2.57 36.45 -55.38
C GLY B 254 -4.00 36.34 -54.86
N GLU B 255 -4.62 35.18 -55.09
CA GLU B 255 -6.00 34.87 -54.71
C GLU B 255 -6.41 35.26 -53.30
N VAL B 256 -7.65 35.76 -53.14
CA VAL B 256 -8.23 36.09 -51.84
C VAL B 256 -9.00 34.83 -51.46
N LYS B 257 -8.28 33.89 -50.85
CA LYS B 257 -8.77 32.58 -50.43
C LYS B 257 -8.19 32.24 -49.06
N LEU B 258 -8.75 31.22 -48.39
CA LEU B 258 -8.30 30.80 -47.07
C LEU B 258 -7.10 29.86 -47.16
N GLU B 259 -5.91 30.35 -46.75
CA GLU B 259 -4.64 29.62 -46.74
C GLU B 259 -4.07 29.64 -45.33
N ALA B 260 -3.98 28.46 -44.70
CA ALA B 260 -3.51 28.34 -43.33
C ALA B 260 -2.03 28.64 -43.17
N GLU B 261 -1.26 28.37 -44.22
CA GLU B 261 0.18 28.59 -44.32
C GLU B 261 0.50 30.07 -44.13
N LYS B 262 -0.10 30.91 -44.99
CA LYS B 262 0.05 32.37 -45.00
C LYS B 262 -0.61 33.08 -43.81
N GLU B 263 -1.86 32.69 -43.45
CA GLU B 263 -2.62 33.35 -42.38
C GLU B 263 -2.15 33.02 -40.96
N PHE B 264 -1.86 31.74 -40.68
CA PHE B 264 -1.45 31.30 -39.35
C PHE B 264 0.04 31.00 -39.29
N THR B 265 0.84 32.08 -39.29
CA THR B 265 2.30 32.07 -39.25
C THR B 265 2.79 31.60 -37.87
N GLU B 266 2.12 32.10 -36.80
CA GLU B 266 2.34 31.72 -35.40
C GLU B 266 1.08 31.00 -34.95
N ALA B 267 0.73 29.96 -35.72
CA ALA B 267 -0.44 29.10 -35.59
C ALA B 267 -0.62 28.50 -34.21
N TRP B 268 -1.88 28.50 -33.72
CA TRP B 268 -2.25 27.90 -32.44
C TRP B 268 -2.14 26.41 -32.61
N LYS B 269 -1.43 25.77 -31.69
CA LYS B 269 -1.27 24.33 -31.68
C LYS B 269 -1.47 23.80 -30.23
N PRO B 270 -2.03 22.56 -30.07
CA PRO B 270 -2.26 22.03 -28.71
C PRO B 270 -0.96 21.68 -27.98
N LEU B 271 -1.00 21.63 -26.62
CA LEU B 271 0.18 21.32 -25.82
C LEU B 271 0.79 19.99 -26.19
N LEU B 272 -0.06 18.96 -26.40
CA LEU B 272 0.36 17.61 -26.81
C LEU B 272 -0.66 16.99 -27.77
N THR B 273 -0.17 16.28 -28.82
CA THR B 273 -1.04 15.58 -29.76
C THR B 273 -1.65 14.37 -29.08
N THR B 274 -2.78 13.90 -29.62
CA THR B 274 -3.52 12.75 -29.10
C THR B 274 -2.59 11.54 -28.88
N ASP B 275 -1.62 11.33 -29.79
CA ASP B 275 -0.67 10.23 -29.71
C ASP B 275 0.33 10.40 -28.59
N GLN B 276 0.75 11.65 -28.33
CA GLN B 276 1.67 11.97 -27.25
C GLN B 276 1.02 11.63 -25.92
N ILE B 277 -0.22 12.09 -25.68
CA ILE B 277 -0.98 11.82 -24.44
C ILE B 277 -1.19 10.32 -24.28
N ALA B 278 -1.41 9.62 -25.41
CA ALA B 278 -1.59 8.17 -25.45
C ALA B 278 -0.32 7.44 -25.02
N ARG B 279 0.85 7.81 -25.62
CA ARG B 279 2.16 7.22 -25.32
C ARG B 279 2.65 7.59 -23.94
N GLU B 280 2.80 8.91 -23.68
CA GLU B 280 3.29 9.47 -22.41
C GLU B 280 2.34 9.25 -21.25
N LYS B 281 2.52 8.10 -20.57
CA LYS B 281 1.75 7.59 -19.44
C LYS B 281 1.53 8.62 -18.35
N GLY B 282 2.58 9.35 -18.01
CA GLY B 282 2.53 10.40 -17.01
C GLY B 282 1.76 11.65 -17.43
N MET B 283 1.73 11.95 -18.74
CA MET B 283 1.06 13.16 -19.25
C MET B 283 -0.48 13.04 -19.41
N GLY B 284 -1.02 11.85 -19.17
CA GLY B 284 -2.46 11.61 -19.24
C GLY B 284 -3.13 11.39 -17.90
N ALA B 285 -4.46 11.41 -17.92
CA ALA B 285 -5.28 11.16 -16.74
C ALA B 285 -5.32 9.65 -16.44
N THR B 286 -5.29 9.30 -15.16
CA THR B 286 -5.29 7.90 -14.72
C THR B 286 -6.37 7.69 -13.67
N VAL B 287 -7.03 6.53 -13.70
CA VAL B 287 -8.02 6.19 -12.69
C VAL B 287 -7.53 4.97 -11.91
N VAL B 288 -7.24 5.20 -10.61
CA VAL B 288 -6.76 4.16 -9.73
C VAL B 288 -7.82 3.71 -8.70
N SER B 289 -8.22 2.42 -8.82
CA SER B 289 -9.12 1.68 -7.96
C SER B 289 -8.34 1.44 -6.66
N PHE B 290 -8.93 1.78 -5.51
CA PHE B 290 -8.28 1.54 -4.22
C PHE B 290 -9.28 1.10 -3.15
N TYR B 291 -8.74 0.58 -2.03
CA TYR B 291 -9.53 0.04 -0.91
C TYR B 291 -9.32 0.87 0.36
N ASP B 292 -10.37 0.96 1.19
CA ASP B 292 -10.38 1.85 2.35
C ASP B 292 -11.39 1.51 3.46
N ALA B 293 -10.85 1.10 4.61
CA ALA B 293 -11.56 0.80 5.86
C ALA B 293 -10.88 1.67 6.94
N PRO B 294 -11.49 2.78 7.40
CA PRO B 294 -10.75 3.70 8.28
C PRO B 294 -10.43 3.24 9.67
N TYR B 295 -11.31 2.41 10.26
CA TYR B 295 -11.07 2.01 11.63
C TYR B 295 -10.26 0.71 11.73
N SER B 296 -9.78 0.20 10.58
CA SER B 296 -8.95 -1.00 10.52
C SER B 296 -7.45 -0.61 10.59
N GLU B 297 -6.59 -1.61 10.87
CA GLU B 297 -5.15 -1.45 11.00
C GLU B 297 -4.53 -1.09 9.65
N ASN B 298 -4.54 -2.02 8.67
CA ASN B 298 -4.04 -1.78 7.31
C ASN B 298 -5.26 -1.26 6.57
N HIS B 299 -5.53 0.05 6.73
CA HIS B 299 -6.72 0.72 6.23
C HIS B 299 -6.69 1.09 4.76
N THR B 300 -5.50 1.22 4.15
CA THR B 300 -5.47 1.57 2.74
C THR B 300 -4.68 0.50 1.98
N ALA B 301 -5.14 0.19 0.76
CA ALA B 301 -4.57 -0.79 -0.16
C ALA B 301 -4.96 -0.38 -1.57
N PHE B 302 -4.08 -0.64 -2.54
CA PHE B 302 -4.36 -0.29 -3.94
C PHE B 302 -4.96 -1.42 -4.74
N GLY B 303 -5.56 -1.09 -5.86
CA GLY B 303 -6.19 -2.10 -6.70
C GLY B 303 -5.71 -2.15 -8.15
N LEU B 304 -6.41 -1.40 -9.04
CA LEU B 304 -6.23 -1.38 -10.49
C LEU B 304 -5.88 0.02 -10.97
N VAL B 305 -4.74 0.16 -11.69
CA VAL B 305 -4.32 1.47 -12.24
C VAL B 305 -4.51 1.47 -13.77
N ASP B 306 -5.47 2.31 -14.25
CA ASP B 306 -5.90 2.44 -15.65
C ASP B 306 -5.72 3.82 -16.18
N HIS B 307 -4.97 3.93 -17.27
CA HIS B 307 -4.74 5.23 -17.89
C HIS B 307 -5.87 5.46 -18.88
N ILE B 308 -6.38 6.70 -18.92
CA ILE B 308 -7.48 7.09 -19.81
C ILE B 308 -6.91 7.44 -21.20
N ASP B 309 -6.67 6.41 -22.03
CA ASP B 309 -6.11 6.56 -23.38
C ASP B 309 -7.03 7.41 -24.26
N PRO B 310 -6.60 8.61 -24.72
CA PRO B 310 -7.46 9.41 -25.59
C PRO B 310 -7.83 8.66 -26.88
N LYS B 311 -6.88 7.80 -27.39
CA LYS B 311 -7.04 6.97 -28.60
C LYS B 311 -8.21 6.01 -28.50
N LYS B 312 -8.55 5.57 -27.27
CA LYS B 312 -9.70 4.69 -27.02
C LYS B 312 -11.05 5.37 -27.37
N MET B 313 -11.12 6.73 -27.22
CA MET B 313 -12.27 7.56 -27.53
C MET B 313 -12.26 7.84 -29.04
N VAL B 314 -11.09 8.24 -29.55
CA VAL B 314 -10.86 8.59 -30.94
C VAL B 314 -11.18 7.38 -31.87
N GLU B 315 -10.88 6.16 -31.41
CA GLU B 315 -11.17 4.91 -32.11
C GLU B 315 -12.67 4.79 -32.40
N ASN B 316 -13.53 5.21 -31.44
CA ASN B 316 -14.97 5.10 -31.56
C ASN B 316 -15.65 6.37 -32.12
N TYR B 317 -14.89 7.26 -32.77
CA TYR B 317 -15.47 8.41 -33.41
C TYR B 317 -16.14 7.91 -34.72
N PRO B 318 -17.24 8.54 -35.21
CA PRO B 318 -17.79 8.17 -36.52
C PRO B 318 -16.74 8.29 -37.65
N PRO B 319 -16.90 7.55 -38.78
CA PRO B 319 -15.90 7.68 -39.87
C PRO B 319 -15.98 9.01 -40.65
N SER B 320 -17.09 9.75 -40.37
CA SER B 320 -17.47 11.05 -40.88
C SER B 320 -16.36 12.00 -40.48
N TRP B 321 -15.90 11.82 -39.23
CA TRP B 321 -14.93 12.62 -38.49
C TRP B 321 -13.48 12.53 -38.96
N LYS B 322 -13.15 11.54 -39.82
CA LYS B 322 -11.81 11.36 -40.39
C LYS B 322 -11.60 12.43 -41.49
N THR B 323 -12.71 12.90 -42.06
CA THR B 323 -12.79 13.86 -43.16
C THR B 323 -13.76 14.99 -42.73
N PRO B 324 -13.38 15.87 -41.78
CA PRO B 324 -14.36 16.85 -41.28
C PRO B 324 -14.39 18.18 -42.04
N LYS B 325 -13.56 18.33 -43.07
CA LYS B 325 -13.56 19.54 -43.92
C LYS B 325 -14.57 19.33 -45.08
N TRP B 326 -15.32 18.23 -45.03
CA TRP B 326 -16.28 17.77 -46.03
C TRP B 326 -17.57 17.34 -45.35
N ASN B 327 -18.68 17.19 -46.13
CA ASN B 327 -19.98 16.73 -45.65
C ASN B 327 -20.72 15.94 -46.74
N HIS B 328 -21.85 15.28 -46.39
CA HIS B 328 -22.60 14.41 -47.29
C HIS B 328 -23.09 15.11 -48.55
N HIS B 329 -23.31 16.45 -48.50
CA HIS B 329 -23.72 17.27 -49.66
C HIS B 329 -22.56 17.35 -50.66
N GLY B 330 -21.35 17.27 -50.12
CA GLY B 330 -20.13 17.19 -50.90
C GLY B 330 -19.65 18.39 -51.67
N ILE B 331 -19.30 18.14 -52.94
CA ILE B 331 -18.64 19.06 -53.85
C ILE B 331 -19.46 20.28 -54.16
N TRP B 332 -20.82 20.17 -54.27
CA TRP B 332 -21.59 21.39 -54.56
C TRP B 332 -21.44 22.40 -53.44
N ASP B 333 -21.58 21.91 -52.18
CA ASP B 333 -21.47 22.70 -50.97
C ASP B 333 -20.02 23.14 -50.71
N TYR B 334 -19.04 22.28 -51.06
CA TYR B 334 -17.64 22.60 -50.85
C TYR B 334 -17.26 23.87 -51.57
N ASN B 335 -17.46 23.89 -52.91
CA ASN B 335 -17.15 25.02 -53.80
C ASN B 335 -17.92 26.25 -53.36
N ALA B 336 -19.25 26.09 -53.12
CA ALA B 336 -20.15 27.15 -52.67
C ALA B 336 -19.62 27.87 -51.40
N ARG B 337 -19.30 27.11 -50.33
CA ARG B 337 -18.76 27.64 -49.05
C ARG B 337 -17.40 28.25 -49.31
N ASN B 338 -16.51 27.47 -49.93
CA ASN B 338 -15.13 27.85 -50.26
C ASN B 338 -15.05 29.22 -50.93
N LEU B 339 -15.81 29.41 -52.03
CA LEU B 339 -15.87 30.66 -52.81
C LEU B 339 -16.40 31.81 -51.99
N LEU B 340 -17.44 31.52 -51.17
CA LEU B 340 -18.07 32.49 -50.29
C LEU B 340 -17.20 32.84 -49.05
N LEU B 341 -15.88 32.43 -49.06
CA LEU B 341 -14.87 32.62 -48.00
C LEU B 341 -15.40 32.18 -46.63
N GLN B 342 -15.99 30.99 -46.64
CA GLN B 342 -16.62 30.35 -45.51
C GLN B 342 -15.84 29.08 -45.23
N THR B 343 -15.97 28.56 -44.02
CA THR B 343 -15.37 27.31 -43.60
C THR B 343 -16.15 26.15 -44.23
N THR B 344 -15.47 25.13 -44.75
CA THR B 344 -16.14 23.97 -45.34
C THR B 344 -16.32 22.87 -44.29
N GLY B 345 -17.23 21.92 -44.57
CA GLY B 345 -17.49 20.79 -43.70
C GLY B 345 -18.47 20.99 -42.57
N PHE B 346 -18.39 20.12 -41.57
CA PHE B 346 -19.26 20.11 -40.39
C PHE B 346 -18.50 20.38 -39.10
N PHE B 347 -17.16 20.26 -39.18
CA PHE B 347 -16.22 20.47 -38.08
C PHE B 347 -14.87 20.83 -38.70
N ASN B 348 -14.72 22.10 -39.05
CA ASN B 348 -13.50 22.59 -39.69
C ASN B 348 -12.45 23.07 -38.71
N PRO B 349 -11.17 22.69 -38.93
CA PRO B 349 -10.12 23.14 -38.02
C PRO B 349 -10.13 24.64 -37.76
N ARG B 350 -10.34 25.45 -38.81
CA ARG B 350 -10.43 26.91 -38.73
C ARG B 350 -11.48 27.35 -37.67
N ARG B 351 -12.64 26.66 -37.59
CA ARG B 351 -13.64 26.98 -36.58
C ARG B 351 -13.25 26.50 -35.19
N HIS B 352 -13.01 25.18 -35.06
CA HIS B 352 -12.65 24.54 -33.80
C HIS B 352 -11.27 23.84 -33.89
N PRO B 353 -10.15 24.59 -33.74
CA PRO B 353 -8.83 23.94 -33.84
C PRO B 353 -8.45 23.12 -32.63
N GLU B 354 -9.18 23.28 -31.51
CA GLU B 354 -8.95 22.61 -30.23
C GLU B 354 -8.90 21.10 -30.35
N TRP B 355 -9.65 20.56 -31.36
CA TRP B 355 -9.80 19.11 -31.60
C TRP B 355 -8.87 18.53 -32.68
N PHE B 356 -8.06 19.39 -33.32
CA PHE B 356 -7.13 18.91 -34.34
C PHE B 356 -5.72 18.86 -33.81
N ASP B 357 -5.07 17.70 -33.99
CA ASP B 357 -3.72 17.48 -33.50
C ASP B 357 -2.71 18.59 -33.93
N GLU B 358 -2.82 19.08 -35.18
CA GLU B 358 -1.95 20.12 -35.68
C GLU B 358 -2.57 21.54 -35.61
N GLY B 359 -3.59 21.72 -34.77
CA GLY B 359 -4.28 23.00 -34.57
C GLY B 359 -4.58 23.81 -35.82
N GLN B 360 -4.29 25.11 -35.75
CA GLN B 360 -4.51 26.09 -36.82
C GLN B 360 -3.72 25.83 -38.10
N ALA B 361 -2.70 24.91 -38.06
CA ALA B 361 -1.91 24.53 -39.24
C ALA B 361 -2.76 23.99 -40.39
N LYS B 362 -3.91 23.37 -40.05
CA LYS B 362 -4.85 22.84 -41.02
C LYS B 362 -6.10 23.71 -41.11
N ALA B 363 -6.02 24.98 -40.61
CA ALA B 363 -7.14 25.93 -40.59
C ALA B 363 -7.42 26.63 -41.94
N ASP B 364 -7.87 25.83 -42.91
CA ASP B 364 -8.26 26.21 -44.27
C ASP B 364 -9.18 25.11 -44.83
N ASN B 365 -9.44 25.10 -46.13
CA ASN B 365 -10.32 24.10 -46.70
C ASN B 365 -9.58 23.04 -47.52
N THR B 366 -8.26 23.24 -47.71
CA THR B 366 -7.38 22.37 -48.50
C THR B 366 -7.40 20.92 -48.06
N SER B 367 -7.16 19.99 -49.02
CA SER B 367 -7.14 18.53 -48.83
C SER B 367 -8.30 18.02 -47.91
N PRO B 368 -9.59 18.14 -48.34
CA PRO B 368 -10.70 17.71 -47.48
C PRO B 368 -10.89 16.19 -47.40
N GLY B 369 -10.17 15.47 -48.25
CA GLY B 369 -10.21 14.01 -48.36
C GLY B 369 -10.92 13.61 -49.63
N PHE B 370 -11.22 14.61 -50.46
CA PHE B 370 -11.92 14.45 -51.72
C PHE B 370 -11.31 15.41 -52.75
N LYS B 371 -11.06 14.91 -53.98
CA LYS B 371 -10.47 15.70 -55.07
C LYS B 371 -11.30 16.94 -55.35
N VAL B 372 -10.69 18.11 -55.19
CA VAL B 372 -11.33 19.41 -55.43
C VAL B 372 -10.44 20.27 -56.31
N GLY B 373 -11.09 21.10 -57.11
CA GLY B 373 -10.42 22.04 -58.00
C GLY B 373 -9.51 21.45 -59.06
N ASP B 374 -9.83 20.23 -59.55
CA ASP B 374 -9.05 19.60 -60.62
C ASP B 374 -9.33 20.37 -61.92
N THR B 375 -8.34 20.36 -62.85
CA THR B 375 -8.40 21.01 -64.17
C THR B 375 -9.68 20.66 -64.94
N ASP B 376 -10.15 19.41 -64.76
CA ASP B 376 -11.38 18.84 -65.31
C ASP B 376 -12.29 18.57 -64.12
N HIS B 377 -13.40 19.30 -64.03
CA HIS B 377 -14.35 19.22 -62.92
C HIS B 377 -14.98 17.83 -62.74
N LYS B 378 -15.17 17.05 -63.81
CA LYS B 378 -15.79 15.73 -63.67
C LYS B 378 -14.82 14.68 -63.07
N LYS B 379 -13.72 15.16 -62.48
CA LYS B 379 -12.74 14.33 -61.77
C LYS B 379 -12.81 14.67 -60.27
N ASP B 380 -13.58 15.74 -59.91
CA ASP B 380 -13.81 16.22 -58.53
C ASP B 380 -14.81 15.33 -57.76
N GLY B 381 -14.77 15.44 -56.44
CA GLY B 381 -15.67 14.73 -55.54
C GLY B 381 -15.38 13.26 -55.33
N PHE B 382 -14.17 12.80 -55.71
CA PHE B 382 -13.72 11.42 -55.55
C PHE B 382 -12.86 11.33 -54.31
N LYS B 383 -12.96 10.20 -53.60
CA LYS B 383 -12.22 9.97 -52.35
C LYS B 383 -10.71 9.99 -52.58
N LYS B 384 -10.02 10.93 -51.92
CA LYS B 384 -8.57 11.09 -51.96
C LYS B 384 -8.00 11.03 -50.53
N ASN B 385 -6.68 11.19 -50.38
CA ASN B 385 -6.01 11.14 -49.08
C ASN B 385 -6.23 12.40 -48.24
N SER B 386 -6.59 12.21 -46.97
CA SER B 386 -6.80 13.27 -45.99
C SER B 386 -5.63 13.28 -44.97
N SER B 387 -5.49 14.40 -44.27
CA SER B 387 -4.46 14.61 -43.25
C SER B 387 -5.01 15.57 -42.18
N SER B 388 -6.35 15.64 -42.07
CA SER B 388 -7.02 16.54 -41.15
C SER B 388 -8.11 15.89 -40.25
N PRO B 389 -7.97 14.66 -39.69
CA PRO B 389 -9.07 14.11 -38.85
C PRO B 389 -9.24 14.76 -37.49
N ILE B 390 -10.46 14.56 -36.90
CA ILE B 390 -10.79 15.02 -35.55
C ILE B 390 -10.05 14.08 -34.63
N ALA B 391 -9.41 14.63 -33.61
CA ALA B 391 -8.66 13.86 -32.63
C ALA B 391 -9.08 14.29 -31.22
N LEU B 392 -8.15 14.20 -30.25
CA LEU B 392 -8.37 14.60 -28.86
C LEU B 392 -7.05 15.12 -28.24
N PRO B 393 -6.59 16.32 -28.66
CA PRO B 393 -5.33 16.86 -28.12
C PRO B 393 -5.46 17.31 -26.66
N PHE B 394 -4.31 17.54 -25.96
CA PHE B 394 -4.17 17.92 -24.54
C PHE B 394 -5.31 18.78 -24.01
N GLU B 395 -5.54 19.91 -24.69
CA GLU B 395 -6.55 20.94 -24.48
C GLU B 395 -7.98 20.35 -24.34
N ALA B 396 -8.48 19.74 -25.42
CA ALA B 396 -9.78 19.10 -25.47
C ALA B 396 -9.85 17.86 -24.59
N TYR B 397 -8.73 17.14 -24.46
CA TYR B 397 -8.62 15.92 -23.67
C TYR B 397 -8.90 16.18 -22.19
N PHE B 398 -8.13 17.09 -21.56
CA PHE B 398 -8.29 17.40 -20.14
C PHE B 398 -9.61 18.08 -19.83
N ALA B 399 -10.23 18.71 -20.84
CA ALA B 399 -11.54 19.31 -20.71
C ALA B 399 -12.56 18.20 -20.45
N ASN B 400 -12.26 16.97 -20.98
CA ASN B 400 -13.08 15.76 -20.84
C ASN B 400 -12.59 14.88 -19.65
N ILE B 401 -11.74 15.45 -18.78
CA ILE B 401 -11.28 14.77 -17.59
C ILE B 401 -11.93 15.39 -16.36
N GLY B 402 -12.85 14.63 -15.77
CA GLY B 402 -13.62 15.01 -14.59
C GLY B 402 -14.97 14.34 -14.62
N ASN B 403 -15.79 14.62 -13.58
CA ASN B 403 -17.15 14.10 -13.38
C ASN B 403 -17.24 12.61 -13.72
N MET B 404 -16.72 11.78 -12.78
CA MET B 404 -16.73 10.31 -12.85
C MET B 404 -17.79 9.69 -11.92
N VAL B 405 -18.54 8.65 -12.40
CA VAL B 405 -19.59 7.92 -11.64
C VAL B 405 -19.48 6.41 -11.81
N ALA B 406 -19.68 5.68 -10.68
CA ALA B 406 -19.61 4.22 -10.64
C ALA B 406 -20.99 3.60 -10.70
N ILE B 407 -21.29 2.93 -11.80
CA ILE B 407 -22.59 2.29 -11.99
C ILE B 407 -22.28 0.83 -12.26
N GLY B 408 -22.60 -0.01 -11.26
CA GLY B 408 -22.37 -1.44 -11.33
C GLY B 408 -20.91 -1.79 -11.42
N ASN B 409 -20.54 -2.64 -12.39
CA ASN B 409 -19.15 -3.02 -12.54
C ASN B 409 -18.31 -2.04 -13.41
N SER B 410 -18.88 -0.86 -13.74
CA SER B 410 -18.19 0.16 -14.56
C SER B 410 -18.03 1.52 -13.87
N VAL B 411 -17.00 2.27 -14.30
CA VAL B 411 -16.74 3.64 -13.86
C VAL B 411 -16.71 4.51 -15.09
N PHE B 412 -17.54 5.58 -15.08
CA PHE B 412 -17.69 6.50 -16.21
C PHE B 412 -17.10 7.88 -15.93
N ILE B 413 -16.47 8.48 -16.95
CA ILE B 413 -15.90 9.84 -16.91
C ILE B 413 -16.64 10.67 -17.98
N PHE B 414 -17.49 11.61 -17.54
CA PHE B 414 -18.28 12.44 -18.44
C PHE B 414 -17.61 13.71 -18.84
N GLY B 415 -16.59 14.10 -18.08
CA GLY B 415 -15.79 15.29 -18.35
C GLY B 415 -16.11 16.48 -17.47
N GLY B 416 -15.26 17.50 -17.56
CA GLY B 416 -15.40 18.73 -16.80
C GLY B 416 -15.95 19.90 -17.58
N ASN B 417 -15.93 21.11 -16.97
CA ASN B 417 -16.39 22.36 -17.59
C ASN B 417 -15.36 22.89 -18.61
N GLY B 418 -14.20 22.24 -18.69
CA GLY B 418 -13.13 22.62 -19.61
C GLY B 418 -12.34 23.85 -19.24
N HIS B 419 -12.50 24.35 -17.98
CA HIS B 419 -11.79 25.54 -17.52
C HIS B 419 -10.30 25.34 -17.33
N ALA B 420 -9.89 24.08 -17.08
CA ALA B 420 -8.50 23.73 -16.86
C ALA B 420 -7.60 24.05 -18.04
N THR B 421 -8.15 24.01 -19.27
CA THR B 421 -7.45 24.29 -20.51
C THR B 421 -8.04 25.50 -21.32
N LYS B 422 -9.18 26.09 -20.85
CA LYS B 422 -9.86 27.21 -21.51
C LYS B 422 -9.13 28.54 -21.43
N MET B 423 -8.86 29.12 -22.61
CA MET B 423 -8.26 30.44 -22.81
C MET B 423 -9.41 31.37 -23.22
N PHE B 424 -9.16 32.68 -23.44
CA PHE B 424 -10.22 33.61 -23.83
C PHE B 424 -10.72 33.31 -25.21
N THR B 425 -9.82 32.83 -26.09
CA THR B 425 -10.19 32.52 -27.49
C THR B 425 -10.26 30.99 -27.79
N THR B 426 -10.35 30.17 -26.75
CA THR B 426 -10.44 28.73 -26.92
C THR B 426 -11.70 28.22 -26.22
N ASN B 427 -12.23 27.07 -26.69
CA ASN B 427 -13.41 26.47 -26.09
C ASN B 427 -13.22 24.95 -25.95
N PRO B 428 -12.25 24.49 -25.09
CA PRO B 428 -12.05 23.05 -24.93
C PRO B 428 -13.23 22.45 -24.17
N LEU B 429 -13.81 21.37 -24.70
CA LEU B 429 -14.99 20.76 -24.10
C LEU B 429 -14.97 19.22 -24.13
N SER B 430 -15.87 18.62 -23.32
CA SER B 430 -16.04 17.17 -23.24
C SER B 430 -16.78 16.69 -24.49
N ILE B 431 -16.07 15.94 -25.36
CA ILE B 431 -16.63 15.42 -26.62
C ILE B 431 -17.47 14.13 -26.41
N GLY B 432 -17.19 13.38 -25.33
CA GLY B 432 -17.87 12.14 -25.00
C GLY B 432 -17.73 11.64 -23.58
N VAL B 433 -17.95 10.31 -23.38
CA VAL B 433 -17.85 9.60 -22.11
C VAL B 433 -16.79 8.53 -22.21
N PHE B 434 -16.01 8.35 -21.15
CA PHE B 434 -15.00 7.31 -20.99
C PHE B 434 -15.54 6.26 -20.00
N ARG B 435 -15.29 4.96 -20.21
CA ARG B 435 -15.78 3.95 -19.28
C ARG B 435 -14.82 2.79 -19.03
N ILE B 436 -14.40 2.69 -17.78
CA ILE B 436 -13.59 1.58 -17.34
C ILE B 436 -14.54 0.51 -16.83
N LYS B 437 -14.63 -0.60 -17.59
CA LYS B 437 -15.44 -1.78 -17.26
C LYS B 437 -14.58 -2.81 -16.48
N TYR B 438 -14.79 -2.82 -15.15
CA TYR B 438 -14.11 -3.70 -14.21
C TYR B 438 -14.78 -5.06 -14.15
N THR B 439 -13.97 -6.12 -14.05
CA THR B 439 -14.43 -7.51 -14.04
C THR B 439 -13.78 -8.28 -12.88
N ASP B 440 -14.24 -9.51 -12.64
CA ASP B 440 -13.68 -10.43 -11.66
C ASP B 440 -13.35 -9.77 -10.33
N ASN B 441 -14.40 -9.34 -9.60
CA ASN B 441 -14.32 -8.60 -8.32
C ASN B 441 -13.38 -7.39 -8.39
N PHE B 442 -13.45 -6.69 -9.56
CA PHE B 442 -12.69 -5.48 -9.87
C PHE B 442 -11.17 -5.74 -9.88
N SER B 443 -10.77 -6.96 -10.34
CA SER B 443 -9.39 -7.42 -10.49
C SER B 443 -8.87 -7.25 -11.94
N LYS B 444 -9.80 -7.17 -12.89
CA LYS B 444 -9.50 -6.94 -14.30
C LYS B 444 -10.25 -5.68 -14.77
N SER B 445 -9.75 -4.98 -15.81
CA SER B 445 -10.36 -3.73 -16.31
C SER B 445 -10.30 -3.61 -17.83
N SER B 446 -11.18 -2.79 -18.41
CA SER B 446 -11.25 -2.51 -19.84
C SER B 446 -11.63 -1.03 -20.04
N VAL B 447 -10.77 -0.24 -20.75
CA VAL B 447 -11.06 1.19 -20.95
C VAL B 447 -11.54 1.49 -22.37
N THR B 448 -12.62 2.31 -22.49
CA THR B 448 -13.24 2.72 -23.75
C THR B 448 -13.81 4.15 -23.67
N GLY B 449 -14.03 4.75 -24.83
CA GLY B 449 -14.60 6.08 -24.96
C GLY B 449 -15.61 6.14 -26.08
N TRP B 450 -16.81 6.70 -25.83
CA TRP B 450 -17.85 6.88 -26.84
C TRP B 450 -18.14 8.37 -26.99
N PRO B 451 -18.12 8.96 -28.21
CA PRO B 451 -18.44 10.39 -28.36
C PRO B 451 -19.92 10.67 -28.11
N TYR B 452 -20.24 11.84 -27.50
CA TYR B 452 -21.62 12.22 -27.19
C TYR B 452 -22.49 12.17 -28.40
N ALA B 453 -21.92 12.53 -29.58
CA ALA B 453 -22.59 12.50 -30.88
C ALA B 453 -23.36 11.23 -31.17
N VAL B 454 -22.77 10.04 -30.87
CA VAL B 454 -23.44 8.75 -31.08
C VAL B 454 -24.45 8.47 -29.98
N LEU B 455 -24.10 8.80 -28.72
CA LEU B 455 -24.97 8.63 -27.56
C LEU B 455 -26.25 9.49 -27.63
N PHE B 456 -26.18 10.60 -28.37
CA PHE B 456 -27.28 11.56 -28.56
C PHE B 456 -27.96 11.48 -29.96
N GLY B 457 -27.67 10.44 -30.73
CA GLY B 457 -28.23 10.26 -32.06
C GLY B 457 -29.73 10.09 -32.10
N GLY B 458 -30.27 9.46 -31.06
CA GLY B 458 -31.70 9.19 -30.91
C GLY B 458 -32.56 10.36 -30.50
N LEU B 459 -31.98 11.59 -30.47
CA LEU B 459 -32.65 12.82 -30.04
C LEU B 459 -33.80 13.26 -30.95
N ILE B 460 -34.98 13.45 -30.31
CA ILE B 460 -36.27 13.84 -30.90
C ILE B 460 -37.01 14.83 -30.02
N ASN B 461 -37.78 15.75 -30.67
CA ASN B 461 -38.55 16.82 -30.06
C ASN B 461 -39.36 16.36 -28.84
N PRO B 462 -40.16 15.25 -28.93
CA PRO B 462 -40.93 14.80 -27.77
C PRO B 462 -40.17 14.59 -26.43
N GLN B 463 -38.82 14.45 -26.47
CA GLN B 463 -38.02 14.26 -25.24
C GLN B 463 -37.97 15.53 -24.36
N THR B 464 -38.15 16.73 -24.98
CA THR B 464 -38.18 18.01 -24.26
C THR B 464 -39.60 18.51 -24.05
N ASN B 465 -39.79 19.37 -23.04
CA ASN B 465 -41.09 19.96 -22.67
C ASN B 465 -41.04 21.50 -22.76
N GLY B 466 -39.92 22.00 -23.22
CA GLY B 466 -39.68 23.43 -23.40
C GLY B 466 -39.65 23.77 -24.86
N LEU B 467 -38.53 24.41 -25.31
CA LEU B 467 -38.37 24.80 -26.71
C LEU B 467 -38.19 23.59 -27.63
N LYS B 468 -38.86 23.64 -28.80
CA LYS B 468 -38.86 22.60 -29.81
C LYS B 468 -38.11 23.03 -31.06
N ASP B 469 -37.66 22.06 -31.85
CA ASP B 469 -36.95 22.20 -33.12
C ASP B 469 -35.56 22.78 -32.96
N LEU B 470 -34.96 22.62 -31.77
CA LEU B 470 -33.60 23.09 -31.51
C LEU B 470 -32.61 22.32 -32.38
N PRO B 471 -31.54 22.95 -32.89
CA PRO B 471 -30.58 22.20 -33.72
C PRO B 471 -29.71 21.19 -32.93
N LEU B 472 -30.31 20.00 -32.61
CA LEU B 472 -29.62 18.90 -31.89
C LEU B 472 -29.72 17.58 -32.67
N GLY B 473 -30.25 17.67 -33.90
CA GLY B 473 -30.40 16.57 -34.84
C GLY B 473 -29.12 16.30 -35.59
N THR B 474 -28.97 15.04 -36.03
CA THR B 474 -27.80 14.55 -36.75
C THR B 474 -28.30 13.63 -37.85
N ASN B 475 -27.45 12.77 -38.41
CA ASN B 475 -27.78 11.84 -39.52
C ASN B 475 -26.75 10.71 -39.58
N ARG B 476 -26.92 9.73 -40.53
CA ARG B 476 -26.05 8.55 -40.70
C ARG B 476 -24.55 8.88 -40.56
N TRP B 477 -24.11 9.99 -41.17
CA TRP B 477 -22.74 10.53 -41.03
C TRP B 477 -22.96 11.52 -39.89
N PHE B 478 -22.39 11.29 -38.70
CA PHE B 478 -22.74 12.14 -37.56
C PHE B 478 -22.12 13.53 -37.65
N GLU B 479 -22.79 14.42 -38.39
CA GLU B 479 -22.35 15.78 -38.68
C GLU B 479 -22.52 16.72 -37.51
N TYR B 480 -23.47 16.40 -36.62
CA TYR B 480 -23.66 17.19 -35.41
C TYR B 480 -22.74 16.57 -34.38
N VAL B 481 -21.84 17.40 -33.86
CA VAL B 481 -20.81 17.06 -32.90
C VAL B 481 -21.10 17.75 -31.54
N PRO B 482 -22.04 17.23 -30.72
CA PRO B 482 -22.28 17.85 -29.41
C PRO B 482 -21.08 17.67 -28.50
N ARG B 483 -20.74 18.74 -27.80
CA ARG B 483 -19.67 18.83 -26.81
C ARG B 483 -20.25 19.53 -25.58
N MET B 484 -19.69 19.26 -24.39
CA MET B 484 -20.25 19.80 -23.16
C MET B 484 -19.26 20.43 -22.19
N ALA B 485 -19.79 21.31 -21.34
CA ALA B 485 -19.16 21.92 -20.17
C ALA B 485 -19.98 21.27 -19.03
N VAL B 486 -19.62 20.01 -18.71
CA VAL B 486 -20.30 19.13 -17.77
C VAL B 486 -20.33 19.67 -16.33
N SER B 487 -21.55 19.89 -15.82
CA SER B 487 -21.82 20.29 -14.44
C SER B 487 -21.60 19.08 -13.55
N GLY B 488 -22.13 17.93 -13.98
CA GLY B 488 -22.01 16.66 -13.29
C GLY B 488 -22.98 15.61 -13.78
N VAL B 489 -22.79 14.36 -13.33
CA VAL B 489 -23.69 13.24 -13.57
C VAL B 489 -24.01 12.74 -12.20
N LYS B 490 -25.28 12.77 -11.87
CA LYS B 490 -25.73 12.37 -10.55
C LYS B 490 -27.09 11.64 -10.57
N TRP B 491 -27.40 10.93 -9.48
CA TRP B 491 -28.68 10.25 -9.40
C TRP B 491 -29.62 11.23 -8.74
N VAL B 492 -30.72 11.56 -9.43
CA VAL B 492 -31.75 12.42 -8.88
C VAL B 492 -32.87 11.45 -8.69
N GLY B 493 -33.00 11.01 -7.45
CA GLY B 493 -33.94 9.96 -7.13
C GLY B 493 -33.39 8.67 -7.73
N ASN B 494 -34.19 8.01 -8.58
CA ASN B 494 -33.79 6.77 -9.25
C ASN B 494 -33.43 7.03 -10.70
N GLN B 495 -33.30 8.31 -11.07
CA GLN B 495 -33.00 8.72 -12.44
C GLN B 495 -31.60 9.24 -12.59
N LEU B 496 -30.91 8.86 -13.67
CA LEU B 496 -29.51 9.32 -13.84
C LEU B 496 -29.44 10.60 -14.66
N VAL B 497 -29.08 11.73 -14.01
CA VAL B 497 -29.05 13.02 -14.68
C VAL B 497 -27.65 13.52 -15.01
N LEU B 498 -27.45 13.86 -16.28
CA LEU B 498 -26.24 14.47 -16.80
C LEU B 498 -26.63 15.93 -17.06
N ALA B 499 -25.97 16.90 -16.43
CA ALA B 499 -26.29 18.32 -16.61
C ALA B 499 -25.11 19.18 -17.04
N GLY B 500 -25.36 20.45 -17.36
CA GLY B 500 -24.33 21.39 -17.79
C GLY B 500 -24.73 22.20 -19.01
N THR B 501 -23.76 22.55 -19.86
CA THR B 501 -24.05 23.31 -21.09
C THR B 501 -23.53 22.58 -22.31
N LEU B 502 -24.38 22.53 -23.34
CA LEU B 502 -24.20 21.82 -24.59
C LEU B 502 -23.99 22.73 -25.80
N THR B 503 -23.16 22.25 -26.74
CA THR B 503 -22.93 22.94 -28.00
C THR B 503 -23.96 22.45 -28.99
N MET B 504 -24.95 23.30 -29.29
CA MET B 504 -25.99 23.04 -30.30
C MET B 504 -25.33 23.13 -31.70
N GLY B 505 -26.13 22.82 -32.72
CA GLY B 505 -25.74 22.92 -34.12
C GLY B 505 -25.60 24.38 -34.50
N ASP B 506 -24.85 24.65 -35.59
CA ASP B 506 -24.69 26.02 -36.04
C ASP B 506 -25.95 26.54 -36.66
N THR B 507 -26.37 27.70 -36.17
CA THR B 507 -27.63 28.37 -36.49
C THR B 507 -27.36 29.78 -37.11
N ALA B 508 -26.30 30.48 -36.67
CA ALA B 508 -25.96 31.83 -37.15
C ALA B 508 -25.29 31.92 -38.55
N THR B 509 -24.81 30.78 -39.10
CA THR B 509 -24.16 30.71 -40.42
C THR B 509 -24.97 29.84 -41.40
N VAL B 510 -26.20 29.45 -40.98
CA VAL B 510 -27.17 28.69 -41.79
C VAL B 510 -27.47 29.44 -43.08
N PRO B 511 -27.83 30.76 -43.08
CA PRO B 511 -28.06 31.45 -44.36
C PRO B 511 -26.74 31.65 -45.10
N ARG B 512 -26.80 31.66 -46.46
CA ARG B 512 -25.60 31.89 -47.26
C ARG B 512 -25.72 33.17 -48.05
N LEU B 513 -24.62 33.92 -48.21
CA LEU B 513 -24.67 35.19 -48.94
C LEU B 513 -24.69 35.02 -50.48
N LYS B 514 -25.11 36.08 -51.20
CA LYS B 514 -25.04 36.18 -52.65
C LYS B 514 -23.56 36.57 -52.90
N TYR B 515 -22.87 35.83 -53.81
CA TYR B 515 -21.43 35.95 -54.06
C TYR B 515 -20.85 37.37 -54.07
N ASP B 516 -21.65 38.40 -54.39
CA ASP B 516 -21.09 39.76 -54.39
C ASP B 516 -21.19 40.46 -53.05
N GLN B 517 -22.25 40.16 -52.27
CA GLN B 517 -22.54 40.80 -50.99
C GLN B 517 -21.54 40.56 -49.80
N LEU B 518 -20.34 40.00 -50.06
CA LEU B 518 -19.40 39.68 -48.99
C LEU B 518 -18.89 40.87 -48.18
N GLU B 519 -18.54 41.98 -48.86
CA GLU B 519 -17.91 43.15 -48.21
C GLU B 519 -18.89 44.02 -47.44
N LYS B 520 -20.20 43.89 -47.70
CA LYS B 520 -21.22 44.66 -46.97
C LYS B 520 -21.66 43.98 -45.65
N HIS B 521 -21.50 42.63 -45.57
CA HIS B 521 -21.91 41.74 -44.47
C HIS B 521 -20.76 41.12 -43.64
N LEU B 522 -19.73 41.91 -43.38
CA LEU B 522 -18.50 41.52 -42.70
C LEU B 522 -18.68 40.67 -41.42
N ASN B 523 -19.60 41.08 -40.51
CA ASN B 523 -19.85 40.37 -39.25
C ASN B 523 -20.19 38.89 -39.54
N LEU B 524 -21.13 38.67 -40.47
CA LEU B 524 -21.59 37.35 -40.90
C LEU B 524 -20.50 36.52 -41.55
N VAL B 525 -19.65 37.16 -42.40
CA VAL B 525 -18.54 36.50 -43.12
C VAL B 525 -17.58 35.94 -42.11
N ALA B 526 -17.20 36.77 -41.11
CA ALA B 526 -16.32 36.45 -39.99
C ALA B 526 -16.82 35.30 -39.15
N GLN B 527 -18.15 35.17 -39.01
CA GLN B 527 -18.77 34.06 -38.30
C GLN B 527 -18.51 32.76 -39.07
N GLY B 528 -18.61 32.79 -40.42
CA GLY B 528 -18.32 31.64 -41.27
C GLY B 528 -16.83 31.36 -41.42
N GLN B 529 -16.04 32.43 -41.37
CA GLN B 529 -14.59 32.42 -41.52
C GLN B 529 -13.88 31.85 -40.31
N GLY B 530 -14.57 31.77 -39.19
CA GLY B 530 -13.99 31.30 -37.95
C GLY B 530 -13.34 32.39 -37.12
N LEU B 531 -13.31 33.66 -37.63
CA LEU B 531 -12.74 34.82 -36.93
C LEU B 531 -13.64 35.33 -35.80
N LEU B 532 -14.92 35.58 -36.12
CA LEU B 532 -15.89 36.01 -35.11
C LEU B 532 -16.52 34.76 -34.50
N ARG B 533 -16.07 34.41 -33.28
CA ARG B 533 -16.55 33.24 -32.57
C ARG B 533 -17.90 33.47 -31.85
N GLU B 534 -18.82 34.19 -32.53
CA GLU B 534 -20.16 34.50 -32.02
C GLU B 534 -21.16 33.48 -32.51
N ASP B 535 -21.82 32.82 -31.57
CA ASP B 535 -22.81 31.78 -31.87
C ASP B 535 -24.23 32.34 -32.18
N LEU B 536 -24.53 33.55 -31.62
CA LEU B 536 -25.80 34.24 -31.79
C LEU B 536 -25.95 34.65 -33.23
N GLN B 537 -27.20 34.67 -33.69
CA GLN B 537 -27.56 35.06 -35.05
C GLN B 537 -27.45 36.56 -35.19
N ILE B 538 -26.59 37.00 -36.11
CA ILE B 538 -26.51 38.44 -36.36
C ILE B 538 -27.46 38.74 -37.52
N PHE B 539 -28.32 39.73 -37.31
CA PHE B 539 -29.32 40.17 -38.28
C PHE B 539 -28.74 41.07 -39.36
N THR B 540 -28.23 40.44 -40.43
CA THR B 540 -27.68 41.12 -41.62
C THR B 540 -28.29 40.30 -42.77
N PRO B 541 -29.59 40.54 -43.10
CA PRO B 541 -30.26 39.68 -44.08
C PRO B 541 -30.27 40.11 -45.52
N TYR B 542 -30.03 41.40 -45.80
CA TYR B 542 -30.08 41.96 -47.16
C TYR B 542 -29.36 41.09 -48.20
N GLY B 543 -28.10 40.78 -47.94
CA GLY B 543 -27.20 40.07 -48.82
C GLY B 543 -27.38 38.58 -48.99
N TRP B 544 -28.23 37.97 -48.16
CA TRP B 544 -28.49 36.54 -48.21
C TRP B 544 -29.00 36.12 -49.57
N ALA B 545 -28.56 34.96 -50.04
CA ALA B 545 -29.04 34.34 -51.27
C ALA B 545 -30.40 33.76 -50.89
N ASN B 546 -31.38 33.80 -51.82
CA ASN B 546 -32.75 33.30 -51.60
C ASN B 546 -32.81 31.91 -50.96
N ARG B 547 -31.79 31.06 -51.25
CA ARG B 547 -31.61 29.72 -50.71
C ARG B 547 -30.11 29.41 -50.51
N PRO B 548 -29.73 28.76 -49.39
CA PRO B 548 -28.31 28.43 -49.19
C PRO B 548 -27.85 27.23 -50.03
N ASP B 549 -28.80 26.35 -50.47
CA ASP B 549 -28.49 25.15 -51.23
C ASP B 549 -28.33 25.30 -52.76
N ILE B 550 -28.40 26.56 -53.30
CA ILE B 550 -28.22 26.84 -54.75
C ILE B 550 -26.77 26.58 -55.13
N PRO B 551 -26.49 25.69 -56.13
CA PRO B 551 -25.11 25.40 -56.50
C PRO B 551 -24.51 26.50 -57.37
N VAL B 552 -23.17 26.66 -57.32
CA VAL B 552 -22.38 27.69 -58.01
C VAL B 552 -22.72 27.87 -59.51
N GLY B 553 -23.03 26.77 -60.22
CA GLY B 553 -23.41 26.79 -61.62
C GLY B 553 -24.60 27.70 -61.95
N ALA B 554 -25.53 27.81 -61.01
CA ALA B 554 -26.74 28.62 -61.11
C ALA B 554 -26.60 30.09 -60.64
N TRP B 555 -25.41 30.47 -60.18
CA TRP B 555 -25.19 31.82 -59.65
C TRP B 555 -25.12 32.93 -60.71
N LEU B 556 -24.74 32.57 -61.94
CA LEU B 556 -24.58 33.59 -62.96
C LEU B 556 -25.57 33.51 -64.11
N GLN B 557 -26.81 33.05 -63.82
CA GLN B 557 -27.84 33.03 -64.86
C GLN B 557 -28.29 34.45 -65.14
N ASP B 558 -28.53 35.22 -64.08
CA ASP B 558 -28.88 36.62 -64.15
C ASP B 558 -27.82 37.38 -63.38
N GLU B 559 -26.84 37.90 -64.12
CA GLU B 559 -25.72 38.64 -63.57
C GLU B 559 -26.12 40.09 -63.36
N MET B 560 -26.78 40.70 -64.39
CA MET B 560 -27.25 42.09 -64.43
C MET B 560 -28.26 42.40 -63.36
N GLY B 561 -29.03 41.39 -62.98
CA GLY B 561 -30.01 41.48 -61.92
C GLY B 561 -31.40 41.76 -62.42
N SER B 562 -31.51 42.41 -63.60
CA SER B 562 -32.75 42.83 -64.30
C SER B 562 -33.89 41.83 -64.26
N LYS B 563 -33.56 40.55 -64.48
CA LYS B 563 -34.49 39.44 -64.53
C LYS B 563 -35.00 39.06 -63.15
N PHE B 564 -34.36 39.54 -62.03
CA PHE B 564 -34.62 39.14 -60.63
C PHE B 564 -34.49 37.62 -60.56
N GLY B 565 -33.40 37.15 -61.20
CA GLY B 565 -32.99 35.76 -61.39
C GLY B 565 -33.82 34.80 -60.59
N PRO B 566 -34.82 34.17 -61.23
CA PRO B 566 -35.73 33.28 -60.47
C PRO B 566 -35.03 32.19 -59.65
N HIS B 567 -33.90 31.74 -60.17
CA HIS B 567 -33.04 30.72 -59.63
C HIS B 567 -32.33 31.22 -58.35
N TYR B 568 -31.36 32.14 -58.52
CA TYR B 568 -30.47 32.71 -57.52
C TYR B 568 -30.70 34.23 -57.48
N PHE B 569 -31.18 34.73 -56.33
CA PHE B 569 -31.44 36.17 -56.15
C PHE B 569 -31.31 36.61 -54.68
N LEU B 570 -31.19 37.93 -54.41
CA LEU B 570 -31.13 38.48 -53.04
C LEU B 570 -32.43 38.19 -52.31
N ASN B 571 -32.33 37.34 -51.29
CA ASN B 571 -33.42 36.87 -50.43
C ASN B 571 -34.35 38.00 -50.02
N ASN B 572 -35.62 37.91 -50.46
CA ASN B 572 -36.68 38.87 -50.14
C ASN B 572 -38.01 38.12 -50.16
N PRO B 573 -38.67 37.94 -48.99
CA PRO B 573 -39.92 37.16 -48.97
C PRO B 573 -41.10 37.83 -49.64
N ASP B 574 -40.98 39.12 -49.99
CA ASP B 574 -42.07 39.85 -50.64
C ASP B 574 -42.22 39.46 -52.10
N ILE B 575 -41.09 39.19 -52.79
CA ILE B 575 -41.10 38.77 -54.20
C ILE B 575 -41.16 37.21 -54.36
N GLN B 576 -41.49 36.49 -53.28
CA GLN B 576 -41.65 35.04 -53.34
C GLN B 576 -42.95 34.72 -54.07
N ASP B 577 -43.02 33.50 -54.66
CA ASP B 577 -44.19 33.04 -55.39
C ASP B 577 -45.21 32.44 -54.46
N ASN B 578 -46.48 32.48 -54.89
CA ASN B 578 -47.62 31.93 -54.15
C ASN B 578 -47.69 30.42 -54.30
N VAL B 579 -48.54 29.78 -53.52
CA VAL B 579 -48.63 28.34 -53.60
C VAL B 579 -49.88 27.92 -54.43
N ASN B 580 -50.50 28.87 -55.17
CA ASN B 580 -51.65 28.57 -56.03
C ASN B 580 -51.28 27.52 -57.08
N ASN B 581 -52.15 26.50 -57.27
CA ASN B 581 -51.95 25.37 -58.19
C ASN B 581 -51.34 25.76 -59.50
N ASP B 582 -51.81 26.83 -60.10
CA ASP B 582 -51.33 27.34 -61.38
C ASP B 582 -49.85 27.75 -61.32
N THR B 583 -49.43 28.43 -60.24
CA THR B 583 -48.05 28.87 -60.02
C THR B 583 -47.12 27.66 -59.90
N VAL B 584 -47.47 26.70 -59.03
CA VAL B 584 -46.72 25.49 -58.73
C VAL B 584 -46.64 24.56 -59.95
N GLU B 585 -47.77 24.41 -60.66
CA GLU B 585 -47.92 23.57 -61.84
C GLU B 585 -46.94 23.98 -62.91
N ALA B 586 -46.91 25.27 -63.21
CA ALA B 586 -46.06 25.83 -64.25
C ALA B 586 -44.59 25.96 -63.88
N LEU B 587 -44.29 26.39 -62.66
CA LEU B 587 -42.93 26.64 -62.21
C LEU B 587 -42.21 25.45 -61.55
N ILE B 588 -42.94 24.44 -61.02
CA ILE B 588 -42.29 23.31 -60.35
C ILE B 588 -42.59 21.96 -61.02
N SER B 589 -43.84 21.47 -60.99
CA SER B 589 -44.22 20.12 -61.51
C SER B 589 -44.00 19.95 -63.03
N SER B 590 -43.76 21.05 -63.77
CA SER B 590 -43.46 21.04 -65.19
C SER B 590 -42.14 20.31 -65.46
N TYR B 591 -41.18 20.45 -64.52
CA TYR B 591 -39.85 19.84 -64.54
C TYR B 591 -39.83 18.65 -63.57
N LYS B 592 -39.43 17.48 -64.06
CA LYS B 592 -39.41 16.29 -63.21
C LYS B 592 -38.01 15.73 -63.08
N ASN B 593 -37.52 15.57 -61.83
CA ASN B 593 -36.19 15.05 -61.51
C ASN B 593 -36.14 13.55 -61.72
N THR B 594 -34.94 13.01 -61.99
CA THR B 594 -34.76 11.60 -62.23
C THR B 594 -33.57 11.03 -61.48
N ASP B 595 -33.16 9.84 -61.93
CA ASP B 595 -32.03 9.04 -61.48
C ASP B 595 -30.71 9.80 -61.75
N LYS B 596 -30.64 10.48 -62.90
CA LYS B 596 -29.47 11.20 -63.39
C LYS B 596 -29.72 12.71 -63.58
N LEU B 597 -30.80 13.26 -62.98
CA LEU B 597 -31.10 14.68 -63.14
C LEU B 597 -31.84 15.32 -61.98
N LYS B 598 -31.37 16.49 -61.54
CA LYS B 598 -31.98 17.34 -60.50
C LYS B 598 -32.15 18.73 -61.11
N HIS B 599 -33.14 19.52 -60.63
CA HIS B 599 -33.40 20.85 -61.19
C HIS B 599 -33.25 22.01 -60.22
N VAL B 600 -32.73 23.14 -60.73
CA VAL B 600 -32.62 24.39 -59.97
C VAL B 600 -33.85 25.13 -60.45
N TYR B 601 -34.99 24.88 -59.79
CA TYR B 601 -36.31 25.41 -60.12
C TYR B 601 -36.38 26.92 -60.24
N PRO B 602 -37.16 27.44 -61.23
CA PRO B 602 -37.30 28.90 -61.39
C PRO B 602 -38.38 29.52 -60.52
N TYR B 603 -38.99 28.72 -59.64
CA TYR B 603 -39.96 29.16 -58.65
C TYR B 603 -39.16 30.05 -57.66
N ARG B 604 -39.65 31.26 -57.39
CA ARG B 604 -38.99 32.19 -56.49
C ARG B 604 -39.20 31.79 -55.02
N TYR B 605 -38.18 31.11 -54.41
CA TYR B 605 -38.23 30.75 -52.97
C TYR B 605 -37.41 31.81 -52.28
N SER B 606 -37.73 32.09 -51.00
CA SER B 606 -37.04 33.02 -50.10
C SER B 606 -37.84 33.21 -48.81
N GLY B 607 -37.13 33.54 -47.73
CA GLY B 607 -37.67 33.76 -46.39
C GLY B 607 -36.63 34.25 -45.42
N LEU B 608 -37.08 34.74 -44.26
CA LEU B 608 -36.18 35.26 -43.24
C LEU B 608 -35.75 34.18 -42.21
N TYR B 609 -34.77 34.51 -41.32
CA TYR B 609 -34.12 33.61 -40.35
C TYR B 609 -34.90 32.34 -40.03
N ALA B 610 -36.09 32.46 -39.47
CA ALA B 610 -36.92 31.32 -39.11
C ALA B 610 -37.07 30.27 -40.25
N TRP B 611 -37.42 30.72 -41.46
CA TRP B 611 -37.59 29.89 -42.66
C TRP B 611 -36.26 29.24 -43.09
N GLN B 612 -35.19 30.04 -43.20
CA GLN B 612 -33.84 29.60 -43.58
C GLN B 612 -33.38 28.48 -42.64
N LEU B 613 -33.61 28.66 -41.32
CA LEU B 613 -33.23 27.70 -40.29
C LEU B 613 -34.09 26.48 -40.42
N PHE B 614 -35.42 26.68 -40.52
CA PHE B 614 -36.39 25.60 -40.63
C PHE B 614 -36.03 24.58 -41.70
N ASN B 615 -35.53 25.02 -42.84
CA ASN B 615 -35.19 24.10 -43.91
C ASN B 615 -33.73 23.70 -43.97
N TRP B 616 -32.78 24.55 -43.49
CA TRP B 616 -31.40 24.16 -43.62
C TRP B 616 -30.61 24.02 -42.32
N SER B 617 -31.27 24.02 -41.17
CA SER B 617 -30.61 23.78 -39.89
C SER B 617 -30.88 22.31 -39.48
N ASN B 618 -30.10 21.80 -38.46
CA ASN B 618 -30.25 20.46 -37.95
C ASN B 618 -31.29 20.41 -36.84
N LYS B 619 -32.48 21.02 -37.09
CA LYS B 619 -33.64 21.06 -36.20
C LYS B 619 -34.05 19.61 -35.81
N LEU B 620 -34.60 19.47 -34.61
CA LEU B 620 -35.10 18.24 -34.03
C LEU B 620 -36.46 17.97 -34.63
N THR B 621 -36.76 16.70 -34.88
CA THR B 621 -38.08 16.31 -35.36
C THR B 621 -38.70 15.20 -34.48
N ASN B 622 -39.58 14.39 -35.07
CA ASN B 622 -40.16 13.30 -34.35
C ASN B 622 -39.41 11.98 -34.62
N THR B 623 -38.55 11.97 -35.67
CA THR B 623 -37.72 10.82 -36.06
C THR B 623 -36.26 11.13 -35.79
N PRO B 624 -35.43 10.15 -35.41
CA PRO B 624 -34.03 10.47 -35.14
C PRO B 624 -33.19 10.38 -36.41
N LEU B 625 -31.95 10.96 -36.40
CA LEU B 625 -31.03 10.96 -37.56
C LEU B 625 -31.70 11.49 -38.86
N SER B 626 -32.60 12.47 -38.65
CA SER B 626 -33.52 13.16 -39.56
C SER B 626 -32.99 14.40 -40.23
N ALA B 627 -31.88 14.98 -39.74
CA ALA B 627 -31.33 16.22 -40.32
C ALA B 627 -30.61 16.03 -41.63
N ASN B 628 -31.21 16.46 -42.74
CA ASN B 628 -30.51 16.35 -44.01
C ASN B 628 -29.48 17.48 -44.15
N PHE B 629 -29.64 18.52 -43.32
CA PHE B 629 -28.74 19.65 -43.28
C PHE B 629 -28.28 19.89 -41.85
N VAL B 630 -26.97 19.81 -41.62
CA VAL B 630 -26.28 20.15 -40.37
C VAL B 630 -25.25 21.12 -40.91
N ASN B 631 -25.45 22.43 -40.64
CA ASN B 631 -24.57 23.48 -41.20
C ASN B 631 -23.13 23.29 -40.72
N GLU B 632 -22.92 23.52 -39.43
CA GLU B 632 -21.67 23.37 -38.70
C GLU B 632 -22.01 23.17 -37.23
N ASN B 633 -21.03 23.35 -36.35
CA ASN B 633 -21.22 23.23 -34.90
C ASN B 633 -20.78 24.51 -34.19
N SER B 634 -21.46 24.85 -33.07
CA SER B 634 -21.19 26.06 -32.33
C SER B 634 -19.78 26.11 -31.76
N TYR B 635 -19.26 27.31 -31.60
CA TYR B 635 -17.93 27.57 -31.05
C TYR B 635 -17.89 27.25 -29.58
N ALA B 636 -18.83 27.87 -28.86
CA ALA B 636 -18.99 27.82 -27.42
C ALA B 636 -20.29 27.11 -27.02
N PRO B 637 -20.40 26.54 -25.79
CA PRO B 637 -21.68 25.92 -25.40
C PRO B 637 -22.76 27.00 -25.52
N ASN B 638 -23.80 26.75 -26.31
CA ASN B 638 -24.82 27.77 -26.51
C ASN B 638 -26.17 27.35 -25.94
N SER B 639 -26.21 26.28 -25.11
CA SER B 639 -27.47 25.82 -24.53
C SER B 639 -27.40 25.17 -23.17
N LEU B 640 -28.37 25.48 -22.28
CA LEU B 640 -28.50 24.82 -20.98
C LEU B 640 -28.94 23.42 -21.29
N PHE B 641 -28.43 22.43 -20.57
CA PHE B 641 -28.78 21.05 -20.91
C PHE B 641 -28.68 20.10 -19.74
N ALA B 642 -29.74 19.34 -19.52
CA ALA B 642 -29.83 18.31 -18.50
C ALA B 642 -30.57 17.19 -19.16
N ALA B 643 -30.13 15.95 -18.93
CA ALA B 643 -30.72 14.77 -19.55
C ALA B 643 -30.73 13.53 -18.69
N ILE B 644 -31.88 12.83 -18.67
CA ILE B 644 -32.08 11.56 -17.98
C ILE B 644 -31.48 10.48 -18.88
N LEU B 645 -30.41 9.85 -18.41
CA LEU B 645 -29.66 8.85 -19.13
C LEU B 645 -30.12 7.46 -18.81
N ASN B 646 -29.84 6.52 -19.74
CA ASN B 646 -30.15 5.10 -19.61
C ASN B 646 -28.94 4.33 -19.02
N GLU B 647 -28.98 4.14 -17.68
CA GLU B 647 -27.97 3.44 -16.88
C GLU B 647 -27.63 2.09 -17.48
N ASP B 648 -28.66 1.27 -17.80
CA ASP B 648 -28.54 -0.06 -18.40
C ASP B 648 -27.84 -0.05 -19.76
N LEU B 649 -28.01 1.02 -20.52
CA LEU B 649 -27.37 1.13 -21.81
C LEU B 649 -25.90 1.43 -21.60
N LEU B 650 -25.60 2.46 -20.78
CA LEU B 650 -24.25 2.91 -20.44
C LEU B 650 -23.41 1.74 -19.94
N THR B 651 -23.98 0.95 -18.99
CA THR B 651 -23.29 -0.20 -18.40
C THR B 651 -23.25 -1.39 -19.32
N GLY B 652 -24.28 -1.54 -20.13
CA GLY B 652 -24.41 -2.68 -21.04
C GLY B 652 -23.63 -2.64 -22.34
N LEU B 653 -23.70 -1.51 -23.05
CA LEU B 653 -23.07 -1.28 -24.35
C LEU B 653 -21.64 -1.79 -24.46
N SER B 654 -21.32 -2.29 -25.66
CA SER B 654 -20.01 -2.84 -25.97
C SER B 654 -18.90 -1.76 -25.99
N ASP B 655 -17.64 -2.17 -25.79
CA ASP B 655 -16.53 -1.24 -25.78
C ASP B 655 -16.33 -0.67 -27.16
N LYS B 656 -16.07 -1.53 -28.19
CA LYS B 656 -15.89 -1.00 -29.54
C LYS B 656 -17.18 -0.94 -30.29
N ILE B 657 -17.40 0.23 -30.87
CA ILE B 657 -18.57 0.55 -31.65
C ILE B 657 -18.19 0.43 -33.10
N PHE B 658 -18.89 -0.46 -33.81
CA PHE B 658 -18.68 -0.77 -35.21
C PHE B 658 -19.69 -0.06 -36.05
N TYR B 659 -19.18 0.86 -36.88
CA TYR B 659 -20.02 1.57 -37.83
C TYR B 659 -20.11 0.76 -39.13
N GLY B 660 -20.91 1.23 -40.08
CA GLY B 660 -21.08 0.59 -41.38
C GLY B 660 -20.78 1.53 -42.53
N LYS B 661 -20.98 1.06 -43.77
CA LYS B 661 -20.75 1.91 -44.92
C LYS B 661 -21.79 3.04 -44.94
N GLU B 662 -22.90 2.84 -44.20
CA GLU B 662 -24.00 3.79 -44.01
C GLU B 662 -23.58 5.01 -43.20
N ASN B 663 -22.47 4.91 -42.47
CA ASN B 663 -21.96 6.03 -41.68
C ASN B 663 -20.85 6.78 -42.41
N GLU B 664 -20.51 6.29 -43.62
CA GLU B 664 -19.44 6.81 -44.46
C GLU B 664 -19.97 7.61 -45.64
N PHE B 665 -19.22 8.68 -46.03
CA PHE B 665 -19.54 9.54 -47.18
C PHE B 665 -19.26 8.78 -48.45
N ALA B 666 -19.98 9.12 -49.53
CA ALA B 666 -19.83 8.44 -50.83
C ALA B 666 -18.46 8.63 -51.46
N GLU B 667 -17.94 7.54 -52.06
CA GLU B 667 -16.62 7.51 -52.69
C GLU B 667 -16.50 8.39 -53.95
N ASN B 668 -17.65 8.77 -54.55
CA ASN B 668 -17.71 9.64 -55.73
C ASN B 668 -19.05 10.37 -55.80
N GLU B 669 -19.08 11.52 -56.50
CA GLU B 669 -20.29 12.35 -56.65
C GLU B 669 -21.49 11.65 -57.34
N ALA B 670 -21.24 10.52 -58.03
CA ALA B 670 -22.29 9.75 -58.67
C ALA B 670 -23.07 8.93 -57.63
N ASP B 671 -22.36 8.25 -56.71
CA ASP B 671 -22.96 7.47 -55.63
C ASP B 671 -23.72 8.47 -54.75
N ARG B 672 -23.04 9.59 -54.40
CA ARG B 672 -23.51 10.70 -53.58
C ARG B 672 -24.84 11.26 -54.04
N PHE B 673 -25.02 11.37 -55.36
CA PHE B 673 -26.19 11.94 -56.00
C PHE B 673 -27.53 11.32 -55.56
N ASN B 674 -27.58 9.99 -55.41
CA ASN B 674 -28.85 9.33 -55.08
C ASN B 674 -28.93 8.79 -53.64
N GLN B 675 -28.09 9.36 -52.74
CA GLN B 675 -28.00 9.04 -51.30
C GLN B 675 -29.37 9.12 -50.59
N LEU B 676 -29.78 8.07 -49.88
CA LEU B 676 -31.02 8.11 -49.09
C LEU B 676 -30.63 8.63 -47.71
N LEU B 677 -31.30 9.66 -47.17
CA LEU B 677 -30.89 10.24 -45.88
C LEU B 677 -30.94 9.23 -44.74
N SER B 678 -31.88 8.27 -44.81
CA SER B 678 -32.02 7.22 -43.79
C SER B 678 -31.73 5.85 -44.38
N LEU B 679 -30.79 5.16 -43.77
CA LEU B 679 -30.37 3.83 -44.17
C LEU B 679 -30.45 2.88 -43.02
N ASN B 680 -30.86 1.63 -43.32
CA ASN B 680 -30.97 0.62 -42.28
C ASN B 680 -29.59 0.03 -41.98
N PRO B 681 -29.16 0.02 -40.69
CA PRO B 681 -27.82 -0.52 -40.36
C PRO B 681 -27.68 -1.98 -40.76
N ASN B 682 -26.50 -2.34 -41.28
CA ASN B 682 -26.29 -3.72 -41.70
C ASN B 682 -26.05 -4.60 -40.48
N PRO B 683 -26.45 -5.89 -40.51
CA PRO B 683 -26.37 -6.74 -39.31
C PRO B 683 -25.01 -6.93 -38.67
N ASN B 684 -23.93 -6.59 -39.38
CA ASN B 684 -22.58 -6.72 -38.84
C ASN B 684 -22.18 -5.54 -37.94
N THR B 685 -22.86 -4.37 -38.08
CA THR B 685 -22.64 -3.16 -37.27
C THR B 685 -23.37 -3.22 -35.91
N ASN B 686 -22.99 -2.34 -34.98
CA ASN B 686 -23.64 -2.22 -33.68
C ASN B 686 -23.86 -0.77 -33.28
N TRP B 687 -23.34 0.16 -34.10
CA TRP B 687 -23.40 1.61 -33.89
C TRP B 687 -24.79 2.11 -33.51
N ALA B 688 -25.80 1.54 -34.16
CA ALA B 688 -27.18 1.88 -33.97
C ALA B 688 -27.67 1.73 -32.52
N ARG B 689 -27.08 0.78 -31.76
CA ARG B 689 -27.50 0.49 -30.39
C ARG B 689 -27.14 1.57 -29.38
N TYR B 690 -26.18 2.45 -29.73
CA TYR B 690 -25.66 3.53 -28.88
C TYR B 690 -26.49 4.81 -28.89
N LEU B 691 -27.39 4.96 -29.89
CA LEU B 691 -28.19 6.16 -30.15
C LEU B 691 -29.14 6.61 -29.01
N ASN B 692 -29.72 5.66 -28.28
CA ASN B 692 -30.72 6.08 -27.33
C ASN B 692 -30.29 6.08 -25.87
N VAL B 693 -29.14 6.73 -25.54
CA VAL B 693 -28.77 6.75 -24.11
C VAL B 693 -29.55 7.87 -23.40
N VAL B 694 -30.00 8.89 -24.16
CA VAL B 694 -30.80 9.98 -23.64
C VAL B 694 -32.26 9.56 -23.67
N GLN B 695 -32.87 9.43 -22.49
CA GLN B 695 -34.27 9.06 -22.38
C GLN B 695 -35.16 10.33 -22.56
N ARG B 696 -34.80 11.43 -21.87
CA ARG B 696 -35.49 12.72 -21.92
C ARG B 696 -34.44 13.78 -21.72
N PHE B 697 -34.81 15.05 -21.93
CA PHE B 697 -33.87 16.16 -21.76
C PHE B 697 -34.58 17.49 -21.56
N THR B 698 -33.86 18.43 -20.91
CA THR B 698 -34.33 19.80 -20.73
C THR B 698 -33.29 20.73 -21.28
N THR B 699 -33.71 21.95 -21.55
CA THR B 699 -32.89 22.96 -22.20
C THR B 699 -33.13 24.36 -21.57
N GLY B 700 -33.94 24.38 -20.51
CA GLY B 700 -34.33 25.57 -19.75
C GLY B 700 -35.75 25.42 -19.24
N PRO B 701 -36.54 26.53 -19.14
CA PRO B 701 -37.92 26.40 -18.65
C PRO B 701 -38.83 25.77 -19.69
N ASN B 702 -39.96 25.22 -19.21
CA ASN B 702 -40.95 24.52 -20.03
C ASN B 702 -41.92 25.49 -20.73
N LEU B 703 -41.38 26.34 -21.63
CA LEU B 703 -42.11 27.33 -22.43
C LEU B 703 -41.67 27.17 -23.90
N ASP B 704 -42.53 27.51 -24.89
CA ASP B 704 -42.14 27.43 -26.30
C ASP B 704 -42.50 28.68 -27.07
N SER B 705 -41.77 28.92 -28.19
CA SER B 705 -41.94 30.04 -29.14
C SER B 705 -42.22 31.38 -28.43
N SER B 706 -43.19 32.15 -28.93
CA SER B 706 -43.57 33.46 -28.44
C SER B 706 -43.80 33.52 -26.91
N THR B 707 -44.38 32.47 -26.33
CA THR B 707 -44.62 32.36 -24.89
C THR B 707 -43.30 32.47 -24.17
N PHE B 708 -42.22 31.84 -24.71
CA PHE B 708 -40.88 31.82 -24.13
C PHE B 708 -40.29 33.22 -24.04
N ASP B 709 -40.51 34.07 -25.07
CA ASP B 709 -39.99 35.45 -25.12
C ASP B 709 -40.47 36.27 -23.94
N GLN B 710 -41.74 36.05 -23.51
CA GLN B 710 -42.37 36.75 -22.38
C GLN B 710 -41.61 36.50 -21.09
N PHE B 711 -41.04 35.29 -20.95
CA PHE B 711 -40.19 34.97 -19.81
C PHE B 711 -38.84 35.65 -19.95
N LEU B 712 -38.23 35.59 -21.14
CA LEU B 712 -36.94 36.24 -21.40
C LEU B 712 -36.94 37.68 -20.91
N ASP B 713 -38.08 38.37 -21.07
CA ASP B 713 -38.21 39.74 -20.61
C ASP B 713 -38.31 39.80 -19.11
N PHE B 714 -39.15 38.92 -18.54
CA PHE B 714 -39.39 38.85 -17.11
C PHE B 714 -38.10 38.77 -16.26
N LEU B 715 -37.04 38.07 -16.76
CA LEU B 715 -35.79 37.92 -16.03
C LEU B 715 -34.93 39.18 -16.09
N PRO B 716 -34.14 39.49 -15.03
CA PRO B 716 -33.31 40.70 -15.08
C PRO B 716 -31.86 40.48 -15.54
N TRP B 717 -31.13 41.58 -15.76
CA TRP B 717 -29.72 41.51 -16.15
C TRP B 717 -28.88 41.66 -14.89
N ILE B 718 -27.99 40.69 -14.61
CA ILE B 718 -27.12 40.67 -13.40
C ILE B 718 -26.38 41.98 -13.15
N GLY B 719 -25.83 42.58 -14.19
CA GLY B 719 -25.08 43.83 -14.08
C GLY B 719 -25.87 44.99 -13.50
N ASN B 720 -27.15 45.11 -13.90
CA ASN B 720 -28.05 46.20 -13.51
C ASN B 720 -29.04 45.94 -12.40
N GLY B 721 -29.62 44.75 -12.43
CA GLY B 721 -30.70 44.37 -11.53
C GLY B 721 -32.00 44.81 -12.16
N LYS B 722 -31.90 45.38 -13.38
CA LYS B 722 -33.01 45.85 -14.16
C LYS B 722 -33.46 44.74 -15.14
N PRO B 723 -34.79 44.53 -15.31
CA PRO B 723 -35.24 43.48 -16.21
C PRO B 723 -35.17 43.91 -17.67
N PHE B 724 -35.15 42.92 -18.56
CA PHE B 724 -35.13 43.10 -20.00
C PHE B 724 -36.45 43.70 -20.49
N SER B 725 -37.50 43.57 -19.68
CA SER B 725 -38.86 44.07 -19.92
C SER B 725 -38.95 45.61 -19.90
N ASN B 726 -38.21 46.28 -18.97
CA ASN B 726 -38.21 47.73 -18.75
C ASN B 726 -39.62 48.20 -18.37
N SER B 727 -40.51 47.28 -17.92
CA SER B 727 -41.92 47.56 -17.62
C SER B 727 -42.15 48.55 -16.45
N PRO B 728 -41.37 48.56 -15.34
CA PRO B 728 -41.66 49.59 -14.30
C PRO B 728 -41.42 51.04 -14.82
N SER B 729 -42.37 51.98 -14.57
CA SER B 729 -42.30 53.39 -15.02
C SER B 729 -41.10 54.16 -14.44
N SER B 736 -46.27 59.35 -24.49
CA SER B 736 -45.81 58.12 -23.84
C SER B 736 -44.34 58.27 -23.44
N SER B 737 -43.45 58.11 -24.43
CA SER B 737 -41.99 57.97 -24.45
C SER B 737 -41.42 57.39 -23.13
N THR B 738 -41.80 56.11 -22.93
CA THR B 738 -41.44 55.18 -21.87
C THR B 738 -40.91 53.92 -22.54
N PRO B 739 -39.79 53.40 -22.07
CA PRO B 739 -39.14 52.25 -22.70
C PRO B 739 -39.98 50.99 -22.89
N LEU B 740 -39.76 50.37 -24.03
CA LEU B 740 -40.40 49.15 -24.49
C LEU B 740 -39.55 47.90 -24.09
N PRO B 741 -40.14 46.69 -24.06
CA PRO B 741 -39.33 45.49 -23.78
C PRO B 741 -38.48 45.05 -24.98
N THR B 742 -37.36 44.38 -24.68
CA THR B 742 -36.40 43.90 -25.68
C THR B 742 -36.87 42.61 -26.43
N PHE B 743 -37.39 41.62 -25.72
CA PHE B 743 -37.78 40.34 -26.32
C PHE B 743 -39.23 40.19 -26.77
N SER B 744 -40.20 40.81 -26.07
CA SER B 744 -41.63 40.70 -26.38
C SER B 744 -42.07 41.59 -27.54
N ASN B 745 -43.20 41.21 -28.12
CA ASN B 745 -43.85 41.93 -29.20
C ASN B 745 -45.18 42.51 -28.69
N ILE B 746 -45.75 41.87 -27.64
CA ILE B 746 -47.01 42.21 -26.96
C ILE B 746 -46.94 43.66 -26.47
N ASN B 747 -47.94 44.47 -26.87
CA ASN B 747 -48.08 45.90 -26.57
C ASN B 747 -46.94 46.76 -27.22
N VAL B 748 -46.23 46.17 -28.21
CA VAL B 748 -45.15 46.83 -28.94
C VAL B 748 -45.61 47.06 -30.37
N GLY B 749 -45.60 48.32 -30.76
CA GLY B 749 -46.00 48.73 -32.09
C GLY B 749 -47.50 48.74 -32.26
N VAL B 750 -47.98 48.06 -33.29
CA VAL B 750 -49.39 48.06 -33.57
C VAL B 750 -49.97 46.65 -33.67
N LYS B 751 -51.24 46.50 -33.29
CA LYS B 751 -51.96 45.24 -33.34
C LYS B 751 -52.48 45.05 -34.77
N SER B 752 -51.92 44.05 -35.48
CA SER B 752 -52.28 43.72 -36.86
C SER B 752 -53.43 42.70 -36.85
N MET B 753 -54.25 42.73 -37.93
CA MET B 753 -55.42 41.86 -37.99
C MET B 753 -55.41 40.62 -38.89
N ILE B 754 -54.29 40.09 -39.38
CA ILE B 754 -54.35 38.87 -40.20
C ILE B 754 -54.87 37.65 -39.36
N THR B 755 -54.79 37.79 -38.01
CA THR B 755 -55.21 36.87 -36.94
C THR B 755 -54.42 35.54 -36.96
N GLN B 756 -54.26 34.98 -35.74
CA GLN B 756 -53.49 33.77 -35.42
C GLN B 756 -54.07 32.47 -35.88
N HIS B 757 -55.40 32.23 -35.68
CA HIS B 757 -56.07 30.96 -35.97
C HIS B 757 -55.16 29.81 -35.45
N LEU B 758 -55.00 29.80 -34.12
CA LEU B 758 -54.18 28.89 -33.33
C LEU B 758 -54.61 27.41 -33.48
N ASN B 759 -54.71 26.65 -32.36
CA ASN B 759 -55.09 25.24 -32.33
C ASN B 759 -54.43 24.49 -33.50
N LYS B 760 -53.12 24.33 -33.37
CA LYS B 760 -52.20 23.68 -34.31
C LYS B 760 -52.56 22.21 -34.62
N GLU B 761 -53.09 21.50 -33.59
CA GLU B 761 -53.46 20.08 -33.63
C GLU B 761 -54.58 19.78 -34.63
N ASN B 762 -55.56 20.69 -34.76
CA ASN B 762 -56.67 20.62 -35.70
C ASN B 762 -56.38 21.45 -37.00
N THR B 763 -57.30 21.33 -38.01
CA THR B 763 -57.21 21.98 -39.33
C THR B 763 -57.50 23.44 -39.26
N ARG B 764 -56.95 24.20 -40.20
CA ARG B 764 -57.18 25.62 -40.20
C ARG B 764 -58.63 26.02 -40.25
N TRP B 765 -58.97 26.98 -39.40
CA TRP B 765 -60.24 27.72 -39.37
C TRP B 765 -61.48 26.94 -38.95
N VAL B 766 -61.37 25.62 -38.67
CA VAL B 766 -62.55 24.86 -38.26
C VAL B 766 -63.03 25.29 -36.88
N PHE B 767 -62.11 25.52 -35.92
CA PHE B 767 -62.54 25.95 -34.60
C PHE B 767 -61.98 27.30 -34.29
N ILE B 768 -62.90 28.30 -34.14
CA ILE B 768 -62.62 29.72 -33.90
C ILE B 768 -62.75 30.07 -32.41
N PRO B 769 -61.69 30.67 -31.82
CA PRO B 769 -61.71 30.94 -30.37
C PRO B 769 -62.64 32.05 -29.93
N ASN B 770 -63.03 32.03 -28.63
CA ASN B 770 -63.90 33.02 -28.00
C ASN B 770 -63.29 34.43 -27.85
N PHE B 771 -62.25 34.74 -28.65
CA PHE B 771 -61.55 36.02 -28.62
C PHE B 771 -60.91 36.31 -29.96
N SER B 772 -60.50 37.57 -30.18
CA SER B 772 -59.84 37.95 -31.43
C SER B 772 -58.32 37.70 -31.28
N PRO B 773 -57.75 36.80 -32.06
CA PRO B 773 -56.31 36.52 -31.93
C PRO B 773 -55.48 37.50 -32.77
N ASP B 774 -55.46 38.78 -32.40
CA ASP B 774 -54.72 39.80 -33.16
C ASP B 774 -53.27 39.84 -32.72
N ILE B 775 -52.33 39.68 -33.67
CA ILE B 775 -50.88 39.63 -33.44
C ILE B 775 -50.28 41.02 -33.46
N TRP B 776 -49.43 41.32 -32.48
CA TRP B 776 -48.71 42.59 -32.44
C TRP B 776 -47.50 42.46 -33.37
N THR B 777 -47.27 43.53 -34.14
CA THR B 777 -46.18 43.61 -35.11
C THR B 777 -44.81 43.67 -34.47
N GLY B 778 -44.76 44.26 -33.28
CA GLY B 778 -43.54 44.49 -32.54
C GLY B 778 -42.95 45.80 -33.01
N ALA B 779 -41.62 45.95 -32.89
CA ALA B 779 -40.90 47.15 -33.30
C ALA B 779 -40.34 46.99 -34.69
N GLY B 780 -40.17 48.10 -35.41
CA GLY B 780 -39.65 48.05 -36.77
C GLY B 780 -40.64 47.49 -37.79
N TYR B 781 -41.92 47.80 -37.56
CA TYR B 781 -43.03 47.34 -38.40
C TYR B 781 -43.24 48.21 -39.64
N ARG B 782 -43.95 47.63 -40.60
CA ARG B 782 -44.27 48.30 -41.86
C ARG B 782 -45.78 48.40 -42.02
N VAL B 783 -46.27 49.64 -42.10
CA VAL B 783 -47.69 49.93 -42.28
C VAL B 783 -47.89 50.85 -43.49
N GLN B 784 -49.05 50.67 -44.15
CA GLN B 784 -49.44 51.43 -45.33
C GLN B 784 -49.71 52.86 -44.88
N SER B 785 -50.51 53.00 -43.80
CA SER B 785 -50.90 54.25 -43.16
C SER B 785 -51.25 53.92 -41.70
N ALA B 786 -51.37 54.94 -40.85
CA ALA B 786 -51.73 54.75 -39.45
C ALA B 786 -53.15 54.12 -39.31
N ASN B 787 -54.04 54.48 -40.26
CA ASN B 787 -55.42 54.03 -40.38
C ASN B 787 -55.48 52.59 -40.86
N GLN B 788 -54.63 52.24 -41.86
CA GLN B 788 -54.57 50.89 -42.45
C GLN B 788 -53.39 50.03 -41.92
N LYS B 789 -53.70 49.16 -40.94
CA LYS B 789 -52.72 48.27 -40.31
C LYS B 789 -53.11 46.78 -40.40
N ASN B 790 -53.76 46.40 -41.52
CA ASN B 790 -54.20 45.01 -41.76
C ASN B 790 -53.55 44.49 -43.07
N GLY B 791 -52.25 44.28 -43.02
CA GLY B 791 -51.47 43.83 -44.15
C GLY B 791 -50.82 44.95 -44.92
N ILE B 792 -49.79 44.63 -45.72
CA ILE B 792 -49.09 45.63 -46.52
C ILE B 792 -49.20 45.31 -48.01
N PRO B 793 -49.77 46.24 -48.82
CA PRO B 793 -49.88 45.96 -50.26
C PRO B 793 -48.52 45.76 -50.90
N PHE B 794 -48.42 44.89 -51.91
CA PHE B 794 -47.17 44.59 -52.60
C PHE B 794 -46.46 45.85 -53.15
N GLU B 795 -47.16 46.99 -53.29
CA GLU B 795 -46.58 48.23 -53.81
C GLU B 795 -45.32 48.72 -53.03
N GLN B 796 -45.07 48.17 -51.82
CA GLN B 796 -43.87 48.45 -50.98
C GLN B 796 -42.92 47.25 -51.17
N VAL B 797 -42.47 47.18 -52.45
CA VAL B 797 -41.72 46.20 -53.24
C VAL B 797 -40.28 46.48 -53.40
N LYS B 798 -39.51 45.39 -53.63
CA LYS B 798 -38.08 45.45 -53.88
C LYS B 798 -37.84 46.10 -55.25
N PRO B 799 -37.31 47.36 -55.30
CA PRO B 799 -37.10 48.02 -56.61
C PRO B 799 -35.64 47.95 -57.05
N SER B 800 -34.99 46.85 -56.68
CA SER B 800 -33.57 46.61 -56.92
C SER B 800 -33.18 46.54 -58.37
N ASN B 801 -31.89 46.69 -58.56
CA ASN B 801 -31.01 46.66 -59.68
C ASN B 801 -31.39 47.66 -60.77
N ASN B 802 -30.41 48.58 -60.88
CA ASN B 802 -30.38 49.72 -61.78
C ASN B 802 -31.63 50.61 -61.55
N SER B 803 -32.13 50.67 -60.29
CA SER B 803 -33.32 51.43 -59.86
C SER B 803 -34.55 51.22 -60.76
N THR B 804 -34.69 50.00 -61.30
CA THR B 804 -35.81 49.60 -62.15
C THR B 804 -36.70 48.66 -61.32
N PRO B 805 -37.75 49.22 -60.64
CA PRO B 805 -38.63 48.38 -59.80
C PRO B 805 -39.16 47.13 -60.43
N PHE B 806 -39.37 46.13 -59.59
CA PHE B 806 -39.89 44.84 -59.94
C PHE B 806 -41.34 45.03 -60.32
N ASP B 807 -41.73 44.56 -61.51
CA ASP B 807 -43.12 44.67 -61.95
C ASP B 807 -43.82 43.33 -61.75
N PRO B 808 -44.79 43.28 -60.83
CA PRO B 808 -45.48 42.01 -60.59
C PRO B 808 -46.27 41.38 -61.74
N ASN B 809 -46.70 42.17 -62.74
CA ASN B 809 -47.53 41.75 -63.88
C ASN B 809 -46.71 41.56 -65.16
N SER B 810 -45.38 41.56 -65.06
CA SER B 810 -44.48 41.32 -66.19
C SER B 810 -44.66 39.91 -66.71
N ASP B 811 -44.49 39.70 -68.02
CA ASP B 811 -44.66 38.41 -68.71
C ASP B 811 -44.12 37.19 -67.94
N ASP B 812 -42.89 37.31 -67.40
CA ASP B 812 -42.27 36.20 -66.66
C ASP B 812 -42.85 36.04 -65.23
N ASN B 813 -43.31 37.14 -64.59
CA ASN B 813 -43.88 37.11 -63.24
C ASN B 813 -45.37 36.76 -63.21
N LYS B 814 -45.93 36.32 -64.35
CA LYS B 814 -47.32 35.90 -64.48
C LYS B 814 -47.38 34.47 -65.03
N VAL B 815 -48.44 33.73 -64.65
CA VAL B 815 -48.71 32.37 -65.10
C VAL B 815 -50.09 32.37 -65.75
N THR B 816 -50.27 31.59 -66.82
CA THR B 816 -51.56 31.52 -67.52
C THR B 816 -52.07 30.06 -67.53
N PRO B 817 -53.21 29.74 -66.89
CA PRO B 817 -53.70 28.35 -66.95
C PRO B 817 -54.37 28.06 -68.29
N SER B 818 -54.65 26.77 -68.59
CA SER B 818 -55.31 26.39 -69.84
C SER B 818 -56.75 26.93 -69.85
N GLY B 819 -56.88 28.13 -70.40
CA GLY B 819 -58.05 28.98 -70.46
C GLY B 819 -57.54 30.41 -70.56
N GLY B 820 -58.38 31.39 -70.32
CA GLY B 820 -57.86 32.76 -70.42
C GLY B 820 -57.76 33.54 -69.12
N SER B 821 -56.53 33.65 -68.51
CA SER B 821 -56.34 34.43 -67.29
C SER B 821 -54.87 34.47 -66.97
N SER B 822 -54.12 35.43 -67.48
CA SER B 822 -52.70 35.53 -67.08
C SER B 822 -52.65 36.30 -65.75
N LYS B 823 -52.51 35.60 -64.61
CA LYS B 823 -52.47 36.16 -63.26
C LYS B 823 -51.03 36.21 -62.74
N PRO B 824 -50.64 37.18 -61.87
CA PRO B 824 -49.26 37.17 -61.34
C PRO B 824 -49.04 36.13 -60.24
N THR B 825 -47.76 35.73 -60.04
CA THR B 825 -47.31 34.73 -59.04
C THR B 825 -47.13 35.32 -57.63
N THR B 826 -46.88 36.63 -57.55
CA THR B 826 -46.63 37.34 -56.31
C THR B 826 -47.84 37.39 -55.36
N TYR B 827 -47.58 37.79 -54.11
CA TYR B 827 -48.64 37.95 -53.14
C TYR B 827 -49.19 39.38 -53.21
N PRO B 828 -50.49 39.57 -52.93
CA PRO B 828 -51.05 40.93 -52.98
C PRO B 828 -50.69 41.76 -51.75
N ALA B 829 -50.70 41.12 -50.58
CA ALA B 829 -50.39 41.73 -49.32
C ALA B 829 -49.43 40.86 -48.54
N LEU B 830 -48.49 41.52 -47.84
CA LEU B 830 -47.45 40.83 -47.08
C LEU B 830 -47.47 41.27 -45.60
N PRO B 831 -46.97 40.45 -44.63
CA PRO B 831 -47.05 40.82 -43.21
C PRO B 831 -46.42 42.17 -42.85
N ASN B 832 -46.94 42.75 -41.76
CA ASN B 832 -46.57 44.07 -41.26
C ASN B 832 -45.27 44.16 -40.42
N SER B 833 -44.25 43.32 -40.69
CA SER B 833 -42.91 43.37 -40.05
C SER B 833 -41.91 42.46 -40.72
N ILE B 834 -40.69 42.96 -40.94
CA ILE B 834 -39.61 42.16 -41.50
C ILE B 834 -38.34 42.35 -40.67
N SER B 835 -38.54 43.01 -39.49
CA SER B 835 -37.53 43.40 -38.49
C SER B 835 -36.98 42.17 -37.77
N PRO B 836 -35.86 42.28 -37.02
CA PRO B 836 -35.36 41.12 -36.28
C PRO B 836 -36.38 40.59 -35.25
N THR B 837 -37.20 41.50 -34.68
CA THR B 837 -38.19 41.17 -33.68
C THR B 837 -39.53 40.67 -34.31
N SER B 838 -39.55 40.35 -35.63
CA SER B 838 -40.76 39.84 -36.30
C SER B 838 -41.13 38.43 -35.83
N ASP B 839 -42.39 38.26 -35.40
CA ASP B 839 -42.93 36.97 -34.93
C ASP B 839 -44.30 36.75 -35.56
N TRP B 840 -44.32 36.16 -36.79
CA TRP B 840 -45.53 35.86 -37.55
C TRP B 840 -45.76 34.37 -37.57
N ILE B 841 -46.67 33.93 -36.71
CA ILE B 841 -46.96 32.52 -36.49
C ILE B 841 -47.48 31.82 -37.76
N ASN B 842 -48.33 32.49 -38.55
CA ASN B 842 -48.78 31.85 -39.77
C ASN B 842 -48.09 32.43 -41.01
N ALA B 843 -46.85 32.92 -40.85
CA ALA B 843 -46.00 33.41 -41.96
C ALA B 843 -44.54 33.17 -41.63
N LEU B 844 -44.12 31.88 -41.66
CA LEU B 844 -42.76 31.40 -41.34
C LEU B 844 -41.70 32.17 -42.11
N THR B 845 -42.01 32.37 -43.38
CA THR B 845 -41.20 33.01 -44.38
C THR B 845 -40.89 34.46 -43.99
N PHE B 846 -41.78 35.12 -43.23
CA PHE B 846 -41.61 36.52 -42.77
C PHE B 846 -41.11 36.68 -41.32
N THR B 847 -40.95 35.56 -40.60
CA THR B 847 -40.54 35.52 -39.20
C THR B 847 -39.05 35.38 -39.07
N ASN B 848 -38.49 36.11 -38.10
CA ASN B 848 -37.06 36.13 -37.78
C ASN B 848 -36.79 35.50 -36.43
N LYS B 849 -37.72 35.71 -35.47
CA LYS B 849 -37.62 35.15 -34.13
C LYS B 849 -37.72 33.63 -34.24
N ASN B 850 -36.80 32.91 -33.58
CA ASN B 850 -36.75 31.45 -33.64
C ASN B 850 -36.26 30.85 -32.33
N ASN B 851 -36.75 29.62 -32.02
CA ASN B 851 -36.37 28.83 -30.83
C ASN B 851 -34.84 28.62 -30.70
N PRO B 852 -34.10 28.21 -31.77
CA PRO B 852 -32.65 28.10 -31.64
C PRO B 852 -32.01 29.37 -31.07
N GLN B 853 -32.53 30.56 -31.43
CA GLN B 853 -32.00 31.82 -30.88
C GLN B 853 -32.51 32.02 -29.47
N ARG B 854 -33.82 31.80 -29.25
CA ARG B 854 -34.47 31.93 -27.93
C ARG B 854 -33.68 31.16 -26.87
N ASN B 855 -33.21 29.96 -27.22
CA ASN B 855 -32.41 29.13 -26.35
C ASN B 855 -31.08 29.80 -25.95
N GLN B 856 -30.31 30.24 -26.96
CA GLN B 856 -29.04 30.91 -26.75
C GLN B 856 -29.24 32.14 -25.89
N LEU B 857 -30.29 32.94 -26.23
CA LEU B 857 -30.66 34.19 -25.58
C LEU B 857 -30.88 34.05 -24.10
N LEU B 858 -31.52 32.94 -23.69
CA LEU B 858 -31.76 32.62 -22.29
C LEU B 858 -30.43 32.47 -21.55
N LEU B 859 -29.53 31.60 -22.08
CA LEU B 859 -28.21 31.32 -21.50
C LEU B 859 -27.44 32.58 -21.38
N ARG B 860 -27.48 33.38 -22.47
CA ARG B 860 -26.77 34.64 -22.64
C ARG B 860 -27.34 35.81 -21.86
N SER B 861 -28.60 35.73 -21.41
CA SER B 861 -29.18 36.81 -20.60
C SER B 861 -28.85 36.56 -19.08
N LEU B 862 -28.68 35.27 -18.75
CA LEU B 862 -28.28 34.84 -17.42
C LEU B 862 -26.78 35.12 -17.30
N LEU B 863 -26.01 34.85 -18.37
CA LEU B 863 -24.58 35.17 -18.40
C LEU B 863 -24.47 36.70 -18.54
N GLY B 864 -25.56 37.31 -19.05
CA GLY B 864 -25.72 38.74 -19.29
C GLY B 864 -24.73 39.33 -20.27
N THR B 865 -24.36 38.55 -21.31
CA THR B 865 -23.36 38.88 -22.30
C THR B 865 -23.93 39.06 -23.72
N ILE B 866 -25.25 39.32 -23.86
CA ILE B 866 -25.86 39.53 -25.18
C ILE B 866 -25.35 40.87 -25.74
N PRO B 867 -24.71 40.91 -26.95
CA PRO B 867 -24.15 42.18 -27.45
C PRO B 867 -25.17 43.22 -27.93
N VAL B 868 -24.73 44.49 -27.93
CA VAL B 868 -25.50 45.65 -28.38
C VAL B 868 -24.83 46.34 -29.58
N LEU B 869 -25.66 46.80 -30.56
CA LEU B 869 -25.18 47.52 -31.72
C LEU B 869 -24.95 49.00 -31.38
N ILE B 870 -23.74 49.47 -31.65
CA ILE B 870 -23.32 50.80 -31.31
C ILE B 870 -23.07 51.66 -32.53
N ASN B 871 -23.66 52.87 -32.52
CA ASN B 871 -23.56 53.89 -33.56
C ASN B 871 -22.86 55.11 -33.03
N LYS B 872 -23.19 55.51 -31.79
CA LYS B 872 -22.65 56.65 -31.09
C LYS B 872 -22.01 56.10 -29.82
N SER B 873 -20.69 56.36 -29.59
CA SER B 873 -19.94 55.92 -28.39
C SER B 873 -20.43 56.75 -27.18
N GLY B 874 -19.56 57.35 -26.42
CA GLY B 874 -20.00 58.19 -25.31
C GLY B 874 -19.21 59.48 -25.26
N ASP B 875 -18.19 59.53 -26.13
CA ASP B 875 -17.21 60.59 -26.34
C ASP B 875 -17.87 61.88 -26.79
N SER B 876 -17.29 63.01 -26.36
CA SER B 876 -17.72 64.40 -26.50
C SER B 876 -18.42 64.74 -27.80
N ASN B 877 -17.91 64.27 -28.96
CA ASN B 877 -18.64 64.66 -30.16
C ASN B 877 -19.23 63.45 -30.91
N ASP B 878 -19.64 62.45 -30.14
CA ASP B 878 -20.27 61.22 -30.62
C ASP B 878 -21.17 60.70 -29.48
N GLN B 879 -22.22 61.47 -29.15
CA GLN B 879 -23.11 61.13 -28.05
C GLN B 879 -24.51 60.64 -28.47
N PHE B 880 -25.29 60.16 -27.50
CA PHE B 880 -26.66 59.71 -27.69
C PHE B 880 -27.56 60.28 -26.59
N ASN B 881 -28.18 61.44 -26.87
CA ASN B 881 -29.10 62.12 -25.95
C ASN B 881 -30.48 61.48 -26.09
N LYS B 882 -30.81 60.57 -25.15
CA LYS B 882 -32.06 59.79 -25.10
C LYS B 882 -33.32 60.63 -25.26
N ASP B 883 -33.41 61.75 -24.51
CA ASP B 883 -34.54 62.67 -24.48
C ASP B 883 -34.94 63.20 -25.85
N SER B 884 -33.96 63.36 -26.75
CA SER B 884 -34.17 63.91 -28.08
C SER B 884 -34.12 62.89 -29.20
N GLU B 885 -33.15 61.96 -29.17
CA GLU B 885 -32.94 60.98 -30.24
C GLU B 885 -33.77 59.69 -30.10
N GLN B 886 -34.31 59.39 -28.90
CA GLN B 886 -35.12 58.17 -28.68
C GLN B 886 -36.60 58.45 -28.43
N LYS B 887 -37.42 58.08 -29.41
CA LYS B 887 -38.87 58.24 -29.37
C LYS B 887 -39.45 56.82 -29.41
N TRP B 888 -39.86 56.31 -28.22
CA TRP B 888 -40.38 54.95 -28.06
C TRP B 888 -41.68 54.73 -28.83
N ASP B 889 -42.50 55.79 -29.00
CA ASP B 889 -43.77 55.72 -29.73
C ASP B 889 -43.62 55.68 -31.25
N LYS B 890 -42.44 56.02 -31.77
CA LYS B 890 -42.20 56.06 -33.22
C LYS B 890 -41.30 54.93 -33.72
N THR B 891 -41.58 53.68 -33.28
CA THR B 891 -40.87 52.44 -33.68
C THR B 891 -40.97 52.14 -35.18
N GLU B 892 -42.01 52.70 -35.83
CA GLU B 892 -42.42 52.61 -37.24
C GLU B 892 -41.39 53.32 -38.12
N THR B 893 -40.79 54.41 -37.59
CA THR B 893 -39.82 55.29 -38.22
C THR B 893 -38.38 55.11 -37.71
N ASN B 894 -37.48 56.01 -38.14
CA ASN B 894 -36.08 56.04 -37.75
C ASN B 894 -35.93 56.51 -36.30
N GLU B 895 -36.97 57.11 -35.73
CA GLU B 895 -36.95 57.61 -34.35
C GLU B 895 -37.03 56.51 -33.32
N GLY B 896 -37.39 55.31 -33.78
CA GLY B 896 -37.48 54.08 -33.00
C GLY B 896 -36.11 53.45 -32.82
N ASN B 897 -35.13 53.91 -33.63
CA ASN B 897 -33.72 53.52 -33.65
C ASN B 897 -33.51 51.99 -33.71
N LEU B 898 -34.38 51.31 -34.47
CA LEU B 898 -34.25 49.90 -34.70
C LEU B 898 -33.26 49.75 -35.86
N PRO B 899 -32.04 49.23 -35.61
CA PRO B 899 -31.07 49.07 -36.70
C PRO B 899 -31.59 48.41 -37.98
N GLY B 900 -32.19 47.24 -37.83
CA GLY B 900 -32.68 46.46 -38.96
C GLY B 900 -31.52 45.90 -39.78
N PHE B 901 -30.32 45.92 -39.18
CA PHE B 901 -29.08 45.45 -39.76
C PHE B 901 -27.92 45.58 -38.78
N GLY B 902 -27.24 44.46 -38.53
CA GLY B 902 -26.05 44.39 -37.68
C GLY B 902 -26.27 44.02 -36.24
N GLU B 903 -27.53 44.05 -35.77
CA GLU B 903 -27.93 43.76 -34.39
C GLU B 903 -28.16 42.27 -34.14
N VAL B 904 -28.29 41.86 -32.84
CA VAL B 904 -28.58 40.47 -32.48
C VAL B 904 -30.01 40.18 -32.89
N ASN B 905 -30.21 39.16 -33.74
CA ASN B 905 -31.53 38.75 -34.25
C ASN B 905 -32.51 38.39 -33.14
N GLY B 906 -33.77 38.77 -33.33
CA GLY B 906 -34.83 38.44 -32.39
C GLY B 906 -35.02 39.32 -31.18
N LEU B 907 -34.48 40.53 -31.21
CA LEU B 907 -34.63 41.49 -30.12
C LEU B 907 -34.57 42.92 -30.63
N TYR B 908 -35.10 43.86 -29.83
CA TYR B 908 -35.12 45.29 -30.14
C TYR B 908 -33.92 45.97 -29.46
N ASN B 909 -32.85 46.19 -30.24
CA ASN B 909 -31.56 46.75 -29.80
C ASN B 909 -31.68 47.92 -28.82
N ALA B 910 -32.55 48.90 -29.11
CA ALA B 910 -32.79 50.08 -28.28
C ALA B 910 -33.27 49.73 -26.87
N ALA B 911 -34.12 48.72 -26.76
CA ALA B 911 -34.60 48.30 -25.46
C ALA B 911 -33.47 47.60 -24.68
N LEU B 912 -32.62 46.78 -25.37
CA LEU B 912 -31.48 46.08 -24.78
C LEU B 912 -30.46 47.10 -24.28
N LEU B 913 -30.22 48.15 -25.09
CA LEU B 913 -29.30 49.22 -24.72
C LEU B 913 -29.79 49.95 -23.48
N HIS B 914 -31.11 50.20 -23.41
CA HIS B 914 -31.71 50.89 -22.29
C HIS B 914 -31.58 50.05 -21.02
N THR B 915 -31.90 48.73 -21.11
CA THR B 915 -31.82 47.69 -20.08
C THR B 915 -30.42 47.63 -19.50
N TYR B 916 -29.39 47.70 -20.39
CA TYR B 916 -27.95 47.70 -20.05
C TYR B 916 -27.50 49.05 -19.48
N GLY B 917 -28.37 50.07 -19.55
CA GLY B 917 -28.07 51.41 -19.04
C GLY B 917 -26.99 52.11 -19.80
N PHE B 918 -26.81 51.72 -21.09
CA PHE B 918 -25.84 52.27 -22.05
C PHE B 918 -26.15 53.74 -22.30
N PHE B 919 -27.45 54.06 -22.31
CA PHE B 919 -28.02 55.39 -22.29
C PHE B 919 -29.09 55.34 -21.18
N GLY B 920 -29.03 56.29 -20.26
CA GLY B 920 -29.94 56.31 -19.14
C GLY B 920 -29.26 56.11 -17.79
N THR B 921 -30.05 56.33 -16.74
CA THR B 921 -29.63 56.25 -15.34
C THR B 921 -29.51 54.80 -14.81
N ASN B 922 -29.99 53.78 -15.58
CA ASN B 922 -29.96 52.37 -15.18
C ASN B 922 -28.65 51.94 -14.52
N THR B 923 -27.50 52.08 -15.23
CA THR B 923 -26.18 51.67 -14.71
C THR B 923 -25.39 52.83 -14.10
N ASN B 924 -25.19 53.90 -14.87
CA ASN B 924 -24.44 55.09 -14.44
C ASN B 924 -25.41 56.17 -14.06
N SER B 925 -25.16 56.80 -12.91
CA SER B 925 -25.98 57.89 -12.37
C SER B 925 -26.01 59.07 -13.32
N THR B 926 -24.97 59.21 -14.12
CA THR B 926 -24.82 60.27 -15.12
C THR B 926 -24.81 59.56 -16.46
N ASP B 927 -25.92 59.72 -17.24
CA ASP B 927 -26.18 59.08 -18.53
C ASP B 927 -24.90 58.87 -19.33
N PRO B 928 -24.50 57.59 -19.58
CA PRO B 928 -23.25 57.35 -20.33
C PRO B 928 -23.32 57.81 -21.78
N LYS B 929 -24.58 58.04 -22.27
CA LYS B 929 -24.93 58.52 -23.61
C LYS B 929 -24.30 57.67 -24.73
N ILE B 930 -24.40 56.32 -24.58
CA ILE B 930 -23.93 55.32 -25.55
C ILE B 930 -25.15 54.73 -26.22
N GLY B 931 -25.16 54.62 -27.55
CA GLY B 931 -26.32 54.07 -28.23
C GLY B 931 -26.22 53.87 -29.72
N PHE B 932 -27.38 53.82 -30.38
CA PHE B 932 -27.53 53.68 -31.82
C PHE B 932 -28.56 54.69 -32.30
N LYS B 933 -28.14 55.56 -33.24
CA LYS B 933 -29.03 56.57 -33.80
C LYS B 933 -29.30 56.26 -35.24
N ALA B 934 -30.52 55.76 -35.52
CA ALA B 934 -30.93 55.45 -36.89
C ALA B 934 -31.12 56.80 -37.56
N ASP B 935 -30.07 57.25 -38.26
CA ASP B 935 -29.97 58.58 -38.86
C ASP B 935 -30.56 58.71 -40.24
N SER B 936 -31.33 59.79 -40.46
CA SER B 936 -31.96 60.08 -41.74
C SER B 936 -31.12 61.07 -42.56
N SER B 937 -30.02 61.57 -41.98
CA SER B 937 -29.13 62.52 -42.63
C SER B 937 -27.81 61.94 -43.12
N SER B 938 -27.30 60.87 -42.49
CA SER B 938 -26.00 60.31 -42.85
C SER B 938 -25.92 58.78 -42.97
N SER B 939 -24.83 58.28 -43.59
CA SER B 939 -24.52 56.86 -43.75
C SER B 939 -24.13 56.38 -42.37
N SER B 940 -24.71 55.26 -41.93
CA SER B 940 -24.45 54.75 -40.61
C SER B 940 -23.36 53.69 -40.54
N SER B 941 -22.41 53.95 -39.66
CA SER B 941 -21.27 53.11 -39.37
C SER B 941 -21.45 52.55 -37.93
N SER B 942 -21.58 51.22 -37.80
CA SER B 942 -21.86 50.58 -36.51
C SER B 942 -21.07 49.30 -36.26
N THR B 943 -20.89 48.92 -34.99
CA THR B 943 -20.23 47.67 -34.55
C THR B 943 -20.88 47.16 -33.28
N LEU B 944 -21.03 45.82 -33.15
CA LEU B 944 -21.56 45.28 -31.90
C LEU B 944 -20.47 45.38 -30.79
N VAL B 945 -20.90 45.51 -29.53
CA VAL B 945 -20.01 45.59 -28.37
C VAL B 945 -20.56 44.73 -27.26
N GLY B 946 -19.70 44.35 -26.31
CA GLY B 946 -20.07 43.55 -25.15
C GLY B 946 -20.90 44.35 -24.16
N SER B 947 -21.50 43.66 -23.16
CA SER B 947 -22.29 44.34 -22.12
C SER B 947 -21.36 44.93 -21.09
N GLY B 948 -20.18 44.33 -20.95
CA GLY B 948 -19.16 44.72 -19.99
C GLY B 948 -18.91 43.64 -18.96
N LEU B 949 -19.68 42.54 -19.03
CA LEU B 949 -19.56 41.40 -18.13
C LEU B 949 -18.64 40.37 -18.77
N ASN B 950 -17.96 39.54 -17.96
CA ASN B 950 -17.03 38.56 -18.50
C ASN B 950 -17.39 37.08 -18.27
N TRP B 951 -18.68 36.78 -18.04
CA TRP B 951 -19.14 35.41 -17.84
C TRP B 951 -19.20 34.62 -19.15
N THR B 952 -18.66 33.37 -19.14
CA THR B 952 -18.67 32.46 -20.31
C THR B 952 -19.66 31.29 -20.07
N SER B 953 -20.14 30.69 -21.16
CA SER B 953 -21.02 29.53 -21.11
C SER B 953 -20.29 28.26 -20.67
N GLN B 954 -19.05 28.40 -20.13
CA GLN B 954 -18.22 27.32 -19.59
C GLN B 954 -18.13 27.46 -18.08
N ASP B 955 -18.67 28.58 -17.55
CA ASP B 955 -18.75 28.90 -16.13
C ASP B 955 -19.83 28.06 -15.42
N VAL B 956 -19.71 26.74 -15.55
CA VAL B 956 -20.63 25.74 -15.05
C VAL B 956 -20.03 25.06 -13.79
N GLY B 957 -20.64 25.32 -12.64
CA GLY B 957 -20.26 24.74 -11.35
C GLY B 957 -20.63 23.27 -11.20
N ASN B 958 -20.39 22.71 -10.03
CA ASN B 958 -20.71 21.29 -9.84
C ASN B 958 -22.20 21.11 -9.65
N LEU B 959 -22.70 19.86 -9.93
CA LEU B 959 -24.10 19.45 -9.85
C LEU B 959 -24.56 19.24 -8.40
N VAL B 960 -25.71 19.80 -8.03
CA VAL B 960 -26.22 19.69 -6.67
C VAL B 960 -27.60 19.05 -6.74
N VAL B 961 -27.79 17.90 -6.08
CA VAL B 961 -29.12 17.26 -6.08
C VAL B 961 -29.84 17.83 -4.87
N ILE B 962 -31.01 18.41 -5.09
CA ILE B 962 -31.74 19.09 -4.01
C ILE B 962 -32.80 18.19 -3.34
N ASN B 963 -33.37 17.25 -4.11
CA ASN B 963 -34.32 16.23 -3.67
C ASN B 963 -34.51 15.18 -4.78
N ASP B 964 -35.39 14.19 -4.57
CA ASP B 964 -35.64 13.11 -5.53
C ASP B 964 -36.26 13.56 -6.86
N THR B 965 -36.57 14.87 -6.98
CA THR B 965 -37.19 15.44 -8.18
C THR B 965 -36.57 16.75 -8.69
N SER B 966 -35.62 17.32 -7.93
CA SER B 966 -34.96 18.56 -8.31
C SER B 966 -33.45 18.52 -8.10
N PHE B 967 -32.75 19.33 -8.91
CA PHE B 967 -31.30 19.47 -8.93
C PHE B 967 -30.96 20.81 -9.54
N GLY B 968 -29.75 21.25 -9.34
CA GLY B 968 -29.29 22.53 -9.86
C GLY B 968 -27.79 22.73 -9.85
N PHE B 969 -27.35 23.83 -10.43
CA PHE B 969 -25.93 24.14 -10.52
C PHE B 969 -25.69 25.62 -10.73
N GLN B 970 -24.48 26.09 -10.37
CA GLN B 970 -24.17 27.51 -10.56
C GLN B 970 -23.76 27.75 -12.02
N LEU B 971 -24.58 28.52 -12.76
CA LEU B 971 -24.31 28.91 -14.15
C LEU B 971 -24.00 30.38 -14.09
N GLY B 972 -22.71 30.71 -14.18
CA GLY B 972 -22.24 32.08 -14.07
C GLY B 972 -22.57 32.67 -12.71
N GLY B 973 -23.30 33.79 -12.72
CA GLY B 973 -23.74 34.47 -11.51
C GLY B 973 -25.09 34.04 -11.02
N TRP B 974 -25.75 33.16 -11.78
CA TRP B 974 -27.07 32.64 -11.44
C TRP B 974 -27.00 31.17 -11.02
N PHE B 975 -27.76 30.79 -9.99
CA PHE B 975 -27.81 29.38 -9.62
C PHE B 975 -29.13 28.87 -10.15
N ILE B 976 -29.06 28.07 -11.22
CA ILE B 976 -30.23 27.49 -11.88
C ILE B 976 -30.66 26.16 -11.22
N THR B 977 -31.98 25.96 -11.05
CA THR B 977 -32.58 24.74 -10.47
C THR B 977 -33.70 24.23 -11.40
N PHE B 978 -33.68 22.91 -11.66
CA PHE B 978 -34.60 22.24 -12.56
C PHE B 978 -35.66 21.47 -11.77
N THR B 979 -36.76 22.17 -11.47
CA THR B 979 -37.85 21.64 -10.65
C THR B 979 -38.78 20.66 -11.39
N ASP B 980 -39.05 20.97 -12.67
CA ASP B 980 -39.98 20.16 -13.45
C ASP B 980 -39.29 19.38 -14.56
N PHE B 981 -38.14 18.74 -14.21
CA PHE B 981 -37.50 17.82 -15.14
C PHE B 981 -37.82 16.41 -14.73
N ILE B 982 -37.54 16.03 -13.48
CA ILE B 982 -37.79 14.67 -13.00
C ILE B 982 -39.28 14.32 -13.02
N ARG B 983 -40.09 14.95 -12.14
CA ARG B 983 -41.55 14.76 -12.15
C ARG B 983 -42.10 16.12 -12.55
N PRO B 984 -42.40 16.30 -13.87
CA PRO B 984 -42.80 17.62 -14.35
C PRO B 984 -44.25 17.99 -14.06
N ARG B 985 -44.43 19.01 -13.19
CA ARG B 985 -45.72 19.56 -12.79
C ARG B 985 -46.22 20.44 -13.93
N THR B 986 -47.48 20.26 -14.37
CA THR B 986 -48.04 21.09 -15.45
C THR B 986 -48.39 22.48 -14.96
N GLY B 987 -48.23 23.49 -15.83
CA GLY B 987 -48.51 24.89 -15.52
C GLY B 987 -47.44 25.57 -14.68
N TYR B 988 -46.31 24.87 -14.47
CA TYR B 988 -45.16 25.36 -13.72
C TYR B 988 -44.03 25.59 -14.72
N LEU B 989 -43.24 26.68 -14.56
CA LEU B 989 -42.18 27.00 -15.52
C LEU B 989 -40.95 26.08 -15.43
N GLY B 990 -40.70 25.52 -14.24
CA GLY B 990 -39.66 24.53 -13.99
C GLY B 990 -38.21 24.95 -13.90
N ILE B 991 -37.98 26.22 -13.53
CA ILE B 991 -36.66 26.83 -13.35
C ILE B 991 -36.70 27.75 -12.14
N THR B 992 -35.63 27.76 -11.33
CA THR B 992 -35.47 28.72 -10.22
C THR B 992 -34.10 29.31 -10.34
N LEU B 993 -34.07 30.65 -10.47
CA LEU B 993 -32.83 31.41 -10.64
C LEU B 993 -32.50 32.34 -9.46
N SER B 994 -31.29 32.15 -8.87
CA SER B 994 -30.82 32.93 -7.76
C SER B 994 -29.54 33.67 -8.17
N SER B 995 -29.65 35.00 -8.33
CA SER B 995 -28.53 35.84 -8.77
C SER B 995 -27.61 36.19 -7.65
N LEU B 996 -26.31 36.26 -7.96
CA LEU B 996 -25.28 36.64 -7.01
C LEU B 996 -25.49 38.12 -6.65
N GLN B 997 -24.94 38.52 -5.49
CA GLN B 997 -25.09 39.88 -5.02
C GLN B 997 -23.80 40.71 -5.12
N ASP B 998 -22.62 40.10 -4.82
CA ASP B 998 -21.32 40.81 -4.84
C ASP B 998 -20.96 41.35 -6.21
N GLN B 999 -21.24 42.64 -6.38
CA GLN B 999 -21.04 43.37 -7.60
C GLN B 999 -19.56 43.30 -8.07
N THR B 1000 -18.61 43.28 -7.10
CA THR B 1000 -17.17 43.20 -7.39
C THR B 1000 -16.84 41.93 -8.16
N ILE B 1001 -17.69 40.89 -8.03
CA ILE B 1001 -17.54 39.62 -8.75
C ILE B 1001 -18.28 39.73 -10.08
N ILE B 1002 -19.58 40.13 -10.06
CA ILE B 1002 -20.48 40.29 -11.23
C ILE B 1002 -19.78 41.00 -12.43
N TRP B 1003 -19.06 42.08 -12.14
CA TRP B 1003 -18.43 42.86 -13.18
C TRP B 1003 -16.98 42.47 -13.49
N ALA B 1004 -16.29 41.81 -12.52
CA ALA B 1004 -14.89 41.36 -12.58
C ALA B 1004 -14.41 40.86 -13.95
N ASP B 1005 -13.09 40.98 -14.18
CA ASP B 1005 -12.42 40.62 -15.42
C ASP B 1005 -12.35 39.11 -15.70
N GLN B 1006 -12.13 38.30 -14.68
CA GLN B 1006 -12.18 36.84 -14.81
C GLN B 1006 -13.06 36.42 -13.61
N PRO B 1007 -14.40 36.51 -13.74
CA PRO B 1007 -15.24 36.36 -12.54
C PRO B 1007 -15.38 34.96 -11.96
N TRP B 1008 -15.32 33.93 -12.81
CA TRP B 1008 -15.51 32.56 -12.36
C TRP B 1008 -14.34 32.03 -11.54
N THR B 1009 -13.30 32.86 -11.37
CA THR B 1009 -12.09 32.54 -10.61
C THR B 1009 -12.34 32.74 -9.11
N SER B 1010 -13.47 33.38 -8.75
CA SER B 1010 -13.88 33.57 -7.36
C SER B 1010 -14.77 32.39 -6.93
N PHE B 1011 -15.22 31.55 -7.88
CA PHE B 1011 -16.07 30.41 -7.58
C PHE B 1011 -15.29 29.21 -6.97
N LYS B 1012 -15.75 28.77 -5.78
CA LYS B 1012 -15.13 27.66 -5.05
C LYS B 1012 -16.11 26.50 -4.71
N GLY B 1013 -16.98 26.18 -5.67
CA GLY B 1013 -17.93 25.08 -5.55
C GLY B 1013 -19.28 25.37 -4.90
N SER B 1014 -20.27 24.57 -5.28
CA SER B 1014 -21.63 24.61 -4.75
C SER B 1014 -21.81 23.32 -3.89
N TYR B 1015 -22.63 23.36 -2.85
CA TYR B 1015 -22.91 22.21 -1.97
C TYR B 1015 -24.33 22.33 -1.35
N LEU B 1016 -25.06 21.21 -1.20
CA LEU B 1016 -26.41 21.23 -0.60
C LEU B 1016 -26.20 21.21 0.92
N ASP B 1017 -26.73 22.21 1.65
CA ASP B 1017 -26.49 22.24 3.09
C ASP B 1017 -27.50 21.42 3.86
N SER B 1018 -27.12 21.06 5.10
CA SER B 1018 -27.85 20.29 6.10
C SER B 1018 -29.27 20.82 6.29
N ASP B 1019 -29.46 22.13 6.13
CA ASP B 1019 -30.75 22.80 6.21
C ASP B 1019 -31.69 22.42 5.06
N GLY B 1020 -31.12 21.94 3.93
CA GLY B 1020 -31.86 21.53 2.74
C GLY B 1020 -31.66 22.40 1.50
N THR B 1021 -31.09 23.60 1.67
CA THR B 1021 -30.87 24.57 0.60
C THR B 1021 -29.46 24.50 -0.02
N PRO B 1022 -29.32 24.67 -1.36
CA PRO B 1022 -27.98 24.67 -1.97
C PRO B 1022 -27.26 26.00 -1.74
N LYS B 1023 -25.94 25.92 -1.46
CA LYS B 1023 -25.05 27.05 -1.17
C LYS B 1023 -23.79 27.03 -2.06
N SER B 1024 -23.23 28.19 -2.40
CA SER B 1024 -22.05 28.27 -3.26
C SER B 1024 -20.96 29.16 -2.64
N LEU B 1025 -19.69 28.65 -2.65
CA LEU B 1025 -18.54 29.37 -2.12
C LEU B 1025 -17.98 30.39 -3.10
N TRP B 1026 -17.74 31.58 -2.58
CA TRP B 1026 -17.17 32.69 -3.34
C TRP B 1026 -15.97 33.30 -2.61
N ASP B 1027 -14.91 33.59 -3.35
CA ASP B 1027 -13.69 34.17 -2.80
C ASP B 1027 -13.08 35.21 -3.76
N PRO B 1028 -13.55 36.48 -3.64
CA PRO B 1028 -13.07 37.53 -4.55
C PRO B 1028 -11.59 37.80 -4.48
N THR B 1029 -10.93 37.37 -3.39
CA THR B 1029 -9.50 37.55 -3.19
C THR B 1029 -8.77 36.68 -4.21
N ALA B 1030 -9.42 35.57 -4.59
CA ALA B 1030 -8.92 34.60 -5.55
C ALA B 1030 -9.25 34.98 -7.00
N LEU B 1031 -9.79 36.20 -7.24
CA LEU B 1031 -10.10 36.65 -8.58
C LEU B 1031 -8.81 36.87 -9.34
N LYS B 1032 -8.66 36.16 -10.48
CA LYS B 1032 -7.48 36.27 -11.36
C LYS B 1032 -7.63 37.51 -12.22
N SER B 1033 -6.57 38.32 -12.26
CA SER B 1033 -6.56 39.53 -13.08
C SER B 1033 -6.15 39.19 -14.49
N LEU B 1034 -6.47 40.05 -15.45
CA LEU B 1034 -6.12 39.82 -16.83
C LEU B 1034 -4.58 39.73 -17.03
N PRO B 1035 -4.09 39.17 -18.18
CA PRO B 1035 -2.63 39.09 -18.35
C PRO B 1035 -1.93 40.44 -18.49
N ASN B 1036 -0.63 40.47 -18.22
CA ASN B 1036 0.15 41.69 -18.29
C ASN B 1036 0.60 42.00 -19.72
N SER B 1037 1.92 42.34 -19.90
CA SER B 1037 2.58 42.81 -21.15
C SER B 1037 1.98 44.14 -21.71
N SER B 1038 0.93 44.69 -21.06
CA SER B 1038 0.21 45.92 -21.36
C SER B 1038 1.17 47.12 -21.30
N THR B 1039 1.97 47.21 -20.19
CA THR B 1039 2.90 48.31 -19.83
C THR B 1039 2.03 49.60 -19.64
N THR B 1040 2.44 50.76 -20.18
CA THR B 1040 1.62 52.01 -20.14
C THR B 1040 0.43 51.86 -21.14
N TYR B 1041 0.67 51.04 -22.21
CA TYR B 1041 -0.22 50.58 -23.31
C TYR B 1041 -0.48 51.66 -24.37
N ASP B 1042 -0.30 51.29 -25.66
CA ASP B 1042 -0.60 52.13 -26.82
C ASP B 1042 -1.46 51.39 -27.88
N THR B 1043 -1.31 50.06 -27.94
CA THR B 1043 -2.09 49.22 -28.84
C THR B 1043 -3.53 49.13 -28.28
N ASN B 1044 -4.49 48.76 -29.14
CA ASN B 1044 -5.90 48.92 -28.78
C ASN B 1044 -6.69 47.73 -28.17
N PRO B 1045 -6.90 46.53 -28.81
CA PRO B 1045 -7.80 45.54 -28.18
C PRO B 1045 -7.19 44.69 -27.08
N THR B 1046 -7.96 44.42 -26.02
CA THR B 1046 -7.52 43.59 -24.89
C THR B 1046 -8.46 42.42 -24.74
N LEU B 1047 -7.89 41.24 -25.00
CA LEU B 1047 -8.58 39.96 -24.92
C LEU B 1047 -9.02 39.66 -23.47
N SER B 1048 -10.31 39.42 -23.30
CA SER B 1048 -10.97 39.09 -22.04
C SER B 1048 -11.81 37.82 -22.28
N PRO B 1049 -12.36 37.11 -21.28
CA PRO B 1049 -13.11 35.89 -21.56
C PRO B 1049 -14.34 36.07 -22.44
N SER B 1050 -15.01 37.20 -22.28
CA SER B 1050 -16.18 37.50 -23.05
C SER B 1050 -15.83 38.29 -24.33
N PHE B 1051 -14.51 38.55 -24.61
CA PHE B 1051 -14.09 39.31 -25.79
C PHE B 1051 -14.41 38.63 -27.10
N GLN B 1052 -14.99 39.43 -28.02
CA GLN B 1052 -15.37 39.02 -29.38
C GLN B 1052 -14.82 39.98 -30.42
N LEU B 1053 -14.56 39.48 -31.64
CA LEU B 1053 -14.01 40.31 -32.70
C LEU B 1053 -15.04 40.87 -33.69
N TYR B 1054 -16.07 41.57 -33.17
CA TYR B 1054 -17.12 42.15 -33.99
C TYR B 1054 -16.58 43.15 -35.09
N GLN B 1055 -16.96 42.81 -36.33
CA GLN B 1055 -16.70 43.53 -37.57
C GLN B 1055 -17.71 44.68 -37.73
N PRO B 1056 -17.27 45.79 -38.37
CA PRO B 1056 -18.17 46.90 -38.62
C PRO B 1056 -19.23 46.63 -39.70
N ASN B 1057 -20.41 47.19 -39.50
CA ASN B 1057 -21.53 47.13 -40.41
C ASN B 1057 -21.74 48.55 -40.91
N LYS B 1058 -22.02 48.73 -42.20
CA LYS B 1058 -22.27 50.07 -42.72
C LYS B 1058 -23.49 50.08 -43.60
N VAL B 1059 -24.50 50.88 -43.24
CA VAL B 1059 -25.76 51.02 -44.00
C VAL B 1059 -25.94 52.47 -44.48
N LYS B 1060 -26.76 52.65 -45.53
CA LYS B 1060 -27.08 53.98 -46.05
C LYS B 1060 -28.01 54.70 -45.01
N ALA B 1061 -28.31 56.00 -45.21
CA ALA B 1061 -29.18 56.74 -44.28
C ALA B 1061 -30.62 56.21 -44.29
N TYR B 1062 -31.19 56.04 -43.10
CA TYR B 1062 -32.54 55.55 -42.86
C TYR B 1062 -33.60 56.52 -43.34
N GLN B 1063 -34.75 56.00 -43.81
CA GLN B 1063 -35.81 56.89 -44.28
C GLN B 1063 -36.64 57.48 -43.14
N THR B 1064 -37.16 58.72 -43.31
CA THR B 1064 -37.98 59.41 -42.31
C THR B 1064 -39.36 58.77 -42.22
N THR B 1065 -39.83 58.24 -43.36
CA THR B 1065 -41.10 57.58 -43.54
C THR B 1065 -40.89 56.27 -44.31
N ASN B 1066 -41.69 55.23 -43.96
CA ASN B 1066 -41.68 53.89 -44.56
C ASN B 1066 -40.29 53.23 -44.42
N THR B 1067 -39.69 53.42 -43.23
CA THR B 1067 -38.33 52.99 -42.92
C THR B 1067 -38.09 51.50 -43.11
N TYR B 1068 -38.86 50.70 -42.39
CA TYR B 1068 -38.66 49.27 -42.39
C TYR B 1068 -39.65 48.57 -43.30
N ASN B 1069 -40.07 49.28 -44.38
CA ASN B 1069 -40.99 48.74 -45.38
C ASN B 1069 -40.23 47.74 -46.23
N LYS B 1070 -39.01 48.10 -46.56
CA LYS B 1070 -38.10 47.28 -47.31
C LYS B 1070 -36.99 46.90 -46.33
N LEU B 1071 -36.18 45.88 -46.69
CA LEU B 1071 -35.04 45.46 -45.89
C LEU B 1071 -33.97 46.60 -45.90
N ILE B 1072 -33.20 46.76 -44.78
CA ILE B 1072 -32.16 47.80 -44.69
C ILE B 1072 -30.99 47.42 -45.59
N GLU B 1073 -30.59 48.33 -46.48
CA GLU B 1073 -29.51 48.11 -47.44
C GLU B 1073 -28.15 48.55 -46.92
N PRO B 1074 -27.19 47.59 -46.78
CA PRO B 1074 -25.84 47.97 -46.37
C PRO B 1074 -24.98 48.37 -47.58
N VAL B 1075 -23.76 48.79 -47.31
CA VAL B 1075 -22.74 49.16 -48.28
C VAL B 1075 -21.41 48.60 -47.79
N ASP B 1076 -20.36 48.67 -48.62
CA ASP B 1076 -19.02 48.18 -48.24
C ASP B 1076 -18.55 48.80 -46.93
N ALA B 1077 -17.97 47.99 -46.06
CA ALA B 1077 -17.53 48.47 -44.77
C ALA B 1077 -16.08 48.07 -44.45
N THR B 1078 -15.37 47.46 -45.42
CA THR B 1078 -13.96 47.02 -45.28
C THR B 1078 -13.09 48.17 -44.77
N SER B 1079 -13.36 49.35 -45.28
CA SER B 1079 -12.74 50.63 -44.98
C SER B 1079 -13.31 51.31 -43.75
N ALA B 1080 -14.64 51.18 -43.49
CA ALA B 1080 -15.43 51.81 -42.42
C ALA B 1080 -14.81 51.84 -41.03
N ALA B 1081 -13.87 50.96 -40.75
CA ALA B 1081 -13.18 50.90 -39.47
C ALA B 1081 -12.42 52.17 -39.15
N THR B 1082 -11.99 52.90 -40.20
CA THR B 1082 -11.16 54.10 -40.17
C THR B 1082 -11.75 55.21 -39.28
N ASN B 1083 -13.05 55.42 -39.36
CA ASN B 1083 -13.72 56.47 -38.59
C ASN B 1083 -14.23 56.02 -37.22
N MET B 1084 -14.41 54.72 -37.04
CA MET B 1084 -14.95 54.16 -35.81
C MET B 1084 -13.98 54.09 -34.63
N THR B 1085 -12.79 54.68 -34.73
CA THR B 1085 -11.72 54.67 -33.70
C THR B 1085 -12.25 54.70 -32.25
N SER B 1086 -13.23 55.60 -32.01
CA SER B 1086 -13.93 55.86 -30.75
C SER B 1086 -14.75 54.65 -30.26
N LEU B 1087 -15.58 54.08 -31.15
CA LEU B 1087 -16.50 52.94 -30.96
C LEU B 1087 -15.67 51.65 -30.86
N LEU B 1088 -14.76 51.45 -31.82
CA LEU B 1088 -13.86 50.31 -31.92
C LEU B 1088 -13.10 50.08 -30.65
N LYS B 1089 -12.90 51.17 -29.87
CA LYS B 1089 -12.23 51.19 -28.57
C LYS B 1089 -13.03 50.35 -27.58
N LEU B 1090 -14.37 50.45 -27.63
CA LEU B 1090 -15.33 49.73 -26.80
C LEU B 1090 -15.56 48.27 -27.18
N LEU B 1091 -14.72 47.70 -28.06
CA LEU B 1091 -14.75 46.27 -28.38
C LEU B 1091 -14.11 45.52 -27.20
N THR B 1092 -13.28 46.25 -26.41
CA THR B 1092 -12.54 45.85 -25.22
C THR B 1092 -13.41 46.17 -24.00
N THR B 1093 -13.65 45.15 -23.16
CA THR B 1093 -14.52 45.16 -21.97
C THR B 1093 -14.28 46.31 -21.03
N LYS B 1094 -13.02 46.46 -20.57
CA LYS B 1094 -12.55 47.47 -19.63
C LYS B 1094 -13.14 48.87 -19.94
N ASN B 1095 -13.16 49.26 -21.24
CA ASN B 1095 -13.63 50.56 -21.72
C ASN B 1095 -15.11 50.78 -21.48
N ILE B 1096 -15.93 49.73 -21.64
CA ILE B 1096 -17.37 49.81 -21.40
C ILE B 1096 -17.63 49.86 -19.88
N LYS B 1097 -16.85 49.05 -19.11
CA LYS B 1097 -16.91 48.98 -17.64
C LYS B 1097 -16.69 50.38 -17.10
N ALA B 1098 -15.75 51.11 -17.74
CA ALA B 1098 -15.39 52.46 -17.39
C ALA B 1098 -16.53 53.45 -17.63
N LYS B 1099 -17.08 53.47 -18.86
CA LYS B 1099 -18.17 54.39 -19.22
C LYS B 1099 -19.45 54.14 -18.42
N LEU B 1100 -19.69 52.91 -17.96
CA LEU B 1100 -20.88 52.58 -17.19
C LEU B 1100 -20.72 52.85 -15.69
N GLY B 1101 -19.53 53.30 -15.29
CA GLY B 1101 -19.20 53.61 -13.91
C GLY B 1101 -19.03 52.38 -13.05
N LYS B 1102 -18.28 51.40 -13.59
CA LYS B 1102 -17.97 50.13 -12.95
C LYS B 1102 -16.45 49.89 -13.05
N GLY B 1103 -15.97 48.74 -12.60
CA GLY B 1103 -14.53 48.45 -12.64
C GLY B 1103 -13.63 49.30 -11.74
N THR B 1104 -14.19 49.91 -10.65
CA THR B 1104 -13.48 50.74 -9.65
C THR B 1104 -12.98 49.85 -8.46
N ALA B 1105 -12.41 50.46 -7.40
CA ALA B 1105 -11.91 49.72 -6.25
C ALA B 1105 -13.03 49.19 -5.33
N ASN B 1112 -15.15 44.12 -0.63
CA ASN B 1112 -16.47 43.68 -0.18
C ASN B 1112 -16.84 42.25 -0.65
N GLY B 1113 -17.48 41.48 0.26
CA GLY B 1113 -17.87 40.10 0.01
C GLY B 1113 -16.91 39.06 0.55
N GLY B 1114 -16.96 37.84 0.00
CA GLY B 1114 -16.12 36.73 0.42
C GLY B 1114 -16.82 35.84 1.43
N GLY B 1115 -17.53 34.82 0.93
CA GLY B 1115 -18.30 33.88 1.74
C GLY B 1115 -19.13 32.86 0.99
N VAL B 1116 -20.35 32.63 1.46
CA VAL B 1116 -21.22 31.61 0.88
C VAL B 1116 -22.63 32.17 0.45
N SER B 1117 -23.04 31.88 -0.82
CA SER B 1117 -24.32 32.34 -1.38
C SER B 1117 -25.40 31.26 -1.41
N GLN B 1118 -26.45 31.43 -0.59
CA GLN B 1118 -27.61 30.53 -0.48
C GLN B 1118 -28.67 30.91 -1.50
N THR B 1119 -29.35 29.94 -2.09
CA THR B 1119 -30.43 30.22 -3.08
C THR B 1119 -31.70 30.76 -2.42
N ILE B 1120 -32.62 31.27 -3.24
CA ILE B 1120 -33.93 31.80 -2.83
C ILE B 1120 -34.83 30.74 -2.17
N ASN B 1121 -35.72 31.16 -1.25
CA ASN B 1121 -36.62 30.25 -0.53
C ASN B 1121 -37.80 29.90 -1.39
N THR B 1122 -37.83 28.66 -1.88
CA THR B 1122 -38.90 28.17 -2.75
C THR B 1122 -39.77 27.20 -1.99
N ILE B 1123 -41.05 27.17 -2.36
CA ILE B 1123 -42.07 26.28 -1.84
C ILE B 1123 -42.68 25.46 -3.00
N THR B 1124 -43.54 24.51 -2.68
CA THR B 1124 -44.16 23.60 -3.66
C THR B 1124 -44.95 24.34 -4.75
N THR B 1125 -45.61 25.44 -4.36
CA THR B 1125 -46.43 26.30 -5.21
C THR B 1125 -45.56 27.28 -6.04
N THR B 1126 -44.28 27.48 -5.63
CA THR B 1126 -43.34 28.37 -6.34
C THR B 1126 -43.11 27.85 -7.75
N GLY B 1127 -43.29 28.74 -8.73
CA GLY B 1127 -43.12 28.45 -10.15
C GLY B 1127 -44.43 28.26 -10.88
N ASN B 1128 -45.54 28.37 -10.15
CA ASN B 1128 -46.85 28.15 -10.75
C ASN B 1128 -47.30 29.31 -11.60
N ILE B 1129 -46.98 29.23 -12.88
CA ILE B 1129 -47.36 30.23 -13.88
C ILE B 1129 -48.60 29.79 -14.69
N SER B 1130 -49.43 28.87 -14.11
CA SER B 1130 -50.61 28.33 -14.81
C SER B 1130 -51.60 29.40 -15.20
N GLU B 1131 -51.80 30.42 -14.33
CA GLU B 1131 -52.73 31.52 -14.64
C GLU B 1131 -52.31 32.28 -15.89
N GLY B 1132 -51.01 32.44 -16.05
CA GLY B 1132 -50.42 33.11 -17.18
C GLY B 1132 -50.40 32.31 -18.46
N LEU B 1133 -50.65 31.01 -18.37
CA LEU B 1133 -50.61 30.19 -19.57
C LEU B 1133 -51.97 29.99 -20.20
N LYS B 1134 -53.05 30.34 -19.45
CA LYS B 1134 -54.46 30.25 -19.89
C LYS B 1134 -54.64 31.03 -21.21
N GLU B 1135 -55.35 30.46 -22.18
CA GLU B 1135 -55.63 31.13 -23.46
C GLU B 1135 -57.14 31.50 -23.43
N GLU B 1136 -57.60 31.99 -22.29
CA GLU B 1136 -58.99 32.36 -22.00
C GLU B 1136 -59.42 33.63 -22.79
N THR B 1137 -58.76 34.78 -22.52
CA THR B 1137 -59.08 36.07 -23.11
C THR B 1137 -58.10 36.44 -24.18
N SER B 1138 -56.81 36.11 -24.00
CA SER B 1138 -55.79 36.45 -24.98
C SER B 1138 -55.00 35.23 -25.34
N ILE B 1139 -54.23 35.31 -26.42
CA ILE B 1139 -53.36 34.21 -26.85
C ILE B 1139 -52.34 33.98 -25.76
N GLN B 1140 -51.88 32.71 -25.58
CA GLN B 1140 -50.97 32.30 -24.51
C GLN B 1140 -49.86 33.33 -24.23
N ALA B 1141 -49.12 33.77 -25.26
CA ALA B 1141 -48.06 34.75 -25.11
C ALA B 1141 -48.54 36.08 -24.48
N GLU B 1142 -49.73 36.56 -24.84
CA GLU B 1142 -50.28 37.80 -24.29
C GLU B 1142 -50.66 37.62 -22.82
N THR B 1143 -51.43 36.56 -22.49
CA THR B 1143 -51.85 36.29 -21.11
C THR B 1143 -50.66 36.14 -20.15
N LEU B 1144 -49.52 35.60 -20.62
CA LEU B 1144 -48.32 35.44 -19.81
C LEU B 1144 -47.64 36.78 -19.59
N LYS B 1145 -47.56 37.65 -20.64
CA LYS B 1145 -46.97 38.98 -20.51
C LYS B 1145 -47.73 39.75 -19.46
N LYS B 1146 -49.07 39.67 -19.49
CA LYS B 1146 -49.94 40.34 -18.53
C LYS B 1146 -49.68 39.83 -17.11
N PHE B 1147 -49.54 38.51 -16.97
CA PHE B 1147 -49.28 37.81 -15.71
C PHE B 1147 -47.93 38.21 -15.11
N PHE B 1148 -46.88 38.22 -15.94
CA PHE B 1148 -45.54 38.57 -15.49
C PHE B 1148 -45.48 40.01 -15.02
N ASP B 1149 -46.18 40.91 -15.74
CA ASP B 1149 -46.26 42.32 -15.43
C ASP B 1149 -46.93 42.53 -14.08
N SER B 1150 -47.98 41.72 -13.79
CA SER B 1150 -48.70 41.80 -12.51
C SER B 1150 -47.82 41.34 -11.35
N LYS B 1151 -46.91 40.38 -11.63
CA LYS B 1151 -45.99 39.81 -10.65
C LYS B 1151 -44.57 40.42 -10.75
N GLN B 1152 -44.47 41.71 -11.04
CA GLN B 1152 -43.16 42.37 -11.15
C GLN B 1152 -42.56 42.78 -9.82
N ASN B 1153 -43.38 42.99 -8.80
CA ASN B 1153 -42.93 43.37 -7.47
C ASN B 1153 -42.59 42.15 -6.64
N ASN B 1154 -43.16 41.00 -7.00
CA ASN B 1154 -42.88 39.75 -6.31
C ASN B 1154 -42.41 38.69 -7.29
N LYS B 1155 -41.18 38.88 -7.85
CA LYS B 1155 -40.58 37.95 -8.82
C LYS B 1155 -40.19 36.64 -8.14
N SER B 1156 -40.02 36.71 -6.81
CA SER B 1156 -39.72 35.60 -5.89
C SER B 1156 -40.79 34.50 -5.98
N GLU B 1157 -42.06 34.88 -6.16
CA GLU B 1157 -43.20 34.00 -6.28
C GLU B 1157 -43.06 33.03 -7.46
N ILE B 1158 -42.38 33.47 -8.53
CA ILE B 1158 -42.16 32.68 -9.75
C ILE B 1158 -40.89 31.81 -9.62
N GLY B 1159 -39.89 32.35 -8.94
CA GLY B 1159 -38.63 31.66 -8.71
C GLY B 1159 -37.44 32.43 -9.21
N ILE B 1160 -37.59 33.77 -9.36
CA ILE B 1160 -36.50 34.64 -9.77
C ILE B 1160 -36.20 35.55 -8.60
N GLY B 1161 -34.92 35.63 -8.21
CA GLY B 1161 -34.52 36.44 -7.08
C GLY B 1161 -33.05 36.50 -6.75
N ASP B 1162 -32.72 37.35 -5.76
CA ASP B 1162 -31.36 37.57 -5.29
C ASP B 1162 -31.00 36.56 -4.23
N SER B 1163 -29.94 35.81 -4.49
CA SER B 1163 -29.45 34.82 -3.56
C SER B 1163 -28.91 35.52 -2.31
N THR B 1164 -29.42 35.14 -1.12
CA THR B 1164 -28.97 35.69 0.18
C THR B 1164 -27.51 35.27 0.46
N PHE B 1165 -26.76 36.10 1.19
CA PHE B 1165 -25.35 35.81 1.43
C PHE B 1165 -24.96 35.86 2.91
N THR B 1166 -24.01 35.02 3.29
CA THR B 1166 -23.48 34.97 4.65
C THR B 1166 -21.97 35.19 4.57
N LYS B 1167 -21.50 36.29 5.16
CA LYS B 1167 -20.09 36.70 5.17
C LYS B 1167 -19.22 35.69 5.87
N MET B 1168 -18.02 35.45 5.30
CA MET B 1168 -17.06 34.49 5.86
C MET B 1168 -15.67 35.10 5.94
N ASP B 1169 -14.93 34.71 6.99
CA ASP B 1169 -13.58 35.20 7.23
C ASP B 1169 -12.52 34.34 6.54
N GLY B 1170 -11.64 35.02 5.81
CA GLY B 1170 -10.53 34.41 5.10
C GLY B 1170 -10.85 33.79 3.75
N LYS B 1171 -9.79 33.30 3.08
CA LYS B 1171 -9.87 32.62 1.78
C LYS B 1171 -10.57 31.27 1.94
N LEU B 1172 -11.63 31.08 1.15
CA LEU B 1172 -12.40 29.83 1.12
C LEU B 1172 -11.79 28.99 -0.01
N THR B 1173 -11.35 27.76 0.31
CA THR B 1173 -10.72 26.85 -0.65
C THR B 1173 -11.61 25.72 -1.10
N GLY B 1174 -12.52 25.32 -0.22
CA GLY B 1174 -13.46 24.25 -0.47
C GLY B 1174 -14.23 23.84 0.76
N VAL B 1175 -14.98 22.73 0.65
CA VAL B 1175 -15.78 22.18 1.73
C VAL B 1175 -15.45 20.68 1.91
N VAL B 1176 -15.61 20.18 3.14
CA VAL B 1176 -15.44 18.77 3.47
C VAL B 1176 -16.81 18.30 3.87
N SER B 1177 -17.39 17.40 3.07
CA SER B 1177 -18.76 16.99 3.32
C SER B 1177 -18.92 15.52 3.65
N THR B 1178 -19.40 15.27 4.87
CA THR B 1178 -19.73 13.94 5.37
C THR B 1178 -21.25 13.93 5.37
N PRO B 1179 -21.91 12.77 5.34
CA PRO B 1179 -23.39 12.78 5.38
C PRO B 1179 -23.96 13.64 6.51
N LEU B 1180 -23.23 13.69 7.66
CA LEU B 1180 -23.60 14.47 8.84
C LEU B 1180 -23.33 15.98 8.76
N VAL B 1181 -22.24 16.42 8.11
CA VAL B 1181 -21.92 17.84 8.08
C VAL B 1181 -21.16 18.31 6.81
N ASN B 1182 -21.23 19.61 6.51
CA ASN B 1182 -20.49 20.28 5.46
C ASN B 1182 -19.65 21.35 6.19
N LEU B 1183 -18.31 21.21 6.20
CA LEU B 1183 -17.45 22.16 6.88
C LEU B 1183 -16.61 22.92 5.91
N ILE B 1184 -16.76 24.25 5.90
CA ILE B 1184 -15.99 25.09 5.00
C ILE B 1184 -14.54 25.04 5.44
N ASN B 1185 -13.72 24.41 4.59
CA ASN B 1185 -12.30 24.15 4.81
C ASN B 1185 -11.96 23.40 6.10
N GLY B 1186 -12.78 22.55 6.70
CA GLY B 1186 -12.28 22.01 7.98
C GLY B 1186 -12.62 22.84 9.20
N GLN B 1187 -13.65 23.66 9.06
CA GLN B 1187 -14.29 24.43 10.12
C GLN B 1187 -14.62 23.48 11.29
N GLY B 1188 -14.79 24.04 12.49
CA GLY B 1188 -15.07 23.36 13.75
C GLY B 1188 -15.86 22.06 13.75
N ALA B 1189 -15.17 20.95 13.46
CA ALA B 1189 -15.77 19.64 13.50
C ALA B 1189 -15.81 19.27 14.99
N THR B 1190 -17.00 19.00 15.50
CA THR B 1190 -17.20 18.67 16.90
C THR B 1190 -17.75 17.26 17.09
N SER B 1191 -17.58 16.70 18.30
CA SER B 1191 -18.15 15.40 18.66
C SER B 1191 -19.66 15.53 18.71
N ASP B 1192 -20.38 14.45 18.34
CA ASP B 1192 -21.84 14.50 18.32
C ASP B 1192 -22.42 14.58 19.74
N SER B 1193 -23.21 15.63 20.01
CA SER B 1193 -23.86 15.89 21.29
C SER B 1193 -24.93 14.83 21.63
N ASP B 1194 -25.53 14.20 20.62
CA ASP B 1194 -26.54 13.18 20.80
C ASP B 1194 -25.92 11.91 21.37
N THR B 1195 -24.73 11.53 20.89
CA THR B 1195 -24.04 10.31 21.32
C THR B 1195 -23.03 10.48 22.46
N GLU B 1196 -22.71 11.73 22.85
CA GLU B 1196 -21.72 12.06 23.87
C GLU B 1196 -21.84 11.26 25.20
N LYS B 1197 -23.04 10.75 25.53
CA LYS B 1197 -23.25 9.98 26.76
C LYS B 1197 -23.10 8.45 26.56
N ILE B 1198 -23.17 7.98 25.30
CA ILE B 1198 -23.01 6.58 24.89
C ILE B 1198 -21.50 6.24 24.75
N SER B 1199 -21.08 5.06 25.23
CA SER B 1199 -19.69 4.60 25.20
C SER B 1199 -19.66 3.10 25.39
N PHE B 1200 -18.57 2.42 24.98
CA PHE B 1200 -18.47 0.98 25.20
C PHE B 1200 -18.05 0.74 26.66
N LYS B 1201 -18.39 -0.42 27.21
CA LYS B 1201 -17.99 -0.79 28.57
C LYS B 1201 -16.52 -1.22 28.53
N PRO B 1202 -15.64 -0.68 29.40
CA PRO B 1202 -14.23 -1.11 29.38
C PRO B 1202 -14.06 -2.60 29.66
N GLY B 1203 -13.15 -3.26 28.95
CA GLY B 1203 -12.86 -4.70 29.05
C GLY B 1203 -13.06 -5.38 30.40
N ASN B 1204 -12.54 -4.74 31.46
CA ASN B 1204 -12.63 -5.20 32.84
C ASN B 1204 -14.06 -5.30 33.36
N GLN B 1205 -14.89 -4.30 33.06
CA GLN B 1205 -16.29 -4.13 33.48
C GLN B 1205 -17.30 -5.13 32.86
N ILE B 1206 -16.82 -6.07 32.04
CA ILE B 1206 -17.66 -7.08 31.40
C ILE B 1206 -17.99 -8.21 32.40
N ASP B 1207 -19.23 -8.72 32.33
CA ASP B 1207 -19.77 -9.73 33.23
C ASP B 1207 -19.12 -11.14 33.08
N PHE B 1208 -18.71 -11.52 31.85
CA PHE B 1208 -18.05 -12.78 31.47
C PHE B 1208 -18.92 -14.05 31.59
N ASN B 1209 -19.67 -14.24 32.69
CA ASN B 1209 -20.49 -15.45 32.82
C ASN B 1209 -21.67 -15.49 31.86
N ARG B 1210 -22.58 -14.51 31.97
CA ARG B 1210 -23.83 -14.40 31.20
C ARG B 1210 -23.57 -14.45 29.71
N LEU B 1211 -23.87 -15.62 29.13
CA LEU B 1211 -23.83 -16.03 27.73
C LEU B 1211 -22.49 -15.71 26.97
N PHE B 1212 -21.39 -15.41 27.69
CA PHE B 1212 -20.05 -15.20 27.13
C PHE B 1212 -19.19 -16.44 27.38
N THR B 1213 -19.69 -17.33 28.27
CA THR B 1213 -19.10 -18.63 28.61
C THR B 1213 -19.45 -19.55 27.45
N LEU B 1214 -20.76 -19.68 27.18
CA LEU B 1214 -21.36 -20.45 26.10
C LEU B 1214 -21.08 -19.74 24.73
N PRO B 1215 -21.03 -20.46 23.58
CA PRO B 1215 -20.67 -19.83 22.29
C PRO B 1215 -21.18 -18.41 21.97
N VAL B 1216 -20.33 -17.68 21.23
CA VAL B 1216 -20.50 -16.29 20.77
C VAL B 1216 -21.76 -16.11 19.93
N THR B 1217 -22.10 -17.10 19.07
CA THR B 1217 -23.25 -17.13 18.17
C THR B 1217 -24.59 -16.86 18.86
N GLU B 1218 -24.64 -17.11 20.18
CA GLU B 1218 -25.82 -16.95 21.04
C GLU B 1218 -26.03 -15.50 21.53
N LEU B 1219 -25.17 -14.57 21.09
CA LEU B 1219 -25.25 -13.16 21.51
C LEU B 1219 -25.78 -12.21 20.44
N PHE B 1220 -25.96 -12.74 19.23
CA PHE B 1220 -26.48 -11.97 18.12
C PHE B 1220 -27.37 -12.83 17.23
N ASP B 1221 -28.34 -12.17 16.56
CA ASP B 1221 -29.28 -12.82 15.64
C ASP B 1221 -28.52 -13.12 14.37
N PRO B 1222 -28.29 -14.42 14.01
CA PRO B 1222 -27.47 -14.72 12.83
C PRO B 1222 -27.97 -14.17 11.51
N ASN B 1223 -29.30 -14.07 11.35
CA ASN B 1223 -29.92 -13.52 10.14
C ASN B 1223 -29.60 -12.00 9.99
N THR B 1224 -29.84 -11.22 11.06
CA THR B 1224 -29.68 -9.77 11.07
C THR B 1224 -28.24 -9.30 11.36
N MET B 1225 -27.48 -10.08 12.17
CA MET B 1225 -26.09 -9.89 12.62
C MET B 1225 -25.97 -8.77 13.67
N PHE B 1226 -27.05 -8.54 14.43
CA PHE B 1226 -27.09 -7.56 15.50
C PHE B 1226 -27.17 -8.22 16.85
N VAL B 1227 -26.50 -7.64 17.86
CA VAL B 1227 -26.50 -8.14 19.23
C VAL B 1227 -27.94 -8.05 19.73
N TYR B 1228 -28.45 -9.14 20.32
CA TYR B 1228 -29.82 -9.20 20.84
C TYR B 1228 -30.02 -8.09 21.86
N ASP B 1229 -31.16 -7.39 21.77
CA ASP B 1229 -31.54 -6.25 22.60
C ASP B 1229 -31.19 -6.36 24.09
N GLN B 1230 -31.21 -7.59 24.60
CA GLN B 1230 -30.93 -7.96 25.98
C GLN B 1230 -29.46 -7.74 26.41
N TYR B 1231 -28.48 -8.10 25.55
CA TYR B 1231 -27.06 -7.99 25.90
C TYR B 1231 -26.48 -6.62 25.61
N VAL B 1232 -27.19 -5.81 24.80
CA VAL B 1232 -26.74 -4.47 24.43
C VAL B 1232 -26.34 -3.63 25.67
N PRO B 1233 -27.16 -3.49 26.75
CA PRO B 1233 -26.71 -2.69 27.89
C PRO B 1233 -25.58 -3.34 28.68
N LEU B 1234 -25.28 -4.62 28.40
CA LEU B 1234 -24.20 -5.36 29.03
C LEU B 1234 -22.84 -4.95 28.46
N LEU B 1235 -22.82 -4.49 27.19
CA LEU B 1235 -21.63 -4.07 26.45
C LEU B 1235 -21.44 -2.55 26.32
N VAL B 1236 -22.53 -1.76 26.41
CA VAL B 1236 -22.45 -0.30 26.29
C VAL B 1236 -22.94 0.43 27.55
N ASN B 1237 -22.26 1.54 27.89
CA ASN B 1237 -22.60 2.40 29.01
C ASN B 1237 -23.58 3.43 28.46
N LEU B 1238 -24.81 3.47 29.01
CA LEU B 1238 -25.86 4.39 28.55
C LEU B 1238 -26.37 5.31 29.63
N PRO B 1239 -26.80 6.56 29.28
CA PRO B 1239 -27.32 7.48 30.31
C PRO B 1239 -28.58 6.93 30.93
N SER B 1240 -28.77 7.18 32.24
CA SER B 1240 -29.93 6.68 32.99
C SER B 1240 -31.22 7.07 32.30
N GLY B 1241 -31.98 6.04 31.93
CA GLY B 1241 -33.25 6.15 31.24
C GLY B 1241 -33.08 6.46 29.77
N PHE B 1242 -32.25 5.70 29.07
CA PHE B 1242 -32.02 5.93 27.65
C PHE B 1242 -32.78 4.94 26.81
N ASP B 1243 -33.29 5.39 25.63
CA ASP B 1243 -34.03 4.51 24.73
C ASP B 1243 -33.11 3.51 24.05
N GLN B 1244 -33.21 2.25 24.47
CA GLN B 1244 -32.44 1.10 24.00
C GLN B 1244 -32.60 0.88 22.49
N ALA B 1245 -33.76 1.28 21.97
CA ALA B 1245 -34.14 1.13 20.57
C ALA B 1245 -33.55 2.18 19.63
N SER B 1246 -32.95 3.24 20.19
CA SER B 1246 -32.29 4.28 19.38
C SER B 1246 -30.80 3.96 19.19
N ILE B 1247 -30.33 2.79 19.69
CA ILE B 1247 -28.95 2.32 19.52
C ILE B 1247 -28.89 0.87 19.14
N ARG B 1248 -27.83 0.51 18.38
CA ARG B 1248 -27.62 -0.87 17.97
C ARG B 1248 -26.14 -1.26 17.94
N LEU B 1249 -25.89 -2.57 18.00
CA LEU B 1249 -24.56 -3.15 18.01
C LEU B 1249 -24.44 -4.18 16.88
N LYS B 1250 -23.88 -3.78 15.72
CA LYS B 1250 -23.73 -4.70 14.59
C LYS B 1250 -22.48 -5.52 14.81
N VAL B 1251 -22.56 -6.83 14.55
CA VAL B 1251 -21.43 -7.72 14.67
C VAL B 1251 -20.62 -7.69 13.35
N ILE B 1252 -19.42 -7.12 13.44
CA ILE B 1252 -18.49 -6.88 12.34
C ILE B 1252 -17.66 -8.11 12.01
N SER B 1253 -17.35 -8.88 13.04
CA SER B 1253 -16.59 -10.13 12.97
C SER B 1253 -16.86 -10.89 14.26
N TYR B 1254 -16.73 -12.21 14.22
CA TYR B 1254 -16.89 -13.07 15.38
C TYR B 1254 -16.13 -14.36 15.16
N SER B 1255 -15.70 -14.97 16.27
CA SER B 1255 -15.02 -16.26 16.26
C SER B 1255 -15.53 -17.08 17.42
N VAL B 1256 -16.36 -18.10 17.13
CA VAL B 1256 -16.90 -18.99 18.16
C VAL B 1256 -15.69 -19.63 18.81
N GLU B 1257 -14.75 -20.11 17.96
CA GLU B 1257 -13.49 -20.78 18.26
C GLU B 1257 -12.60 -19.98 19.23
N ASN B 1258 -12.26 -18.74 18.86
CA ASN B 1258 -11.39 -17.84 19.62
C ASN B 1258 -12.11 -17.00 20.68
N GLN B 1259 -13.46 -17.13 20.75
CA GLN B 1259 -14.34 -16.38 21.67
C GLN B 1259 -14.09 -14.85 21.54
N THR B 1260 -14.39 -14.29 20.36
CA THR B 1260 -14.21 -12.87 20.04
C THR B 1260 -15.49 -12.34 19.40
N LEU B 1261 -15.89 -11.12 19.76
CA LEU B 1261 -17.10 -10.50 19.28
C LEU B 1261 -16.79 -9.04 18.89
N GLY B 1262 -16.54 -8.82 17.59
CA GLY B 1262 -16.25 -7.49 17.06
C GLY B 1262 -17.53 -6.74 16.77
N VAL B 1263 -17.70 -5.54 17.38
CA VAL B 1263 -18.92 -4.73 17.18
C VAL B 1263 -18.64 -3.26 16.82
N ARG B 1264 -19.70 -2.61 16.30
CA ARG B 1264 -19.78 -1.21 15.94
C ARG B 1264 -21.08 -0.69 16.55
N LEU B 1265 -20.96 0.41 17.30
CA LEU B 1265 -22.08 1.05 17.97
C LEU B 1265 -22.74 2.02 17.02
N GLU B 1266 -24.00 1.82 16.73
CA GLU B 1266 -24.76 2.70 15.87
C GLU B 1266 -25.85 3.39 16.67
N PHE B 1267 -26.27 4.58 16.25
CA PHE B 1267 -27.29 5.38 16.93
C PHE B 1267 -28.24 6.00 15.92
N LYS B 1268 -29.55 5.87 16.18
CA LYS B 1268 -30.63 6.40 15.34
C LYS B 1268 -30.60 7.92 15.40
N ASP B 1269 -30.14 8.57 14.30
CA ASP B 1269 -30.06 10.03 14.21
C ASP B 1269 -31.46 10.62 14.41
N PRO B 1270 -31.66 11.64 15.28
CA PRO B 1270 -33.02 12.17 15.48
C PRO B 1270 -33.57 12.87 14.25
N GLN B 1271 -32.70 13.55 13.46
CA GLN B 1271 -33.09 14.24 12.22
C GLN B 1271 -33.59 13.22 11.17
N THR B 1272 -32.66 12.45 10.56
CA THR B 1272 -32.94 11.38 9.61
C THR B 1272 -33.05 10.12 10.48
N GLN B 1273 -34.12 9.34 10.37
CA GLN B 1273 -34.28 8.16 11.24
C GLN B 1273 -33.37 6.96 10.86
N GLN B 1274 -32.15 7.26 10.33
CA GLN B 1274 -31.10 6.29 9.97
C GLN B 1274 -30.05 6.19 11.07
N PHE B 1275 -29.41 5.03 11.18
CA PHE B 1275 -28.37 4.83 12.19
C PHE B 1275 -27.02 5.35 11.75
N ILE B 1276 -26.40 6.13 12.63
CA ILE B 1276 -25.08 6.73 12.43
C ILE B 1276 -24.09 6.09 13.40
N PRO B 1277 -22.77 5.97 13.09
CA PRO B 1277 -21.87 5.33 14.05
C PRO B 1277 -21.54 6.27 15.21
N VAL B 1278 -21.55 5.71 16.46
CA VAL B 1278 -21.22 6.39 17.72
C VAL B 1278 -19.70 6.46 17.74
N LEU B 1279 -19.17 7.49 17.08
CA LEU B 1279 -17.73 7.67 16.90
C LEU B 1279 -16.97 7.78 18.24
N ASN B 1280 -17.67 8.24 19.30
CA ASN B 1280 -17.11 8.38 20.65
C ASN B 1280 -17.19 7.08 21.47
N ALA B 1281 -17.62 5.97 20.83
CA ALA B 1281 -17.76 4.65 21.45
C ALA B 1281 -16.45 4.14 21.99
N SER B 1282 -15.35 4.38 21.26
CA SER B 1282 -14.00 3.97 21.63
C SER B 1282 -13.00 5.09 21.40
N SER B 1283 -11.81 4.91 21.97
CA SER B 1283 -10.64 5.77 21.88
C SER B 1283 -10.14 5.82 20.44
N THR B 1284 -10.37 4.72 19.70
CA THR B 1284 -10.02 4.49 18.31
C THR B 1284 -11.18 4.90 17.36
N GLY B 1285 -12.39 4.39 17.58
CA GLY B 1285 -13.55 4.68 16.76
C GLY B 1285 -14.82 4.01 17.21
N PRO B 1286 -15.86 3.89 16.37
CA PRO B 1286 -17.11 3.23 16.82
C PRO B 1286 -17.02 1.69 16.87
N GLN B 1287 -15.85 1.17 16.45
CA GLN B 1287 -15.50 -0.25 16.36
C GLN B 1287 -14.76 -0.67 17.62
N THR B 1288 -14.97 -1.93 18.07
CA THR B 1288 -14.24 -2.55 19.17
C THR B 1288 -14.40 -4.08 19.20
N VAL B 1289 -13.43 -4.77 19.82
CA VAL B 1289 -13.51 -6.23 19.95
C VAL B 1289 -13.66 -6.61 21.39
N PHE B 1290 -14.62 -7.51 21.65
CA PHE B 1290 -14.88 -8.04 22.97
C PHE B 1290 -14.41 -9.48 23.03
N GLN B 1291 -13.49 -9.76 23.96
CA GLN B 1291 -12.91 -11.09 24.15
C GLN B 1291 -12.70 -11.41 25.63
N PRO B 1292 -13.00 -12.65 26.06
CA PRO B 1292 -12.83 -12.98 27.48
C PRO B 1292 -11.36 -13.03 27.91
N PHE B 1293 -11.03 -12.30 29.00
CA PHE B 1293 -9.72 -12.16 29.65
C PHE B 1293 -9.57 -10.74 30.15
N LYS C 3 24.13 -30.18 22.72
CA LYS C 3 25.03 -30.33 21.58
C LYS C 3 26.27 -29.39 21.64
N HIS C 4 26.84 -29.14 22.87
CA HIS C 4 28.03 -28.29 23.04
C HIS C 4 29.18 -28.76 22.16
N GLN C 5 29.45 -30.09 22.18
CA GLN C 5 30.46 -30.83 21.44
C GLN C 5 30.41 -30.60 19.93
N GLN C 6 29.18 -30.46 19.38
CA GLN C 6 29.00 -30.22 17.95
C GLN C 6 28.16 -28.98 17.64
N ALA C 7 28.40 -27.88 18.39
CA ALA C 7 27.77 -26.58 18.16
C ALA C 7 28.49 -25.98 16.94
N VAL C 8 27.78 -25.19 16.12
CA VAL C 8 28.38 -24.66 14.89
C VAL C 8 29.59 -23.76 15.17
N ASP C 9 30.76 -24.22 14.72
CA ASP C 9 32.02 -23.52 14.83
C ASP C 9 32.08 -22.52 13.69
N GLU C 10 32.02 -21.23 14.03
CA GLU C 10 32.00 -20.15 13.05
C GLU C 10 33.35 -19.95 12.34
N THR C 11 34.44 -20.50 12.89
CA THR C 11 35.78 -20.40 12.31
C THR C 11 35.90 -21.30 11.07
N LEU C 12 35.01 -22.30 10.96
CA LEU C 12 34.95 -23.21 9.84
C LEU C 12 34.04 -22.62 8.78
N THR C 13 34.37 -22.82 7.49
CA THR C 13 33.63 -22.29 6.35
C THR C 13 33.49 -23.35 5.27
N PRO C 14 32.45 -23.33 4.39
CA PRO C 14 32.34 -24.37 3.37
C PRO C 14 33.50 -24.38 2.39
N TRP C 15 33.80 -25.57 1.83
CA TRP C 15 34.88 -25.80 0.89
C TRP C 15 34.48 -26.88 -0.09
N THR C 16 35.23 -27.00 -1.19
CA THR C 16 34.93 -28.01 -2.20
C THR C 16 36.14 -28.91 -2.39
N TRP C 17 35.99 -30.24 -2.35
CA TRP C 17 37.16 -31.09 -2.56
C TRP C 17 37.47 -31.20 -4.02
N ASN C 18 38.72 -30.89 -4.40
CA ASN C 18 39.17 -30.90 -5.81
C ASN C 18 38.89 -32.20 -6.56
N ASN C 19 39.12 -33.35 -5.88
CA ASN C 19 38.98 -34.68 -6.44
C ASN C 19 37.56 -35.09 -6.78
N ASN C 20 36.53 -34.59 -6.09
CA ASN C 20 35.17 -35.01 -6.46
C ASN C 20 34.25 -33.85 -6.84
N ASN C 21 34.56 -32.67 -6.27
CA ASN C 21 33.87 -31.38 -6.34
C ASN C 21 32.65 -31.38 -5.44
N PHE C 22 32.72 -32.12 -4.32
CA PHE C 22 31.64 -32.15 -3.34
C PHE C 22 31.78 -30.95 -2.42
N SER C 23 30.65 -30.26 -2.15
CA SER C 23 30.66 -29.09 -1.28
C SER C 23 29.51 -29.16 -0.26
N SER C 24 28.45 -29.89 -0.62
CA SER C 24 27.25 -30.10 0.18
C SER C 24 26.36 -31.15 -0.47
N LEU C 25 25.62 -31.92 0.36
CA LEU C 25 24.67 -32.95 -0.07
C LEU C 25 23.28 -32.36 0.14
N LYS C 26 22.43 -32.44 -0.88
CA LYS C 26 21.07 -31.93 -0.78
C LYS C 26 20.24 -32.98 -0.05
N ILE C 27 19.90 -32.70 1.23
CA ILE C 27 19.13 -33.65 2.03
C ILE C 27 17.66 -33.53 1.69
N THR C 28 17.07 -34.66 1.29
CA THR C 28 15.67 -34.83 0.91
C THR C 28 14.90 -35.44 2.08
N GLY C 29 13.62 -35.66 1.86
CA GLY C 29 12.77 -36.35 2.83
C GLY C 29 12.14 -35.52 3.94
N GLU C 30 11.72 -36.24 5.00
CA GLU C 30 11.04 -35.72 6.19
C GLU C 30 11.78 -34.54 6.84
N ASN C 31 13.11 -34.70 7.03
CA ASN C 31 13.97 -33.66 7.60
C ASN C 31 14.95 -33.25 6.49
N PRO C 32 14.55 -32.28 5.66
CA PRO C 32 15.42 -31.84 4.57
C PRO C 32 16.43 -30.81 5.02
N GLY C 33 17.36 -30.52 4.13
CA GLY C 33 18.42 -29.56 4.39
C GLY C 33 19.67 -29.86 3.60
N SER C 34 20.81 -29.74 4.26
CA SER C 34 22.08 -29.96 3.61
C SER C 34 23.14 -30.42 4.60
N PHE C 35 24.08 -31.23 4.11
CA PHE C 35 25.24 -31.67 4.84
C PHE C 35 26.36 -31.14 3.98
N GLY C 36 26.92 -30.02 4.39
CA GLY C 36 27.99 -29.34 3.65
C GLY C 36 29.34 -29.49 4.28
N LEU C 37 30.37 -29.71 3.44
CA LEU C 37 31.76 -29.77 3.89
C LEU C 37 32.12 -28.43 4.54
N VAL C 38 33.01 -28.46 5.53
CA VAL C 38 33.35 -27.24 6.24
C VAL C 38 34.83 -27.35 6.74
N ARG C 39 35.59 -26.24 6.59
CA ARG C 39 37.02 -26.15 6.84
C ARG C 39 37.49 -24.90 7.60
N SER C 40 38.60 -25.04 8.34
CA SER C 40 39.33 -24.00 9.05
C SER C 40 40.23 -23.33 8.04
N GLN C 41 40.38 -22.00 8.15
CA GLN C 41 41.24 -21.30 7.20
C GLN C 41 42.47 -20.58 7.85
N ASN C 42 43.07 -21.28 8.90
CA ASN C 42 44.31 -20.91 9.58
C ASN C 42 45.39 -21.31 8.62
N ASP C 43 46.08 -20.31 8.11
CA ASP C 43 47.15 -20.60 7.20
C ASP C 43 48.47 -20.62 7.98
N ASN C 44 49.54 -20.00 7.42
CA ASN C 44 50.86 -19.98 8.02
C ASN C 44 51.23 -21.42 8.51
N LEU C 45 51.13 -22.36 7.56
CA LEU C 45 51.48 -23.74 7.77
C LEU C 45 52.52 -24.14 6.77
N ASN C 46 53.62 -24.66 7.28
CA ASN C 46 54.69 -25.08 6.41
C ASN C 46 54.98 -26.51 6.63
N ILE C 47 54.52 -27.34 5.68
CA ILE C 47 54.76 -28.79 5.64
C ILE C 47 56.30 -28.98 5.52
N SER C 48 57.00 -27.85 5.22
CA SER C 48 58.45 -27.68 5.11
C SER C 48 59.05 -27.96 6.46
N SER C 49 58.34 -27.61 7.57
CA SER C 49 58.81 -27.86 8.93
C SER C 49 59.09 -29.36 9.17
N VAL C 50 58.21 -30.24 8.68
CA VAL C 50 58.35 -31.71 8.76
C VAL C 50 59.48 -32.12 7.82
N THR C 51 60.56 -32.69 8.39
CA THR C 51 61.77 -33.09 7.64
C THR C 51 61.93 -34.59 7.47
N LYS C 52 62.73 -34.98 6.47
CA LYS C 52 63.04 -36.37 6.19
C LYS C 52 64.56 -36.64 6.42
N ASN C 53 64.89 -37.27 7.58
CA ASN C 53 66.27 -37.49 8.00
C ASN C 53 67.00 -38.68 7.35
N SER C 54 66.78 -38.93 6.03
CA SER C 54 67.39 -40.00 5.21
C SER C 54 66.93 -41.38 5.66
N SER C 55 67.01 -41.65 6.99
CA SER C 55 66.59 -42.85 7.72
C SER C 55 65.07 -43.03 7.63
N ASP C 56 64.35 -41.92 7.41
CA ASP C 56 62.92 -41.99 7.29
C ASP C 56 62.49 -42.44 5.91
N ASP C 57 61.50 -43.35 5.88
CA ASP C 57 60.86 -43.81 4.66
C ASP C 57 59.63 -42.95 4.45
N ASN C 58 59.06 -43.02 3.26
CA ASN C 58 57.90 -42.27 2.80
C ASN C 58 56.78 -42.31 3.84
N LEU C 59 56.43 -43.53 4.30
CA LEU C 59 55.40 -43.74 5.33
C LEU C 59 55.71 -42.97 6.63
N LYS C 60 56.98 -43.08 7.12
CA LYS C 60 57.45 -42.43 8.34
C LYS C 60 57.28 -40.92 8.18
N TYR C 61 57.62 -40.39 6.97
CA TYR C 61 57.47 -38.98 6.64
C TYR C 61 56.00 -38.61 6.65
N LEU C 62 55.17 -39.40 5.97
CA LEU C 62 53.73 -39.15 5.89
C LEU C 62 53.07 -39.06 7.24
N ASN C 63 53.27 -40.09 8.10
CA ASN C 63 52.65 -40.13 9.42
C ASN C 63 52.96 -38.86 10.17
N ALA C 64 54.21 -38.39 10.03
CA ALA C 64 54.72 -37.15 10.64
C ALA C 64 54.00 -35.90 10.07
N VAL C 65 53.71 -35.90 8.75
CA VAL C 65 52.99 -34.80 8.13
C VAL C 65 51.57 -34.84 8.65
N GLU C 66 50.89 -36.03 8.65
CA GLU C 66 49.53 -36.14 9.16
C GLU C 66 49.48 -35.71 10.62
N LYS C 67 50.49 -36.06 11.41
CA LYS C 67 50.54 -35.63 12.79
C LYS C 67 50.65 -34.11 12.92
N TYR C 68 51.43 -33.47 12.01
CA TYR C 68 51.60 -32.01 11.97
C TYR C 68 50.25 -31.34 11.64
N LEU C 69 49.67 -31.79 10.54
CA LEU C 69 48.42 -31.29 10.03
C LEU C 69 47.31 -31.52 11.03
N ASP C 70 47.43 -32.58 11.85
CA ASP C 70 46.45 -32.88 12.87
C ASP C 70 46.34 -31.71 13.82
N GLY C 71 47.48 -31.12 14.13
CA GLY C 71 47.52 -29.95 15.01
C GLY C 71 47.35 -28.61 14.33
N GLN C 72 47.06 -28.61 13.03
CA GLN C 72 46.94 -27.35 12.34
C GLN C 72 45.56 -27.15 11.68
N GLN C 73 45.24 -28.00 10.71
CA GLN C 73 43.99 -28.00 9.97
C GLN C 73 42.80 -28.46 10.86
N ASN C 74 41.58 -28.12 10.44
CA ASN C 74 40.34 -28.53 11.11
C ASN C 74 39.20 -28.71 10.10
N PHE C 75 38.48 -29.84 10.21
CA PHE C 75 37.39 -30.12 9.28
C PHE C 75 36.21 -30.74 9.99
N ALA C 76 35.00 -30.47 9.47
CA ALA C 76 33.75 -31.05 9.93
C ALA C 76 32.85 -31.17 8.69
N ILE C 77 31.57 -31.52 8.93
CA ILE C 77 30.51 -31.55 7.92
C ILE C 77 29.33 -30.92 8.59
N ARG C 78 28.98 -29.66 8.30
CA ARG C 78 27.86 -29.20 9.10
C ARG C 78 26.49 -29.39 8.44
N ARG C 79 25.49 -29.68 9.28
CA ARG C 79 24.10 -29.92 8.94
C ARG C 79 23.36 -28.58 8.92
N TYR C 80 22.71 -28.26 7.79
CA TYR C 80 21.94 -27.06 7.61
C TYR C 80 20.46 -27.44 7.50
N ASP C 81 19.60 -26.53 7.93
CA ASP C 81 18.14 -26.73 7.85
C ASP C 81 17.66 -26.47 6.44
N ASN C 82 16.42 -26.81 6.12
CA ASN C 82 15.89 -26.63 4.77
C ASN C 82 16.03 -25.19 4.22
N ASN C 83 16.20 -24.17 5.09
CA ASN C 83 16.39 -22.78 4.67
C ASN C 83 17.84 -22.42 4.35
N GLY C 84 18.78 -23.27 4.78
CA GLY C 84 20.19 -23.07 4.56
C GLY C 84 20.93 -22.66 5.82
N ARG C 85 20.20 -22.49 6.92
CA ARG C 85 20.82 -22.08 8.19
C ARG C 85 21.50 -23.26 8.87
N ALA C 86 22.73 -23.05 9.34
CA ALA C 86 23.47 -24.10 10.02
C ALA C 86 22.80 -24.50 11.35
N LEU C 87 22.78 -25.80 11.64
CA LEU C 87 22.16 -26.36 12.84
C LEU C 87 23.22 -26.82 13.81
N TYR C 88 24.01 -27.82 13.39
CA TYR C 88 25.09 -28.40 14.19
C TYR C 88 26.25 -28.75 13.30
N ASP C 89 27.41 -29.04 13.88
CA ASP C 89 28.63 -29.18 13.13
C ASP C 89 29.20 -30.58 12.86
N ILE C 90 29.13 -31.55 13.78
CA ILE C 90 29.76 -32.90 13.66
C ILE C 90 31.24 -32.86 13.02
N ASN C 91 32.23 -32.56 13.92
CA ASN C 91 33.69 -32.52 13.69
C ASN C 91 34.30 -33.70 14.47
N LEU C 92 34.79 -34.72 13.75
CA LEU C 92 35.33 -35.96 14.35
C LEU C 92 36.53 -35.76 15.27
N ALA C 93 37.35 -34.77 14.97
CA ALA C 93 38.52 -34.50 15.79
C ALA C 93 38.14 -33.92 17.15
N LYS C 94 37.14 -33.03 17.19
CA LYS C 94 36.75 -32.37 18.42
C LYS C 94 35.62 -33.10 19.20
N MET C 95 35.16 -34.26 18.70
CA MET C 95 34.15 -35.03 19.41
C MET C 95 34.86 -35.83 20.47
N GLU C 96 34.54 -35.52 21.72
CA GLU C 96 35.11 -36.08 22.96
C GLU C 96 34.47 -37.40 23.38
N ASN C 97 33.12 -37.49 23.22
CA ASN C 97 32.38 -38.69 23.56
C ASN C 97 31.58 -39.12 22.33
N PRO C 98 32.20 -39.71 21.28
CA PRO C 98 31.42 -40.11 20.09
C PRO C 98 30.75 -41.44 20.37
N SER C 99 29.48 -41.59 19.99
CA SER C 99 28.83 -42.84 20.33
C SER C 99 28.26 -43.60 19.15
N THR C 100 28.27 -44.94 19.26
CA THR C 100 27.64 -45.79 18.27
C THR C 100 26.15 -45.81 18.64
N VAL C 101 25.27 -46.01 17.65
CA VAL C 101 23.84 -46.09 17.90
C VAL C 101 23.47 -47.44 18.50
N GLN C 102 22.45 -47.44 19.38
CA GLN C 102 21.89 -48.65 19.97
C GLN C 102 21.01 -49.25 18.90
N ARG C 103 20.98 -50.59 18.81
CA ARG C 103 20.12 -51.28 17.85
C ARG C 103 19.17 -52.20 18.59
N GLY C 104 18.25 -52.78 17.80
CA GLY C 104 17.34 -53.82 18.24
C GLY C 104 18.02 -55.16 18.01
N LEU C 105 17.29 -56.25 18.12
CA LEU C 105 17.90 -57.56 17.87
C LEU C 105 18.10 -57.78 16.37
N ASN C 106 17.26 -57.11 15.56
CA ASN C 106 17.22 -57.16 14.10
C ASN C 106 18.31 -56.32 13.49
N GLY C 107 18.89 -55.46 14.31
CA GLY C 107 19.97 -54.55 13.92
C GLY C 107 19.46 -53.14 13.66
N GLU C 108 18.14 -52.95 13.80
CA GLU C 108 17.51 -51.67 13.56
C GLU C 108 17.82 -50.72 14.69
N PRO C 109 18.43 -49.55 14.39
CA PRO C 109 18.74 -48.57 15.44
C PRO C 109 17.54 -48.09 16.24
N ILE C 110 17.81 -47.77 17.51
CA ILE C 110 16.86 -47.30 18.51
C ILE C 110 16.70 -45.81 18.31
N PHE C 111 15.46 -45.36 18.01
CA PHE C 111 15.21 -43.95 17.73
C PHE C 111 13.83 -43.46 18.07
N ASP C 112 13.76 -42.31 18.77
CA ASP C 112 12.53 -41.56 19.05
C ASP C 112 12.68 -40.23 18.32
N PRO C 113 11.64 -39.76 17.61
CA PRO C 113 11.77 -38.52 16.83
C PRO C 113 12.17 -37.27 17.60
N PHE C 114 11.90 -37.27 18.92
CA PHE C 114 12.15 -36.15 19.81
C PHE C 114 13.37 -36.36 20.68
N LYS C 115 13.50 -37.56 21.28
CA LYS C 115 14.63 -37.91 22.15
C LYS C 115 15.88 -38.16 21.31
N GLY C 116 15.68 -38.64 20.08
CA GLY C 116 16.76 -38.98 19.17
C GLY C 116 17.17 -40.42 19.28
N PHE C 117 18.42 -40.69 18.96
CA PHE C 117 18.96 -42.03 18.97
C PHE C 117 19.42 -42.47 20.34
N GLY C 118 19.24 -43.76 20.61
CA GLY C 118 19.74 -44.40 21.80
C GLY C 118 21.23 -44.58 21.58
N LEU C 119 22.05 -44.13 22.53
CA LEU C 119 23.50 -44.19 22.32
C LEU C 119 24.21 -45.19 23.22
N THR C 120 25.06 -46.01 22.64
CA THR C 120 25.77 -47.05 23.36
C THR C 120 26.79 -46.50 24.31
N GLY C 121 27.33 -45.32 23.97
CA GLY C 121 28.36 -44.66 24.74
C GLY C 121 29.72 -45.24 24.43
N ASN C 122 29.81 -45.96 23.32
CA ASN C 122 31.07 -46.50 22.89
C ASN C 122 31.45 -45.85 21.59
N ALA C 123 32.72 -45.53 21.43
CA ALA C 123 33.18 -44.89 20.22
C ALA C 123 33.27 -45.91 19.08
N PRO C 124 33.03 -45.47 17.82
CA PRO C 124 33.10 -46.43 16.71
C PRO C 124 34.51 -46.98 16.49
N THR C 125 34.56 -48.22 15.97
CA THR C 125 35.76 -49.01 15.70
C THR C 125 36.84 -48.23 14.96
N ASP C 126 38.10 -48.32 15.45
CA ASP C 126 39.29 -47.64 14.92
C ASP C 126 39.12 -46.10 15.01
N TRP C 127 38.48 -45.59 16.10
CA TRP C 127 38.22 -44.16 16.24
C TRP C 127 39.47 -43.28 16.22
N ASN C 128 40.56 -43.73 16.85
CA ASN C 128 41.76 -42.91 16.89
C ASN C 128 42.34 -42.60 15.52
N GLU C 129 42.30 -43.57 14.56
CA GLU C 129 42.81 -43.34 13.20
C GLU C 129 41.88 -42.47 12.37
N ILE C 130 40.58 -42.74 12.49
CA ILE C 130 39.54 -42.09 11.71
C ILE C 130 39.12 -40.69 12.23
N LYS C 131 39.37 -40.32 13.53
CA LYS C 131 38.97 -38.99 14.05
C LYS C 131 39.68 -37.84 13.30
N GLY C 132 40.94 -38.08 12.99
CA GLY C 132 41.79 -37.16 12.28
C GLY C 132 41.53 -36.99 10.81
N LYS C 133 40.73 -37.91 10.23
CA LYS C 133 40.42 -37.88 8.80
C LYS C 133 39.49 -36.76 8.44
N VAL C 134 39.59 -36.33 7.16
CA VAL C 134 38.80 -35.22 6.62
C VAL C 134 37.57 -35.72 5.84
N PRO C 135 36.35 -35.29 6.25
CA PRO C 135 35.16 -35.66 5.49
C PRO C 135 35.18 -34.88 4.17
N VAL C 136 35.01 -35.64 3.05
CA VAL C 136 35.05 -35.16 1.67
C VAL C 136 33.75 -35.43 0.88
N GLU C 137 32.85 -36.30 1.36
CA GLU C 137 31.58 -36.62 0.70
C GLU C 137 30.54 -37.22 1.65
N VAL C 138 29.29 -36.75 1.57
CA VAL C 138 28.17 -37.24 2.38
C VAL C 138 27.08 -37.72 1.42
N VAL C 139 26.59 -38.96 1.61
CA VAL C 139 25.53 -39.53 0.76
C VAL C 139 24.44 -40.08 1.67
N GLN C 140 23.15 -39.82 1.35
CA GLN C 140 22.08 -40.33 2.21
C GLN C 140 21.45 -41.60 1.66
N SER C 141 21.08 -42.54 2.58
CA SER C 141 20.45 -43.81 2.21
C SER C 141 19.10 -43.46 1.64
N PRO C 142 18.74 -44.14 0.52
CA PRO C 142 17.50 -43.77 -0.17
C PRO C 142 16.25 -44.28 0.51
N HIS C 143 16.31 -45.53 0.97
CA HIS C 143 15.21 -46.21 1.61
C HIS C 143 15.22 -46.04 3.13
N SER C 144 16.37 -46.25 3.78
CA SER C 144 16.44 -46.10 5.22
C SER C 144 16.56 -44.63 5.63
N PRO C 145 15.70 -44.18 6.57
CA PRO C 145 15.78 -42.78 7.02
C PRO C 145 16.81 -42.58 8.15
N ASN C 146 17.33 -41.34 8.26
CA ASN C 146 18.35 -40.95 9.24
C ASN C 146 19.69 -41.57 8.94
N LEU C 147 19.78 -42.37 7.89
CA LEU C 147 21.02 -43.03 7.54
C LEU C 147 21.74 -42.21 6.51
N TYR C 148 23.02 -41.97 6.74
CA TYR C 148 23.87 -41.22 5.84
C TYR C 148 25.24 -41.91 5.88
N PHE C 149 26.13 -41.53 4.94
CA PHE C 149 27.46 -42.12 4.83
C PHE C 149 28.47 -41.06 4.57
N VAL C 150 29.57 -41.09 5.35
CA VAL C 150 30.65 -40.12 5.20
C VAL C 150 31.86 -40.77 4.57
N LEU C 151 32.55 -40.02 3.69
CA LEU C 151 33.80 -40.42 3.04
C LEU C 151 34.94 -39.66 3.73
N LEU C 152 35.89 -40.41 4.27
CA LEU C 152 37.00 -39.84 5.00
C LEU C 152 38.31 -40.15 4.32
N VAL C 153 39.17 -39.14 4.23
CA VAL C 153 40.49 -39.28 3.63
C VAL C 153 41.54 -38.70 4.61
N PRO C 154 42.83 -39.11 4.55
CA PRO C 154 43.82 -38.51 5.46
C PRO C 154 44.03 -37.04 5.12
N LYS C 155 44.44 -36.19 6.13
CA LYS C 155 44.70 -34.73 5.96
C LYS C 155 45.79 -34.52 4.92
N VAL C 156 46.71 -35.51 4.83
CA VAL C 156 47.82 -35.68 3.91
C VAL C 156 47.33 -35.74 2.44
N ALA C 157 46.29 -36.55 2.15
CA ALA C 157 45.69 -36.70 0.81
C ALA C 157 45.31 -35.34 0.22
N LEU C 158 44.92 -34.38 1.08
CA LEU C 158 44.60 -33.01 0.66
C LEU C 158 45.90 -32.24 0.27
N GLU C 159 46.88 -32.18 1.22
CA GLU C 159 48.17 -31.50 1.06
C GLU C 159 49.16 -32.28 0.21
N TYR C 160 48.69 -33.25 -0.60
CA TYR C 160 49.55 -34.12 -1.41
C TYR C 160 50.59 -33.36 -2.24
N HIS C 161 50.16 -32.29 -2.91
CA HIS C 161 51.04 -31.52 -3.77
C HIS C 161 52.05 -30.64 -3.04
N ASN C 162 51.80 -30.39 -1.76
CA ASN C 162 52.70 -29.58 -0.94
C ASN C 162 53.72 -30.41 -0.14
N LEU C 163 53.77 -31.73 -0.38
CA LEU C 163 54.75 -32.58 0.29
C LEU C 163 56.15 -32.35 -0.35
N ASN C 164 57.24 -32.74 0.36
CA ASN C 164 58.64 -32.57 -0.09
C ASN C 164 58.88 -33.00 -1.55
N ASN C 165 59.60 -32.15 -2.32
CA ASN C 165 59.97 -32.30 -3.74
C ASN C 165 60.61 -33.63 -4.03
N GLN C 166 61.36 -34.19 -3.07
CA GLN C 166 61.99 -35.49 -3.26
C GLN C 166 61.05 -36.65 -2.95
N VAL C 167 59.93 -36.39 -2.26
CA VAL C 167 58.90 -37.41 -2.00
C VAL C 167 57.84 -37.36 -3.12
N VAL C 168 57.15 -36.21 -3.28
CA VAL C 168 56.15 -36.04 -4.35
C VAL C 168 56.80 -35.30 -5.55
N LYS C 169 57.17 -36.06 -6.60
CA LYS C 169 57.81 -35.51 -7.80
C LYS C 169 57.07 -35.92 -9.10
N GLU C 170 57.57 -35.45 -10.27
CA GLU C 170 57.03 -35.77 -11.59
C GLU C 170 57.76 -36.97 -12.21
N SER C 171 57.11 -37.65 -13.17
CA SER C 171 57.69 -38.80 -13.88
C SER C 171 58.78 -38.36 -14.86
N LEU C 172 58.72 -37.10 -15.37
CA LEU C 172 59.73 -36.56 -16.28
C LEU C 172 60.86 -35.95 -15.49
N GLU C 173 62.07 -36.58 -15.56
CA GLU C 173 63.26 -36.10 -14.85
C GLU C 173 63.79 -34.85 -15.54
N VAL C 174 63.91 -33.78 -14.78
CA VAL C 174 64.52 -32.57 -15.31
C VAL C 174 65.84 -32.31 -14.51
N LYS C 175 66.98 -32.69 -15.13
CA LYS C 175 68.31 -32.57 -14.55
C LYS C 175 68.73 -31.12 -14.59
N ALA C 176 69.29 -30.61 -13.50
CA ALA C 176 69.71 -29.22 -13.35
C ALA C 176 70.93 -28.88 -14.23
N THR C 177 70.76 -29.00 -15.56
CA THR C 177 71.81 -28.76 -16.55
C THR C 177 71.51 -27.51 -17.41
N GLN C 178 72.53 -26.67 -17.61
CA GLN C 178 72.45 -25.45 -18.43
C GLN C 178 73.17 -25.71 -19.78
N SER C 179 73.23 -27.00 -20.18
CA SER C 179 73.89 -27.45 -21.39
C SER C 179 73.16 -26.94 -22.65
N SER C 180 72.04 -27.57 -23.00
CA SER C 180 71.23 -27.26 -24.19
C SER C 180 70.03 -28.17 -24.15
N PHE C 181 68.90 -27.72 -24.69
CA PHE C 181 67.69 -28.54 -24.69
C PHE C 181 67.53 -29.39 -25.92
N ASN C 182 67.51 -30.71 -25.70
CA ASN C 182 67.26 -31.71 -26.74
C ASN C 182 66.23 -32.65 -26.17
N PRO C 183 64.98 -32.60 -26.69
CA PRO C 183 63.96 -33.51 -26.18
C PRO C 183 64.37 -34.98 -26.25
N THR C 184 64.96 -35.40 -27.39
CA THR C 184 65.41 -36.78 -27.66
C THR C 184 66.52 -37.31 -26.75
N GLN C 185 67.05 -36.48 -25.85
CA GLN C 185 68.18 -36.90 -25.03
C GLN C 185 67.80 -38.10 -24.13
N ARG C 186 66.58 -38.13 -23.56
CA ARG C 186 66.18 -39.23 -22.68
C ARG C 186 65.75 -40.50 -23.46
N LEU C 187 65.40 -40.31 -24.75
CA LEU C 187 64.88 -41.30 -25.70
C LEU C 187 65.92 -42.29 -26.27
N GLN C 188 65.52 -43.59 -26.41
CA GLN C 188 66.31 -44.66 -27.03
C GLN C 188 65.85 -44.66 -28.48
N LYS C 189 66.72 -44.24 -29.41
CA LYS C 189 66.39 -44.09 -30.82
C LYS C 189 67.18 -44.96 -31.80
N ASP C 190 68.16 -45.77 -31.35
CA ASP C 190 68.98 -46.59 -32.25
C ASP C 190 68.30 -47.89 -32.66
N SER C 191 67.88 -47.94 -33.93
CA SER C 191 67.18 -49.04 -34.57
C SER C 191 67.95 -50.36 -34.52
N PRO C 192 67.23 -51.54 -34.44
CA PRO C 192 67.93 -52.83 -34.41
C PRO C 192 68.65 -53.17 -35.72
N VAL C 193 69.55 -54.16 -35.66
CA VAL C 193 70.37 -54.60 -36.80
C VAL C 193 70.30 -56.11 -36.96
N LYS C 194 70.72 -56.65 -38.13
CA LYS C 194 70.69 -58.12 -38.28
C LYS C 194 71.71 -58.77 -37.34
N ASP C 195 71.28 -59.81 -36.64
CA ASP C 195 72.09 -60.55 -35.69
C ASP C 195 72.64 -61.75 -36.48
N SER C 196 73.82 -61.57 -37.04
CA SER C 196 74.55 -62.56 -37.82
C SER C 196 74.84 -63.84 -37.05
N SER C 197 74.82 -63.77 -35.68
CA SER C 197 75.05 -64.86 -34.72
C SER C 197 74.17 -66.05 -35.09
N LYS C 198 72.90 -65.79 -35.37
CA LYS C 198 72.00 -66.83 -35.82
C LYS C 198 71.05 -66.30 -36.84
N GLN C 199 71.25 -66.75 -38.08
CA GLN C 199 70.43 -66.41 -39.24
C GLN C 199 69.56 -67.63 -39.55
N GLY C 200 69.72 -68.66 -38.72
CA GLY C 200 68.92 -69.87 -38.74
C GLY C 200 67.58 -69.57 -38.13
N GLU C 201 67.50 -68.40 -37.43
CA GLU C 201 66.31 -67.82 -36.80
C GLU C 201 65.48 -67.02 -37.80
N LYS C 202 65.93 -66.94 -39.06
CA LYS C 202 65.18 -66.28 -40.14
C LYS C 202 64.21 -67.35 -40.67
N LEU C 203 62.92 -66.99 -40.82
CA LEU C 203 61.87 -67.91 -41.26
C LEU C 203 62.12 -68.54 -42.61
N SER C 204 61.68 -69.80 -42.79
CA SER C 204 61.88 -70.59 -44.03
C SER C 204 60.70 -70.50 -44.96
N GLU C 205 60.93 -70.68 -46.29
CA GLU C 205 59.86 -70.68 -47.28
C GLU C 205 59.19 -72.06 -47.34
N THR C 206 57.93 -72.13 -47.83
CA THR C 206 57.25 -73.42 -47.97
C THR C 206 57.82 -74.14 -49.18
N THR C 207 57.85 -75.49 -49.12
CA THR C 207 58.39 -76.33 -50.18
C THR C 207 57.47 -76.35 -51.42
N ALA C 208 56.34 -77.09 -51.38
CA ALA C 208 55.41 -77.17 -52.52
C ALA C 208 53.94 -77.15 -52.11
N GLY C 214 44.30 -77.87 -61.56
CA GLY C 214 45.22 -76.74 -61.52
C GLY C 214 44.47 -75.42 -61.50
N MET C 215 44.92 -74.50 -60.62
CA MET C 215 44.33 -73.16 -60.47
C MET C 215 45.35 -72.08 -61.00
N ALA C 216 45.19 -70.80 -60.58
CA ALA C 216 46.07 -69.65 -60.79
C ALA C 216 47.48 -69.90 -60.21
N THR C 217 48.52 -69.33 -60.86
CA THR C 217 49.94 -69.44 -60.45
C THR C 217 50.72 -68.16 -60.68
N SER C 218 51.78 -67.96 -59.87
CA SER C 218 52.66 -66.80 -59.95
C SER C 218 54.07 -67.10 -59.45
N THR C 219 55.03 -66.31 -59.94
CA THR C 219 56.46 -66.42 -59.64
C THR C 219 56.87 -65.70 -58.34
N ARG C 220 55.88 -65.19 -57.57
CA ARG C 220 56.18 -64.46 -56.35
C ARG C 220 56.66 -65.37 -55.25
N ALA C 221 57.75 -64.92 -54.53
CA ALA C 221 58.43 -65.61 -53.43
C ALA C 221 57.45 -66.25 -52.50
N LYS C 222 57.58 -67.58 -52.32
CA LYS C 222 56.69 -68.40 -51.50
C LYS C 222 56.50 -67.87 -50.06
N ALA C 223 55.34 -68.18 -49.43
CA ALA C 223 55.02 -67.78 -48.05
C ALA C 223 56.05 -68.35 -47.04
N LEU C 224 56.21 -67.70 -45.89
CA LEU C 224 57.16 -68.12 -44.86
C LEU C 224 56.44 -68.94 -43.83
N LYS C 225 56.96 -70.12 -43.52
CA LYS C 225 56.30 -71.01 -42.56
C LYS C 225 56.73 -70.74 -41.12
N VAL C 226 55.73 -70.69 -40.22
CA VAL C 226 55.83 -70.51 -38.77
C VAL C 226 55.31 -71.80 -38.16
N GLU C 227 56.24 -72.71 -37.88
CA GLU C 227 55.97 -74.03 -37.34
C GLU C 227 56.15 -74.06 -35.83
N VAL C 228 55.19 -74.64 -35.11
CA VAL C 228 55.24 -74.76 -33.64
C VAL C 228 54.78 -76.15 -33.24
N GLU C 229 55.68 -76.93 -32.60
CA GLU C 229 55.41 -78.30 -32.13
C GLU C 229 55.88 -78.42 -30.70
N ARG C 230 55.09 -79.07 -29.86
CA ARG C 230 55.36 -79.20 -28.44
C ARG C 230 56.51 -80.12 -28.11
N GLY C 231 56.44 -81.36 -28.59
CA GLY C 231 57.45 -82.37 -28.29
C GLY C 231 57.35 -82.88 -26.86
N SER C 232 58.28 -83.73 -26.46
CA SER C 232 58.25 -84.27 -25.11
C SER C 232 59.33 -83.68 -24.21
N GLN C 233 59.21 -82.39 -23.93
CA GLN C 233 60.17 -81.69 -23.07
C GLN C 233 59.46 -80.81 -22.07
N SER C 234 60.00 -80.76 -20.85
CA SER C 234 59.45 -79.97 -19.76
C SER C 234 59.63 -78.47 -19.95
N ASP C 235 60.78 -78.05 -20.48
CA ASP C 235 61.16 -76.64 -20.66
C ASP C 235 61.34 -76.23 -22.12
N SER C 236 61.36 -77.19 -23.04
CA SER C 236 61.58 -76.89 -24.45
C SER C 236 60.49 -77.37 -25.40
N LEU C 237 60.38 -76.68 -26.55
CA LEU C 237 59.44 -77.04 -27.60
C LEU C 237 60.20 -77.68 -28.73
N LEU C 238 59.57 -78.66 -29.40
CA LEU C 238 60.14 -79.35 -30.56
C LEU C 238 60.41 -78.31 -31.66
N LYS C 239 59.48 -77.38 -31.87
CA LYS C 239 59.58 -76.27 -32.84
C LYS C 239 58.91 -75.06 -32.19
N ASN C 240 59.49 -73.87 -32.38
CA ASN C 240 58.96 -72.63 -31.83
C ASN C 240 59.39 -71.48 -32.72
N ASP C 241 58.81 -71.42 -33.92
CA ASP C 241 59.18 -70.40 -34.91
C ASP C 241 58.82 -68.96 -34.51
N PHE C 242 57.78 -68.77 -33.67
CA PHE C 242 57.44 -67.41 -33.25
C PHE C 242 58.55 -66.76 -32.41
N ALA C 243 59.32 -67.58 -31.68
CA ALA C 243 60.43 -67.15 -30.83
C ALA C 243 61.63 -66.66 -31.63
N LYS C 244 61.79 -67.16 -32.87
CA LYS C 244 62.87 -66.85 -33.82
C LYS C 244 63.04 -65.35 -34.03
N LYS C 245 64.15 -64.81 -33.46
CA LYS C 245 64.57 -63.40 -33.44
C LYS C 245 65.91 -63.23 -34.19
N PRO C 246 65.91 -63.10 -35.54
CA PRO C 246 67.17 -62.93 -36.26
C PRO C 246 67.66 -61.49 -36.30
N LEU C 247 67.22 -60.66 -35.34
CA LEU C 247 67.68 -59.27 -35.19
C LEU C 247 68.20 -59.06 -33.76
N LYS C 248 68.86 -57.92 -33.53
CA LYS C 248 69.44 -57.59 -32.23
C LYS C 248 69.64 -56.09 -32.04
N HIS C 249 69.59 -55.63 -30.79
CA HIS C 249 69.75 -54.22 -30.40
C HIS C 249 71.11 -53.70 -30.86
N LYS C 250 71.14 -52.42 -31.28
CA LYS C 250 72.36 -51.73 -31.71
C LYS C 250 73.36 -51.77 -30.57
N ASN C 251 74.62 -52.15 -30.84
CA ASN C 251 75.64 -52.25 -29.79
C ASN C 251 76.58 -51.06 -29.82
N SER C 252 76.33 -50.10 -28.90
CA SER C 252 77.12 -48.88 -28.71
C SER C 252 78.09 -49.13 -27.51
N SER C 253 78.88 -50.24 -27.61
CA SER C 253 79.77 -50.80 -26.56
C SER C 253 78.93 -51.04 -25.27
N GLY C 254 77.63 -51.22 -25.52
CA GLY C 254 76.54 -51.39 -24.58
C GLY C 254 75.26 -51.19 -25.37
N GLU C 255 74.40 -52.22 -25.38
CA GLU C 255 73.13 -52.30 -26.11
C GLU C 255 72.24 -51.07 -25.97
N VAL C 256 71.57 -50.67 -27.07
CA VAL C 256 70.60 -49.59 -27.07
C VAL C 256 69.27 -50.31 -26.89
N LYS C 257 68.93 -50.54 -25.63
CA LYS C 257 67.73 -51.24 -25.18
C LYS C 257 67.16 -50.50 -23.96
N LEU C 258 65.90 -50.81 -23.61
CA LEU C 258 65.24 -50.19 -22.47
C LEU C 258 65.63 -50.87 -21.14
N GLU C 259 66.43 -50.17 -20.30
CA GLU C 259 66.89 -50.63 -18.99
C GLU C 259 66.45 -49.63 -17.95
N ALA C 260 65.55 -50.05 -17.06
CA ALA C 260 65.00 -49.19 -15.99
C ALA C 260 66.04 -48.78 -14.95
N GLU C 261 67.05 -49.66 -14.73
CA GLU C 261 68.14 -49.47 -13.80
C GLU C 261 68.93 -48.25 -14.19
N LYS C 262 69.44 -48.23 -15.42
CA LYS C 262 70.26 -47.16 -15.95
C LYS C 262 69.47 -45.88 -16.24
N GLU C 263 68.27 -45.99 -16.87
CA GLU C 263 67.46 -44.81 -17.26
C GLU C 263 66.78 -44.07 -16.11
N PHE C 264 66.19 -44.80 -15.17
CA PHE C 264 65.47 -44.20 -14.04
C PHE C 264 66.26 -44.29 -12.75
N THR C 265 67.29 -43.45 -12.66
CA THR C 265 68.22 -43.34 -11.53
C THR C 265 67.51 -42.75 -10.31
N GLU C 266 66.70 -41.71 -10.56
CA GLU C 266 65.87 -41.05 -9.56
C GLU C 266 64.42 -41.35 -9.95
N ALA C 267 64.14 -42.67 -10.07
CA ALA C 267 62.88 -43.26 -10.49
C ALA C 267 61.67 -42.75 -9.72
N TRP C 268 60.55 -42.46 -10.47
CA TRP C 268 59.29 -42.03 -9.88
C TRP C 268 58.71 -43.24 -9.18
N LYS C 269 58.33 -43.05 -7.93
CA LYS C 269 57.71 -44.10 -7.13
C LYS C 269 56.46 -43.51 -6.37
N PRO C 270 55.42 -44.33 -6.13
CA PRO C 270 54.21 -43.81 -5.47
C PRO C 270 54.44 -43.50 -4.00
N LEU C 271 53.59 -42.61 -3.41
CA LEU C 271 53.71 -42.22 -2.01
C LEU C 271 53.72 -43.40 -1.08
N LEU C 272 52.78 -44.35 -1.30
CA LEU C 272 52.66 -45.58 -0.52
C LEU C 272 52.26 -46.76 -1.42
N THR C 273 52.84 -47.97 -1.18
CA THR C 273 52.48 -49.18 -1.93
C THR C 273 51.09 -49.64 -1.50
N THR C 274 50.43 -50.41 -2.36
CA THR C 274 49.10 -50.96 -2.14
C THR C 274 48.99 -51.63 -0.77
N ASP C 275 50.04 -52.34 -0.35
CA ASP C 275 50.05 -53.04 0.93
C ASP C 275 50.15 -52.09 2.11
N GLN C 276 50.89 -50.97 1.95
CA GLN C 276 51.03 -49.94 2.99
C GLN C 276 49.67 -49.33 3.25
N ILE C 277 48.94 -48.90 2.17
CA ILE C 277 47.59 -48.31 2.27
C ILE C 277 46.63 -49.32 2.90
N ALA C 278 46.82 -50.61 2.58
CA ALA C 278 46.01 -51.69 3.12
C ALA C 278 46.23 -51.86 4.62
N ARG C 279 47.51 -51.93 5.06
CA ARG C 279 47.88 -52.07 6.48
C ARG C 279 47.57 -50.82 7.27
N GLU C 280 48.14 -49.67 6.86
CA GLU C 280 48.00 -48.38 7.52
C GLU C 280 46.59 -47.81 7.40
N LYS C 281 45.74 -48.20 8.38
CA LYS C 281 44.33 -47.85 8.51
C LYS C 281 44.04 -46.37 8.35
N GLY C 282 44.90 -45.53 8.93
CA GLY C 282 44.79 -44.08 8.87
C GLY C 282 45.17 -43.49 7.53
N MET C 283 46.05 -44.17 6.77
CA MET C 283 46.52 -43.66 5.49
C MET C 283 45.54 -43.95 4.30
N GLY C 284 44.48 -44.71 4.57
CA GLY C 284 43.47 -45.03 3.56
C GLY C 284 42.14 -44.31 3.74
N ALA C 285 41.30 -44.39 2.72
CA ALA C 285 39.97 -43.83 2.75
C ALA C 285 39.03 -44.74 3.57
N THR C 286 38.13 -44.11 4.32
CA THR C 286 37.20 -44.83 5.17
C THR C 286 35.79 -44.34 4.92
N VAL C 287 34.81 -45.26 4.97
CA VAL C 287 33.41 -44.90 4.84
C VAL C 287 32.69 -45.21 6.13
N VAL C 288 32.25 -44.17 6.82
CA VAL C 288 31.54 -44.30 8.08
C VAL C 288 30.03 -44.00 7.94
N SER C 289 29.20 -45.06 8.18
CA SER C 289 27.75 -45.08 8.25
C SER C 289 27.38 -44.34 9.54
N PHE C 290 26.53 -43.34 9.44
CA PHE C 290 26.09 -42.61 10.64
C PHE C 290 24.60 -42.27 10.56
N TYR C 291 24.02 -41.87 11.70
CA TYR C 291 22.60 -41.58 11.84
C TYR C 291 22.42 -40.09 12.18
N ASP C 292 21.30 -39.51 11.70
CA ASP C 292 21.06 -38.09 11.81
C ASP C 292 19.60 -37.62 11.75
N ALA C 293 19.10 -37.12 12.88
CA ALA C 293 17.75 -36.57 13.03
C ALA C 293 17.96 -35.15 13.61
N PRO C 294 17.84 -34.05 12.82
CA PRO C 294 18.24 -32.74 13.33
C PRO C 294 17.41 -32.15 14.44
N TYR C 295 16.10 -32.41 14.44
CA TYR C 295 15.26 -31.77 15.43
C TYR C 295 15.11 -32.61 16.69
N SER C 296 15.83 -33.73 16.77
CA SER C 296 15.83 -34.60 17.94
C SER C 296 16.94 -34.20 18.92
N GLU C 297 16.85 -34.69 20.18
CA GLU C 297 17.81 -34.39 21.25
C GLU C 297 19.17 -35.00 20.95
N ASN C 298 19.28 -36.34 20.94
CA ASN C 298 20.53 -37.05 20.59
C ASN C 298 20.43 -37.23 19.09
N HIS C 299 20.80 -36.16 18.35
CA HIS C 299 20.64 -36.07 16.90
C HIS C 299 21.69 -36.79 16.07
N THR C 300 22.88 -37.02 16.62
CA THR C 300 23.88 -37.70 15.82
C THR C 300 24.32 -38.95 16.58
N ALA C 301 24.59 -40.04 15.83
CA ALA C 301 25.03 -41.35 16.33
C ALA C 301 25.78 -42.03 15.22
N PHE C 302 26.80 -42.82 15.58
CA PHE C 302 27.63 -43.51 14.59
C PHE C 302 27.16 -44.92 14.34
N GLY C 303 27.57 -45.46 13.21
CA GLY C 303 27.16 -46.82 12.87
C GLY C 303 28.27 -47.81 12.61
N LEU C 304 28.69 -47.89 11.32
CA LEU C 304 29.65 -48.84 10.76
C LEU C 304 30.80 -48.12 10.14
N VAL C 305 32.03 -48.42 10.61
CA VAL C 305 33.27 -47.82 10.08
C VAL C 305 34.02 -48.88 9.26
N ASP C 306 34.05 -48.66 7.90
CA ASP C 306 34.65 -49.51 6.87
C ASP C 306 35.77 -48.84 6.13
N HIS C 307 36.94 -49.45 6.17
CA HIS C 307 38.08 -48.92 5.46
C HIS C 307 38.04 -49.48 4.05
N ILE C 308 38.33 -48.62 3.05
CA ILE C 308 38.31 -49.02 1.63
C ILE C 308 39.67 -49.65 1.26
N ASP C 309 39.86 -50.96 1.61
CA ASP C 309 41.09 -51.72 1.39
C ASP C 309 41.42 -51.77 -0.09
N PRO C 310 42.55 -51.18 -0.53
CA PRO C 310 42.89 -51.23 -1.96
C PRO C 310 43.04 -52.66 -2.47
N LYS C 311 43.53 -53.59 -1.57
CA LYS C 311 43.72 -55.01 -1.84
C LYS C 311 42.42 -55.69 -2.24
N LYS C 312 41.26 -55.20 -1.74
CA LYS C 312 39.94 -55.76 -2.07
C LYS C 312 39.62 -55.60 -3.55
N MET C 313 40.14 -54.50 -4.18
CA MET C 313 39.98 -54.19 -5.62
C MET C 313 41.01 -55.00 -6.41
N VAL C 314 42.27 -54.98 -5.94
CA VAL C 314 43.40 -55.65 -6.56
C VAL C 314 43.14 -57.16 -6.63
N GLU C 315 42.46 -57.72 -5.62
CA GLU C 315 42.08 -59.14 -5.55
C GLU C 315 41.23 -59.52 -6.77
N ASN C 316 40.32 -58.61 -7.19
CA ASN C 316 39.41 -58.87 -8.29
C ASN C 316 39.91 -58.36 -9.67
N TYR C 317 41.20 -58.11 -9.80
CA TYR C 317 41.76 -57.73 -11.07
C TYR C 317 41.85 -59.01 -11.92
N PRO C 318 41.72 -58.94 -13.26
CA PRO C 318 41.96 -60.14 -14.09
C PRO C 318 43.35 -60.76 -13.87
N PRO C 319 43.55 -62.06 -14.14
CA PRO C 319 44.89 -62.65 -13.90
C PRO C 319 45.94 -62.19 -14.94
N SER C 320 45.40 -61.56 -16.02
CA SER C 320 46.10 -60.97 -17.16
C SER C 320 47.02 -59.92 -16.59
N TRP C 321 46.51 -59.19 -15.59
CA TRP C 321 47.09 -58.03 -14.91
C TRP C 321 48.28 -58.32 -13.94
N LYS C 322 48.52 -59.59 -13.59
CA LYS C 322 49.65 -60.02 -12.76
C LYS C 322 50.95 -60.00 -13.62
N THR C 323 50.77 -60.09 -14.94
CA THR C 323 51.81 -60.16 -15.97
C THR C 323 51.44 -59.11 -17.05
N PRO C 324 51.53 -57.79 -16.77
CA PRO C 324 51.10 -56.80 -17.76
C PRO C 324 52.17 -56.34 -18.76
N LYS C 325 53.40 -56.86 -18.66
CA LYS C 325 54.50 -56.57 -19.60
C LYS C 325 54.43 -57.57 -20.79
N TRP C 326 53.35 -58.40 -20.80
CA TRP C 326 53.10 -59.47 -21.75
C TRP C 326 51.68 -59.39 -22.24
N ASN C 327 51.36 -60.10 -23.35
CA ASN C 327 50.00 -60.20 -23.90
C ASN C 327 49.76 -61.57 -24.56
N HIS C 328 48.49 -61.88 -24.94
CA HIS C 328 48.12 -63.18 -25.50
C HIS C 328 48.88 -63.56 -26.74
N HIS C 329 49.34 -62.57 -27.56
CA HIS C 329 50.16 -62.80 -28.78
C HIS C 329 51.55 -63.34 -28.38
N GLY C 330 51.97 -62.96 -27.19
CA GLY C 330 53.17 -63.48 -26.56
C GLY C 330 54.51 -63.10 -27.11
N ILE C 331 55.35 -64.13 -27.29
CA ILE C 331 56.75 -64.03 -27.65
C ILE C 331 56.99 -63.40 -29.00
N TRP C 332 56.12 -63.62 -30.03
CA TRP C 332 56.39 -62.99 -31.32
C TRP C 332 56.32 -61.48 -31.19
N ASP C 333 55.27 -60.98 -30.50
CA ASP C 333 55.00 -59.57 -30.25
C ASP C 333 55.98 -59.00 -29.25
N TYR C 334 56.40 -59.79 -28.25
CA TYR C 334 57.38 -59.33 -27.26
C TYR C 334 58.68 -58.87 -27.91
N ASN C 335 59.34 -59.78 -28.66
CA ASN C 335 60.59 -59.54 -29.36
C ASN C 335 60.41 -58.39 -30.34
N ALA C 336 59.33 -58.42 -31.16
CA ALA C 336 58.99 -57.39 -32.14
C ALA C 336 58.94 -55.98 -31.54
N ARG C 337 58.13 -55.78 -30.45
CA ARG C 337 58.01 -54.50 -29.74
C ARG C 337 59.35 -54.14 -29.09
N ASN C 338 59.92 -55.07 -28.31
CA ASN C 338 61.18 -54.93 -27.61
C ASN C 338 62.31 -54.38 -28.51
N LEU C 339 62.53 -55.04 -29.67
CA LEU C 339 63.56 -54.66 -30.66
C LEU C 339 63.28 -53.30 -31.24
N LEU C 340 62.00 -53.00 -31.51
CA LEU C 340 61.55 -51.74 -32.05
C LEU C 340 61.58 -50.59 -31.00
N LEU C 341 62.23 -50.82 -29.84
CA LEU C 341 62.35 -49.89 -28.71
C LEU C 341 60.99 -49.31 -28.28
N GLN C 342 60.05 -50.22 -28.16
CA GLN C 342 58.67 -49.97 -27.84
C GLN C 342 58.40 -50.66 -26.50
N THR C 343 57.35 -50.22 -25.81
CA THR C 343 56.92 -50.81 -24.56
C THR C 343 56.22 -52.13 -24.89
N THR C 344 56.48 -53.19 -24.11
CA THR C 344 55.81 -54.49 -24.31
C THR C 344 54.53 -54.59 -23.46
N GLY C 345 53.66 -55.52 -23.82
CA GLY C 345 52.42 -55.76 -23.08
C GLY C 345 51.23 -54.90 -23.43
N PHE C 346 50.27 -54.86 -22.51
CA PHE C 346 49.02 -54.12 -22.63
C PHE C 346 48.90 -52.99 -21.59
N PHE C 347 49.75 -53.06 -20.55
CA PHE C 347 49.82 -52.10 -19.45
C PHE C 347 51.24 -52.17 -18.88
N ASN C 348 52.16 -51.46 -19.52
CA ASN C 348 53.57 -51.48 -19.13
C ASN C 348 53.91 -50.40 -18.13
N PRO C 349 54.68 -50.75 -17.07
CA PRO C 349 55.07 -49.74 -16.07
C PRO C 349 55.65 -48.47 -16.67
N ARG C 350 56.53 -48.60 -17.70
CA ARG C 350 57.14 -47.48 -18.42
C ARG C 350 56.05 -46.49 -18.96
N ARG C 351 54.90 -47.02 -19.46
CA ARG C 351 53.82 -46.17 -19.94
C ARG C 351 53.03 -45.58 -18.79
N HIS C 352 52.45 -46.43 -17.93
CA HIS C 352 51.65 -46.01 -16.78
C HIS C 352 52.26 -46.50 -15.44
N PRO C 353 53.27 -45.78 -14.87
CA PRO C 353 53.87 -46.26 -13.62
C PRO C 353 52.99 -46.01 -12.38
N GLU C 354 51.96 -45.17 -12.51
CA GLU C 354 51.04 -44.78 -11.43
C GLU C 354 50.41 -45.98 -10.74
N TRP C 355 50.22 -47.10 -11.49
CA TRP C 355 49.57 -48.33 -11.04
C TRP C 355 50.52 -49.43 -10.54
N PHE C 356 51.82 -49.20 -10.64
CA PHE C 356 52.80 -50.19 -10.17
C PHE C 356 53.39 -49.79 -8.84
N ASP C 357 53.36 -50.73 -7.88
CA ASP C 357 53.83 -50.50 -6.53
C ASP C 357 55.27 -49.91 -6.51
N GLU C 358 56.17 -50.39 -7.39
CA GLU C 358 57.54 -49.91 -7.45
C GLU C 358 57.78 -48.87 -8.56
N GLY C 359 56.72 -48.22 -9.04
CA GLY C 359 56.76 -47.20 -10.07
C GLY C 359 57.70 -47.46 -11.25
N GLN C 360 58.50 -46.43 -11.62
CA GLN C 360 59.45 -46.46 -12.73
C GLN C 360 60.57 -47.48 -12.60
N ALA C 361 60.76 -48.07 -11.38
CA ALA C 361 61.78 -49.09 -11.11
C ALA C 361 61.66 -50.31 -12.04
N LYS C 362 60.42 -50.61 -12.44
CA LYS C 362 60.13 -51.72 -13.34
C LYS C 362 59.77 -51.21 -14.75
N ALA C 363 60.14 -49.95 -15.05
CA ALA C 363 59.87 -49.29 -16.33
C ALA C 363 60.81 -49.73 -17.48
N ASP C 364 60.70 -51.01 -17.86
CA ASP C 364 61.42 -51.66 -18.96
C ASP C 364 60.61 -52.90 -19.38
N ASN C 365 61.19 -53.80 -20.17
CA ASN C 365 60.45 -54.97 -20.60
C ASN C 365 60.90 -56.24 -19.92
N THR C 366 62.00 -56.17 -19.13
CA THR C 366 62.59 -57.30 -18.41
C THR C 366 61.61 -58.04 -17.52
N SER C 367 61.86 -59.36 -17.31
CA SER C 367 61.06 -60.28 -16.49
C SER C 367 59.53 -60.09 -16.70
N PRO C 368 59.00 -60.37 -17.93
CA PRO C 368 57.57 -60.16 -18.17
C PRO C 368 56.67 -61.23 -17.55
N GLY C 369 57.29 -62.30 -17.02
CA GLY C 369 56.64 -63.45 -16.40
C GLY C 369 56.70 -64.65 -17.31
N PHE C 370 57.49 -64.52 -18.39
CA PHE C 370 57.70 -65.52 -19.43
C PHE C 370 59.16 -65.49 -19.90
N LYS C 371 59.80 -66.68 -20.02
CA LYS C 371 61.19 -66.83 -20.45
C LYS C 371 61.42 -66.16 -21.80
N VAL C 372 62.30 -65.16 -21.82
CA VAL C 372 62.64 -64.41 -23.02
C VAL C 372 64.15 -64.33 -23.18
N GLY C 373 64.60 -64.33 -24.43
CA GLY C 373 66.02 -64.21 -24.79
C GLY C 373 66.96 -65.30 -24.29
N ASP C 374 66.44 -66.54 -24.17
CA ASP C 374 67.27 -67.68 -23.77
C ASP C 374 68.21 -68.02 -24.93
N THR C 375 69.38 -68.61 -24.62
CA THR C 375 70.43 -69.03 -25.57
C THR C 375 69.85 -69.89 -26.71
N ASP C 376 68.83 -70.70 -26.38
CA ASP C 376 68.06 -71.55 -27.27
C ASP C 376 66.66 -70.99 -27.28
N HIS C 377 66.23 -70.46 -28.43
CA HIS C 377 64.93 -69.82 -28.59
C HIS C 377 63.74 -70.74 -28.32
N LYS C 378 63.86 -72.06 -28.57
CA LYS C 378 62.73 -72.95 -28.33
C LYS C 378 62.49 -73.26 -26.83
N LYS C 379 63.11 -72.45 -25.94
CA LYS C 379 62.95 -72.51 -24.50
C LYS C 379 62.18 -71.25 -24.04
N ASP C 380 61.98 -70.28 -24.98
CA ASP C 380 61.27 -69.00 -24.78
C ASP C 380 59.74 -69.18 -24.74
N GLY C 381 59.05 -68.20 -24.16
CA GLY C 381 57.59 -68.16 -24.08
C GLY C 381 56.96 -69.08 -23.07
N PHE C 382 57.74 -69.58 -22.12
CA PHE C 382 57.28 -70.45 -21.03
C PHE C 382 57.07 -69.63 -19.79
N LYS C 383 56.05 -69.96 -19.01
CA LYS C 383 55.69 -69.23 -17.80
C LYS C 383 56.82 -69.29 -16.78
N LYS C 384 57.35 -68.11 -16.41
CA LYS C 384 58.40 -67.94 -15.40
C LYS C 384 57.90 -66.98 -14.31
N ASN C 385 58.74 -66.68 -13.32
CA ASN C 385 58.40 -65.81 -12.20
C ASN C 385 58.37 -64.32 -12.59
N SER C 386 57.29 -63.62 -12.19
CA SER C 386 57.10 -62.18 -12.43
C SER C 386 57.27 -61.43 -11.12
N SER C 387 57.48 -60.11 -11.22
CA SER C 387 57.66 -59.20 -10.08
C SER C 387 57.16 -57.80 -10.50
N SER C 388 56.26 -57.76 -11.51
CA SER C 388 55.72 -56.51 -12.03
C SER C 388 54.17 -56.43 -12.13
N PRO C 389 53.34 -56.91 -11.17
CA PRO C 389 51.88 -56.83 -11.35
C PRO C 389 51.28 -55.44 -11.21
N ILE C 390 50.03 -55.26 -11.76
CA ILE C 390 49.24 -54.04 -11.63
C ILE C 390 48.72 -54.07 -10.21
N ALA C 391 48.80 -52.95 -9.53
CA ALA C 391 48.35 -52.83 -8.16
C ALA C 391 47.46 -51.59 -8.03
N LEU C 392 47.46 -50.95 -6.85
CA LEU C 392 46.71 -49.73 -6.58
C LEU C 392 47.47 -48.85 -5.55
N PRO C 393 48.60 -48.23 -5.98
CA PRO C 393 49.36 -47.38 -5.04
C PRO C 393 48.64 -46.07 -4.74
N PHE C 394 49.07 -45.37 -3.65
CA PHE C 394 48.52 -44.11 -3.09
C PHE C 394 47.88 -43.18 -4.14
N GLU C 395 48.69 -42.84 -5.15
CA GLU C 395 48.43 -42.00 -6.32
C GLU C 395 47.12 -42.42 -7.03
N ALA C 396 47.11 -43.65 -7.61
CA ALA C 396 45.98 -44.24 -8.32
C ALA C 396 44.82 -44.55 -7.41
N TYR C 397 45.13 -44.91 -6.14
CA TYR C 397 44.16 -45.27 -5.12
C TYR C 397 43.22 -44.10 -4.80
N PHE C 398 43.81 -42.95 -4.38
CA PHE C 398 43.03 -41.76 -4.02
C PHE C 398 42.31 -41.14 -5.21
N ALA C 399 42.82 -41.39 -6.42
CA ALA C 399 42.20 -40.95 -7.64
C ALA C 399 40.81 -41.67 -7.76
N ASN C 400 40.72 -42.90 -7.19
CA ASN C 400 39.52 -43.73 -7.16
C ASN C 400 38.71 -43.53 -5.87
N ILE C 401 39.02 -42.46 -5.11
CA ILE C 401 38.29 -42.13 -3.89
C ILE C 401 37.46 -40.88 -4.14
N GLY C 402 36.16 -41.08 -4.20
CA GLY C 402 35.17 -40.05 -4.46
C GLY C 402 33.97 -40.63 -5.19
N ASN C 403 32.97 -39.77 -5.48
CA ASN C 403 31.72 -40.10 -6.19
C ASN C 403 31.09 -41.43 -5.70
N MET C 404 30.45 -41.36 -4.52
CA MET C 404 29.80 -42.49 -3.84
C MET C 404 28.27 -42.37 -3.95
N VAL C 405 27.56 -43.51 -4.20
CA VAL C 405 26.08 -43.61 -4.29
C VAL C 405 25.51 -44.81 -3.57
N ALA C 406 24.37 -44.61 -2.89
CA ALA C 406 23.68 -45.65 -2.14
C ALA C 406 22.51 -46.23 -2.93
N ILE C 407 22.63 -47.49 -3.32
CA ILE C 407 21.59 -48.17 -4.08
C ILE C 407 21.23 -49.41 -3.27
N GLY C 408 20.05 -49.36 -2.67
CA GLY C 408 19.54 -50.43 -1.81
C GLY C 408 20.38 -50.61 -0.56
N ASN C 409 20.79 -51.87 -0.30
CA ASN C 409 21.59 -52.18 0.86
C ASN C 409 23.11 -51.99 0.62
N SER C 410 23.50 -51.39 -0.51
CA SER C 410 24.93 -51.17 -0.83
C SER C 410 25.28 -49.71 -1.07
N VAL C 411 26.56 -49.38 -0.84
CA VAL C 411 27.15 -48.06 -1.10
C VAL C 411 28.32 -48.25 -2.05
N PHE C 412 28.31 -47.51 -3.15
CA PHE C 412 29.32 -47.61 -4.19
C PHE C 412 30.20 -46.39 -4.28
N ILE C 413 31.50 -46.57 -4.52
CA ILE C 413 32.49 -45.53 -4.75
C ILE C 413 33.05 -45.70 -6.18
N PHE C 414 32.68 -44.78 -7.08
CA PHE C 414 33.10 -44.84 -8.47
C PHE C 414 34.41 -44.14 -8.75
N GLY C 415 34.82 -43.26 -7.82
CA GLY C 415 36.08 -42.53 -7.90
C GLY C 415 35.95 -41.08 -8.31
N GLY C 416 37.05 -40.36 -8.20
CA GLY C 416 37.12 -38.94 -8.54
C GLY C 416 37.79 -38.65 -9.87
N ASN C 417 38.05 -37.36 -10.14
CA ASN C 417 38.72 -36.91 -11.35
C ASN C 417 40.23 -37.14 -11.29
N GLY C 418 40.72 -37.58 -10.12
CA GLY C 418 42.13 -37.87 -9.91
C GLY C 418 43.03 -36.66 -9.74
N HIS C 419 42.44 -35.46 -9.54
CA HIS C 419 43.21 -34.23 -9.36
C HIS C 419 43.97 -34.15 -8.04
N ALA C 420 43.49 -34.87 -7.02
CA ALA C 420 44.08 -34.89 -5.69
C ALA C 420 45.49 -35.39 -5.70
N THR C 421 45.83 -36.30 -6.64
CA THR C 421 47.17 -36.90 -6.80
C THR C 421 47.84 -36.58 -8.18
N LYS C 422 47.11 -35.89 -9.10
CA LYS C 422 47.60 -35.57 -10.45
C LYS C 422 48.68 -34.50 -10.48
N MET C 423 49.82 -34.85 -11.09
CA MET C 423 50.98 -33.99 -11.35
C MET C 423 50.91 -33.68 -12.86
N PHE C 424 51.82 -32.85 -13.40
CA PHE C 424 51.80 -32.51 -14.83
C PHE C 424 52.15 -33.69 -15.69
N THR C 425 53.02 -34.59 -15.18
CA THR C 425 53.45 -35.78 -15.91
C THR C 425 52.85 -37.12 -15.33
N THR C 426 51.79 -37.02 -14.55
CA THR C 426 51.12 -38.19 -14.01
C THR C 426 49.64 -38.17 -14.41
N ASN C 427 49.01 -39.35 -14.49
CA ASN C 427 47.60 -39.46 -14.82
C ASN C 427 46.89 -40.46 -13.89
N PRO C 428 46.79 -40.16 -12.57
CA PRO C 428 46.11 -41.09 -11.66
C PRO C 428 44.62 -41.08 -11.93
N LEU C 429 44.02 -42.27 -12.11
CA LEU C 429 42.60 -42.37 -12.45
C LEU C 429 41.88 -43.51 -11.72
N SER C 430 40.52 -43.47 -11.79
CA SER C 430 39.65 -44.48 -11.18
C SER C 430 39.67 -45.71 -12.05
N ILE C 431 40.25 -46.81 -11.56
CA ILE C 431 40.39 -48.09 -12.28
C ILE C 431 39.11 -48.94 -12.22
N GLY C 432 38.31 -48.74 -11.15
CA GLY C 432 37.07 -49.47 -10.92
C GLY C 432 36.08 -48.87 -9.93
N VAL C 433 35.19 -49.70 -9.39
CA VAL C 433 34.17 -49.35 -8.40
C VAL C 433 34.39 -50.13 -7.13
N PHE C 434 34.23 -49.46 -5.97
CA PHE C 434 34.26 -50.06 -4.64
C PHE C 434 32.84 -50.19 -4.10
N ARG C 435 32.48 -51.28 -3.43
CA ARG C 435 31.10 -51.43 -2.92
C ARG C 435 31.01 -52.05 -1.55
N ILE C 436 30.48 -51.26 -0.62
CA ILE C 436 30.21 -51.73 0.71
C ILE C 436 28.79 -52.24 0.74
N LYS C 437 28.65 -53.57 0.84
CA LYS C 437 27.37 -54.28 0.94
C LYS C 437 26.96 -54.46 2.43
N TYR C 438 26.03 -53.59 2.88
CA TYR C 438 25.50 -53.56 4.24
C TYR C 438 24.38 -54.55 4.42
N THR C 439 24.35 -55.21 5.56
CA THR C 439 23.36 -56.24 5.87
C THR C 439 22.73 -55.99 7.24
N ASP C 440 21.71 -56.77 7.59
CA ASP C 440 21.07 -56.75 8.91
C ASP C 440 20.83 -55.33 9.43
N ASN C 441 19.94 -54.58 8.75
CA ASN C 441 19.61 -53.19 9.05
C ASN C 441 20.85 -52.29 9.15
N PHE C 442 21.80 -52.55 8.22
CA PHE C 442 23.06 -51.83 8.09
C PHE C 442 23.96 -51.93 9.37
N SER C 443 23.88 -53.14 10.04
CA SER C 443 24.65 -53.49 11.24
C SER C 443 25.89 -54.33 10.89
N LYS C 444 25.88 -54.95 9.71
CA LYS C 444 27.01 -55.72 9.20
C LYS C 444 27.41 -55.17 7.84
N SER C 445 28.67 -55.34 7.43
CA SER C 445 29.17 -54.78 6.16
C SER C 445 30.17 -55.71 5.47
N SER C 446 30.34 -55.51 4.15
CA SER C 446 31.27 -56.26 3.33
C SER C 446 31.85 -55.33 2.26
N VAL C 447 33.17 -55.16 2.20
CA VAL C 447 33.78 -54.28 1.21
C VAL C 447 34.47 -55.06 0.08
N THR C 448 34.25 -54.61 -1.16
CA THR C 448 34.78 -55.20 -2.40
C THR C 448 35.06 -54.16 -3.48
N GLY C 449 35.91 -54.52 -4.43
CA GLY C 449 36.25 -53.68 -5.56
C GLY C 449 36.27 -54.45 -6.86
N TRP C 450 35.60 -53.95 -7.90
CA TRP C 450 35.60 -54.57 -9.23
C TRP C 450 36.22 -53.58 -10.23
N PRO C 451 37.25 -53.96 -11.05
CA PRO C 451 37.82 -53.03 -12.02
C PRO C 451 36.84 -52.76 -13.15
N TYR C 452 36.84 -51.50 -13.68
CA TYR C 452 35.94 -51.10 -14.77
C TYR C 452 36.05 -52.04 -15.96
N ALA C 453 37.28 -52.53 -16.23
CA ALA C 453 37.60 -53.47 -17.31
C ALA C 453 36.65 -54.64 -17.39
N VAL C 454 36.28 -55.27 -16.24
CA VAL C 454 35.35 -56.40 -16.24
C VAL C 454 33.92 -55.91 -16.37
N LEU C 455 33.59 -54.79 -15.72
CA LEU C 455 32.24 -54.19 -15.77
C LEU C 455 31.88 -53.70 -17.19
N PHE C 456 32.89 -53.38 -17.98
CA PHE C 456 32.77 -52.88 -19.35
C PHE C 456 33.12 -53.92 -20.46
N GLY C 457 33.25 -55.20 -20.09
CA GLY C 457 33.57 -56.26 -21.04
C GLY C 457 32.52 -56.50 -22.12
N GLY C 458 31.26 -56.27 -21.76
CA GLY C 458 30.11 -56.44 -22.64
C GLY C 458 29.87 -55.34 -23.67
N LEU C 459 30.83 -54.40 -23.78
CA LEU C 459 30.75 -53.26 -24.69
C LEU C 459 30.76 -53.63 -26.19
N ILE C 460 29.70 -53.13 -26.88
CA ILE C 460 29.37 -53.31 -28.31
C ILE C 460 28.86 -52.02 -28.95
N ASN C 461 29.19 -51.83 -30.24
CA ASN C 461 28.84 -50.67 -31.05
C ASN C 461 27.39 -50.24 -30.89
N PRO C 462 26.39 -51.16 -30.99
CA PRO C 462 24.99 -50.75 -30.84
C PRO C 462 24.60 -49.95 -29.56
N GLN C 463 25.44 -50.00 -28.51
CA GLN C 463 25.15 -49.26 -27.27
C GLN C 463 25.30 -47.71 -27.45
N THR C 464 26.14 -47.28 -28.43
CA THR C 464 26.33 -45.85 -28.75
C THR C 464 25.53 -45.43 -29.97
N ASN C 465 25.24 -44.12 -30.08
CA ASN C 465 24.45 -43.52 -31.20
C ASN C 465 25.26 -42.44 -31.93
N GLY C 466 26.51 -42.29 -31.48
CA GLY C 466 27.47 -41.37 -32.08
C GLY C 466 28.50 -42.11 -32.89
N LEU C 467 29.80 -41.88 -32.57
CA LEU C 467 30.91 -42.53 -33.27
C LEU C 467 30.96 -44.02 -32.98
N LYS C 468 31.24 -44.81 -34.02
CA LYS C 468 31.31 -46.27 -33.97
C LYS C 468 32.73 -46.75 -34.18
N ASP C 469 33.01 -47.98 -33.73
CA ASP C 469 34.28 -48.71 -33.81
C ASP C 469 35.39 -48.09 -32.93
N LEU C 470 35.00 -47.35 -31.88
CA LEU C 470 35.96 -46.76 -30.96
C LEU C 470 36.74 -47.87 -30.22
N PRO C 471 38.02 -47.69 -29.92
CA PRO C 471 38.76 -48.74 -29.21
C PRO C 471 38.37 -48.89 -27.74
N LEU C 472 37.23 -49.58 -27.47
CA LEU C 472 36.70 -49.86 -26.12
C LEU C 472 36.44 -51.37 -25.90
N GLY C 473 36.84 -52.17 -26.87
CA GLY C 473 36.76 -53.63 -26.87
C GLY C 473 37.91 -54.26 -26.10
N THR C 474 37.67 -55.48 -25.61
CA THR C 474 38.62 -56.27 -24.80
C THR C 474 38.47 -57.73 -25.25
N ASN C 475 38.95 -58.69 -24.43
CA ASN C 475 38.94 -60.13 -24.73
C ASN C 475 39.12 -60.92 -23.45
N ARG C 476 39.09 -62.29 -23.52
CA ARG C 476 39.19 -63.20 -22.37
C ARG C 476 40.25 -62.78 -21.33
N TRP C 477 41.43 -62.34 -21.80
CA TRP C 477 42.52 -61.75 -20.97
C TRP C 477 42.18 -60.28 -21.11
N PHE C 478 41.74 -59.61 -20.04
CA PHE C 478 41.26 -58.24 -20.21
C PHE C 478 42.39 -57.25 -20.44
N GLU C 479 42.81 -57.14 -21.71
CA GLU C 479 43.92 -56.32 -22.17
C GLU C 479 43.58 -54.84 -22.24
N TYR C 480 42.29 -54.52 -22.43
CA TYR C 480 41.85 -53.13 -22.39
C TYR C 480 41.55 -52.85 -20.93
N VAL C 481 42.22 -51.81 -20.42
CA VAL C 481 42.17 -51.35 -19.05
C VAL C 481 41.51 -49.95 -18.99
N PRO C 482 40.17 -49.85 -19.08
CA PRO C 482 39.55 -48.54 -18.95
C PRO C 482 39.73 -47.99 -17.53
N ARG C 483 40.06 -46.69 -17.48
CA ARG C 483 40.21 -45.88 -16.29
C ARG C 483 39.41 -44.59 -16.51
N MET C 484 38.95 -43.95 -15.44
CA MET C 484 38.13 -42.75 -15.58
C MET C 484 38.55 -41.58 -14.68
N ALA C 485 38.13 -40.37 -15.11
CA ALA C 485 38.19 -39.10 -14.39
C ALA C 485 36.66 -38.85 -14.21
N VAL C 486 36.10 -39.54 -13.19
CA VAL C 486 34.68 -39.58 -12.87
C VAL C 486 34.08 -38.21 -12.50
N SER C 487 33.09 -37.78 -13.32
CA SER C 487 32.31 -36.58 -13.11
C SER C 487 31.33 -36.84 -11.97
N GLY C 488 30.69 -38.00 -11.99
CA GLY C 488 29.74 -38.44 -10.96
C GLY C 488 28.87 -39.59 -11.41
N VAL C 489 28.13 -40.20 -10.47
CA VAL C 489 27.14 -41.24 -10.74
C VAL C 489 25.88 -40.69 -10.16
N LYS C 490 24.86 -40.52 -10.99
CA LYS C 490 23.61 -39.94 -10.57
C LYS C 490 22.39 -40.57 -11.25
N TRP C 491 21.21 -40.36 -10.66
CA TRP C 491 20.00 -40.87 -11.26
C TRP C 491 19.48 -39.78 -12.15
N VAL C 492 19.37 -40.07 -13.45
CA VAL C 492 18.78 -39.14 -14.41
C VAL C 492 17.45 -39.78 -14.71
N GLY C 493 16.42 -39.28 -14.05
CA GLY C 493 15.12 -39.89 -14.12
C GLY C 493 15.21 -41.18 -13.30
N ASN C 494 14.86 -42.32 -13.93
CA ASN C 494 14.94 -43.63 -13.28
C ASN C 494 16.15 -44.40 -13.81
N GLN C 495 17.04 -43.70 -14.53
CA GLN C 495 18.22 -44.32 -15.14
C GLN C 495 19.51 -43.94 -14.40
N LEU C 496 20.40 -44.93 -14.16
CA LEU C 496 21.62 -44.62 -13.42
C LEU C 496 22.77 -44.23 -14.34
N VAL C 497 23.19 -42.95 -14.31
CA VAL C 497 24.22 -42.45 -15.21
C VAL C 497 25.54 -42.21 -14.54
N LEU C 498 26.59 -42.82 -15.11
CA LEU C 498 28.00 -42.67 -14.71
C LEU C 498 28.62 -41.82 -15.82
N ALA C 499 29.15 -40.65 -15.49
CA ALA C 499 29.72 -39.76 -16.50
C ALA C 499 31.18 -39.34 -16.21
N GLY C 500 31.81 -38.65 -17.16
CA GLY C 500 33.18 -38.17 -17.03
C GLY C 500 34.01 -38.45 -18.26
N THR C 501 35.33 -38.66 -18.07
CA THR C 501 36.22 -38.98 -19.19
C THR C 501 36.92 -40.31 -18.98
N LEU C 502 36.94 -41.11 -20.06
CA LEU C 502 37.44 -42.47 -20.14
C LEU C 502 38.70 -42.61 -20.96
N THR C 503 39.56 -43.56 -20.54
CA THR C 503 40.78 -43.89 -21.24
C THR C 503 40.45 -44.99 -22.23
N MET C 504 40.40 -44.64 -23.52
CA MET C 504 40.18 -45.56 -24.64
C MET C 504 41.47 -46.43 -24.80
N GLY C 505 41.40 -47.39 -25.70
CA GLY C 505 42.52 -48.24 -26.06
C GLY C 505 43.54 -47.43 -26.84
N ASP C 506 44.80 -47.91 -26.89
CA ASP C 506 45.83 -47.18 -27.62
C ASP C 506 45.62 -47.28 -29.09
N THR C 507 45.62 -46.11 -29.72
CA THR C 507 45.31 -45.91 -31.13
C THR C 507 46.51 -45.30 -31.89
N ALA C 508 47.31 -44.41 -31.20
CA ALA C 508 48.44 -43.73 -31.82
C ALA C 508 49.71 -44.57 -32.03
N THR C 509 49.80 -45.75 -31.38
CA THR C 509 50.97 -46.63 -31.49
C THR C 509 50.60 -48.01 -32.10
N VAL C 510 49.35 -48.09 -32.64
CA VAL C 510 48.80 -49.26 -33.35
C VAL C 510 49.71 -49.63 -34.53
N PRO C 511 50.08 -48.68 -35.46
CA PRO C 511 51.03 -49.08 -36.52
C PRO C 511 52.44 -49.33 -35.96
N ARG C 512 53.19 -50.26 -36.58
CA ARG C 512 54.55 -50.56 -36.12
C ARG C 512 55.57 -50.16 -37.18
N LEU C 513 56.76 -49.66 -36.77
CA LEU C 513 57.76 -49.23 -37.74
C LEU C 513 58.55 -50.39 -38.35
N LYS C 514 59.22 -50.12 -39.50
CA LYS C 514 60.15 -51.03 -40.16
C LYS C 514 61.44 -50.85 -39.33
N TYR C 515 62.05 -51.95 -38.86
CA TYR C 515 63.18 -51.96 -37.95
C TYR C 515 64.28 -50.89 -38.20
N ASP C 516 64.45 -50.41 -39.43
CA ASP C 516 65.47 -49.38 -39.67
C ASP C 516 64.97 -47.96 -39.48
N GLN C 517 63.69 -47.72 -39.75
CA GLN C 517 63.06 -46.39 -39.72
C GLN C 517 62.93 -45.70 -38.33
N LEU C 518 63.57 -46.22 -37.28
CA LEU C 518 63.42 -45.66 -35.93
C LEU C 518 63.89 -44.21 -35.75
N GLU C 519 65.03 -43.84 -36.32
CA GLU C 519 65.62 -42.50 -36.11
C GLU C 519 64.96 -41.38 -36.90
N LYS C 520 64.20 -41.73 -37.95
CA LYS C 520 63.48 -40.74 -38.77
C LYS C 520 62.12 -40.35 -38.16
N HIS C 521 61.53 -41.28 -37.36
CA HIS C 521 60.19 -41.22 -36.74
C HIS C 521 60.17 -41.06 -35.24
N LEU C 522 61.07 -40.23 -34.71
CA LEU C 522 61.28 -39.96 -33.27
C LEU C 522 59.99 -39.73 -32.43
N ASN C 523 59.06 -38.88 -32.91
CA ASN C 523 57.82 -38.56 -32.22
C ASN C 523 57.06 -39.85 -31.90
N LEU C 524 56.87 -40.70 -32.94
CA LEU C 524 56.17 -41.98 -32.84
C LEU C 524 56.85 -42.97 -31.90
N VAL C 525 58.21 -43.02 -31.93
CA VAL C 525 59.00 -43.94 -31.13
C VAL C 525 58.77 -43.60 -29.68
N ALA C 526 58.85 -42.30 -29.34
CA ALA C 526 58.64 -41.73 -28.01
C ALA C 526 57.24 -42.03 -27.46
N GLN C 527 56.24 -42.11 -28.34
CA GLN C 527 54.89 -42.46 -27.96
C GLN C 527 54.88 -43.93 -27.50
N GLY C 528 55.62 -44.81 -28.18
CA GLY C 528 55.70 -46.22 -27.81
C GLY C 528 56.64 -46.46 -26.64
N GLN C 529 57.65 -45.59 -26.53
CA GLN C 529 58.68 -45.62 -25.49
C GLN C 529 58.16 -45.18 -24.13
N GLY C 530 57.03 -44.50 -24.12
CA GLY C 530 56.47 -43.99 -22.89
C GLY C 530 56.92 -42.58 -22.55
N LEU C 531 57.85 -41.99 -23.35
CA LEU C 531 58.38 -40.64 -23.17
C LEU C 531 57.39 -39.55 -23.59
N LEU C 532 56.84 -39.63 -24.83
CA LEU C 532 55.84 -38.67 -25.32
C LEU C 532 54.48 -39.22 -24.92
N ARG C 533 53.90 -38.63 -23.87
CA ARG C 533 52.59 -39.06 -23.35
C ARG C 533 51.42 -38.48 -24.15
N GLU C 534 51.55 -38.47 -25.49
CA GLU C 534 50.53 -37.96 -26.41
C GLU C 534 49.66 -39.07 -26.89
N ASP C 535 48.35 -38.95 -26.64
CA ASP C 535 47.38 -39.97 -27.03
C ASP C 535 46.90 -39.86 -28.53
N LEU C 536 46.98 -38.62 -29.08
CA LEU C 536 46.60 -38.31 -30.46
C LEU C 536 47.55 -39.01 -31.41
N GLN C 537 47.01 -39.37 -32.57
CA GLN C 537 47.76 -40.03 -33.63
C GLN C 537 48.66 -39.02 -34.33
N ILE C 538 49.97 -39.26 -34.31
CA ILE C 538 50.85 -38.38 -35.04
C ILE C 538 51.07 -39.02 -36.40
N PHE C 539 50.86 -38.19 -37.45
CA PHE C 539 50.98 -38.59 -38.85
C PHE C 539 52.45 -38.63 -39.32
N THR C 540 53.10 -39.77 -39.13
CA THR C 540 54.47 -40.06 -39.56
C THR C 540 54.32 -41.48 -40.16
N PRO C 541 53.77 -41.62 -41.39
CA PRO C 541 53.47 -42.95 -41.91
C PRO C 541 54.50 -43.63 -42.78
N TYR C 542 55.46 -42.86 -43.32
CA TYR C 542 56.47 -43.38 -44.23
C TYR C 542 57.13 -44.69 -43.75
N GLY C 543 57.65 -44.65 -42.52
CA GLY C 543 58.40 -45.72 -41.89
C GLY C 543 57.66 -46.93 -41.41
N TRP C 544 56.33 -46.87 -41.39
CA TRP C 544 55.49 -47.98 -40.95
C TRP C 544 55.75 -49.25 -41.73
N ALA C 545 55.73 -50.39 -41.06
CA ALA C 545 55.82 -51.71 -41.67
C ALA C 545 54.42 -51.95 -42.25
N ASN C 546 54.32 -52.63 -43.41
CA ASN C 546 53.08 -52.92 -44.11
C ASN C 546 52.00 -53.50 -43.22
N ARG C 547 52.42 -54.27 -42.19
CA ARG C 547 51.56 -54.87 -41.16
C ARG C 547 52.27 -54.84 -39.78
N PRO C 548 51.57 -54.53 -38.68
CA PRO C 548 52.23 -54.57 -37.38
C PRO C 548 52.43 -55.98 -36.84
N ASP C 549 51.66 -56.97 -37.33
CA ASP C 549 51.71 -58.34 -36.85
C ASP C 549 52.76 -59.27 -37.50
N ILE C 550 53.63 -58.74 -38.41
CA ILE C 550 54.72 -59.51 -39.06
C ILE C 550 55.77 -59.87 -38.00
N PRO C 551 56.09 -61.19 -37.81
CA PRO C 551 57.07 -61.57 -36.79
C PRO C 551 58.50 -61.31 -37.24
N VAL C 552 59.43 -61.10 -36.29
CA VAL C 552 60.84 -60.75 -36.51
C VAL C 552 61.56 -61.66 -37.53
N GLY C 553 61.23 -62.95 -37.55
CA GLY C 553 61.81 -63.91 -38.50
C GLY C 553 61.65 -63.54 -39.97
N ALA C 554 60.53 -62.88 -40.30
CA ALA C 554 60.18 -62.42 -41.64
C ALA C 554 60.73 -61.02 -42.00
N TRP C 555 61.46 -60.35 -41.08
CA TRP C 555 61.94 -59.00 -41.31
C TRP C 555 63.14 -58.91 -42.27
N LEU C 556 63.92 -59.98 -42.38
CA LEU C 556 65.12 -59.91 -43.20
C LEU C 556 65.08 -60.79 -44.43
N GLN C 557 63.86 -61.01 -45.02
CA GLN C 557 63.75 -61.77 -46.26
C GLN C 557 64.34 -60.96 -47.41
N ASP C 558 63.97 -59.69 -47.47
CA ASP C 558 64.49 -58.75 -48.44
C ASP C 558 65.07 -57.61 -47.62
N GLU C 559 66.41 -57.65 -47.44
CA GLU C 559 67.14 -56.68 -46.66
C GLU C 559 67.38 -55.43 -47.46
N MET C 560 67.91 -55.61 -48.70
CA MET C 560 68.26 -54.54 -49.65
C MET C 560 67.06 -53.72 -50.03
N GLY C 561 65.91 -54.36 -50.07
CA GLY C 561 64.65 -53.69 -50.38
C GLY C 561 64.23 -53.85 -51.81
N SER C 562 65.21 -54.05 -52.70
CA SER C 562 65.06 -54.24 -54.15
C SER C 562 63.84 -55.09 -54.59
N LYS C 563 63.58 -56.20 -53.89
CA LYS C 563 62.50 -57.15 -54.14
C LYS C 563 61.12 -56.61 -53.73
N PHE C 564 61.08 -55.48 -52.97
CA PHE C 564 59.87 -54.90 -52.37
C PHE C 564 59.20 -55.97 -51.54
N GLY C 565 60.06 -56.70 -50.79
CA GLY C 565 59.77 -57.85 -49.93
C GLY C 565 58.30 -58.06 -49.72
N PRO C 566 57.68 -59.00 -50.47
CA PRO C 566 56.20 -59.18 -50.37
C PRO C 566 55.67 -59.38 -48.95
N HIS C 567 56.50 -59.99 -48.11
CA HIS C 567 56.26 -60.31 -46.72
C HIS C 567 56.25 -59.04 -45.86
N TYR C 568 57.44 -58.42 -45.67
CA TYR C 568 57.71 -57.26 -44.83
C TYR C 568 58.25 -56.14 -45.69
N PHE C 569 57.52 -55.02 -45.76
CA PHE C 569 57.95 -53.85 -46.55
C PHE C 569 57.39 -52.52 -46.01
N LEU C 570 57.96 -51.37 -46.42
CA LEU C 570 57.48 -50.03 -46.01
C LEU C 570 56.09 -49.83 -46.54
N ASN C 571 55.14 -49.73 -45.60
CA ASN C 571 53.71 -49.54 -45.81
C ASN C 571 53.42 -48.48 -46.87
N ASN C 572 52.81 -48.93 -47.99
CA ASN C 572 52.39 -48.10 -49.11
C ASN C 572 51.15 -48.72 -49.74
N PRO C 573 49.95 -48.09 -49.63
CA PRO C 573 48.74 -48.74 -50.17
C PRO C 573 48.68 -48.79 -51.67
N ASP C 574 49.58 -48.09 -52.38
CA ASP C 574 49.59 -48.07 -53.84
C ASP C 574 50.12 -49.37 -54.39
N ILE C 575 51.13 -49.96 -53.73
CA ILE C 575 51.74 -51.23 -54.16
C ILE C 575 51.02 -52.48 -53.53
N GLN C 576 49.84 -52.28 -52.92
CA GLN C 576 49.05 -53.38 -52.38
C GLN C 576 48.43 -54.21 -53.52
N ASP C 577 48.10 -55.49 -53.23
CA ASP C 577 47.53 -56.39 -54.22
C ASP C 577 46.04 -56.25 -54.28
N ASN C 578 45.47 -56.59 -55.46
CA ASN C 578 44.04 -56.55 -55.71
C ASN C 578 43.33 -57.76 -55.11
N VAL C 579 42.00 -57.73 -55.09
CA VAL C 579 41.26 -58.83 -54.52
C VAL C 579 40.71 -59.75 -55.62
N ASN C 580 41.18 -59.60 -56.88
CA ASN C 580 40.76 -60.47 -57.99
C ASN C 580 41.09 -61.94 -57.70
N ASN C 581 40.12 -62.84 -57.95
CA ASN C 581 40.22 -64.28 -57.67
C ASN C 581 41.57 -64.87 -58.00
N ASP C 582 42.12 -64.51 -59.16
CA ASP C 582 43.41 -64.99 -59.62
C ASP C 582 44.56 -64.59 -58.68
N THR C 583 44.55 -63.33 -58.19
CA THR C 583 45.56 -62.80 -57.26
C THR C 583 45.53 -63.56 -55.95
N VAL C 584 44.33 -63.68 -55.35
CA VAL C 584 44.06 -64.33 -54.06
C VAL C 584 44.35 -65.81 -54.10
N GLU C 585 43.93 -66.47 -55.21
CA GLU C 585 44.11 -67.90 -55.45
C GLU C 585 45.59 -68.29 -55.41
N ALA C 586 46.41 -67.54 -56.15
CA ALA C 586 47.82 -67.80 -56.27
C ALA C 586 48.64 -67.37 -55.04
N LEU C 587 48.34 -66.19 -54.46
CA LEU C 587 49.13 -65.64 -53.35
C LEU C 587 48.66 -66.01 -51.92
N ILE C 588 47.38 -66.43 -51.74
CA ILE C 588 46.90 -66.74 -50.40
C ILE C 588 46.43 -68.19 -50.26
N SER C 589 45.35 -68.61 -50.98
CA SER C 589 44.78 -69.96 -50.85
C SER C 589 45.71 -71.13 -51.27
N SER C 590 46.80 -70.81 -51.96
CA SER C 590 47.84 -71.76 -52.38
C SER C 590 48.51 -72.40 -51.14
N TYR C 591 48.64 -71.60 -50.05
CA TYR C 591 49.23 -71.97 -48.76
C TYR C 591 48.12 -72.17 -47.73
N LYS C 592 48.11 -73.31 -47.07
CA LYS C 592 47.07 -73.62 -46.10
C LYS C 592 47.67 -73.86 -44.72
N ASN C 593 47.20 -73.10 -43.70
CA ASN C 593 47.68 -73.20 -42.31
C ASN C 593 47.13 -74.43 -41.65
N THR C 594 47.80 -74.91 -40.62
CA THR C 594 47.40 -76.11 -39.91
C THR C 594 47.46 -75.95 -38.40
N ASP C 595 47.41 -77.09 -37.73
CA ASP C 595 47.51 -77.33 -36.30
C ASP C 595 48.93 -76.90 -35.81
N LYS C 596 49.96 -77.19 -36.61
CA LYS C 596 51.36 -76.94 -36.30
C LYS C 596 52.05 -75.96 -37.29
N LEU C 597 51.27 -75.22 -38.10
CA LEU C 597 51.83 -74.30 -39.08
C LEU C 597 50.98 -73.09 -39.41
N LYS C 598 51.59 -71.91 -39.43
CA LYS C 598 50.99 -70.65 -39.83
C LYS C 598 51.90 -70.05 -40.91
N HIS C 599 51.35 -69.21 -41.81
CA HIS C 599 52.12 -68.61 -42.91
C HIS C 599 52.21 -67.09 -42.91
N VAL C 600 53.40 -66.58 -43.29
CA VAL C 600 53.63 -65.14 -43.48
C VAL C 600 53.44 -64.99 -44.98
N TYR C 601 52.19 -64.80 -45.41
CA TYR C 601 51.75 -64.72 -46.80
C TYR C 601 52.49 -63.68 -47.64
N PRO C 602 52.79 -64.04 -48.92
CA PRO C 602 53.52 -63.10 -49.80
C PRO C 602 52.61 -62.11 -50.52
N TYR C 603 51.30 -62.14 -50.19
CA TYR C 603 50.32 -61.21 -50.69
C TYR C 603 50.71 -59.84 -50.07
N ARG C 604 50.83 -58.81 -50.90
CA ARG C 604 51.23 -57.48 -50.44
C ARG C 604 50.07 -56.78 -49.74
N TYR C 605 50.06 -56.80 -48.37
CA TYR C 605 49.02 -56.08 -47.62
C TYR C 605 49.68 -54.78 -47.21
N SER C 606 48.87 -53.71 -47.04
CA SER C 606 49.26 -52.37 -46.55
C SER C 606 48.08 -51.41 -46.68
N GLY C 607 48.10 -50.36 -45.83
CA GLY C 607 47.07 -49.34 -45.75
C GLY C 607 47.42 -48.25 -44.76
N LEU C 608 46.69 -47.13 -44.81
CA LEU C 608 46.95 -46.00 -43.93
C LEU C 608 46.11 -46.06 -42.64
N TYR C 609 46.41 -45.15 -41.65
CA TYR C 609 45.84 -45.10 -40.30
C TYR C 609 44.54 -45.86 -40.13
N ALA C 610 43.48 -45.47 -40.86
CA ALA C 610 42.16 -46.10 -40.79
C ALA C 610 42.21 -47.63 -40.89
N TRP C 611 42.88 -48.15 -41.92
CA TRP C 611 43.07 -49.58 -42.17
C TRP C 611 43.86 -50.27 -41.06
N GLN C 612 45.03 -49.69 -40.67
CA GLN C 612 45.92 -50.21 -39.63
C GLN C 612 45.15 -50.35 -38.31
N LEU C 613 44.32 -49.32 -37.98
CA LEU C 613 43.52 -49.29 -36.77
C LEU C 613 42.42 -50.31 -36.88
N PHE C 614 41.69 -50.30 -38.01
CA PHE C 614 40.59 -51.21 -38.26
C PHE C 614 40.96 -52.67 -37.98
N ASN C 615 42.16 -53.10 -38.33
CA ASN C 615 42.56 -54.49 -38.12
C ASN C 615 43.37 -54.75 -36.86
N TRP C 616 44.13 -53.76 -36.35
CA TRP C 616 44.94 -54.06 -35.18
C TRP C 616 44.64 -53.23 -33.93
N SER C 617 43.53 -52.49 -33.91
CA SER C 617 43.10 -51.76 -32.70
C SER C 617 41.98 -52.58 -32.03
N ASN C 618 41.66 -52.22 -30.77
CA ASN C 618 40.60 -52.88 -29.99
C ASN C 618 39.24 -52.23 -30.24
N LYS C 619 38.89 -52.09 -31.52
CA LYS C 619 37.64 -51.53 -32.00
C LYS C 619 36.45 -52.28 -31.46
N LEU C 620 35.35 -51.55 -31.31
CA LEU C 620 34.07 -52.08 -30.89
C LEU C 620 33.39 -52.81 -32.06
N THR C 621 32.73 -53.93 -31.78
CA THR C 621 31.98 -54.63 -32.83
C THR C 621 30.56 -54.87 -32.39
N ASN C 622 29.93 -55.91 -32.95
CA ASN C 622 28.57 -56.26 -32.55
C ASN C 622 28.56 -57.38 -31.47
N THR C 623 29.70 -58.06 -31.29
CA THR C 623 29.92 -59.12 -30.31
C THR C 623 30.88 -58.62 -29.20
N PRO C 624 30.72 -59.05 -27.93
CA PRO C 624 31.64 -58.55 -26.90
C PRO C 624 32.89 -59.43 -26.79
N LEU C 625 33.95 -58.94 -26.11
CA LEU C 625 35.24 -59.65 -25.92
C LEU C 625 35.82 -60.15 -27.27
N SER C 626 35.59 -59.32 -28.31
CA SER C 626 35.87 -59.51 -29.73
C SER C 626 37.22 -59.03 -30.22
N ALA C 627 37.94 -58.21 -29.43
CA ALA C 627 39.23 -57.65 -29.85
C ALA C 627 40.40 -58.63 -29.79
N ASN C 628 40.87 -59.11 -30.94
CA ASN C 628 42.02 -60.03 -30.91
C ASN C 628 43.30 -59.23 -30.77
N PHE C 629 43.22 -57.92 -31.01
CA PHE C 629 44.33 -56.99 -30.89
C PHE C 629 43.90 -55.83 -30.03
N VAL C 630 44.59 -55.66 -28.89
CA VAL C 630 44.47 -54.53 -27.97
C VAL C 630 45.93 -54.14 -27.90
N ASN C 631 46.28 -53.00 -28.53
CA ASN C 631 47.68 -52.55 -28.63
C ASN C 631 48.24 -52.27 -27.23
N GLU C 632 47.72 -51.21 -26.59
CA GLU C 632 48.07 -50.76 -25.25
C GLU C 632 46.90 -49.94 -24.74
N ASN C 633 47.12 -49.13 -23.69
CA ASN C 633 46.09 -48.25 -23.15
C ASN C 633 46.57 -46.81 -23.12
N SER C 634 45.62 -45.84 -23.31
CA SER C 634 45.95 -44.41 -23.35
C SER C 634 46.59 -43.91 -22.05
N TYR C 635 47.44 -42.88 -22.14
CA TYR C 635 48.10 -42.25 -21.02
C TYR C 635 47.11 -41.48 -20.16
N ALA C 636 46.36 -40.60 -20.84
CA ALA C 636 45.39 -39.68 -20.26
C ALA C 636 43.99 -40.00 -20.76
N PRO C 637 42.91 -39.61 -20.03
CA PRO C 637 41.54 -39.85 -20.56
C PRO C 637 41.43 -39.19 -21.94
N ASN C 638 41.07 -39.97 -22.96
CA ASN C 638 41.02 -39.42 -24.30
C ASN C 638 39.64 -39.41 -24.87
N SER C 639 38.62 -39.66 -24.03
CA SER C 639 37.22 -39.69 -24.50
C SER C 639 36.16 -39.25 -23.53
N LEU C 640 35.18 -38.47 -24.02
CA LEU C 640 34.02 -38.09 -23.23
C LEU C 640 33.23 -39.39 -23.03
N PHE C 641 32.66 -39.58 -21.86
CA PHE C 641 31.95 -40.83 -21.64
C PHE C 641 30.86 -40.70 -20.60
N ALA C 642 29.68 -41.18 -20.92
CA ALA C 642 28.54 -41.22 -20.01
C ALA C 642 27.87 -42.51 -20.32
N ALA C 643 27.40 -43.22 -19.29
CA ALA C 643 26.80 -44.54 -19.50
C ALA C 643 25.71 -44.87 -18.53
N ILE C 644 24.61 -45.47 -19.06
CA ILE C 644 23.47 -45.93 -18.27
C ILE C 644 23.86 -47.30 -17.74
N LEU C 645 23.98 -47.38 -16.42
CA LEU C 645 24.42 -48.59 -15.72
C LEU C 645 23.27 -49.42 -15.24
N ASN C 646 23.54 -50.74 -15.00
CA ASN C 646 22.58 -51.70 -14.50
C ASN C 646 22.63 -51.80 -12.97
N GLU C 647 21.75 -51.03 -12.29
CA GLU C 647 21.59 -50.93 -10.84
C GLU C 647 21.50 -52.32 -10.21
N ASP C 648 20.60 -53.19 -10.74
CA ASP C 648 20.37 -54.56 -10.28
C ASP C 648 21.61 -55.47 -10.37
N LEU C 649 22.47 -55.21 -11.34
CA LEU C 649 23.70 -55.97 -11.48
C LEU C 649 24.69 -55.50 -10.42
N LEU C 650 24.91 -54.16 -10.32
CA LEU C 650 25.80 -53.53 -9.36
C LEU C 650 25.44 -53.99 -7.94
N THR C 651 24.15 -53.95 -7.57
CA THR C 651 23.70 -54.36 -6.24
C THR C 651 23.67 -55.86 -6.04
N GLY C 652 23.43 -56.60 -7.12
CA GLY C 652 23.31 -58.05 -7.08
C GLY C 652 24.59 -58.84 -7.04
N LEU C 653 25.53 -58.50 -7.95
CA LEU C 653 26.82 -59.17 -8.16
C LEU C 653 27.56 -59.53 -6.88
N SER C 654 28.24 -60.68 -6.93
CA SER C 654 29.02 -61.19 -5.81
C SER C 654 30.27 -60.36 -5.51
N ASP C 655 30.77 -60.45 -4.28
CA ASP C 655 31.94 -59.69 -3.87
C ASP C 655 33.16 -60.20 -4.60
N LYS C 656 33.52 -61.49 -4.43
CA LYS C 656 34.69 -62.01 -5.15
C LYS C 656 34.32 -62.56 -6.49
N ILE C 657 35.07 -62.11 -7.50
CA ILE C 657 34.91 -62.48 -8.89
C ILE C 657 35.95 -63.51 -9.20
N PHE C 658 35.48 -64.69 -9.61
CA PHE C 658 36.30 -65.85 -9.92
C PHE C 658 36.48 -65.98 -11.41
N TYR C 659 37.71 -65.84 -11.84
CA TYR C 659 38.06 -66.01 -13.24
C TYR C 659 38.36 -67.49 -13.48
N GLY C 660 38.63 -67.85 -14.73
CA GLY C 660 38.97 -69.22 -15.12
C GLY C 660 40.29 -69.29 -15.83
N LYS C 661 40.67 -70.48 -16.31
CA LYS C 661 41.91 -70.63 -17.06
C LYS C 661 41.79 -69.87 -18.42
N GLU C 662 40.54 -69.59 -18.83
CA GLU C 662 40.19 -68.84 -20.03
C GLU C 662 40.58 -67.35 -19.92
N ASN C 663 40.83 -66.85 -18.72
CA ASN C 663 41.22 -65.46 -18.53
C ASN C 663 42.72 -65.34 -18.37
N GLU C 664 43.42 -66.49 -18.40
CA GLU C 664 44.87 -66.61 -18.21
C GLU C 664 45.60 -66.86 -19.51
N PHE C 665 46.81 -66.28 -19.62
CA PHE C 665 47.70 -66.44 -20.78
C PHE C 665 48.28 -67.82 -20.75
N ALA C 666 48.62 -68.35 -21.95
CA ALA C 666 49.14 -69.71 -22.10
C ALA C 666 50.48 -69.94 -21.44
N GLU C 667 50.63 -71.11 -20.79
CA GLU C 667 51.84 -71.49 -20.06
C GLU C 667 53.06 -71.73 -20.95
N ASN C 668 52.85 -71.92 -22.28
CA ASN C 668 53.91 -72.10 -23.27
C ASN C 668 53.44 -71.70 -24.64
N GLU C 669 54.37 -71.34 -25.54
CA GLU C 669 54.07 -70.91 -26.90
C GLU C 669 53.35 -71.96 -27.79
N ALA C 670 53.34 -73.25 -27.35
CA ALA C 670 52.64 -74.34 -28.06
C ALA C 670 51.14 -74.28 -27.77
N ASP C 671 50.77 -74.08 -26.50
CA ASP C 671 49.37 -73.93 -26.09
C ASP C 671 48.85 -72.67 -26.75
N ARG C 672 49.64 -71.58 -26.65
CA ARG C 672 49.38 -70.25 -27.18
C ARG C 672 49.07 -70.24 -28.66
N PHE C 673 49.76 -71.08 -29.42
CA PHE C 673 49.63 -71.18 -30.87
C PHE C 673 48.21 -71.43 -31.37
N ASN C 674 47.44 -72.30 -30.69
CA ASN C 674 46.08 -72.66 -31.15
C ASN C 674 44.95 -72.06 -30.29
N GLN C 675 45.25 -70.92 -29.62
CA GLN C 675 44.33 -70.18 -28.75
C GLN C 675 43.10 -69.72 -29.51
N LEU C 676 41.87 -70.01 -29.01
CA LEU C 676 40.64 -69.50 -29.65
C LEU C 676 40.35 -68.17 -28.98
N LEU C 677 40.07 -67.10 -29.74
CA LEU C 677 39.85 -65.78 -29.11
C LEU C 677 38.65 -65.75 -28.15
N SER C 678 37.66 -66.57 -28.43
CA SER C 678 36.47 -66.67 -27.59
C SER C 678 36.36 -68.06 -26.96
N LEU C 679 36.28 -68.08 -25.63
CA LEU C 679 36.16 -69.30 -24.87
C LEU C 679 34.95 -69.25 -23.97
N ASN C 680 34.26 -70.39 -23.82
CA ASN C 680 33.09 -70.43 -22.98
C ASN C 680 33.54 -70.56 -21.53
N PRO C 681 33.03 -69.68 -20.62
CA PRO C 681 33.47 -69.75 -19.21
C PRO C 681 33.14 -71.08 -18.58
N ASN C 682 34.06 -71.65 -17.76
CA ASN C 682 33.78 -72.94 -17.14
C ASN C 682 32.76 -72.74 -15.99
N PRO C 683 31.89 -73.74 -15.71
CA PRO C 683 30.81 -73.53 -14.73
C PRO C 683 31.21 -73.13 -13.31
N ASN C 684 32.48 -73.29 -12.97
CA ASN C 684 32.94 -72.94 -11.63
C ASN C 684 33.27 -71.44 -11.48
N THR C 685 33.49 -70.72 -12.61
CA THR C 685 33.76 -69.28 -12.64
C THR C 685 32.47 -68.45 -12.58
N ASN C 686 32.60 -67.15 -12.30
CA ASN C 686 31.48 -66.20 -12.27
C ASN C 686 31.79 -64.88 -12.97
N TRP C 687 33.06 -64.74 -13.41
CA TRP C 687 33.59 -63.55 -14.03
C TRP C 687 32.71 -62.99 -15.13
N ALA C 688 32.15 -63.92 -15.93
CA ALA C 688 31.31 -63.62 -17.06
C ALA C 688 30.05 -62.81 -16.70
N ARG C 689 29.56 -62.96 -15.48
CA ARG C 689 28.36 -62.25 -15.03
C ARG C 689 28.53 -60.73 -14.83
N TYR C 690 29.78 -60.26 -14.70
CA TYR C 690 30.10 -58.86 -14.45
C TYR C 690 30.16 -58.00 -15.70
N LEU C 691 30.21 -58.61 -16.89
CA LEU C 691 30.45 -57.95 -18.19
C LEU C 691 29.40 -56.94 -18.63
N ASN C 692 28.12 -57.17 -18.30
CA ASN C 692 27.13 -56.27 -18.85
C ASN C 692 26.55 -55.24 -17.88
N VAL C 693 27.42 -54.46 -17.18
CA VAL C 693 26.85 -53.45 -16.27
C VAL C 693 26.47 -52.20 -17.07
N VAL C 694 27.12 -52.00 -18.23
CA VAL C 694 26.84 -50.88 -19.14
C VAL C 694 25.72 -51.27 -20.06
N GLN C 695 24.55 -50.62 -19.91
CA GLN C 695 23.37 -50.90 -20.75
C GLN C 695 23.51 -50.14 -22.10
N ARG C 696 23.85 -48.82 -22.03
CA ARG C 696 24.08 -47.94 -23.17
C ARG C 696 25.13 -46.96 -22.79
N PHE C 697 25.65 -46.19 -23.77
CA PHE C 697 26.72 -45.23 -23.52
C PHE C 697 26.82 -44.16 -24.59
N THR C 698 27.37 -42.99 -24.20
CA THR C 698 27.62 -41.90 -25.12
C THR C 698 29.06 -41.54 -25.04
N THR C 699 29.55 -40.85 -26.06
CA THR C 699 30.95 -40.50 -26.22
C THR C 699 31.10 -39.07 -26.80
N GLY C 700 29.97 -38.38 -26.95
CA GLY C 700 29.83 -37.04 -27.48
C GLY C 700 28.53 -36.89 -28.25
N PRO C 701 28.49 -36.04 -29.32
CA PRO C 701 27.24 -35.87 -30.07
C PRO C 701 26.94 -37.09 -30.93
N ASN C 702 25.67 -37.23 -31.34
CA ASN C 702 25.16 -38.36 -32.12
C ASN C 702 25.43 -38.21 -33.62
N LEU C 703 26.73 -38.15 -34.00
CA LEU C 703 27.22 -38.01 -35.38
C LEU C 703 28.28 -39.08 -35.62
N ASP C 704 28.46 -39.57 -36.87
CA ASP C 704 29.51 -40.56 -37.19
C ASP C 704 30.33 -40.17 -38.40
N SER C 705 31.55 -40.72 -38.50
CA SER C 705 32.53 -40.54 -39.56
C SER C 705 32.60 -39.08 -40.07
N SER C 706 32.64 -38.89 -41.40
CA SER C 706 32.77 -37.61 -42.08
C SER C 706 31.76 -36.56 -41.60
N THR C 707 30.51 -36.99 -41.28
CA THR C 707 29.45 -36.12 -40.76
C THR C 707 29.95 -35.46 -39.48
N PHE C 708 30.65 -36.24 -38.62
CA PHE C 708 31.17 -35.77 -37.34
C PHE C 708 32.18 -34.64 -37.51
N ASP C 709 33.05 -34.74 -38.53
CA ASP C 709 34.09 -33.73 -38.81
C ASP C 709 33.49 -32.36 -39.04
N GLN C 710 32.31 -32.30 -39.71
CA GLN C 710 31.58 -31.07 -40.02
C GLN C 710 31.20 -30.32 -38.76
N PHE C 711 30.93 -31.06 -37.67
CA PHE C 711 30.62 -30.48 -36.37
C PHE C 711 31.92 -30.00 -35.74
N LEU C 712 32.98 -30.82 -35.78
CA LEU C 712 34.28 -30.45 -35.21
C LEU C 712 34.70 -29.06 -35.69
N ASP C 713 34.40 -28.73 -36.95
CA ASP C 713 34.71 -27.43 -37.50
C ASP C 713 33.79 -26.37 -36.94
N PHE C 714 32.50 -26.68 -36.89
CA PHE C 714 31.46 -25.77 -36.41
C PHE C 714 31.77 -25.18 -35.03
N LEU C 715 32.39 -25.96 -34.11
CA LEU C 715 32.71 -25.49 -32.75
C LEU C 715 33.93 -24.56 -32.73
N PRO C 716 33.98 -23.58 -31.82
CA PRO C 716 35.14 -22.68 -31.77
C PRO C 716 36.24 -23.08 -30.78
N TRP C 717 37.39 -22.37 -30.85
CA TRP C 717 38.51 -22.61 -29.94
C TRP C 717 38.41 -21.61 -28.78
N ILE C 718 38.36 -22.09 -27.52
CA ILE C 718 38.21 -21.24 -26.33
C ILE C 718 39.19 -20.06 -26.25
N GLY C 719 40.45 -20.29 -26.58
CA GLY C 719 41.48 -19.26 -26.56
C GLY C 719 41.20 -18.07 -27.45
N ASN C 720 40.65 -18.31 -28.67
CA ASN C 720 40.35 -17.30 -29.68
C ASN C 720 38.93 -16.82 -29.79
N GLY C 721 37.98 -17.74 -29.68
CA GLY C 721 36.57 -17.45 -29.90
C GLY C 721 36.29 -17.62 -31.39
N LYS C 722 37.35 -18.02 -32.14
CA LYS C 722 37.31 -18.28 -33.57
C LYS C 722 37.05 -19.77 -33.83
N PRO C 723 36.19 -20.12 -34.81
CA PRO C 723 35.91 -21.53 -35.04
C PRO C 723 37.00 -22.20 -35.85
N PHE C 724 37.05 -23.53 -35.77
CA PHE C 724 38.00 -24.38 -36.50
C PHE C 724 37.72 -24.35 -38.01
N SER C 725 36.49 -23.95 -38.38
CA SER C 725 36.00 -23.83 -39.74
C SER C 725 36.67 -22.70 -40.52
N ASN C 726 36.93 -21.54 -39.87
CA ASN C 726 37.51 -20.32 -40.47
C ASN C 726 36.61 -19.79 -41.60
N SER C 727 35.32 -20.21 -41.63
CA SER C 727 34.37 -19.86 -42.70
C SER C 727 34.02 -18.36 -42.81
N PRO C 728 33.89 -17.55 -41.72
CA PRO C 728 33.58 -16.12 -41.93
C PRO C 728 34.69 -15.36 -42.67
N ALA C 734 38.00 -10.75 -50.63
CA ALA C 734 38.96 -11.82 -50.87
C ALA C 734 38.24 -13.10 -51.29
N SER C 735 38.84 -13.89 -52.21
CA SER C 735 38.21 -15.12 -52.68
C SER C 735 39.13 -16.35 -52.72
N SER C 736 40.27 -16.25 -53.42
CA SER C 736 41.20 -17.38 -53.57
C SER C 736 42.02 -17.61 -52.35
N SER C 737 42.73 -16.60 -51.86
CA SER C 737 43.53 -16.87 -50.70
C SER C 737 42.80 -16.44 -49.45
N THR C 738 41.83 -17.29 -49.06
CA THR C 738 40.96 -17.24 -47.89
C THR C 738 41.09 -18.57 -47.15
N PRO C 739 41.27 -18.53 -45.81
CA PRO C 739 41.48 -19.76 -45.05
C PRO C 739 40.43 -20.86 -45.15
N LEU C 740 40.94 -22.09 -45.22
CA LEU C 740 40.18 -23.32 -45.33
C LEU C 740 39.88 -23.91 -43.94
N PRO C 741 38.87 -24.83 -43.80
CA PRO C 741 38.64 -25.46 -42.50
C PRO C 741 39.68 -26.54 -42.18
N THR C 742 39.90 -26.76 -40.88
CA THR C 742 40.88 -27.73 -40.37
C THR C 742 40.39 -29.20 -40.48
N PHE C 743 39.12 -29.48 -40.08
CA PHE C 743 38.60 -30.85 -40.03
C PHE C 743 37.85 -31.35 -41.24
N SER C 744 37.11 -30.49 -41.94
CA SER C 744 36.30 -30.84 -43.13
C SER C 744 37.13 -30.98 -44.42
N ASN C 745 36.55 -31.74 -45.36
CA ASN C 745 37.11 -31.99 -46.68
C ASN C 745 36.21 -31.30 -47.73
N ILE C 746 34.91 -31.08 -47.39
CA ILE C 746 33.89 -30.45 -48.21
C ILE C 746 34.35 -29.06 -48.63
N ASN C 747 34.35 -28.81 -49.96
CA ASN C 747 34.81 -27.55 -50.61
C ASN C 747 36.32 -27.33 -50.41
N VAL C 748 37.05 -28.39 -50.06
CA VAL C 748 38.50 -28.33 -49.88
C VAL C 748 39.14 -29.16 -50.97
N GLY C 749 40.01 -28.53 -51.73
CA GLY C 749 40.71 -29.16 -52.83
C GLY C 749 39.85 -29.35 -54.06
N VAL C 750 39.77 -30.59 -54.55
CA VAL C 750 39.01 -30.87 -55.75
C VAL C 750 37.99 -32.00 -55.57
N LYS C 751 36.88 -31.91 -56.30
CA LYS C 751 35.81 -32.91 -56.24
C LYS C 751 36.20 -34.09 -57.17
N SER C 752 36.51 -35.24 -56.59
CA SER C 752 36.91 -36.47 -57.30
C SER C 752 35.72 -37.35 -57.61
N MET C 753 35.83 -38.20 -58.64
CA MET C 753 34.75 -39.10 -59.02
C MET C 753 34.98 -40.55 -58.51
N ILE C 754 33.95 -41.12 -57.86
CA ILE C 754 33.92 -42.49 -57.29
C ILE C 754 33.50 -43.63 -58.25
N THR C 755 34.27 -44.77 -58.21
CA THR C 755 34.14 -46.03 -58.96
C THR C 755 35.09 -47.08 -58.29
N GLN C 756 35.30 -48.29 -58.91
CA GLN C 756 36.20 -49.41 -58.50
C GLN C 756 35.78 -50.16 -57.20
N HIS C 757 36.01 -51.50 -57.21
CA HIS C 757 35.80 -52.39 -56.07
C HIS C 757 37.17 -52.81 -55.52
N LEU C 758 37.35 -52.63 -54.22
CA LEU C 758 38.56 -53.02 -53.51
C LEU C 758 38.31 -54.17 -52.54
N ASN C 759 37.77 -53.89 -51.33
CA ASN C 759 37.57 -54.85 -50.27
C ASN C 759 36.17 -54.84 -49.61
N LYS C 760 35.92 -55.89 -48.76
CA LYS C 760 34.75 -56.20 -47.94
C LYS C 760 33.41 -56.34 -48.69
N GLU C 761 33.45 -56.40 -50.05
CA GLU C 761 32.32 -56.47 -50.99
C GLU C 761 31.20 -55.50 -50.61
N ASN C 762 31.58 -54.21 -50.45
CA ASN C 762 30.67 -53.07 -50.19
C ASN C 762 30.32 -52.49 -51.58
N THR C 763 30.07 -53.41 -52.53
CA THR C 763 29.74 -53.17 -53.93
C THR C 763 28.44 -52.36 -54.09
N ARG C 764 27.29 -53.03 -53.90
CA ARG C 764 25.94 -52.53 -54.14
C ARG C 764 25.79 -52.13 -55.61
N TRP C 765 25.60 -50.80 -55.92
CA TRP C 765 25.26 -50.30 -57.26
C TRP C 765 23.81 -50.63 -57.65
N VAL C 766 23.07 -51.38 -56.82
CA VAL C 766 21.67 -51.72 -57.07
C VAL C 766 20.80 -50.47 -57.00
N PHE C 767 21.04 -49.62 -55.98
CA PHE C 767 20.26 -48.40 -55.83
C PHE C 767 21.15 -47.19 -55.94
N ILE C 768 20.92 -46.39 -56.99
CA ILE C 768 21.67 -45.18 -57.34
C ILE C 768 20.89 -43.93 -56.89
N PRO C 769 21.53 -43.05 -56.11
CA PRO C 769 20.80 -41.86 -55.61
C PRO C 769 20.50 -40.79 -56.64
N ASN C 770 19.51 -39.93 -56.35
CA ASN C 770 19.07 -38.81 -57.22
C ASN C 770 20.09 -37.64 -57.29
N PHE C 771 21.36 -37.92 -56.99
CA PHE C 771 22.44 -36.95 -57.02
C PHE C 771 23.77 -37.62 -57.29
N SER C 772 24.80 -36.86 -57.68
CA SER C 772 26.14 -37.44 -57.91
C SER C 772 26.88 -37.41 -56.59
N PRO C 773 27.28 -38.57 -56.05
CA PRO C 773 27.88 -38.56 -54.71
C PRO C 773 29.28 -37.94 -54.57
N ASP C 774 30.03 -37.66 -55.64
CA ASP C 774 31.38 -37.09 -55.71
C ASP C 774 31.99 -36.55 -54.39
N ILE C 775 33.08 -37.23 -53.98
CA ILE C 775 33.82 -36.98 -52.75
C ILE C 775 34.90 -35.95 -52.98
N TRP C 776 35.04 -34.99 -52.05
CA TRP C 776 36.11 -34.01 -52.11
C TRP C 776 37.37 -34.66 -51.55
N THR C 777 38.49 -34.40 -52.21
CA THR C 777 39.81 -34.94 -51.87
C THR C 777 40.35 -34.36 -50.57
N GLY C 778 39.98 -33.12 -50.29
CA GLY C 778 40.47 -32.41 -49.13
C GLY C 778 41.77 -31.74 -49.52
N ALA C 779 42.63 -31.46 -48.53
CA ALA C 779 43.93 -30.81 -48.73
C ALA C 779 45.01 -31.87 -48.88
N GLY C 780 46.08 -31.55 -49.59
CA GLY C 780 47.20 -32.46 -49.79
C GLY C 780 46.88 -33.61 -50.72
N TYR C 781 46.07 -33.30 -51.74
CA TYR C 781 45.61 -34.27 -52.73
C TYR C 781 46.60 -34.49 -53.87
N ARG C 782 46.39 -35.61 -54.57
CA ARG C 782 47.22 -36.00 -55.68
C ARG C 782 46.39 -36.12 -56.95
N VAL C 783 46.71 -35.32 -57.97
CA VAL C 783 46.03 -35.34 -59.27
C VAL C 783 47.04 -35.54 -60.40
N GLN C 784 46.57 -36.20 -61.47
CA GLN C 784 47.34 -36.52 -62.68
C GLN C 784 47.61 -35.22 -63.38
N SER C 785 46.55 -34.43 -63.61
CA SER C 785 46.53 -33.11 -64.22
C SER C 785 45.32 -32.36 -63.66
N ALA C 786 45.25 -31.03 -63.85
CA ALA C 786 44.12 -30.21 -63.40
C ALA C 786 42.82 -30.64 -64.10
N ASN C 787 42.94 -31.09 -65.35
CA ASN C 787 41.87 -31.57 -66.21
C ASN C 787 41.39 -32.95 -65.77
N GLN C 788 42.34 -33.85 -65.41
CA GLN C 788 42.05 -35.22 -64.98
C GLN C 788 42.11 -35.40 -63.45
N LYS C 789 40.93 -35.39 -62.81
CA LYS C 789 40.78 -35.53 -61.37
C LYS C 789 39.85 -36.69 -60.98
N ASN C 790 39.87 -37.77 -61.79
CA ASN C 790 39.06 -38.97 -61.55
C ASN C 790 39.95 -40.21 -61.38
N GLY C 791 40.67 -40.24 -60.27
CA GLY C 791 41.60 -41.30 -59.93
C GLY C 791 43.01 -40.97 -60.35
N ILE C 792 43.98 -41.68 -59.78
CA ILE C 792 45.38 -41.48 -60.11
C ILE C 792 45.98 -42.74 -60.71
N PRO C 793 46.53 -42.67 -61.93
CA PRO C 793 47.15 -43.88 -62.51
C PRO C 793 48.31 -44.37 -61.66
N PHE C 794 48.53 -45.68 -61.60
CA PHE C 794 49.60 -46.28 -60.80
C PHE C 794 50.99 -45.69 -61.09
N GLU C 795 51.18 -45.02 -62.25
CA GLU C 795 52.45 -44.43 -62.67
C GLU C 795 53.08 -43.46 -61.62
N GLN C 796 52.30 -42.99 -60.62
CA GLN C 796 52.76 -42.14 -59.51
C GLN C 796 52.91 -43.06 -58.28
N VAL C 797 53.89 -43.98 -58.47
CA VAL C 797 54.34 -45.20 -57.78
C VAL C 797 55.51 -45.00 -56.89
N LYS C 798 55.65 -45.92 -55.91
CA LYS C 798 56.77 -45.95 -54.99
C LYS C 798 58.02 -46.39 -55.76
N PRO C 799 58.98 -45.47 -55.99
CA PRO C 799 60.17 -45.82 -56.77
C PRO C 799 61.39 -46.09 -55.89
N SER C 800 61.14 -46.63 -54.70
CA SER C 800 62.15 -46.90 -53.69
C SER C 800 63.23 -47.89 -54.15
N ASN C 801 64.32 -47.94 -53.40
CA ASN C 801 65.51 -48.79 -53.58
C ASN C 801 66.37 -48.42 -54.74
N ASN C 802 67.50 -47.73 -54.43
CA ASN C 802 68.53 -47.31 -55.39
C ASN C 802 67.90 -46.55 -56.59
N SER C 803 66.81 -45.76 -56.33
CA SER C 803 66.05 -44.96 -57.30
C SER C 803 65.63 -45.74 -58.57
N THR C 804 65.36 -47.05 -58.39
CA THR C 804 64.91 -47.94 -59.45
C THR C 804 63.42 -48.24 -59.20
N PRO C 805 62.51 -47.50 -59.84
CA PRO C 805 61.08 -47.71 -59.62
C PRO C 805 60.56 -49.14 -59.71
N PHE C 806 59.52 -49.39 -58.92
CA PHE C 806 58.78 -50.64 -58.82
C PHE C 806 58.12 -50.89 -60.16
N ASP C 807 58.34 -52.06 -60.75
CA ASP C 807 57.69 -52.35 -62.04
C ASP C 807 56.45 -53.23 -61.81
N PRO C 808 55.25 -52.70 -62.08
CA PRO C 808 54.05 -53.50 -61.87
C PRO C 808 53.88 -54.77 -62.68
N ASN C 809 54.54 -54.90 -63.84
CA ASN C 809 54.42 -56.02 -64.78
C ASN C 809 55.59 -57.01 -64.64
N SER C 810 56.40 -56.88 -63.58
CA SER C 810 57.52 -57.80 -63.33
C SER C 810 56.98 -59.18 -63.02
N ASP C 811 57.71 -60.24 -63.41
CA ASP C 811 57.29 -61.64 -63.27
C ASP C 811 56.69 -61.99 -61.91
N ASP C 812 57.25 -61.46 -60.79
CA ASP C 812 56.71 -61.72 -59.46
C ASP C 812 55.45 -60.88 -59.15
N ASN C 813 55.33 -59.67 -59.72
CA ASN C 813 54.18 -58.79 -59.52
C ASN C 813 52.99 -59.10 -60.46
N LYS C 814 53.06 -60.23 -61.19
CA LYS C 814 52.00 -60.67 -62.10
C LYS C 814 51.55 -62.08 -61.74
N VAL C 815 50.28 -62.41 -62.02
CA VAL C 815 49.68 -63.72 -61.80
C VAL C 815 49.12 -64.19 -63.13
N THR C 816 49.18 -65.51 -63.42
CA THR C 816 48.64 -65.99 -64.68
C THR C 816 47.68 -67.17 -64.39
N PRO C 817 46.39 -67.01 -64.79
CA PRO C 817 45.42 -68.10 -64.55
C PRO C 817 45.63 -69.23 -65.55
N SER C 818 45.09 -70.42 -65.28
CA SER C 818 45.25 -71.62 -66.11
C SER C 818 45.58 -71.37 -67.58
N GLY C 819 44.67 -70.73 -68.33
CA GLY C 819 44.76 -70.46 -69.77
C GLY C 819 45.90 -69.64 -70.33
N GLY C 820 46.40 -68.71 -69.54
CA GLY C 820 47.46 -67.82 -69.95
C GLY C 820 47.04 -66.37 -69.90
N SER C 821 47.97 -65.48 -70.27
CA SER C 821 47.91 -64.01 -70.26
C SER C 821 48.02 -63.45 -68.83
N SER C 822 49.26 -63.39 -68.42
CA SER C 822 49.81 -62.89 -67.19
C SER C 822 49.44 -61.42 -66.94
N LYS C 823 48.55 -61.18 -65.99
CA LYS C 823 48.07 -59.86 -65.60
C LYS C 823 48.74 -59.40 -64.27
N PRO C 824 48.97 -58.09 -64.03
CA PRO C 824 49.58 -57.69 -62.75
C PRO C 824 48.60 -57.71 -61.57
N THR C 825 49.14 -57.80 -60.32
CA THR C 825 48.38 -57.83 -59.05
C THR C 825 47.98 -56.44 -58.54
N THR C 826 48.77 -55.43 -58.93
CA THR C 826 48.57 -54.05 -58.52
C THR C 826 47.25 -53.43 -59.03
N TYR C 827 46.89 -52.27 -58.47
CA TYR C 827 45.71 -51.54 -58.92
C TYR C 827 46.09 -50.61 -60.08
N PRO C 828 45.16 -50.36 -61.01
CA PRO C 828 45.49 -49.44 -62.13
C PRO C 828 45.42 -47.97 -61.73
N ALA C 829 44.43 -47.63 -60.91
CA ALA C 829 44.18 -46.30 -60.40
C ALA C 829 43.99 -46.34 -58.90
N LEU C 830 44.56 -45.33 -58.21
CA LEU C 830 44.50 -45.23 -56.76
C LEU C 830 43.87 -43.89 -56.33
N PRO C 831 43.24 -43.79 -55.13
CA PRO C 831 42.55 -42.54 -54.74
C PRO C 831 43.38 -41.27 -54.76
N ASN C 832 42.70 -40.14 -54.94
CA ASN C 832 43.30 -38.81 -55.10
C ASN C 832 43.72 -38.09 -53.79
N SER C 833 44.14 -38.84 -52.74
CA SER C 833 44.67 -38.28 -51.47
C SER C 833 45.27 -39.36 -50.58
N ILE C 834 46.43 -39.08 -50.01
CA ILE C 834 47.08 -39.99 -49.05
C ILE C 834 47.53 -39.19 -47.82
N SER C 835 47.07 -37.93 -47.75
CA SER C 835 47.33 -36.90 -46.75
C SER C 835 46.66 -37.26 -45.42
N PRO C 836 47.02 -36.60 -44.28
CA PRO C 836 46.34 -36.91 -43.01
C PRO C 836 44.84 -36.66 -43.07
N THR C 837 44.41 -35.66 -43.87
CA THR C 837 43.02 -35.27 -44.01
C THR C 837 42.26 -36.15 -45.06
N SER C 838 42.85 -37.28 -45.54
CA SER C 838 42.19 -38.18 -46.50
C SER C 838 40.99 -38.90 -45.89
N ASP C 839 39.84 -38.82 -46.58
CA ASP C 839 38.60 -39.47 -46.15
C ASP C 839 37.92 -40.15 -47.36
N TRP C 840 38.32 -41.42 -47.62
CA TRP C 840 37.83 -42.22 -48.74
C TRP C 840 36.95 -43.33 -48.23
N ILE C 841 35.61 -43.12 -48.37
CA ILE C 841 34.60 -44.09 -47.94
C ILE C 841 34.68 -45.42 -48.71
N ASN C 842 35.00 -45.37 -50.00
CA ASN C 842 35.14 -46.62 -50.74
C ASN C 842 36.59 -47.09 -50.85
N ALA C 843 37.48 -46.64 -49.94
CA ALA C 843 38.91 -47.02 -49.92
C ALA C 843 39.51 -46.90 -48.53
N LEU C 844 39.12 -47.82 -47.61
CA LEU C 844 39.58 -47.88 -46.21
C LEU C 844 41.11 -47.79 -46.11
N THR C 845 41.76 -48.55 -47.01
CA THR C 845 43.20 -48.72 -47.13
C THR C 845 43.91 -47.37 -47.43
N PHE C 846 43.20 -46.41 -48.06
CA PHE C 846 43.73 -45.07 -48.40
C PHE C 846 43.28 -43.94 -47.47
N THR C 847 42.41 -44.25 -46.51
CA THR C 847 41.85 -43.31 -45.55
C THR C 847 42.73 -43.23 -44.31
N ASN C 848 42.92 -41.99 -43.80
CA ASN C 848 43.69 -41.68 -42.59
C ASN C 848 42.77 -41.20 -41.49
N LYS C 849 41.71 -40.47 -41.86
CA LYS C 849 40.73 -39.94 -40.92
C LYS C 849 40.00 -41.14 -40.31
N ASN C 850 39.87 -41.17 -38.99
CA ASN C 850 39.23 -42.27 -38.27
C ASN C 850 38.48 -41.80 -37.03
N ASN C 851 37.40 -42.54 -36.66
CA ASN C 851 36.57 -42.27 -35.48
C ASN C 851 37.39 -42.23 -34.18
N PRO C 852 38.27 -43.22 -33.89
CA PRO C 852 39.09 -43.12 -32.69
C PRO C 852 39.79 -41.76 -32.55
N GLN C 853 40.24 -41.15 -33.67
CA GLN C 853 40.89 -39.83 -33.63
C GLN C 853 39.85 -38.76 -33.48
N ARG C 854 38.74 -38.84 -34.26
CA ARG C 854 37.63 -37.89 -34.23
C ARG C 854 37.17 -37.69 -32.80
N ASN C 855 37.08 -38.79 -32.02
CA ASN C 855 36.66 -38.74 -30.62
C ASN C 855 37.61 -37.90 -29.77
N GLN C 856 38.92 -38.21 -29.84
CA GLN C 856 39.98 -37.51 -29.10
C GLN C 856 39.95 -36.04 -29.46
N LEU C 857 39.85 -35.76 -30.78
CA LEU C 857 39.83 -34.41 -31.37
C LEU C 857 38.75 -33.53 -30.80
N LEU C 858 37.54 -34.11 -30.58
CA LEU C 858 36.42 -33.40 -29.99
C LEU C 858 36.77 -32.95 -28.57
N LEU C 859 37.23 -33.89 -27.71
CA LEU C 859 37.63 -33.62 -26.32
C LEU C 859 38.69 -32.57 -26.30
N ARG C 860 39.68 -32.73 -27.19
CA ARG C 860 40.85 -31.88 -27.32
C ARG C 860 40.58 -30.51 -27.95
N SER C 861 39.47 -30.34 -28.66
CA SER C 861 39.14 -29.03 -29.24
C SER C 861 38.37 -28.17 -28.19
N LEU C 862 37.67 -28.88 -27.29
CA LEU C 862 36.94 -28.28 -26.21
C LEU C 862 37.97 -27.90 -25.14
N LEU C 863 38.97 -28.78 -24.90
CA LEU C 863 40.07 -28.47 -23.98
C LEU C 863 40.97 -27.45 -24.70
N GLY C 864 40.86 -27.41 -26.04
CA GLY C 864 41.60 -26.53 -26.96
C GLY C 864 43.11 -26.71 -26.91
N THR C 865 43.56 -27.97 -26.74
CA THR C 865 44.96 -28.34 -26.60
C THR C 865 45.49 -29.20 -27.75
N ILE C 866 44.84 -29.19 -28.94
CA ILE C 866 45.31 -29.95 -30.11
C ILE C 866 46.62 -29.33 -30.59
N PRO C 867 47.74 -30.08 -30.67
CA PRO C 867 49.02 -29.44 -31.08
C PRO C 867 49.16 -29.08 -32.56
N VAL C 868 50.09 -28.13 -32.82
CA VAL C 868 50.42 -27.62 -34.17
C VAL C 868 51.90 -27.87 -34.52
N LEU C 869 52.16 -28.24 -35.81
CA LEU C 869 53.51 -28.48 -36.30
C LEU C 869 54.16 -27.14 -36.67
N ILE C 870 55.34 -26.90 -36.12
CA ILE C 870 56.04 -25.66 -36.26
C ILE C 870 57.35 -25.85 -37.03
N ASN C 871 57.58 -24.98 -38.05
CA ASN C 871 58.75 -24.93 -38.93
C ASN C 871 59.47 -23.62 -38.74
N LYS C 872 58.71 -22.53 -38.64
CA LYS C 872 59.21 -21.16 -38.44
C LYS C 872 58.62 -20.65 -37.13
N SER C 873 59.48 -20.21 -36.18
CA SER C 873 59.05 -19.71 -34.87
C SER C 873 58.32 -18.37 -34.91
N GLY C 874 58.91 -17.26 -34.58
CA GLY C 874 58.23 -15.96 -34.58
C GLY C 874 59.28 -14.90 -34.54
N ASP C 875 60.50 -15.36 -34.16
CA ASP C 875 61.75 -14.63 -34.01
C ASP C 875 62.14 -13.97 -35.33
N SER C 876 62.72 -12.77 -35.24
CA SER C 876 63.12 -11.88 -36.33
C SER C 876 63.69 -12.52 -37.59
N ASN C 877 64.50 -13.55 -37.44
CA ASN C 877 65.19 -14.25 -38.52
C ASN C 877 64.57 -15.62 -38.90
N ASP C 878 63.37 -15.94 -38.38
CA ASP C 878 62.65 -17.22 -38.55
C ASP C 878 61.14 -16.92 -38.49
N GLN C 879 60.64 -16.23 -39.52
CA GLN C 879 59.24 -15.80 -39.57
C GLN C 879 58.37 -16.54 -40.59
N PHE C 880 57.05 -16.32 -40.50
CA PHE C 880 56.06 -16.88 -41.41
C PHE C 880 55.10 -15.80 -41.88
N ASN C 881 55.42 -15.17 -43.03
CA ASN C 881 54.61 -14.12 -43.65
C ASN C 881 53.51 -14.79 -44.46
N LYS C 882 52.30 -14.84 -43.86
CA LYS C 882 51.11 -15.47 -44.43
C LYS C 882 50.80 -15.04 -45.86
N ASP C 883 50.86 -13.74 -46.13
CA ASP C 883 50.55 -13.13 -47.42
C ASP C 883 51.40 -13.65 -48.58
N SER C 884 52.63 -14.08 -48.29
CA SER C 884 53.55 -14.59 -49.30
C SER C 884 53.76 -16.11 -49.28
N GLU C 885 53.90 -16.71 -48.08
CA GLU C 885 54.18 -18.13 -47.93
C GLU C 885 52.93 -19.04 -47.89
N GLN C 886 51.73 -18.50 -47.60
CA GLN C 886 50.50 -19.29 -47.54
C GLN C 886 49.54 -19.01 -48.67
N LYS C 887 49.38 -20.01 -49.55
CA LYS C 887 48.48 -19.95 -50.69
C LYS C 887 47.43 -21.03 -50.47
N TRP C 888 46.23 -20.63 -49.98
CA TRP C 888 45.14 -21.55 -49.66
C TRP C 888 44.61 -22.31 -50.88
N ASP C 889 44.69 -21.69 -52.07
CA ASP C 889 44.22 -22.30 -53.31
C ASP C 889 45.17 -23.37 -53.88
N LYS C 890 46.44 -23.39 -53.42
CA LYS C 890 47.44 -24.33 -53.91
C LYS C 890 47.77 -25.46 -52.89
N THR C 891 46.73 -26.09 -52.30
CA THR C 891 46.81 -27.23 -51.35
C THR C 891 47.45 -28.47 -51.99
N GLU C 892 47.40 -28.57 -53.32
CA GLU C 892 47.92 -29.61 -54.21
C GLU C 892 49.45 -29.65 -54.18
N THR C 893 50.08 -28.45 -54.02
CA THR C 893 51.53 -28.19 -53.99
C THR C 893 52.08 -27.89 -52.58
N ASN C 894 53.36 -27.48 -52.52
CA ASN C 894 54.06 -27.09 -51.29
C ASN C 894 53.56 -25.75 -50.76
N GLU C 895 52.83 -25.00 -51.60
CA GLU C 895 52.29 -23.70 -51.23
C GLU C 895 51.11 -23.79 -50.28
N GLY C 896 50.54 -25.01 -50.18
CA GLY C 896 49.44 -25.37 -49.31
C GLY C 896 49.92 -25.62 -47.89
N ASN C 897 51.26 -25.76 -47.74
CA ASN C 897 51.99 -25.97 -46.48
C ASN C 897 51.41 -27.12 -45.63
N LEU C 898 50.95 -28.18 -46.31
CA LEU C 898 50.44 -29.37 -45.64
C LEU C 898 51.66 -30.21 -45.34
N PRO C 899 52.07 -30.32 -44.05
CA PRO C 899 53.25 -31.11 -43.73
C PRO C 899 53.32 -32.51 -44.37
N GLY C 900 52.27 -33.30 -44.21
CA GLY C 900 52.22 -34.67 -44.71
C GLY C 900 53.17 -35.58 -43.94
N PHE C 901 53.63 -35.07 -42.76
CA PHE C 901 54.58 -35.71 -41.85
C PHE C 901 54.82 -34.88 -40.61
N GLY C 902 54.56 -35.49 -39.46
CA GLY C 902 54.81 -34.92 -38.13
C GLY C 902 53.66 -34.20 -37.48
N GLU C 903 52.58 -33.93 -38.24
CA GLU C 903 51.40 -33.22 -37.77
C GLU C 903 50.38 -34.14 -37.12
N VAL C 904 49.35 -33.57 -36.45
CA VAL C 904 48.26 -34.37 -35.85
C VAL C 904 47.43 -34.97 -36.99
N ASN C 905 47.27 -36.32 -37.02
CA ASN C 905 46.53 -37.03 -38.05
C ASN C 905 45.08 -36.59 -38.15
N GLY C 906 44.56 -36.52 -39.37
CA GLY C 906 43.17 -36.20 -39.61
C GLY C 906 42.75 -34.74 -39.62
N LEU C 907 43.72 -33.83 -39.80
CA LEU C 907 43.45 -32.41 -39.88
C LEU C 907 44.47 -31.69 -40.74
N TYR C 908 44.12 -30.50 -41.21
CA TYR C 908 45.00 -29.67 -42.04
C TYR C 908 45.73 -28.65 -41.15
N ASN C 909 46.98 -28.96 -40.80
CA ASN C 909 47.83 -28.17 -39.90
C ASN C 909 47.75 -26.65 -40.10
N ALA C 910 47.84 -26.18 -41.35
CA ALA C 910 47.80 -24.76 -41.71
C ALA C 910 46.49 -24.09 -41.27
N ALA C 911 45.37 -24.81 -41.38
CA ALA C 911 44.07 -24.28 -40.97
C ALA C 911 44.02 -24.19 -39.45
N LEU C 912 44.58 -25.20 -38.73
CA LEU C 912 44.66 -25.24 -37.26
C LEU C 912 45.51 -24.10 -36.76
N LEU C 913 46.65 -23.85 -37.43
CA LEU C 913 47.55 -22.76 -37.06
C LEU C 913 46.87 -21.41 -37.24
N HIS C 914 46.09 -21.27 -38.32
CA HIS C 914 45.36 -20.05 -38.62
C HIS C 914 44.28 -19.80 -37.55
N THR C 915 43.50 -20.85 -37.21
CA THR C 915 42.44 -20.89 -36.19
C THR C 915 43.01 -20.45 -34.83
N TYR C 916 44.21 -20.94 -34.49
CA TYR C 916 44.94 -20.62 -33.26
C TYR C 916 45.55 -19.22 -33.30
N GLY C 917 45.51 -18.57 -34.47
CA GLY C 917 46.05 -17.23 -34.66
C GLY C 917 47.56 -17.14 -34.53
N PHE C 918 48.25 -18.30 -34.77
CA PHE C 918 49.70 -18.48 -34.73
C PHE C 918 50.34 -17.60 -35.76
N PHE C 919 49.64 -17.45 -36.91
CA PHE C 919 49.90 -16.51 -37.99
C PHE C 919 48.54 -15.88 -38.30
N GLY C 920 48.49 -14.56 -38.29
CA GLY C 920 47.24 -13.84 -38.49
C GLY C 920 46.78 -13.05 -37.28
N THR C 921 45.76 -12.22 -37.49
CA THR C 921 45.19 -11.31 -36.49
C THR C 921 44.27 -11.99 -35.47
N ASN C 922 43.91 -13.28 -35.68
CA ASN C 922 43.01 -14.04 -34.80
C ASN C 922 43.28 -13.81 -33.31
N THR C 923 44.50 -14.13 -32.83
CA THR C 923 44.88 -14.00 -31.42
C THR C 923 45.60 -12.72 -31.11
N ASN C 924 46.70 -12.45 -31.83
CA ASN C 924 47.49 -11.24 -31.61
C ASN C 924 47.15 -10.23 -32.67
N SER C 925 46.94 -8.96 -32.25
CA SER C 925 46.60 -7.84 -33.13
C SER C 925 47.70 -7.59 -34.16
N THR C 926 48.92 -7.97 -33.81
CA THR C 926 50.09 -7.86 -34.68
C THR C 926 50.54 -9.29 -34.94
N ASP C 927 50.34 -9.78 -36.19
CA ASP C 927 50.64 -11.15 -36.66
C ASP C 927 51.84 -11.75 -35.94
N PRO C 928 51.66 -12.83 -35.16
CA PRO C 928 52.80 -13.42 -34.44
C PRO C 928 53.80 -14.08 -35.36
N LYS C 929 53.40 -14.32 -36.62
CA LYS C 929 54.19 -14.89 -37.72
C LYS C 929 54.86 -16.23 -37.34
N ILE C 930 54.08 -17.14 -36.71
CA ILE C 930 54.48 -18.49 -36.31
C ILE C 930 53.78 -19.45 -37.26
N GLY C 931 54.51 -20.42 -37.79
CA GLY C 931 53.90 -21.39 -38.69
C GLY C 931 54.75 -22.54 -39.20
N PHE C 932 54.33 -23.11 -40.34
CA PHE C 932 55.01 -24.20 -41.04
C PHE C 932 55.12 -23.85 -42.51
N LYS C 933 56.37 -23.83 -43.03
CA LYS C 933 56.60 -23.55 -44.44
C LYS C 933 57.11 -24.80 -45.14
N ALA C 934 56.26 -25.43 -45.97
CA ALA C 934 56.65 -26.61 -46.72
C ALA C 934 57.57 -26.10 -47.80
N ASP C 935 58.90 -26.19 -47.54
CA ASP C 935 59.86 -25.55 -48.45
C ASP C 935 60.48 -26.53 -49.47
N SER C 936 60.64 -25.97 -50.67
CA SER C 936 61.11 -26.65 -51.86
C SER C 936 62.59 -26.47 -52.06
N SER C 937 63.24 -25.68 -51.19
CA SER C 937 64.66 -25.41 -51.31
C SER C 937 65.57 -26.21 -50.38
N SER C 938 65.12 -26.52 -49.15
CA SER C 938 65.98 -27.23 -48.19
C SER C 938 65.26 -28.33 -47.37
N SER C 939 66.06 -29.11 -46.61
CA SER C 939 65.57 -30.15 -45.70
C SER C 939 64.85 -29.46 -44.53
N SER C 940 63.61 -29.89 -44.24
CA SER C 940 62.77 -29.27 -43.23
C SER C 940 62.88 -29.90 -41.86
N SER C 941 63.08 -29.04 -40.86
CA SER C 941 63.22 -29.37 -39.44
C SER C 941 61.99 -28.82 -38.70
N SER C 942 61.17 -29.70 -38.10
CA SER C 942 59.92 -29.32 -37.43
C SER C 942 59.67 -30.04 -36.10
N THR C 943 58.83 -29.44 -35.22
CA THR C 943 58.40 -30.00 -33.92
C THR C 943 57.01 -29.54 -33.60
N LEU C 944 56.16 -30.44 -33.03
CA LEU C 944 54.81 -30.05 -32.60
C LEU C 944 54.93 -29.16 -31.33
N VAL C 945 53.98 -28.22 -31.14
CA VAL C 945 53.93 -27.32 -29.97
C VAL C 945 52.49 -27.25 -29.48
N GLY C 946 52.31 -26.82 -28.24
CA GLY C 946 50.98 -26.65 -27.66
C GLY C 946 50.26 -25.43 -28.20
N SER C 947 48.98 -25.29 -27.87
CA SER C 947 48.20 -24.15 -28.31
C SER C 947 48.49 -22.95 -27.42
N GLY C 948 48.88 -23.24 -26.17
CA GLY C 948 49.15 -22.23 -25.15
C GLY C 948 48.20 -22.32 -23.98
N LEU C 949 47.21 -23.21 -24.07
CA LEU C 949 46.20 -23.44 -23.03
C LEU C 949 46.67 -24.58 -22.14
N ASN C 950 46.25 -24.59 -20.87
CA ASN C 950 46.71 -25.63 -19.95
C ASN C 950 45.60 -26.62 -19.42
N TRP C 951 44.48 -26.75 -20.15
CA TRP C 951 43.41 -27.64 -19.73
C TRP C 951 43.75 -29.11 -20.00
N THR C 952 43.51 -30.00 -19.01
CA THR C 952 43.75 -31.46 -19.13
C THR C 952 42.42 -32.21 -19.22
N SER C 953 42.47 -33.43 -19.76
CA SER C 953 41.29 -34.28 -19.87
C SER C 953 40.85 -34.87 -18.51
N GLN C 954 41.41 -34.33 -17.39
CA GLN C 954 41.09 -34.72 -16.03
C GLN C 954 40.34 -33.59 -15.36
N ASP C 955 40.24 -32.45 -16.05
CA ASP C 955 39.52 -31.25 -15.61
C ASP C 955 37.97 -31.44 -15.72
N VAL C 956 37.49 -32.50 -15.06
CA VAL C 956 36.11 -32.94 -15.03
C VAL C 956 35.44 -32.56 -13.71
N GLY C 957 34.49 -31.63 -13.81
CA GLY C 957 33.69 -31.14 -12.69
C GLY C 957 32.65 -32.12 -12.21
N ASN C 958 31.85 -31.71 -11.22
CA ASN C 958 30.85 -32.62 -10.71
C ASN C 958 29.69 -32.72 -11.68
N LEU C 959 28.92 -33.85 -11.60
CA LEU C 959 27.76 -34.17 -12.45
C LEU C 959 26.54 -33.38 -12.02
N VAL C 960 25.85 -32.78 -12.99
CA VAL C 960 24.66 -31.96 -12.74
C VAL C 960 23.50 -32.56 -13.48
N VAL C 961 22.45 -32.99 -12.76
CA VAL C 961 21.26 -33.53 -13.47
C VAL C 961 20.37 -32.32 -13.74
N ILE C 962 20.03 -32.11 -15.02
CA ILE C 962 19.25 -30.94 -15.39
C ILE C 962 17.72 -31.23 -15.43
N ASN C 963 17.34 -32.46 -15.82
CA ASN C 963 15.95 -32.97 -15.85
C ASN C 963 15.97 -34.49 -16.01
N ASP C 964 14.79 -35.12 -16.10
CA ASP C 964 14.65 -36.58 -16.19
C ASP C 964 15.25 -37.18 -17.47
N THR C 965 15.75 -36.33 -18.38
CA THR C 965 16.34 -36.77 -19.66
C THR C 965 17.69 -36.12 -20.05
N SER C 966 18.14 -35.13 -19.25
CA SER C 966 19.38 -34.43 -19.51
C SER C 966 20.22 -34.23 -18.26
N PHE C 967 21.52 -34.11 -18.46
CA PHE C 967 22.54 -33.95 -17.45
C PHE C 967 23.77 -33.37 -18.12
N GLY C 968 24.66 -32.83 -17.33
CA GLY C 968 25.88 -32.23 -17.83
C GLY C 968 26.94 -32.01 -16.79
N PHE C 969 28.12 -31.56 -17.23
CA PHE C 969 29.22 -31.31 -16.33
C PHE C 969 30.21 -30.37 -16.95
N GLN C 970 31.05 -29.72 -16.10
CA GLN C 970 32.05 -28.81 -16.61
C GLN C 970 33.28 -29.61 -17.06
N LEU C 971 33.55 -29.60 -18.36
CA LEU C 971 34.74 -30.23 -18.96
C LEU C 971 35.63 -29.10 -19.40
N GLY C 972 36.67 -28.85 -18.62
CA GLY C 972 37.58 -27.73 -18.86
C GLY C 972 36.85 -26.40 -18.80
N GLY C 973 36.92 -25.63 -19.88
CA GLY C 973 36.25 -24.33 -19.98
C GLY C 973 34.87 -24.39 -20.58
N TRP C 974 34.46 -25.58 -21.00
CA TRP C 974 33.16 -25.81 -21.61
C TRP C 974 32.25 -26.59 -20.71
N PHE C 975 30.98 -26.21 -20.64
CA PHE C 975 30.03 -26.98 -19.85
C PHE C 975 29.22 -27.80 -20.84
N ILE C 976 29.51 -29.11 -20.88
CA ILE C 976 28.87 -30.05 -21.79
C ILE C 976 27.55 -30.61 -21.20
N THR C 977 26.48 -30.73 -22.03
CA THR C 977 25.17 -31.25 -21.64
C THR C 977 24.72 -32.29 -22.64
N PHE C 978 24.26 -33.43 -22.13
CA PHE C 978 23.82 -34.60 -22.90
C PHE C 978 22.31 -34.68 -22.98
N THR C 979 21.77 -34.04 -24.01
CA THR C 979 20.33 -33.93 -24.25
C THR C 979 19.69 -35.19 -24.81
N ASP C 980 20.41 -35.84 -25.75
CA ASP C 980 19.88 -37.03 -26.42
C ASP C 980 20.60 -38.33 -26.02
N PHE C 981 20.82 -38.50 -24.71
CA PHE C 981 21.34 -39.76 -24.18
C PHE C 981 20.19 -40.52 -23.57
N ILE C 982 19.47 -39.92 -22.61
CA ILE C 982 18.38 -40.62 -21.92
C ILE C 982 17.24 -40.98 -22.89
N ARG C 983 16.52 -40.00 -23.42
CA ARG C 983 15.47 -40.23 -24.42
C ARG C 983 16.01 -39.54 -25.68
N PRO C 984 16.66 -40.31 -26.57
CA PRO C 984 17.32 -39.68 -27.71
C PRO C 984 16.39 -39.28 -28.85
N ARG C 985 16.24 -37.96 -29.07
CA ARG C 985 15.45 -37.37 -30.14
C ARG C 985 16.26 -37.53 -31.47
N THR C 986 15.62 -38.06 -32.54
CA THR C 986 16.30 -38.22 -33.83
C THR C 986 16.46 -36.89 -34.53
N GLY C 987 17.54 -36.74 -35.31
CA GLY C 987 17.87 -35.51 -36.04
C GLY C 987 18.40 -34.38 -35.17
N TYR C 988 18.66 -34.67 -33.89
CA TYR C 988 19.19 -33.72 -32.91
C TYR C 988 20.61 -34.15 -32.62
N LEU C 989 21.56 -33.19 -32.44
CA LEU C 989 22.98 -33.54 -32.23
C LEU C 989 23.25 -34.08 -30.83
N GLY C 990 22.46 -33.67 -29.84
CA GLY C 990 22.52 -34.17 -28.46
C GLY C 990 23.62 -33.71 -27.51
N ILE C 991 24.18 -32.52 -27.77
CA ILE C 991 25.22 -31.88 -26.98
C ILE C 991 24.93 -30.39 -26.91
N THR C 992 25.14 -29.77 -25.75
CA THR C 992 25.08 -28.30 -25.61
C THR C 992 26.33 -27.87 -24.88
N LEU C 993 27.10 -26.98 -25.53
CA LEU C 993 28.38 -26.48 -25.04
C LEU C 993 28.35 -24.98 -24.72
N SER C 994 28.67 -24.65 -23.43
CA SER C 994 28.71 -23.29 -22.93
C SER C 994 30.14 -22.96 -22.50
N SER C 995 30.82 -22.09 -23.28
CA SER C 995 32.22 -21.71 -23.03
C SER C 995 32.33 -20.63 -22.03
N LEU C 996 33.37 -20.72 -21.22
CA LEU C 996 33.69 -19.74 -20.20
C LEU C 996 34.05 -18.41 -20.90
N GLN C 997 33.92 -17.31 -20.16
CA GLN C 997 34.22 -15.99 -20.71
C GLN C 997 35.54 -15.38 -20.15
N ASP C 998 35.84 -15.56 -18.83
CA ASP C 998 37.02 -15.01 -18.18
C ASP C 998 38.30 -15.51 -18.79
N GLN C 999 38.86 -14.69 -19.67
CA GLN C 999 40.08 -14.97 -20.41
C GLN C 999 41.26 -15.22 -19.47
N THR C 1000 41.31 -14.53 -18.29
CA THR C 1000 42.37 -14.72 -17.30
C THR C 1000 42.43 -16.15 -16.80
N ILE C 1001 41.28 -16.89 -16.88
CA ILE C 1001 41.18 -18.30 -16.50
C ILE C 1001 41.52 -19.16 -17.71
N ILE C 1002 40.86 -18.91 -18.89
CA ILE C 1002 41.04 -19.64 -20.15
C ILE C 1002 42.52 -19.89 -20.48
N TRP C 1003 43.36 -18.85 -20.32
CA TRP C 1003 44.77 -18.94 -20.66
C TRP C 1003 45.70 -19.35 -19.51
N ALA C 1004 45.26 -19.14 -18.25
CA ALA C 1004 45.99 -19.44 -17.01
C ALA C 1004 46.85 -20.72 -17.02
N ASP C 1005 47.90 -20.72 -16.16
CA ASP C 1005 48.90 -21.78 -16.02
C ASP C 1005 48.36 -23.06 -15.39
N GLN C 1006 47.51 -22.95 -14.37
CA GLN C 1006 46.83 -24.11 -13.79
C GLN C 1006 45.37 -23.66 -13.75
N PRO C 1007 44.60 -23.77 -14.86
CA PRO C 1007 43.28 -23.14 -14.90
C PRO C 1007 42.18 -23.78 -14.08
N TRP C 1008 42.23 -25.12 -13.92
CA TRP C 1008 41.18 -25.82 -13.22
C TRP C 1008 41.18 -25.58 -11.73
N THR C 1009 42.17 -24.82 -11.25
CA THR C 1009 42.35 -24.47 -9.83
C THR C 1009 41.40 -23.32 -9.43
N SER C 1010 40.77 -22.67 -10.44
CA SER C 1010 39.81 -21.61 -10.24
C SER C 1010 38.40 -22.24 -10.16
N PHE C 1011 38.25 -23.52 -10.53
CA PHE C 1011 36.95 -24.20 -10.52
C PHE C 1011 36.52 -24.60 -9.12
N LYS C 1012 35.31 -24.15 -8.72
CA LYS C 1012 34.76 -24.43 -7.39
C LYS C 1012 33.37 -25.11 -7.45
N GLY C 1013 33.22 -26.04 -8.39
CA GLY C 1013 32.00 -26.82 -8.49
C GLY C 1013 30.91 -26.25 -9.38
N SER C 1014 30.07 -27.14 -9.91
CA SER C 1014 28.90 -26.84 -10.73
C SER C 1014 27.67 -27.23 -9.88
N TYR C 1015 26.55 -26.52 -10.04
CA TYR C 1015 25.30 -26.77 -9.32
C TYR C 1015 24.08 -26.34 -10.16
N LEU C 1016 22.96 -27.10 -10.11
CA LEU C 1016 21.74 -26.75 -10.86
C LEU C 1016 20.99 -25.75 -9.99
N ASP C 1017 20.73 -24.55 -10.53
CA ASP C 1017 20.06 -23.54 -9.70
C ASP C 1017 18.55 -23.68 -9.72
N SER C 1018 17.90 -23.09 -8.71
CA SER C 1018 16.47 -23.02 -8.44
C SER C 1018 15.69 -22.61 -9.68
N ASP C 1019 16.30 -21.75 -10.50
CA ASP C 1019 15.74 -21.26 -11.76
C ASP C 1019 15.62 -22.38 -12.83
N GLY C 1020 16.41 -23.44 -12.67
CA GLY C 1020 16.41 -24.59 -13.58
C GLY C 1020 17.68 -24.78 -14.40
N THR C 1021 18.53 -23.73 -14.46
CA THR C 1021 19.76 -23.73 -15.24
C THR C 1021 21.00 -24.12 -14.43
N PRO C 1022 21.97 -24.90 -15.02
CA PRO C 1022 23.19 -25.24 -14.28
C PRO C 1022 24.17 -24.09 -14.26
N LYS C 1023 24.83 -23.88 -13.11
CA LYS C 1023 25.79 -22.81 -12.84
C LYS C 1023 27.12 -23.37 -12.29
N SER C 1024 28.25 -22.71 -12.57
CA SER C 1024 29.56 -23.17 -12.10
C SER C 1024 30.34 -22.04 -11.42
N LEU C 1025 30.89 -22.34 -10.23
CA LEU C 1025 31.67 -21.40 -9.45
C LEU C 1025 33.10 -21.27 -9.96
N TRP C 1026 33.55 -20.03 -10.12
CA TRP C 1026 34.91 -19.71 -10.53
C TRP C 1026 35.55 -18.70 -9.58
N ASP C 1027 36.82 -18.93 -9.24
CA ASP C 1027 37.57 -18.06 -8.34
C ASP C 1027 39.03 -17.89 -8.82
N PRO C 1028 39.28 -16.94 -9.72
CA PRO C 1028 40.63 -16.77 -10.26
C PRO C 1028 41.70 -16.41 -9.24
N THR C 1029 41.26 -15.93 -8.06
CA THR C 1029 42.17 -15.58 -6.96
C THR C 1029 42.83 -16.86 -6.45
N ALA C 1030 42.09 -17.97 -6.58
CA ALA C 1030 42.49 -19.32 -6.17
C ALA C 1030 43.27 -20.06 -7.25
N LEU C 1031 43.66 -19.35 -8.33
CA LEU C 1031 44.45 -19.97 -9.39
C LEU C 1031 45.84 -20.26 -8.86
N LYS C 1032 46.25 -21.54 -8.90
CA LYS C 1032 47.57 -21.97 -8.43
C LYS C 1032 48.58 -21.67 -9.50
N SER C 1033 49.71 -21.05 -9.10
CA SER C 1033 50.80 -20.67 -10.00
C SER C 1033 51.67 -21.87 -10.19
N LEU C 1034 52.45 -21.92 -11.26
CA LEU C 1034 53.34 -23.05 -11.49
C LEU C 1034 54.39 -23.24 -10.35
N PRO C 1035 55.08 -24.41 -10.22
CA PRO C 1035 56.03 -24.57 -9.13
C PRO C 1035 57.18 -23.56 -9.13
N ASN C 1036 57.66 -23.28 -7.92
CA ASN C 1036 58.75 -22.36 -7.57
C ASN C 1036 59.84 -22.28 -8.64
N SER C 1037 60.11 -21.06 -9.10
CA SER C 1037 61.12 -20.77 -10.13
C SER C 1037 62.55 -20.88 -9.56
N SER C 1038 63.07 -22.13 -9.56
CA SER C 1038 64.40 -22.51 -9.07
C SER C 1038 65.49 -21.64 -9.74
N THR C 1039 66.31 -20.92 -8.93
CA THR C 1039 67.35 -19.92 -9.31
C THR C 1039 66.56 -18.76 -10.03
N THR C 1040 66.89 -18.34 -11.28
CA THR C 1040 66.12 -17.32 -12.01
C THR C 1040 65.37 -18.07 -13.14
N TYR C 1041 66.16 -18.75 -14.02
CA TYR C 1041 65.82 -19.61 -15.17
C TYR C 1041 67.11 -20.06 -15.84
N ASP C 1042 67.47 -21.33 -15.59
CA ASP C 1042 68.69 -21.97 -16.11
C ASP C 1042 68.41 -23.19 -17.04
N THR C 1043 67.26 -23.88 -16.85
CA THR C 1043 66.86 -25.00 -17.72
C THR C 1043 65.64 -24.60 -18.54
N ASN C 1044 65.82 -24.68 -19.87
CA ASN C 1044 64.86 -24.30 -20.90
C ASN C 1044 63.40 -24.78 -20.73
N PRO C 1045 63.05 -26.10 -20.58
CA PRO C 1045 61.64 -26.46 -20.53
C PRO C 1045 60.99 -26.29 -19.17
N THR C 1046 59.74 -25.80 -19.16
CA THR C 1046 58.96 -25.62 -17.94
C THR C 1046 57.70 -26.48 -18.02
N LEU C 1047 57.65 -27.48 -17.15
CA LEU C 1047 56.57 -28.44 -17.03
C LEU C 1047 55.29 -27.74 -16.57
N SER C 1048 54.25 -27.88 -17.39
CA SER C 1048 52.92 -27.32 -17.19
C SER C 1048 51.92 -28.47 -17.37
N PRO C 1049 50.61 -28.33 -16.98
CA PRO C 1049 49.69 -29.48 -17.12
C PRO C 1049 49.52 -30.01 -18.53
N SER C 1050 49.55 -29.10 -19.50
CA SER C 1050 49.41 -29.44 -20.89
C SER C 1050 50.76 -29.68 -21.58
N PHE C 1051 51.89 -29.58 -20.83
CA PHE C 1051 53.23 -29.77 -21.39
C PHE C 1051 53.44 -31.18 -21.93
N GLN C 1052 53.98 -31.25 -23.17
CA GLN C 1052 54.33 -32.51 -23.83
C GLN C 1052 55.76 -32.47 -24.33
N LEU C 1053 56.38 -33.66 -24.43
CA LEU C 1053 57.76 -33.76 -24.87
C LEU C 1053 57.94 -34.09 -26.35
N TYR C 1054 57.31 -33.29 -27.21
CA TYR C 1054 57.38 -33.51 -28.66
C TYR C 1054 58.85 -33.49 -29.23
N GLN C 1055 59.17 -34.58 -29.91
CA GLN C 1055 60.40 -34.89 -30.61
C GLN C 1055 60.42 -34.21 -31.98
N PRO C 1056 61.62 -33.81 -32.46
CA PRO C 1056 61.73 -33.20 -33.80
C PRO C 1056 61.55 -34.20 -34.95
N ASN C 1057 60.93 -33.71 -36.01
CA ASN C 1057 60.71 -34.47 -37.23
C ASN C 1057 61.58 -33.78 -38.26
N LYS C 1058 62.21 -34.54 -39.18
CA LYS C 1058 63.01 -33.95 -40.24
C LYS C 1058 62.70 -34.64 -41.55
N VAL C 1059 62.21 -33.87 -42.53
CA VAL C 1059 61.88 -34.37 -43.87
C VAL C 1059 62.73 -33.71 -44.94
N LYS C 1060 62.83 -34.35 -46.12
CA LYS C 1060 63.56 -33.82 -47.27
C LYS C 1060 62.77 -32.62 -47.82
N ALA C 1061 63.35 -31.86 -48.76
CA ALA C 1061 62.66 -30.71 -49.36
C ALA C 1061 61.45 -31.15 -50.17
N TYR C 1062 60.32 -30.47 -49.96
CA TYR C 1062 59.05 -30.74 -50.63
C TYR C 1062 59.15 -30.43 -52.12
N GLN C 1063 58.40 -31.17 -52.96
CA GLN C 1063 58.43 -30.94 -54.39
C GLN C 1063 57.53 -29.77 -54.80
N THR C 1064 57.92 -29.03 -55.84
CA THR C 1064 57.16 -27.88 -56.36
C THR C 1064 55.88 -28.36 -57.05
N THR C 1065 55.98 -29.55 -57.66
CA THR C 1065 54.93 -30.23 -58.41
C THR C 1065 54.84 -31.70 -57.97
N ASN C 1066 53.59 -32.23 -57.94
CA ASN C 1066 53.25 -33.61 -57.55
C ASN C 1066 53.76 -33.93 -56.13
N THR C 1067 53.58 -32.95 -55.21
CA THR C 1067 54.07 -32.98 -53.83
C THR C 1067 53.60 -34.19 -53.05
N TYR C 1068 52.29 -34.31 -52.93
CA TYR C 1068 51.68 -35.35 -52.13
C TYR C 1068 51.19 -36.52 -52.95
N ASN C 1069 51.87 -36.76 -54.09
CA ASN C 1069 51.60 -37.88 -54.97
C ASN C 1069 52.11 -39.16 -54.28
N LYS C 1070 53.27 -39.05 -53.66
CA LYS C 1070 53.89 -40.12 -52.89
C LYS C 1070 53.87 -39.63 -51.44
N LEU C 1071 54.09 -40.54 -50.50
CA LEU C 1071 54.17 -40.24 -49.07
C LEU C 1071 55.41 -39.37 -48.81
N ILE C 1072 55.36 -38.43 -47.82
CA ILE C 1072 56.51 -37.55 -47.49
C ILE C 1072 57.59 -38.38 -46.81
N GLU C 1073 58.82 -38.31 -47.37
CA GLU C 1073 59.95 -39.07 -46.88
C GLU C 1073 60.76 -38.32 -45.81
N PRO C 1074 60.87 -38.88 -44.59
CA PRO C 1074 61.71 -38.24 -43.58
C PRO C 1074 63.16 -38.73 -43.68
N VAL C 1075 64.02 -38.15 -42.82
CA VAL C 1075 65.43 -38.46 -42.67
C VAL C 1075 65.74 -38.44 -41.19
N ASP C 1076 66.96 -38.88 -40.78
CA ASP C 1076 67.36 -38.91 -39.38
C ASP C 1076 67.22 -37.53 -38.73
N ALA C 1077 66.70 -37.48 -37.51
CA ALA C 1077 66.49 -36.21 -36.83
C ALA C 1077 67.07 -36.16 -35.42
N THR C 1078 67.78 -37.25 -35.02
CA THR C 1078 68.40 -37.40 -33.69
C THR C 1078 69.21 -36.14 -33.33
N SER C 1079 69.90 -35.63 -34.34
CA SER C 1079 70.77 -34.46 -34.32
C SER C 1079 70.01 -33.13 -34.46
N ALA C 1080 68.95 -33.13 -35.31
CA ALA C 1080 68.13 -31.97 -35.72
C ALA C 1080 67.74 -30.96 -34.63
N ALA C 1081 67.72 -31.38 -33.36
CA ALA C 1081 67.37 -30.53 -32.23
C ALA C 1081 68.31 -29.34 -32.05
N THR C 1082 69.57 -29.53 -32.48
CA THR C 1082 70.66 -28.58 -32.32
C THR C 1082 70.38 -27.18 -32.88
N ASN C 1083 69.73 -27.12 -34.04
CA ASN C 1083 69.44 -25.85 -34.69
C ASN C 1083 68.06 -25.28 -34.34
N MET C 1084 67.14 -26.12 -33.85
CA MET C 1084 65.77 -25.72 -33.48
C MET C 1084 65.64 -24.92 -32.18
N THR C 1085 66.77 -24.50 -31.56
CA THR C 1085 66.82 -23.74 -30.30
C THR C 1085 65.63 -22.77 -30.10
N SER C 1086 65.30 -22.02 -31.18
CA SER C 1086 64.22 -21.03 -31.30
C SER C 1086 62.84 -21.63 -31.13
N LEU C 1087 62.56 -22.69 -31.89
CA LEU C 1087 61.29 -23.44 -31.95
C LEU C 1087 61.12 -24.26 -30.68
N LEU C 1088 62.16 -25.01 -30.31
CA LEU C 1088 62.24 -25.88 -29.15
C LEU C 1088 61.89 -25.13 -27.87
N LYS C 1089 62.12 -23.81 -27.88
CA LYS C 1089 61.81 -22.90 -26.79
C LYS C 1089 60.29 -22.89 -26.56
N LEU C 1090 59.50 -22.92 -27.67
CA LEU C 1090 58.04 -22.91 -27.69
C LEU C 1090 57.39 -24.26 -27.33
N LEU C 1091 58.18 -25.22 -26.82
CA LEU C 1091 57.62 -26.47 -26.32
C LEU C 1091 57.01 -26.19 -24.95
N THR C 1092 57.44 -25.06 -24.31
CA THR C 1092 57.03 -24.53 -23.02
C THR C 1092 55.93 -23.53 -23.27
N THR C 1093 54.79 -23.72 -22.58
CA THR C 1093 53.53 -22.97 -22.71
C THR C 1093 53.69 -21.45 -22.68
N LYS C 1094 54.29 -20.96 -21.59
CA LYS C 1094 54.58 -19.56 -21.28
C LYS C 1094 55.05 -18.78 -22.53
N ASN C 1095 55.98 -19.37 -23.31
CA ASN C 1095 56.58 -18.78 -24.51
C ASN C 1095 55.58 -18.55 -25.64
N ILE C 1096 54.64 -19.48 -25.83
CA ILE C 1096 53.60 -19.35 -26.85
C ILE C 1096 52.57 -18.31 -26.38
N LYS C 1097 52.22 -18.34 -25.07
CA LYS C 1097 51.30 -17.39 -24.43
C LYS C 1097 51.82 -15.97 -24.68
N ALA C 1098 53.15 -15.82 -24.61
CA ALA C 1098 53.85 -14.57 -24.85
C ALA C 1098 53.72 -14.08 -26.27
N LYS C 1099 54.07 -14.93 -27.25
CA LYS C 1099 54.01 -14.59 -28.68
C LYS C 1099 52.59 -14.31 -29.19
N LEU C 1100 51.57 -14.90 -28.56
CA LEU C 1100 50.19 -14.69 -28.94
C LEU C 1100 49.55 -13.47 -28.26
N GLY C 1101 50.32 -12.80 -27.42
CA GLY C 1101 49.89 -11.61 -26.70
C GLY C 1101 48.93 -11.92 -25.58
N LYS C 1102 49.26 -12.94 -24.78
CA LYS C 1102 48.46 -13.41 -23.64
C LYS C 1102 49.42 -13.55 -22.44
N GLY C 1103 48.93 -14.08 -21.30
CA GLY C 1103 49.73 -14.30 -20.10
C GLY C 1103 50.55 -13.14 -19.55
N THR C 1104 49.93 -11.93 -19.51
CA THR C 1104 50.54 -10.68 -19.02
C THR C 1104 50.39 -10.50 -17.49
N GLY C 1113 37.03 -10.84 -13.25
CA GLY C 1113 36.23 -12.04 -13.02
C GLY C 1113 36.01 -12.39 -11.56
N GLY C 1114 35.65 -13.65 -11.30
CA GLY C 1114 35.38 -14.15 -9.95
C GLY C 1114 33.90 -14.15 -9.62
N GLY C 1115 33.25 -15.26 -9.91
CA GLY C 1115 31.81 -15.44 -9.67
C GLY C 1115 31.22 -16.74 -10.16
N VAL C 1116 30.03 -16.66 -10.78
CA VAL C 1116 29.32 -17.85 -11.22
C VAL C 1116 28.95 -17.82 -12.72
N SER C 1117 29.27 -18.90 -13.47
CA SER C 1117 28.99 -19.01 -14.90
C SER C 1117 27.76 -19.90 -15.22
N GLN C 1118 26.70 -19.26 -15.72
CA GLN C 1118 25.44 -19.92 -16.09
C GLN C 1118 25.51 -20.39 -17.55
N THR C 1119 24.92 -21.54 -17.87
CA THR C 1119 24.93 -22.07 -19.24
C THR C 1119 23.98 -21.31 -20.15
N ILE C 1120 24.09 -21.57 -21.47
CA ILE C 1120 23.25 -20.98 -22.53
C ILE C 1120 21.76 -21.41 -22.39
N ASN C 1121 20.83 -20.53 -22.80
CA ASN C 1121 19.38 -20.79 -22.74
C ASN C 1121 18.96 -21.67 -23.91
N THR C 1122 18.61 -22.90 -23.58
CA THR C 1122 18.21 -23.87 -24.58
C THR C 1122 16.74 -24.14 -24.45
N ILE C 1123 16.10 -24.46 -25.59
CA ILE C 1123 14.70 -24.82 -25.72
C ILE C 1123 14.57 -26.24 -26.32
N THR C 1124 13.34 -26.75 -26.39
CA THR C 1124 13.06 -28.10 -26.89
C THR C 1124 13.53 -28.34 -28.32
N THR C 1125 13.43 -27.29 -29.15
CA THR C 1125 13.83 -27.29 -30.56
C THR C 1125 15.36 -27.10 -30.72
N THR C 1126 16.06 -26.62 -29.66
CA THR C 1126 17.51 -26.41 -29.69
C THR C 1126 18.20 -27.73 -29.89
N GLY C 1127 19.09 -27.74 -30.88
CA GLY C 1127 19.89 -28.90 -31.25
C GLY C 1127 19.39 -29.62 -32.49
N ASN C 1128 18.30 -29.11 -33.07
CA ASN C 1128 17.71 -29.77 -34.21
C ASN C 1128 18.47 -29.51 -35.47
N ILE C 1129 19.39 -30.42 -35.77
CA ILE C 1129 20.23 -30.38 -36.97
C ILE C 1129 19.68 -31.33 -38.05
N SER C 1130 18.36 -31.66 -37.99
CA SER C 1130 17.75 -32.59 -38.93
C SER C 1130 17.86 -32.12 -40.37
N GLU C 1131 17.70 -30.81 -40.61
CA GLU C 1131 17.81 -30.28 -41.97
C GLU C 1131 19.18 -30.57 -42.57
N GLY C 1132 20.22 -30.47 -41.71
CA GLY C 1132 21.61 -30.70 -42.06
C GLY C 1132 21.96 -32.17 -42.24
N LEU C 1133 21.09 -33.09 -41.78
CA LEU C 1133 21.39 -34.51 -41.91
C LEU C 1133 20.74 -35.17 -43.12
N LYS C 1134 19.77 -34.48 -43.76
CA LYS C 1134 19.08 -34.90 -44.98
C LYS C 1134 20.11 -35.24 -46.08
N GLU C 1135 19.92 -36.35 -46.78
CA GLU C 1135 20.81 -36.73 -47.88
C GLU C 1135 20.01 -36.52 -49.20
N GLU C 1136 19.31 -35.39 -49.27
CA GLU C 1136 18.44 -34.99 -50.36
C GLU C 1136 19.21 -34.62 -51.64
N THR C 1137 20.06 -33.56 -51.55
CA THR C 1137 20.84 -33.06 -52.69
C THR C 1137 22.28 -33.47 -52.61
N SER C 1138 22.85 -33.52 -51.40
CA SER C 1138 24.25 -33.87 -51.22
C SER C 1138 24.36 -34.97 -50.20
N ILE C 1139 25.56 -35.61 -50.14
CA ILE C 1139 25.84 -36.66 -49.15
C ILE C 1139 25.76 -36.03 -47.76
N GLN C 1140 25.31 -36.79 -46.73
CA GLN C 1140 25.08 -36.30 -45.37
C GLN C 1140 26.15 -35.30 -44.90
N ALA C 1141 27.45 -35.62 -45.03
CA ALA C 1141 28.53 -34.74 -44.62
C ALA C 1141 28.50 -33.37 -45.32
N GLU C 1142 28.16 -33.33 -46.62
CA GLU C 1142 28.06 -32.08 -47.39
C GLU C 1142 26.87 -31.25 -46.93
N THR C 1143 25.67 -31.85 -46.86
CA THR C 1143 24.47 -31.14 -46.44
C THR C 1143 24.63 -30.52 -45.04
N LEU C 1144 25.40 -31.17 -44.13
CA LEU C 1144 25.62 -30.66 -42.78
C LEU C 1144 26.58 -29.49 -42.80
N LYS C 1145 27.65 -29.55 -43.62
CA LYS C 1145 28.61 -28.46 -43.78
C LYS C 1145 27.87 -27.20 -44.25
N LYS C 1146 26.97 -27.36 -45.25
CA LYS C 1146 26.16 -26.28 -45.81
C LYS C 1146 25.26 -25.68 -44.72
N PHE C 1147 24.61 -26.56 -43.92
CA PHE C 1147 23.72 -26.21 -42.83
C PHE C 1147 24.45 -25.42 -41.73
N PHE C 1148 25.62 -25.90 -41.30
CA PHE C 1148 26.39 -25.25 -40.25
C PHE C 1148 26.87 -23.88 -40.69
N ASP C 1149 27.27 -23.77 -41.96
CA ASP C 1149 27.72 -22.53 -42.55
C ASP C 1149 26.60 -21.50 -42.54
N SER C 1150 25.35 -21.94 -42.84
CA SER C 1150 24.19 -21.05 -42.84
C SER C 1150 23.86 -20.57 -41.42
N LYS C 1151 24.14 -21.41 -40.42
CA LYS C 1151 23.88 -21.09 -39.01
C LYS C 1151 25.14 -20.62 -38.28
N GLN C 1152 26.01 -19.86 -38.95
CA GLN C 1152 27.26 -19.40 -38.31
C GLN C 1152 27.10 -18.19 -37.43
N ASN C 1153 26.09 -17.35 -37.68
CA ASN C 1153 25.87 -16.16 -36.86
C ASN C 1153 24.96 -16.47 -35.68
N ASN C 1154 24.20 -17.57 -35.78
CA ASN C 1154 23.35 -18.02 -34.68
C ASN C 1154 23.70 -19.44 -34.26
N LYS C 1155 24.91 -19.62 -33.67
CA LYS C 1155 25.41 -20.93 -33.20
C LYS C 1155 24.63 -21.40 -31.98
N SER C 1156 24.01 -20.44 -31.28
CA SER C 1156 23.14 -20.60 -30.12
C SER C 1156 21.96 -21.53 -30.44
N GLU C 1157 21.43 -21.44 -31.66
CA GLU C 1157 20.31 -22.24 -32.16
C GLU C 1157 20.62 -23.75 -32.14
N ILE C 1158 21.89 -24.11 -32.31
CA ILE C 1158 22.37 -25.51 -32.33
C ILE C 1158 22.69 -25.97 -30.91
N GLY C 1159 23.22 -25.07 -30.10
CA GLY C 1159 23.58 -25.36 -28.72
C GLY C 1159 25.02 -25.05 -28.38
N ILE C 1160 25.67 -24.18 -29.18
CA ILE C 1160 27.04 -23.72 -28.97
C ILE C 1160 26.99 -22.23 -28.64
N GLY C 1161 27.61 -21.86 -27.53
CA GLY C 1161 27.60 -20.47 -27.09
C GLY C 1161 28.39 -20.12 -25.85
N ASP C 1162 28.48 -18.81 -25.58
CA ASP C 1162 29.20 -18.24 -24.44
C ASP C 1162 28.31 -18.25 -23.22
N SER C 1163 28.78 -18.92 -22.17
CA SER C 1163 28.07 -18.99 -20.92
C SER C 1163 28.04 -17.59 -20.29
N THR C 1164 26.84 -17.09 -19.95
CA THR C 1164 26.65 -15.79 -19.29
C THR C 1164 27.27 -15.81 -17.86
N PHE C 1165 27.75 -14.67 -17.38
CA PHE C 1165 28.39 -14.63 -16.07
C PHE C 1165 27.81 -13.58 -15.14
N THR C 1166 27.77 -13.88 -13.84
CA THR C 1166 27.31 -12.97 -12.81
C THR C 1166 28.42 -12.77 -11.81
N LYS C 1167 28.91 -11.53 -11.68
CA LYS C 1167 30.01 -11.17 -10.79
C LYS C 1167 29.67 -11.40 -9.33
N MET C 1168 30.63 -11.90 -8.56
CA MET C 1168 30.45 -12.17 -7.12
C MET C 1168 31.63 -11.61 -6.34
N ASP C 1169 31.36 -11.10 -5.15
CA ASP C 1169 32.41 -10.49 -4.35
C ASP C 1169 33.08 -11.49 -3.45
N GLY C 1170 34.41 -11.45 -3.43
CA GLY C 1170 35.24 -12.30 -2.59
C GLY C 1170 35.45 -13.71 -3.10
N LYS C 1171 36.30 -14.45 -2.37
CA LYS C 1171 36.66 -15.83 -2.67
C LYS C 1171 35.44 -16.77 -2.49
N LEU C 1172 35.12 -17.51 -3.55
CA LEU C 1172 34.03 -18.47 -3.55
C LEU C 1172 34.66 -19.82 -3.19
N THR C 1173 34.14 -20.48 -2.15
CA THR C 1173 34.68 -21.76 -1.69
C THR C 1173 33.80 -22.95 -2.03
N GLY C 1174 32.52 -22.71 -2.14
CA GLY C 1174 31.55 -23.74 -2.45
C GLY C 1174 30.13 -23.26 -2.27
N VAL C 1175 29.18 -24.18 -2.35
CA VAL C 1175 27.76 -23.88 -2.20
C VAL C 1175 27.15 -24.82 -1.13
N VAL C 1176 26.07 -24.39 -0.49
CA VAL C 1176 25.33 -25.20 0.48
C VAL C 1176 23.98 -25.35 -0.13
N SER C 1177 23.61 -26.58 -0.51
CA SER C 1177 22.37 -26.78 -1.25
C SER C 1177 21.35 -27.64 -0.54
N THR C 1178 20.20 -27.03 -0.23
CA THR C 1178 19.04 -27.67 0.38
C THR C 1178 18.05 -27.77 -0.78
N PRO C 1179 17.07 -28.68 -0.74
CA PRO C 1179 16.09 -28.72 -1.83
C PRO C 1179 15.47 -27.38 -2.17
N LEU C 1180 15.32 -26.51 -1.16
CA LEU C 1180 14.77 -25.16 -1.29
C LEU C 1180 15.74 -24.11 -1.87
N VAL C 1181 17.04 -24.16 -1.51
CA VAL C 1181 17.97 -23.12 -1.92
C VAL C 1181 19.43 -23.59 -2.12
N ASN C 1182 20.19 -22.84 -2.92
CA ASN C 1182 21.61 -23.03 -3.16
C ASN C 1182 22.24 -21.70 -2.71
N LEU C 1183 23.06 -21.72 -1.63
CA LEU C 1183 23.67 -20.49 -1.12
C LEU C 1183 25.14 -20.55 -1.33
N ILE C 1184 25.69 -19.60 -2.11
CA ILE C 1184 27.13 -19.55 -2.34
C ILE C 1184 27.80 -19.18 -1.02
N ASN C 1185 28.57 -20.14 -0.49
CA ASN C 1185 29.19 -20.12 0.82
C ASN C 1185 27.99 -20.16 1.79
N GLY C 1186 27.76 -19.20 2.61
CA GLY C 1186 26.54 -19.34 3.41
C GLY C 1186 25.41 -18.50 2.93
N GLN C 1187 25.73 -17.55 2.06
CA GLN C 1187 24.97 -16.41 1.56
C GLN C 1187 23.83 -16.00 2.59
N GLY C 1188 22.81 -15.32 2.13
CA GLY C 1188 21.75 -14.84 3.00
C GLY C 1188 20.63 -15.84 3.14
N ALA C 1189 20.76 -16.76 4.09
CA ALA C 1189 19.72 -17.73 4.32
C ALA C 1189 18.66 -17.01 5.14
N THR C 1190 17.43 -16.96 4.63
CA THR C 1190 16.33 -16.25 5.26
C THR C 1190 15.19 -17.18 5.63
N SER C 1191 14.35 -16.76 6.59
CA SER C 1191 13.13 -17.48 6.99
C SER C 1191 12.17 -17.45 5.81
N ASP C 1192 11.41 -18.53 5.58
CA ASP C 1192 10.48 -18.61 4.45
C ASP C 1192 9.32 -17.64 4.65
N SER C 1193 9.16 -16.73 3.69
CA SER C 1193 8.13 -15.71 3.67
C SER C 1193 6.72 -16.30 3.51
N ASP C 1194 6.63 -17.48 2.86
CA ASP C 1194 5.35 -18.17 2.66
C ASP C 1194 4.79 -18.69 3.97
N THR C 1195 5.64 -19.25 4.84
CA THR C 1195 5.23 -19.83 6.11
C THR C 1195 5.29 -18.90 7.30
N GLU C 1196 5.90 -17.71 7.16
CA GLU C 1196 6.12 -16.73 8.24
C GLU C 1196 4.88 -16.44 9.14
N LYS C 1197 3.66 -16.64 8.63
CA LYS C 1197 2.43 -16.39 9.37
C LYS C 1197 1.88 -17.65 10.10
N ILE C 1198 2.33 -18.85 9.66
CA ILE C 1198 1.98 -20.16 10.24
C ILE C 1198 2.86 -20.43 11.47
N SER C 1199 2.25 -20.96 12.55
CA SER C 1199 2.92 -21.27 13.80
C SER C 1199 2.09 -22.26 14.60
N PHE C 1200 2.69 -22.97 15.55
CA PHE C 1200 1.92 -23.89 16.39
C PHE C 1200 1.21 -23.07 17.48
N LYS C 1201 0.08 -23.58 18.01
CA LYS C 1201 -0.67 -22.90 19.06
C LYS C 1201 0.08 -23.14 20.38
N PRO C 1202 0.38 -22.09 21.18
CA PRO C 1202 1.07 -22.31 22.46
C PRO C 1202 0.26 -23.19 23.41
N GLY C 1203 0.96 -24.09 24.12
CA GLY C 1203 0.40 -25.06 25.06
C GLY C 1203 -0.87 -24.67 25.80
N ASN C 1204 -0.87 -23.44 26.36
CA ASN C 1204 -1.98 -22.85 27.11
C ASN C 1204 -3.28 -22.69 26.28
N GLN C 1205 -3.13 -22.24 25.03
CA GLN C 1205 -4.18 -21.96 24.06
C GLN C 1205 -4.92 -23.18 23.49
N ILE C 1206 -4.57 -24.39 23.94
CA ILE C 1206 -5.19 -25.63 23.51
C ILE C 1206 -6.54 -25.83 24.23
N ASP C 1207 -7.53 -26.37 23.50
CA ASP C 1207 -8.90 -26.57 23.98
C ASP C 1207 -9.04 -27.65 25.08
N PHE C 1208 -8.21 -28.71 25.04
CA PHE C 1208 -8.14 -29.86 25.97
C PHE C 1208 -9.36 -30.79 25.98
N ASN C 1209 -10.59 -30.27 26.01
CA ASN C 1209 -11.76 -31.14 26.05
C ASN C 1209 -11.97 -31.92 24.75
N ARG C 1210 -12.18 -31.20 23.64
CA ARG C 1210 -12.47 -31.75 22.32
C ARG C 1210 -11.41 -32.73 21.85
N LEU C 1211 -11.79 -34.02 21.91
CA LEU C 1211 -11.09 -35.23 21.48
C LEU C 1211 -9.61 -35.39 22.01
N PHE C 1212 -9.20 -34.59 23.03
CA PHE C 1212 -7.90 -34.70 23.68
C PHE C 1212 -8.08 -35.39 25.03
N THR C 1213 -9.35 -35.51 25.48
CA THR C 1213 -9.76 -36.21 26.69
C THR C 1213 -9.72 -37.69 26.34
N LEU C 1214 -10.47 -38.07 25.29
CA LEU C 1214 -10.55 -39.41 24.71
C LEU C 1214 -9.21 -39.76 23.98
N PRO C 1215 -8.83 -41.07 23.84
CA PRO C 1215 -7.54 -41.44 23.22
C PRO C 1215 -7.03 -40.65 22.01
N VAL C 1216 -5.68 -40.57 21.95
CA VAL C 1216 -4.87 -39.87 20.96
C VAL C 1216 -5.10 -40.39 19.54
N THR C 1217 -5.27 -41.72 19.38
CA THR C 1217 -5.49 -42.42 18.11
C THR C 1217 -6.65 -41.84 17.27
N GLU C 1218 -7.58 -41.14 17.94
CA GLU C 1218 -8.78 -40.52 17.36
C GLU C 1218 -8.52 -39.14 16.74
N LEU C 1219 -7.25 -38.69 16.75
CA LEU C 1219 -6.90 -37.38 16.22
C LEU C 1219 -6.16 -37.43 14.89
N PHE C 1220 -5.80 -38.64 14.45
CA PHE C 1220 -5.11 -38.84 13.19
C PHE C 1220 -5.55 -40.13 12.51
N ASP C 1221 -5.47 -40.14 11.16
CA ASP C 1221 -5.85 -41.29 10.31
C ASP C 1221 -4.73 -42.32 10.45
N PRO C 1222 -4.97 -43.49 11.07
CA PRO C 1222 -3.89 -44.45 11.28
C PRO C 1222 -3.17 -44.94 10.04
N ASN C 1223 -3.88 -45.05 8.91
CA ASN C 1223 -3.29 -45.48 7.64
C ASN C 1223 -2.29 -44.43 7.11
N THR C 1224 -2.71 -43.14 7.06
CA THR C 1224 -1.92 -42.04 6.49
C THR C 1224 -0.94 -41.40 7.49
N MET C 1225 -1.30 -41.42 8.79
CA MET C 1225 -0.59 -40.89 9.95
C MET C 1225 -0.62 -39.34 9.99
N PHE C 1226 -1.69 -38.75 9.42
CA PHE C 1226 -1.90 -37.31 9.42
C PHE C 1226 -3.07 -36.92 10.29
N VAL C 1227 -2.96 -35.78 10.99
CA VAL C 1227 -4.00 -35.24 11.85
C VAL C 1227 -5.18 -34.95 10.96
N TYR C 1228 -6.39 -35.40 11.36
CA TYR C 1228 -7.60 -35.17 10.57
C TYR C 1228 -7.80 -33.67 10.35
N ASP C 1229 -8.11 -33.28 9.09
CA ASP C 1229 -8.28 -31.88 8.64
C ASP C 1229 -9.03 -30.96 9.60
N GLN C 1230 -9.92 -31.56 10.41
CA GLN C 1230 -10.75 -30.94 11.42
C GLN C 1230 -9.97 -30.37 12.62
N TYR C 1231 -9.00 -31.12 13.17
CA TYR C 1231 -8.24 -30.70 14.34
C TYR C 1231 -7.09 -29.79 13.99
N VAL C 1232 -6.67 -29.78 12.72
CA VAL C 1232 -5.53 -28.97 12.27
C VAL C 1232 -5.64 -27.49 12.72
N PRO C 1233 -6.75 -26.74 12.52
CA PRO C 1233 -6.76 -25.35 13.01
C PRO C 1233 -6.83 -25.23 14.52
N LEU C 1234 -7.09 -26.35 15.21
CA LEU C 1234 -7.13 -26.41 16.67
C LEU C 1234 -5.71 -26.38 17.25
N LEU C 1235 -4.71 -26.88 16.48
CA LEU C 1235 -3.30 -26.97 16.86
C LEU C 1235 -2.38 -25.92 16.25
N VAL C 1236 -2.75 -25.35 15.08
CA VAL C 1236 -1.91 -24.34 14.41
C VAL C 1236 -2.62 -22.98 14.28
N ASN C 1237 -1.84 -21.90 14.44
CA ASN C 1237 -2.29 -20.51 14.29
C ASN C 1237 -2.05 -20.16 12.83
N LEU C 1238 -3.14 -19.80 12.14
CA LEU C 1238 -3.09 -19.47 10.71
C LEU C 1238 -3.57 -18.07 10.41
N PRO C 1239 -3.01 -17.40 9.38
CA PRO C 1239 -3.48 -16.04 9.06
C PRO C 1239 -4.94 -16.05 8.60
N SER C 1240 -5.71 -15.00 8.94
CA SER C 1240 -7.11 -14.90 8.56
C SER C 1240 -7.30 -15.11 7.05
N GLY C 1241 -8.08 -16.11 6.72
CA GLY C 1241 -8.35 -16.50 5.35
C GLY C 1241 -7.24 -17.29 4.73
N PHE C 1242 -6.77 -18.31 5.43
CA PHE C 1242 -5.70 -19.18 4.92
C PHE C 1242 -6.24 -20.52 4.46
N ASP C 1243 -5.68 -21.03 3.34
CA ASP C 1243 -6.07 -22.32 2.80
C ASP C 1243 -5.56 -23.46 3.65
N GLN C 1244 -6.49 -24.12 4.35
CA GLN C 1244 -6.27 -25.27 5.23
C GLN C 1244 -5.60 -26.44 4.48
N ALA C 1245 -5.85 -26.55 3.18
CA ALA C 1245 -5.36 -27.60 2.30
C ALA C 1245 -3.91 -27.43 1.85
N SER C 1246 -3.33 -26.26 2.09
CA SER C 1246 -1.94 -26.00 1.73
C SER C 1246 -1.00 -26.29 2.92
N ILE C 1247 -1.55 -26.82 4.04
CA ILE C 1247 -0.80 -27.22 5.23
C ILE C 1247 -1.24 -28.57 5.77
N ARG C 1248 -0.29 -29.31 6.40
CA ARG C 1248 -0.55 -30.62 7.00
C ARG C 1248 0.23 -30.88 8.28
N LEU C 1249 -0.27 -31.81 9.08
CA LEU C 1249 0.30 -32.17 10.38
C LEU C 1249 0.56 -33.67 10.47
N LYS C 1250 1.81 -34.10 10.18
CA LYS C 1250 2.15 -35.53 10.23
C LYS C 1250 2.45 -35.92 11.64
N VAL C 1251 1.94 -37.08 12.07
CA VAL C 1251 2.16 -37.59 13.42
C VAL C 1251 3.46 -38.38 13.42
N ILE C 1252 4.44 -37.83 14.11
CA ILE C 1252 5.80 -38.33 14.22
C ILE C 1252 5.92 -39.40 15.28
N SER C 1253 5.15 -39.25 16.36
CA SER C 1253 5.09 -40.16 17.49
C SER C 1253 3.81 -39.88 18.25
N TYR C 1254 3.34 -40.88 19.00
CA TYR C 1254 2.13 -40.77 19.83
C TYR C 1254 2.15 -41.81 20.93
N SER C 1255 1.49 -41.51 22.06
CA SER C 1255 1.35 -42.42 23.18
C SER C 1255 -0.07 -42.30 23.71
N VAL C 1256 -0.90 -43.31 23.43
CA VAL C 1256 -2.29 -43.36 23.87
C VAL C 1256 -2.25 -43.27 25.39
N GLU C 1257 -1.36 -44.11 26.00
CA GLU C 1257 -1.13 -44.23 27.42
C GLU C 1257 -0.73 -42.93 28.12
N ASN C 1258 0.32 -42.26 27.62
CA ASN C 1258 0.85 -41.01 28.18
C ASN C 1258 0.15 -39.75 27.67
N GLN C 1259 -0.81 -39.90 26.72
CA GLN C 1259 -1.59 -38.83 26.09
C GLN C 1259 -0.64 -37.75 25.50
N THR C 1260 0.16 -38.16 24.49
CA THR C 1260 1.13 -37.30 23.79
C THR C 1260 0.95 -37.45 22.29
N LEU C 1261 1.04 -36.34 21.56
CA LEU C 1261 0.85 -36.29 20.12
C LEU C 1261 1.95 -35.45 19.48
N GLY C 1262 2.98 -36.13 18.98
CA GLY C 1262 4.11 -35.48 18.32
C GLY C 1262 3.82 -35.19 16.86
N VAL C 1263 3.93 -33.91 16.44
CA VAL C 1263 3.65 -33.51 15.07
C VAL C 1263 4.74 -32.63 14.44
N ARG C 1264 4.66 -32.55 13.10
CA ARG C 1264 5.50 -31.74 12.23
C ARG C 1264 4.55 -31.03 11.27
N LEU C 1265 4.71 -29.71 11.17
CA LEU C 1265 3.92 -28.85 10.32
C LEU C 1265 4.54 -28.80 8.95
N GLU C 1266 3.79 -29.23 7.94
CA GLU C 1266 4.25 -29.17 6.56
C GLU C 1266 3.39 -28.18 5.77
N PHE C 1267 3.94 -27.60 4.70
CA PHE C 1267 3.27 -26.59 3.88
C PHE C 1267 3.55 -26.84 2.42
N LYS C 1268 2.50 -26.81 1.59
CA LYS C 1268 2.56 -27.03 0.14
C LYS C 1268 3.30 -25.85 -0.52
N ASP C 1269 4.55 -26.08 -0.95
CA ASP C 1269 5.38 -25.04 -1.59
C ASP C 1269 4.68 -24.52 -2.85
N PRO C 1270 4.58 -23.18 -3.05
CA PRO C 1270 3.87 -22.68 -4.25
C PRO C 1270 4.60 -23.03 -5.55
N GLN C 1271 5.96 -23.02 -5.53
CA GLN C 1271 6.79 -23.36 -6.69
C GLN C 1271 6.55 -24.84 -7.10
N THR C 1272 7.12 -25.78 -6.32
CA THR C 1272 6.94 -27.22 -6.50
C THR C 1272 5.75 -27.58 -5.62
N GLN C 1273 4.74 -28.27 -6.15
CA GLN C 1273 3.54 -28.59 -5.35
C GLN C 1273 3.74 -29.70 -4.27
N GLN C 1274 4.98 -29.76 -3.69
CA GLN C 1274 5.36 -30.69 -2.62
C GLN C 1274 5.35 -30.00 -1.27
N PHE C 1275 5.13 -30.77 -0.21
CA PHE C 1275 5.11 -30.22 1.14
C PHE C 1275 6.49 -30.05 1.73
N ILE C 1276 6.75 -28.85 2.25
CA ILE C 1276 8.01 -28.47 2.89
C ILE C 1276 7.76 -28.24 4.39
N PRO C 1277 8.74 -28.45 5.31
CA PRO C 1277 8.45 -28.24 6.72
C PRO C 1277 8.43 -26.78 7.07
N VAL C 1278 7.43 -26.38 7.89
CA VAL C 1278 7.22 -25.02 8.39
C VAL C 1278 8.23 -24.88 9.53
N LEU C 1279 9.48 -24.54 9.17
CA LEU C 1279 10.59 -24.45 10.11
C LEU C 1279 10.36 -23.44 11.23
N ASN C 1280 9.52 -22.43 10.97
CA ASN C 1280 9.14 -21.40 11.94
C ASN C 1280 7.94 -21.82 12.85
N ALA C 1281 7.51 -23.10 12.74
CA ALA C 1281 6.41 -23.64 13.52
C ALA C 1281 6.69 -23.59 15.01
N SER C 1282 7.94 -23.83 15.40
CA SER C 1282 8.38 -23.79 16.80
C SER C 1282 9.72 -23.07 16.95
N SER C 1283 10.02 -22.75 18.20
CA SER C 1283 11.25 -22.13 18.69
C SER C 1283 12.46 -23.04 18.38
N THR C 1284 12.20 -24.36 18.38
CA THR C 1284 13.12 -25.45 18.12
C THR C 1284 13.16 -25.83 16.63
N GLY C 1285 12.00 -26.08 16.01
CA GLY C 1285 11.91 -26.48 14.62
C GLY C 1285 10.49 -26.77 14.17
N PRO C 1286 10.26 -27.49 13.03
CA PRO C 1286 8.88 -27.76 12.60
C PRO C 1286 8.17 -28.84 13.40
N GLN C 1287 8.90 -29.44 14.33
CA GLN C 1287 8.49 -30.52 15.21
C GLN C 1287 8.02 -29.95 16.55
N THR C 1288 7.00 -30.60 17.15
CA THR C 1288 6.52 -30.27 18.51
C THR C 1288 5.66 -31.40 19.10
N VAL C 1289 5.57 -31.45 20.43
CA VAL C 1289 4.75 -32.44 21.10
C VAL C 1289 3.61 -31.78 21.81
N PHE C 1290 2.41 -32.33 21.63
CA PHE C 1290 1.20 -31.85 22.27
C PHE C 1290 0.77 -32.82 23.33
N GLN C 1291 0.65 -32.31 24.56
CA GLN C 1291 0.29 -33.11 25.72
C GLN C 1291 -0.64 -32.35 26.67
N PRO C 1292 -1.64 -33.00 27.29
CA PRO C 1292 -2.53 -32.30 28.21
C PRO C 1292 -1.84 -31.88 29.52
N PHE C 1293 -1.97 -30.58 29.85
CA PHE C 1293 -1.49 -29.84 31.03
C PHE C 1293 -0.11 -30.31 31.56
N ASN C 1294 0.81 -30.72 30.66
CA ASN C 1294 2.12 -31.21 31.07
C ASN C 1294 3.24 -30.39 30.45
N HIS D 4 -26.47 -65.93 -0.82
CA HIS D 4 -27.36 -66.90 -1.43
C HIS D 4 -27.28 -66.81 -2.94
N GLN D 5 -27.37 -65.58 -3.47
CA GLN D 5 -27.38 -65.26 -4.89
C GLN D 5 -26.15 -65.79 -5.65
N GLN D 6 -25.00 -65.91 -4.95
CA GLN D 6 -23.77 -66.42 -5.56
C GLN D 6 -23.17 -67.61 -4.78
N ALA D 7 -24.04 -68.53 -4.36
CA ALA D 7 -23.67 -69.79 -3.71
C ALA D 7 -23.13 -70.68 -4.83
N VAL D 8 -22.14 -71.54 -4.53
CA VAL D 8 -21.52 -72.39 -5.55
C VAL D 8 -22.53 -73.33 -6.20
N ASP D 9 -22.77 -73.09 -7.51
CA ASP D 9 -23.65 -73.90 -8.33
C ASP D 9 -22.86 -75.12 -8.77
N GLU D 10 -23.26 -76.29 -8.28
CA GLU D 10 -22.55 -77.53 -8.57
C GLU D 10 -22.74 -78.05 -10.01
N THR D 11 -23.73 -77.51 -10.73
CA THR D 11 -23.99 -77.90 -12.12
C THR D 11 -22.94 -77.29 -13.06
N LEU D 12 -22.27 -76.23 -12.59
CA LEU D 12 -21.19 -75.56 -13.31
C LEU D 12 -19.87 -76.27 -12.97
N THR D 13 -18.96 -76.36 -13.96
CA THR D 13 -17.66 -77.03 -13.86
C THR D 13 -16.58 -76.22 -14.53
N PRO D 14 -15.28 -76.30 -14.12
CA PRO D 14 -14.26 -75.49 -14.79
C PRO D 14 -14.09 -75.81 -16.27
N TRP D 15 -13.67 -74.81 -17.06
CA TRP D 15 -13.47 -74.90 -18.50
C TRP D 15 -12.31 -74.01 -18.92
N THR D 16 -11.82 -74.19 -20.14
CA THR D 16 -10.69 -73.39 -20.63
C THR D 16 -11.12 -72.69 -21.91
N TRP D 17 -10.89 -71.36 -22.03
CA TRP D 17 -11.29 -70.70 -23.28
C TRP D 17 -10.24 -70.95 -24.33
N ASN D 18 -10.66 -71.46 -25.50
CA ASN D 18 -9.77 -71.78 -26.62
C ASN D 18 -8.83 -70.62 -27.05
N ASN D 19 -9.40 -69.39 -27.12
CA ASN D 19 -8.72 -68.19 -27.57
C ASN D 19 -7.60 -67.71 -26.66
N ASN D 20 -7.66 -67.97 -25.34
CA ASN D 20 -6.55 -67.47 -24.51
C ASN D 20 -5.85 -68.58 -23.69
N ASN D 21 -6.61 -69.65 -23.41
CA ASN D 21 -6.32 -70.84 -22.61
C ASN D 21 -6.37 -70.52 -21.12
N PHE D 22 -7.23 -69.56 -20.74
CA PHE D 22 -7.43 -69.23 -19.34
C PHE D 22 -8.39 -70.24 -18.74
N SER D 23 -8.09 -70.73 -17.54
CA SER D 23 -8.96 -71.68 -16.85
C SER D 23 -9.17 -71.29 -15.39
N SER D 24 -8.19 -70.56 -14.84
CA SER D 24 -8.13 -70.05 -13.47
C SER D 24 -6.98 -69.07 -13.30
N LEU D 25 -7.18 -68.07 -12.41
CA LEU D 25 -6.19 -67.06 -12.06
C LEU D 25 -5.65 -67.45 -10.68
N LYS D 26 -4.33 -67.49 -10.51
CA LYS D 26 -3.71 -67.80 -9.24
C LYS D 26 -3.74 -66.54 -8.38
N ILE D 27 -4.63 -66.51 -7.38
CA ILE D 27 -4.76 -65.33 -6.53
C ILE D 27 -3.70 -65.35 -5.47
N THR D 28 -2.92 -64.27 -5.41
CA THR D 28 -1.82 -64.05 -4.48
C THR D 28 -2.29 -63.15 -3.34
N GLY D 29 -1.37 -62.86 -2.42
CA GLY D 29 -1.62 -61.93 -1.33
C GLY D 29 -2.27 -62.45 -0.08
N GLU D 30 -2.84 -61.49 0.68
CA GLU D 30 -3.46 -61.67 1.98
C GLU D 30 -4.59 -62.72 1.95
N ASN D 31 -5.44 -62.65 0.90
CA ASN D 31 -6.52 -63.60 0.67
C ASN D 31 -6.22 -64.37 -0.62
N PRO D 32 -5.41 -65.45 -0.53
CA PRO D 32 -5.04 -66.18 -1.74
C PRO D 32 -6.08 -67.19 -2.16
N GLY D 33 -5.87 -67.76 -3.32
CA GLY D 33 -6.76 -68.76 -3.87
C GLY D 33 -6.76 -68.76 -5.38
N SER D 34 -7.95 -68.88 -5.96
CA SER D 34 -8.09 -68.94 -7.39
C SER D 34 -9.44 -68.43 -7.85
N PHE D 35 -9.48 -67.84 -9.03
CA PHE D 35 -10.68 -67.39 -9.68
C PHE D 35 -10.67 -68.17 -10.95
N GLY D 36 -11.44 -69.25 -10.96
CA GLY D 36 -11.50 -70.16 -12.08
C GLY D 36 -12.76 -70.02 -12.91
N LEU D 37 -12.64 -70.12 -14.26
CA LEU D 37 -13.77 -70.10 -15.18
C LEU D 37 -14.64 -71.29 -14.85
N VAL D 38 -15.95 -71.16 -15.03
CA VAL D 38 -16.89 -72.22 -14.68
C VAL D 38 -18.12 -72.18 -15.65
N ARG D 39 -18.51 -73.37 -16.14
CA ARG D 39 -19.53 -73.55 -17.17
C ARG D 39 -20.57 -74.67 -16.92
N SER D 40 -21.80 -74.47 -17.47
CA SER D 40 -22.90 -75.44 -17.49
C SER D 40 -22.66 -76.32 -18.67
N GLN D 41 -22.97 -77.61 -18.53
CA GLN D 41 -22.75 -78.57 -19.62
C GLN D 41 -24.06 -79.24 -20.12
N ASN D 42 -25.02 -78.35 -20.50
CA ASN D 42 -26.32 -78.73 -21.05
C ASN D 42 -26.12 -78.97 -22.51
N ASP D 43 -26.38 -80.18 -22.95
CA ASP D 43 -26.16 -80.43 -24.37
C ASP D 43 -27.41 -80.46 -25.23
N ASN D 44 -28.60 -80.19 -24.71
CA ASN D 44 -29.74 -80.24 -25.60
C ASN D 44 -29.79 -78.88 -26.30
N LEU D 45 -28.91 -78.64 -27.31
CA LEU D 45 -28.91 -77.35 -27.95
C LEU D 45 -28.73 -77.46 -29.43
N ASN D 46 -29.66 -76.85 -30.18
CA ASN D 46 -29.63 -76.82 -31.64
C ASN D 46 -29.60 -75.37 -32.06
N ILE D 47 -28.43 -74.84 -32.37
CA ILE D 47 -28.16 -73.47 -32.86
C ILE D 47 -28.91 -73.33 -34.20
N SER D 48 -29.24 -74.52 -34.74
CA SER D 48 -29.98 -74.71 -35.96
C SER D 48 -31.38 -74.17 -35.84
N SER D 49 -31.94 -74.18 -34.61
CA SER D 49 -33.27 -73.66 -34.31
C SER D 49 -33.38 -72.18 -34.71
N VAL D 50 -32.32 -71.39 -34.43
CA VAL D 50 -32.30 -69.98 -34.80
C VAL D 50 -32.11 -69.86 -36.31
N THR D 51 -33.10 -69.25 -36.97
CA THR D 51 -33.15 -69.11 -38.43
C THR D 51 -32.92 -67.70 -38.95
N LYS D 52 -32.51 -67.62 -40.21
CA LYS D 52 -32.22 -66.40 -40.97
C LYS D 52 -33.19 -66.23 -42.16
N ASN D 53 -34.25 -65.43 -41.97
CA ASN D 53 -35.32 -65.27 -42.97
C ASN D 53 -35.03 -64.32 -44.15
N SER D 54 -33.80 -64.30 -44.69
CA SER D 54 -33.37 -63.45 -45.82
C SER D 54 -33.43 -61.96 -45.52
N SER D 55 -34.53 -61.48 -44.92
CA SER D 55 -34.79 -60.11 -44.47
C SER D 55 -33.87 -59.78 -43.27
N ASP D 56 -33.44 -60.80 -42.52
CA ASP D 56 -32.56 -60.61 -41.41
C ASP D 56 -31.11 -60.39 -41.88
N ASP D 57 -30.46 -59.41 -41.28
CA ASP D 57 -29.07 -59.00 -41.42
C ASP D 57 -28.26 -59.88 -40.44
N ASN D 58 -26.94 -60.00 -40.63
CA ASN D 58 -26.03 -60.79 -39.78
C ASN D 58 -26.24 -60.42 -38.33
N LEU D 59 -26.30 -59.11 -38.03
CA LEU D 59 -26.53 -58.60 -36.68
C LEU D 59 -27.84 -59.12 -36.08
N LYS D 60 -28.94 -59.05 -36.89
CA LYS D 60 -30.28 -59.50 -36.50
C LYS D 60 -30.23 -60.97 -36.18
N TYR D 61 -29.47 -61.77 -36.99
CA TYR D 61 -29.27 -63.20 -36.75
C TYR D 61 -28.52 -63.41 -35.46
N LEU D 62 -27.40 -62.69 -35.29
CA LEU D 62 -26.57 -62.80 -34.11
C LEU D 62 -27.32 -62.53 -32.82
N ASN D 63 -28.01 -61.37 -32.73
CA ASN D 63 -28.78 -61.01 -31.54
C ASN D 63 -29.72 -62.13 -31.13
N ALA D 64 -30.33 -62.75 -32.13
CA ALA D 64 -31.23 -63.89 -31.99
C ALA D 64 -30.53 -65.12 -31.42
N VAL D 65 -29.28 -65.37 -31.89
CA VAL D 65 -28.50 -66.49 -31.40
C VAL D 65 -28.13 -66.20 -29.95
N GLU D 66 -27.64 -64.97 -29.64
CA GLU D 66 -27.28 -64.60 -28.26
C GLU D 66 -28.49 -64.73 -27.37
N LYS D 67 -29.68 -64.34 -27.86
CA LYS D 67 -30.91 -64.50 -27.09
C LYS D 67 -31.24 -65.97 -26.81
N TYR D 68 -30.97 -66.86 -27.79
CA TYR D 68 -31.17 -68.31 -27.67
C TYR D 68 -30.23 -68.87 -26.61
N LEU D 69 -28.95 -68.61 -26.80
CA LEU D 69 -27.91 -69.06 -25.92
C LEU D 69 -28.08 -68.50 -24.52
N ASP D 70 -28.70 -67.30 -24.40
CA ASP D 70 -28.96 -66.69 -23.09
C ASP D 70 -29.83 -67.61 -22.28
N GLY D 71 -30.79 -68.25 -22.94
CA GLY D 71 -31.69 -69.19 -22.30
C GLY D 71 -31.18 -70.62 -22.27
N GLN D 72 -29.93 -70.85 -22.65
CA GLN D 72 -29.43 -72.21 -22.65
C GLN D 72 -28.16 -72.38 -21.79
N GLN D 73 -27.07 -71.74 -22.22
CA GLN D 73 -25.76 -71.77 -21.59
C GLN D 73 -25.77 -71.02 -20.26
N ASN D 74 -24.81 -71.34 -19.39
CA ASN D 74 -24.61 -70.68 -18.10
C ASN D 74 -23.14 -70.61 -17.74
N PHE D 75 -22.68 -69.41 -17.35
CA PHE D 75 -21.27 -69.22 -17.00
C PHE D 75 -21.11 -68.31 -15.78
N ALA D 76 -20.05 -68.54 -15.02
CA ALA D 76 -19.66 -67.76 -13.86
C ALA D 76 -18.16 -67.82 -13.77
N ILE D 77 -17.59 -67.33 -12.67
CA ILE D 77 -16.16 -67.39 -12.34
C ILE D 77 -16.13 -67.74 -10.90
N ARG D 78 -15.85 -68.98 -10.50
CA ARG D 78 -15.93 -69.16 -9.05
C ARG D 78 -14.60 -68.98 -8.31
N ARG D 79 -14.72 -68.41 -7.12
CA ARG D 79 -13.62 -68.10 -6.21
C ARG D 79 -13.32 -69.33 -5.35
N TYR D 80 -12.05 -69.79 -5.34
CA TYR D 80 -11.60 -70.93 -4.56
C TYR D 80 -10.68 -70.44 -3.48
N ASP D 81 -10.65 -71.16 -2.35
CA ASP D 81 -9.77 -70.81 -1.24
C ASP D 81 -8.37 -71.29 -1.53
N ASN D 82 -7.38 -70.88 -0.74
CA ASN D 82 -5.99 -71.27 -0.96
C ASN D 82 -5.77 -72.80 -1.10
N ASN D 83 -6.68 -73.64 -0.57
CA ASN D 83 -6.58 -75.11 -0.67
C ASN D 83 -7.16 -75.69 -1.97
N GLY D 84 -7.93 -74.87 -2.67
CA GLY D 84 -8.59 -75.24 -3.92
C GLY D 84 -10.09 -75.47 -3.79
N ARG D 85 -10.61 -75.34 -2.57
CA ARG D 85 -12.05 -75.54 -2.34
C ARG D 85 -12.84 -74.33 -2.76
N ALA D 86 -13.93 -74.56 -3.52
CA ALA D 86 -14.79 -73.47 -3.98
C ALA D 86 -15.46 -72.75 -2.82
N LEU D 87 -15.56 -71.42 -2.91
CA LEU D 87 -16.15 -70.56 -1.89
C LEU D 87 -17.47 -70.00 -2.33
N TYR D 88 -17.48 -69.20 -3.40
CA TYR D 88 -18.68 -68.59 -3.98
C TYR D 88 -18.55 -68.57 -5.47
N ASP D 89 -19.66 -68.28 -6.17
CA ASP D 89 -19.71 -68.41 -7.61
C ASP D 89 -19.65 -67.16 -8.49
N ILE D 90 -20.30 -66.03 -8.16
CA ILE D 90 -20.35 -64.79 -9.01
C ILE D 90 -20.63 -65.08 -10.56
N ASN D 91 -21.95 -65.26 -10.86
CA ASN D 91 -22.57 -65.50 -12.18
C ASN D 91 -23.39 -64.25 -12.49
N LEU D 92 -22.96 -63.45 -13.46
CA LEU D 92 -23.62 -62.19 -13.84
C LEU D 92 -25.07 -62.31 -14.30
N ALA D 93 -25.40 -63.42 -14.94
CA ALA D 93 -26.75 -63.63 -15.41
C ALA D 93 -27.73 -63.85 -14.25
N LYS D 94 -27.31 -64.63 -13.24
CA LYS D 94 -28.17 -64.97 -12.11
C LYS D 94 -28.07 -64.00 -10.93
N MET D 95 -27.29 -62.92 -11.04
CA MET D 95 -27.21 -61.91 -9.98
C MET D 95 -28.37 -60.98 -10.14
N GLU D 96 -29.26 -60.98 -9.14
CA GLU D 96 -30.53 -60.22 -9.08
C GLU D 96 -30.34 -58.78 -8.59
N ASN D 97 -29.50 -58.58 -7.59
CA ASN D 97 -29.24 -57.26 -7.07
C ASN D 97 -27.72 -57.01 -7.11
N PRO D 98 -27.11 -56.76 -8.31
CA PRO D 98 -25.68 -56.51 -8.36
C PRO D 98 -25.38 -55.07 -7.92
N SER D 99 -24.36 -54.87 -7.11
CA SER D 99 -24.13 -53.50 -6.66
C SER D 99 -22.73 -52.99 -6.95
N THR D 100 -22.63 -51.67 -7.19
CA THR D 100 -21.35 -51.00 -7.37
C THR D 100 -20.84 -50.74 -5.95
N VAL D 101 -19.52 -50.68 -5.77
CA VAL D 101 -18.91 -50.42 -4.48
C VAL D 101 -19.01 -48.93 -4.12
N GLN D 102 -19.16 -48.64 -2.82
CA GLN D 102 -19.18 -47.28 -2.30
C GLN D 102 -17.74 -46.84 -2.24
N ARG D 103 -17.45 -45.56 -2.51
CA ARG D 103 -16.09 -45.03 -2.43
C ARG D 103 -16.00 -43.91 -1.40
N GLY D 104 -14.76 -43.48 -1.14
CA GLY D 104 -14.40 -42.36 -0.28
C GLY D 104 -14.35 -41.13 -1.14
N LEU D 105 -13.80 -40.04 -0.61
CA LEU D 105 -13.74 -38.81 -1.40
C LEU D 105 -12.67 -38.92 -2.50
N ASN D 106 -11.63 -39.70 -2.20
CA ASN D 106 -10.47 -39.95 -3.03
C ASN D 106 -10.76 -40.97 -4.15
N GLY D 107 -11.89 -41.67 -4.02
CA GLY D 107 -12.34 -42.70 -4.97
C GLY D 107 -12.03 -44.09 -4.47
N GLU D 108 -11.40 -44.18 -3.28
CA GLU D 108 -11.03 -45.43 -2.64
C GLU D 108 -12.28 -46.14 -2.10
N PRO D 109 -12.56 -47.38 -2.55
CA PRO D 109 -13.73 -48.12 -2.05
C PRO D 109 -13.79 -48.30 -0.56
N ILE D 110 -15.02 -48.35 -0.05
CA ILE D 110 -15.39 -48.50 1.35
C ILE D 110 -15.34 -49.97 1.68
N PHE D 111 -14.47 -50.36 2.63
CA PHE D 111 -14.29 -51.76 2.97
C PHE D 111 -13.85 -52.03 4.42
N ASP D 112 -14.54 -52.98 5.08
CA ASP D 112 -14.20 -53.53 6.39
C ASP D 112 -13.86 -54.99 6.13
N PRO D 113 -12.76 -55.50 6.71
CA PRO D 113 -12.34 -56.88 6.44
C PRO D 113 -13.35 -57.96 6.76
N PHE D 114 -14.29 -57.67 7.67
CA PHE D 114 -15.32 -58.59 8.14
C PHE D 114 -16.67 -58.34 7.55
N LYS D 115 -17.09 -57.05 7.51
CA LYS D 115 -18.38 -56.62 6.96
C LYS D 115 -18.35 -56.68 5.44
N GLY D 116 -17.17 -56.45 4.87
CA GLY D 116 -16.96 -56.43 3.44
C GLY D 116 -17.08 -55.04 2.86
N PHE D 117 -17.48 -54.99 1.60
CA PHE D 117 -17.62 -53.73 0.89
C PHE D 117 -18.95 -53.04 1.15
N GLY D 118 -18.89 -51.71 1.19
CA GLY D 118 -20.07 -50.85 1.28
C GLY D 118 -20.69 -50.86 -0.10
N LEU D 119 -21.97 -51.15 -0.21
CA LEU D 119 -22.58 -51.26 -1.52
C LEU D 119 -23.59 -50.16 -1.81
N THR D 120 -23.48 -49.55 -2.97
CA THR D 120 -24.32 -48.44 -3.39
C THR D 120 -25.74 -48.86 -3.62
N GLY D 121 -25.92 -50.11 -4.01
CA GLY D 121 -27.23 -50.64 -4.32
C GLY D 121 -27.65 -50.31 -5.73
N ASN D 122 -26.67 -49.88 -6.54
CA ASN D 122 -26.93 -49.58 -7.93
C ASN D 122 -26.18 -50.57 -8.77
N ALA D 123 -26.84 -51.09 -9.81
CA ALA D 123 -26.19 -52.04 -10.71
C ALA D 123 -25.18 -51.33 -11.59
N PRO D 124 -24.06 -51.97 -11.97
CA PRO D 124 -23.09 -51.28 -12.82
C PRO D 124 -23.65 -50.92 -14.21
N THR D 125 -23.08 -49.84 -14.81
CA THR D 125 -23.45 -49.27 -16.10
C THR D 125 -23.52 -50.28 -17.22
N ASP D 126 -24.60 -50.22 -18.00
CA ASP D 126 -24.91 -51.13 -19.12
C ASP D 126 -25.09 -52.59 -18.63
N TRP D 127 -25.67 -52.78 -17.41
CA TRP D 127 -25.81 -54.12 -16.83
C TRP D 127 -26.59 -55.09 -17.69
N ASN D 128 -27.66 -54.63 -18.33
CA ASN D 128 -28.48 -55.54 -19.12
C ASN D 128 -27.75 -56.20 -20.28
N GLU D 129 -26.83 -55.47 -20.96
CA GLU D 129 -26.06 -56.05 -22.08
C GLU D 129 -24.95 -56.97 -21.59
N ILE D 130 -24.26 -56.55 -20.50
CA ILE D 130 -23.12 -57.24 -19.94
C ILE D 130 -23.47 -58.44 -19.04
N LYS D 131 -24.71 -58.53 -18.47
CA LYS D 131 -25.06 -59.68 -17.60
C LYS D 131 -24.97 -61.04 -18.34
N GLY D 132 -25.42 -61.01 -19.59
CA GLY D 132 -25.44 -62.15 -20.50
C GLY D 132 -24.09 -62.58 -21.05
N LYS D 133 -23.04 -61.74 -20.87
CA LYS D 133 -21.70 -62.03 -21.36
C LYS D 133 -21.01 -63.10 -20.56
N VAL D 134 -20.06 -63.81 -21.20
CA VAL D 134 -19.35 -64.92 -20.61
C VAL D 134 -17.95 -64.48 -20.12
N PRO D 135 -17.64 -64.71 -18.81
CA PRO D 135 -16.30 -64.39 -18.31
C PRO D 135 -15.31 -65.40 -18.88
N VAL D 136 -14.21 -64.88 -19.48
CA VAL D 136 -13.17 -65.64 -20.15
C VAL D 136 -11.76 -65.42 -19.56
N GLU D 137 -11.56 -64.37 -18.73
CA GLU D 137 -10.26 -64.07 -18.09
C GLU D 137 -10.40 -63.18 -16.86
N VAL D 138 -9.68 -63.53 -15.79
CA VAL D 138 -9.65 -62.77 -14.53
C VAL D 138 -8.20 -62.37 -14.24
N VAL D 139 -7.93 -61.08 -14.02
CA VAL D 139 -6.60 -60.60 -13.69
C VAL D 139 -6.66 -59.75 -12.40
N GLN D 140 -5.73 -59.95 -11.45
CA GLN D 140 -5.79 -59.17 -10.23
C GLN D 140 -4.85 -57.99 -10.25
N SER D 141 -5.27 -56.85 -9.64
CA SER D 141 -4.44 -55.63 -9.58
C SER D 141 -3.24 -55.95 -8.74
N PRO D 142 -2.06 -55.50 -9.17
CA PRO D 142 -0.83 -55.86 -8.45
C PRO D 142 -0.60 -55.09 -7.18
N HIS D 143 -0.90 -53.79 -7.20
CA HIS D 143 -0.73 -52.90 -6.08
C HIS D 143 -2.00 -52.78 -5.26
N SER D 144 -3.13 -52.56 -5.89
CA SER D 144 -4.35 -52.43 -5.14
C SER D 144 -4.93 -53.80 -4.71
N PRO D 145 -5.28 -53.93 -3.41
CA PRO D 145 -5.89 -55.20 -2.93
C PRO D 145 -7.41 -55.25 -3.15
N ASN D 146 -7.95 -56.47 -3.27
CA ASN D 146 -9.39 -56.76 -3.52
C ASN D 146 -9.82 -56.35 -4.91
N LEU D 147 -8.90 -55.78 -5.71
CA LEU D 147 -9.24 -55.34 -7.06
C LEU D 147 -8.90 -56.40 -8.03
N TYR D 148 -9.84 -56.72 -8.90
CA TYR D 148 -9.66 -57.71 -9.95
C TYR D 148 -10.36 -57.18 -11.19
N PHE D 149 -10.13 -57.83 -12.34
CA PHE D 149 -10.72 -57.42 -13.61
C PHE D 149 -11.20 -58.62 -14.37
N VAL D 150 -12.44 -58.56 -14.85
CA VAL D 150 -13.00 -59.64 -15.63
C VAL D 150 -13.11 -59.27 -17.11
N LEU D 151 -12.87 -60.25 -17.98
CA LEU D 151 -12.99 -60.12 -19.44
C LEU D 151 -14.28 -60.81 -19.86
N LEU D 152 -15.17 -60.06 -20.51
CA LEU D 152 -16.45 -60.57 -20.93
C LEU D 152 -16.59 -60.54 -22.43
N VAL D 153 -17.10 -61.63 -22.98
CA VAL D 153 -17.34 -61.76 -24.43
C VAL D 153 -18.79 -62.23 -24.65
N PRO D 154 -19.41 -61.98 -25.83
CA PRO D 154 -20.76 -62.49 -26.04
C PRO D 154 -20.77 -64.02 -26.10
N LYS D 155 -21.92 -64.68 -25.70
CA LYS D 155 -22.11 -66.16 -25.72
C LYS D 155 -21.89 -66.70 -27.13
N VAL D 156 -22.23 -65.85 -28.14
CA VAL D 156 -22.07 -65.99 -29.58
C VAL D 156 -20.59 -66.20 -29.97
N ALA D 157 -19.67 -65.36 -29.42
CA ALA D 157 -18.23 -65.43 -29.68
C ALA D 157 -17.68 -66.85 -29.39
N LEU D 158 -18.29 -67.56 -28.43
CA LEU D 158 -17.91 -68.94 -28.11
C LEU D 158 -18.40 -69.90 -29.21
N GLU D 159 -19.71 -69.85 -29.52
CA GLU D 159 -20.38 -70.69 -30.53
C GLU D 159 -20.16 -70.19 -31.95
N TYR D 160 -19.11 -69.38 -32.18
CA TYR D 160 -18.81 -68.78 -33.49
C TYR D 160 -18.80 -69.81 -34.64
N HIS D 161 -18.12 -70.93 -34.42
CA HIS D 161 -18.00 -71.95 -35.45
C HIS D 161 -19.27 -72.76 -35.71
N ASN D 162 -20.21 -72.73 -34.77
CA ASN D 162 -21.45 -73.46 -34.91
C ASN D 162 -22.60 -72.61 -35.50
N LEU D 163 -22.31 -71.37 -35.91
CA LEU D 163 -23.31 -70.50 -36.53
C LEU D 163 -23.59 -70.97 -37.98
N ASN D 164 -24.73 -70.53 -38.57
CA ASN D 164 -25.16 -70.92 -39.92
C ASN D 164 -24.05 -70.84 -40.98
N ASN D 165 -23.93 -71.92 -41.81
CA ASN D 165 -22.96 -72.11 -42.90
C ASN D 165 -22.93 -70.95 -43.86
N GLN D 166 -24.08 -70.29 -44.07
CA GLN D 166 -24.18 -69.12 -44.97
C GLN D 166 -23.74 -67.83 -44.28
N VAL D 167 -23.66 -67.83 -42.93
CA VAL D 167 -23.17 -66.67 -42.17
C VAL D 167 -21.66 -66.83 -41.88
N VAL D 168 -21.26 -67.91 -41.16
CA VAL D 168 -19.86 -68.21 -40.87
C VAL D 168 -19.32 -69.26 -41.88
N LYS D 169 -18.59 -68.77 -42.90
CA LYS D 169 -18.04 -69.61 -43.96
C LYS D 169 -16.50 -69.39 -44.13
N GLU D 170 -15.88 -70.13 -45.06
CA GLU D 170 -14.46 -70.05 -45.39
C GLU D 170 -14.22 -69.08 -46.57
N SER D 171 -13.01 -68.56 -46.72
CA SER D 171 -12.63 -67.66 -47.81
C SER D 171 -12.49 -68.41 -49.15
N LEU D 172 -12.19 -69.72 -49.10
CA LEU D 172 -12.06 -70.52 -50.30
C LEU D 172 -13.40 -71.08 -50.68
N GLU D 173 -13.92 -70.65 -51.84
CA GLU D 173 -15.22 -71.10 -52.36
C GLU D 173 -15.10 -72.54 -52.84
N VAL D 174 -15.96 -73.40 -52.34
CA VAL D 174 -15.94 -74.79 -52.76
C VAL D 174 -17.23 -75.07 -53.59
N LYS D 175 -17.01 -75.22 -54.90
CA LYS D 175 -18.00 -75.44 -55.96
C LYS D 175 -18.87 -76.70 -55.85
N ALA D 176 -18.45 -77.73 -55.07
CA ALA D 176 -19.16 -79.03 -54.87
C ALA D 176 -19.53 -79.80 -56.20
N THR D 177 -18.84 -79.48 -57.30
CA THR D 177 -18.96 -80.16 -58.60
C THR D 177 -18.04 -81.41 -58.62
N GLN D 178 -18.53 -82.52 -59.20
CA GLN D 178 -17.76 -83.77 -59.32
C GLN D 178 -17.24 -83.92 -60.75
N SER D 179 -17.08 -82.78 -61.45
CA SER D 179 -16.59 -82.69 -62.81
C SER D 179 -15.14 -83.17 -62.92
N SER D 180 -14.19 -82.36 -62.46
CA SER D 180 -12.76 -82.64 -62.45
C SER D 180 -12.14 -81.60 -61.57
N PHE D 181 -11.09 -81.97 -60.80
CA PHE D 181 -10.45 -80.98 -59.93
C PHE D 181 -9.28 -80.36 -60.58
N ASN D 182 -9.32 -79.03 -60.70
CA ASN D 182 -8.22 -78.23 -61.22
C ASN D 182 -8.00 -77.09 -60.22
N PRO D 183 -6.88 -77.11 -59.44
CA PRO D 183 -6.64 -76.02 -58.48
C PRO D 183 -6.65 -74.64 -59.14
N THR D 184 -6.00 -74.51 -60.30
CA THR D 184 -5.89 -73.28 -61.09
C THR D 184 -7.22 -72.69 -61.62
N GLN D 185 -8.35 -73.38 -61.38
CA GLN D 185 -9.63 -72.93 -61.91
C GLN D 185 -10.03 -71.54 -61.35
N ARG D 186 -9.74 -71.25 -60.06
CA ARG D 186 -10.08 -69.95 -59.47
C ARG D 186 -9.09 -68.84 -59.83
N LEU D 187 -7.86 -69.26 -60.20
CA LEU D 187 -6.68 -68.43 -60.49
C LEU D 187 -6.68 -67.72 -61.85
N GLN D 188 -6.19 -66.45 -61.86
CA GLN D 188 -6.02 -65.63 -63.05
C GLN D 188 -4.57 -65.87 -63.48
N LYS D 189 -4.38 -66.56 -64.61
CA LYS D 189 -3.05 -66.98 -65.08
C LYS D 189 -2.58 -66.44 -66.44
N ASP D 190 -3.41 -65.66 -67.15
CA ASP D 190 -3.03 -65.15 -68.47
C ASP D 190 -2.18 -63.89 -68.40
N SER D 191 -0.89 -64.06 -68.74
CA SER D 191 0.14 -63.03 -68.73
C SER D 191 -0.19 -61.82 -69.63
N PRO D 192 0.24 -60.59 -69.23
CA PRO D 192 -0.04 -59.40 -70.05
C PRO D 192 0.67 -59.40 -71.42
N VAL D 193 0.23 -58.52 -72.31
CA VAL D 193 0.71 -58.40 -73.68
C VAL D 193 1.04 -56.95 -74.02
N LYS D 194 1.79 -56.70 -75.12
CA LYS D 194 2.11 -55.31 -75.47
C LYS D 194 0.84 -54.60 -75.93
N ASP D 195 0.62 -53.40 -75.41
CA ASP D 195 -0.54 -52.57 -75.70
C ASP D 195 -0.09 -51.64 -76.83
N SER D 196 -0.33 -52.05 -78.06
CA SER D 196 -0.02 -51.33 -79.30
C SER D 196 -0.68 -49.95 -79.38
N SER D 197 -1.79 -49.76 -78.61
CA SER D 197 -2.58 -48.52 -78.50
C SER D 197 -1.66 -47.34 -78.23
N LYS D 198 -0.74 -47.50 -77.28
CA LYS D 198 0.25 -46.48 -76.99
C LYS D 198 1.58 -47.11 -76.67
N GLN D 199 2.52 -46.93 -77.61
CA GLN D 199 3.90 -47.39 -77.48
C GLN D 199 4.76 -46.18 -77.20
N GLY D 200 4.10 -45.03 -77.07
CA GLY D 200 4.72 -43.76 -76.68
C GLY D 200 4.95 -43.79 -75.19
N GLU D 201 4.31 -44.78 -74.52
CA GLU D 201 4.40 -45.09 -73.09
C GLU D 201 5.61 -45.98 -72.79
N LYS D 202 6.39 -46.37 -73.83
CA LYS D 202 7.61 -47.15 -73.67
C LYS D 202 8.70 -46.11 -73.37
N LEU D 203 9.52 -46.35 -72.32
CA LEU D 203 10.58 -45.44 -71.87
C LEU D 203 11.61 -45.12 -72.94
N SER D 204 12.13 -43.89 -72.92
CA SER D 204 13.11 -43.41 -73.91
C SER D 204 14.55 -43.57 -73.43
N GLU D 205 15.52 -43.71 -74.37
CA GLU D 205 16.95 -43.81 -74.05
C GLU D 205 17.52 -42.42 -73.82
N THR D 206 18.66 -42.33 -73.12
CA THR D 206 19.30 -41.03 -72.90
C THR D 206 19.99 -40.61 -74.19
N THR D 207 20.05 -39.29 -74.45
CA THR D 207 20.65 -38.72 -75.66
C THR D 207 22.17 -38.86 -75.65
N GLY D 214 35.13 -40.00 -72.94
CA GLY D 214 35.72 -39.37 -71.75
C GLY D 214 36.52 -40.25 -70.80
N MET D 215 35.82 -41.19 -70.09
CA MET D 215 36.35 -42.16 -69.09
C MET D 215 36.49 -43.62 -69.70
N ALA D 216 35.59 -44.54 -69.41
CA ALA D 216 35.41 -45.88 -69.97
C ALA D 216 34.15 -45.73 -70.84
N THR D 217 33.98 -46.54 -71.92
CA THR D 217 32.82 -46.51 -72.83
C THR D 217 32.47 -47.91 -73.34
N SER D 218 31.19 -48.11 -73.74
CA SER D 218 30.68 -49.37 -74.29
C SER D 218 29.53 -49.19 -75.27
N THR D 219 29.35 -50.18 -76.15
CA THR D 219 28.31 -50.21 -77.19
C THR D 219 26.93 -50.70 -76.69
N ARG D 220 26.80 -50.94 -75.37
CA ARG D 220 25.55 -51.44 -74.78
C ARG D 220 24.48 -50.38 -74.77
N ALA D 221 23.26 -50.78 -75.15
CA ALA D 221 22.07 -49.92 -75.23
C ALA D 221 21.98 -48.98 -74.04
N LYS D 222 21.93 -47.66 -74.31
CA LYS D 222 21.88 -46.59 -73.31
C LYS D 222 20.76 -46.77 -72.28
N ALA D 223 20.95 -46.21 -71.06
CA ALA D 223 19.97 -46.29 -69.96
C ALA D 223 18.64 -45.63 -70.37
N LEU D 224 17.55 -46.04 -69.71
CA LEU D 224 16.23 -45.51 -70.00
C LEU D 224 15.89 -44.41 -69.04
N LYS D 225 15.48 -43.26 -69.54
CA LYS D 225 15.17 -42.13 -68.66
C LYS D 225 13.73 -42.14 -68.17
N VAL D 226 13.57 -41.92 -66.86
CA VAL D 226 12.32 -41.81 -66.13
C VAL D 226 12.26 -40.38 -65.63
N GLU D 227 11.58 -39.54 -66.41
CA GLU D 227 11.46 -38.11 -66.16
C GLU D 227 10.13 -37.80 -65.50
N VAL D 228 10.16 -36.98 -64.44
CA VAL D 228 8.97 -36.56 -63.71
C VAL D 228 9.07 -35.07 -63.41
N GLU D 229 8.12 -34.27 -63.94
CA GLU D 229 8.05 -32.82 -63.74
C GLU D 229 6.63 -32.45 -63.38
N ARG D 230 6.46 -31.53 -62.42
CA ARG D 230 5.15 -31.15 -61.91
C ARG D 230 4.33 -30.31 -62.87
N GLY D 231 4.89 -29.21 -63.33
CA GLY D 231 4.17 -28.28 -64.20
C GLY D 231 3.12 -27.49 -63.46
N SER D 232 2.33 -26.69 -64.19
CA SER D 232 1.31 -25.87 -63.57
C SER D 232 -0.10 -26.40 -63.83
N GLN D 233 -0.39 -27.59 -63.31
CA GLN D 233 -1.71 -28.19 -63.47
C GLN D 233 -2.22 -28.77 -62.17
N SER D 234 -3.53 -28.63 -61.93
CA SER D 234 -4.19 -29.12 -60.73
C SER D 234 -4.30 -30.64 -60.67
N ASP D 235 -4.57 -31.28 -61.81
CA ASP D 235 -4.78 -32.72 -61.92
C ASP D 235 -3.74 -33.44 -62.77
N SER D 236 -2.88 -32.69 -63.48
CA SER D 236 -1.90 -33.30 -64.36
C SER D 236 -0.45 -32.90 -64.08
N LEU D 237 0.49 -33.79 -64.46
CA LEU D 237 1.91 -33.55 -64.32
C LEU D 237 2.49 -33.24 -65.69
N LEU D 238 3.50 -32.36 -65.73
CA LEU D 238 4.20 -31.98 -66.97
C LEU D 238 4.82 -33.25 -67.59
N LYS D 239 5.43 -34.10 -66.75
CA LYS D 239 6.01 -35.39 -67.12
C LYS D 239 5.74 -36.36 -65.99
N ASN D 240 5.44 -37.62 -66.32
CA ASN D 240 5.14 -38.65 -65.32
C ASN D 240 5.48 -40.00 -65.92
N ASP D 241 6.78 -40.24 -66.11
CA ASP D 241 7.25 -41.48 -66.74
C ASP D 241 6.97 -42.77 -65.94
N PHE D 242 6.85 -42.67 -64.60
CA PHE D 242 6.55 -43.88 -63.81
C PHE D 242 5.17 -44.45 -64.12
N ALA D 243 4.25 -43.58 -64.54
CA ALA D 243 2.88 -43.95 -64.90
C ALA D 243 2.79 -44.72 -66.20
N LYS D 244 3.78 -44.48 -67.11
CA LYS D 244 3.87 -45.08 -68.45
C LYS D 244 3.77 -46.60 -68.42
N LYS D 245 2.60 -47.10 -68.90
CA LYS D 245 2.20 -48.51 -68.95
C LYS D 245 2.03 -48.97 -70.42
N PRO D 246 3.12 -49.37 -71.12
CA PRO D 246 2.97 -49.83 -72.51
C PRO D 246 2.56 -51.29 -72.64
N LEU D 247 1.95 -51.87 -71.58
CA LEU D 247 1.43 -53.23 -71.56
C LEU D 247 -0.05 -53.22 -71.18
N LYS D 248 -0.74 -54.35 -71.38
CA LYS D 248 -2.16 -54.47 -71.08
C LYS D 248 -2.57 -55.91 -70.84
N HIS D 249 -3.62 -56.11 -70.01
CA HIS D 249 -4.18 -57.41 -69.67
C HIS D 249 -4.64 -58.18 -70.92
N LYS D 250 -4.43 -59.51 -70.93
CA LYS D 250 -4.86 -60.40 -72.01
C LYS D 250 -6.37 -60.25 -72.23
N ASN D 251 -6.83 -60.07 -73.48
CA ASN D 251 -8.26 -59.92 -73.73
C ASN D 251 -8.92 -61.22 -74.24
N SER D 252 -9.60 -61.92 -73.33
CA SER D 252 -10.35 -63.17 -73.58
C SER D 252 -11.85 -62.81 -73.74
N SER D 253 -12.13 -61.85 -74.69
CA SER D 253 -13.44 -61.23 -74.94
C SER D 253 -13.98 -60.61 -73.62
N GLY D 254 -13.00 -60.31 -72.76
CA GLY D 254 -13.11 -59.78 -71.40
C GLY D 254 -11.74 -59.95 -70.77
N GLU D 255 -11.13 -58.83 -70.35
CA GLU D 255 -9.80 -58.77 -69.72
C GLU D 255 -9.52 -59.83 -68.67
N VAL D 256 -8.29 -60.38 -68.64
CA VAL D 256 -7.86 -61.33 -67.62
C VAL D 256 -7.20 -60.44 -66.58
N LYS D 257 -8.03 -59.94 -65.66
CA LYS D 257 -7.64 -59.04 -64.58
C LYS D 257 -8.38 -59.41 -63.32
N LEU D 258 -7.93 -58.89 -62.18
CA LEU D 258 -8.54 -59.16 -60.88
C LEU D 258 -9.78 -58.27 -60.62
N GLU D 259 -10.99 -58.87 -60.68
CA GLU D 259 -12.28 -58.22 -60.47
C GLU D 259 -13.00 -58.93 -59.34
N ALA D 260 -13.22 -58.23 -58.22
CA ALA D 260 -13.86 -58.79 -57.02
C ALA D 260 -15.32 -59.09 -57.24
N GLU D 261 -15.97 -58.31 -58.13
CA GLU D 261 -17.38 -58.43 -58.51
C GLU D 261 -17.65 -59.80 -59.13
N LYS D 262 -16.89 -60.11 -60.20
CA LYS D 262 -16.99 -61.35 -60.96
C LYS D 262 -16.45 -62.58 -60.19
N GLU D 263 -15.27 -62.45 -59.54
CA GLU D 263 -14.63 -63.56 -58.84
C GLU D 263 -15.29 -63.97 -57.53
N PHE D 264 -15.65 -63.00 -56.68
CA PHE D 264 -16.25 -63.28 -55.37
C PHE D 264 -17.74 -63.01 -55.34
N THR D 265 -18.48 -63.93 -55.99
CA THR D 265 -19.95 -63.93 -56.13
C THR D 265 -20.60 -64.23 -54.79
N GLU D 266 -20.03 -65.19 -54.03
CA GLU D 266 -20.45 -65.55 -52.68
C GLU D 266 -19.31 -65.17 -51.76
N ALA D 267 -18.91 -63.88 -51.88
CA ALA D 267 -17.82 -63.23 -51.16
C ALA D 267 -17.82 -63.45 -49.65
N TRP D 268 -16.62 -63.73 -49.08
CA TRP D 268 -16.42 -63.88 -47.63
C TRP D 268 -16.55 -62.49 -47.04
N LYS D 269 -17.39 -62.39 -46.02
CA LYS D 269 -17.59 -61.15 -45.29
C LYS D 269 -17.59 -61.44 -43.76
N PRO D 270 -17.09 -60.48 -42.92
CA PRO D 270 -17.01 -60.72 -41.46
C PRO D 270 -18.39 -60.74 -40.82
N LEU D 271 -18.49 -61.37 -39.63
CA LEU D 271 -19.77 -61.46 -38.91
C LEU D 271 -20.38 -60.12 -38.64
N LEU D 272 -19.57 -59.15 -38.21
CA LEU D 272 -20.00 -57.78 -37.93
C LEU D 272 -18.90 -56.78 -38.31
N THR D 273 -19.28 -55.61 -38.88
CA THR D 273 -18.32 -54.56 -39.23
C THR D 273 -17.84 -53.89 -37.98
N THR D 274 -16.67 -53.23 -38.06
CA THR D 274 -16.04 -52.53 -36.95
C THR D 274 -17.00 -51.57 -36.26
N ASP D 275 -17.85 -50.88 -37.05
CA ASP D 275 -18.84 -49.94 -36.53
C ASP D 275 -19.97 -50.62 -35.78
N GLN D 276 -20.38 -51.82 -36.25
CA GLN D 276 -21.42 -52.61 -35.59
C GLN D 276 -20.94 -53.01 -34.21
N ILE D 277 -19.71 -53.58 -34.10
CA ILE D 277 -19.12 -53.99 -32.82
C ILE D 277 -18.97 -52.77 -31.89
N ALA D 278 -18.65 -51.60 -32.48
CA ALA D 278 -18.51 -50.34 -31.76
C ALA D 278 -19.86 -49.91 -31.17
N ARG D 279 -20.94 -49.89 -32.01
CA ARG D 279 -22.30 -49.50 -31.61
C ARG D 279 -22.93 -50.51 -30.68
N GLU D 280 -23.04 -51.77 -31.14
CA GLU D 280 -23.66 -52.87 -30.40
C GLU D 280 -22.86 -53.30 -29.18
N LYS D 281 -23.16 -52.63 -28.05
CA LYS D 281 -22.53 -52.80 -26.73
C LYS D 281 -22.43 -54.23 -26.28
N GLY D 282 -23.49 -55.01 -26.51
CA GLY D 282 -23.50 -56.42 -26.14
C GLY D 282 -22.66 -57.32 -27.05
N MET D 283 -22.46 -56.92 -28.33
CA MET D 283 -21.72 -57.73 -29.29
C MET D 283 -20.16 -57.58 -29.17
N GLY D 284 -19.70 -56.69 -28.29
CA GLY D 284 -18.28 -56.48 -28.06
C GLY D 284 -17.79 -57.00 -26.73
N ALA D 285 -16.47 -57.05 -26.60
CA ALA D 285 -15.80 -57.47 -25.37
C ALA D 285 -15.84 -56.33 -24.35
N THR D 286 -16.05 -56.67 -23.08
CA THR D 286 -16.13 -55.71 -21.99
C THR D 286 -15.19 -56.09 -20.86
N VAL D 287 -14.56 -55.10 -20.23
CA VAL D 287 -13.72 -55.34 -19.08
C VAL D 287 -14.33 -54.68 -17.86
N VAL D 288 -14.78 -55.52 -16.91
CA VAL D 288 -15.41 -55.06 -15.69
C VAL D 288 -14.49 -55.23 -14.47
N SER D 289 -14.12 -54.07 -13.88
CA SER D 289 -13.36 -53.87 -12.63
C SER D 289 -14.30 -54.30 -11.51
N PHE D 290 -13.85 -55.20 -10.64
CA PHE D 290 -14.65 -55.63 -9.51
C PHE D 290 -13.81 -55.81 -8.25
N TYR D 291 -14.49 -55.91 -7.10
CA TYR D 291 -13.86 -56.03 -5.79
C TYR D 291 -14.21 -57.39 -5.16
N ASP D 292 -13.25 -57.93 -4.36
CA ASP D 292 -13.36 -59.27 -3.81
C ASP D 292 -12.52 -59.57 -2.56
N ALA D 293 -13.23 -59.78 -1.44
CA ALA D 293 -12.69 -60.16 -0.13
C ALA D 293 -13.46 -61.41 0.28
N PRO D 294 -12.89 -62.63 0.19
CA PRO D 294 -13.70 -63.84 0.38
C PRO D 294 -14.22 -64.12 1.76
N TYR D 295 -13.47 -63.74 2.79
CA TYR D 295 -13.90 -64.08 4.13
C TYR D 295 -14.76 -62.97 4.76
N SER D 296 -15.09 -61.94 3.97
CA SER D 296 -15.96 -60.85 4.40
C SER D 296 -17.43 -61.15 4.08
N GLU D 297 -18.36 -60.41 4.72
CA GLU D 297 -19.81 -60.55 4.55
C GLU D 297 -20.24 -60.17 3.13
N ASN D 298 -20.14 -58.88 2.77
CA ASN D 298 -20.44 -58.39 1.43
C ASN D 298 -19.11 -58.52 0.69
N HIS D 299 -18.82 -59.75 0.22
CA HIS D 299 -17.55 -60.12 -0.40
C HIS D 299 -17.37 -59.70 -1.84
N THR D 300 -18.45 -59.47 -2.58
CA THR D 300 -18.29 -59.07 -3.97
C THR D 300 -19.01 -57.73 -4.17
N ALA D 301 -18.42 -56.85 -5.01
CA ALA D 301 -18.92 -55.52 -5.36
C ALA D 301 -18.36 -55.18 -6.71
N PHE D 302 -19.12 -54.43 -7.51
CA PHE D 302 -18.66 -54.04 -8.85
C PHE D 302 -18.00 -52.67 -8.88
N GLY D 303 -17.25 -52.40 -9.92
CA GLY D 303 -16.55 -51.13 -10.01
C GLY D 303 -16.83 -50.33 -11.26
N LEU D 304 -16.00 -50.57 -12.31
CA LEU D 304 -15.98 -49.86 -13.59
C LEU D 304 -16.23 -50.82 -14.75
N VAL D 305 -17.26 -50.56 -15.56
CA VAL D 305 -17.58 -51.37 -16.74
C VAL D 305 -17.21 -50.59 -18.02
N ASP D 306 -16.17 -51.10 -18.72
CA ASP D 306 -15.57 -50.54 -19.94
C ASP D 306 -15.65 -51.46 -21.13
N HIS D 307 -16.27 -50.97 -22.19
CA HIS D 307 -16.38 -51.75 -23.39
C HIS D 307 -15.13 -51.50 -24.23
N ILE D 308 -14.58 -52.56 -24.84
CA ILE D 308 -13.40 -52.48 -25.67
C ILE D 308 -13.81 -52.06 -27.11
N ASP D 309 -13.99 -50.75 -27.32
CA ASP D 309 -14.39 -50.17 -28.61
C ASP D 309 -13.34 -50.47 -29.68
N PRO D 310 -13.67 -51.27 -30.72
CA PRO D 310 -12.69 -51.54 -31.79
C PRO D 310 -12.21 -50.26 -32.48
N LYS D 311 -13.09 -49.23 -32.59
CA LYS D 311 -12.82 -47.94 -33.18
C LYS D 311 -11.70 -47.20 -32.46
N LYS D 312 -11.53 -47.45 -31.15
CA LYS D 312 -10.45 -46.83 -30.35
C LYS D 312 -9.08 -47.27 -30.84
N MET D 313 -8.96 -48.52 -31.40
CA MET D 313 -7.75 -49.12 -31.97
C MET D 313 -7.57 -48.59 -33.39
N VAL D 314 -8.66 -48.64 -34.17
CA VAL D 314 -8.73 -48.22 -35.58
C VAL D 314 -8.37 -46.74 -35.71
N GLU D 315 -8.73 -45.92 -34.71
CA GLU D 315 -8.41 -44.48 -34.65
C GLU D 315 -6.92 -44.28 -34.67
N ASN D 316 -6.16 -45.15 -33.97
CA ASN D 316 -4.71 -45.04 -33.84
C ASN D 316 -3.93 -45.88 -34.88
N TYR D 317 -4.57 -46.28 -35.98
CA TYR D 317 -3.89 -46.97 -37.07
C TYR D 317 -3.13 -45.89 -37.85
N PRO D 318 -1.95 -46.22 -38.44
CA PRO D 318 -1.28 -45.25 -39.33
C PRO D 318 -2.20 -44.75 -40.48
N PRO D 319 -1.93 -43.55 -41.05
CA PRO D 319 -2.80 -43.08 -42.15
C PRO D 319 -2.57 -43.85 -43.47
N SER D 320 -1.46 -44.62 -43.47
CA SER D 320 -0.97 -45.51 -44.53
C SER D 320 -2.08 -46.51 -44.79
N TRP D 321 -2.69 -46.98 -43.70
CA TRP D 321 -3.69 -48.02 -43.57
C TRP D 321 -5.10 -47.67 -44.09
N LYS D 322 -5.37 -46.38 -44.36
CA LYS D 322 -6.64 -45.92 -44.93
C LYS D 322 -6.69 -46.27 -46.45
N THR D 323 -5.49 -46.44 -47.04
CA THR D 323 -5.23 -46.70 -48.45
C THR D 323 -4.27 -47.90 -48.51
N PRO D 324 -4.69 -49.13 -48.17
CA PRO D 324 -3.74 -50.24 -48.13
C PRO D 324 -3.56 -51.02 -49.44
N LYS D 325 -4.28 -50.61 -50.51
CA LYS D 325 -4.16 -51.22 -51.84
C LYS D 325 -3.05 -50.49 -52.62
N TRP D 326 -2.33 -49.58 -51.92
CA TRP D 326 -1.28 -48.70 -52.44
C TRP D 326 -0.09 -48.71 -51.50
N ASN D 327 1.09 -48.22 -51.97
CA ASN D 327 2.32 -48.09 -51.18
C ASN D 327 3.15 -46.88 -51.62
N HIS D 328 4.19 -46.51 -50.85
CA HIS D 328 4.99 -45.32 -51.10
C HIS D 328 5.63 -45.31 -52.48
N HIS D 329 5.92 -46.49 -53.10
CA HIS D 329 6.49 -46.61 -54.46
C HIS D 329 5.46 -46.15 -55.49
N GLY D 330 4.20 -46.32 -55.13
CA GLY D 330 3.08 -45.82 -55.89
C GLY D 330 2.73 -46.46 -57.21
N ILE D 331 2.51 -45.59 -58.22
CA ILE D 331 2.00 -45.90 -59.53
C ILE D 331 2.90 -46.83 -60.33
N TRP D 332 4.25 -46.72 -60.22
CA TRP D 332 5.10 -47.63 -60.99
C TRP D 332 4.87 -49.07 -60.56
N ASP D 333 4.84 -49.28 -59.23
CA ASP D 333 4.62 -50.58 -58.59
C ASP D 333 3.19 -51.04 -58.75
N TYR D 334 2.22 -50.10 -58.75
CA TYR D 334 0.81 -50.46 -58.88
C TYR D 334 0.56 -51.17 -60.19
N ASN D 335 0.91 -50.51 -61.31
CA ASN D 335 0.74 -51.03 -62.67
C ASN D 335 1.51 -52.34 -62.82
N ALA D 336 2.80 -52.35 -62.41
CA ALA D 336 3.67 -53.53 -62.45
C ALA D 336 3.04 -54.77 -61.79
N ARG D 337 2.58 -54.65 -60.51
CA ARG D 337 1.91 -55.73 -59.75
C ARG D 337 0.61 -56.10 -60.42
N ASN D 338 -0.24 -55.10 -60.66
CA ASN D 338 -1.55 -55.23 -61.30
C ASN D 338 -1.50 -56.07 -62.56
N LEU D 339 -0.60 -55.68 -63.52
CA LEU D 339 -0.41 -56.36 -64.81
C LEU D 339 0.07 -57.79 -64.62
N LEU D 340 0.98 -57.99 -63.67
CA LEU D 340 1.54 -59.30 -63.33
C LEU D 340 0.56 -60.19 -62.55
N LEU D 341 -0.74 -59.80 -62.49
CA LEU D 341 -1.87 -60.48 -61.79
C LEU D 341 -1.51 -60.81 -60.33
N GLN D 342 -0.98 -59.80 -59.69
CA GLN D 342 -0.48 -59.83 -58.33
C GLN D 342 -1.36 -58.84 -57.54
N THR D 343 -1.38 -59.01 -56.22
CA THR D 343 -2.08 -58.12 -55.32
C THR D 343 -1.28 -56.82 -55.19
N THR D 344 -1.96 -55.67 -55.19
CA THR D 344 -1.26 -54.38 -55.02
C THR D 344 -1.22 -53.96 -53.53
N GLY D 345 -0.33 -53.03 -53.20
CA GLY D 345 -0.22 -52.50 -51.84
C GLY D 345 0.64 -53.27 -50.87
N PHE D 346 0.41 -53.02 -49.57
CA PHE D 346 1.14 -53.62 -48.47
C PHE D 346 0.22 -54.50 -47.58
N PHE D 347 -1.10 -54.31 -47.75
CA PHE D 347 -2.15 -55.04 -47.03
C PHE D 347 -3.39 -55.00 -47.90
N ASN D 348 -3.46 -55.92 -48.86
CA ASN D 348 -4.56 -55.98 -49.80
C ASN D 348 -5.72 -56.86 -49.33
N PRO D 349 -6.99 -56.39 -49.49
CA PRO D 349 -8.12 -57.20 -49.05
C PRO D 349 -8.09 -58.62 -49.57
N ARG D 350 -7.71 -58.79 -50.86
CA ARG D 350 -7.59 -60.10 -51.51
C ARG D 350 -6.65 -61.05 -50.70
N ARG D 351 -5.54 -60.53 -50.14
CA ARG D 351 -4.64 -61.33 -49.32
C ARG D 351 -5.20 -61.60 -47.94
N HIS D 352 -5.51 -60.53 -47.20
CA HIS D 352 -6.04 -60.61 -45.83
C HIS D 352 -7.43 -59.93 -45.72
N PRO D 353 -8.54 -60.62 -46.09
CA PRO D 353 -9.86 -59.97 -46.02
C PRO D 353 -10.42 -59.86 -44.61
N GLU D 354 -9.80 -60.59 -43.64
CA GLU D 354 -10.24 -60.65 -42.24
C GLU D 354 -10.31 -59.29 -41.59
N TRP D 355 -9.45 -58.34 -42.07
CA TRP D 355 -9.32 -56.97 -41.55
C TRP D 355 -10.14 -55.90 -42.30
N PHE D 356 -10.85 -56.29 -43.36
CA PHE D 356 -11.66 -55.33 -44.11
C PHE D 356 -13.10 -55.51 -43.82
N ASP D 357 -13.77 -54.40 -43.46
CA ASP D 357 -15.20 -54.40 -43.09
C ASP D 357 -16.10 -55.10 -44.14
N GLU D 358 -15.82 -54.90 -45.44
CA GLU D 358 -16.58 -55.52 -46.51
C GLU D 358 -15.93 -56.79 -47.08
N GLY D 359 -15.01 -57.41 -46.33
CA GLY D 359 -14.31 -58.63 -46.73
C GLY D 359 -13.84 -58.71 -48.18
N GLN D 360 -14.10 -59.87 -48.81
CA GLN D 360 -13.72 -60.18 -50.20
C GLN D 360 -14.36 -59.27 -51.25
N ALA D 361 -15.39 -58.49 -50.89
CA ALA D 361 -16.06 -57.54 -51.79
C ALA D 361 -15.09 -56.52 -52.40
N LYS D 362 -14.03 -56.17 -51.66
CA LYS D 362 -13.00 -55.24 -52.12
C LYS D 362 -11.71 -56.01 -52.47
N ALA D 363 -11.80 -57.35 -52.68
CA ALA D 363 -10.66 -58.21 -53.01
C ALA D 363 -10.21 -58.12 -54.49
N ASP D 364 -9.70 -56.96 -54.87
CA ASP D 364 -9.14 -56.61 -56.16
C ASP D 364 -8.20 -55.42 -55.99
N ASN D 365 -7.79 -54.77 -57.06
CA ASN D 365 -6.88 -53.64 -56.93
C ASN D 365 -7.55 -52.30 -57.19
N THR D 366 -8.83 -52.34 -57.63
CA THR D 366 -9.63 -51.15 -57.99
C THR D 366 -9.74 -50.12 -56.87
N SER D 367 -9.90 -48.83 -57.24
CA SER D 367 -10.00 -47.68 -56.32
C SER D 367 -8.99 -47.75 -55.14
N PRO D 368 -7.64 -47.67 -55.42
CA PRO D 368 -6.66 -47.76 -54.32
C PRO D 368 -6.54 -46.50 -53.49
N GLY D 369 -7.18 -45.43 -53.95
CA GLY D 369 -7.20 -44.12 -53.30
C GLY D 369 -6.35 -43.16 -54.08
N PHE D 370 -5.92 -43.61 -55.26
CA PHE D 370 -5.08 -42.87 -56.18
C PHE D 370 -5.51 -43.16 -57.63
N LYS D 371 -5.64 -42.10 -58.46
CA LYS D 371 -6.07 -42.21 -59.86
C LYS D 371 -5.17 -43.16 -60.62
N VAL D 372 -5.74 -44.23 -61.15
CA VAL D 372 -5.04 -45.24 -61.93
C VAL D 372 -5.79 -45.54 -63.22
N GLY D 373 -5.03 -45.84 -64.26
CA GLY D 373 -5.52 -46.19 -65.58
C GLY D 373 -6.34 -45.14 -66.30
N ASP D 374 -6.04 -43.85 -66.05
CA ASP D 374 -6.71 -42.74 -66.73
C ASP D 374 -6.27 -42.74 -68.19
N THR D 375 -7.14 -42.24 -69.09
CA THR D 375 -6.93 -42.13 -70.55
C THR D 375 -5.58 -41.46 -70.89
N ASP D 376 -5.17 -40.49 -70.05
CA ASP D 376 -3.91 -39.76 -70.08
C ASP D 376 -3.15 -40.15 -68.82
N HIS D 377 -2.02 -40.85 -68.99
CA HIS D 377 -1.22 -41.36 -67.88
C HIS D 377 -0.67 -40.28 -66.95
N LYS D 378 -0.38 -39.06 -67.45
CA LYS D 378 0.16 -38.02 -66.58
C LYS D 378 -0.90 -37.39 -65.66
N LYS D 379 -2.04 -38.08 -65.50
CA LYS D 379 -3.12 -37.71 -64.60
C LYS D 379 -3.20 -38.75 -63.48
N ASP D 380 -2.42 -39.87 -63.63
CA ASP D 380 -2.33 -40.98 -62.68
C ASP D 380 -1.47 -40.64 -61.45
N GLY D 381 -1.65 -41.40 -60.37
CA GLY D 381 -0.90 -41.27 -59.13
C GLY D 381 -1.27 -40.10 -58.25
N PHE D 382 -2.43 -39.49 -58.50
CA PHE D 382 -2.96 -38.38 -57.72
C PHE D 382 -3.95 -38.89 -56.71
N LYS D 383 -3.97 -38.29 -55.52
CA LYS D 383 -4.86 -38.70 -54.43
C LYS D 383 -6.32 -38.56 -54.81
N LYS D 384 -7.05 -39.69 -54.81
CA LYS D 384 -8.49 -39.75 -55.09
C LYS D 384 -9.22 -40.40 -53.91
N ASN D 385 -10.54 -40.55 -54.02
CA ASN D 385 -11.35 -41.14 -52.95
C ASN D 385 -11.21 -42.67 -52.85
N SER D 386 -11.00 -43.14 -51.61
CA SER D 386 -10.87 -44.56 -51.28
C SER D 386 -12.13 -45.04 -50.55
N SER D 387 -12.33 -46.36 -50.53
CA SER D 387 -13.46 -47.04 -49.88
C SER D 387 -12.99 -48.42 -49.39
N SER D 388 -11.66 -48.58 -49.19
CA SER D 388 -11.06 -49.84 -48.79
C SER D 388 -10.11 -49.77 -47.55
N PRO D 389 -10.38 -49.00 -46.46
CA PRO D 389 -9.42 -48.98 -45.34
C PRO D 389 -9.36 -50.24 -44.48
N ILE D 390 -8.22 -50.39 -43.73
CA ILE D 390 -8.02 -51.48 -42.77
C ILE D 390 -8.91 -51.10 -41.59
N ALA D 391 -9.63 -52.08 -41.06
CA ALA D 391 -10.52 -51.88 -39.93
C ALA D 391 -10.24 -52.98 -38.87
N LEU D 392 -11.28 -53.36 -38.10
CA LEU D 392 -11.20 -54.40 -37.09
C LEU D 392 -12.57 -55.12 -36.99
N PRO D 393 -12.95 -55.93 -38.01
CA PRO D 393 -14.23 -56.64 -37.97
C PRO D 393 -14.24 -57.76 -36.94
N PHE D 394 -15.46 -58.27 -36.59
CA PHE D 394 -15.75 -59.31 -35.60
C PHE D 394 -14.63 -60.37 -35.43
N GLU D 395 -14.28 -61.00 -36.57
CA GLU D 395 -13.27 -62.03 -36.80
C GLU D 395 -11.92 -61.63 -36.18
N ALA D 396 -11.30 -60.57 -36.73
CA ALA D 396 -10.02 -60.03 -36.29
C ALA D 396 -10.10 -59.41 -34.90
N TYR D 397 -11.25 -58.85 -34.56
CA TYR D 397 -11.51 -58.18 -33.29
C TYR D 397 -11.39 -59.15 -32.14
N PHE D 398 -12.20 -60.23 -32.15
CA PHE D 398 -12.19 -61.21 -31.07
C PHE D 398 -10.88 -62.00 -30.97
N ALA D 399 -10.13 -62.06 -32.09
CA ALA D 399 -8.81 -62.68 -32.14
C ALA D 399 -7.87 -61.88 -31.23
N ASN D 400 -8.15 -60.55 -31.09
CA ASN D 400 -7.42 -59.59 -30.25
C ASN D 400 -8.05 -59.44 -28.86
N ILE D 401 -8.96 -60.35 -28.49
CA ILE D 401 -9.60 -60.34 -27.18
C ILE D 401 -9.07 -61.53 -26.39
N GLY D 402 -8.27 -61.20 -25.38
CA GLY D 402 -7.63 -62.15 -24.48
C GLY D 402 -6.30 -61.60 -23.99
N ASN D 403 -5.60 -62.38 -23.17
CA ASN D 403 -4.28 -62.07 -22.58
C ASN D 403 -4.17 -60.62 -22.11
N MET D 404 -4.83 -60.37 -20.94
CA MET D 404 -4.88 -59.07 -20.26
C MET D 404 -3.96 -59.04 -19.03
N VAL D 405 -3.22 -57.91 -18.83
CA VAL D 405 -2.30 -57.69 -17.70
C VAL D 405 -2.44 -56.32 -17.08
N ALA D 406 -2.39 -56.25 -15.71
CA ALA D 406 -2.51 -55.01 -14.95
C ALA D 406 -1.15 -54.51 -14.52
N ILE D 407 -0.73 -53.38 -15.10
CA ILE D 407 0.57 -52.76 -14.79
C ILE D 407 0.26 -51.37 -14.29
N GLY D 408 0.43 -51.18 -12.98
CA GLY D 408 0.16 -49.92 -12.29
C GLY D 408 -1.30 -49.55 -12.38
N ASN D 409 -1.59 -48.32 -12.81
CA ASN D 409 -2.97 -47.87 -12.92
C ASN D 409 -3.65 -48.23 -14.27
N SER D 410 -3.01 -49.08 -15.10
CA SER D 410 -3.58 -49.49 -16.38
C SER D 410 -3.78 -51.00 -16.51
N VAL D 411 -4.73 -51.40 -17.38
CA VAL D 411 -5.00 -52.80 -17.74
C VAL D 411 -4.87 -52.93 -19.24
N PHE D 412 -4.05 -53.88 -19.68
CA PHE D 412 -3.74 -54.09 -21.09
C PHE D 412 -4.30 -55.41 -21.61
N ILE D 413 -4.78 -55.40 -22.86
CA ILE D 413 -5.28 -56.57 -23.60
C ILE D 413 -4.39 -56.76 -24.84
N PHE D 414 -3.56 -57.81 -24.83
CA PHE D 414 -2.65 -58.09 -25.92
C PHE D 414 -3.24 -58.97 -27.00
N GLY D 415 -4.30 -59.68 -26.66
CA GLY D 415 -5.01 -60.54 -27.60
C GLY D 415 -4.76 -62.01 -27.40
N GLY D 416 -5.56 -62.82 -28.08
CA GLY D 416 -5.47 -64.28 -28.01
C GLY D 416 -4.80 -64.90 -29.22
N ASN D 417 -4.85 -66.25 -29.30
CA ASN D 417 -4.27 -67.03 -30.41
C ASN D 417 -5.15 -66.93 -31.68
N GLY D 418 -6.33 -66.32 -31.54
CA GLY D 418 -7.26 -66.12 -32.64
C GLY D 418 -8.05 -67.34 -33.05
N HIS D 419 -8.01 -68.43 -32.23
CA HIS D 419 -8.74 -69.67 -32.52
C HIS D 419 -10.23 -69.55 -32.42
N ALA D 420 -10.71 -68.59 -31.62
CA ALA D 420 -12.13 -68.34 -31.42
C ALA D 420 -12.86 -68.00 -32.69
N THR D 421 -12.18 -67.34 -33.65
CA THR D 421 -12.73 -66.94 -34.96
C THR D 421 -11.99 -67.59 -36.19
N LYS D 422 -10.90 -68.37 -35.94
CA LYS D 422 -10.10 -69.00 -37.00
C LYS D 422 -10.79 -70.19 -37.68
N MET D 423 -10.91 -70.08 -39.03
CA MET D 423 -11.43 -71.09 -39.94
C MET D 423 -10.20 -71.70 -40.62
N PHE D 424 -10.37 -72.72 -41.48
CA PHE D 424 -9.23 -73.36 -42.17
C PHE D 424 -8.59 -72.42 -43.16
N THR D 425 -9.41 -71.52 -43.76
CA THR D 425 -8.94 -70.57 -44.76
C THR D 425 -8.93 -69.08 -44.24
N THR D 426 -8.94 -68.92 -42.92
CA THR D 426 -8.88 -67.58 -42.32
C THR D 426 -7.71 -67.53 -41.32
N ASN D 427 -7.18 -66.33 -41.09
CA ASN D 427 -6.09 -66.14 -40.12
C ASN D 427 -6.35 -64.89 -39.26
N PRO D 428 -7.42 -64.91 -38.40
CA PRO D 428 -7.69 -63.76 -37.54
C PRO D 428 -6.61 -63.67 -36.46
N LEU D 429 -6.00 -62.49 -36.31
CA LEU D 429 -4.93 -62.32 -35.35
C LEU D 429 -5.01 -60.98 -34.60
N SER D 430 -4.23 -60.89 -33.49
CA SER D 430 -4.14 -59.68 -32.67
C SER D 430 -3.30 -58.66 -33.42
N ILE D 431 -3.93 -57.55 -33.85
CA ILE D 431 -3.27 -56.48 -34.60
C ILE D 431 -2.51 -55.49 -33.69
N GLY D 432 -2.94 -55.38 -32.42
CA GLY D 432 -2.34 -54.49 -31.44
C GLY D 432 -2.67 -54.78 -29.99
N VAL D 433 -2.53 -53.74 -29.13
CA VAL D 433 -2.79 -53.77 -27.67
C VAL D 433 -3.86 -52.75 -27.33
N PHE D 434 -4.78 -53.15 -26.43
CA PHE D 434 -5.84 -52.30 -25.89
C PHE D 434 -5.46 -51.92 -24.45
N ARG D 435 -5.72 -50.68 -24.01
CA ARG D 435 -5.37 -50.29 -22.66
C ARG D 435 -6.37 -49.39 -21.99
N ILE D 436 -6.93 -49.91 -20.89
CA ILE D 436 -7.81 -49.17 -20.03
C ILE D 436 -6.97 -48.54 -18.93
N LYS D 437 -6.83 -47.20 -19.02
CA LYS D 437 -6.08 -46.38 -18.06
C LYS D 437 -7.05 -45.87 -16.98
N TYR D 438 -6.97 -46.53 -15.81
CA TYR D 438 -7.77 -46.23 -14.63
C TYR D 438 -7.13 -45.12 -13.80
N THR D 439 -7.97 -44.22 -13.30
CA THR D 439 -7.55 -43.06 -12.52
C THR D 439 -8.36 -42.96 -11.21
N ASP D 440 -7.95 -42.05 -10.32
CA ASP D 440 -8.65 -41.72 -9.07
C ASP D 440 -9.12 -42.99 -8.32
N ASN D 441 -8.15 -43.77 -7.82
CA ASN D 441 -8.38 -45.05 -7.11
C ASN D 441 -9.27 -46.01 -7.91
N PHE D 442 -9.04 -46.02 -9.24
CA PHE D 442 -9.74 -46.87 -10.21
C PHE D 442 -11.25 -46.56 -10.27
N SER D 443 -11.60 -45.26 -10.08
CA SER D 443 -12.98 -44.74 -10.13
C SER D 443 -13.30 -44.14 -11.49
N LYS D 444 -12.28 -43.76 -12.25
CA LYS D 444 -12.42 -43.22 -13.61
C LYS D 444 -11.60 -44.10 -14.55
N SER D 445 -11.98 -44.15 -15.85
CA SER D 445 -11.30 -44.99 -16.83
C SER D 445 -11.20 -44.34 -18.20
N SER D 446 -10.24 -44.80 -19.03
CA SER D 446 -10.01 -44.32 -20.38
C SER D 446 -9.57 -45.51 -21.25
N VAL D 447 -10.29 -45.80 -22.36
CA VAL D 447 -9.94 -46.94 -23.22
C VAL D 447 -9.33 -46.48 -24.54
N THR D 448 -8.22 -47.17 -24.94
CA THR D 448 -7.44 -46.91 -26.16
C THR D 448 -6.82 -48.19 -26.74
N GLY D 449 -6.44 -48.12 -28.01
CA GLY D 449 -5.80 -49.22 -28.72
C GLY D 449 -4.67 -48.72 -29.60
N TRP D 450 -3.49 -49.38 -29.52
CA TRP D 450 -2.34 -49.04 -30.36
C TRP D 450 -1.99 -50.27 -31.20
N PRO D 451 -1.83 -50.14 -32.54
CA PRO D 451 -1.45 -51.31 -33.36
C PRO D 451 0.01 -51.72 -33.10
N TYR D 452 0.30 -53.04 -33.13
CA TYR D 452 1.65 -53.58 -32.90
C TYR D 452 2.65 -52.93 -33.82
N ALA D 453 2.24 -52.62 -35.07
CA ALA D 453 3.05 -51.96 -36.08
C ALA D 453 3.80 -50.74 -35.60
N VAL D 454 3.14 -49.86 -34.81
CA VAL D 454 3.77 -48.65 -34.28
C VAL D 454 4.63 -49.00 -33.07
N LEU D 455 4.16 -49.92 -32.21
CA LEU D 455 4.88 -50.38 -31.02
C LEU D 455 6.18 -51.11 -31.37
N PHE D 456 6.24 -51.69 -32.57
CA PHE D 456 7.39 -52.46 -33.09
C PHE D 456 8.23 -51.71 -34.17
N GLY D 457 7.99 -50.41 -34.35
CA GLY D 457 8.69 -49.60 -35.34
C GLY D 457 10.19 -49.46 -35.11
N GLY D 458 10.58 -49.46 -33.84
CA GLY D 458 11.98 -49.33 -33.41
C GLY D 458 12.84 -50.57 -33.51
N LEU D 459 12.30 -51.64 -34.16
CA LEU D 459 12.97 -52.93 -34.32
C LEU D 459 14.24 -52.90 -35.19
N ILE D 460 15.34 -53.41 -34.61
CA ILE D 460 16.70 -53.48 -35.16
C ILE D 460 17.37 -54.81 -34.81
N ASN D 461 18.23 -55.28 -35.72
CA ASN D 461 18.95 -56.54 -35.64
C ASN D 461 19.59 -56.77 -34.27
N PRO D 462 20.33 -55.79 -33.68
CA PRO D 462 20.97 -56.01 -32.38
C PRO D 462 20.04 -56.47 -31.21
N GLN D 463 18.72 -56.30 -31.34
CA GLN D 463 17.79 -56.72 -30.30
C GLN D 463 17.69 -58.29 -30.18
N THR D 464 18.00 -59.01 -31.29
CA THR D 464 17.97 -60.48 -31.33
C THR D 464 19.36 -61.06 -31.23
N ASN D 465 19.46 -62.32 -30.77
CA ASN D 465 20.74 -63.04 -30.61
C ASN D 465 20.76 -64.32 -31.45
N GLY D 466 19.71 -64.50 -32.22
CA GLY D 466 19.55 -65.62 -33.13
C GLY D 466 19.70 -65.18 -34.56
N LEU D 467 18.68 -65.47 -35.41
CA LEU D 467 18.69 -65.11 -36.83
C LEU D 467 18.58 -63.62 -37.03
N LYS D 468 19.38 -63.10 -37.98
CA LYS D 468 19.46 -61.68 -38.30
C LYS D 468 18.89 -61.39 -39.69
N ASP D 469 18.52 -60.14 -39.92
CA ASP D 469 17.96 -59.59 -41.16
C ASP D 469 16.57 -60.14 -41.50
N LEU D 470 15.83 -60.59 -40.46
CA LEU D 470 14.46 -61.09 -40.63
C LEU D 470 13.54 -59.94 -41.11
N PRO D 471 12.55 -60.20 -41.99
CA PRO D 471 11.67 -59.11 -42.43
C PRO D 471 10.69 -58.61 -41.36
N LEU D 472 11.19 -57.76 -40.43
CA LEU D 472 10.42 -57.15 -39.33
C LEU D 472 10.54 -55.60 -39.32
N GLY D 473 11.20 -55.09 -40.34
CA GLY D 473 11.42 -53.67 -40.57
C GLY D 473 10.21 -53.02 -41.21
N THR D 474 10.06 -51.69 -40.98
CA THR D 474 8.97 -50.87 -41.49
C THR D 474 9.56 -49.53 -41.91
N ASN D 475 8.74 -48.49 -42.06
CA ASN D 475 9.16 -47.14 -42.51
C ASN D 475 8.10 -46.12 -42.12
N ARG D 476 8.33 -44.80 -42.44
CA ARG D 476 7.43 -43.68 -42.09
C ARG D 476 5.96 -43.99 -42.31
N TRP D 477 5.62 -44.64 -43.46
CA TRP D 477 4.27 -45.14 -43.79
C TRP D 477 4.40 -46.58 -43.28
N PHE D 478 3.68 -46.96 -42.22
CA PHE D 478 3.94 -48.28 -41.63
C PHE D 478 3.39 -49.42 -42.49
N GLU D 479 4.17 -49.83 -43.47
CA GLU D 479 3.84 -50.84 -44.45
C GLU D 479 3.92 -52.24 -43.90
N TYR D 480 4.75 -52.45 -42.87
CA TYR D 480 4.82 -53.75 -42.22
C TYR D 480 3.77 -53.71 -41.14
N VAL D 481 2.85 -54.68 -41.22
CA VAL D 481 1.70 -54.85 -40.34
C VAL D 481 1.87 -56.13 -39.48
N PRO D 482 2.68 -56.10 -38.39
CA PRO D 482 2.78 -57.29 -37.54
C PRO D 482 1.45 -57.54 -36.82
N ARG D 483 1.10 -58.83 -36.79
CA ARG D 483 -0.08 -59.38 -36.11
C ARG D 483 0.42 -60.60 -35.33
N MET D 484 -0.29 -60.97 -34.25
CA MET D 484 0.15 -62.08 -33.40
C MET D 484 -0.95 -63.11 -33.01
N ALA D 485 -0.47 -64.31 -32.67
CA ALA D 485 -1.23 -65.39 -32.06
C ALA D 485 -0.54 -65.44 -30.66
N VAL D 486 -0.97 -64.50 -29.79
CA VAL D 486 -0.46 -64.25 -28.46
C VAL D 486 -0.59 -65.45 -27.50
N SER D 487 0.57 -65.91 -27.00
CA SER D 487 0.70 -66.97 -26.00
C SER D 487 0.34 -66.38 -24.63
N GLY D 488 0.83 -65.17 -24.38
CA GLY D 488 0.58 -64.43 -23.15
C GLY D 488 1.55 -63.31 -22.93
N VAL D 489 1.28 -62.48 -21.93
CA VAL D 489 2.17 -61.41 -21.49
C VAL D 489 2.33 -61.67 -20.01
N LYS D 490 3.56 -61.89 -19.59
CA LYS D 490 3.85 -62.22 -18.21
C LYS D 490 5.17 -61.62 -17.73
N TRP D 491 5.33 -61.56 -16.41
CA TRP D 491 6.57 -61.06 -15.84
C TRP D 491 7.46 -62.25 -15.67
N VAL D 492 8.63 -62.23 -16.31
CA VAL D 492 9.62 -63.28 -16.15
C VAL D 492 10.67 -62.56 -15.35
N GLY D 493 10.66 -62.80 -14.05
CA GLY D 493 11.51 -62.07 -13.14
C GLY D 493 10.99 -60.64 -13.06
N ASN D 494 11.85 -59.67 -13.38
CA ASN D 494 11.51 -58.26 -13.37
C ASN D 494 11.32 -57.76 -14.78
N GLN D 495 11.27 -58.68 -15.75
CA GLN D 495 11.14 -58.33 -17.18
C GLN D 495 9.77 -58.66 -17.73
N LEU D 496 9.20 -57.76 -18.54
CA LEU D 496 7.85 -58.03 -19.08
C LEU D 496 7.91 -58.72 -20.44
N VAL D 497 7.51 -60.01 -20.50
CA VAL D 497 7.61 -60.79 -21.73
C VAL D 497 6.28 -61.01 -22.40
N LEU D 498 6.22 -60.65 -23.70
CA LEU D 498 5.09 -60.89 -24.59
C LEU D 498 5.58 -62.01 -25.50
N ALA D 499 4.90 -63.17 -25.52
CA ALA D 499 5.31 -64.31 -26.33
C ALA D 499 4.20 -64.82 -27.28
N GLY D 500 4.54 -65.72 -28.19
CA GLY D 500 3.61 -66.31 -29.14
C GLY D 500 4.18 -66.36 -30.54
N THR D 501 3.32 -66.24 -31.57
CA THR D 501 3.79 -66.26 -32.97
C THR D 501 3.37 -65.00 -33.71
N LEU D 502 4.33 -64.46 -34.47
CA LEU D 502 4.26 -63.20 -35.21
C LEU D 502 4.22 -63.37 -36.72
N THR D 503 3.52 -62.45 -37.38
CA THR D 503 3.46 -62.41 -38.82
C THR D 503 4.58 -61.49 -39.31
N MET D 504 5.64 -62.10 -39.88
CA MET D 504 6.77 -61.40 -40.47
C MET D 504 6.26 -60.75 -41.82
N GLY D 505 7.16 -59.99 -42.44
CA GLY D 505 6.94 -59.36 -43.74
C GLY D 505 6.91 -60.42 -44.83
N ASP D 506 6.31 -60.08 -45.99
CA ASP D 506 6.26 -61.04 -47.08
C ASP D 506 7.60 -61.21 -47.72
N THR D 507 7.99 -62.48 -47.83
CA THR D 507 9.29 -62.94 -48.30
C THR D 507 9.16 -63.83 -49.56
N ALA D 508 8.09 -64.62 -49.67
CA ALA D 508 7.84 -65.54 -50.80
C ALA D 508 7.39 -64.90 -52.11
N THR D 509 6.94 -63.62 -52.06
CA THR D 509 6.46 -62.92 -53.25
C THR D 509 7.33 -61.67 -53.56
N VAL D 510 8.47 -61.55 -52.83
CA VAL D 510 9.50 -60.51 -53.02
C VAL D 510 10.00 -60.49 -54.48
N PRO D 511 10.43 -61.64 -55.08
CA PRO D 511 10.80 -61.58 -56.51
C PRO D 511 9.55 -61.37 -57.41
N ARG D 512 9.74 -60.71 -58.57
CA ARG D 512 8.65 -60.49 -59.51
C ARG D 512 8.92 -61.21 -60.82
N LEU D 513 7.89 -61.73 -61.49
CA LEU D 513 8.07 -62.45 -62.75
C LEU D 513 8.24 -61.54 -63.96
N LYS D 514 8.78 -62.10 -65.07
CA LYS D 514 8.89 -61.44 -66.37
C LYS D 514 7.48 -61.60 -66.95
N TYR D 515 6.87 -60.49 -67.44
CA TYR D 515 5.46 -60.43 -67.89
C TYR D 515 4.95 -61.64 -68.69
N ASP D 516 5.81 -62.37 -69.39
CA ASP D 516 5.33 -63.54 -70.13
C ASP D 516 5.29 -64.82 -69.29
N GLN D 517 6.23 -64.98 -68.34
CA GLN D 517 6.40 -66.19 -67.55
C GLN D 517 5.27 -66.55 -66.53
N LEU D 518 4.09 -65.90 -66.59
CA LEU D 518 3.01 -66.16 -65.64
C LEU D 518 2.46 -67.58 -65.61
N GLU D 519 2.23 -68.18 -66.79
CA GLU D 519 1.58 -69.51 -66.88
C GLU D 519 2.50 -70.68 -66.53
N LYS D 520 3.82 -70.47 -66.55
CA LYS D 520 4.79 -71.53 -66.19
C LYS D 520 5.01 -71.63 -64.67
N HIS D 521 4.79 -70.50 -63.94
CA HIS D 521 5.03 -70.29 -62.51
C HIS D 521 3.79 -70.15 -61.64
N LEU D 522 2.78 -70.96 -61.92
CA LEU D 522 1.45 -70.91 -61.27
C LEU D 522 1.44 -70.83 -59.73
N ASN D 523 2.24 -71.67 -59.04
CA ASN D 523 2.31 -71.69 -57.58
C ASN D 523 2.64 -70.29 -57.06
N LEU D 524 3.71 -69.66 -57.62
CA LEU D 524 4.16 -68.31 -57.29
C LEU D 524 3.10 -67.23 -57.55
N VAL D 525 2.37 -67.33 -58.70
CA VAL D 525 1.36 -66.36 -59.11
C VAL D 525 0.27 -66.37 -58.08
N ALA D 526 -0.19 -67.59 -57.68
CA ALA D 526 -1.24 -67.83 -56.69
C ALA D 526 -0.88 -67.29 -55.32
N GLN D 527 0.42 -67.28 -54.97
CA GLN D 527 0.92 -66.71 -53.72
C GLN D 527 0.69 -65.18 -53.78
N GLY D 528 0.93 -64.55 -54.93
CA GLY D 528 0.72 -63.11 -55.09
C GLY D 528 -0.75 -62.76 -55.27
N GLN D 529 -1.49 -63.68 -55.86
CA GLN D 529 -2.90 -63.56 -56.17
C GLN D 529 -3.77 -63.65 -54.92
N GLY D 530 -3.21 -64.17 -53.85
CA GLY D 530 -3.97 -64.35 -52.63
C GLY D 530 -4.67 -65.69 -52.53
N LEU D 531 -4.60 -66.53 -53.60
CA LEU D 531 -5.21 -67.87 -53.66
C LEU D 531 -4.41 -68.92 -52.85
N LEU D 532 -3.08 -69.01 -53.09
CA LEU D 532 -2.22 -69.92 -52.34
C LEU D 532 -1.73 -69.17 -51.12
N ARG D 533 -2.34 -69.48 -49.95
CA ARG D 533 -1.98 -68.83 -48.69
C ARG D 533 -0.70 -69.43 -48.03
N GLU D 534 0.33 -69.72 -48.85
CA GLU D 534 1.59 -70.26 -48.41
C GLU D 534 2.61 -69.18 -48.19
N ASP D 535 3.14 -69.09 -46.98
CA ASP D 535 4.12 -68.07 -46.61
C ASP D 535 5.58 -68.43 -46.97
N LEU D 536 5.87 -69.76 -47.03
CA LEU D 536 7.17 -70.31 -47.39
C LEU D 536 7.51 -69.95 -48.82
N GLN D 537 8.79 -69.78 -49.08
CA GLN D 537 9.30 -69.44 -50.40
C GLN D 537 9.27 -70.65 -51.30
N ILE D 538 8.55 -70.54 -52.40
CA ILE D 538 8.56 -71.65 -53.35
C ILE D 538 9.64 -71.35 -54.38
N PHE D 539 10.53 -72.33 -54.60
CA PHE D 539 11.65 -72.23 -55.52
C PHE D 539 11.22 -72.45 -56.98
N THR D 540 10.81 -71.36 -57.65
CA THR D 540 10.43 -71.33 -59.06
C THR D 540 11.15 -70.07 -59.58
N PRO D 541 12.48 -70.14 -59.84
CA PRO D 541 13.23 -68.91 -60.14
C PRO D 541 13.44 -68.55 -61.60
N TYR D 542 13.26 -69.53 -62.51
CA TYR D 542 13.48 -69.31 -63.95
C TYR D 542 12.85 -68.03 -64.51
N GLY D 543 11.56 -67.87 -64.27
CA GLY D 543 10.75 -66.78 -64.79
C GLY D 543 10.89 -65.41 -64.17
N TRP D 544 11.64 -65.32 -63.05
CA TRP D 544 11.85 -64.07 -62.34
C TRP D 544 12.47 -63.03 -63.23
N ALA D 545 12.03 -61.78 -63.09
CA ALA D 545 12.63 -60.63 -63.77
C ALA D 545 13.91 -60.36 -63.00
N ASN D 546 14.99 -59.93 -63.71
CA ASN D 546 16.29 -59.65 -63.10
C ASN D 546 16.23 -58.78 -61.84
N ARG D 547 15.23 -57.85 -61.78
CA ARG D 547 14.95 -56.97 -60.65
C ARG D 547 13.44 -56.77 -60.50
N PRO D 548 12.89 -56.78 -59.26
CA PRO D 548 11.44 -56.57 -59.10
C PRO D 548 11.04 -55.09 -59.25
N ASP D 549 11.98 -54.14 -59.07
CA ASP D 549 11.70 -52.71 -59.15
C ASP D 549 11.74 -52.07 -60.57
N ILE D 550 11.93 -52.87 -61.66
CA ILE D 550 11.93 -52.38 -63.08
C ILE D 550 10.50 -51.93 -63.43
N PRO D 551 10.31 -50.67 -63.88
CA PRO D 551 8.97 -50.19 -64.21
C PRO D 551 8.51 -50.67 -65.58
N VAL D 552 7.18 -50.81 -65.78
CA VAL D 552 6.52 -51.33 -67.00
C VAL D 552 7.04 -50.74 -68.32
N GLY D 553 7.39 -49.45 -68.33
CA GLY D 553 7.93 -48.78 -69.50
C GLY D 553 9.17 -49.42 -70.10
N ALA D 554 10.00 -50.02 -69.22
CA ALA D 554 11.25 -50.68 -69.57
C ALA D 554 11.10 -52.18 -69.93
N TRP D 555 9.87 -52.72 -69.89
CA TRP D 555 9.65 -54.14 -70.14
C TRP D 555 9.75 -54.54 -71.61
N LEU D 556 9.51 -53.59 -72.53
CA LEU D 556 9.50 -53.95 -73.94
C LEU D 556 10.62 -53.33 -74.75
N GLN D 557 11.79 -53.11 -74.14
CA GLN D 557 12.95 -52.61 -74.88
C GLN D 557 13.48 -53.70 -75.80
N ASP D 558 13.61 -54.90 -75.25
CA ASP D 558 14.02 -56.08 -75.99
C ASP D 558 12.88 -57.07 -75.85
N GLU D 559 12.02 -57.12 -76.87
CA GLU D 559 10.86 -57.99 -76.91
C GLU D 559 11.27 -59.38 -77.38
N MET D 560 12.08 -59.43 -78.47
CA MET D 560 12.58 -60.66 -79.09
C MET D 560 13.41 -61.48 -78.14
N GLY D 561 14.11 -60.79 -77.25
CA GLY D 561 14.94 -61.40 -76.22
C GLY D 561 16.39 -61.50 -76.60
N SER D 562 16.65 -61.60 -77.91
CA SER D 562 17.97 -61.73 -78.54
C SER D 562 19.08 -60.86 -77.95
N LYS D 563 18.75 -59.61 -77.61
CA LYS D 563 19.66 -58.62 -77.04
C LYS D 563 20.01 -58.92 -75.59
N PHE D 564 19.30 -59.86 -74.92
CA PHE D 564 19.40 -60.20 -73.49
C PHE D 564 19.21 -58.92 -72.71
N GLY D 565 18.18 -58.17 -73.15
CA GLY D 565 17.74 -56.86 -72.68
C GLY D 565 18.45 -56.44 -71.42
N PRO D 566 19.48 -55.59 -71.52
CA PRO D 566 20.27 -55.24 -70.31
C PRO D 566 19.44 -54.69 -69.14
N HIS D 567 18.35 -54.01 -69.50
CA HIS D 567 17.39 -53.38 -68.62
C HIS D 567 16.56 -54.43 -67.87
N TYR D 568 15.66 -55.11 -68.59
CA TYR D 568 14.70 -56.10 -68.14
C TYR D 568 14.99 -57.44 -68.83
N PHE D 569 15.35 -58.46 -68.05
CA PHE D 569 15.64 -59.80 -68.59
C PHE D 569 15.37 -60.92 -67.57
N LEU D 570 15.26 -62.20 -68.03
CA LEU D 570 15.07 -63.35 -67.14
C LEU D 570 16.26 -63.50 -66.22
N ASN D 571 16.03 -63.27 -64.92
CA ASN D 571 16.99 -63.33 -63.83
C ASN D 571 17.90 -64.54 -63.94
N ASN D 572 19.22 -64.28 -64.12
CA ASN D 572 20.27 -65.28 -64.21
C ASN D 572 21.56 -64.66 -63.66
N PRO D 573 22.07 -65.13 -62.49
CA PRO D 573 23.26 -64.50 -61.93
C PRO D 573 24.54 -64.75 -62.71
N ASP D 574 24.53 -65.68 -63.67
CA ASP D 574 25.72 -66.01 -64.47
C ASP D 574 26.01 -64.94 -65.49
N ILE D 575 24.97 -64.33 -66.08
CA ILE D 575 25.12 -63.26 -67.07
C ILE D 575 25.14 -61.84 -66.42
N GLN D 576 25.33 -61.77 -65.10
CA GLN D 576 25.42 -60.50 -64.39
C GLN D 576 26.78 -59.86 -64.69
N ASP D 577 26.86 -58.51 -64.55
CA ASP D 577 28.09 -57.78 -64.80
C ASP D 577 29.00 -57.76 -63.59
N ASN D 578 30.31 -57.62 -63.83
CA ASN D 578 31.34 -57.53 -62.80
C ASN D 578 31.38 -56.15 -62.14
N VAL D 579 32.12 -56.03 -61.05
CA VAL D 579 32.19 -54.75 -60.37
C VAL D 579 33.49 -53.98 -60.73
N ASN D 580 34.21 -54.44 -61.79
CA ASN D 580 35.45 -53.76 -62.24
C ASN D 580 35.16 -52.34 -62.66
N ASN D 581 36.00 -51.38 -62.20
CA ASN D 581 35.88 -49.95 -62.43
C ASN D 581 35.41 -49.60 -63.82
N ASP D 582 35.98 -50.24 -64.85
CA ASP D 582 35.64 -50.01 -66.24
C ASP D 582 34.19 -50.35 -66.57
N THR D 583 33.69 -51.49 -66.04
CA THR D 583 32.31 -51.95 -66.23
C THR D 583 31.31 -50.94 -65.62
N VAL D 584 31.53 -50.57 -64.34
CA VAL D 584 30.71 -49.64 -63.55
C VAL D 584 30.72 -48.23 -64.14
N GLU D 585 31.92 -47.76 -64.53
CA GLU D 585 32.17 -46.45 -65.08
C GLU D 585 31.33 -46.24 -66.32
N ALA D 586 31.38 -47.21 -67.24
CA ALA D 586 30.68 -47.14 -68.51
C ALA D 586 29.21 -47.39 -68.44
N LEU D 587 28.78 -48.39 -67.65
CA LEU D 587 27.36 -48.80 -67.58
C LEU D 587 26.52 -48.10 -66.50
N ILE D 588 27.16 -47.50 -65.45
CA ILE D 588 26.38 -46.86 -64.39
C ILE D 588 26.69 -45.36 -64.24
N SER D 589 27.93 -44.98 -63.82
CA SER D 589 28.30 -43.57 -63.55
C SER D 589 28.27 -42.64 -64.78
N SER D 590 28.16 -43.21 -65.98
CA SER D 590 28.03 -42.46 -67.22
C SER D 590 26.71 -41.69 -67.24
N TYR D 591 25.66 -42.26 -66.63
CA TYR D 591 24.31 -41.70 -66.52
C TYR D 591 24.13 -41.16 -65.10
N LYS D 592 23.73 -39.89 -64.98
CA LYS D 592 23.57 -39.27 -63.67
C LYS D 592 22.14 -38.84 -63.44
N ASN D 593 21.52 -39.31 -62.34
CA ASN D 593 20.14 -38.98 -61.99
C ASN D 593 20.07 -37.58 -61.44
N THR D 594 18.88 -36.97 -61.54
CA THR D 594 18.66 -35.60 -61.07
C THR D 594 17.38 -35.46 -60.27
N ASP D 595 16.97 -34.21 -60.11
CA ASP D 595 15.76 -33.71 -59.48
C ASP D 595 14.51 -34.18 -60.24
N LYS D 596 14.61 -34.21 -61.56
CA LYS D 596 13.53 -34.57 -62.47
C LYS D 596 13.86 -35.79 -63.35
N LEU D 597 14.88 -36.59 -62.98
CA LEU D 597 15.26 -37.74 -63.80
C LEU D 597 15.88 -38.88 -63.03
N LYS D 598 15.41 -40.12 -63.30
CA LYS D 598 15.94 -41.37 -62.76
C LYS D 598 16.24 -42.28 -63.97
N HIS D 599 17.20 -43.21 -63.85
CA HIS D 599 17.58 -44.08 -64.96
C HIS D 599 17.35 -45.57 -64.73
N VAL D 600 16.92 -46.29 -65.79
CA VAL D 600 16.78 -47.74 -65.76
C VAL D 600 18.08 -48.18 -66.39
N TYR D 601 19.10 -48.33 -65.56
CA TYR D 601 20.48 -48.64 -65.95
C TYR D 601 20.62 -49.89 -66.82
N PRO D 602 21.52 -49.84 -67.85
CA PRO D 602 21.74 -51.02 -68.69
C PRO D 602 22.74 -52.04 -68.11
N TYR D 603 23.23 -51.80 -66.87
CA TYR D 603 24.10 -52.69 -66.15
C TYR D 603 23.25 -53.93 -65.83
N ARG D 604 23.75 -55.12 -66.16
CA ARG D 604 23.03 -56.37 -65.93
C ARG D 604 23.06 -56.78 -64.45
N TYR D 605 21.96 -56.48 -63.71
CA TYR D 605 21.84 -56.89 -62.30
C TYR D 605 20.98 -58.14 -62.35
N SER D 606 21.16 -59.04 -61.36
CA SER D 606 20.40 -60.28 -61.14
C SER D 606 21.05 -61.12 -60.04
N GLY D 607 20.23 -61.94 -59.38
CA GLY D 607 20.62 -62.81 -58.28
C GLY D 607 19.50 -63.69 -57.81
N LEU D 608 19.83 -64.71 -57.01
CA LEU D 608 18.83 -65.66 -56.50
C LEU D 608 18.25 -65.24 -55.14
N TYR D 609 17.21 -65.94 -54.66
CA TYR D 609 16.42 -65.65 -53.45
C TYR D 609 17.10 -64.74 -52.43
N ALA D 610 18.24 -65.15 -51.87
CA ALA D 610 19.00 -64.37 -50.90
C ALA D 610 19.24 -62.89 -51.33
N TRP D 611 19.74 -62.68 -52.54
CA TRP D 611 20.00 -61.36 -53.13
C TRP D 611 18.70 -60.55 -53.34
N GLN D 612 17.67 -61.18 -53.96
CA GLN D 612 16.36 -60.56 -54.22
C GLN D 612 15.74 -60.07 -52.90
N LEU D 613 15.83 -60.90 -51.84
CA LEU D 613 15.32 -60.58 -50.51
C LEU D 613 16.14 -59.50 -49.90
N PHE D 614 17.47 -59.65 -49.94
CA PHE D 614 18.43 -58.68 -49.38
C PHE D 614 18.12 -57.25 -49.81
N ASN D 615 17.74 -57.04 -51.08
CA ASN D 615 17.49 -55.70 -51.57
C ASN D 615 16.03 -55.30 -51.58
N TRP D 616 15.09 -56.22 -51.70
CA TRP D 616 13.70 -55.79 -51.80
C TRP D 616 12.77 -56.31 -50.72
N SER D 617 13.31 -56.91 -49.64
CA SER D 617 12.50 -57.33 -48.50
C SER D 617 12.66 -56.28 -47.37
N ASN D 618 11.74 -56.35 -46.37
CA ASN D 618 11.75 -55.46 -45.21
C ASN D 618 12.66 -56.00 -44.09
N LYS D 619 13.89 -56.37 -44.47
CA LYS D 619 14.93 -56.88 -43.58
C LYS D 619 15.24 -55.89 -42.47
N LEU D 620 15.65 -56.44 -41.33
CA LEU D 620 16.07 -55.70 -40.16
C LEU D 620 17.49 -55.17 -40.38
N THR D 621 17.76 -53.95 -39.91
CA THR D 621 19.13 -53.42 -40.00
C THR D 621 19.61 -52.92 -38.63
N ASN D 622 20.51 -51.96 -38.62
CA ASN D 622 20.97 -51.38 -37.37
C ASN D 622 20.20 -50.08 -37.06
N THR D 623 19.48 -49.53 -38.04
CA THR D 623 18.66 -48.32 -37.91
C THR D 623 17.17 -48.69 -37.98
N PRO D 624 16.25 -48.00 -37.27
CA PRO D 624 14.84 -48.39 -37.35
C PRO D 624 14.14 -47.66 -38.49
N LEU D 625 12.95 -48.12 -38.91
CA LEU D 625 12.15 -47.49 -40.00
C LEU D 625 13.00 -47.32 -41.31
N SER D 626 13.88 -48.31 -41.51
CA SER D 626 14.91 -48.46 -42.53
C SER D 626 14.50 -49.17 -43.81
N ALA D 627 13.37 -49.87 -43.82
CA ALA D 627 12.93 -50.63 -44.99
C ALA D 627 12.36 -49.76 -46.09
N ASN D 628 13.11 -49.61 -47.21
CA ASN D 628 12.57 -48.85 -48.34
C ASN D 628 11.60 -49.73 -49.14
N PHE D 629 11.70 -51.04 -48.94
CA PHE D 629 10.86 -52.02 -49.59
C PHE D 629 10.27 -52.93 -48.54
N VAL D 630 8.93 -52.95 -48.44
CA VAL D 630 8.11 -53.85 -47.61
C VAL D 630 7.19 -54.39 -48.72
N ASN D 631 7.38 -55.66 -49.11
CA ASN D 631 6.63 -56.24 -50.23
C ASN D 631 5.13 -56.29 -49.91
N GLU D 632 4.78 -57.14 -48.94
CA GLU D 632 3.44 -57.33 -48.40
C GLU D 632 3.60 -57.90 -46.98
N ASN D 633 2.53 -58.48 -46.42
CA ASN D 633 2.56 -59.12 -45.10
C ASN D 633 2.10 -60.57 -45.20
N SER D 634 2.67 -61.45 -44.33
CA SER D 634 2.35 -62.88 -44.33
C SER D 634 0.88 -63.17 -44.03
N TYR D 635 0.39 -64.29 -44.56
CA TYR D 635 -0.99 -64.74 -44.38
C TYR D 635 -1.21 -65.22 -42.97
N ALA D 636 -0.32 -66.14 -42.54
CA ALA D 636 -0.32 -66.81 -41.25
C ALA D 636 0.88 -66.43 -40.41
N PRO D 637 0.83 -66.56 -39.05
CA PRO D 637 2.04 -66.27 -38.26
C PRO D 637 3.17 -67.16 -38.76
N ASN D 638 4.30 -66.56 -39.17
CA ASN D 638 5.37 -67.37 -39.73
C ASN D 638 6.62 -67.34 -38.89
N SER D 639 6.52 -66.85 -37.65
CA SER D 639 7.68 -66.76 -36.77
C SER D 639 7.43 -66.88 -35.29
N LEU D 640 8.32 -67.63 -34.58
CA LEU D 640 8.27 -67.73 -33.12
C LEU D 640 8.67 -66.37 -32.63
N PHE D 641 8.03 -65.87 -31.57
CA PHE D 641 8.37 -64.52 -31.12
C PHE D 641 8.09 -64.30 -29.69
N ALA D 642 9.09 -63.80 -28.97
CA ALA D 642 9.00 -63.42 -27.57
C ALA D 642 9.77 -62.14 -27.46
N ALA D 643 9.27 -61.18 -26.71
CA ALA D 643 9.90 -59.89 -26.59
C ALA D 643 9.76 -59.26 -25.21
N ILE D 644 10.88 -58.68 -24.71
CA ILE D 644 10.93 -57.95 -23.46
C ILE D 644 10.42 -56.55 -23.76
N LEU D 645 9.29 -56.22 -23.17
CA LEU D 645 8.59 -54.96 -23.39
C LEU D 645 8.96 -53.93 -22.35
N ASN D 646 8.75 -52.65 -22.71
CA ASN D 646 8.99 -51.50 -21.85
C ASN D 646 7.71 -51.10 -21.10
N GLU D 647 7.59 -51.60 -19.85
CA GLU D 647 6.48 -51.37 -18.94
C GLU D 647 6.14 -49.88 -18.82
N ASP D 648 7.18 -49.06 -18.56
CA ASP D 648 7.08 -47.60 -18.41
C ASP D 648 6.54 -46.90 -19.64
N LEU D 649 6.82 -47.45 -20.82
CA LEU D 649 6.33 -46.88 -22.07
C LEU D 649 4.85 -47.22 -22.23
N LEU D 650 4.51 -48.51 -22.08
CA LEU D 650 3.14 -49.03 -22.17
C LEU D 650 2.21 -48.25 -21.23
N THR D 651 2.64 -48.06 -19.96
CA THR D 651 1.85 -47.35 -18.95
C THR D 651 1.87 -45.86 -19.13
N GLY D 652 2.98 -45.33 -19.64
CA GLY D 652 3.17 -43.90 -19.81
C GLY D 652 2.50 -43.25 -21.01
N LEU D 653 2.72 -43.87 -22.21
CA LEU D 653 2.24 -43.40 -23.51
C LEU D 653 0.81 -42.86 -23.52
N SER D 654 0.59 -41.81 -24.33
CA SER D 654 -0.69 -41.16 -24.47
C SER D 654 -1.74 -42.05 -25.16
N ASP D 655 -3.03 -41.76 -24.93
CA ASP D 655 -4.10 -42.55 -25.52
C ASP D 655 -4.12 -42.33 -27.02
N LYS D 656 -4.29 -41.07 -27.50
CA LYS D 656 -4.29 -40.84 -28.94
C LYS D 656 -2.92 -40.54 -29.46
N ILE D 657 -2.57 -41.25 -30.52
CA ILE D 657 -1.30 -41.16 -31.20
C ILE D 657 -1.52 -40.32 -32.43
N PHE D 658 -0.79 -39.23 -32.50
CA PHE D 658 -0.86 -38.25 -33.57
C PHE D 658 0.27 -38.45 -34.54
N TYR D 659 -0.11 -38.79 -35.77
CA TYR D 659 0.87 -38.96 -36.84
C TYR D 659 1.07 -37.60 -37.52
N GLY D 660 1.99 -37.54 -38.47
CA GLY D 660 2.28 -36.33 -39.23
C GLY D 660 2.15 -36.54 -40.72
N LYS D 661 2.49 -35.51 -41.51
CA LYS D 661 2.42 -35.67 -42.95
C LYS D 661 3.48 -36.67 -43.43
N GLU D 662 4.49 -36.89 -42.56
CA GLU D 662 5.59 -37.82 -42.77
C GLU D 662 5.13 -39.29 -42.74
N ASN D 663 3.93 -39.55 -42.21
CA ASN D 663 3.39 -40.90 -42.15
C ASN D 663 2.41 -41.15 -43.28
N GLU D 664 2.20 -40.11 -44.11
CA GLU D 664 1.26 -40.10 -45.24
C GLU D 664 1.95 -40.21 -46.57
N PHE D 665 1.29 -40.95 -47.52
CA PHE D 665 1.76 -41.13 -48.90
C PHE D 665 1.57 -39.83 -49.64
N ALA D 666 2.45 -39.57 -50.64
CA ALA D 666 2.44 -38.33 -51.43
C ALA D 666 1.17 -38.15 -52.23
N GLU D 667 0.67 -36.89 -52.25
CA GLU D 667 -0.57 -36.52 -52.93
C GLU D 667 -0.49 -36.64 -54.48
N ASN D 668 0.73 -36.69 -55.05
CA ASN D 668 0.96 -36.85 -56.48
C ASN D 668 2.31 -37.46 -56.75
N GLU D 669 2.48 -38.10 -57.92
CA GLU D 669 3.72 -38.77 -58.33
C GLU D 669 4.97 -37.84 -58.42
N ALA D 670 4.76 -36.50 -58.47
CA ALA D 670 5.85 -35.54 -58.50
C ALA D 670 6.48 -35.37 -57.11
N ASP D 671 5.63 -35.25 -56.07
CA ASP D 671 6.07 -35.14 -54.69
C ASP D 671 6.77 -36.45 -54.35
N ARG D 672 6.09 -37.58 -54.71
CA ARG D 672 6.52 -38.96 -54.51
C ARG D 672 7.91 -39.25 -55.03
N PHE D 673 8.23 -38.69 -56.20
CA PHE D 673 9.50 -38.88 -56.89
C PHE D 673 10.75 -38.60 -56.06
N ASN D 674 10.74 -37.54 -55.23
CA ASN D 674 11.95 -37.18 -54.47
C ASN D 674 11.86 -37.48 -52.97
N GLN D 675 10.90 -38.35 -52.57
CA GLN D 675 10.64 -38.81 -51.19
C GLN D 675 11.89 -39.30 -50.47
N LEU D 676 12.17 -38.77 -49.26
CA LEU D 676 13.31 -39.25 -48.46
C LEU D 676 12.75 -40.38 -47.59
N LEU D 677 13.40 -41.56 -47.57
CA LEU D 677 12.87 -42.69 -46.79
C LEU D 677 12.75 -42.39 -45.29
N SER D 678 13.65 -41.55 -44.75
CA SER D 678 13.64 -41.16 -43.34
C SER D 678 13.36 -39.66 -43.21
N LEU D 679 12.32 -39.35 -42.44
CA LEU D 679 11.93 -37.98 -42.20
C LEU D 679 11.85 -37.74 -40.72
N ASN D 680 12.24 -36.54 -40.30
CA ASN D 680 12.19 -36.21 -38.88
C ASN D 680 10.77 -35.82 -38.50
N PRO D 681 10.19 -36.45 -37.44
CA PRO D 681 8.80 -36.12 -37.05
C PRO D 681 8.66 -34.67 -36.67
N ASN D 682 7.55 -34.04 -37.08
CA ASN D 682 7.37 -32.63 -36.74
C ASN D 682 6.98 -32.51 -35.26
N PRO D 683 7.37 -31.43 -34.56
CA PRO D 683 7.13 -31.36 -33.10
C PRO D 683 5.69 -31.43 -32.62
N ASN D 684 4.72 -31.30 -33.52
CA ASN D 684 3.31 -31.37 -33.15
C ASN D 684 2.82 -32.83 -33.04
N THR D 685 3.52 -33.79 -33.69
CA THR D 685 3.22 -35.23 -33.64
C THR D 685 3.79 -35.89 -32.37
N ASN D 686 3.34 -37.11 -32.08
CA ASN D 686 3.84 -37.88 -30.93
C ASN D 686 4.07 -39.36 -31.31
N TRP D 687 3.70 -39.72 -32.55
CA TRP D 687 3.79 -41.06 -33.11
C TRP D 687 5.12 -41.72 -32.84
N ALA D 688 6.18 -40.95 -32.99
CA ALA D 688 7.54 -41.37 -32.85
C ALA D 688 7.86 -41.98 -31.47
N ARG D 689 7.16 -41.51 -30.41
CA ARG D 689 7.37 -41.96 -29.02
C ARG D 689 6.94 -43.41 -28.76
N TYR D 690 6.07 -43.97 -29.62
CA TYR D 690 5.51 -45.32 -29.50
C TYR D 690 6.40 -46.44 -30.06
N LEU D 691 7.41 -46.09 -30.87
CA LEU D 691 8.25 -47.04 -31.61
C LEU D 691 9.11 -48.01 -30.76
N ASN D 692 9.56 -47.59 -29.60
CA ASN D 692 10.47 -48.48 -28.90
C ASN D 692 9.87 -49.21 -27.69
N VAL D 693 8.70 -49.90 -27.86
CA VAL D 693 8.17 -50.62 -26.69
C VAL D 693 8.89 -51.98 -26.55
N VAL D 694 9.47 -52.49 -27.67
CA VAL D 694 10.27 -53.71 -27.68
C VAL D 694 11.70 -53.38 -27.33
N GLN D 695 12.16 -53.85 -26.17
CA GLN D 695 13.54 -53.61 -25.72
C GLN D 695 14.49 -54.63 -26.40
N ARG D 696 14.10 -55.91 -26.40
CA ARG D 696 14.83 -57.03 -26.99
C ARG D 696 13.81 -58.02 -27.50
N PHE D 697 14.25 -59.01 -28.28
CA PHE D 697 13.35 -60.02 -28.81
C PHE D 697 14.05 -61.29 -29.23
N THR D 698 13.31 -62.40 -29.24
CA THR D 698 13.79 -63.69 -29.69
C THR D 698 12.86 -64.19 -30.76
N THR D 699 13.35 -65.13 -31.53
CA THR D 699 12.67 -65.64 -32.71
C THR D 699 12.92 -67.17 -32.85
N GLY D 700 13.58 -67.73 -31.83
CA GLY D 700 13.93 -69.14 -31.74
C GLY D 700 15.27 -69.32 -31.05
N PRO D 701 16.08 -70.36 -31.41
CA PRO D 701 17.37 -70.54 -30.76
C PRO D 701 18.37 -69.49 -31.22
N ASN D 702 19.43 -69.31 -30.40
CA ASN D 702 20.48 -68.32 -30.63
C ASN D 702 21.56 -68.82 -31.62
N LEU D 703 21.17 -69.09 -32.87
CA LEU D 703 22.01 -69.54 -33.98
C LEU D 703 21.74 -68.66 -35.20
N ASP D 704 22.72 -68.46 -36.11
CA ASP D 704 22.49 -67.68 -37.34
C ASP D 704 22.98 -68.39 -38.59
N SER D 705 22.44 -67.99 -39.76
CA SER D 705 22.74 -68.49 -41.10
C SER D 705 22.97 -70.00 -41.14
N SER D 706 24.01 -70.45 -41.85
CA SER D 706 24.36 -71.86 -42.06
C SER D 706 24.43 -72.68 -40.75
N THR D 707 24.91 -72.08 -39.65
CA THR D 707 24.97 -72.71 -38.33
C THR D 707 23.57 -73.14 -37.92
N PHE D 708 22.56 -72.29 -38.20
CA PHE D 708 21.16 -72.54 -37.84
C PHE D 708 20.62 -73.78 -38.53
N ASP D 709 20.99 -74.00 -39.82
CA ASP D 709 20.52 -75.13 -40.61
C ASP D 709 20.89 -76.44 -39.96
N GLN D 710 22.08 -76.51 -39.33
CA GLN D 710 22.62 -77.70 -38.65
C GLN D 710 21.71 -78.13 -37.52
N PHE D 711 21.06 -77.15 -36.86
CA PHE D 711 20.07 -77.41 -35.81
C PHE D 711 18.78 -77.89 -36.43
N LEU D 712 18.30 -77.21 -37.51
CA LEU D 712 17.07 -77.60 -38.20
C LEU D 712 17.07 -79.09 -38.51
N ASP D 713 18.24 -79.64 -38.87
CA ASP D 713 18.37 -81.05 -39.15
C ASP D 713 18.31 -81.87 -37.87
N PHE D 714 19.05 -81.43 -36.84
CA PHE D 714 19.12 -82.11 -35.55
C PHE D 714 17.75 -82.41 -34.95
N LEU D 715 16.74 -81.52 -35.13
CA LEU D 715 15.39 -81.73 -34.58
C LEU D 715 14.59 -82.75 -35.38
N PRO D 716 13.69 -83.54 -34.72
CA PRO D 716 12.90 -84.53 -35.47
C PRO D 716 11.53 -84.06 -35.96
N TRP D 717 10.87 -84.87 -36.77
CA TRP D 717 9.51 -84.59 -37.25
C TRP D 717 8.51 -85.33 -36.37
N ILE D 718 7.55 -84.59 -35.75
CA ILE D 718 6.56 -85.16 -34.81
C ILE D 718 5.84 -86.40 -35.32
N GLY D 719 5.43 -86.38 -36.59
CA GLY D 719 4.73 -87.50 -37.20
C GLY D 719 5.49 -88.81 -37.20
N ASN D 720 6.82 -88.76 -37.43
CA ASN D 720 7.70 -89.93 -37.53
C ASN D 720 8.52 -90.27 -36.31
N GLY D 721 9.08 -89.24 -35.69
CA GLY D 721 10.03 -89.38 -34.59
C GLY D 721 11.41 -89.48 -35.19
N LYS D 722 11.46 -89.36 -36.52
CA LYS D 722 12.69 -89.42 -37.31
C LYS D 722 13.22 -87.98 -37.54
N PRO D 723 14.56 -87.76 -37.44
CA PRO D 723 15.06 -86.40 -37.62
C PRO D 723 15.19 -86.04 -39.06
N PHE D 724 15.24 -84.73 -39.33
CA PHE D 724 15.40 -84.17 -40.66
C PHE D 724 16.79 -84.47 -41.24
N SER D 725 17.75 -84.79 -40.35
CA SER D 725 19.12 -85.13 -40.66
C SER D 725 19.27 -86.46 -41.40
N ASN D 726 18.45 -87.50 -41.02
CA ASN D 726 18.49 -88.88 -41.57
C ASN D 726 19.87 -89.52 -41.31
N SER D 727 20.65 -88.97 -40.34
CA SER D 727 22.01 -89.40 -40.06
C SER D 727 22.15 -90.85 -39.53
N PRO D 728 21.26 -91.42 -38.69
CA PRO D 728 21.48 -92.81 -38.26
C PRO D 728 21.41 -93.84 -39.40
N SER D 736 28.13 -94.75 -51.01
CA SER D 736 27.05 -95.40 -50.28
C SER D 736 25.73 -94.68 -50.53
N SER D 737 24.71 -95.42 -50.99
CA SER D 737 23.34 -94.93 -51.17
C SER D 737 22.57 -95.04 -49.83
N THR D 738 22.87 -94.06 -48.96
CA THR D 738 22.33 -93.80 -47.63
C THR D 738 21.85 -92.35 -47.63
N PRO D 739 20.65 -92.12 -47.07
CA PRO D 739 20.03 -90.78 -47.10
C PRO D 739 20.84 -89.62 -46.53
N LEU D 740 20.73 -88.50 -47.23
CA LEU D 740 21.37 -87.23 -46.94
C LEU D 740 20.44 -86.34 -46.08
N PRO D 741 20.98 -85.32 -45.38
CA PRO D 741 20.09 -84.41 -44.63
C PRO D 741 19.37 -83.41 -45.53
N THR D 742 18.19 -82.96 -45.06
CA THR D 742 17.33 -82.02 -45.79
C THR D 742 17.83 -80.54 -45.73
N PHE D 743 18.24 -80.06 -44.54
CA PHE D 743 18.64 -78.66 -44.38
C PHE D 743 20.12 -78.33 -44.52
N SER D 744 21.03 -79.26 -44.11
CA SER D 744 22.48 -79.06 -44.14
C SER D 744 23.09 -79.22 -45.53
N ASN D 745 24.26 -78.62 -45.71
CA ASN D 745 25.06 -78.71 -46.92
C ASN D 745 26.35 -79.50 -46.60
N ILE D 746 26.78 -79.51 -45.31
CA ILE D 746 27.95 -80.19 -44.75
C ILE D 746 27.88 -81.68 -45.08
N ASN D 747 28.96 -82.20 -45.72
CA ASN D 747 29.11 -83.59 -46.18
C ASN D 747 28.11 -83.96 -47.31
N VAL D 748 27.49 -82.94 -47.92
CA VAL D 748 26.53 -83.10 -49.01
C VAL D 748 27.16 -82.58 -50.28
N GLY D 749 27.23 -83.47 -51.27
CA GLY D 749 27.79 -83.13 -52.56
C GLY D 749 29.30 -83.11 -52.53
N VAL D 750 29.87 -82.00 -52.99
CA VAL D 750 31.31 -81.91 -53.07
C VAL D 750 31.85 -80.66 -52.37
N LYS D 751 33.06 -80.77 -51.82
CA LYS D 751 33.74 -79.67 -51.14
C LYS D 751 34.41 -78.79 -52.21
N SER D 752 33.89 -77.57 -52.36
CA SER D 752 34.39 -76.60 -53.33
C SER D 752 35.47 -75.70 -52.69
N MET D 753 36.42 -75.29 -53.51
CA MET D 753 37.49 -74.40 -53.10
C MET D 753 37.29 -73.14 -53.91
N ILE D 754 37.25 -72.06 -53.17
CA ILE D 754 37.13 -70.68 -53.59
C ILE D 754 37.30 -70.03 -52.22
N THR D 755 37.04 -70.86 -51.16
CA THR D 755 37.17 -70.65 -49.71
C THR D 755 36.33 -69.47 -49.18
N GLN D 756 35.95 -69.57 -47.91
CA GLN D 756 35.10 -68.61 -47.19
C GLN D 756 35.78 -67.27 -46.92
N HIS D 757 36.93 -67.32 -46.24
CA HIS D 757 37.74 -66.21 -45.75
C HIS D 757 36.87 -65.03 -45.36
N LEU D 758 36.12 -65.26 -44.27
CA LEU D 758 35.26 -64.31 -43.58
C LEU D 758 35.49 -64.43 -42.10
N ASN D 759 35.91 -63.30 -41.54
CA ASN D 759 36.23 -63.04 -40.13
C ASN D 759 35.17 -62.05 -39.66
N LYS D 760 34.45 -61.50 -40.65
CA LYS D 760 33.35 -60.54 -40.70
C LYS D 760 33.68 -59.18 -40.05
N GLU D 761 34.29 -59.19 -38.86
CA GLU D 761 34.63 -57.87 -38.27
C GLU D 761 35.96 -57.31 -38.79
N ASN D 762 36.77 -58.10 -39.49
CA ASN D 762 38.12 -57.59 -39.89
C ASN D 762 38.14 -57.09 -41.33
N THR D 763 39.03 -57.63 -42.18
CA THR D 763 39.09 -57.26 -43.62
C THR D 763 39.12 -58.54 -44.45
N ARG D 764 38.72 -58.46 -45.69
CA ARG D 764 38.80 -59.75 -46.39
C ARG D 764 40.30 -60.05 -46.51
N TRP D 765 40.67 -61.31 -46.32
CA TRP D 765 42.03 -61.84 -46.55
C TRP D 765 43.13 -61.27 -45.64
N VAL D 766 42.83 -60.58 -44.54
CA VAL D 766 43.98 -60.14 -43.69
C VAL D 766 44.27 -61.25 -42.70
N PHE D 767 43.26 -61.71 -41.96
CA PHE D 767 43.52 -62.77 -40.97
C PHE D 767 43.06 -64.12 -41.50
N ILE D 768 44.01 -64.97 -41.85
CA ILE D 768 43.75 -66.31 -42.41
C ILE D 768 43.73 -67.36 -41.28
N PRO D 769 42.64 -68.14 -41.18
CA PRO D 769 42.53 -69.10 -40.08
C PRO D 769 43.44 -70.31 -40.18
N ASN D 770 43.70 -70.99 -39.03
CA ASN D 770 44.53 -72.19 -38.92
C ASN D 770 43.92 -73.45 -39.59
N PHE D 771 42.99 -73.27 -40.54
CA PHE D 771 42.36 -74.35 -41.27
C PHE D 771 41.92 -73.88 -42.64
N SER D 772 41.57 -74.82 -43.55
CA SER D 772 41.06 -74.48 -44.87
C SER D 772 39.54 -74.33 -44.79
N PRO D 773 39.02 -73.13 -45.06
CA PRO D 773 37.56 -72.93 -45.00
C PRO D 773 36.91 -73.31 -46.35
N ASP D 774 36.87 -74.61 -46.69
CA ASP D 774 36.29 -75.08 -47.95
C ASP D 774 34.79 -75.33 -47.75
N ILE D 775 33.95 -74.69 -48.59
CA ILE D 775 32.49 -74.75 -48.52
C ILE D 775 31.93 -75.93 -49.29
N TRP D 776 30.97 -76.66 -48.70
CA TRP D 776 30.30 -77.75 -49.39
C TRP D 776 29.21 -77.15 -50.28
N THR D 777 29.09 -77.66 -51.50
CA THR D 777 28.14 -77.21 -52.51
C THR D 777 26.71 -77.56 -52.15
N GLY D 778 26.56 -78.68 -51.45
CA GLY D 778 25.25 -79.21 -51.09
C GLY D 778 24.76 -80.07 -52.22
N ALA D 779 23.44 -80.22 -52.35
CA ALA D 779 22.82 -81.03 -53.39
C ALA D 779 22.44 -80.18 -54.58
N GLY D 780 22.38 -80.77 -55.77
CA GLY D 780 22.02 -80.05 -56.99
C GLY D 780 23.10 -79.09 -57.45
N TYR D 781 24.36 -79.51 -57.26
CA TYR D 781 25.53 -78.71 -57.60
C TYR D 781 25.93 -78.84 -59.07
N ARG D 782 26.74 -77.88 -59.53
CA ARG D 782 27.23 -77.84 -60.89
C ARG D 782 28.73 -77.89 -60.91
N VAL D 783 29.29 -78.92 -61.53
CA VAL D 783 30.74 -79.10 -61.66
C VAL D 783 31.14 -79.26 -63.14
N GLN D 784 32.36 -78.81 -63.47
CA GLN D 784 32.92 -78.87 -64.81
C GLN D 784 33.21 -80.34 -65.12
N SER D 785 33.89 -81.01 -64.20
CA SER D 785 34.26 -82.44 -64.23
C SER D 785 34.43 -82.89 -62.79
N ALA D 786 34.50 -84.22 -62.57
CA ALA D 786 34.69 -84.78 -61.23
C ALA D 786 36.03 -84.33 -60.61
N ASN D 787 37.05 -84.16 -61.47
CA ASN D 787 38.40 -83.74 -61.14
C ASN D 787 38.43 -82.25 -60.82
N GLN D 788 37.69 -81.43 -61.61
CA GLN D 788 37.63 -79.97 -61.44
C GLN D 788 36.36 -79.48 -60.72
N LYS D 789 36.50 -79.22 -59.40
CA LYS D 789 35.41 -78.76 -58.54
C LYS D 789 35.74 -77.45 -57.82
N ASN D 790 36.51 -76.56 -58.49
CA ASN D 790 36.91 -75.26 -57.94
C ASN D 790 36.41 -74.13 -58.84
N GLY D 791 35.11 -73.94 -58.87
CA GLY D 791 34.45 -72.93 -59.70
C GLY D 791 33.97 -73.50 -61.02
N ILE D 792 33.02 -72.80 -61.68
CA ILE D 792 32.48 -73.24 -62.95
C ILE D 792 32.76 -72.22 -64.07
N PRO D 793 33.44 -72.63 -65.16
CA PRO D 793 33.71 -71.66 -66.24
C PRO D 793 32.42 -71.14 -66.86
N PHE D 794 32.41 -69.89 -67.32
CA PHE D 794 31.23 -69.25 -67.91
C PHE D 794 30.61 -70.06 -69.09
N GLU D 795 31.35 -71.01 -69.67
CA GLU D 795 30.89 -71.82 -70.80
C GLU D 795 29.59 -72.59 -70.51
N GLN D 796 29.17 -72.70 -69.22
CA GLN D 796 27.88 -73.33 -68.80
C GLN D 796 26.91 -72.19 -68.49
N VAL D 797 26.61 -71.47 -69.61
CA VAL D 797 25.94 -70.19 -69.90
C VAL D 797 24.54 -70.31 -70.33
N LYS D 798 23.77 -69.22 -70.10
CA LYS D 798 22.39 -69.09 -70.52
C LYS D 798 22.35 -68.96 -72.05
N PRO D 799 21.89 -70.01 -72.77
CA PRO D 799 21.88 -69.95 -74.24
C PRO D 799 20.51 -69.61 -74.78
N SER D 800 19.77 -68.78 -74.03
CA SER D 800 18.39 -68.42 -74.32
C SER D 800 18.23 -67.66 -75.64
N ASN D 801 16.97 -67.56 -76.10
CA ASN D 801 16.51 -66.92 -77.35
C ASN D 801 16.83 -67.73 -78.53
N ASN D 802 15.88 -68.60 -78.83
CA ASN D 802 15.81 -69.55 -79.92
C ASN D 802 17.19 -70.14 -80.28
N SER D 803 17.68 -70.76 -79.20
CA SER D 803 18.86 -71.56 -79.05
C SER D 803 20.13 -70.94 -79.64
N THR D 804 20.23 -69.60 -79.56
CA THR D 804 21.40 -68.85 -80.01
C THR D 804 22.13 -68.35 -78.74
N PRO D 805 23.12 -69.12 -78.23
CA PRO D 805 23.81 -68.75 -76.99
C PRO D 805 24.34 -67.34 -76.87
N PHE D 806 24.39 -66.89 -75.63
CA PHE D 806 24.86 -65.59 -75.22
C PHE D 806 26.36 -65.59 -75.45
N ASP D 807 26.86 -64.59 -76.19
CA ASP D 807 28.28 -64.49 -76.43
C ASP D 807 28.88 -63.44 -75.52
N PRO D 808 29.75 -63.86 -74.57
CA PRO D 808 30.34 -62.91 -73.64
C PRO D 808 31.19 -61.79 -74.21
N ASN D 809 31.77 -61.97 -75.42
CA ASN D 809 32.70 -61.04 -76.08
C ASN D 809 32.03 -60.20 -77.16
N SER D 810 30.69 -60.24 -77.22
CA SER D 810 29.92 -59.44 -78.18
C SER D 810 30.09 -57.97 -77.89
N ASP D 811 30.07 -57.13 -78.93
CA ASP D 811 30.27 -55.68 -78.84
C ASP D 811 29.58 -55.01 -77.65
N ASP D 812 28.30 -55.36 -77.39
CA ASP D 812 27.56 -54.77 -76.28
C ASP D 812 27.96 -55.36 -74.90
N ASN D 813 28.38 -56.65 -74.85
CA ASN D 813 28.80 -57.31 -73.61
C ASN D 813 30.27 -57.04 -73.21
N LYS D 814 30.94 -56.10 -73.90
CA LYS D 814 32.31 -55.71 -73.63
C LYS D 814 32.38 -54.22 -73.38
N VAL D 815 33.37 -53.78 -72.59
CA VAL D 815 33.62 -52.37 -72.26
C VAL D 815 35.05 -52.08 -72.66
N THR D 816 35.33 -50.85 -73.15
CA THR D 816 36.67 -50.46 -73.57
C THR D 816 37.12 -49.20 -72.79
N PRO D 817 38.19 -49.28 -71.98
CA PRO D 817 38.62 -48.06 -71.26
C PRO D 817 39.42 -47.13 -72.17
N SER D 818 39.62 -45.86 -71.72
CA SER D 818 40.39 -44.88 -72.47
C SER D 818 41.87 -45.30 -72.50
N GLY D 819 42.20 -46.03 -73.54
CA GLY D 819 43.50 -46.62 -73.76
C GLY D 819 43.39 -47.70 -74.81
N GLY D 820 42.21 -48.32 -74.89
CA GLY D 820 41.83 -49.36 -75.82
C GLY D 820 42.32 -50.74 -75.44
N SER D 821 41.38 -51.67 -75.22
CA SER D 821 41.48 -53.07 -74.83
C SER D 821 40.09 -53.43 -74.37
N SER D 822 39.25 -53.81 -75.32
CA SER D 822 37.87 -54.18 -75.09
C SER D 822 37.77 -55.52 -74.36
N LYS D 823 37.47 -55.47 -73.04
CA LYS D 823 37.32 -56.64 -72.18
C LYS D 823 35.82 -56.94 -71.90
N PRO D 824 35.38 -58.20 -71.69
CA PRO D 824 33.95 -58.44 -71.39
C PRO D 824 33.57 -58.10 -69.94
N THR D 825 32.27 -57.82 -69.71
CA THR D 825 31.68 -57.47 -68.40
C THR D 825 31.35 -58.67 -67.52
N THR D 826 31.15 -59.84 -68.15
CA THR D 826 30.79 -61.09 -67.49
C THR D 826 31.88 -61.63 -66.57
N TYR D 827 31.51 -62.60 -65.74
CA TYR D 827 32.47 -63.27 -64.86
C TYR D 827 33.05 -64.48 -65.58
N PRO D 828 34.33 -64.82 -65.28
CA PRO D 828 34.93 -65.99 -65.94
C PRO D 828 34.49 -67.30 -65.34
N ALA D 829 34.34 -67.32 -64.01
CA ALA D 829 33.91 -68.49 -63.26
C ALA D 829 32.79 -68.11 -62.31
N LEU D 830 31.82 -69.01 -62.13
CA LEU D 830 30.68 -68.80 -61.27
C LEU D 830 30.53 -69.94 -60.22
N PRO D 831 29.86 -69.71 -59.03
CA PRO D 831 29.80 -70.75 -57.97
C PRO D 831 29.21 -72.07 -58.40
N ASN D 832 29.62 -73.14 -57.69
CA ASN D 832 29.27 -74.53 -57.96
C ASN D 832 27.87 -75.01 -57.47
N SER D 833 26.87 -74.11 -57.39
CA SER D 833 25.48 -74.46 -57.03
C SER D 833 24.52 -73.29 -57.29
N ILE D 834 23.37 -73.60 -57.87
CA ILE D 834 22.34 -72.59 -58.07
C ILE D 834 21.00 -73.13 -57.60
N SER D 835 21.08 -74.31 -56.92
CA SER D 835 19.97 -75.11 -56.39
C SER D 835 19.29 -74.41 -55.22
N PRO D 836 18.09 -74.86 -54.79
CA PRO D 836 17.47 -74.22 -53.60
C PRO D 836 18.33 -74.31 -52.33
N THR D 837 19.10 -75.40 -52.19
CA THR D 837 19.95 -75.64 -51.05
C THR D 837 21.34 -74.93 -51.18
N SER D 838 21.52 -73.99 -52.14
CA SER D 838 22.79 -73.25 -52.33
C SER D 838 23.05 -72.28 -51.18
N ASP D 839 24.26 -72.37 -50.57
CA ASP D 839 24.67 -71.52 -49.46
C ASP D 839 26.06 -71.02 -49.70
N TRP D 840 26.19 -69.90 -50.45
CA TRP D 840 27.46 -69.28 -50.80
C TRP D 840 27.65 -67.97 -50.03
N ILE D 841 28.42 -68.04 -48.96
CA ILE D 841 28.67 -66.89 -48.09
C ILE D 841 29.42 -65.74 -48.82
N ASN D 842 30.34 -66.10 -49.73
CA ASN D 842 31.06 -65.10 -50.50
C ASN D 842 30.43 -64.89 -51.91
N ALA D 843 29.13 -65.20 -52.10
CA ALA D 843 28.40 -65.00 -53.36
C ALA D 843 26.90 -64.89 -53.11
N LEU D 844 26.47 -63.76 -52.51
CA LEU D 844 25.07 -63.46 -52.15
C LEU D 844 24.12 -63.69 -53.32
N THR D 845 24.57 -63.22 -54.48
CA THR D 845 23.88 -63.25 -55.75
C THR D 845 23.57 -64.70 -56.21
N PHE D 846 24.39 -65.68 -55.78
CA PHE D 846 24.22 -67.11 -56.10
C PHE D 846 23.59 -67.96 -54.99
N THR D 847 23.32 -67.36 -53.82
CA THR D 847 22.75 -68.03 -52.65
C THR D 847 21.24 -67.94 -52.68
N ASN D 848 20.60 -69.05 -52.28
CA ASN D 848 19.14 -69.20 -52.18
C ASN D 848 18.71 -69.33 -50.74
N LYS D 849 19.52 -70.02 -49.93
CA LYS D 849 19.25 -70.22 -48.52
C LYS D 849 19.28 -68.85 -47.84
N ASN D 850 18.25 -68.56 -47.00
CA ASN D 850 18.13 -67.27 -46.31
C ASN D 850 17.47 -67.42 -44.94
N ASN D 851 17.86 -66.52 -43.99
CA ASN D 851 17.33 -66.45 -42.63
C ASN D 851 15.79 -66.30 -42.59
N PRO D 852 15.17 -65.38 -43.39
CA PRO D 852 13.71 -65.30 -43.39
C PRO D 852 13.05 -66.67 -43.61
N GLN D 853 13.65 -67.53 -44.46
CA GLN D 853 13.11 -68.87 -44.69
C GLN D 853 13.45 -69.77 -43.52
N ARG D 854 14.74 -69.74 -43.06
CA ARG D 854 15.23 -70.54 -41.92
C ARG D 854 14.30 -70.39 -40.72
N ASN D 855 13.82 -69.14 -40.47
CA ASN D 855 12.89 -68.84 -39.38
C ASN D 855 11.58 -69.59 -39.54
N GLN D 856 10.94 -69.44 -40.71
CA GLN D 856 9.67 -70.09 -41.02
C GLN D 856 9.82 -71.60 -40.89
N LEU D 857 10.93 -72.13 -41.46
CA LEU D 857 11.25 -73.55 -41.51
C LEU D 857 11.30 -74.18 -40.14
N LEU D 858 11.88 -73.46 -39.14
CA LEU D 858 11.94 -73.91 -37.75
C LEU D 858 10.51 -74.11 -37.18
N LEU D 859 9.65 -73.06 -37.29
CA LEU D 859 8.27 -73.06 -36.83
C LEU D 859 7.51 -74.20 -37.50
N ARG D 860 7.71 -74.32 -38.82
CA ARG D 860 7.07 -75.31 -39.67
C ARG D 860 7.59 -76.75 -39.53
N SER D 861 8.79 -76.95 -38.96
CA SER D 861 9.31 -78.30 -38.73
C SER D 861 8.81 -78.81 -37.36
N LEU D 862 8.54 -77.87 -36.45
CA LEU D 862 7.97 -78.17 -35.15
C LEU D 862 6.46 -78.42 -35.35
N LEU D 863 5.82 -77.63 -36.21
CA LEU D 863 4.42 -77.86 -36.55
C LEU D 863 4.37 -79.11 -37.48
N GLY D 864 5.53 -79.40 -38.10
CA GLY D 864 5.78 -80.51 -39.02
C GLY D 864 4.92 -80.48 -40.27
N THR D 865 4.68 -79.28 -40.80
CA THR D 865 3.82 -79.05 -41.94
C THR D 865 4.56 -78.51 -43.17
N ILE D 866 5.89 -78.67 -43.26
CA ILE D 866 6.68 -78.22 -44.43
C ILE D 866 6.27 -79.08 -45.65
N PRO D 867 5.79 -78.48 -46.77
CA PRO D 867 5.34 -79.32 -47.90
C PRO D 867 6.43 -80.00 -48.73
N VAL D 868 6.05 -81.09 -49.42
CA VAL D 868 6.92 -81.88 -50.28
C VAL D 868 6.41 -81.87 -51.74
N LEU D 869 7.35 -81.80 -52.72
CA LEU D 869 7.03 -81.82 -54.14
C LEU D 869 6.81 -83.26 -54.59
N ILE D 870 5.67 -83.50 -55.21
CA ILE D 870 5.26 -84.81 -55.62
C ILE D 870 5.18 -84.92 -57.15
N ASN D 871 5.83 -85.98 -57.69
CA ASN D 871 5.89 -86.33 -59.10
C ASN D 871 5.16 -87.63 -59.35
N LYS D 872 5.38 -88.61 -58.45
CA LYS D 872 4.79 -89.93 -58.49
C LYS D 872 3.98 -90.09 -57.21
N SER D 873 2.66 -90.40 -57.31
CA SER D 873 1.76 -90.61 -56.15
C SER D 873 2.13 -91.93 -55.47
N GLY D 874 1.22 -92.82 -55.24
CA GLY D 874 1.57 -94.10 -54.64
C GLY D 874 0.82 -95.22 -55.32
N ASP D 875 -0.11 -94.81 -56.21
CA ASP D 875 -0.99 -95.62 -57.03
C ASP D 875 -0.21 -96.50 -58.01
N SER D 876 -0.76 -97.70 -58.25
CA SER D 876 -0.19 -98.67 -59.17
C SER D 876 -0.16 -97.87 -60.46
N ASN D 877 0.97 -97.94 -61.13
CA ASN D 877 1.30 -97.28 -62.38
C ASN D 877 1.82 -95.84 -62.22
N ASP D 878 1.97 -95.36 -60.97
CA ASP D 878 2.56 -94.05 -60.65
C ASP D 878 3.32 -94.20 -59.31
N GLN D 879 4.36 -95.03 -59.29
CA GLN D 879 5.11 -95.32 -58.08
C GLN D 879 6.52 -94.74 -58.03
N PHE D 880 7.14 -94.82 -56.86
CA PHE D 880 8.51 -94.39 -56.63
C PHE D 880 9.30 -95.46 -55.86
N ASN D 881 10.01 -96.33 -56.61
CA ASN D 881 10.83 -97.40 -56.04
C ASN D 881 12.19 -96.81 -55.67
N LYS D 882 12.37 -96.52 -54.37
CA LYS D 882 13.57 -95.89 -53.82
C LYS D 882 14.87 -96.55 -54.22
N ASP D 883 14.92 -97.90 -54.13
CA ASP D 883 16.11 -98.71 -54.42
C ASP D 883 16.67 -98.51 -55.82
N SER D 884 15.80 -98.18 -56.78
CA SER D 884 16.16 -97.99 -58.17
C SER D 884 16.21 -96.54 -58.63
N GLU D 885 15.19 -95.74 -58.26
CA GLU D 885 15.07 -94.35 -58.70
C GLU D 885 15.83 -93.31 -57.84
N GLN D 886 16.22 -93.66 -56.59
CA GLN D 886 16.96 -92.75 -55.69
C GLN D 886 18.40 -93.15 -55.45
N LYS D 887 19.31 -92.35 -56.00
CA LYS D 887 20.75 -92.54 -55.87
C LYS D 887 21.29 -91.32 -55.12
N TRP D 888 21.52 -91.48 -53.79
CA TRP D 888 21.99 -90.42 -52.91
C TRP D 888 23.37 -89.86 -53.30
N ASP D 889 24.22 -90.70 -53.89
CA ASP D 889 25.57 -90.31 -54.32
C ASP D 889 25.59 -89.50 -55.61
N LYS D 890 24.49 -89.53 -56.39
CA LYS D 890 24.43 -88.83 -57.66
C LYS D 890 23.54 -87.57 -57.62
N THR D 891 23.70 -86.70 -56.59
CA THR D 891 23.01 -85.41 -56.40
C THR D 891 23.28 -84.41 -57.51
N GLU D 892 24.42 -84.58 -58.22
CA GLU D 892 24.98 -83.82 -59.35
C GLU D 892 24.12 -83.95 -60.57
N THR D 893 23.48 -85.15 -60.74
CA THR D 893 22.63 -85.58 -61.86
C THR D 893 21.14 -85.66 -61.50
N ASN D 894 20.33 -86.20 -62.42
CA ASN D 894 18.90 -86.38 -62.26
C ASN D 894 18.59 -87.51 -61.27
N GLU D 895 19.59 -88.34 -60.96
CA GLU D 895 19.42 -89.47 -60.05
C GLU D 895 19.32 -89.02 -58.60
N GLY D 896 19.69 -87.76 -58.35
CA GLY D 896 19.63 -87.09 -57.05
C GLY D 896 18.23 -86.62 -56.74
N ASN D 897 17.39 -86.59 -57.78
CA ASN D 897 15.96 -86.20 -57.76
C ASN D 897 15.71 -84.86 -57.08
N LEU D 898 16.65 -83.90 -57.27
CA LEU D 898 16.50 -82.54 -56.76
C LEU D 898 15.65 -81.81 -57.78
N PRO D 899 14.38 -81.47 -57.46
CA PRO D 899 13.53 -80.75 -58.43
C PRO D 899 14.16 -79.55 -59.14
N GLY D 900 14.70 -78.63 -58.36
CA GLY D 900 15.27 -77.41 -58.89
C GLY D 900 14.20 -76.48 -59.43
N PHE D 901 12.94 -76.78 -59.06
CA PHE D 901 11.74 -76.05 -59.47
C PHE D 901 10.50 -76.63 -58.84
N GLY D 902 9.76 -75.76 -58.15
CA GLY D 902 8.48 -76.07 -57.53
C GLY D 902 8.52 -76.51 -56.08
N GLU D 903 9.71 -76.81 -55.55
CA GLU D 903 9.92 -77.28 -54.18
C GLU D 903 10.08 -76.12 -53.20
N VAL D 904 10.04 -76.43 -51.87
CA VAL D 904 10.23 -75.42 -50.82
C VAL D 904 11.70 -74.99 -50.85
N ASN D 905 11.97 -73.68 -51.02
CA ASN D 905 13.31 -73.09 -51.11
C ASN D 905 14.14 -73.38 -49.88
N GLY D 906 15.43 -73.64 -50.08
CA GLY D 906 16.37 -73.86 -49.00
C GLY D 906 16.44 -75.25 -48.38
N LEU D 907 15.97 -76.26 -49.09
CA LEU D 907 16.02 -77.63 -48.60
C LEU D 907 16.09 -78.62 -49.76
N TYR D 908 16.54 -79.84 -49.48
CA TYR D 908 16.65 -80.92 -50.47
C TYR D 908 15.39 -81.83 -50.37
N ASN D 909 14.43 -81.60 -51.27
CA ASN D 909 13.14 -82.27 -51.34
C ASN D 909 13.18 -83.77 -51.07
N ALA D 910 14.13 -84.50 -51.69
CA ALA D 910 14.31 -85.95 -51.55
C ALA D 910 14.59 -86.37 -50.13
N ALA D 911 15.38 -85.57 -49.43
CA ALA D 911 15.70 -85.86 -48.04
C ALA D 911 14.45 -85.65 -47.14
N LEU D 912 13.66 -84.56 -47.41
CA LEU D 912 12.41 -84.22 -46.70
C LEU D 912 11.41 -85.34 -46.92
N LEU D 913 11.29 -85.83 -48.16
CA LEU D 913 10.38 -86.92 -48.50
C LEU D 913 10.76 -88.17 -47.75
N HIS D 914 12.06 -88.46 -47.65
CA HIS D 914 12.58 -89.63 -46.97
C HIS D 914 12.26 -89.55 -45.47
N THR D 915 12.54 -88.36 -44.85
CA THR D 915 12.30 -88.00 -43.43
C THR D 915 10.82 -88.21 -43.09
N TYR D 916 9.92 -87.79 -44.01
CA TYR D 916 8.46 -87.92 -43.89
C TYR D 916 8.00 -89.36 -44.12
N GLY D 917 8.91 -90.23 -44.58
CA GLY D 917 8.61 -91.63 -44.87
C GLY D 917 7.64 -91.83 -46.01
N PHE D 918 7.56 -90.84 -46.93
CA PHE D 918 6.76 -90.80 -48.15
C PHE D 918 7.15 -91.95 -49.08
N PHE D 919 8.45 -92.25 -49.08
CA PHE D 919 9.07 -93.41 -49.68
C PHE D 919 10.02 -93.94 -48.57
N GLY D 920 9.88 -95.23 -48.26
CA GLY D 920 10.66 -95.83 -47.19
C GLY D 920 9.83 -96.32 -46.02
N THR D 921 10.50 -97.06 -45.13
CA THR D 921 9.91 -97.69 -43.95
C THR D 921 9.67 -96.72 -42.77
N ASN D 922 10.20 -95.46 -42.85
CA ASN D 922 10.08 -94.44 -41.80
C ASN D 922 8.67 -94.38 -41.19
N THR D 923 7.62 -94.10 -42.00
CA THR D 923 6.24 -93.99 -41.52
C THR D 923 5.44 -95.26 -41.68
N ASN D 924 5.36 -95.78 -42.93
CA ASN D 924 4.61 -97.01 -43.24
C ASN D 924 5.57 -98.17 -43.33
N SER D 925 5.20 -99.29 -42.69
CA SER D 925 5.98 -100.52 -42.67
C SER D 925 6.17 -101.07 -44.07
N THR D 926 5.24 -100.77 -44.97
CA THR D 926 5.26 -101.17 -46.36
C THR D 926 5.39 -99.88 -47.17
N ASP D 927 6.59 -99.66 -47.77
CA ASP D 927 6.96 -98.45 -48.52
C ASP D 927 5.76 -97.83 -49.25
N PRO D 928 5.36 -96.59 -48.90
CA PRO D 928 4.19 -95.98 -49.56
C PRO D 928 4.46 -95.63 -51.02
N LYS D 929 5.75 -95.62 -51.39
CA LYS D 929 6.28 -95.37 -52.74
C LYS D 929 5.75 -94.06 -53.35
N ILE D 930 5.77 -92.97 -52.55
CA ILE D 930 5.38 -91.60 -52.94
C ILE D 930 6.65 -90.80 -53.04
N GLY D 931 6.80 -90.03 -54.13
CA GLY D 931 8.01 -89.22 -54.30
C GLY D 931 8.07 -88.30 -55.47
N PHE D 932 9.30 -87.96 -55.87
CA PHE D 932 9.62 -87.12 -57.02
C PHE D 932 10.72 -87.77 -57.82
N LYS D 933 10.46 -88.03 -59.10
CA LYS D 933 11.44 -88.63 -59.99
C LYS D 933 11.89 -87.63 -61.02
N ALA D 934 13.11 -87.10 -60.88
CA ALA D 934 13.66 -86.17 -61.85
C ALA D 934 13.99 -87.01 -63.06
N ASP D 935 13.04 -87.03 -64.02
CA ASP D 935 13.05 -87.87 -65.21
C ASP D 935 13.79 -87.29 -66.39
N SER D 936 14.60 -88.14 -67.03
CA SER D 936 15.40 -87.77 -68.21
C SER D 936 14.68 -88.19 -69.51
N SER D 937 13.53 -88.86 -69.39
CA SER D 937 12.76 -89.34 -70.51
C SER D 937 11.48 -88.55 -70.79
N SER D 938 10.89 -87.90 -69.78
CA SER D 938 9.61 -87.23 -69.90
C SER D 938 9.49 -85.83 -69.28
N SER D 939 8.45 -85.07 -69.71
CA SER D 939 8.12 -83.75 -69.17
C SER D 939 7.57 -84.01 -67.81
N SER D 940 8.06 -83.29 -66.80
CA SER D 940 7.63 -83.51 -65.43
C SER D 940 6.47 -82.63 -64.98
N SER D 941 5.42 -83.28 -64.48
CA SER D 941 4.21 -82.67 -63.95
C SER D 941 4.20 -82.92 -62.42
N SER D 942 4.29 -81.85 -61.61
CA SER D 942 4.40 -81.94 -60.16
C SER D 942 3.54 -80.94 -59.40
N THR D 943 3.22 -81.25 -58.14
CA THR D 943 2.47 -80.39 -57.21
C THR D 943 2.94 -80.62 -55.79
N LEU D 944 3.04 -79.55 -55.00
CA LEU D 944 3.40 -79.70 -53.58
C LEU D 944 2.19 -80.32 -52.81
N VAL D 945 2.48 -81.09 -51.75
CA VAL D 945 1.46 -81.71 -50.90
C VAL D 945 1.84 -81.53 -49.45
N GLY D 946 0.87 -81.65 -48.55
CA GLY D 946 1.09 -81.54 -47.11
C GLY D 946 1.81 -82.76 -46.56
N SER D 947 2.24 -82.70 -45.30
CA SER D 947 2.94 -83.83 -44.66
C SER D 947 1.92 -84.83 -44.17
N GLY D 948 0.72 -84.34 -43.90
CA GLY D 948 -0.39 -85.13 -43.39
C GLY D 948 -0.82 -84.72 -41.99
N LEU D 949 -0.08 -83.75 -41.42
CA LEU D 949 -0.35 -83.22 -40.08
C LEU D 949 -1.23 -81.98 -40.23
N ASN D 950 -2.03 -81.67 -39.20
CA ASN D 950 -2.92 -80.53 -39.29
C ASN D 950 -2.65 -79.35 -38.29
N TRP D 951 -1.42 -79.26 -37.78
CA TRP D 951 -1.05 -78.19 -36.86
C TRP D 951 -0.87 -76.84 -37.59
N THR D 952 -1.44 -75.74 -37.04
CA THR D 952 -1.30 -74.38 -37.59
C THR D 952 -0.41 -73.53 -36.68
N SER D 953 0.20 -72.46 -37.24
CA SER D 953 1.04 -71.53 -36.50
C SER D 953 0.23 -70.63 -35.54
N GLN D 954 -1.04 -70.99 -35.30
CA GLN D 954 -1.97 -70.29 -34.39
C GLN D 954 -2.24 -71.18 -33.20
N ASP D 955 -1.74 -72.43 -33.25
CA ASP D 955 -1.84 -73.43 -32.20
C ASP D 955 -0.85 -73.11 -31.05
N VAL D 956 -1.01 -71.92 -30.48
CA VAL D 956 -0.20 -71.32 -29.43
C VAL D 956 -0.99 -71.36 -28.08
N GLY D 957 -0.49 -72.16 -27.14
CA GLY D 957 -1.05 -72.33 -25.81
C GLY D 957 -0.74 -71.16 -24.89
N ASN D 958 -1.14 -71.26 -23.63
CA ASN D 958 -0.91 -70.15 -22.70
C ASN D 958 0.53 -70.12 -22.29
N LEU D 959 0.99 -68.92 -21.83
CA LEU D 959 2.38 -68.66 -21.39
C LEU D 959 2.64 -69.24 -20.00
N VAL D 960 3.77 -69.94 -19.84
CA VAL D 960 4.14 -70.54 -18.56
C VAL D 960 5.48 -69.97 -18.13
N VAL D 961 5.54 -69.29 -16.97
CA VAL D 961 6.82 -68.79 -16.48
C VAL D 961 7.43 -69.91 -15.64
N ILE D 962 8.64 -70.33 -15.99
CA ILE D 962 9.27 -71.46 -15.33
C ILE D 962 10.21 -71.04 -14.16
N ASN D 963 10.84 -69.88 -14.29
CA ASN D 963 11.71 -69.24 -13.30
C ASN D 963 11.97 -67.79 -13.70
N ASP D 964 12.76 -67.07 -12.92
CA ASP D 964 13.07 -65.66 -13.14
C ASP D 964 13.86 -65.38 -14.43
N THR D 965 14.25 -66.45 -15.16
CA THR D 965 15.02 -66.33 -16.41
C THR D 965 14.51 -67.19 -17.58
N SER D 966 13.49 -68.04 -17.33
CA SER D 966 12.93 -68.91 -18.36
C SER D 966 11.43 -68.95 -18.35
N PHE D 967 10.85 -69.25 -19.51
CA PHE D 967 9.42 -69.32 -19.78
C PHE D 967 9.21 -70.15 -21.02
N GLY D 968 8.00 -70.61 -21.20
CA GLY D 968 7.67 -71.43 -22.34
C GLY D 968 6.17 -71.55 -22.61
N PHE D 969 5.84 -72.20 -23.72
CA PHE D 969 4.46 -72.39 -24.10
C PHE D 969 4.31 -73.54 -25.06
N GLN D 970 3.07 -74.12 -25.16
CA GLN D 970 2.83 -75.22 -26.09
C GLN D 970 2.62 -74.67 -27.49
N LEU D 971 3.56 -74.96 -28.40
CA LEU D 971 3.50 -74.60 -29.81
C LEU D 971 3.22 -75.89 -30.57
N GLY D 972 1.97 -76.08 -30.98
CA GLY D 972 1.56 -77.31 -31.64
C GLY D 972 1.75 -78.50 -30.73
N GLY D 973 2.51 -79.49 -31.22
CA GLY D 973 2.80 -80.70 -30.45
C GLY D 973 4.07 -80.62 -29.65
N TRP D 974 4.79 -79.49 -29.78
CA TRP D 974 6.04 -79.27 -29.07
C TRP D 974 5.87 -78.21 -27.97
N PHE D 975 6.46 -78.43 -26.80
CA PHE D 975 6.41 -77.41 -25.78
C PHE D 975 7.78 -76.74 -25.81
N ILE D 976 7.80 -75.50 -26.31
CA ILE D 976 9.03 -74.70 -26.44
C ILE D 976 9.32 -73.90 -25.18
N THR D 977 10.61 -73.85 -24.76
CA THR D 977 11.09 -73.11 -23.60
C THR D 977 12.28 -72.22 -23.99
N PHE D 978 12.23 -70.95 -23.56
CA PHE D 978 13.22 -69.94 -23.87
C PHE D 978 14.16 -69.68 -22.69
N THR D 979 15.23 -70.46 -22.64
CA THR D 979 16.21 -70.45 -21.56
C THR D 979 17.18 -69.26 -21.57
N ASP D 980 17.61 -68.89 -22.79
CA ASP D 980 18.59 -67.81 -22.93
C ASP D 980 18.01 -66.57 -23.59
N PHE D 981 16.80 -66.17 -23.13
CA PHE D 981 16.24 -64.90 -23.56
C PHE D 981 16.46 -63.90 -22.44
N ILE D 982 16.00 -64.19 -21.21
CA ILE D 982 16.14 -63.26 -20.09
C ILE D 982 17.63 -62.98 -19.75
N ARG D 983 18.35 -63.97 -19.22
CA ARG D 983 19.78 -63.81 -18.95
C ARG D 983 20.43 -64.80 -19.91
N PRO D 984 20.89 -64.31 -21.09
CA PRO D 984 21.40 -65.22 -22.10
C PRO D 984 22.84 -65.71 -21.85
N ARG D 985 22.95 -67.05 -21.62
CA ARG D 985 24.20 -67.76 -21.41
C ARG D 985 24.86 -67.97 -22.78
N THR D 986 26.14 -67.61 -22.95
CA THR D 986 26.83 -67.79 -24.25
C THR D 986 27.16 -69.25 -24.49
N GLY D 987 27.15 -69.67 -25.75
CA GLY D 987 27.44 -71.06 -26.14
C GLY D 987 26.31 -72.05 -25.87
N TYR D 988 25.16 -71.54 -25.45
CA TYR D 988 23.95 -72.31 -25.18
C TYR D 988 22.94 -71.96 -26.28
N LEU D 989 22.18 -72.97 -26.79
CA LEU D 989 21.26 -72.74 -27.90
C LEU D 989 20.00 -71.95 -27.49
N GLY D 990 19.59 -72.08 -26.21
CA GLY D 990 18.49 -71.32 -25.62
C GLY D 990 17.05 -71.69 -25.93
N ILE D 991 16.83 -72.98 -26.27
CA ILE D 991 15.53 -73.57 -26.60
C ILE D 991 15.48 -74.97 -26.04
N THR D 992 14.32 -75.37 -25.47
CA THR D 992 14.07 -76.76 -25.04
C THR D 992 12.75 -77.16 -25.59
N LEU D 993 12.75 -78.25 -26.38
CA LEU D 993 11.57 -78.78 -27.07
C LEU D 993 11.15 -80.16 -26.58
N SER D 994 9.90 -80.25 -26.10
CA SER D 994 9.30 -81.49 -25.59
C SER D 994 8.12 -81.88 -26.49
N SER D 995 8.30 -82.95 -27.28
CA SER D 995 7.28 -83.42 -28.21
C SER D 995 6.26 -84.27 -27.54
N LEU D 996 5.03 -84.14 -28.01
CA LEU D 996 3.89 -84.91 -27.54
C LEU D 996 4.12 -86.39 -27.93
N GLN D 997 3.47 -87.31 -27.21
CA GLN D 997 3.62 -88.72 -27.48
C GLN D 997 2.37 -89.34 -28.13
N ASP D 998 1.14 -88.92 -27.72
CA ASP D 998 -0.13 -89.46 -28.23
C ASP D 998 -0.30 -89.22 -29.71
N GLN D 999 0.03 -90.25 -30.48
CA GLN D 999 0.00 -90.27 -31.93
C GLN D 999 -1.40 -89.94 -32.45
N THR D 1000 -2.46 -90.39 -31.71
CA THR D 1000 -3.88 -90.14 -32.08
C THR D 1000 -4.16 -88.64 -32.13
N ILE D 1001 -3.38 -87.83 -31.40
CA ILE D 1001 -3.49 -86.38 -31.40
C ILE D 1001 -2.59 -85.81 -32.52
N ILE D 1002 -1.28 -86.21 -32.56
CA ILE D 1002 -0.26 -85.77 -33.53
C ILE D 1002 -0.79 -85.76 -34.98
N TRP D 1003 -1.49 -86.83 -35.36
CA TRP D 1003 -1.98 -86.96 -36.73
C TRP D 1003 -3.40 -86.42 -36.96
N ALA D 1004 -4.22 -86.34 -35.88
CA ALA D 1004 -5.63 -85.89 -35.87
C ALA D 1004 -5.97 -84.74 -36.83
N ASP D 1005 -7.26 -84.70 -37.22
CA ASP D 1005 -7.81 -83.76 -38.20
C ASP D 1005 -7.88 -82.30 -37.70
N GLN D 1006 -8.25 -82.10 -36.44
CA GLN D 1006 -8.22 -80.77 -35.81
C GLN D 1006 -7.48 -81.04 -34.48
N PRO D 1007 -6.13 -81.09 -34.47
CA PRO D 1007 -5.44 -81.58 -33.27
C PRO D 1007 -5.42 -80.67 -32.05
N TRP D 1008 -5.42 -79.35 -32.27
CA TRP D 1008 -5.35 -78.38 -31.18
C TRP D 1008 -6.62 -78.35 -30.31
N THR D 1009 -7.64 -79.11 -30.72
CA THR D 1009 -8.93 -79.19 -30.05
C THR D 1009 -8.84 -80.11 -28.85
N SER D 1010 -7.74 -80.87 -28.74
CA SER D 1010 -7.49 -81.75 -27.61
C SER D 1010 -6.72 -80.99 -26.53
N PHE D 1011 -6.18 -79.79 -26.87
CA PHE D 1011 -5.41 -78.98 -25.92
C PHE D 1011 -6.29 -78.25 -24.88
N LYS D 1012 -5.98 -78.49 -23.59
CA LYS D 1012 -6.74 -77.90 -22.49
C LYS D 1012 -5.84 -77.08 -21.49
N GLY D 1013 -4.89 -76.35 -22.05
CA GLY D 1013 -4.01 -75.49 -21.28
C GLY D 1013 -2.75 -76.11 -20.71
N SER D 1014 -1.72 -75.25 -20.50
CA SER D 1014 -0.44 -75.61 -19.93
C SER D 1014 -0.42 -74.93 -18.55
N TYR D 1015 0.29 -75.52 -17.57
CA TYR D 1015 0.40 -74.99 -16.20
C TYR D 1015 1.74 -75.43 -15.57
N LEU D 1016 2.42 -74.55 -14.80
CA LEU D 1016 3.67 -74.92 -14.13
C LEU D 1016 3.28 -75.67 -12.84
N ASP D 1017 3.75 -76.90 -12.66
CA ASP D 1017 3.36 -77.64 -11.47
C ASP D 1017 4.23 -77.34 -10.28
N SER D 1018 3.69 -77.61 -9.07
CA SER D 1018 4.27 -77.49 -7.73
C SER D 1018 5.67 -78.08 -7.67
N ASP D 1019 5.93 -79.14 -8.44
CA ASP D 1019 7.24 -79.80 -8.55
C ASP D 1019 8.29 -78.90 -9.24
N GLY D 1020 7.85 -77.92 -10.03
CA GLY D 1020 8.71 -76.99 -10.75
C GLY D 1020 8.68 -77.11 -12.27
N THR D 1021 8.14 -78.24 -12.79
CA THR D 1021 8.07 -78.52 -14.23
C THR D 1021 6.76 -78.10 -14.89
N PRO D 1022 6.78 -77.56 -16.16
CA PRO D 1022 5.52 -77.23 -16.84
C PRO D 1022 4.84 -78.47 -17.40
N LYS D 1023 3.49 -78.51 -17.28
CA LYS D 1023 2.62 -79.61 -17.70
C LYS D 1023 1.46 -79.11 -18.60
N SER D 1024 1.00 -79.93 -19.55
CA SER D 1024 -0.08 -79.52 -20.47
C SER D 1024 -1.20 -80.56 -20.51
N LEU D 1025 -2.46 -80.09 -20.40
CA LEU D 1025 -3.64 -80.94 -20.44
C LEU D 1025 -4.04 -81.30 -21.86
N TRP D 1026 -4.29 -82.58 -22.07
CA TRP D 1026 -4.73 -83.13 -23.34
C TRP D 1026 -5.97 -84.00 -23.16
N ASP D 1027 -6.94 -83.84 -24.06
CA ASP D 1027 -8.20 -84.59 -24.03
C ASP D 1027 -8.64 -84.99 -25.46
N PRO D 1028 -8.13 -86.15 -25.96
CA PRO D 1028 -8.46 -86.57 -27.34
C PRO D 1028 -9.94 -86.81 -27.58
N THR D 1029 -10.72 -87.00 -26.51
CA THR D 1029 -12.16 -87.23 -26.59
C THR D 1029 -12.81 -85.95 -27.11
N ALA D 1030 -12.17 -84.81 -26.79
CA ALA D 1030 -12.59 -83.46 -27.16
C ALA D 1030 -12.07 -83.03 -28.55
N LEU D 1031 -11.47 -83.97 -29.31
CA LEU D 1031 -10.98 -83.68 -30.65
C LEU D 1031 -12.16 -83.45 -31.57
N LYS D 1032 -12.20 -82.26 -32.21
CA LYS D 1032 -13.27 -81.89 -33.14
C LYS D 1032 -12.98 -82.52 -34.48
N SER D 1033 -14.00 -83.19 -35.05
CA SER D 1033 -13.89 -83.85 -36.35
C SER D 1033 -14.13 -82.82 -37.42
N LEU D 1034 -13.68 -83.08 -38.64
CA LEU D 1034 -13.86 -82.15 -39.75
C LEU D 1034 -15.36 -81.89 -40.05
N PRO D 1035 -15.74 -80.83 -40.80
CA PRO D 1035 -17.18 -80.63 -41.10
C PRO D 1035 -17.79 -81.83 -41.81
N ASN D 1036 -19.03 -82.16 -41.45
CA ASN D 1036 -19.68 -83.35 -41.95
C ASN D 1036 -19.60 -83.54 -43.49
N SER D 1037 -19.30 -84.80 -43.83
CA SER D 1037 -19.14 -85.42 -45.14
C SER D 1037 -20.46 -85.32 -45.92
N SER D 1038 -20.61 -84.17 -46.59
CA SER D 1038 -21.75 -83.70 -47.41
C SER D 1038 -22.55 -84.81 -48.16
N THR D 1039 -21.94 -85.51 -49.14
CA THR D 1039 -22.61 -86.59 -49.88
C THR D 1039 -21.96 -87.98 -49.52
N THR D 1040 -21.77 -88.33 -48.20
CA THR D 1040 -21.09 -89.55 -47.67
C THR D 1040 -19.63 -89.70 -48.25
N TYR D 1041 -19.19 -88.68 -49.02
CA TYR D 1041 -17.92 -88.52 -49.70
C TYR D 1041 -17.73 -86.99 -49.90
N ASP D 1042 -16.51 -86.53 -50.11
CA ASP D 1042 -16.29 -85.09 -50.23
C ASP D 1042 -15.75 -84.70 -51.59
N THR D 1043 -16.65 -84.75 -52.59
CA THR D 1043 -16.57 -84.48 -54.05
C THR D 1043 -15.12 -84.62 -54.66
N ASN D 1044 -14.12 -83.75 -54.30
CA ASN D 1044 -12.69 -83.81 -54.66
C ASN D 1044 -11.79 -83.23 -53.48
N PRO D 1045 -11.55 -81.90 -53.32
CA PRO D 1045 -10.70 -81.45 -52.20
C PRO D 1045 -11.46 -81.24 -50.88
N THR D 1046 -10.83 -81.57 -49.74
CA THR D 1046 -11.42 -81.41 -48.42
C THR D 1046 -10.56 -80.47 -47.56
N LEU D 1047 -11.13 -79.33 -47.25
CA LEU D 1047 -10.51 -78.28 -46.46
C LEU D 1047 -10.26 -78.77 -45.03
N SER D 1048 -9.01 -78.66 -44.61
CA SER D 1048 -8.50 -79.01 -43.29
C SER D 1048 -7.67 -77.83 -42.77
N PRO D 1049 -7.27 -77.74 -41.48
CA PRO D 1049 -6.52 -76.55 -41.03
C PRO D 1049 -5.20 -76.30 -41.73
N SER D 1050 -4.52 -77.38 -42.08
CA SER D 1050 -3.25 -77.33 -42.79
C SER D 1050 -3.41 -77.38 -44.33
N PHE D 1051 -4.69 -77.42 -44.84
CA PHE D 1051 -4.95 -77.47 -46.26
C PHE D 1051 -4.48 -76.23 -47.00
N GLN D 1052 -3.77 -76.46 -48.14
CA GLN D 1052 -3.27 -75.40 -49.03
C GLN D 1052 -3.66 -75.69 -50.46
N LEU D 1053 -3.78 -74.64 -51.29
CA LEU D 1053 -4.20 -74.80 -52.69
C LEU D 1053 -3.05 -74.82 -53.68
N TYR D 1054 -2.06 -75.71 -53.46
CA TYR D 1054 -0.90 -75.83 -54.33
C TYR D 1054 -1.26 -76.12 -55.83
N GLN D 1055 -0.78 -75.22 -56.68
CA GLN D 1055 -0.87 -75.20 -58.13
C GLN D 1055 0.19 -76.14 -58.72
N PRO D 1056 -0.13 -76.74 -59.88
CA PRO D 1056 0.85 -77.60 -60.54
C PRO D 1056 2.02 -76.85 -61.19
N ASN D 1057 3.18 -77.47 -61.15
CA ASN D 1057 4.40 -76.98 -61.78
C ASN D 1057 4.70 -77.96 -62.90
N LYS D 1058 5.17 -77.47 -64.05
CA LYS D 1058 5.52 -78.38 -65.14
C LYS D 1058 6.84 -77.97 -65.75
N VAL D 1059 7.84 -78.88 -65.73
CA VAL D 1059 9.18 -78.66 -66.31
C VAL D 1059 9.46 -79.66 -67.44
N LYS D 1060 10.40 -79.32 -68.32
CA LYS D 1060 10.86 -80.19 -69.40
C LYS D 1060 11.68 -81.35 -68.76
N ALA D 1061 12.03 -82.40 -69.54
CA ALA D 1061 12.83 -83.52 -69.03
C ALA D 1061 14.24 -83.11 -68.60
N TYR D 1062 14.64 -83.57 -67.43
CA TYR D 1062 15.93 -83.30 -66.82
C TYR D 1062 17.08 -83.93 -67.61
N GLN D 1063 18.27 -83.30 -67.60
CA GLN D 1063 19.42 -83.85 -68.32
C GLN D 1063 20.14 -84.96 -67.54
N THR D 1064 20.74 -85.93 -68.24
CA THR D 1064 21.47 -87.06 -67.63
C THR D 1064 22.77 -86.57 -67.07
N THR D 1065 23.35 -85.55 -67.72
CA THR D 1065 24.61 -84.92 -67.39
C THR D 1065 24.45 -83.40 -67.39
N ASN D 1066 25.16 -82.72 -66.47
CA ASN D 1066 25.16 -81.25 -66.30
C ASN D 1066 23.73 -80.71 -66.05
N THR D 1067 22.99 -81.45 -65.22
CA THR D 1067 21.59 -81.20 -64.89
C THR D 1067 21.32 -79.83 -64.35
N TYR D 1068 21.97 -79.51 -63.24
CA TYR D 1068 21.75 -78.27 -62.53
C TYR D 1068 22.82 -77.24 -62.82
N ASN D 1069 23.38 -77.31 -64.05
CA ASN D 1069 24.39 -76.37 -64.52
C ASN D 1069 23.68 -75.05 -64.84
N LYS D 1070 22.51 -75.18 -65.45
CA LYS D 1070 21.65 -74.06 -65.78
C LYS D 1070 20.42 -74.22 -64.89
N LEU D 1071 19.61 -73.14 -64.77
CA LEU D 1071 18.39 -73.13 -63.98
C LEU D 1071 17.37 -74.07 -64.65
N ILE D 1072 16.47 -74.74 -63.87
CA ILE D 1072 15.46 -75.65 -64.45
C ILE D 1072 14.40 -74.84 -65.18
N GLU D 1073 14.16 -75.17 -66.46
CA GLU D 1073 13.20 -74.47 -67.31
C GLU D 1073 11.81 -75.08 -67.25
N PRO D 1074 10.80 -74.31 -66.76
CA PRO D 1074 9.42 -74.81 -66.78
C PRO D 1074 8.74 -74.53 -68.09
N VAL D 1075 7.50 -75.01 -68.22
CA VAL D 1075 6.62 -74.82 -69.38
C VAL D 1075 5.24 -74.54 -68.84
N ASP D 1076 4.29 -74.16 -69.73
CA ASP D 1076 2.90 -73.88 -69.33
C ASP D 1076 2.31 -75.06 -68.57
N ALA D 1077 1.60 -74.78 -67.46
CA ALA D 1077 1.02 -75.83 -66.65
C ALA D 1077 -0.45 -75.61 -66.37
N THR D 1078 -1.06 -74.56 -66.97
CA THR D 1078 -2.48 -74.22 -66.80
C THR D 1078 -3.38 -75.45 -67.04
N SER D 1079 -2.99 -76.23 -68.06
CA SER D 1079 -3.60 -77.46 -68.55
C SER D 1079 -3.15 -78.69 -67.75
N ALA D 1080 -1.88 -78.74 -67.28
CA ALA D 1080 -1.20 -79.84 -66.58
C ALA D 1080 -1.99 -80.56 -65.48
N ALA D 1081 -3.01 -79.91 -64.92
CA ALA D 1081 -3.85 -80.50 -63.88
C ALA D 1081 -4.60 -81.74 -64.35
N THR D 1082 -4.85 -81.82 -65.68
CA THR D 1082 -5.61 -82.84 -66.39
C THR D 1082 -5.10 -84.26 -66.11
N ASN D 1083 -3.78 -84.45 -66.11
CA ASN D 1083 -3.18 -85.76 -65.90
C ASN D 1083 -2.89 -86.10 -64.43
N MET D 1084 -2.76 -85.06 -63.60
CA MET D 1084 -2.40 -85.22 -62.19
C MET D 1084 -3.52 -85.72 -61.26
N THR D 1085 -4.66 -86.14 -61.80
CA THR D 1085 -5.83 -86.59 -61.02
C THR D 1085 -5.49 -87.40 -59.73
N SER D 1086 -4.51 -88.30 -59.86
CA SER D 1086 -3.97 -89.18 -58.83
C SER D 1086 -3.26 -88.43 -57.70
N LEU D 1087 -2.34 -87.50 -58.07
CA LEU D 1087 -1.50 -86.65 -57.22
C LEU D 1087 -2.36 -85.56 -56.59
N LEU D 1088 -3.17 -84.86 -57.43
CA LEU D 1088 -4.08 -83.80 -57.05
C LEU D 1088 -5.01 -84.23 -55.93
N LYS D 1089 -5.27 -85.55 -55.85
CA LYS D 1089 -6.09 -86.20 -54.82
C LYS D 1089 -5.42 -85.98 -53.45
N LEU D 1090 -4.07 -86.09 -53.40
CA LEU D 1090 -3.24 -85.94 -52.20
C LEU D 1090 -3.02 -84.49 -51.76
N LEU D 1091 -3.78 -83.53 -52.32
CA LEU D 1091 -3.72 -82.14 -51.87
C LEU D 1091 -4.54 -82.07 -50.55
N THR D 1092 -5.43 -83.08 -50.34
CA THR D 1092 -6.33 -83.30 -49.21
C THR D 1092 -5.61 -84.21 -48.23
N THR D 1093 -5.54 -83.77 -46.97
CA THR D 1093 -4.78 -84.39 -45.85
C THR D 1093 -5.06 -85.88 -45.64
N LYS D 1094 -6.34 -86.20 -45.47
CA LYS D 1094 -6.88 -87.53 -45.25
C LYS D 1094 -6.20 -88.59 -46.15
N ASN D 1095 -6.02 -88.27 -47.45
CA ASN D 1095 -5.44 -89.17 -48.46
C ASN D 1095 -3.98 -89.52 -48.18
N ILE D 1096 -3.20 -88.54 -47.68
CA ILE D 1096 -1.79 -88.77 -47.35
C ILE D 1096 -1.71 -89.58 -46.04
N LYS D 1097 -2.60 -89.24 -45.08
CA LYS D 1097 -2.69 -89.93 -43.79
C LYS D 1097 -2.92 -91.41 -44.06
N ALA D 1098 -3.75 -91.70 -45.10
CA ALA D 1098 -4.11 -93.04 -45.54
C ALA D 1098 -2.91 -93.79 -46.10
N LYS D 1099 -2.21 -93.21 -47.09
CA LYS D 1099 -1.06 -93.84 -47.71
C LYS D 1099 0.10 -94.08 -46.76
N LEU D 1100 0.24 -93.25 -45.72
CA LEU D 1100 1.34 -93.38 -44.76
C LEU D 1100 0.99 -94.37 -43.62
N GLY D 1101 -0.22 -94.92 -43.66
CA GLY D 1101 -0.70 -95.88 -42.67
C GLY D 1101 -1.01 -95.23 -41.34
N LYS D 1102 -1.72 -94.11 -41.40
CA LYS D 1102 -2.14 -93.33 -40.26
C LYS D 1102 -3.65 -93.05 -40.40
N GLY D 1103 -4.24 -92.27 -39.51
CA GLY D 1103 -5.68 -91.99 -39.58
C GLY D 1103 -6.62 -93.18 -39.38
N THR D 1104 -6.15 -94.24 -38.68
CA THR D 1104 -6.87 -95.47 -38.30
C THR D 1104 -7.13 -95.46 -36.76
N ALA D 1105 -8.23 -96.10 -36.31
CA ALA D 1105 -8.55 -96.16 -34.89
C ALA D 1105 -7.66 -97.16 -34.12
N ASN D 1112 -5.94 -95.07 -25.09
CA ASN D 1112 -4.50 -94.88 -25.36
C ASN D 1112 -3.91 -93.61 -24.69
N GLY D 1113 -4.64 -92.51 -24.75
CA GLY D 1113 -4.23 -91.23 -24.19
C GLY D 1113 -5.27 -90.58 -23.31
N GLY D 1114 -5.17 -89.26 -23.14
CA GLY D 1114 -6.06 -88.47 -22.31
C GLY D 1114 -5.51 -88.26 -20.93
N GLY D 1115 -4.80 -87.16 -20.75
CA GLY D 1115 -4.18 -86.79 -19.48
C GLY D 1115 -3.31 -85.55 -19.50
N VAL D 1116 -2.14 -85.63 -18.83
CA VAL D 1116 -1.24 -84.49 -18.72
C VAL D 1116 0.22 -84.78 -19.20
N SER D 1117 0.76 -83.91 -20.07
CA SER D 1117 2.11 -84.05 -20.65
C SER D 1117 3.14 -83.13 -19.99
N GLN D 1118 4.09 -83.72 -19.25
CA GLN D 1118 5.19 -83.02 -18.56
C GLN D 1118 6.38 -82.86 -19.50
N THR D 1119 7.09 -81.74 -19.43
CA THR D 1119 8.27 -81.51 -20.27
C THR D 1119 9.50 -82.33 -19.82
N ILE D 1120 10.54 -82.39 -20.67
CA ILE D 1120 11.81 -83.09 -20.44
C ILE D 1120 12.60 -82.50 -19.23
N ASN D 1121 13.45 -83.34 -18.62
CA ASN D 1121 14.31 -83.13 -17.43
C ASN D 1121 14.87 -81.71 -17.15
N THR D 1122 15.84 -81.26 -17.97
CA THR D 1122 16.68 -80.07 -18.04
C THR D 1122 17.31 -79.60 -16.72
N ILE D 1123 18.63 -79.42 -16.82
CA ILE D 1123 19.55 -78.92 -15.82
C ILE D 1123 20.25 -77.66 -16.33
N THR D 1124 21.06 -77.01 -15.48
CA THR D 1124 21.78 -75.77 -15.81
C THR D 1124 22.70 -75.90 -17.02
N THR D 1125 23.35 -77.07 -17.15
CA THR D 1125 24.27 -77.41 -18.22
C THR D 1125 23.53 -77.81 -19.53
N THR D 1126 22.21 -78.13 -19.44
CA THR D 1126 21.38 -78.50 -20.58
C THR D 1126 21.30 -77.34 -21.56
N GLY D 1127 21.63 -77.63 -22.81
CA GLY D 1127 21.63 -76.69 -23.91
C GLY D 1127 23.00 -76.21 -24.29
N ASN D 1128 24.03 -76.70 -23.59
CA ASN D 1128 25.38 -76.24 -23.85
C ASN D 1128 25.97 -76.82 -25.11
N ILE D 1129 25.81 -76.09 -26.21
CA ILE D 1129 26.33 -76.48 -27.51
C ILE D 1129 27.63 -75.73 -27.84
N SER D 1130 28.35 -75.23 -26.79
CA SER D 1130 29.58 -74.45 -26.97
C SER D 1130 30.63 -75.20 -27.72
N GLU D 1131 30.79 -76.52 -27.46
CA GLU D 1131 31.79 -77.34 -28.15
C GLU D 1131 31.56 -77.35 -29.66
N GLY D 1132 30.28 -77.39 -30.04
CA GLY D 1132 29.84 -77.39 -31.42
C GLY D 1132 29.96 -76.05 -32.11
N LEU D 1133 30.14 -74.98 -31.35
CA LEU D 1133 30.22 -73.65 -31.97
C LEU D 1133 31.65 -73.20 -32.22
N LYS D 1134 32.64 -73.90 -31.62
CA LYS D 1134 34.08 -73.65 -31.77
C LYS D 1134 34.46 -73.68 -33.27
N GLU D 1135 35.25 -72.73 -33.71
CA GLU D 1135 35.69 -72.69 -35.10
C GLU D 1135 37.18 -73.09 -35.11
N GLU D 1136 37.50 -74.14 -34.33
CA GLU D 1136 38.84 -74.67 -34.10
C GLU D 1136 39.42 -75.35 -35.35
N THR D 1137 38.79 -76.44 -35.81
CA THR D 1137 39.25 -77.21 -36.98
C THR D 1137 38.41 -76.93 -38.20
N SER D 1138 37.12 -76.72 -38.02
CA SER D 1138 36.22 -76.48 -39.14
C SER D 1138 35.43 -75.22 -38.90
N ILE D 1139 34.78 -74.70 -39.97
CA ILE D 1139 33.95 -73.51 -39.87
C ILE D 1139 32.78 -73.85 -38.94
N GLN D 1140 32.26 -72.84 -38.20
CA GLN D 1140 31.20 -73.01 -37.19
C GLN D 1140 30.13 -74.01 -37.61
N ALA D 1141 29.55 -73.85 -38.82
CA ALA D 1141 28.51 -74.74 -39.31
C ALA D 1141 28.96 -76.22 -39.39
N GLU D 1142 30.20 -76.49 -39.80
CA GLU D 1142 30.73 -77.84 -39.86
C GLU D 1142 30.94 -78.44 -38.47
N THR D 1143 31.62 -77.71 -37.57
CA THR D 1143 31.86 -78.19 -36.20
C THR D 1143 30.55 -78.52 -35.46
N LEU D 1144 29.46 -77.77 -35.73
CA LEU D 1144 28.17 -78.01 -35.09
C LEU D 1144 27.51 -79.28 -35.65
N LYS D 1145 27.58 -79.49 -36.98
CA LYS D 1145 27.04 -80.69 -37.64
C LYS D 1145 27.72 -81.92 -37.02
N LYS D 1146 29.05 -81.87 -36.85
CA LYS D 1146 29.83 -82.95 -36.25
C LYS D 1146 29.38 -83.22 -34.81
N PHE D 1147 29.18 -82.14 -34.03
CA PHE D 1147 28.75 -82.18 -32.64
C PHE D 1147 27.36 -82.78 -32.49
N PHE D 1148 26.40 -82.34 -33.33
CA PHE D 1148 25.04 -82.85 -33.28
C PHE D 1148 24.98 -84.33 -33.60
N ASP D 1149 25.78 -84.75 -34.58
CA ASP D 1149 25.88 -86.13 -35.01
C ASP D 1149 26.38 -87.01 -33.88
N SER D 1150 27.36 -86.50 -33.11
CA SER D 1150 27.93 -87.22 -31.97
C SER D 1150 26.89 -87.38 -30.85
N LYS D 1151 25.99 -86.37 -30.71
CA LYS D 1151 24.96 -86.35 -29.68
C LYS D 1151 23.58 -86.79 -30.24
N GLN D 1152 23.54 -87.76 -31.15
CA GLN D 1152 22.29 -88.23 -31.74
C GLN D 1152 21.53 -89.24 -30.88
N ASN D 1153 22.22 -89.94 -30.00
CA ASN D 1153 21.58 -90.91 -29.12
C ASN D 1153 21.08 -90.25 -27.84
N ASN D 1154 21.69 -89.12 -27.49
CA ASN D 1154 21.31 -88.37 -26.31
C ASN D 1154 20.96 -86.95 -26.68
N LYS D 1155 19.81 -86.79 -27.41
CA LYS D 1155 19.30 -85.49 -27.84
C LYS D 1155 18.79 -84.70 -26.64
N SER D 1156 18.45 -85.41 -25.56
CA SER D 1156 18.00 -84.91 -24.25
C SER D 1156 19.01 -83.95 -23.64
N GLU D 1157 20.32 -84.23 -23.83
CA GLU D 1157 21.44 -83.43 -23.34
C GLU D 1157 21.41 -81.99 -23.88
N ILE D 1158 20.89 -81.82 -25.10
CA ILE D 1158 20.80 -80.54 -25.78
C ILE D 1158 19.49 -79.83 -25.39
N GLY D 1159 18.43 -80.61 -25.21
CA GLY D 1159 17.12 -80.09 -24.84
C GLY D 1159 16.04 -80.46 -25.81
N ILE D 1160 16.25 -81.54 -26.60
CA ILE D 1160 15.26 -82.08 -27.53
C ILE D 1160 14.84 -83.45 -27.02
N GLY D 1161 13.54 -83.67 -26.89
CA GLY D 1161 13.04 -84.94 -26.38
C GLY D 1161 11.54 -85.13 -26.29
N ASP D 1162 11.13 -86.36 -25.95
CA ASP D 1162 9.75 -86.76 -25.80
C ASP D 1162 9.23 -86.42 -24.42
N SER D 1163 8.18 -85.60 -24.38
CA SER D 1163 7.55 -85.20 -23.14
C SER D 1163 6.90 -86.42 -22.49
N THR D 1164 7.26 -86.72 -21.22
CA THR D 1164 6.67 -87.83 -20.45
C THR D 1164 5.16 -87.58 -20.19
N PHE D 1165 4.37 -88.66 -20.09
CA PHE D 1165 2.93 -88.50 -19.90
C PHE D 1165 2.38 -89.30 -18.74
N THR D 1166 1.36 -88.73 -18.07
CA THR D 1166 0.67 -89.36 -16.96
C THR D 1166 -0.80 -89.45 -17.31
N LYS D 1167 -1.31 -90.70 -17.41
CA LYS D 1167 -2.69 -91.01 -17.77
C LYS D 1167 -3.68 -90.46 -16.76
N MET D 1168 -4.80 -89.92 -17.25
CA MET D 1168 -5.85 -89.37 -16.39
C MET D 1168 -7.21 -89.90 -16.81
N ASP D 1169 -8.09 -90.10 -15.83
CA ASP D 1169 -9.42 -90.62 -16.06
C ASP D 1169 -10.41 -89.52 -16.33
N GLY D 1170 -11.17 -89.70 -17.41
CA GLY D 1170 -12.23 -88.78 -17.83
C GLY D 1170 -11.78 -87.56 -18.59
N LYS D 1171 -12.78 -86.78 -19.07
CA LYS D 1171 -12.59 -85.53 -19.81
C LYS D 1171 -11.95 -84.45 -18.90
N LEU D 1172 -10.81 -83.91 -19.35
CA LEU D 1172 -10.10 -82.84 -18.65
C LEU D 1172 -10.61 -81.53 -19.26
N THR D 1173 -11.11 -80.62 -18.41
CA THR D 1173 -11.66 -79.33 -18.87
C THR D 1173 -10.77 -78.15 -18.58
N GLY D 1174 -10.00 -78.27 -17.53
CA GLY D 1174 -9.09 -77.23 -17.08
C GLY D 1174 -8.50 -77.51 -15.71
N VAL D 1175 -7.80 -76.52 -15.17
CA VAL D 1175 -7.15 -76.61 -13.87
C VAL D 1175 -7.58 -75.42 -12.99
N VAL D 1176 -7.55 -75.63 -11.66
CA VAL D 1176 -7.83 -74.57 -10.69
C VAL D 1176 -6.53 -74.41 -9.95
N SER D 1177 -5.89 -73.25 -10.11
CA SER D 1177 -4.58 -73.06 -9.52
C SER D 1177 -4.49 -71.97 -8.48
N THR D 1178 -4.19 -72.37 -7.25
CA THR D 1178 -3.99 -71.50 -6.11
C THR D 1178 -2.47 -71.51 -5.92
N PRO D 1179 -1.87 -70.49 -5.28
CA PRO D 1179 -0.42 -70.54 -5.05
C PRO D 1179 0.05 -71.86 -4.43
N LEU D 1180 -0.79 -72.48 -3.60
CA LEU D 1180 -0.53 -73.75 -2.93
C LEU D 1180 -0.67 -75.00 -3.80
N VAL D 1181 -1.67 -75.05 -4.72
CA VAL D 1181 -1.93 -76.26 -5.50
C VAL D 1181 -2.52 -76.01 -6.90
N ASN D 1182 -2.37 -76.99 -7.80
CA ASN D 1182 -2.96 -77.02 -9.15
C ASN D 1182 -3.85 -78.27 -9.17
N LEU D 1183 -5.18 -78.12 -9.26
CA LEU D 1183 -6.08 -79.27 -9.26
C LEU D 1183 -6.76 -79.41 -10.58
N ILE D 1184 -6.57 -80.56 -11.24
CA ILE D 1184 -7.20 -80.79 -12.53
C ILE D 1184 -8.70 -80.93 -12.30
N ASN D 1185 -9.44 -79.95 -12.82
CA ASN D 1185 -10.88 -79.81 -12.66
C ASN D 1185 -11.36 -79.75 -11.22
N GLY D 1186 -10.63 -79.27 -10.23
CA GLY D 1186 -11.24 -79.31 -8.91
C GLY D 1186 -10.57 -80.34 -8.06
N GLN D 1187 -10.24 -81.52 -8.64
CA GLN D 1187 -9.63 -82.73 -8.07
C GLN D 1187 -9.86 -82.79 -6.51
N GLY D 1188 -9.01 -83.50 -5.77
CA GLY D 1188 -9.19 -83.69 -4.34
C GLY D 1188 -8.52 -82.62 -3.54
N ALA D 1189 -9.22 -81.51 -3.34
CA ALA D 1189 -8.69 -80.42 -2.54
C ALA D 1189 -8.87 -80.85 -1.08
N THR D 1190 -7.75 -80.90 -0.33
CA THR D 1190 -7.74 -81.33 1.06
C THR D 1190 -7.25 -80.23 1.98
N SER D 1191 -7.61 -80.33 3.28
CA SER D 1191 -7.16 -79.41 4.32
C SER D 1191 -5.68 -79.58 4.49
N ASP D 1192 -4.97 -78.49 4.82
CA ASP D 1192 -3.52 -78.53 4.98
C ASP D 1192 -3.14 -79.32 6.25
N SER D 1193 -2.34 -80.39 6.07
CA SER D 1193 -1.87 -81.27 7.13
C SER D 1193 -0.92 -80.56 8.10
N ASP D 1194 -0.21 -79.52 7.62
CA ASP D 1194 0.72 -78.75 8.43
C ASP D 1194 -0.04 -77.93 9.48
N THR D 1195 -1.17 -77.32 9.09
CA THR D 1195 -1.97 -76.47 9.99
C THR D 1195 -3.10 -77.16 10.72
N GLU D 1196 -3.41 -78.42 10.39
CA GLU D 1196 -4.53 -79.19 10.95
C GLU D 1196 -4.64 -79.17 12.49
N LYS D 1197 -3.52 -78.93 13.21
CA LYS D 1197 -3.51 -78.90 14.68
C LYS D 1197 -3.70 -77.48 15.25
N ILE D 1198 -3.47 -76.44 14.43
CA ILE D 1198 -3.62 -75.01 14.76
C ILE D 1198 -5.11 -74.60 14.60
N SER D 1199 -5.63 -73.82 15.56
CA SER D 1199 -7.02 -73.34 15.58
C SER D 1199 -7.13 -72.13 16.49
N PHE D 1200 -8.17 -71.31 16.34
CA PHE D 1200 -8.36 -70.17 17.23
C PHE D 1200 -8.97 -70.66 18.55
N LYS D 1201 -8.74 -69.92 19.64
CA LYS D 1201 -9.31 -70.27 20.94
C LYS D 1201 -10.78 -69.81 20.93
N PRO D 1202 -11.75 -70.67 21.30
CA PRO D 1202 -13.16 -70.22 21.33
C PRO D 1202 -13.39 -69.07 22.31
N GLY D 1203 -14.24 -68.11 21.93
CA GLY D 1203 -14.57 -66.90 22.69
C GLY D 1203 -14.54 -66.98 24.21
N ASN D 1204 -15.17 -68.03 24.75
CA ASN D 1204 -15.27 -68.32 26.18
C ASN D 1204 -13.91 -68.55 26.85
N GLN D 1205 -13.03 -69.30 26.18
CA GLN D 1205 -11.69 -69.72 26.62
C GLN D 1205 -10.64 -68.60 26.71
N ILE D 1206 -11.04 -67.35 26.42
CA ILE D 1206 -10.15 -66.18 26.47
C ILE D 1206 -9.97 -65.72 27.94
N ASP D 1207 -8.76 -65.30 28.30
CA ASP D 1207 -8.36 -64.90 29.66
C ASP D 1207 -9.02 -63.59 30.16
N PHE D 1208 -9.29 -62.63 29.25
CA PHE D 1208 -9.92 -61.32 29.47
C PHE D 1208 -9.10 -60.33 30.34
N ASN D 1209 -8.49 -60.76 31.46
CA ASN D 1209 -7.70 -59.81 32.27
C ASN D 1209 -6.43 -59.33 31.60
N ARG D 1210 -5.50 -60.27 31.29
CA ARG D 1210 -4.18 -60.01 30.73
C ARG D 1210 -4.28 -59.21 29.44
N LEU D 1211 -3.94 -57.92 29.58
CA LEU D 1211 -3.83 -56.85 28.58
C LEU D 1211 -5.06 -56.70 27.62
N PHE D 1212 -6.23 -57.29 27.97
CA PHE D 1212 -7.49 -57.14 27.21
C PHE D 1212 -8.41 -56.18 27.98
N THR D 1213 -8.03 -55.86 29.24
CA THR D 1213 -8.69 -54.90 30.12
C THR D 1213 -8.25 -53.52 29.61
N LEU D 1214 -6.92 -53.32 29.58
CA LEU D 1214 -6.25 -52.13 29.08
C LEU D 1214 -6.37 -52.07 27.52
N PRO D 1215 -6.32 -50.87 26.88
CA PRO D 1215 -6.52 -50.77 25.41
C PRO D 1215 -5.93 -51.85 24.49
N VAL D 1216 -6.66 -52.08 23.38
CA VAL D 1216 -6.39 -53.04 22.30
C VAL D 1216 -5.02 -52.82 21.64
N THR D 1217 -4.64 -51.55 21.43
CA THR D 1217 -3.37 -51.10 20.82
C THR D 1217 -2.11 -51.72 21.44
N GLU D 1218 -2.22 -52.17 22.70
CA GLU D 1218 -1.15 -52.76 23.49
C GLU D 1218 -0.95 -54.27 23.22
N LEU D 1219 -1.73 -54.84 22.28
CA LEU D 1219 -1.64 -56.26 21.96
C LEU D 1219 -0.95 -56.56 20.63
N PHE D 1220 -0.64 -55.51 19.87
CA PHE D 1220 0.02 -55.64 18.60
C PHE D 1220 1.00 -54.49 18.37
N ASP D 1221 2.07 -54.76 17.58
CA ASP D 1221 3.11 -53.79 17.24
C ASP D 1221 2.51 -52.86 16.20
N PRO D 1222 2.29 -51.56 16.51
CA PRO D 1222 1.63 -50.66 15.54
C PRO D 1222 2.32 -50.52 14.20
N ASN D 1223 3.66 -50.58 14.18
CA ASN D 1223 4.44 -50.48 12.94
C ASN D 1223 4.19 -51.70 12.02
N THR D 1224 4.28 -52.94 12.58
CA THR D 1224 4.17 -54.20 11.85
C THR D 1224 2.73 -54.69 11.68
N MET D 1225 1.84 -54.38 12.66
CA MET D 1225 0.42 -54.71 12.79
C MET D 1225 0.21 -56.20 13.11
N PHE D 1226 1.18 -56.81 13.80
CA PHE D 1226 1.11 -58.20 14.24
C PHE D 1226 1.00 -58.29 15.74
N VAL D 1227 0.22 -59.27 16.24
CA VAL D 1227 0.05 -59.51 17.67
C VAL D 1227 1.40 -59.88 18.22
N TYR D 1228 1.81 -59.25 19.34
CA TYR D 1228 3.11 -59.51 19.97
C TYR D 1228 3.22 -60.98 20.32
N ASP D 1229 4.38 -61.58 20.02
CA ASP D 1229 4.70 -63.00 20.20
C ASP D 1229 4.17 -63.63 21.49
N GLN D 1230 4.09 -62.83 22.55
CA GLN D 1230 3.65 -63.19 23.88
C GLN D 1230 2.14 -63.54 23.98
N TYR D 1231 1.26 -62.78 23.31
CA TYR D 1231 -0.19 -62.99 23.38
C TYR D 1231 -0.68 -64.03 22.39
N VAL D 1232 0.14 -64.35 21.38
CA VAL D 1232 -0.22 -65.32 20.33
C VAL D 1232 -0.74 -66.64 20.93
N PRO D 1233 -0.06 -67.32 21.89
CA PRO D 1233 -0.63 -68.58 22.41
C PRO D 1233 -1.86 -68.37 23.28
N LEU D 1234 -2.16 -67.11 23.62
CA LEU D 1234 -3.33 -66.74 24.40
C LEU D 1234 -4.60 -66.78 23.54
N LEU D 1235 -4.44 -66.55 22.21
CA LEU D 1235 -5.54 -66.51 21.22
C LEU D 1235 -5.66 -67.76 20.34
N VAL D 1236 -4.56 -68.52 20.16
CA VAL D 1236 -4.57 -69.72 19.31
C VAL D 1236 -4.24 -71.00 20.09
N ASN D 1237 -4.92 -72.09 19.75
CA ASN D 1237 -4.70 -73.42 20.32
C ASN D 1237 -3.63 -74.08 19.46
N LEU D 1238 -2.50 -74.46 20.06
CA LEU D 1238 -1.38 -75.05 19.34
C LEU D 1238 -0.99 -76.42 19.87
N PRO D 1239 -0.47 -77.33 19.02
CA PRO D 1239 -0.05 -78.65 19.53
C PRO D 1239 1.12 -78.52 20.50
N SER D 1240 1.15 -79.36 21.57
CA SER D 1240 2.22 -79.30 22.57
C SER D 1240 3.58 -79.42 21.92
N GLY D 1241 4.39 -78.42 22.16
CA GLY D 1241 5.74 -78.32 21.60
C GLY D 1241 5.74 -77.83 20.18
N PHE D 1242 4.99 -76.75 19.91
CA PHE D 1242 4.92 -76.18 18.56
C PHE D 1242 5.75 -74.92 18.46
N ASP D 1243 6.43 -74.73 17.32
CA ASP D 1243 7.24 -73.53 17.08
C ASP D 1243 6.37 -72.31 16.87
N GLN D 1244 6.37 -71.43 17.87
CA GLN D 1244 5.63 -70.17 17.93
C GLN D 1244 5.99 -69.24 16.77
N ALA D 1245 7.22 -69.37 16.26
CA ALA D 1245 7.78 -68.55 15.19
C ALA D 1245 7.34 -68.95 13.79
N SER D 1246 6.72 -70.13 13.66
CA SER D 1246 6.21 -70.60 12.38
C SER D 1246 4.73 -70.19 12.18
N ILE D 1247 4.15 -69.41 13.13
CA ILE D 1247 2.79 -68.87 13.05
C ILE D 1247 2.74 -67.41 13.44
N ARG D 1248 1.77 -66.67 12.85
CA ARG D 1248 1.56 -65.25 13.13
C ARG D 1248 0.08 -64.84 13.10
N LEU D 1249 -0.21 -63.73 13.76
CA LEU D 1249 -1.54 -63.18 13.89
C LEU D 1249 -1.56 -61.73 13.44
N LYS D 1250 -1.95 -61.48 12.16
CA LYS D 1250 -2.01 -60.12 11.63
C LYS D 1250 -3.30 -59.48 12.06
N VAL D 1251 -3.23 -58.21 12.48
CA VAL D 1251 -4.40 -57.46 12.91
C VAL D 1251 -5.01 -56.81 11.68
N ILE D 1252 -6.19 -57.30 11.31
CA ILE D 1252 -6.94 -56.93 10.13
C ILE D 1252 -7.77 -55.67 10.37
N SER D 1253 -8.23 -55.50 11.60
CA SER D 1253 -9.04 -54.38 12.07
C SER D 1253 -8.99 -54.38 13.59
N TYR D 1254 -9.18 -53.20 14.18
CA TYR D 1254 -9.22 -53.03 15.63
C TYR D 1254 -9.97 -51.78 16.01
N SER D 1255 -10.55 -51.79 17.22
CA SER D 1255 -11.26 -50.65 17.75
C SER D 1255 -10.94 -50.55 19.23
N VAL D 1256 -10.12 -49.56 19.60
CA VAL D 1256 -9.73 -49.32 20.99
C VAL D 1256 -11.03 -49.07 21.75
N GLU D 1257 -11.88 -48.19 21.15
CA GLU D 1257 -13.19 -47.73 21.61
C GLU D 1257 -14.16 -48.88 21.90
N ASN D 1258 -14.40 -49.73 20.89
CA ASN D 1258 -15.34 -50.85 20.97
C ASN D 1258 -14.74 -52.14 21.53
N GLN D 1259 -13.42 -52.14 21.83
CA GLN D 1259 -12.64 -53.29 22.34
C GLN D 1259 -12.84 -54.53 21.43
N THR D 1260 -12.38 -54.42 20.17
CA THR D 1260 -12.46 -55.47 19.15
C THR D 1260 -11.09 -55.65 18.52
N LEU D 1261 -10.70 -56.90 18.28
CA LEU D 1261 -9.40 -57.22 17.71
C LEU D 1261 -9.58 -58.28 16.62
N GLY D 1262 -9.64 -57.82 15.37
CA GLY D 1262 -9.81 -58.68 14.20
C GLY D 1262 -8.47 -59.23 13.75
N VAL D 1263 -8.34 -60.59 13.69
CA VAL D 1263 -7.09 -61.24 13.27
C VAL D 1263 -7.25 -62.31 12.18
N ARG D 1264 -6.13 -62.65 11.55
CA ARG D 1264 -5.96 -63.69 10.55
C ARG D 1264 -4.72 -64.49 10.99
N LEU D 1265 -4.90 -65.81 11.06
CA LEU D 1265 -3.85 -66.74 11.44
C LEU D 1265 -3.04 -67.13 10.22
N GLU D 1266 -1.75 -66.85 10.25
CA GLU D 1266 -0.87 -67.22 9.15
C GLU D 1266 0.14 -68.26 9.66
N PHE D 1267 0.67 -69.09 8.75
CA PHE D 1267 1.62 -70.14 9.07
C PHE D 1267 2.73 -70.19 8.02
N LYS D 1268 3.99 -70.26 8.47
CA LYS D 1268 5.20 -70.33 7.64
C LYS D 1268 5.21 -71.67 6.90
N ASP D 1269 4.90 -71.66 5.58
CA ASP D 1269 4.89 -72.88 4.75
C ASP D 1269 6.28 -73.52 4.77
N PRO D 1270 6.41 -74.86 5.02
CA PRO D 1270 7.76 -75.45 5.09
C PRO D 1270 8.49 -75.43 3.74
N GLN D 1271 7.74 -75.58 2.62
CA GLN D 1271 8.29 -75.56 1.25
C GLN D 1271 8.87 -74.16 0.94
N THR D 1272 7.99 -73.17 0.71
CA THR D 1272 8.35 -71.76 0.47
C THR D 1272 8.30 -71.13 1.85
N GLN D 1273 9.35 -70.43 2.29
CA GLN D 1273 9.37 -69.87 3.64
C GLN D 1273 8.47 -68.63 3.83
N GLN D 1274 7.34 -68.58 3.10
CA GLN D 1274 6.33 -67.52 3.18
C GLN D 1274 5.15 -67.97 4.02
N PHE D 1275 4.44 -67.00 4.61
CA PHE D 1275 3.29 -67.32 5.43
C PHE D 1275 2.02 -67.51 4.61
N ILE D 1276 1.32 -68.61 4.89
CA ILE D 1276 0.06 -68.99 4.25
C ILE D 1276 -1.07 -68.90 5.27
N PRO D 1277 -2.34 -68.62 4.88
CA PRO D 1277 -3.39 -68.52 5.91
C PRO D 1277 -3.84 -69.88 6.41
N VAL D 1278 -4.03 -69.99 7.74
CA VAL D 1278 -4.47 -71.20 8.46
C VAL D 1278 -5.97 -71.22 8.24
N LEU D 1279 -6.39 -71.76 7.09
CA LEU D 1279 -7.79 -71.80 6.66
C LEU D 1279 -8.70 -72.54 7.63
N ASN D 1280 -8.13 -73.50 8.39
CA ASN D 1280 -8.83 -74.28 9.42
C ASN D 1280 -8.92 -73.56 10.79
N ALA D 1281 -8.43 -72.30 10.86
CA ALA D 1281 -8.42 -71.46 12.07
C ALA D 1281 -9.82 -71.25 12.63
N SER D 1282 -10.80 -71.06 11.74
CA SER D 1282 -12.20 -70.84 12.11
C SER D 1282 -13.13 -71.66 11.22
N SER D 1283 -14.38 -71.74 11.68
CA SER D 1283 -15.53 -72.38 11.04
C SER D 1283 -15.82 -71.69 9.70
N THR D 1284 -15.53 -70.40 9.65
CA THR D 1284 -15.70 -69.47 8.54
C THR D 1284 -14.42 -69.40 7.65
N GLY D 1285 -13.27 -69.13 8.24
CA GLY D 1285 -12.01 -69.02 7.51
C GLY D 1285 -10.83 -68.69 8.40
N PRO D 1286 -9.69 -68.19 7.86
CA PRO D 1286 -8.54 -67.88 8.74
C PRO D 1286 -8.70 -66.58 9.53
N GLN D 1287 -9.81 -65.88 9.28
CA GLN D 1287 -10.21 -64.61 9.87
C GLN D 1287 -11.13 -64.85 11.08
N THR D 1288 -11.01 -63.98 12.12
CA THR D 1288 -11.90 -63.96 13.29
C THR D 1288 -11.78 -62.66 14.10
N VAL D 1289 -12.85 -62.33 14.84
CA VAL D 1289 -12.84 -61.15 15.68
C VAL D 1289 -12.89 -61.54 17.13
N PHE D 1290 -12.03 -60.92 17.95
CA PHE D 1290 -11.99 -61.12 19.39
C PHE D 1290 -12.57 -59.89 20.08
N GLN D 1291 -13.66 -60.09 20.86
CA GLN D 1291 -14.40 -59.00 21.52
C GLN D 1291 -15.01 -59.44 22.88
N PRO D 1292 -14.93 -58.58 23.93
CA PRO D 1292 -15.58 -58.93 25.20
C PRO D 1292 -17.12 -58.76 25.18
N PHE D 1293 -17.88 -59.78 25.60
CA PHE D 1293 -19.34 -59.63 25.67
C PHE D 1293 -19.76 -59.63 27.15
N HIS E 4 2.37 -6.83 37.68
CA HIS E 4 1.03 -7.14 37.17
C HIS E 4 -0.06 -6.29 37.87
N GLN E 5 0.01 -6.23 39.21
CA GLN E 5 -0.88 -5.50 40.13
C GLN E 5 -0.87 -3.98 39.90
N GLN E 6 0.24 -3.47 39.32
CA GLN E 6 0.41 -2.06 39.01
C GLN E 6 0.74 -1.82 37.53
N ALA E 7 0.05 -2.56 36.62
CA ALA E 7 0.14 -2.38 35.17
C ALA E 7 -0.64 -1.10 34.87
N VAL E 8 -0.23 -0.33 33.85
CA VAL E 8 -0.87 0.96 33.56
C VAL E 8 -2.33 0.80 33.19
N ASP E 9 -3.19 1.38 34.04
CA ASP E 9 -4.65 1.41 33.89
C ASP E 9 -4.96 2.53 32.96
N GLU E 10 -5.44 2.18 31.76
CA GLU E 10 -5.75 3.14 30.71
C GLU E 10 -6.95 4.02 31.00
N THR E 11 -7.81 3.61 31.95
CA THR E 11 -9.01 4.35 32.34
C THR E 11 -8.66 5.60 33.15
N LEU E 12 -7.47 5.58 33.74
CA LEU E 12 -6.94 6.68 34.53
C LEU E 12 -6.19 7.64 33.57
N THR E 13 -6.28 8.95 33.85
CA THR E 13 -5.66 10.00 33.05
C THR E 13 -5.05 11.07 33.94
N PRO E 14 -3.99 11.81 33.50
CA PRO E 14 -3.41 12.82 34.40
C PRO E 14 -4.37 13.92 34.81
N TRP E 15 -4.15 14.49 35.99
CA TRP E 15 -4.96 15.54 36.57
C TRP E 15 -4.09 16.50 37.37
N THR E 16 -4.62 17.66 37.72
CA THR E 16 -3.87 18.64 38.50
C THR E 16 -4.63 18.95 39.78
N TRP E 17 -3.97 18.91 40.95
CA TRP E 17 -4.69 19.23 42.19
C TRP E 17 -4.79 20.73 42.34
N ASN E 18 -6.03 21.25 42.51
CA ASN E 18 -6.31 22.68 42.66
C ASN E 18 -5.46 23.38 43.74
N ASN E 19 -5.30 22.74 44.92
CA ASN E 19 -4.59 23.27 46.07
C ASN E 19 -3.09 23.47 45.88
N ASN E 20 -2.41 22.68 45.03
CA ASN E 20 -0.96 22.91 44.89
C ASN E 20 -0.52 23.17 43.44
N ASN E 21 -1.33 22.64 42.50
CA ASN E 21 -1.19 22.63 41.04
C ASN E 21 -0.14 21.60 40.58
N PHE E 22 -0.01 20.50 41.35
CA PHE E 22 0.89 19.41 41.00
C PHE E 22 0.20 18.53 39.98
N SER E 23 0.93 18.14 38.92
CA SER E 23 0.39 17.27 37.89
C SER E 23 1.34 16.12 37.56
N SER E 24 2.65 16.35 37.79
CA SER E 24 3.76 15.43 37.57
C SER E 24 5.04 15.97 38.17
N LEU E 25 5.94 15.07 38.62
CA LEU E 25 7.25 15.39 39.17
C LEU E 25 8.27 15.02 38.11
N LYS E 26 9.18 15.94 37.80
CA LYS E 26 10.24 15.68 36.84
C LYS E 26 11.35 14.85 37.52
N ILE E 27 11.41 13.55 37.20
CA ILE E 27 12.40 12.66 37.79
C ILE E 27 13.74 12.81 37.09
N THR E 28 14.77 13.12 37.89
CA THR E 28 16.16 13.32 37.48
C THR E 28 16.98 12.06 37.81
N GLY E 29 18.26 12.10 37.51
CA GLY E 29 19.20 11.04 37.83
C GLY E 29 19.35 9.89 36.85
N GLU E 30 19.92 8.77 37.36
CA GLU E 30 20.24 7.54 36.64
C GLU E 30 19.03 6.97 35.90
N ASN E 31 17.84 6.95 36.58
CA ASN E 31 16.55 6.49 36.03
C ASN E 31 15.60 7.69 35.98
N PRO E 32 15.68 8.48 34.89
CA PRO E 32 14.83 9.68 34.80
C PRO E 32 13.45 9.36 34.28
N GLY E 33 12.60 10.37 34.32
CA GLY E 33 11.23 10.26 33.85
C GLY E 33 10.28 11.18 34.57
N SER E 34 9.10 10.66 34.93
CA SER E 34 8.09 11.45 35.60
C SER E 34 7.21 10.61 36.46
N PHE E 35 6.71 11.20 37.55
CA PHE E 35 5.73 10.58 38.43
C PHE E 35 4.60 11.54 38.36
N GLY E 36 3.60 11.20 37.55
CA GLY E 36 2.45 12.05 37.30
C GLY E 36 1.20 11.57 37.97
N LEU E 37 0.39 12.53 38.52
CA LEU E 37 -0.90 12.24 39.16
C LEU E 37 -1.80 11.62 38.08
N VAL E 38 -2.69 10.71 38.49
CA VAL E 38 -3.54 10.04 37.53
C VAL E 38 -4.90 9.70 38.20
N ARG E 39 -6.00 9.96 37.46
CA ARG E 39 -7.37 9.86 37.94
C ARG E 39 -8.36 9.20 36.99
N SER E 40 -9.41 8.58 37.56
CA SER E 40 -10.56 7.99 36.88
C SER E 40 -11.48 9.14 36.55
N GLN E 41 -12.08 9.14 35.35
CA GLN E 41 -12.98 10.24 34.95
C GLN E 41 -14.43 9.76 34.72
N ASN E 42 -14.87 8.78 35.55
CA ASN E 42 -16.22 8.19 35.57
C ASN E 42 -17.37 9.22 35.66
N ASP E 43 -17.38 10.15 36.68
CA ASP E 43 -18.41 11.14 37.05
C ASP E 43 -19.68 10.40 37.50
N ASN E 44 -20.86 10.96 37.21
CA ASN E 44 -22.16 10.39 37.59
C ASN E 44 -22.12 9.87 39.04
N LEU E 45 -21.76 10.78 39.94
CA LEU E 45 -21.68 10.50 41.36
C LEU E 45 -22.42 11.58 42.12
N ASN E 46 -23.28 11.17 43.03
CA ASN E 46 -24.00 12.14 43.82
C ASN E 46 -23.72 11.94 45.26
N ILE E 47 -22.88 12.83 45.81
CA ILE E 47 -22.52 12.87 47.23
C ILE E 47 -23.83 13.14 48.00
N SER E 48 -24.89 13.53 47.23
CA SER E 48 -26.26 13.78 47.65
C SER E 48 -26.84 12.47 48.20
N SER E 49 -26.42 11.31 47.64
CA SER E 49 -26.88 9.99 48.08
C SER E 49 -26.57 9.76 49.57
N VAL E 50 -25.37 10.17 50.02
CA VAL E 50 -24.93 10.08 51.42
C VAL E 50 -25.72 11.12 52.22
N THR E 51 -26.51 10.65 53.18
CA THR E 51 -27.40 11.47 54.00
C THR E 51 -26.91 11.72 55.42
N LYS E 52 -27.42 12.79 56.01
CA LYS E 52 -27.12 13.26 57.35
C LYS E 52 -28.40 13.24 58.23
N ASN E 53 -28.55 12.18 59.05
CA ASN E 53 -29.73 11.95 59.89
C ASN E 53 -29.83 12.80 61.18
N SER E 54 -29.34 14.07 61.17
CA SER E 54 -29.33 15.04 62.27
C SER E 54 -28.51 14.59 63.48
N SER E 55 -28.64 13.30 63.87
CA SER E 55 -27.93 12.58 64.93
C SER E 55 -26.44 12.46 64.58
N ASP E 56 -26.12 12.56 63.29
CA ASP E 56 -24.75 12.46 62.81
C ASP E 56 -23.93 13.72 63.09
N ASP E 57 -22.68 13.48 63.51
CA ASP E 57 -21.72 14.50 63.96
C ASP E 57 -20.62 15.03 63.02
N ASN E 58 -20.90 15.46 61.77
CA ASN E 58 -19.89 15.92 60.77
C ASN E 58 -18.93 14.77 60.44
N LEU E 59 -18.14 14.28 61.42
CA LEU E 59 -17.22 13.14 61.27
C LEU E 59 -17.96 11.89 60.74
N LYS E 60 -19.12 11.53 61.34
CA LYS E 60 -19.94 10.38 60.95
C LYS E 60 -20.33 10.53 59.47
N TYR E 61 -20.73 11.77 59.07
CA TYR E 61 -21.08 12.10 57.70
C TYR E 61 -19.89 11.92 56.80
N LEU E 62 -18.75 12.52 57.18
CA LEU E 62 -17.52 12.45 56.41
C LEU E 62 -17.08 11.04 56.12
N ASN E 63 -16.92 10.20 57.17
CA ASN E 63 -16.49 8.82 57.01
C ASN E 63 -17.33 8.11 55.97
N ALA E 64 -18.65 8.36 56.02
CA ALA E 64 -19.63 7.84 55.10
C ALA E 64 -19.40 8.33 53.67
N VAL E 65 -19.03 9.61 53.50
CA VAL E 65 -18.75 10.16 52.18
C VAL E 65 -17.48 9.50 51.67
N GLU E 66 -16.41 9.43 52.51
CA GLU E 66 -15.15 8.80 52.10
C GLU E 66 -15.41 7.35 51.71
N LYS E 67 -16.29 6.64 52.46
CA LYS E 67 -16.63 5.26 52.12
C LYS E 67 -17.34 5.16 50.78
N TYR E 68 -18.20 6.17 50.45
CA TYR E 68 -18.92 6.26 49.18
C TYR E 68 -17.94 6.46 48.04
N LEU E 69 -17.12 7.51 48.18
CA LEU E 69 -16.11 7.90 47.22
C LEU E 69 -15.10 6.79 47.02
N ASP E 70 -14.85 5.97 48.07
CA ASP E 70 -13.94 4.83 47.99
C ASP E 70 -14.40 3.89 46.92
N GLY E 71 -15.71 3.70 46.83
CA GLY E 71 -16.31 2.83 45.82
C GLY E 71 -16.67 3.53 44.53
N GLN E 72 -16.21 4.77 44.33
CA GLN E 72 -16.54 5.48 43.11
C GLN E 72 -15.29 5.97 42.34
N GLN E 73 -14.55 6.90 42.97
CA GLN E 73 -13.33 7.51 42.45
C GLN E 73 -12.17 6.49 42.44
N ASN E 74 -11.14 6.78 41.62
CA ASN E 74 -9.92 5.96 41.53
C ASN E 74 -8.72 6.83 41.23
N PHE E 75 -7.63 6.63 41.99
CA PHE E 75 -6.43 7.44 41.82
C PHE E 75 -5.19 6.62 41.98
N ALA E 76 -4.13 7.02 41.27
CA ALA E 76 -2.80 6.41 41.35
C ALA E 76 -1.79 7.54 41.07
N ILE E 77 -0.51 7.18 40.89
CA ILE E 77 0.56 8.07 40.47
C ILE E 77 1.32 7.28 39.46
N ARG E 78 1.20 7.52 38.16
CA ARG E 78 1.97 6.60 37.33
C ARG E 78 3.36 7.12 36.96
N ARG E 79 4.30 6.17 36.86
CA ARG E 79 5.71 6.37 36.55
C ARG E 79 5.87 6.33 35.03
N TYR E 80 6.47 7.38 34.46
CA TYR E 80 6.71 7.50 33.03
C TYR E 80 8.20 7.43 32.80
N ASP E 81 8.61 6.90 31.63
CA ASP E 81 10.02 6.81 31.25
C ASP E 81 10.50 8.14 30.76
N ASN E 82 11.81 8.32 30.60
CA ASN E 82 12.37 9.59 30.17
C ASN E 82 11.72 10.19 28.89
N ASN E 83 11.09 9.34 28.04
CA ASN E 83 10.42 9.78 26.81
C ASN E 83 9.00 10.29 27.01
N GLY E 84 8.43 9.96 28.17
CA GLY E 84 7.06 10.34 28.55
C GLY E 84 6.09 9.18 28.52
N ARG E 85 6.56 7.98 28.09
CA ARG E 85 5.72 6.79 28.03
C ARG E 85 5.49 6.20 29.39
N ALA E 86 4.24 5.91 29.71
CA ALA E 86 3.90 5.30 31.00
C ALA E 86 4.54 3.90 31.13
N LEU E 87 5.04 3.59 32.34
CA LEU E 87 5.69 2.32 32.64
C LEU E 87 4.80 1.47 33.53
N TYR E 88 4.49 1.96 34.74
CA TYR E 88 3.66 1.28 35.73
C TYR E 88 2.83 2.30 36.46
N ASP E 89 1.82 1.82 37.18
CA ASP E 89 0.82 2.69 37.77
C ASP E 89 0.88 3.02 39.27
N ILE E 90 1.18 2.07 40.18
CA ILE E 90 1.17 2.26 41.65
C ILE E 90 -0.13 3.06 42.17
N ASN E 91 -1.24 2.29 42.31
CA ASN E 91 -2.57 2.67 42.83
C ASN E 91 -2.74 1.96 44.17
N LEU E 92 -2.71 2.71 45.29
CA LEU E 92 -2.78 2.18 46.65
C LEU E 92 -4.05 1.38 46.97
N ALA E 93 -5.16 1.77 46.37
CA ALA E 93 -6.42 1.09 46.59
C ALA E 93 -6.43 -0.32 45.96
N LYS E 94 -5.87 -0.45 44.76
CA LYS E 94 -5.88 -1.72 44.04
C LYS E 94 -4.63 -2.59 44.28
N MET E 95 -3.72 -2.16 45.18
CA MET E 95 -2.54 -2.97 45.48
C MET E 95 -2.97 -3.98 46.51
N GLU E 96 -2.87 -5.27 46.12
CA GLU E 96 -3.28 -6.46 46.88
C GLU E 96 -2.24 -6.93 47.88
N ASN E 97 -0.94 -6.91 47.47
CA ASN E 97 0.17 -7.32 48.32
C ASN E 97 1.18 -6.19 48.40
N PRO E 98 0.90 -5.06 49.11
CA PRO E 98 1.89 -3.97 49.15
C PRO E 98 3.02 -4.31 50.11
N SER E 99 4.27 -4.04 49.76
CA SER E 99 5.31 -4.46 50.69
C SER E 99 6.25 -3.36 51.12
N THR E 100 6.76 -3.46 52.36
CA THR E 100 7.76 -2.54 52.88
C THR E 100 9.08 -3.10 52.36
N VAL E 101 10.08 -2.22 52.15
CA VAL E 101 11.40 -2.62 51.65
C VAL E 101 12.21 -3.25 52.78
N GLN E 102 13.02 -4.24 52.43
CA GLN E 102 13.95 -4.88 53.34
C GLN E 102 15.11 -3.92 53.52
N ARG E 103 15.66 -3.81 54.73
CA ARG E 103 16.81 -2.93 54.98
C ARG E 103 17.97 -3.77 55.48
N GLY E 104 19.12 -3.10 55.61
CA GLY E 104 20.35 -3.63 56.19
C GLY E 104 20.26 -3.31 57.68
N LEU E 105 21.34 -3.52 58.43
CA LEU E 105 21.26 -3.18 59.85
C LEU E 105 21.29 -1.65 60.08
N ASN E 106 21.94 -0.95 59.12
CA ASN E 106 22.15 0.50 59.06
C ASN E 106 20.88 1.22 58.67
N GLY E 107 19.92 0.46 58.15
CA GLY E 107 18.62 0.96 57.72
C GLY E 107 18.56 1.17 56.23
N GLU E 108 19.69 0.90 55.53
CA GLU E 108 19.79 1.04 54.09
C GLU E 108 19.03 -0.07 53.38
N PRO E 109 18.03 0.29 52.54
CA PRO E 109 17.24 -0.74 51.82
C PRO E 109 18.07 -1.66 50.95
N ILE E 110 17.55 -2.89 50.82
CA ILE E 110 18.16 -3.97 50.06
C ILE E 110 17.76 -3.81 48.61
N PHE E 111 18.76 -3.69 47.69
CA PHE E 111 18.46 -3.44 46.27
C PHE E 111 19.48 -3.95 45.28
N ASP E 112 19.01 -4.64 44.23
CA ASP E 112 19.80 -5.08 43.06
C ASP E 112 19.19 -4.33 41.87
N PRO E 113 20.04 -3.78 40.99
CA PRO E 113 19.52 -2.98 39.86
C PRO E 113 18.56 -3.68 38.91
N PHE E 114 18.66 -5.01 38.86
CA PHE E 114 17.87 -5.84 37.98
C PHE E 114 16.75 -6.55 38.70
N LYS E 115 17.04 -7.15 39.87
CA LYS E 115 16.08 -7.88 40.69
C LYS E 115 15.14 -6.89 41.38
N GLY E 116 15.65 -5.71 41.68
CA GLY E 116 14.90 -4.68 42.39
C GLY E 116 15.09 -4.74 43.88
N PHE E 117 14.09 -4.26 44.61
CA PHE E 117 14.13 -4.21 46.05
C PHE E 117 13.76 -5.53 46.69
N GLY E 118 14.39 -5.81 47.82
CA GLY E 118 14.06 -6.96 48.67
C GLY E 118 12.80 -6.57 49.42
N LEU E 119 11.78 -7.44 49.37
CA LEU E 119 10.52 -7.05 49.98
C LEU E 119 10.17 -7.87 51.20
N THR E 120 9.75 -7.20 52.27
CA THR E 120 9.42 -7.82 53.54
C THR E 120 8.17 -8.67 53.44
N GLY E 121 7.27 -8.26 52.57
CA GLY E 121 6.01 -8.94 52.41
C GLY E 121 5.00 -8.44 53.43
N ASN E 122 5.31 -7.32 54.07
CA ASN E 122 4.39 -6.75 55.02
C ASN E 122 3.94 -5.42 54.52
N ALA E 123 2.69 -5.13 54.67
CA ALA E 123 2.13 -3.88 54.20
C ALA E 123 2.55 -2.76 55.11
N PRO E 124 2.71 -1.53 54.59
CA PRO E 124 3.12 -0.42 55.47
C PRO E 124 2.09 -0.07 56.55
N THR E 125 2.58 0.48 57.66
CA THR E 125 1.81 0.84 58.87
C THR E 125 0.60 1.69 58.55
N ASP E 126 -0.55 1.32 59.15
CA ASP E 126 -1.85 2.01 58.95
C ASP E 126 -2.32 1.91 57.47
N TRP E 127 -2.05 0.75 56.79
CA TRP E 127 -2.38 0.58 55.37
C TRP E 127 -3.84 0.73 55.06
N ASN E 128 -4.72 0.22 55.92
CA ASN E 128 -6.16 0.30 55.64
C ASN E 128 -6.68 1.74 55.51
N GLU E 129 -6.17 2.68 56.34
CA GLU E 129 -6.60 4.08 56.28
C GLU E 129 -6.02 4.81 55.11
N ILE E 130 -4.73 4.56 54.85
CA ILE E 130 -3.94 5.22 53.81
C ILE E 130 -4.16 4.66 52.37
N LYS E 131 -4.65 3.40 52.19
CA LYS E 131 -4.86 2.85 50.83
C LYS E 131 -5.88 3.67 50.02
N GLY E 132 -6.93 4.10 50.72
CA GLY E 132 -8.01 4.91 50.16
C GLY E 132 -7.68 6.34 49.85
N LYS E 133 -6.53 6.83 50.36
CA LYS E 133 -6.11 8.22 50.17
C LYS E 133 -5.67 8.49 48.76
N VAL E 134 -5.80 9.77 48.35
CA VAL E 134 -5.47 10.21 46.99
C VAL E 134 -4.07 10.87 46.96
N PRO E 135 -3.17 10.35 46.09
CA PRO E 135 -1.86 10.98 45.94
C PRO E 135 -2.05 12.31 45.19
N VAL E 136 -1.49 13.37 45.78
CA VAL E 136 -1.58 14.76 45.29
C VAL E 136 -0.21 15.41 44.99
N GLU E 137 0.91 14.83 45.48
CA GLU E 137 2.26 15.37 45.26
C GLU E 137 3.36 14.31 45.45
N VAL E 138 4.34 14.28 44.53
CA VAL E 138 5.47 13.35 44.58
C VAL E 138 6.75 14.20 44.58
N VAL E 139 7.66 13.96 45.53
CA VAL E 139 8.93 14.66 45.59
C VAL E 139 10.06 13.61 45.72
N GLN E 140 11.15 13.77 44.95
CA GLN E 140 12.24 12.80 45.04
C GLN E 140 13.38 13.27 45.94
N SER E 141 14.00 12.33 46.69
CA SER E 141 15.11 12.64 47.59
C SER E 141 16.25 13.09 46.73
N PRO E 142 16.94 14.17 47.15
CA PRO E 142 18.00 14.73 46.31
C PRO E 142 19.28 13.91 46.31
N HIS E 143 19.67 13.44 47.50
CA HIS E 143 20.88 12.69 47.71
C HIS E 143 20.65 11.20 47.61
N SER E 144 19.62 10.68 48.30
CA SER E 144 19.37 9.27 48.24
C SER E 144 18.66 8.84 46.97
N PRO E 145 19.18 7.79 46.29
CA PRO E 145 18.56 7.32 45.04
C PRO E 145 17.41 6.33 45.26
N ASN E 146 16.43 6.29 44.32
CA ASN E 146 15.24 5.43 44.37
C ASN E 146 14.29 5.86 45.47
N LEU E 147 14.63 6.92 46.21
CA LEU E 147 13.78 7.39 47.30
C LEU E 147 12.90 8.50 46.81
N TYR E 148 11.61 8.40 47.10
CA TYR E 148 10.63 9.42 46.72
C TYR E 148 9.66 9.52 47.88
N PHE E 149 8.80 10.54 47.85
CA PHE E 149 7.81 10.79 48.89
C PHE E 149 6.48 11.17 48.30
N VAL E 150 5.42 10.50 48.77
CA VAL E 150 4.08 10.78 48.27
C VAL E 150 3.27 11.52 49.34
N LEU E 151 2.41 12.46 48.86
CA LEU E 151 1.49 13.24 49.69
C LEU E 151 0.10 12.66 49.46
N LEU E 152 -0.52 12.22 50.54
CA LEU E 152 -1.84 11.62 50.50
C LEU E 152 -2.85 12.43 51.27
N VAL E 153 -4.02 12.62 50.68
CA VAL E 153 -5.12 13.35 51.31
C VAL E 153 -6.39 12.49 51.21
N PRO E 154 -7.40 12.69 52.09
CA PRO E 154 -8.65 11.89 51.95
C PRO E 154 -9.40 12.25 50.66
N LYS E 155 -10.19 11.30 50.07
CA LYS E 155 -10.97 11.51 48.83
C LYS E 155 -11.95 12.66 49.00
N VAL E 156 -12.40 12.84 50.27
CA VAL E 156 -13.28 13.86 50.82
C VAL E 156 -12.67 15.26 50.64
N ALA E 157 -11.37 15.44 50.96
CA ALA E 157 -10.65 16.70 50.82
C ALA E 157 -10.78 17.27 49.39
N LEU E 158 -10.90 16.37 48.39
CA LEU E 158 -11.08 16.76 46.99
C LEU E 158 -12.50 17.27 46.77
N GLU E 159 -13.50 16.44 47.13
CA GLU E 159 -14.93 16.75 46.99
C GLU E 159 -15.47 17.67 48.08
N TYR E 160 -14.58 18.43 48.78
CA TYR E 160 -14.96 19.32 49.88
C TYR E 160 -16.12 20.24 49.55
N HIS E 161 -16.07 20.89 48.37
CA HIS E 161 -17.10 21.84 47.96
C HIS E 161 -18.43 21.20 47.57
N ASN E 162 -18.43 19.89 47.28
CA ASN E 162 -19.64 19.17 46.90
C ASN E 162 -20.34 18.49 48.07
N LEU E 163 -19.86 18.73 49.31
CA LEU E 163 -20.48 18.15 50.50
C LEU E 163 -21.77 18.92 50.83
N ASN E 164 -22.68 18.32 51.63
CA ASN E 164 -23.97 18.90 52.00
C ASN E 164 -23.90 20.37 52.44
N ASN E 165 -24.83 21.21 51.90
CA ASN E 165 -24.98 22.65 52.14
C ASN E 165 -25.05 23.02 53.60
N GLN E 166 -25.61 22.12 54.43
CA GLN E 166 -25.70 22.33 55.88
C GLN E 166 -24.40 21.98 56.60
N VAL E 167 -23.51 21.19 55.95
CA VAL E 167 -22.19 20.85 56.51
C VAL E 167 -21.15 21.86 56.02
N VAL E 168 -20.94 21.95 54.68
CA VAL E 168 -19.99 22.90 54.11
C VAL E 168 -20.76 24.15 53.63
N LYS E 169 -20.70 25.22 54.45
CA LYS E 169 -21.40 26.49 54.16
C LYS E 169 -20.44 27.69 54.22
N GLU E 170 -20.95 28.90 53.92
CA GLU E 170 -20.21 30.16 53.96
C GLU E 170 -20.36 30.85 55.33
N SER E 171 -19.41 31.75 55.66
CA SER E 171 -19.43 32.51 56.91
C SER E 171 -20.52 33.60 56.90
N LEU E 172 -20.91 34.09 55.70
CA LEU E 172 -21.95 35.09 55.55
C LEU E 172 -23.30 34.41 55.45
N GLU E 173 -24.16 34.63 56.46
CA GLU E 173 -25.47 34.03 56.54
C GLU E 173 -26.36 34.49 55.40
N VAL E 174 -26.83 33.50 54.62
CA VAL E 174 -27.74 33.62 53.49
C VAL E 174 -29.09 34.11 54.01
N LYS E 175 -29.44 35.36 53.66
CA LYS E 175 -30.62 36.06 54.14
C LYS E 175 -31.97 35.34 53.87
N ALA E 176 -32.12 34.64 52.70
CA ALA E 176 -33.33 33.93 52.22
C ALA E 176 -34.61 34.80 52.11
N THR E 177 -34.49 36.14 52.30
CA THR E 177 -35.60 37.11 52.23
C THR E 177 -35.41 38.10 51.09
N GLN E 178 -36.48 38.34 50.32
CA GLN E 178 -36.46 39.31 49.22
C GLN E 178 -37.19 40.59 49.65
N SER E 179 -37.36 40.76 51.00
CA SER E 179 -38.01 41.90 51.69
C SER E 179 -37.48 43.24 51.22
N SER E 180 -36.26 43.56 51.61
CA SER E 180 -35.50 44.71 51.17
C SER E 180 -34.06 44.39 51.51
N PHE E 181 -33.13 44.69 50.61
CA PHE E 181 -31.74 44.43 50.91
C PHE E 181 -31.10 45.60 51.61
N ASN E 182 -30.59 45.36 52.82
CA ASN E 182 -29.87 46.32 53.61
C ASN E 182 -28.60 45.63 54.08
N PRO E 183 -27.43 46.03 53.54
CA PRO E 183 -26.19 45.40 53.98
C PRO E 183 -25.98 45.49 55.50
N THR E 184 -26.24 46.68 56.08
CA THR E 184 -26.10 47.00 57.52
C THR E 184 -27.00 46.20 58.47
N GLN E 185 -27.91 45.36 57.93
CA GLN E 185 -28.84 44.62 58.77
C GLN E 185 -28.12 43.70 59.78
N ARG E 186 -27.02 43.04 59.38
CA ARG E 186 -26.27 42.14 60.26
C ARG E 186 -25.35 42.89 61.24
N LEU E 187 -24.98 44.12 60.87
CA LEU E 187 -24.05 45.02 61.55
C LEU E 187 -24.58 45.70 62.83
N GLN E 188 -23.69 45.80 63.86
CA GLN E 188 -23.94 46.49 65.13
C GLN E 188 -23.39 47.90 64.91
N LYS E 189 -24.29 48.90 64.82
CA LYS E 189 -23.94 50.29 64.49
C LYS E 189 -24.23 51.35 65.57
N ASP E 190 -24.85 50.98 66.72
CA ASP E 190 -25.19 51.96 67.75
C ASP E 190 -24.01 52.30 68.66
N SER E 191 -23.49 53.52 68.48
CA SER E 191 -22.35 54.09 69.20
C SER E 191 -22.53 54.12 70.73
N PRO E 192 -21.44 53.97 71.53
CA PRO E 192 -21.58 54.01 72.99
C PRO E 192 -21.97 55.39 73.54
N VAL E 193 -22.40 55.41 74.81
CA VAL E 193 -22.89 56.62 75.50
C VAL E 193 -22.21 56.77 76.85
N LYS E 194 -22.28 57.97 77.48
CA LYS E 194 -21.67 58.14 78.81
C LYS E 194 -22.43 57.31 79.83
N ASP E 195 -21.71 56.57 80.68
CA ASP E 195 -22.33 55.61 81.58
C ASP E 195 -23.12 56.19 82.78
N SER E 196 -22.81 57.40 83.30
CA SER E 196 -23.46 58.08 84.45
C SER E 196 -23.33 57.31 85.77
N SER E 197 -23.46 55.96 85.74
CA SER E 197 -23.33 55.04 86.88
C SER E 197 -22.04 55.32 87.63
N LYS E 198 -20.94 55.48 86.90
CA LYS E 198 -19.68 55.84 87.49
C LYS E 198 -18.92 56.78 86.58
N GLN E 199 -18.83 58.04 87.02
CA GLN E 199 -18.11 59.10 86.34
C GLN E 199 -16.80 59.32 87.09
N GLY E 200 -16.61 58.52 88.14
CA GLY E 200 -15.38 58.48 88.94
C GLY E 200 -14.33 57.73 88.14
N GLU E 201 -14.78 57.04 87.07
CA GLU E 201 -13.98 56.29 86.11
C GLU E 201 -13.45 57.21 84.99
N LYS E 202 -13.79 58.50 85.04
CA LYS E 202 -13.28 59.50 84.10
C LYS E 202 -11.92 59.93 84.67
N LEU E 203 -10.87 59.96 83.83
CA LEU E 203 -9.50 60.30 84.24
C LEU E 203 -9.36 61.68 84.88
N SER E 204 -8.46 61.79 85.86
CA SER E 204 -8.21 63.02 86.62
C SER E 204 -7.08 63.86 86.03
N GLU E 205 -7.12 65.20 86.22
CA GLU E 205 -6.06 66.11 85.76
C GLU E 205 -4.91 66.10 86.77
N THR E 206 -3.71 66.51 86.34
CA THR E 206 -2.56 66.60 87.26
C THR E 206 -2.74 67.83 88.14
N THR E 207 -2.28 67.73 89.40
CA THR E 207 -2.40 68.80 90.39
C THR E 207 -1.46 69.99 90.06
N ALA E 208 -0.15 69.88 90.37
CA ALA E 208 0.84 70.94 90.14
C ALA E 208 2.23 70.39 89.78
N SER E 209 3.28 71.23 89.86
CA SER E 209 4.66 70.84 89.54
C SER E 209 5.57 70.84 90.77
N SER E 213 11.13 79.18 87.72
CA SER E 213 11.54 77.82 87.39
C SER E 213 11.37 77.55 85.89
N GLY E 214 10.45 76.65 85.51
CA GLY E 214 10.15 76.27 84.13
C GLY E 214 9.74 77.46 83.28
N MET E 215 10.49 77.70 82.20
CA MET E 215 10.29 78.84 81.31
C MET E 215 8.91 78.93 80.66
N ALA E 216 8.53 77.98 79.79
CA ALA E 216 7.25 78.15 79.10
C ALA E 216 6.03 77.69 79.91
N THR E 217 4.89 78.41 79.76
CA THR E 217 3.60 78.13 80.42
C THR E 217 2.41 78.46 79.52
N SER E 218 1.27 77.78 79.74
CA SER E 218 0.01 77.98 79.00
C SER E 218 -1.23 77.65 79.81
N THR E 219 -2.36 78.24 79.41
CA THR E 219 -3.67 78.10 80.06
C THR E 219 -4.44 76.85 79.59
N ARG E 220 -3.82 75.99 78.76
CA ARG E 220 -4.49 74.79 78.25
C ARG E 220 -4.66 73.74 79.32
N ALA E 221 -5.87 73.12 79.35
CA ALA E 221 -6.30 72.08 80.29
C ALA E 221 -5.21 71.07 80.54
N LYS E 222 -4.82 70.90 81.82
CA LYS E 222 -3.74 70.01 82.26
C LYS E 222 -3.90 68.56 81.77
N ALA E 223 -2.77 67.83 81.65
CA ALA E 223 -2.74 66.42 81.21
C ALA E 223 -3.52 65.52 82.16
N LEU E 224 -4.01 64.39 81.65
CA LEU E 224 -4.78 63.43 82.44
C LEU E 224 -3.88 62.35 82.97
N LYS E 225 -3.92 62.10 84.27
CA LYS E 225 -3.06 61.08 84.86
C LYS E 225 -3.68 59.68 84.84
N VAL E 226 -2.86 58.70 84.43
CA VAL E 226 -3.16 57.28 84.35
C VAL E 226 -2.22 56.61 85.36
N GLU E 227 -2.75 56.40 86.57
CA GLU E 227 -2.03 55.84 87.69
C GLU E 227 -2.31 54.36 87.84
N VAL E 228 -1.27 53.55 88.03
CA VAL E 228 -1.39 52.11 88.22
C VAL E 228 -0.45 51.67 89.35
N GLU E 229 -1.02 51.12 90.43
CA GLU E 229 -0.28 50.63 91.60
C GLU E 229 -0.79 49.24 91.97
N ARG E 230 0.12 48.33 92.30
CA ARG E 230 -0.21 46.94 92.60
C ARG E 230 -0.95 46.74 93.92
N GLY E 231 -0.36 47.22 95.01
CA GLY E 231 -0.93 47.03 96.34
C GLY E 231 -0.79 45.61 96.84
N SER E 232 -1.38 45.30 98.00
CA SER E 232 -1.27 43.97 98.59
C SER E 232 -2.57 43.18 98.48
N GLN E 233 -2.98 42.88 97.25
CA GLN E 233 -4.20 42.11 97.00
C GLN E 233 -3.98 41.04 95.95
N SER E 234 -4.60 39.88 96.17
CA SER E 234 -4.49 38.72 95.29
C SER E 234 -5.22 38.91 93.95
N ASP E 235 -6.40 39.55 93.98
CA ASP E 235 -7.25 39.77 92.81
C ASP E 235 -7.45 41.24 92.43
N SER E 236 -7.00 42.16 93.28
CA SER E 236 -7.20 43.58 93.03
C SER E 236 -5.93 44.41 93.02
N LEU E 237 -5.98 45.54 92.30
CA LEU E 237 -4.88 46.50 92.21
C LEU E 237 -5.22 47.71 93.04
N LEU E 238 -4.20 48.33 93.67
CA LEU E 238 -4.34 49.54 94.48
C LEU E 238 -4.92 50.67 93.59
N LYS E 239 -4.41 50.78 92.36
CA LYS E 239 -4.84 51.72 91.33
C LYS E 239 -4.76 51.02 89.98
N ASN E 240 -5.74 51.25 89.11
CA ASN E 240 -5.78 50.63 87.78
C ASN E 240 -6.56 51.56 86.85
N ASP E 241 -5.96 52.71 86.53
CA ASP E 241 -6.61 53.73 85.69
C ASP E 241 -6.88 53.29 84.24
N PHE E 242 -6.08 52.36 83.69
CA PHE E 242 -6.33 51.88 82.32
C PHE E 242 -7.68 51.16 82.19
N ALA E 243 -8.13 50.51 83.29
CA ALA E 243 -9.39 49.78 83.36
C ALA E 243 -10.60 50.68 83.34
N LYS E 244 -10.43 51.94 83.84
CA LYS E 244 -11.47 52.97 83.95
C LYS E 244 -12.22 53.21 82.63
N LYS E 245 -13.49 52.74 82.61
CA LYS E 245 -14.41 52.76 81.48
C LYS E 245 -15.66 53.63 81.83
N PRO E 246 -15.59 54.98 81.65
CA PRO E 246 -16.76 55.81 81.96
C PRO E 246 -17.78 55.88 80.82
N LEU E 247 -17.78 54.89 79.91
CA LEU E 247 -18.73 54.78 78.81
C LEU E 247 -19.41 53.41 78.86
N LYS E 248 -20.50 53.24 78.10
CA LYS E 248 -21.26 51.99 78.07
C LYS E 248 -22.05 51.83 76.76
N HIS E 249 -22.28 50.56 76.35
CA HIS E 249 -23.02 50.18 75.14
C HIS E 249 -24.42 50.78 75.17
N LYS E 250 -24.92 51.22 74.00
CA LYS E 250 -26.27 51.76 73.82
C LYS E 250 -27.28 50.72 74.32
N ASN E 251 -28.22 51.11 75.18
CA ASN E 251 -29.21 50.19 75.73
C ASN E 251 -30.56 50.32 75.04
N SER E 252 -30.83 49.39 74.10
CA SER E 252 -32.08 49.31 73.34
C SER E 252 -32.96 48.22 74.02
N SER E 253 -33.18 48.39 75.37
CA SER E 253 -33.84 47.44 76.29
C SER E 253 -33.13 46.08 76.21
N GLY E 254 -31.86 46.17 75.80
CA GLY E 254 -30.90 45.12 75.55
C GLY E 254 -29.74 45.75 74.80
N GLU E 255 -28.54 45.67 75.40
CA GLU E 255 -27.28 46.25 74.90
C GLU E 255 -26.98 46.01 73.42
N VAL E 256 -26.42 47.05 72.76
CA VAL E 256 -25.96 46.95 71.37
C VAL E 256 -24.47 46.63 71.50
N LYS E 257 -24.19 45.34 71.63
CA LYS E 257 -22.85 44.78 71.81
C LYS E 257 -22.71 43.50 70.97
N LEU E 258 -21.47 43.03 70.79
CA LEU E 258 -21.17 41.83 70.01
C LEU E 258 -21.38 40.56 70.83
N GLU E 259 -22.43 39.80 70.51
CA GLU E 259 -22.80 38.53 71.16
C GLU E 259 -22.87 37.45 70.09
N ALA E 260 -21.96 36.46 70.17
CA ALA E 260 -21.88 35.36 69.21
C ALA E 260 -23.08 34.43 69.27
N GLU E 261 -23.67 34.29 70.48
CA GLU E 261 -24.83 33.44 70.75
C GLU E 261 -26.02 33.92 69.93
N LYS E 262 -26.37 35.20 70.08
CA LYS E 262 -27.49 35.84 69.40
C LYS E 262 -27.25 36.07 67.89
N GLU E 263 -26.05 36.56 67.51
CA GLU E 263 -25.73 36.88 66.10
C GLU E 263 -25.50 35.67 65.20
N PHE E 264 -24.76 34.66 65.68
CA PHE E 264 -24.45 33.46 64.89
C PHE E 264 -25.26 32.26 65.34
N THR E 265 -26.55 32.28 64.95
CA THR E 265 -27.55 31.26 65.22
C THR E 265 -27.27 29.99 64.42
N GLU E 266 -26.89 30.18 63.14
CA GLU E 266 -26.48 29.12 62.23
C GLU E 266 -24.99 29.34 61.95
N ALA E 267 -24.21 29.42 63.06
CA ALA E 267 -22.78 29.69 63.12
C ALA E 267 -21.94 28.81 62.21
N TRP E 268 -20.96 29.43 61.52
CA TRP E 268 -20.02 28.72 60.66
C TRP E 268 -19.08 27.95 61.58
N LYS E 269 -18.91 26.66 61.30
CA LYS E 269 -18.01 25.81 62.05
C LYS E 269 -17.18 24.94 61.06
N PRO E 270 -15.91 24.59 61.40
CA PRO E 270 -15.09 23.81 60.47
C PRO E 270 -15.56 22.37 60.31
N LEU E 271 -15.18 21.69 59.20
CA LEU E 271 -15.59 20.31 58.95
C LEU E 271 -15.20 19.37 60.08
N LEU E 272 -13.96 19.52 60.58
CA LEU E 272 -13.41 18.73 61.68
C LEU E 272 -12.49 19.59 62.56
N THR E 273 -12.57 19.40 63.90
CA THR E 273 -11.69 20.11 64.85
C THR E 273 -10.29 19.57 64.75
N THR E 274 -9.30 20.36 65.18
CA THR E 274 -7.88 20.00 65.16
C THR E 274 -7.63 18.62 65.81
N ASP E 275 -8.35 18.31 66.90
CA ASP E 275 -8.22 17.03 67.60
C ASP E 275 -8.80 15.86 66.82
N GLN E 276 -9.91 16.10 66.06
CA GLN E 276 -10.52 15.09 65.20
C GLN E 276 -9.53 14.69 64.11
N ILE E 277 -8.94 15.67 63.40
CA ILE E 277 -7.94 15.44 62.33
C ILE E 277 -6.73 14.72 62.91
N ALA E 278 -6.35 15.07 64.16
CA ALA E 278 -5.24 14.45 64.88
C ALA E 278 -5.53 12.96 65.16
N ARG E 279 -6.73 12.65 65.73
CA ARG E 279 -7.17 11.29 66.06
C ARG E 279 -7.44 10.46 64.82
N GLU E 280 -8.37 10.93 63.97
CA GLU E 280 -8.81 10.25 62.75
C GLU E 280 -7.73 10.22 61.68
N LYS E 281 -6.93 9.14 61.75
CA LYS E 281 -5.79 8.84 60.89
C LYS E 281 -6.10 8.98 59.39
N GLY E 282 -7.26 8.48 58.98
CA GLY E 282 -7.68 8.56 57.59
C GLY E 282 -8.12 9.93 57.14
N MET E 283 -8.59 10.77 58.08
CA MET E 283 -9.10 12.10 57.74
C MET E 283 -7.99 13.18 57.60
N GLY E 284 -6.73 12.81 57.89
CA GLY E 284 -5.59 13.70 57.76
C GLY E 284 -4.67 13.40 56.59
N ALA E 285 -3.77 14.35 56.28
CA ALA E 285 -2.76 14.21 55.22
C ALA E 285 -1.62 13.31 55.71
N THR E 286 -1.13 12.45 54.84
CA THR E 286 -0.07 11.50 55.17
C THR E 286 1.05 11.60 54.16
N VAL E 287 2.30 11.46 54.63
CA VAL E 287 3.45 11.45 53.75
C VAL E 287 4.12 10.09 53.84
N VAL E 288 4.05 9.36 52.71
CA VAL E 288 4.61 8.02 52.61
C VAL E 288 5.89 8.00 51.75
N SER E 289 7.02 7.65 52.41
CA SER E 289 8.35 7.41 51.86
C SER E 289 8.24 6.10 51.09
N PHE E 290 8.68 6.10 49.82
CA PHE E 290 8.67 4.88 49.02
C PHE E 290 9.92 4.79 48.13
N TYR E 291 10.16 3.57 47.59
CA TYR E 291 11.32 3.26 46.75
C TYR E 291 10.88 2.90 45.34
N ASP E 292 11.73 3.25 44.35
CA ASP E 292 11.38 3.13 42.94
C ASP E 292 12.56 3.05 41.95
N ALA E 293 12.71 1.87 41.33
CA ALA E 293 13.69 1.55 40.29
C ALA E 293 12.89 0.99 39.12
N PRO E 294 12.65 1.76 38.04
CA PRO E 294 11.69 1.30 37.02
C PRO E 294 12.10 0.11 36.19
N TYR E 295 13.39 -0.04 35.92
CA TYR E 295 13.80 -1.10 35.01
C TYR E 295 14.13 -2.40 35.77
N SER E 296 13.89 -2.40 37.09
CA SER E 296 14.11 -3.57 37.95
C SER E 296 12.84 -4.42 38.04
N GLU E 297 12.99 -5.68 38.51
CA GLU E 297 11.89 -6.64 38.67
C GLU E 297 10.92 -6.19 39.75
N ASN E 298 11.35 -6.14 41.03
CA ASN E 298 10.54 -5.67 42.15
C ASN E 298 10.85 -4.17 42.22
N HIS E 299 10.18 -3.40 41.37
CA HIS E 299 10.44 -1.97 41.16
C HIS E 299 9.85 -1.03 42.19
N THR E 300 8.82 -1.45 42.89
CA THR E 300 8.22 -0.55 43.88
C THR E 300 8.23 -1.27 45.23
N ALA E 301 8.49 -0.50 46.32
CA ALA E 301 8.56 -0.94 47.70
C ALA E 301 8.25 0.26 48.56
N PHE E 302 7.60 0.02 49.70
CA PHE E 302 7.22 1.10 50.61
C PHE E 302 8.24 1.30 51.72
N GLY E 303 8.21 2.47 52.34
CA GLY E 303 9.14 2.77 53.41
C GLY E 303 8.54 3.16 54.74
N LEU E 304 8.29 4.48 54.92
CA LEU E 304 7.84 5.12 56.16
C LEU E 304 6.57 5.86 55.92
N VAL E 305 5.51 5.54 56.69
CA VAL E 305 4.19 6.20 56.62
C VAL E 305 3.99 7.11 57.85
N ASP E 306 3.99 8.43 57.61
CA ASP E 306 3.89 9.51 58.60
C ASP E 306 2.68 10.37 58.36
N HIS E 307 1.85 10.46 59.38
CA HIS E 307 0.68 11.31 59.30
C HIS E 307 1.08 12.72 59.74
N ILE E 308 0.55 13.74 59.03
CA ILE E 308 0.85 15.14 59.33
C ILE E 308 -0.10 15.64 60.43
N ASP E 309 0.26 15.33 61.71
CA ASP E 309 -0.55 15.68 62.88
C ASP E 309 -0.70 17.19 62.98
N PRO E 310 -1.93 17.75 62.87
CA PRO E 310 -2.09 19.21 62.99
C PRO E 310 -1.62 19.72 64.36
N LYS E 311 -1.79 18.87 65.43
CA LYS E 311 -1.38 19.16 66.82
C LYS E 311 0.11 19.42 66.94
N LYS E 312 0.94 18.80 66.05
CA LYS E 312 2.39 19.00 66.01
C LYS E 312 2.76 20.46 65.67
N MET E 313 1.92 21.15 64.85
CA MET E 313 2.07 22.56 64.45
C MET E 313 1.54 23.45 65.56
N VAL E 314 0.32 23.10 66.05
CA VAL E 314 -0.40 23.81 67.10
C VAL E 314 0.43 23.86 68.40
N GLU E 315 1.19 22.77 68.69
CA GLU E 315 2.08 22.67 69.84
C GLU E 315 3.12 23.80 69.81
N ASN E 316 3.64 24.14 68.61
CA ASN E 316 4.68 25.16 68.44
C ASN E 316 4.14 26.56 68.12
N TYR E 317 2.87 26.81 68.40
CA TYR E 317 2.31 28.14 68.23
C TYR E 317 2.78 28.99 69.44
N PRO E 318 2.99 30.33 69.26
CA PRO E 318 3.33 31.18 70.42
C PRO E 318 2.28 31.11 71.54
N PRO E 319 2.63 31.38 72.83
CA PRO E 319 1.62 31.32 73.90
C PRO E 319 0.59 32.47 73.85
N SER E 320 0.93 33.46 73.00
CA SER E 320 0.16 34.66 72.68
C SER E 320 -1.15 34.20 72.10
N TRP E 321 -1.08 33.16 71.26
CA TRP E 321 -2.11 32.54 70.45
C TRP E 321 -3.16 31.71 71.22
N LYS E 322 -2.91 31.40 72.52
CA LYS E 322 -3.85 30.70 73.41
C LYS E 322 -4.97 31.67 73.82
N THR E 323 -4.67 32.97 73.79
CA THR E 323 -5.50 34.09 74.20
C THR E 323 -5.49 35.12 73.05
N PRO E 324 -6.13 34.84 71.90
CA PRO E 324 -6.02 35.78 70.77
C PRO E 324 -7.09 36.88 70.73
N LYS E 325 -8.03 36.90 71.70
CA LYS E 325 -9.06 37.95 71.82
C LYS E 325 -8.51 39.12 72.66
N TRP E 326 -7.21 39.04 73.00
CA TRP E 326 -6.46 39.97 73.85
C TRP E 326 -5.12 40.31 73.20
N ASN E 327 -4.45 41.38 73.68
CA ASN E 327 -3.12 41.79 73.23
C ASN E 327 -2.31 42.43 74.37
N HIS E 328 -1.00 42.68 74.15
CA HIS E 328 -0.10 43.20 75.17
C HIS E 328 -0.54 44.54 75.76
N HIS E 329 -1.28 45.40 74.99
CA HIS E 329 -1.83 46.68 75.47
C HIS E 329 -2.92 46.42 76.52
N GLY E 330 -3.56 45.28 76.40
CA GLY E 330 -4.53 44.77 77.35
C GLY E 330 -5.87 45.45 77.49
N ILE E 331 -6.24 45.71 78.76
CA ILE E 331 -7.52 46.21 79.21
C ILE E 331 -7.86 47.59 78.65
N TRP E 332 -6.89 48.52 78.49
CA TRP E 332 -7.24 49.82 77.94
C TRP E 332 -7.79 49.68 76.53
N ASP E 333 -7.08 48.89 75.71
CA ASP E 333 -7.42 48.63 74.31
C ASP E 333 -8.64 47.73 74.20
N TYR E 334 -8.82 46.78 75.15
CA TYR E 334 -9.97 45.87 75.14
C TYR E 334 -11.27 46.65 75.20
N ASN E 335 -11.45 47.46 76.26
CA ASN E 335 -12.63 48.28 76.49
C ASN E 335 -12.85 49.23 75.32
N ALA E 336 -11.78 49.95 74.90
CA ALA E 336 -11.79 50.90 73.78
C ALA E 336 -12.35 50.28 72.49
N ARG E 337 -11.79 49.13 72.05
CA ARG E 337 -12.24 48.40 70.85
C ARG E 337 -13.66 47.89 71.06
N ASN E 338 -13.89 47.17 72.17
CA ASN E 338 -15.16 46.59 72.57
C ASN E 338 -16.32 47.58 72.46
N LEU E 339 -16.17 48.76 73.10
CA LEU E 339 -17.16 49.84 73.11
C LEU E 339 -17.40 50.40 71.72
N LEU E 340 -16.32 50.55 70.95
CA LEU E 340 -16.35 51.05 69.57
C LEU E 340 -16.91 50.01 68.57
N LEU E 341 -17.53 48.91 69.08
CA LEU E 341 -18.11 47.79 68.33
C LEU E 341 -17.13 47.23 67.29
N GLN E 342 -15.91 47.02 67.77
CA GLN E 342 -14.75 46.55 67.02
C GLN E 342 -14.36 45.21 67.59
N THR E 343 -13.63 44.42 66.81
CA THR E 343 -13.10 43.13 67.23
C THR E 343 -11.91 43.38 68.17
N THR E 344 -11.80 42.61 69.26
CA THR E 344 -10.68 42.76 70.20
C THR E 344 -9.54 41.79 69.83
N GLY E 345 -8.34 42.06 70.34
CA GLY E 345 -7.17 41.22 70.12
C GLY E 345 -6.37 41.44 68.85
N PHE E 346 -5.59 40.42 68.47
CA PHE E 346 -4.73 40.42 67.28
C PHE E 346 -5.16 39.39 66.25
N PHE E 347 -5.99 38.42 66.68
CA PHE E 347 -6.55 37.34 65.87
C PHE E 347 -7.85 36.91 66.50
N ASN E 348 -8.92 37.64 66.18
CA ASN E 348 -10.24 37.40 66.76
C ASN E 348 -11.08 36.42 65.94
N PRO E 349 -11.75 35.45 66.60
CA PRO E 349 -12.57 34.49 65.86
C PRO E 349 -13.53 35.15 64.89
N ARG E 350 -14.18 36.26 65.31
CA ARG E 350 -15.11 37.05 64.49
C ARG E 350 -14.46 37.47 63.14
N ARG E 351 -13.16 37.85 63.15
CA ARG E 351 -12.47 38.21 61.92
C ARG E 351 -12.09 36.98 61.10
N HIS E 352 -11.32 36.07 61.71
CA HIS E 352 -10.83 34.84 61.06
C HIS E 352 -11.30 33.57 61.81
N PRO E 353 -12.55 33.11 61.56
CA PRO E 353 -13.04 31.90 62.28
C PRO E 353 -12.46 30.59 61.77
N GLU E 354 -11.83 30.61 60.57
CA GLU E 354 -11.23 29.45 59.91
C GLU E 354 -10.23 28.70 60.79
N TRP E 355 -9.55 29.43 61.71
CA TRP E 355 -8.51 28.91 62.61
C TRP E 355 -9.01 28.52 64.01
N PHE E 356 -10.29 28.73 64.31
CA PHE E 356 -10.84 28.36 65.60
C PHE E 356 -11.66 27.09 65.52
N ASP E 357 -11.36 26.13 66.40
CA ASP E 357 -12.02 24.82 66.43
C ASP E 357 -13.56 24.94 66.47
N GLU E 358 -14.10 25.90 67.23
CA GLU E 358 -15.55 26.11 67.32
C GLU E 358 -16.09 27.24 66.41
N GLY E 359 -15.31 27.61 65.38
CA GLY E 359 -15.67 28.64 64.42
C GLY E 359 -16.31 29.90 64.98
N GLN E 360 -17.41 30.35 64.33
CA GLN E 360 -18.19 31.56 64.68
C GLN E 360 -18.84 31.53 66.07
N ALA E 361 -18.88 30.36 66.73
CA ALA E 361 -19.44 30.19 68.09
C ALA E 361 -18.74 31.08 69.11
N LYS E 362 -17.46 31.37 68.88
CA LYS E 362 -16.68 32.23 69.75
C LYS E 362 -16.42 33.60 69.08
N ALA E 363 -17.23 33.94 68.05
CA ALA E 363 -17.12 35.20 67.29
C ALA E 363 -17.71 36.44 68.01
N ASP E 364 -17.07 36.80 69.13
CA ASP E 364 -17.38 37.96 69.98
C ASP E 364 -16.13 38.30 70.79
N ASN E 365 -16.25 39.14 71.82
CA ASN E 365 -15.07 39.51 72.60
C ASN E 365 -15.04 38.86 73.99
N THR E 366 -16.12 38.15 74.35
CA THR E 366 -16.31 37.47 75.65
C THR E 366 -15.20 36.50 76.00
N SER E 367 -14.94 36.33 77.32
CA SER E 367 -13.91 35.46 77.90
C SER E 367 -12.55 35.54 77.13
N PRO E 368 -11.85 36.71 77.13
CA PRO E 368 -10.58 36.81 76.38
C PRO E 368 -9.40 36.13 77.04
N GLY E 369 -9.60 35.66 78.28
CA GLY E 369 -8.58 35.00 79.10
C GLY E 369 -8.10 35.91 80.19
N PHE E 370 -8.78 37.06 80.32
CA PHE E 370 -8.50 38.11 81.28
C PHE E 370 -9.81 38.73 81.79
N LYS E 371 -9.92 38.90 83.14
CA LYS E 371 -11.11 39.47 83.79
C LYS E 371 -11.46 40.84 83.21
N VAL E 372 -12.65 40.94 82.63
CA VAL E 372 -13.16 42.17 82.02
C VAL E 372 -14.57 42.47 82.51
N GLY E 373 -14.88 43.76 82.62
CA GLY E 373 -16.20 44.23 83.04
C GLY E 373 -16.67 43.84 84.43
N ASP E 374 -15.73 43.68 85.38
CA ASP E 374 -16.06 43.35 86.76
C ASP E 374 -16.70 44.59 87.40
N THR E 375 -17.57 44.38 88.41
CA THR E 375 -18.29 45.42 89.17
C THR E 375 -17.34 46.52 89.69
N ASP E 376 -16.11 46.12 90.06
CA ASP E 376 -15.00 46.95 90.51
C ASP E 376 -13.92 46.82 89.44
N HIS E 377 -13.63 47.93 88.74
CA HIS E 377 -12.66 47.97 87.64
C HIS E 377 -11.23 47.58 88.04
N LYS E 378 -10.80 47.85 89.30
CA LYS E 378 -9.44 47.51 89.70
C LYS E 378 -9.24 46.00 89.96
N LYS E 379 -10.19 45.18 89.48
CA LYS E 379 -10.16 43.72 89.53
C LYS E 379 -9.98 43.19 88.09
N ASP E 380 -10.10 44.09 87.08
CA ASP E 380 -9.96 43.80 85.65
C ASP E 380 -8.49 43.63 85.22
N GLY E 381 -8.28 42.98 84.06
CA GLY E 381 -6.97 42.77 83.48
C GLY E 381 -6.10 41.69 84.11
N PHE E 382 -6.72 40.83 84.94
CA PHE E 382 -6.05 39.70 85.61
C PHE E 382 -6.29 38.44 84.82
N LYS E 383 -5.28 37.58 84.75
CA LYS E 383 -5.33 36.32 84.00
C LYS E 383 -6.44 35.41 84.52
N LYS E 384 -7.39 35.08 83.63
CA LYS E 384 -8.50 34.18 83.92
C LYS E 384 -8.51 33.03 82.89
N ASN E 385 -9.48 32.10 82.99
CA ASN E 385 -9.60 30.97 82.09
C ASN E 385 -10.15 31.35 80.71
N SER E 386 -9.47 30.86 79.66
CA SER E 386 -9.85 31.06 78.26
C SER E 386 -10.40 29.76 77.67
N SER E 387 -11.13 29.89 76.56
CA SER E 387 -11.76 28.79 75.82
C SER E 387 -11.82 29.14 74.33
N SER E 388 -10.91 30.05 73.89
CA SER E 388 -10.86 30.52 72.51
C SER E 388 -9.45 30.47 71.83
N PRO E 389 -8.57 29.44 72.02
CA PRO E 389 -7.27 29.47 71.35
C PRO E 389 -7.27 29.26 69.84
N ILE E 390 -6.17 29.68 69.17
CA ILE E 390 -5.93 29.46 67.74
C ILE E 390 -5.57 27.99 67.62
N ALA E 391 -6.14 27.32 66.63
CA ALA E 391 -5.92 25.91 66.38
C ALA E 391 -5.60 25.71 64.89
N LEU E 392 -5.96 24.53 64.34
CA LEU E 392 -5.77 24.18 62.93
C LEU E 392 -6.90 23.23 62.46
N PRO E 393 -8.13 23.76 62.31
CA PRO E 393 -9.25 22.90 61.88
C PRO E 393 -9.14 22.52 60.40
N PHE E 394 -9.91 21.49 59.97
CA PHE E 394 -9.97 20.88 58.62
C PHE E 394 -9.64 21.86 57.48
N GLU E 395 -10.41 22.95 57.44
CA GLU E 395 -10.39 24.08 56.52
C GLU E 395 -8.97 24.65 56.37
N ALA E 396 -8.44 25.23 57.46
CA ALA E 396 -7.09 25.83 57.54
C ALA E 396 -5.99 24.80 57.41
N TYR E 397 -6.26 23.57 57.90
CA TYR E 397 -5.32 22.45 57.88
C TYR E 397 -4.98 22.05 56.47
N PHE E 398 -5.98 21.67 55.66
CA PHE E 398 -5.77 21.24 54.28
C PHE E 398 -5.26 22.35 53.35
N ALA E 399 -5.49 23.62 53.74
CA ALA E 399 -4.98 24.78 53.04
C ALA E 399 -3.43 24.77 53.16
N ASN E 400 -2.91 24.19 54.27
CA ASN E 400 -1.49 24.03 54.58
C ASN E 400 -0.94 22.64 54.14
N ILE E 401 -1.71 21.93 53.30
CA ILE E 401 -1.29 20.65 52.74
C ILE E 401 -1.00 20.83 51.27
N GLY E 402 0.26 20.75 50.96
CA GLY E 402 0.80 20.91 49.61
C GLY E 402 2.21 21.49 49.66
N ASN E 403 2.83 21.68 48.46
CA ASN E 403 4.17 22.24 48.25
C ASN E 403 5.18 21.69 49.26
N MET E 404 5.62 20.43 49.01
CA MET E 404 6.60 19.69 49.81
C MET E 404 7.99 19.63 49.09
N VAL E 405 9.11 19.85 49.84
CA VAL E 405 10.50 19.79 49.34
C VAL E 405 11.43 19.00 50.25
N ALA E 406 12.33 18.17 49.65
CA ALA E 406 13.29 17.35 50.39
C ALA E 406 14.66 18.00 50.41
N ILE E 407 15.09 18.41 51.61
CA ILE E 407 16.39 19.07 51.79
C ILE E 407 17.11 18.24 52.83
N GLY E 408 18.13 17.52 52.36
CA GLY E 408 18.94 16.61 53.16
C GLY E 408 18.13 15.46 53.71
N ASN E 409 18.23 15.23 55.02
CA ASN E 409 17.48 14.16 55.67
C ASN E 409 16.05 14.57 56.11
N SER E 410 15.58 15.75 55.68
CA SER E 410 14.23 16.21 56.01
C SER E 410 13.34 16.48 54.79
N VAL E 411 12.01 16.39 55.00
CA VAL E 411 10.98 16.70 54.00
C VAL E 411 10.10 17.77 54.59
N PHE E 412 9.91 18.87 53.86
CA PHE E 412 9.13 20.03 54.30
C PHE E 412 7.85 20.20 53.51
N ILE E 413 6.76 20.61 54.19
CA ILE E 413 5.44 20.91 53.62
C ILE E 413 5.13 22.38 53.94
N PHE E 414 5.17 23.23 52.90
CA PHE E 414 4.94 24.66 53.06
C PHE E 414 3.48 25.08 52.90
N GLY E 415 2.69 24.19 52.30
CA GLY E 415 1.27 24.43 52.12
C GLY E 415 0.87 24.81 50.72
N GLY E 416 -0.44 24.82 50.47
CA GLY E 416 -1.01 25.16 49.18
C GLY E 416 -1.63 26.55 49.14
N ASN E 417 -2.34 26.85 48.03
CA ASN E 417 -3.02 28.14 47.83
C ASN E 417 -4.32 28.22 48.66
N GLY E 418 -4.70 27.11 49.30
CA GLY E 418 -5.90 27.03 50.12
C GLY E 418 -7.21 26.94 49.37
N HIS E 419 -7.17 26.69 48.03
CA HIS E 419 -8.38 26.59 47.21
C HIS E 419 -9.21 25.35 47.48
N ALA E 420 -8.57 24.29 47.98
CA ALA E 420 -9.23 23.03 48.29
C ALA E 420 -10.33 23.18 49.32
N THR E 421 -10.19 24.15 50.26
CA THR E 421 -11.17 24.44 51.32
C THR E 421 -11.77 25.88 51.25
N LYS E 422 -11.29 26.73 50.29
CA LYS E 422 -11.76 28.11 50.14
C LYS E 422 -13.17 28.25 49.56
N MET E 423 -14.03 28.95 50.34
CA MET E 423 -15.39 29.36 49.97
C MET E 423 -15.32 30.85 49.49
N PHE E 424 -16.44 31.46 49.20
CA PHE E 424 -16.44 32.85 48.77
C PHE E 424 -16.22 33.78 49.94
N THR E 425 -16.68 33.34 51.14
CA THR E 425 -16.54 34.12 52.38
C THR E 425 -15.54 33.51 53.38
N THR E 426 -14.66 32.63 52.91
CA THR E 426 -13.64 32.03 53.76
C THR E 426 -12.27 32.27 53.13
N ASN E 427 -11.23 32.30 53.97
CA ASN E 427 -9.85 32.49 53.52
C ASN E 427 -8.90 31.49 54.22
N PRO E 428 -9.04 30.16 53.95
CA PRO E 428 -8.14 29.18 54.58
C PRO E 428 -6.76 29.30 53.98
N LEU E 429 -5.72 29.41 54.84
CA LEU E 429 -4.36 29.62 54.37
C LEU E 429 -3.31 28.81 55.15
N SER E 430 -2.10 28.72 54.59
CA SER E 430 -0.96 28.03 55.19
C SER E 430 -0.41 28.92 56.30
N ILE E 431 -0.56 28.49 57.56
CA ILE E 431 -0.12 29.21 58.75
C ILE E 431 1.39 29.02 59.03
N GLY E 432 1.96 27.88 58.58
CA GLY E 432 3.36 27.55 58.77
C GLY E 432 3.93 26.47 57.88
N VAL E 433 5.03 25.82 58.33
CA VAL E 433 5.74 24.74 57.64
C VAL E 433 5.73 23.49 58.50
N PHE E 434 5.55 22.32 57.86
CA PHE E 434 5.63 21.01 58.48
C PHE E 434 6.95 20.34 58.06
N ARG E 435 7.62 19.61 58.96
CA ARG E 435 8.87 18.94 58.58
C ARG E 435 9.07 17.57 59.18
N ILE E 436 9.15 16.58 58.29
CA ILE E 436 9.45 15.21 58.66
C ILE E 436 10.95 15.04 58.56
N LYS E 437 11.60 14.90 59.73
CA LYS E 437 13.03 14.69 59.87
C LYS E 437 13.33 13.16 59.94
N TYR E 438 13.79 12.62 58.80
CA TYR E 438 14.12 11.21 58.60
C TYR E 438 15.53 10.92 59.07
N THR E 439 15.71 9.76 59.71
CA THR E 439 16.99 9.34 60.26
C THR E 439 17.32 7.90 59.83
N ASP E 440 18.54 7.46 60.15
CA ASP E 440 19.02 6.09 59.92
C ASP E 440 18.60 5.55 58.55
N ASN E 441 19.18 6.12 57.49
CA ASN E 441 18.90 5.78 56.09
C ASN E 441 17.41 5.82 55.77
N PHE E 442 16.73 6.83 56.36
CA PHE E 442 15.30 7.10 56.20
C PHE E 442 14.41 5.92 56.70
N SER E 443 14.89 5.25 57.80
CA SER E 443 14.21 4.14 58.48
C SER E 443 13.44 4.62 59.71
N LYS E 444 13.80 5.78 60.23
CA LYS E 444 13.13 6.40 61.37
C LYS E 444 12.68 7.81 60.96
N SER E 445 11.65 8.36 61.61
CA SER E 445 11.09 9.66 61.27
C SER E 445 10.63 10.46 62.49
N SER E 446 10.48 11.79 62.31
CA SER E 446 10.02 12.73 63.33
C SER E 446 9.24 13.85 62.66
N VAL E 447 7.96 14.04 63.03
CA VAL E 447 7.14 15.09 62.41
C VAL E 447 6.93 16.29 63.34
N THR E 448 7.05 17.51 62.78
CA THR E 448 6.91 18.79 63.49
C THR E 448 6.34 19.88 62.58
N GLY E 449 5.84 20.93 63.19
CA GLY E 449 5.28 22.09 62.51
C GLY E 449 5.69 23.38 63.20
N TRP E 450 6.18 24.36 62.42
CA TRP E 450 6.54 25.68 62.95
C TRP E 450 5.66 26.75 62.24
N PRO E 451 4.97 27.65 62.99
CA PRO E 451 4.16 28.70 62.31
C PRO E 451 5.05 29.74 61.62
N TYR E 452 4.61 30.26 60.46
CA TYR E 452 5.35 31.27 59.70
C TYR E 452 5.73 32.46 60.55
N ALA E 453 4.81 32.85 61.48
CA ALA E 453 4.99 33.94 62.43
C ALA E 453 6.33 33.94 63.16
N VAL E 454 6.79 32.77 63.62
CA VAL E 454 8.09 32.67 64.30
C VAL E 454 9.24 32.67 63.30
N LEU E 455 9.05 31.98 62.16
CA LEU E 455 10.04 31.90 61.08
C LEU E 455 10.31 33.26 60.43
N PHE E 456 9.31 34.18 60.49
CA PHE E 456 9.36 35.52 59.92
C PHE E 456 9.55 36.66 60.97
N GLY E 457 9.90 36.30 62.21
CA GLY E 457 10.12 37.26 63.30
C GLY E 457 11.28 38.23 63.08
N GLY E 458 12.32 37.75 62.40
CA GLY E 458 13.51 38.54 62.09
C GLY E 458 13.38 39.53 60.94
N LEU E 459 12.14 39.75 60.43
CA LEU E 459 11.85 40.64 59.30
C LEU E 459 12.14 42.11 59.57
N ILE E 460 12.96 42.70 58.68
CA ILE E 460 13.45 44.10 58.67
C ILE E 460 13.47 44.69 57.25
N ASN E 461 13.21 46.02 57.15
CA ASN E 461 13.17 46.80 55.92
C ASN E 461 14.32 46.50 54.96
N PRO E 462 15.60 46.50 55.42
CA PRO E 462 16.72 46.21 54.51
C PRO E 462 16.64 44.92 53.68
N GLN E 463 15.78 43.94 54.08
CA GLN E 463 15.65 42.68 53.34
C GLN E 463 14.94 42.86 51.98
N THR E 464 14.10 43.92 51.85
CA THR E 464 13.40 44.25 50.61
C THR E 464 14.09 45.39 49.84
N ASN E 465 13.86 45.45 48.52
CA ASN E 465 14.42 46.46 47.61
C ASN E 465 13.32 47.27 46.91
N GLY E 466 12.07 46.97 47.27
CA GLY E 466 10.88 47.64 46.76
C GLY E 466 10.30 48.55 47.83
N LEU E 467 8.97 48.36 48.14
CA LEU E 467 8.27 49.16 49.15
C LEU E 467 8.76 48.88 50.55
N LYS E 468 8.92 49.94 51.33
CA LYS E 468 9.43 49.90 52.70
C LYS E 468 8.33 50.25 53.70
N ASP E 469 8.52 49.86 54.97
CA ASP E 469 7.66 50.08 56.13
C ASP E 469 6.31 49.34 56.04
N LEU E 470 6.27 48.24 55.27
CA LEU E 470 5.05 47.44 55.15
C LEU E 470 4.73 46.79 56.51
N PRO E 471 3.44 46.62 56.87
CA PRO E 471 3.12 45.96 58.14
C PRO E 471 3.38 44.46 58.17
N LEU E 472 4.67 44.09 58.38
CA LEU E 472 5.15 42.69 58.48
C LEU E 472 5.98 42.43 59.76
N GLY E 473 6.01 43.45 60.62
CA GLY E 473 6.69 43.42 61.91
C GLY E 473 5.84 42.76 62.97
N THR E 474 6.49 42.22 63.99
CA THR E 474 5.84 41.53 65.12
C THR E 474 6.56 41.96 66.39
N ASN E 475 6.42 41.20 67.50
CA ASN E 475 7.02 41.49 68.80
C ASN E 475 7.07 40.24 69.65
N ARG E 476 7.63 40.31 70.91
CA ARG E 476 7.79 39.16 71.83
C ARG E 476 6.58 38.24 71.90
N TRP E 477 5.37 38.82 71.93
CA TRP E 477 4.08 38.11 71.85
C TRP E 477 3.83 38.21 70.35
N PHE E 478 3.86 37.10 69.60
CA PHE E 478 3.78 37.22 68.14
C PHE E 478 2.37 37.56 67.67
N GLU E 479 2.07 38.86 67.69
CA GLU E 479 0.77 39.42 67.34
C GLU E 479 0.50 39.45 65.86
N TYR E 480 1.58 39.51 65.06
CA TYR E 480 1.43 39.44 63.61
C TYR E 480 1.46 37.97 63.27
N VAL E 481 0.38 37.53 62.61
CA VAL E 481 0.14 36.15 62.20
C VAL E 481 0.18 36.04 60.65
N PRO E 482 1.39 35.97 60.04
CA PRO E 482 1.44 35.80 58.59
C PRO E 482 0.95 34.41 58.19
N ARG E 483 0.14 34.39 57.14
CA ARG E 483 -0.43 33.19 56.51
C ARG E 483 -0.20 33.33 54.99
N MET E 484 -0.14 32.21 54.26
CA MET E 484 0.15 32.27 52.83
C MET E 484 -0.73 31.42 51.95
N ALA E 485 -0.77 31.81 50.67
CA ALA E 485 -1.38 31.11 49.54
C ALA E 485 -0.11 30.77 48.72
N VAL E 486 0.59 29.71 49.17
CA VAL E 486 1.87 29.23 48.67
C VAL E 486 1.84 28.80 47.19
N SER E 487 2.67 29.48 46.39
CA SER E 487 2.87 29.20 44.96
C SER E 487 3.77 27.96 44.85
N GLY E 488 4.82 27.94 45.68
CA GLY E 488 5.76 26.84 45.76
C GLY E 488 7.05 27.22 46.46
N VAL E 489 7.87 26.21 46.77
CA VAL E 489 9.20 26.37 47.34
C VAL E 489 10.09 25.67 46.38
N LYS E 490 11.02 26.41 45.81
CA LYS E 490 11.91 25.89 44.80
C LYS E 490 13.34 26.45 44.88
N TRP E 491 14.30 25.75 44.27
CA TRP E 491 15.64 26.23 44.24
C TRP E 491 15.77 27.06 43.00
N VAL E 492 16.12 28.34 43.19
CA VAL E 492 16.37 29.23 42.05
C VAL E 492 17.87 29.40 42.13
N GLY E 493 18.56 28.65 41.28
CA GLY E 493 20.01 28.57 41.32
C GLY E 493 20.36 27.80 42.57
N ASN E 494 21.17 28.40 43.45
CA ASN E 494 21.58 27.80 44.72
C ASN E 494 20.82 28.42 45.90
N GLN E 495 19.78 29.19 45.58
CA GLN E 495 18.99 29.89 46.58
C GLN E 495 17.60 29.27 46.75
N LEU E 496 17.15 29.12 48.02
CA LEU E 496 15.84 28.51 48.25
C LEU E 496 14.73 29.54 48.31
N VAL E 497 13.85 29.56 47.30
CA VAL E 497 12.79 30.55 47.21
C VAL E 497 11.41 30.00 47.53
N LEU E 498 10.73 30.67 48.47
CA LEU E 498 9.35 30.42 48.85
C LEU E 498 8.56 31.58 48.26
N ALA E 499 7.59 31.30 47.39
CA ALA E 499 6.81 32.36 46.75
C ALA E 499 5.26 32.19 46.93
N GLY E 500 4.50 33.21 46.51
CA GLY E 500 3.04 33.21 46.61
C GLY E 500 2.51 34.53 47.15
N THR E 501 1.39 34.48 47.89
CA THR E 501 0.78 35.69 48.48
C THR E 501 0.65 35.57 49.99
N LEU E 502 1.03 36.65 50.68
CA LEU E 502 1.11 36.77 52.12
C LEU E 502 0.07 37.69 52.72
N THR E 503 -0.37 37.34 53.94
CA THR E 503 -1.30 38.16 54.72
C THR E 503 -0.50 39.10 55.60
N MET E 504 -0.54 40.37 55.20
CA MET E 504 0.14 41.49 55.88
C MET E 504 -0.60 41.77 57.24
N GLY E 505 -0.13 42.74 57.97
CA GLY E 505 -0.76 43.20 59.19
C GLY E 505 -1.95 44.06 58.85
N ASP E 506 -2.93 44.23 59.78
CA ASP E 506 -4.10 45.06 59.45
C ASP E 506 -3.72 46.52 59.42
N THR E 507 -4.13 47.16 58.33
CA THR E 507 -3.82 48.53 57.96
C THR E 507 -5.11 49.40 57.83
N ALA E 508 -6.24 48.81 57.35
CA ALA E 508 -7.51 49.52 57.14
C ALA E 508 -8.32 49.85 58.41
N THR E 509 -8.00 49.21 59.56
CA THR E 509 -8.70 49.42 60.85
C THR E 509 -7.76 50.02 61.92
N VAL E 510 -6.53 50.42 61.49
CA VAL E 510 -5.52 51.08 62.33
C VAL E 510 -6.13 52.35 62.96
N PRO E 511 -6.75 53.31 62.20
CA PRO E 511 -7.36 54.45 62.87
C PRO E 511 -8.60 54.03 63.68
N ARG E 512 -8.88 54.73 64.79
CA ARG E 512 -10.05 54.43 65.62
C ARG E 512 -11.02 55.60 65.61
N LEU E 513 -12.33 55.32 65.63
CA LEU E 513 -13.34 56.37 65.60
C LEU E 513 -13.56 57.06 66.95
N LYS E 514 -14.18 58.26 66.90
CA LYS E 514 -14.62 59.01 68.08
C LYS E 514 -15.95 58.31 68.45
N TYR E 515 -16.12 57.90 69.72
CA TYR E 515 -17.25 57.09 70.22
C TYR E 515 -18.63 57.44 69.64
N ASP E 516 -18.88 58.69 69.22
CA ASP E 516 -20.20 59.02 68.66
C ASP E 516 -20.31 58.76 67.15
N GLN E 517 -19.20 58.93 66.41
CA GLN E 517 -19.15 58.83 64.94
C GLN E 517 -19.40 57.43 64.30
N LEU E 518 -19.88 56.44 65.07
CA LEU E 518 -20.09 55.08 64.56
C LEU E 518 -21.10 54.94 63.41
N GLU E 519 -22.27 55.61 63.49
CA GLU E 519 -23.33 55.46 62.50
C GLU E 519 -23.08 56.19 61.17
N LYS E 520 -22.15 57.16 61.14
CA LYS E 520 -21.81 57.91 59.92
C LYS E 520 -20.76 57.18 59.07
N HIS E 521 -19.93 56.33 59.73
CA HIS E 521 -18.77 55.60 59.18
C HIS E 521 -18.96 54.08 59.09
N LEU E 522 -20.16 53.63 58.69
CA LEU E 522 -20.57 52.22 58.58
C LEU E 522 -19.57 51.27 57.91
N ASN E 523 -19.01 51.66 56.74
CA ASN E 523 -18.04 50.84 56.00
C ASN E 523 -16.86 50.46 56.91
N LEU E 524 -16.27 51.46 57.57
CA LEU E 524 -15.14 51.32 58.50
C LEU E 524 -15.47 50.45 59.71
N VAL E 525 -16.68 50.63 60.29
CA VAL E 525 -17.14 49.88 61.46
C VAL E 525 -17.20 48.41 61.12
N ALA E 526 -17.79 48.08 59.95
CA ALA E 526 -17.93 46.73 59.40
C ALA E 526 -16.59 46.05 59.15
N GLN E 527 -15.55 46.83 58.81
CA GLN E 527 -14.21 46.31 58.63
C GLN E 527 -13.67 45.86 59.99
N GLY E 528 -13.95 46.60 61.06
CA GLY E 528 -13.52 46.25 62.41
C GLY E 528 -14.39 45.17 63.03
N GLN E 529 -15.66 45.15 62.63
CA GLN E 529 -16.70 44.23 63.09
C GLN E 529 -16.51 42.82 62.54
N GLY E 530 -15.74 42.70 61.47
CA GLY E 530 -15.53 41.41 60.82
C GLY E 530 -16.53 41.11 59.73
N LEU E 531 -17.52 42.00 59.51
CA LEU E 531 -18.56 41.87 58.47
C LEU E 531 -18.03 42.20 57.07
N LEU E 532 -17.40 43.37 56.90
CA LEU E 532 -16.81 43.76 55.63
C LEU E 532 -15.37 43.23 55.60
N ARG E 533 -15.17 42.12 54.87
CA ARG E 533 -13.86 41.47 54.76
C ARG E 533 -12.93 42.16 53.75
N GLU E 534 -12.93 43.51 53.74
CA GLU E 534 -12.11 44.31 52.86
C GLU E 534 -10.83 44.72 53.54
N ASP E 535 -9.70 44.36 52.94
CA ASP E 535 -8.38 44.65 53.48
C ASP E 535 -7.86 46.06 53.11
N LEU E 536 -8.36 46.62 51.98
CA LEU E 536 -8.01 47.95 51.49
C LEU E 536 -8.51 49.01 52.44
N GLN E 537 -7.78 50.11 52.53
CA GLN E 537 -8.13 51.24 53.38
C GLN E 537 -9.28 52.04 52.78
N ILE E 538 -10.37 52.15 53.52
CA ILE E 538 -11.47 52.97 53.02
C ILE E 538 -11.30 54.36 53.61
N PHE E 539 -11.35 55.37 52.73
CA PHE E 539 -11.17 56.77 53.09
C PHE E 539 -12.45 57.39 53.67
N THR E 540 -12.60 57.27 54.99
CA THR E 540 -13.69 57.84 55.78
C THR E 540 -12.97 58.41 57.01
N PRO E 541 -12.31 59.59 56.87
CA PRO E 541 -11.46 60.09 57.96
C PRO E 541 -12.08 61.07 58.95
N TYR E 542 -13.21 61.71 58.60
CA TYR E 542 -13.86 62.71 59.45
C TYR E 542 -14.00 62.29 60.92
N GLY E 543 -14.62 61.12 61.12
CA GLY E 543 -14.94 60.57 62.43
C GLY E 543 -13.83 60.02 63.29
N TRP E 544 -12.63 59.87 62.71
CA TRP E 544 -11.46 59.34 63.42
C TRP E 544 -11.14 60.15 64.65
N ALA E 545 -10.74 59.48 65.73
CA ALA E 545 -10.27 60.11 66.95
C ALA E 545 -8.84 60.55 66.61
N ASN E 546 -8.39 61.70 67.14
CA ASN E 546 -7.06 62.27 66.90
C ASN E 546 -5.92 61.26 67.05
N ARG E 547 -6.09 60.27 67.95
CA ARG E 547 -5.18 59.16 68.21
C ARG E 547 -5.95 57.88 68.55
N PRO E 548 -5.53 56.71 68.03
CA PRO E 548 -6.23 55.47 68.36
C PRO E 548 -5.90 54.95 69.76
N ASP E 549 -4.76 55.36 70.35
CA ASP E 549 -4.31 54.89 71.66
C ASP E 549 -4.87 55.63 72.89
N ILE E 550 -5.80 56.61 72.70
CA ILE E 550 -6.43 57.37 73.80
C ILE E 550 -7.34 56.42 74.60
N PRO E 551 -7.13 56.27 75.94
CA PRO E 551 -7.99 55.34 76.72
C PRO E 551 -9.35 55.95 77.02
N VAL E 552 -10.37 55.09 77.21
CA VAL E 552 -11.79 55.43 77.44
C VAL E 552 -12.00 56.54 78.52
N GLY E 553 -11.19 56.53 79.58
CA GLY E 553 -11.26 57.52 80.66
C GLY E 553 -11.14 58.97 80.20
N ALA E 554 -10.36 59.20 79.13
CA ALA E 554 -10.08 60.50 78.52
C ALA E 554 -11.09 60.92 77.43
N TRP E 555 -12.09 60.07 77.14
CA TRP E 555 -13.05 60.35 76.07
C TRP E 555 -14.10 61.41 76.41
N LEU E 556 -14.39 61.59 77.71
CA LEU E 556 -15.44 62.53 78.09
C LEU E 556 -14.95 63.76 78.85
N GLN E 557 -13.73 64.24 78.56
CA GLN E 557 -13.23 65.47 79.18
C GLN E 557 -13.97 66.67 78.60
N ASP E 558 -14.11 66.68 77.27
CA ASP E 558 -14.85 67.68 76.55
C ASP E 558 -15.92 66.92 75.78
N GLU E 559 -17.13 66.91 76.35
CA GLU E 559 -18.28 66.21 75.79
C GLU E 559 -18.95 67.06 74.72
N MET E 560 -19.20 68.35 75.03
CA MET E 560 -19.84 69.28 74.10
C MET E 560 -19.05 69.51 72.83
N GLY E 561 -17.72 69.41 72.95
CA GLY E 561 -16.81 69.56 71.83
C GLY E 561 -16.22 70.95 71.72
N SER E 562 -16.95 71.95 72.24
CA SER E 562 -16.63 73.38 72.26
C SER E 562 -15.16 73.72 72.57
N LYS E 563 -14.56 73.00 73.54
CA LYS E 563 -13.18 73.17 74.00
C LYS E 563 -12.13 72.63 73.00
N PHE E 564 -12.59 71.86 71.97
CA PHE E 564 -11.77 71.16 70.98
C PHE E 564 -10.81 70.26 71.76
N GLY E 565 -11.38 69.59 72.78
CA GLY E 565 -10.75 68.70 73.75
C GLY E 565 -9.34 68.35 73.39
N PRO E 566 -8.33 69.03 73.99
CA PRO E 566 -6.92 68.80 73.61
C PRO E 566 -6.48 67.33 73.64
N HIS E 567 -7.09 66.58 74.57
CA HIS E 567 -6.86 65.17 74.83
C HIS E 567 -7.43 64.30 73.69
N TYR E 568 -8.77 64.22 73.60
CA TYR E 568 -9.55 63.40 72.67
C TYR E 568 -10.42 64.33 71.81
N PHE E 569 -10.20 64.34 70.48
CA PHE E 569 -10.96 65.18 69.54
C PHE E 569 -11.02 64.59 68.13
N LEU E 570 -11.96 65.07 67.28
CA LEU E 570 -12.07 64.62 65.89
C LEU E 570 -10.81 64.99 65.11
N ASN E 571 -10.06 63.95 64.71
CA ASN E 571 -8.80 64.02 63.97
C ASN E 571 -8.85 65.05 62.84
N ASN E 572 -8.00 66.09 62.96
CA ASN E 572 -7.85 67.17 61.97
C ASN E 572 -6.40 67.69 62.06
N PRO E 573 -5.56 67.44 61.01
CA PRO E 573 -4.15 67.88 61.10
C PRO E 573 -3.94 69.38 61.06
N ASP E 574 -4.98 70.16 60.72
CA ASP E 574 -4.88 71.62 60.64
C ASP E 574 -4.80 72.24 62.03
N ILE E 575 -5.56 71.68 63.00
CA ILE E 575 -5.58 72.18 64.39
C ILE E 575 -4.51 71.49 65.29
N GLN E 576 -3.53 70.80 64.68
CA GLN E 576 -2.43 70.16 65.41
C GLN E 576 -1.47 71.25 65.90
N ASP E 577 -0.71 70.95 66.97
CA ASP E 577 0.26 71.88 67.54
C ASP E 577 1.59 71.81 66.82
N ASN E 578 2.36 72.92 66.87
CA ASN E 578 3.68 73.04 66.27
C ASN E 578 4.74 72.39 67.15
N VAL E 579 5.96 72.23 66.63
CA VAL E 579 7.02 71.59 67.38
C VAL E 579 7.98 72.64 68.01
N ASN E 580 7.58 73.94 68.00
CA ASN E 580 8.40 75.01 68.61
C ASN E 580 8.63 74.75 70.11
N ASN E 581 9.88 74.91 70.57
CA ASN E 581 10.32 74.64 71.94
C ASN E 581 9.33 75.07 72.99
N ASP E 582 8.77 76.28 72.84
CA ASP E 582 7.81 76.85 73.78
C ASP E 582 6.52 76.02 73.86
N THR E 583 6.00 75.54 72.70
CA THR E 583 4.79 74.71 72.62
C THR E 583 5.00 73.39 73.35
N VAL E 584 6.10 72.69 73.01
CA VAL E 584 6.49 71.37 73.55
C VAL E 584 6.80 71.45 75.06
N GLU E 585 7.54 72.50 75.46
CA GLU E 585 7.95 72.76 76.84
C GLU E 585 6.74 72.85 77.75
N ALA E 586 5.76 73.65 77.36
CA ALA E 586 4.56 73.89 78.14
C ALA E 586 3.54 72.77 78.10
N LEU E 587 3.30 72.17 76.91
CA LEU E 587 2.28 71.14 76.75
C LEU E 587 2.74 69.68 76.95
N ILE E 588 4.06 69.39 76.86
CA ILE E 588 4.52 68.02 77.02
C ILE E 588 5.50 67.84 78.20
N SER E 589 6.72 68.44 78.13
CA SER E 589 7.77 68.27 79.17
C SER E 589 7.40 68.79 80.57
N SER E 590 6.31 69.56 80.68
CA SER E 590 5.79 70.07 81.94
C SER E 590 5.32 68.91 82.83
N TYR E 591 4.78 67.84 82.19
CA TYR E 591 4.28 66.63 82.83
C TYR E 591 5.29 65.51 82.62
N LYS E 592 5.70 64.84 83.70
CA LYS E 592 6.68 63.77 83.61
C LYS E 592 6.12 62.45 84.11
N ASN E 593 6.16 61.40 83.26
CA ASN E 593 5.67 60.05 83.59
C ASN E 593 6.60 59.34 84.53
N THR E 594 6.08 58.38 85.30
CA THR E 594 6.87 57.64 86.27
C THR E 594 6.63 56.14 86.20
N ASP E 595 7.05 55.45 87.27
CA ASP E 595 6.91 54.03 87.56
C ASP E 595 5.43 53.67 87.71
N LYS E 596 4.65 54.55 88.34
CA LYS E 596 3.23 54.37 88.63
C LYS E 596 2.31 55.42 87.96
N LEU E 597 2.81 56.16 86.94
CA LEU E 597 2.03 57.19 86.28
C LEU E 597 2.38 57.43 84.83
N LYS E 598 1.34 57.51 83.97
CA LYS E 598 1.43 57.86 82.55
C LYS E 598 0.46 59.02 82.30
N HIS E 599 0.71 59.87 81.28
CA HIS E 599 -0.14 61.04 81.01
C HIS E 599 -0.82 61.05 79.65
N VAL E 600 -2.07 61.54 79.61
CA VAL E 600 -2.82 61.74 78.38
C VAL E 600 -2.60 63.22 78.12
N TYR E 601 -1.49 63.53 77.45
CA TYR E 601 -1.01 64.87 77.15
C TYR E 601 -2.03 65.79 76.46
N PRO E 602 -2.06 67.09 76.85
CA PRO E 602 -3.01 68.02 76.22
C PRO E 602 -2.49 68.65 74.92
N TYR E 603 -1.33 68.20 74.46
CA TYR E 603 -0.74 68.60 73.20
C TYR E 603 -1.67 68.03 72.11
N ARG E 604 -2.11 68.86 71.16
CA ARG E 604 -3.01 68.43 70.09
C ARG E 604 -2.27 67.63 69.02
N TYR E 605 -2.37 66.29 69.08
CA TYR E 605 -1.79 65.41 68.06
C TYR E 605 -2.94 65.05 67.13
N SER E 606 -2.64 64.77 65.85
CA SER E 606 -3.55 64.31 64.79
C SER E 606 -2.85 64.31 63.44
N GLY E 607 -3.33 63.46 62.53
CA GLY E 607 -2.81 63.27 61.18
C GLY E 607 -3.64 62.31 60.37
N LEU E 608 -3.41 62.29 59.04
CA LEU E 608 -4.16 61.42 58.13
C LEU E 608 -3.48 60.07 57.92
N TYR E 609 -4.19 59.12 57.25
CA TYR E 609 -3.81 57.71 57.03
C TYR E 609 -2.32 57.41 57.23
N ALA E 610 -1.44 58.03 56.41
CA ALA E 610 0.01 57.83 56.50
C ALA E 610 0.57 57.94 57.93
N TRP E 611 0.23 59.03 58.64
CA TRP E 611 0.63 59.31 60.01
C TRP E 611 0.09 58.29 61.02
N GLN E 612 -1.24 58.01 60.94
CA GLN E 612 -1.95 57.06 61.80
C GLN E 612 -1.29 55.67 61.69
N LEU E 613 -0.97 55.25 60.45
CA LEU E 613 -0.32 53.98 60.16
C LEU E 613 1.09 54.00 60.67
N PHE E 614 1.85 55.06 60.33
CA PHE E 614 3.24 55.22 60.75
C PHE E 614 3.45 54.97 62.24
N ASN E 615 2.52 55.43 63.09
CA ASN E 615 2.68 55.26 64.53
C ASN E 615 1.94 54.08 65.13
N TRP E 616 0.82 53.64 64.52
CA TRP E 616 0.09 52.55 65.16
C TRP E 616 -0.06 51.27 64.33
N SER E 617 0.68 51.14 63.22
CA SER E 617 0.68 49.91 62.44
C SER E 617 1.96 49.11 62.78
N ASN E 618 2.01 47.81 62.39
CA ASN E 618 3.17 46.94 62.62
C ASN E 618 4.19 47.05 61.49
N LYS E 619 4.55 48.30 61.17
CA LYS E 619 5.52 48.66 60.14
C LYS E 619 6.86 48.00 60.36
N LEU E 620 7.56 47.74 59.26
CA LEU E 620 8.90 47.18 59.26
C LEU E 620 9.92 48.28 59.59
N THR E 621 10.94 47.95 60.38
CA THR E 621 11.99 48.90 60.70
C THR E 621 13.34 48.29 60.40
N ASN E 622 14.37 48.77 61.10
CA ASN E 622 15.71 48.24 60.91
C ASN E 622 16.04 47.19 61.99
N THR E 623 15.22 47.12 63.04
CA THR E 623 15.35 46.16 64.14
C THR E 623 14.18 45.16 64.09
N PRO E 624 14.38 43.88 64.45
CA PRO E 624 13.25 42.93 64.40
C PRO E 624 12.45 42.95 65.71
N LEU E 625 11.22 42.38 65.69
CA LEU E 625 10.31 42.32 66.86
C LEU E 625 10.10 43.71 67.50
N SER E 626 10.09 44.73 66.63
CA SER E 626 10.04 46.18 66.84
C SER E 626 8.66 46.81 66.92
N ALA E 627 7.61 46.10 66.47
CA ALA E 627 6.26 46.64 66.45
C ALA E 627 5.59 46.69 67.81
N ASN E 628 5.45 47.90 68.39
CA ASN E 628 4.74 48.01 69.68
C ASN E 628 3.24 47.99 69.44
N PHE E 629 2.82 48.22 68.19
CA PHE E 629 1.44 48.19 67.79
C PHE E 629 1.29 47.28 66.59
N VAL E 630 0.49 46.22 66.74
CA VAL E 630 0.07 45.27 65.70
C VAL E 630 -1.44 45.35 65.89
N ASN E 631 -2.14 46.04 64.97
CA ASN E 631 -3.59 46.26 65.09
C ASN E 631 -4.35 44.93 65.10
N GLU E 632 -4.35 44.24 63.96
CA GLU E 632 -4.96 42.94 63.73
C GLU E 632 -4.26 42.31 62.52
N ASN E 633 -4.86 41.29 61.91
CA ASN E 633 -4.32 40.62 60.72
C ASN E 633 -5.31 40.65 59.57
N SER E 634 -4.80 40.74 58.33
CA SER E 634 -5.66 40.80 57.14
C SER E 634 -6.52 39.57 56.95
N TYR E 635 -7.69 39.75 56.32
CA TYR E 635 -8.66 38.69 56.06
C TYR E 635 -8.13 37.76 54.99
N ALA E 636 -7.74 38.36 53.85
CA ALA E 636 -7.25 37.69 52.65
C ALA E 636 -5.79 38.05 52.38
N PRO E 637 -5.01 37.21 51.63
CA PRO E 637 -3.63 37.59 51.30
C PRO E 637 -3.65 38.95 50.62
N ASN E 638 -2.95 39.93 51.17
CA ASN E 638 -2.99 41.27 50.60
C ASN E 638 -1.65 41.71 50.01
N SER E 639 -0.70 40.77 49.85
CA SER E 639 0.62 41.09 49.31
C SER E 639 1.32 40.01 48.53
N LEU E 640 1.98 40.40 47.41
CA LEU E 640 2.81 39.50 46.63
C LEU E 640 4.02 39.23 47.51
N PHE E 641 4.52 37.98 47.52
CA PHE E 641 5.62 37.68 48.42
C PHE E 641 6.47 36.53 47.94
N ALA E 642 7.77 36.76 47.90
CA ALA E 642 8.77 35.75 47.53
C ALA E 642 9.93 36.00 48.47
N ALA E 643 10.53 34.94 49.02
CA ALA E 643 11.62 35.08 49.99
C ALA E 643 12.66 33.99 49.89
N ILE E 644 13.94 34.41 49.99
CA ILE E 644 15.10 33.52 49.99
C ILE E 644 15.23 33.02 51.42
N LEU E 645 15.03 31.72 51.58
CA LEU E 645 15.04 31.04 52.87
C LEU E 645 16.39 30.45 53.20
N ASN E 646 16.63 30.23 54.51
CA ASN E 646 17.84 29.64 55.06
C ASN E 646 17.69 28.12 55.22
N GLU E 647 18.16 27.37 54.21
CA GLU E 647 18.14 25.92 54.11
C GLU E 647 18.70 25.27 55.37
N ASP E 648 19.89 25.73 55.81
CA ASP E 648 20.60 25.25 57.01
C ASP E 648 19.80 25.43 58.28
N LEU E 649 19.00 26.50 58.35
CA LEU E 649 18.18 26.75 59.51
C LEU E 649 17.00 25.79 59.52
N LEU E 650 16.26 25.71 58.38
CA LEU E 650 15.12 24.81 58.17
C LEU E 650 15.49 23.39 58.53
N THR E 651 16.63 22.89 58.00
CA THR E 651 17.10 21.53 58.25
C THR E 651 17.67 21.33 59.63
N GLY E 652 18.30 22.38 60.17
CA GLY E 652 18.98 22.34 61.46
C GLY E 652 18.11 22.45 62.69
N LEU E 653 17.21 23.46 62.71
CA LEU E 653 16.31 23.78 63.82
C LEU E 653 15.66 22.59 64.51
N SER E 654 15.50 22.71 65.83
CA SER E 654 14.89 21.66 66.65
C SER E 654 13.38 21.46 66.38
N ASP E 655 12.84 20.27 66.70
CA ASP E 655 11.43 19.98 66.47
C ASP E 655 10.57 20.84 67.38
N LYS E 656 10.73 20.71 68.72
CA LYS E 656 9.94 21.55 69.63
C LYS E 656 10.63 22.85 69.93
N ILE E 657 9.86 23.92 69.78
CA ILE E 657 10.27 25.28 70.01
C ILE E 657 9.75 25.69 71.36
N PHE E 658 10.68 26.04 72.25
CA PHE E 658 10.43 26.45 73.62
C PHE E 658 10.45 27.94 73.75
N TYR E 659 9.30 28.50 74.09
CA TYR E 659 9.15 29.92 74.33
C TYR E 659 9.47 30.20 75.80
N GLY E 660 9.48 31.47 76.18
CA GLY E 660 9.72 31.90 77.55
C GLY E 660 8.61 32.76 78.12
N LYS E 661 8.80 33.29 79.34
CA LYS E 661 7.79 34.17 79.95
C LYS E 661 7.72 35.48 79.14
N GLU E 662 8.80 35.76 78.36
CA GLU E 662 8.92 36.92 77.47
C GLU E 662 7.98 36.86 76.27
N ASN E 663 7.44 35.68 75.96
CA ASN E 663 6.51 35.52 74.86
C ASN E 663 5.07 35.51 75.34
N GLU E 664 4.88 35.63 76.66
CA GLU E 664 3.60 35.60 77.36
C GLU E 664 3.14 36.96 77.82
N PHE E 665 1.80 37.20 77.77
CA PHE E 665 1.18 38.45 78.22
C PHE E 665 1.22 38.49 79.75
N ALA E 666 1.24 39.70 80.33
CA ALA E 666 1.30 39.92 81.78
C ALA E 666 0.08 39.38 82.52
N GLU E 667 0.32 38.78 83.70
CA GLU E 667 -0.70 38.18 84.57
C GLU E 667 -1.67 39.21 85.19
N ASN E 668 -1.30 40.50 85.23
CA ASN E 668 -2.12 41.61 85.75
C ASN E 668 -1.71 42.93 85.13
N GLU E 669 -2.62 43.91 85.13
CA GLU E 669 -2.40 45.24 84.54
C GLU E 669 -1.24 46.05 85.19
N ALA E 670 -0.78 45.64 86.40
CA ALA E 670 0.33 46.28 87.09
C ALA E 670 1.68 45.87 86.47
N ASP E 671 1.84 44.56 86.20
CA ASP E 671 3.03 44.01 85.56
C ASP E 671 3.07 44.61 84.15
N ARG E 672 1.91 44.55 83.46
CA ARG E 672 1.66 45.04 82.09
C ARG E 672 2.07 46.48 81.88
N PHE E 673 1.84 47.33 82.90
CA PHE E 673 2.12 48.76 82.86
C PHE E 673 3.56 49.13 82.51
N ASN E 674 4.55 48.40 83.04
CA ASN E 674 5.96 48.71 82.83
C ASN E 674 6.69 47.73 81.87
N GLN E 675 5.92 47.07 81.00
CA GLN E 675 6.39 46.10 79.99
C GLN E 675 7.41 46.72 79.04
N LEU E 676 8.58 46.08 78.88
CA LEU E 676 9.59 46.56 77.91
C LEU E 676 9.27 45.85 76.61
N LEU E 677 9.13 46.59 75.48
CA LEU E 677 8.78 45.97 74.18
C LEU E 677 9.78 44.89 73.73
N SER E 678 11.06 45.06 74.07
CA SER E 678 12.10 44.12 73.72
C SER E 678 12.70 43.48 74.98
N LEU E 679 12.66 42.15 75.01
CA LEU E 679 13.21 41.39 76.11
C LEU E 679 14.20 40.38 75.62
N ASN E 680 15.26 40.16 76.41
CA ASN E 680 16.28 39.19 76.05
C ASN E 680 15.79 37.78 76.41
N PRO E 681 15.82 36.83 75.45
CA PRO E 681 15.35 35.47 75.76
C PRO E 681 16.16 34.80 76.86
N ASN E 682 15.48 34.07 77.76
CA ASN E 682 16.17 33.41 78.86
C ASN E 682 16.91 32.17 78.33
N PRO E 683 18.04 31.79 78.95
CA PRO E 683 18.87 30.69 78.41
C PRO E 683 18.21 29.33 78.24
N ASN E 684 17.06 29.11 78.87
CA ASN E 684 16.38 27.82 78.77
C ASN E 684 15.50 27.72 77.50
N THR E 685 15.15 28.87 76.88
CA THR E 685 14.35 28.94 75.66
C THR E 685 15.21 28.74 74.39
N ASN E 686 14.56 28.49 73.25
CA ASN E 686 15.22 28.34 71.96
C ASN E 686 14.45 29.05 70.84
N TRP E 687 13.29 29.60 71.18
CA TRP E 687 12.37 30.29 70.28
C TRP E 687 13.06 31.30 69.37
N ALA E 688 14.00 32.04 69.97
CA ALA E 688 14.75 33.10 69.33
C ALA E 688 15.53 32.63 68.09
N ARG E 689 15.97 31.35 68.08
CA ARG E 689 16.76 30.78 66.98
C ARG E 689 15.99 30.62 65.67
N TYR E 690 14.63 30.58 65.73
CA TYR E 690 13.73 30.37 64.61
C TYR E 690 13.41 31.62 63.78
N LEU E 691 13.71 32.82 64.34
CA LEU E 691 13.36 34.12 63.76
C LEU E 691 13.97 34.47 62.39
N ASN E 692 15.19 34.02 62.11
CA ASN E 692 15.78 34.47 60.87
C ASN E 692 15.84 33.43 59.74
N VAL E 693 14.70 32.79 59.41
CA VAL E 693 14.75 31.84 58.29
C VAL E 693 14.66 32.59 56.96
N VAL E 694 14.10 33.82 56.99
CA VAL E 694 14.02 34.69 55.81
C VAL E 694 15.29 35.51 55.71
N GLN E 695 16.08 35.26 54.65
CA GLN E 695 17.33 35.99 54.42
C GLN E 695 17.04 37.33 53.74
N ARG E 696 16.22 37.30 52.68
CA ARG E 696 15.78 38.46 51.90
C ARG E 696 14.36 38.20 51.45
N PHE E 697 13.69 39.23 50.88
CA PHE E 697 12.31 39.08 50.41
C PHE E 697 11.91 40.16 49.41
N THR E 698 10.93 39.84 48.56
CA THR E 698 10.36 40.78 47.60
C THR E 698 8.87 40.83 47.85
N THR E 699 8.26 41.90 47.35
CA THR E 699 6.85 42.19 47.56
C THR E 699 6.19 42.76 46.28
N GLY E 700 6.98 42.79 45.21
CA GLY E 700 6.61 43.30 43.89
C GLY E 700 7.79 43.94 43.21
N PRO E 701 7.60 44.99 42.37
CA PRO E 701 8.75 45.63 41.71
C PRO E 701 9.59 46.45 42.68
N ASN E 702 10.85 46.72 42.30
CA ASN E 702 11.82 47.45 43.12
C ASN E 702 11.65 48.99 43.01
N LEU E 703 10.48 49.48 43.43
CA LEU E 703 10.11 50.91 43.45
C LEU E 703 9.57 51.25 44.84
N ASP E 704 9.71 52.51 45.29
CA ASP E 704 9.17 52.92 46.60
C ASP E 704 8.37 54.23 46.51
N SER E 705 7.47 54.44 47.49
CA SER E 705 6.59 55.59 47.67
C SER E 705 5.99 56.11 46.34
N SER E 706 6.00 57.43 46.14
CA SER E 706 5.46 58.13 44.97
C SER E 706 5.92 57.55 43.62
N THR E 707 7.21 57.11 43.54
CA THR E 707 7.77 56.48 42.34
C THR E 707 6.95 55.25 41.98
N PHE E 708 6.54 54.46 43.00
CA PHE E 708 5.76 53.24 42.84
C PHE E 708 4.40 53.51 42.18
N ASP E 709 3.73 54.62 42.57
CA ASP E 709 2.41 55.01 42.03
C ASP E 709 2.44 55.17 40.53
N GLN E 710 3.55 55.71 39.99
CA GLN E 710 3.76 55.95 38.56
C GLN E 710 3.71 54.64 37.77
N PHE E 711 4.17 53.54 38.40
CA PHE E 711 4.08 52.22 37.80
C PHE E 711 2.65 51.71 37.88
N LEU E 712 2.00 51.85 39.06
CA LEU E 712 0.60 51.43 39.25
C LEU E 712 -0.27 51.93 38.11
N ASP E 713 -0.02 53.16 37.64
CA ASP E 713 -0.76 53.73 36.53
C ASP E 713 -0.37 53.08 35.22
N PHE E 714 0.93 52.90 34.99
CA PHE E 714 1.49 52.32 33.78
C PHE E 714 0.85 50.97 33.40
N LEU E 715 0.52 50.13 34.41
CA LEU E 715 -0.08 48.81 34.14
C LEU E 715 -1.56 48.89 33.78
N PRO E 716 -2.08 47.99 32.92
CA PRO E 716 -3.51 48.06 32.54
C PRO E 716 -4.45 47.19 33.38
N TRP E 717 -5.76 47.36 33.18
CA TRP E 717 -6.77 46.57 33.86
C TRP E 717 -7.19 45.42 32.94
N ILE E 718 -7.06 44.16 33.41
CA ILE E 718 -7.36 42.95 32.62
C ILE E 718 -8.71 42.97 31.91
N GLY E 719 -9.76 43.43 32.60
CA GLY E 719 -11.11 43.52 32.05
C GLY E 719 -11.25 44.38 30.81
N ASN E 720 -10.52 45.51 30.77
CA ASN E 720 -10.56 46.49 29.70
C ASN E 720 -9.44 46.45 28.69
N GLY E 721 -8.22 46.26 29.18
CA GLY E 721 -7.02 46.35 28.35
C GLY E 721 -6.56 47.79 28.34
N LYS E 722 -7.29 48.64 29.09
CA LYS E 722 -7.05 50.06 29.25
C LYS E 722 -6.20 50.30 30.51
N PRO E 723 -5.18 51.19 30.46
CA PRO E 723 -4.37 51.41 31.65
C PRO E 723 -5.03 52.31 32.66
N PHE E 724 -4.57 52.24 33.92
CA PHE E 724 -5.04 53.06 35.02
C PHE E 724 -4.66 54.53 34.84
N SER E 725 -3.66 54.77 33.98
CA SER E 725 -3.12 56.09 33.62
C SER E 725 -4.11 56.94 32.80
N ASN E 726 -4.86 56.30 31.86
CA ASN E 726 -5.80 56.96 30.94
C ASN E 726 -5.08 57.99 30.06
N SER E 727 -3.74 57.89 29.95
CA SER E 727 -2.92 58.85 29.22
C SER E 727 -3.17 58.92 27.69
N PRO E 728 -3.46 57.83 26.92
CA PRO E 728 -3.73 58.02 25.48
C PRO E 728 -4.99 58.87 25.21
N SER E 729 -4.88 59.88 24.31
CA SER E 729 -5.95 60.83 23.97
C SER E 729 -7.17 60.18 23.31
N SER E 737 -10.64 68.87 29.03
CA SER E 737 -11.50 67.86 29.61
C SER E 737 -11.13 66.49 29.05
N THR E 738 -9.93 66.04 29.48
CA THR E 738 -9.31 64.76 29.12
C THR E 738 -9.03 64.00 30.42
N PRO E 739 -9.36 62.69 30.49
CA PRO E 739 -9.18 61.93 31.75
C PRO E 739 -7.79 61.92 32.37
N LEU E 740 -7.79 62.05 33.69
CA LEU E 740 -6.61 62.07 34.55
C LEU E 740 -6.23 60.66 35.02
N PRO E 741 -4.98 60.42 35.48
CA PRO E 741 -4.65 59.10 36.02
C PRO E 741 -5.21 58.88 37.43
N THR E 742 -5.45 57.62 37.78
CA THR E 742 -6.01 57.22 39.08
C THR E 742 -4.98 57.26 40.23
N PHE E 743 -3.76 56.75 40.02
CA PHE E 743 -2.76 56.65 41.08
C PHE E 743 -1.76 57.80 41.21
N SER E 744 -1.37 58.43 40.09
CA SER E 744 -0.39 59.53 40.06
C SER E 744 -0.95 60.88 40.48
N ASN E 745 -0.04 61.77 40.90
CA ASN E 745 -0.31 63.14 41.29
C ASN E 745 0.33 64.08 40.27
N ILE E 746 1.38 63.61 39.57
CA ILE E 746 2.15 64.31 38.54
C ILE E 746 1.23 64.78 37.42
N ASN E 747 1.25 66.10 37.12
CA ASN E 747 0.43 66.79 36.12
C ASN E 747 -1.07 66.79 36.49
N VAL E 748 -1.37 66.50 37.77
CA VAL E 748 -2.73 66.45 38.30
C VAL E 748 -2.89 67.60 39.27
N GLY E 749 -3.85 68.45 38.99
CA GLY E 749 -4.16 69.62 39.80
C GLY E 749 -3.18 70.75 39.60
N VAL E 750 -2.59 71.23 40.69
CA VAL E 750 -1.67 72.34 40.59
C VAL E 750 -0.32 72.05 41.25
N LYS E 751 0.76 72.66 40.71
CA LYS E 751 2.10 72.51 41.24
C LYS E 751 2.29 73.49 42.41
N SER E 752 2.40 72.95 43.63
CA SER E 752 2.56 73.70 44.87
C SER E 752 4.05 73.91 45.21
N MET E 753 4.36 74.97 45.95
CA MET E 753 5.74 75.25 46.35
C MET E 753 6.02 74.81 47.80
N ILE E 754 7.12 74.06 48.02
CA ILE E 754 7.49 73.53 49.35
C ILE E 754 8.27 74.53 50.20
N VAL E 766 21.26 71.76 53.11
CA VAL E 766 22.68 71.94 52.84
C VAL E 766 23.00 71.79 51.36
N PHE E 767 22.43 70.77 50.70
CA PHE E 767 22.66 70.58 49.27
C PHE E 767 21.37 70.75 48.49
N ILE E 768 21.36 71.76 47.63
CA ILE E 768 20.21 72.14 46.80
C ILE E 768 20.36 71.61 45.37
N PRO E 769 19.35 70.90 44.85
CA PRO E 769 19.45 70.33 43.50
C PRO E 769 19.36 71.35 42.37
N ASN E 770 19.86 70.97 41.17
CA ASN E 770 19.87 71.79 39.96
C ASN E 770 18.48 71.98 39.31
N PHE E 771 17.41 71.81 40.11
CA PHE E 771 16.03 71.97 39.68
C PHE E 771 15.13 72.37 40.85
N SER E 772 13.91 72.86 40.56
CA SER E 772 12.95 73.24 41.58
C SER E 772 12.12 71.99 41.94
N PRO E 773 12.20 71.51 43.21
CA PRO E 773 11.43 70.32 43.58
C PRO E 773 10.00 70.70 44.01
N ASP E 774 9.18 71.16 43.06
CA ASP E 774 7.79 71.54 43.31
C ASP E 774 6.87 70.33 43.19
N ILE E 775 6.11 70.04 44.27
CA ILE E 775 5.20 68.89 44.39
C ILE E 775 3.83 69.20 43.82
N TRP E 776 3.25 68.28 43.04
CA TRP E 776 1.90 68.44 42.55
C TRP E 776 0.93 68.02 43.65
N THR E 777 -0.13 68.79 43.82
CA THR E 777 -1.18 68.58 44.84
C THR E 777 -2.02 67.34 44.58
N GLY E 778 -2.18 67.02 43.30
CA GLY E 778 -3.03 65.92 42.86
C GLY E 778 -4.44 66.43 42.72
N ALA E 779 -5.43 65.53 42.84
CA ALA E 779 -6.85 65.86 42.76
C ALA E 779 -7.42 66.11 44.15
N GLY E 780 -8.48 66.92 44.22
CA GLY E 780 -9.13 67.26 45.48
C GLY E 780 -8.28 68.15 46.37
N TYR E 781 -7.57 69.09 45.74
CA TYR E 781 -6.69 70.02 46.41
C TYR E 781 -7.40 71.25 46.96
N ARG E 782 -6.73 71.93 47.88
CA ARG E 782 -7.24 73.13 48.52
C ARG E 782 -6.31 74.30 48.26
N VAL E 783 -6.83 75.34 47.58
CA VAL E 783 -6.10 76.57 47.28
C VAL E 783 -6.85 77.80 47.78
N GLN E 784 -6.07 78.83 48.17
CA GLN E 784 -6.55 80.11 48.70
C GLN E 784 -7.25 80.83 47.54
N SER E 785 -6.56 80.92 46.40
CA SER E 785 -7.00 81.51 45.13
C SER E 785 -6.21 80.85 44.01
N ALA E 786 -6.65 81.02 42.74
CA ALA E 786 -5.97 80.46 41.58
C ALA E 786 -4.55 81.01 41.45
N ASN E 787 -4.38 82.28 41.86
CA ASN E 787 -3.13 83.04 41.85
C ASN E 787 -2.19 82.56 42.97
N GLN E 788 -2.75 82.30 44.18
CA GLN E 788 -1.99 81.85 45.36
C GLN E 788 -2.11 80.34 45.61
N LYS E 789 -1.09 79.59 45.17
CA LYS E 789 -1.01 78.14 45.31
C LYS E 789 0.27 77.68 46.05
N ASN E 790 0.74 78.49 47.02
CA ASN E 790 1.92 78.19 47.82
C ASN E 790 1.55 78.13 49.32
N GLY E 791 0.81 77.09 49.68
CA GLY E 791 0.34 76.86 51.04
C GLY E 791 -1.05 77.42 51.27
N ILE E 792 -1.70 76.94 52.33
CA ILE E 792 -3.04 77.40 52.68
C ILE E 792 -3.06 78.08 54.04
N PRO E 793 -3.51 79.35 54.13
CA PRO E 793 -3.55 80.00 55.45
C PRO E 793 -4.50 79.28 56.40
N PHE E 794 -4.19 79.26 57.70
CA PHE E 794 -5.01 78.59 58.71
C PHE E 794 -6.49 79.00 58.70
N GLU E 795 -6.84 80.15 58.08
CA GLU E 795 -8.20 80.67 58.02
C GLU E 795 -9.25 79.67 57.42
N GLN E 796 -8.78 78.61 56.73
CA GLN E 796 -9.65 77.55 56.17
C GLN E 796 -9.53 76.37 57.15
N VAL E 797 -10.04 76.66 58.38
CA VAL E 797 -10.02 76.00 59.68
C VAL E 797 -11.27 75.20 59.98
N LYS E 798 -11.14 74.21 60.89
CA LYS E 798 -12.23 73.39 61.39
C LYS E 798 -13.13 74.29 62.25
N PRO E 799 -14.36 74.62 61.76
CA PRO E 799 -15.24 75.52 62.51
C PRO E 799 -16.32 74.75 63.26
N SER E 800 -15.99 73.54 63.72
CA SER E 800 -16.89 72.62 64.41
C SER E 800 -17.44 73.20 65.73
N ASN E 801 -18.49 72.55 66.26
CA ASN E 801 -19.21 72.85 67.49
C ASN E 801 -20.03 74.10 67.42
N ASN E 802 -21.36 73.92 67.24
CA ASN E 802 -22.39 74.96 67.20
C ASN E 802 -22.02 76.08 66.18
N SER E 803 -21.35 75.70 65.05
CA SER E 803 -20.88 76.58 63.97
C SER E 803 -20.09 77.82 64.47
N THR E 804 -19.35 77.63 65.59
CA THR E 804 -18.49 78.65 66.20
C THR E 804 -17.03 78.26 65.91
N PRO E 805 -16.45 78.84 64.83
CA PRO E 805 -15.06 78.48 64.47
C PRO E 805 -14.02 78.51 65.57
N PHE E 806 -13.05 77.61 65.44
CA PHE E 806 -11.89 77.45 66.31
C PHE E 806 -11.07 78.74 66.25
N ASP E 807 -10.77 79.35 67.41
CA ASP E 807 -9.96 80.55 67.41
C ASP E 807 -8.51 80.24 67.76
N PRO E 808 -7.59 80.37 66.76
CA PRO E 808 -6.18 80.27 67.09
C PRO E 808 -6.10 81.66 67.76
N ASN E 809 -5.30 81.83 68.76
CA ASN E 809 -5.14 83.05 69.54
C ASN E 809 -5.96 83.03 70.85
N SER E 810 -6.84 82.03 71.05
CA SER E 810 -7.57 81.89 72.32
C SER E 810 -6.58 81.54 73.42
N ASP E 811 -6.83 81.99 74.66
CA ASP E 811 -5.96 81.78 75.84
C ASP E 811 -5.36 80.37 75.96
N ASP E 812 -6.16 79.32 75.72
CA ASP E 812 -5.68 77.94 75.79
C ASP E 812 -4.85 77.52 74.57
N ASN E 813 -5.15 78.09 73.37
CA ASN E 813 -4.44 77.78 72.12
C ASN E 813 -3.15 78.60 71.94
N LYS E 814 -2.72 79.33 72.98
CA LYS E 814 -1.49 80.14 72.99
C LYS E 814 -0.58 79.71 74.14
N VAL E 815 0.73 79.87 73.97
CA VAL E 815 1.74 79.57 74.98
C VAL E 815 2.56 80.85 75.18
N THR E 816 3.00 81.11 76.43
CA THR E 816 3.79 82.30 76.75
C THR E 816 5.12 81.90 77.40
N PRO E 817 6.29 82.21 76.79
CA PRO E 817 7.57 81.87 77.43
C PRO E 817 7.91 82.85 78.55
N SER E 818 8.86 82.49 79.43
CA SER E 818 9.29 83.33 80.54
C SER E 818 9.96 84.60 80.03
N GLY E 819 9.14 85.62 79.91
CA GLY E 819 9.52 86.92 79.42
C GLY E 819 8.29 87.65 78.91
N GLY E 820 7.31 86.87 78.45
CA GLY E 820 6.05 87.38 77.92
C GLY E 820 6.08 87.70 76.44
N SER E 821 5.17 87.11 75.66
CA SER E 821 5.01 87.27 74.21
C SER E 821 3.74 86.64 73.60
N SER E 822 3.01 85.79 74.38
CA SER E 822 1.88 84.89 74.10
C SER E 822 1.61 84.65 72.60
N LYS E 823 2.27 83.62 72.06
CA LYS E 823 2.16 83.20 70.66
C LYS E 823 1.24 81.96 70.51
N PRO E 824 0.49 81.76 69.39
CA PRO E 824 -0.34 80.54 69.29
C PRO E 824 0.46 79.28 68.93
N THR E 825 -0.11 78.10 69.25
CA THR E 825 0.48 76.76 69.00
C THR E 825 0.25 76.23 67.59
N THR E 826 -0.81 76.72 66.93
CA THR E 826 -1.20 76.29 65.59
C THR E 826 -0.18 76.67 64.49
N TYR E 827 -0.36 76.08 63.31
CA TYR E 827 0.46 76.39 62.16
C TYR E 827 -0.15 77.55 61.37
N PRO E 828 0.68 78.40 60.74
CA PRO E 828 0.12 79.51 59.96
C PRO E 828 -0.43 79.08 58.60
N ALA E 829 0.29 78.17 57.94
CA ALA E 829 -0.06 77.64 56.65
C ALA E 829 0.01 76.13 56.67
N LEU E 830 -0.92 75.48 55.97
CA LEU E 830 -1.02 74.02 55.93
C LEU E 830 -1.01 73.51 54.46
N PRO E 831 -0.58 72.24 54.20
CA PRO E 831 -0.48 71.77 52.80
C PRO E 831 -1.74 71.87 51.95
N ASN E 832 -1.55 71.97 50.63
CA ASN E 832 -2.60 72.18 49.63
C ASN E 832 -3.39 70.93 49.19
N SER E 833 -3.57 69.91 50.07
CA SER E 833 -4.38 68.70 49.82
C SER E 833 -4.58 67.87 51.09
N ILE E 834 -5.81 67.41 51.30
CA ILE E 834 -6.13 66.53 52.42
C ILE E 834 -6.97 65.35 51.90
N SER E 835 -7.04 65.26 50.55
CA SER E 835 -7.77 64.26 49.76
C SER E 835 -7.14 62.86 49.89
N PRO E 836 -7.83 61.77 49.47
CA PRO E 836 -7.20 60.43 49.55
C PRO E 836 -5.91 60.34 48.74
N THR E 837 -5.84 61.08 47.61
CA THR E 837 -4.69 61.09 46.71
C THR E 837 -3.56 62.07 47.18
N SER E 838 -3.62 62.59 48.43
CA SER E 838 -2.58 63.49 48.97
C SER E 838 -1.26 62.77 49.20
N ASP E 839 -0.17 63.34 48.64
CA ASP E 839 1.19 62.80 48.78
C ASP E 839 2.17 63.92 49.11
N TRP E 840 2.30 64.24 50.42
CA TRP E 840 3.18 65.31 50.93
C TRP E 840 4.38 64.70 51.64
N ILE E 841 5.52 64.69 50.94
CA ILE E 841 6.77 64.12 51.43
C ILE E 841 7.29 64.79 52.71
N ASN E 842 7.18 66.12 52.82
CA ASN E 842 7.62 66.81 54.02
C ASN E 842 6.47 67.10 55.00
N ALA E 843 5.32 66.41 54.83
CA ALA E 843 4.16 66.56 55.71
C ALA E 843 3.40 65.26 55.88
N LEU E 844 4.02 64.30 56.62
CA LEU E 844 3.49 62.96 56.93
C LEU E 844 2.05 63.03 57.44
N THR E 845 1.84 63.98 58.35
CA THR E 845 0.61 64.26 59.05
C THR E 845 -0.53 64.63 58.07
N PHE E 846 -0.20 65.19 56.89
CA PHE E 846 -1.17 65.58 55.85
C PHE E 846 -1.29 64.60 54.66
N THR E 847 -0.45 63.55 54.66
CA THR E 847 -0.41 62.53 53.60
C THR E 847 -1.33 61.38 53.92
N ASN E 848 -2.02 60.88 52.88
CA ASN E 848 -2.94 59.76 52.93
C ASN E 848 -2.39 58.56 52.19
N LYS E 849 -1.68 58.82 51.08
CA LYS E 849 -1.05 57.79 50.25
C LYS E 849 0.04 57.12 51.09
N ASN E 850 0.04 55.78 51.11
CA ASN E 850 1.00 55.00 51.90
C ASN E 850 1.38 53.68 51.22
N ASN E 851 2.63 53.21 51.47
CA ASN E 851 3.18 51.94 50.96
C ASN E 851 2.29 50.74 51.32
N PRO E 852 1.85 50.55 52.60
CA PRO E 852 0.93 49.42 52.90
C PRO E 852 -0.24 49.34 51.92
N GLN E 853 -0.80 50.50 51.49
CA GLN E 853 -1.90 50.53 50.52
C GLN E 853 -1.37 50.26 49.12
N ARG E 854 -0.26 50.94 48.73
CA ARG E 854 0.39 50.80 47.43
C ARG E 854 0.61 49.32 47.11
N ASN E 855 1.05 48.53 48.13
CA ASN E 855 1.28 47.09 48.00
C ASN E 855 0.01 46.35 47.64
N GLN E 856 -1.07 46.54 48.43
CA GLN E 856 -2.36 45.91 48.21
C GLN E 856 -2.88 46.27 46.83
N LEU E 857 -2.80 47.57 46.47
CA LEU E 857 -3.26 48.14 45.22
C LEU E 857 -2.66 47.47 44.00
N LEU E 858 -1.34 47.15 44.06
CA LEU E 858 -0.64 46.44 43.00
C LEU E 858 -1.26 45.05 42.76
N LEU E 859 -1.39 44.25 43.84
CA LEU E 859 -1.97 42.91 43.83
C LEU E 859 -3.38 42.99 43.27
N ARG E 860 -4.14 43.97 43.76
CA ARG E 860 -5.54 44.22 43.43
C ARG E 860 -5.77 44.82 42.05
N SER E 861 -4.76 45.42 41.41
CA SER E 861 -4.91 45.96 40.05
C SER E 861 -4.63 44.86 39.02
N LEU E 862 -3.78 43.90 39.42
CA LEU E 862 -3.46 42.72 38.63
C LEU E 862 -4.63 41.76 38.73
N LEU E 863 -5.22 41.62 39.93
CA LEU E 863 -6.44 40.83 40.12
C LEU E 863 -7.61 41.62 39.50
N GLY E 864 -7.41 42.94 39.36
CA GLY E 864 -8.34 43.92 38.80
C GLY E 864 -9.64 44.05 39.57
N THR E 865 -9.57 43.92 40.90
CA THR E 865 -10.72 43.91 41.79
C THR E 865 -10.78 45.12 42.75
N ILE E 866 -10.07 46.23 42.44
CA ILE E 866 -10.11 47.45 43.29
C ILE E 866 -11.52 48.07 43.20
N PRO E 867 -12.25 48.26 44.33
CA PRO E 867 -13.62 48.80 44.22
C PRO E 867 -13.75 50.28 43.87
N VAL E 868 -14.94 50.65 43.35
CA VAL E 868 -15.32 52.01 42.95
C VAL E 868 -16.53 52.51 43.74
N LEU E 869 -16.51 53.81 44.12
CA LEU E 869 -17.62 54.44 44.85
C LEU E 869 -18.71 54.87 43.86
N ILE E 870 -19.93 54.44 44.13
CA ILE E 870 -21.06 54.66 43.25
C ILE E 870 -22.12 55.55 43.90
N ASN E 871 -22.55 56.59 43.14
CA ASN E 871 -23.56 57.58 43.51
C ASN E 871 -24.77 57.46 42.60
N LYS E 872 -24.51 57.27 41.29
CA LYS E 872 -25.51 57.14 40.25
C LYS E 872 -25.29 55.77 39.61
N SER E 873 -26.34 54.91 39.57
CA SER E 873 -26.27 53.56 38.98
C SER E 873 -26.20 53.71 37.43
N GLY E 874 -27.05 53.04 36.68
CA GLY E 874 -27.04 53.18 35.22
C GLY E 874 -28.44 53.27 34.69
N ASP E 875 -29.39 53.03 35.60
CA ASP E 875 -30.84 53.04 35.42
C ASP E 875 -31.34 54.40 34.93
N SER E 876 -32.35 54.38 34.05
CA SER E 876 -32.96 55.52 33.35
C SER E 876 -33.08 56.85 34.12
N ASN E 877 -33.43 56.78 35.40
CA ASN E 877 -33.66 57.93 36.28
C ASN E 877 -32.52 58.19 37.28
N ASP E 878 -31.37 57.54 37.11
CA ASP E 878 -30.19 57.62 37.98
C ASP E 878 -28.93 57.41 37.11
N GLN E 879 -28.65 58.38 36.23
CA GLN E 879 -27.53 58.28 35.29
C GLN E 879 -26.35 59.20 35.59
N PHE E 880 -25.24 58.97 34.86
CA PHE E 880 -24.02 59.78 34.95
C PHE E 880 -23.53 60.14 33.54
N ASN E 881 -23.95 61.32 33.06
CA ASN E 881 -23.57 61.86 31.75
C ASN E 881 -22.22 62.54 31.88
N LYS E 882 -21.16 61.82 31.48
CA LYS E 882 -19.76 62.25 31.56
C LYS E 882 -19.49 63.64 30.99
N ASP E 883 -20.02 63.92 29.78
CA ASP E 883 -19.85 65.16 29.04
C ASP E 883 -20.29 66.41 29.81
N SER E 884 -21.28 66.25 30.70
CA SER E 884 -21.83 67.35 31.50
C SER E 884 -21.42 67.36 32.96
N GLU E 885 -21.45 66.19 33.62
CA GLU E 885 -21.17 66.06 35.05
C GLU E 885 -19.68 65.90 35.41
N GLN E 886 -18.82 65.50 34.44
CA GLN E 886 -17.38 65.31 34.68
C GLN E 886 -16.50 66.35 34.01
N LYS E 887 -15.89 67.22 34.83
CA LYS E 887 -14.99 68.27 34.38
C LYS E 887 -13.63 67.96 34.98
N TRP E 888 -12.73 67.35 34.17
CA TRP E 888 -11.39 66.93 34.60
C TRP E 888 -10.51 68.10 35.06
N ASP E 889 -10.71 69.30 34.48
CA ASP E 889 -9.95 70.49 34.83
C ASP E 889 -10.38 71.16 36.15
N LYS E 890 -11.57 70.81 36.67
CA LYS E 890 -12.08 71.39 37.91
C LYS E 890 -12.06 70.41 39.11
N THR E 891 -10.89 69.73 39.32
CA THR E 891 -10.62 68.81 40.44
C THR E 891 -10.69 69.48 41.81
N GLU E 892 -10.48 70.81 41.82
CA GLU E 892 -10.48 71.74 42.95
C GLU E 892 -11.88 71.85 43.57
N THR E 893 -12.92 71.75 42.72
CA THR E 893 -14.36 71.87 43.04
C THR E 893 -15.10 70.52 43.02
N ASN E 894 -16.44 70.59 43.14
CA ASN E 894 -17.35 69.45 43.11
C ASN E 894 -17.46 68.85 41.70
N GLU E 895 -17.01 69.60 40.68
CA GLU E 895 -17.05 69.17 39.27
C GLU E 895 -15.98 68.12 38.96
N GLY E 896 -15.02 67.97 39.87
CA GLY E 896 -13.94 66.99 39.81
C GLY E 896 -14.41 65.63 40.28
N ASN E 897 -15.59 65.61 40.95
CA ASN E 897 -16.29 64.44 41.49
C ASN E 897 -15.40 63.53 42.36
N LEU E 898 -14.50 64.16 43.14
CA LEU E 898 -13.66 63.44 44.07
C LEU E 898 -14.48 63.27 45.34
N PRO E 899 -14.91 62.03 45.67
CA PRO E 899 -15.73 61.83 46.88
C PRO E 899 -15.21 62.48 48.16
N GLY E 900 -13.96 62.23 48.49
CA GLY E 900 -13.33 62.72 49.72
C GLY E 900 -13.92 62.05 50.94
N PHE E 901 -14.65 60.93 50.70
CA PHE E 901 -15.33 60.11 51.72
C PHE E 901 -15.98 58.89 51.09
N GLY E 902 -15.62 57.72 51.61
CA GLY E 902 -16.18 56.43 51.22
C GLY E 902 -15.45 55.67 50.14
N GLU E 903 -14.51 56.30 49.46
CA GLU E 903 -13.73 55.72 48.35
C GLU E 903 -12.48 54.99 48.85
N VAL E 904 -11.82 54.20 47.97
CA VAL E 904 -10.57 53.49 48.28
C VAL E 904 -9.47 54.55 48.44
N ASN E 905 -8.81 54.57 49.62
CA ASN E 905 -7.75 55.52 49.95
C ASN E 905 -6.58 55.45 48.98
N GLY E 906 -6.02 56.60 48.65
CA GLY E 906 -4.85 56.71 47.79
C GLY E 906 -5.05 56.69 46.29
N LEU E 907 -6.28 56.97 45.83
CA LEU E 907 -6.59 57.01 44.41
C LEU E 907 -7.72 57.98 44.10
N TYR E 908 -7.83 58.41 42.85
CA TYR E 908 -8.87 59.33 42.38
C TYR E 908 -10.01 58.52 41.74
N ASN E 909 -11.09 58.29 42.53
CA ASN E 909 -12.25 57.47 42.17
C ASN E 909 -12.76 57.66 40.74
N ALA E 910 -12.89 58.91 40.28
CA ALA E 910 -13.36 59.26 38.94
C ALA E 910 -12.48 58.69 37.83
N ALA E 911 -11.16 58.70 38.05
CA ALA E 911 -10.22 58.15 37.08
C ALA E 911 -10.35 56.61 37.04
N LEU E 912 -10.54 55.96 38.23
CA LEU E 912 -10.71 54.51 38.35
C LEU E 912 -11.99 54.08 37.66
N LEU E 913 -13.08 54.86 37.84
CA LEU E 913 -14.36 54.61 37.21
C LEU E 913 -14.24 54.69 35.69
N HIS E 914 -13.49 55.70 35.20
CA HIS E 914 -13.26 55.91 33.78
C HIS E 914 -12.48 54.74 33.18
N THR E 915 -11.38 54.33 33.87
CA THR E 915 -10.49 53.20 33.54
C THR E 915 -11.30 51.91 33.40
N TYR E 916 -12.25 51.69 34.35
CA TYR E 916 -13.15 50.54 34.40
C TYR E 916 -14.26 50.63 33.34
N GLY E 917 -14.38 51.77 32.67
CA GLY E 917 -15.39 52.02 31.64
C GLY E 917 -16.80 52.04 32.16
N PHE E 918 -16.95 52.35 33.47
CA PHE E 918 -18.22 52.46 34.21
C PHE E 918 -19.06 53.58 33.59
N PHE E 919 -18.38 54.62 33.13
CA PHE E 919 -18.89 55.72 32.33
C PHE E 919 -17.86 55.87 31.20
N GLY E 920 -18.32 55.85 29.96
CA GLY E 920 -17.45 55.92 28.80
C GLY E 920 -17.46 54.68 27.93
N THR E 921 -16.83 54.79 26.76
CA THR E 921 -16.75 53.74 25.75
C THR E 921 -15.72 52.63 26.06
N ASN E 922 -14.88 52.81 27.11
CA ASN E 922 -13.84 51.84 27.51
C ASN E 922 -14.31 50.39 27.48
N THR E 923 -15.35 50.05 28.27
CA THR E 923 -15.87 48.68 28.35
C THR E 923 -17.07 48.42 27.44
N ASN E 924 -18.11 49.24 27.59
CA ASN E 924 -19.33 49.11 26.79
C ASN E 924 -19.31 50.14 25.68
N SER E 925 -19.65 49.70 24.46
CA SER E 925 -19.71 50.53 23.26
C SER E 925 -20.73 51.67 23.42
N THR E 926 -21.74 51.43 24.27
CA THR E 926 -22.78 52.40 24.59
C THR E 926 -22.60 52.72 26.07
N ASP E 927 -22.11 53.94 26.39
CA ASP E 927 -21.80 54.45 27.73
C ASP E 927 -22.74 53.86 28.79
N PRO E 928 -22.21 53.06 29.75
CA PRO E 928 -23.09 52.47 30.77
C PRO E 928 -23.67 53.50 31.74
N LYS E 929 -23.07 54.72 31.75
CA LYS E 929 -23.45 55.90 32.54
C LYS E 929 -23.57 55.59 34.05
N ILE E 930 -22.56 54.89 34.59
CA ILE E 930 -22.42 54.53 36.01
C ILE E 930 -21.31 55.39 36.59
N GLY E 931 -21.54 56.00 37.75
CA GLY E 931 -20.51 56.84 38.37
C GLY E 931 -20.82 57.44 39.73
N PHE E 932 -20.12 58.54 40.04
CA PHE E 932 -20.26 59.31 41.28
C PHE E 932 -20.37 60.79 40.94
N LYS E 933 -21.46 61.43 41.37
CA LYS E 933 -21.66 62.86 41.14
C LYS E 933 -21.58 63.62 42.46
N ALA E 934 -20.47 64.36 42.68
CA ALA E 934 -20.30 65.16 43.89
C ALA E 934 -21.25 66.33 43.71
N ASP E 935 -22.44 66.19 44.32
CA ASP E 935 -23.59 67.10 44.22
C ASP E 935 -23.58 68.28 45.18
N SER E 936 -23.86 69.47 44.64
CA SER E 936 -23.91 70.72 45.40
C SER E 936 -25.34 71.07 45.79
N SER E 937 -26.31 70.25 45.36
CA SER E 937 -27.72 70.49 45.62
C SER E 937 -28.32 69.62 46.72
N SER E 938 -27.87 68.37 46.90
CA SER E 938 -28.47 67.49 47.90
C SER E 938 -27.48 66.63 48.72
N SER E 939 -27.99 65.93 49.76
CA SER E 939 -27.23 65.01 50.59
C SER E 939 -26.90 63.78 49.73
N SER E 940 -25.62 63.38 49.70
CA SER E 940 -25.17 62.27 48.87
C SER E 940 -25.17 60.91 49.56
N SER E 941 -25.77 59.94 48.88
CA SER E 941 -25.89 58.55 49.30
C SER E 941 -25.05 57.68 48.35
N SER E 942 -24.01 57.00 48.88
CA SER E 942 -23.09 56.21 48.07
C SER E 942 -22.69 54.87 48.69
N THR E 943 -22.24 53.90 47.86
CA THR E 943 -21.74 52.58 48.26
C THR E 943 -20.67 52.10 47.30
N LEU E 944 -19.62 51.44 47.82
CA LEU E 944 -18.57 50.87 46.95
C LEU E 944 -19.14 49.64 46.23
N VAL E 945 -18.64 49.36 45.01
CA VAL E 945 -19.05 48.19 44.21
C VAL E 945 -17.81 47.55 43.60
N GLY E 946 -17.92 46.29 43.20
CA GLY E 946 -16.83 45.56 42.55
C GLY E 946 -16.61 46.02 41.13
N SER E 947 -15.52 45.56 40.50
CA SER E 947 -15.20 45.92 39.13
C SER E 947 -16.01 45.05 38.17
N GLY E 948 -16.36 43.86 38.63
CA GLY E 948 -17.10 42.87 37.85
C GLY E 948 -16.30 41.62 37.60
N LEU E 949 -15.03 41.60 38.05
CA LEU E 949 -14.11 40.47 37.91
C LEU E 949 -14.18 39.64 39.18
N ASN E 950 -13.90 38.33 39.08
CA ASN E 950 -13.99 37.45 40.25
C ASN E 950 -12.65 36.80 40.72
N TRP E 951 -11.51 37.42 40.38
CA TRP E 951 -10.20 36.91 40.79
C TRP E 951 -9.91 37.21 42.28
N THR E 952 -9.42 36.21 43.03
CA THR E 952 -9.06 36.34 44.46
C THR E 952 -7.55 36.29 44.64
N SER E 953 -7.05 36.84 45.75
CA SER E 953 -5.63 36.84 46.10
C SER E 953 -5.13 35.44 46.53
N GLN E 954 -5.95 34.39 46.28
CA GLN E 954 -5.63 33.00 46.56
C GLN E 954 -5.44 32.26 45.25
N ASP E 955 -5.72 32.94 44.12
CA ASP E 955 -5.58 32.42 42.76
C ASP E 955 -4.10 32.39 42.33
N VAL E 956 -3.30 31.67 43.14
CA VAL E 956 -1.86 31.52 43.01
C VAL E 956 -1.50 30.13 42.45
N GLY E 957 -0.99 30.12 41.22
CA GLY E 957 -0.57 28.91 40.52
C GLY E 957 0.74 28.32 41.05
N ASN E 958 1.23 27.26 40.40
CA ASN E 958 2.47 26.65 40.87
C ASN E 958 3.66 27.50 40.46
N LEU E 959 4.79 27.35 41.20
CA LEU E 959 6.05 28.07 41.00
C LEU E 959 6.83 27.53 39.80
N VAL E 960 7.30 28.43 38.95
CA VAL E 960 8.06 28.05 37.76
C VAL E 960 9.44 28.71 37.83
N VAL E 961 10.51 27.91 37.85
CA VAL E 961 11.85 28.51 37.84
C VAL E 961 12.22 28.68 36.37
N ILE E 962 12.57 29.90 35.98
CA ILE E 962 12.86 30.22 34.59
C ILE E 962 14.36 30.13 34.28
N ASN E 963 15.22 30.46 35.25
CA ASN E 963 16.70 30.37 35.20
C ASN E 963 17.27 30.52 36.61
N ASP E 964 18.61 30.51 36.74
CA ASP E 964 19.31 30.60 38.02
C ASP E 964 19.10 31.92 38.77
N THR E 965 18.39 32.88 38.15
CA THR E 965 18.13 34.22 38.71
C THR E 965 16.68 34.72 38.61
N SER E 966 15.83 33.98 37.89
CA SER E 966 14.44 34.35 37.70
C SER E 966 13.47 33.17 37.90
N PHE E 967 12.25 33.52 38.31
CA PHE E 967 11.18 32.60 38.59
C PHE E 967 9.88 33.37 38.51
N GLY E 968 8.78 32.65 38.40
CA GLY E 968 7.47 33.27 38.31
C GLY E 968 6.32 32.33 38.54
N PHE E 969 5.11 32.88 38.56
CA PHE E 969 3.91 32.09 38.78
C PHE E 969 2.69 32.81 38.28
N GLN E 970 1.61 32.05 38.01
CA GLN E 970 0.38 32.65 37.54
C GLN E 970 -0.41 33.21 38.74
N LEU E 971 -0.56 34.55 38.79
CA LEU E 971 -1.33 35.26 39.81
C LEU E 971 -2.55 35.78 39.08
N GLY E 972 -3.66 35.11 39.29
CA GLY E 972 -4.90 35.44 38.61
C GLY E 972 -4.76 35.29 37.11
N GLY E 973 -5.04 36.37 36.38
CA GLY E 973 -4.94 36.42 34.93
C GLY E 973 -3.60 36.89 34.42
N TRP E 974 -2.71 37.26 35.34
CA TRP E 974 -1.37 37.74 35.03
C TRP E 974 -0.32 36.74 35.44
N PHE E 975 0.70 36.54 34.59
CA PHE E 975 1.80 35.66 34.96
C PHE E 975 2.95 36.58 35.37
N ILE E 976 3.19 36.65 36.68
CA ILE E 976 4.23 37.49 37.27
C ILE E 976 5.60 36.77 37.31
N THR E 977 6.69 37.50 36.97
CA THR E 977 8.08 37.00 36.96
C THR E 977 8.97 37.96 37.74
N PHE E 978 9.79 37.41 38.62
CA PHE E 978 10.69 38.14 39.50
C PHE E 978 12.13 38.07 38.99
N THR E 979 12.48 39.02 38.12
CA THR E 979 13.78 39.11 37.45
C THR E 979 14.90 39.63 38.37
N ASP E 980 14.58 40.62 39.21
CA ASP E 980 15.59 41.22 40.06
C ASP E 980 15.40 40.92 41.53
N PHE E 981 15.15 39.63 41.84
CA PHE E 981 15.13 39.18 43.23
C PHE E 981 16.42 38.47 43.52
N ILE E 982 16.78 37.43 42.72
CA ILE E 982 17.99 36.64 42.95
C ILE E 982 19.25 37.51 42.79
N ARG E 983 19.56 37.97 41.57
CA ARG E 983 20.69 38.87 41.34
C ARG E 983 20.04 40.16 40.87
N PRO E 984 19.83 41.12 41.80
CA PRO E 984 19.08 42.32 41.44
C PRO E 984 19.89 43.37 40.69
N ARG E 985 19.50 43.60 39.42
CA ARG E 985 20.12 44.59 38.53
C ARG E 985 19.54 45.96 38.94
N THR E 986 20.40 46.98 39.18
CA THR E 986 19.89 48.31 39.55
C THR E 986 19.36 49.03 38.31
N GLY E 987 18.35 49.87 38.51
CA GLY E 987 17.71 50.62 37.44
C GLY E 987 16.71 49.81 36.63
N TYR E 988 16.47 48.57 37.06
CA TYR E 988 15.53 47.65 36.45
C TYR E 988 14.36 47.48 37.43
N LEU E 989 13.11 47.39 36.94
CA LEU E 989 11.94 47.32 37.83
C LEU E 989 11.78 45.96 38.50
N GLY E 990 12.25 44.90 37.85
CA GLY E 990 12.26 43.53 38.39
C GLY E 990 10.99 42.71 38.40
N ILE E 991 10.05 43.02 37.50
CA ILE E 991 8.76 42.34 37.36
C ILE E 991 8.44 42.24 35.88
N THR E 992 7.88 41.09 35.43
CA THR E 992 7.37 40.92 34.07
C THR E 992 6.00 40.34 34.18
N LEU E 993 5.00 41.04 33.60
CA LEU E 993 3.59 40.66 33.65
C LEU E 993 3.00 40.33 32.28
N SER E 994 2.46 39.11 32.15
CA SER E 994 1.85 38.61 30.93
C SER E 994 0.36 38.32 31.20
N SER E 995 -0.52 39.17 30.64
CA SER E 995 -1.97 39.06 30.85
C SER E 995 -2.59 38.05 29.93
N LEU E 996 -3.61 37.37 30.45
CA LEU E 996 -4.39 36.40 29.71
C LEU E 996 -5.18 37.11 28.61
N GLN E 997 -5.56 36.38 27.57
CA GLN E 997 -6.29 36.96 26.44
C GLN E 997 -7.78 36.55 26.40
N ASP E 998 -8.10 35.28 26.72
CA ASP E 998 -9.48 34.75 26.69
C ASP E 998 -10.40 35.47 27.66
N GLN E 999 -11.13 36.42 27.11
CA GLN E 999 -12.09 37.27 27.81
C GLN E 999 -13.14 36.45 28.55
N THR E 1000 -13.57 35.30 27.97
CA THR E 1000 -14.55 34.39 28.57
C THR E 1000 -14.08 33.89 29.94
N ILE E 1001 -12.74 33.86 30.16
CA ILE E 1001 -12.14 33.47 31.42
C ILE E 1001 -12.00 34.71 32.33
N ILE E 1002 -11.40 35.80 31.80
CA ILE E 1002 -11.16 37.09 32.50
C ILE E 1002 -12.39 37.57 33.30
N TRP E 1003 -13.56 37.49 32.69
CA TRP E 1003 -14.78 37.97 33.31
C TRP E 1003 -15.56 36.92 34.09
N ALA E 1004 -15.35 35.62 33.78
CA ALA E 1004 -16.03 34.45 34.38
C ALA E 1004 -16.32 34.54 35.89
N ASP E 1005 -17.37 33.80 36.33
CA ASP E 1005 -17.88 33.76 37.70
C ASP E 1005 -16.94 33.08 38.71
N GLN E 1006 -16.28 31.99 38.33
CA GLN E 1006 -15.26 31.32 39.13
C GLN E 1006 -14.11 31.13 38.13
N PRO E 1007 -13.27 32.17 37.87
CA PRO E 1007 -12.30 32.08 36.77
C PRO E 1007 -11.11 31.16 36.95
N TRP E 1008 -10.64 31.01 38.20
CA TRP E 1008 -9.47 30.20 38.48
C TRP E 1008 -9.71 28.71 38.33
N THR E 1009 -10.96 28.33 38.02
CA THR E 1009 -11.38 26.94 37.81
C THR E 1009 -11.01 26.46 36.40
N SER E 1010 -10.59 27.41 35.53
CA SER E 1010 -10.12 27.10 34.18
C SER E 1010 -8.60 26.87 34.20
N PHE E 1011 -7.94 27.24 35.32
CA PHE E 1011 -6.48 27.09 35.45
C PHE E 1011 -6.05 25.63 35.71
N LYS E 1012 -5.17 25.12 34.85
CA LYS E 1012 -4.67 23.75 34.94
C LYS E 1012 -3.11 23.66 35.03
N GLY E 1013 -2.51 24.58 35.79
CA GLY E 1013 -1.08 24.59 36.04
C GLY E 1013 -0.23 25.35 35.05
N SER E 1014 0.95 25.82 35.52
CA SER E 1014 1.98 26.50 34.76
C SER E 1014 3.19 25.52 34.65
N TYR E 1015 3.96 25.57 33.56
CA TYR E 1015 5.13 24.73 33.34
C TYR E 1015 6.18 25.44 32.44
N LEU E 1016 7.49 25.30 32.72
CA LEU E 1016 8.53 25.92 31.88
C LEU E 1016 8.74 24.97 30.69
N ASP E 1017 8.58 25.47 29.45
CA ASP E 1017 8.72 24.58 28.30
C ASP E 1017 10.15 24.46 27.83
N SER E 1018 10.42 23.36 27.08
CA SER E 1018 11.68 22.96 26.45
C SER E 1018 12.33 24.12 25.67
N ASP E 1019 11.49 25.03 25.12
CA ASP E 1019 11.93 26.23 24.39
C ASP E 1019 12.58 27.26 25.32
N GLY E 1020 12.26 27.20 26.62
CA GLY E 1020 12.80 28.10 27.64
C GLY E 1020 11.80 29.04 28.29
N THR E 1021 10.61 29.19 27.67
CA THR E 1021 9.55 30.09 28.14
C THR E 1021 8.50 29.40 29.02
N PRO E 1022 7.99 30.09 30.09
CA PRO E 1022 6.92 29.47 30.91
C PRO E 1022 5.56 29.54 30.23
N LYS E 1023 4.78 28.46 30.35
CA LYS E 1023 3.45 28.30 29.74
C LYS E 1023 2.40 27.87 30.80
N SER E 1024 1.13 28.26 30.62
CA SER E 1024 0.06 27.93 31.56
C SER E 1024 -1.15 27.31 30.87
N LEU E 1025 -1.66 26.20 31.42
CA LEU E 1025 -2.82 25.50 30.88
C LEU E 1025 -4.13 26.13 31.30
N TRP E 1026 -5.01 26.34 30.31
CA TRP E 1026 -6.34 26.90 30.53
C TRP E 1026 -7.41 26.02 29.87
N ASP E 1027 -8.52 25.80 30.59
CA ASP E 1027 -9.62 24.98 30.10
C ASP E 1027 -10.96 25.59 30.51
N PRO E 1028 -11.49 26.53 29.67
CA PRO E 1028 -12.76 27.20 30.02
C PRO E 1028 -13.97 26.26 30.16
N THR E 1029 -13.88 25.06 29.59
CA THR E 1029 -14.92 24.05 29.66
C THR E 1029 -15.06 23.60 31.12
N ALA E 1030 -13.93 23.66 31.85
CA ALA E 1030 -13.82 23.29 33.25
C ALA E 1030 -14.17 24.45 34.21
N LEU E 1031 -14.70 25.57 33.67
CA LEU E 1031 -15.10 26.69 34.51
C LEU E 1031 -16.32 26.30 35.34
N LYS E 1032 -16.20 26.40 36.68
CA LYS E 1032 -17.28 26.06 37.61
C LYS E 1032 -18.24 27.23 37.69
N SER E 1033 -19.54 26.93 37.56
CA SER E 1033 -20.62 27.92 37.63
C SER E 1033 -20.95 28.18 39.08
N LEU E 1034 -21.60 29.32 39.38
CA LEU E 1034 -21.97 29.68 40.74
C LEU E 1034 -22.94 28.64 41.37
N PRO E 1035 -23.11 28.63 42.72
CA PRO E 1035 -23.88 27.54 43.36
C PRO E 1035 -25.28 27.14 42.90
N ASN E 1036 -26.19 28.06 42.46
CA ASN E 1036 -27.61 27.71 42.16
C ASN E 1036 -28.34 27.41 43.49
N SER E 1037 -28.79 26.14 43.74
CA SER E 1037 -29.58 25.63 44.87
C SER E 1037 -30.98 26.27 44.87
N SER E 1038 -31.07 27.58 45.15
CA SER E 1038 -32.31 28.38 45.13
C SER E 1038 -32.47 29.15 43.79
N THR E 1039 -31.83 28.67 42.70
CA THR E 1039 -31.76 29.21 41.33
C THR E 1039 -30.91 30.50 41.30
N THR E 1040 -30.03 30.61 40.29
CA THR E 1040 -29.08 31.71 40.11
C THR E 1040 -29.77 33.05 39.79
N TYR E 1041 -31.00 33.01 39.28
CA TYR E 1041 -31.76 34.22 38.96
C TYR E 1041 -32.89 34.48 39.98
N ASP E 1042 -32.53 34.80 41.24
CA ASP E 1042 -33.47 35.12 42.32
C ASP E 1042 -32.88 36.07 43.37
N THR E 1043 -33.76 36.56 44.32
CA THR E 1043 -33.57 37.45 45.49
C THR E 1043 -32.64 38.65 45.16
N ASN E 1044 -31.94 39.27 46.15
CA ASN E 1044 -31.07 40.39 45.77
C ASN E 1044 -29.58 40.04 45.79
N PRO E 1045 -28.82 39.84 46.91
CA PRO E 1045 -27.37 39.61 46.75
C PRO E 1045 -26.97 38.18 46.40
N THR E 1046 -25.97 38.02 45.50
CA THR E 1046 -25.44 36.73 45.08
C THR E 1046 -23.94 36.67 45.39
N LEU E 1047 -23.59 35.79 46.32
CA LEU E 1047 -22.22 35.56 46.78
C LEU E 1047 -21.37 34.98 45.65
N SER E 1048 -20.28 35.68 45.35
CA SER E 1048 -19.31 35.33 44.32
C SER E 1048 -17.90 35.41 44.98
N PRO E 1049 -16.81 34.89 44.37
CA PRO E 1049 -15.50 34.94 45.06
C PRO E 1049 -15.00 36.32 45.42
N SER E 1050 -15.28 37.29 44.54
CA SER E 1050 -14.90 38.68 44.74
C SER E 1050 -15.99 39.50 45.47
N PHE E 1051 -17.11 38.86 45.87
CA PHE E 1051 -18.21 39.56 46.55
C PHE E 1051 -17.80 40.12 47.91
N GLN E 1052 -18.16 41.39 48.15
CA GLN E 1052 -17.93 42.10 49.41
C GLN E 1052 -19.22 42.74 49.90
N LEU E 1053 -19.33 42.92 51.23
CA LEU E 1053 -20.52 43.49 51.85
C LEU E 1053 -20.40 44.98 52.16
N TYR E 1054 -20.08 45.80 51.13
CA TYR E 1054 -19.93 47.24 51.29
C TYR E 1054 -21.21 47.96 51.82
N GLN E 1055 -21.00 48.66 52.94
CA GLN E 1055 -21.97 49.47 53.68
C GLN E 1055 -22.14 50.84 53.02
N PRO E 1056 -23.34 51.44 53.11
CA PRO E 1056 -23.55 52.78 52.53
C PRO E 1056 -22.89 53.92 53.32
N ASN E 1057 -22.41 54.92 52.59
CA ASN E 1057 -21.81 56.13 53.13
C ASN E 1057 -22.77 57.26 52.78
N LYS E 1058 -22.98 58.20 53.69
CA LYS E 1058 -23.86 59.34 53.41
C LYS E 1058 -23.22 60.63 53.88
N VAL E 1059 -22.99 61.57 52.94
CA VAL E 1059 -22.39 62.87 53.22
C VAL E 1059 -23.34 64.01 52.88
N LYS E 1060 -23.09 65.21 53.46
CA LYS E 1060 -23.86 66.42 53.19
C LYS E 1060 -23.53 66.90 51.75
N ALA E 1061 -24.27 67.89 51.22
CA ALA E 1061 -24.03 68.42 49.88
C ALA E 1061 -22.67 69.11 49.80
N TYR E 1062 -21.91 68.79 48.74
CA TYR E 1062 -20.59 69.34 48.45
C TYR E 1062 -20.65 70.83 48.13
N GLN E 1063 -19.61 71.59 48.50
CA GLN E 1063 -19.59 73.02 48.22
C GLN E 1063 -19.18 73.32 46.77
N THR E 1064 -19.71 74.40 46.19
CA THR E 1064 -19.41 74.82 44.80
C THR E 1064 -17.99 75.38 44.73
N THR E 1065 -17.55 75.99 45.83
CA THR E 1065 -16.26 76.62 46.02
C THR E 1065 -15.65 76.19 47.35
N ASN E 1066 -14.30 76.02 47.38
CA ASN E 1066 -13.50 75.60 48.55
C ASN E 1066 -13.99 74.24 49.10
N THR E 1067 -14.30 73.31 48.18
CA THR E 1067 -14.86 71.98 48.45
C THR E 1067 -14.03 71.15 49.40
N TYR E 1068 -12.78 70.91 49.03
CA TYR E 1068 -11.90 70.05 49.78
C TYR E 1068 -10.92 70.82 50.64
N ASN E 1069 -11.35 72.01 51.09
CA ASN E 1069 -10.58 72.88 51.98
C ASN E 1069 -10.62 72.25 53.37
N LYS E 1070 -11.79 71.75 53.75
CA LYS E 1070 -12.03 71.06 54.99
C LYS E 1070 -12.33 69.61 54.63
N LEU E 1071 -12.26 68.70 55.62
CA LEU E 1071 -12.58 67.29 55.44
C LEU E 1071 -14.08 67.14 55.13
N ILE E 1072 -14.49 66.16 54.29
CA ILE E 1072 -15.90 65.94 53.94
C ILE E 1072 -16.64 65.37 55.15
N GLU E 1073 -17.73 66.04 55.54
CA GLU E 1073 -18.53 65.66 56.70
C GLU E 1073 -19.66 64.69 56.36
N PRO E 1074 -19.65 63.46 56.95
CA PRO E 1074 -20.76 62.54 56.72
C PRO E 1074 -21.90 62.77 57.72
N VAL E 1075 -22.96 61.99 57.56
CA VAL E 1075 -24.16 61.99 58.40
C VAL E 1075 -24.57 60.52 58.57
N ASP E 1076 -25.54 60.25 59.46
CA ASP E 1076 -26.03 58.89 59.71
C ASP E 1076 -26.50 58.23 58.41
N ALA E 1077 -26.14 56.97 58.21
CA ALA E 1077 -26.49 56.26 56.99
C ALA E 1077 -27.16 54.91 57.24
N THR E 1078 -27.43 54.57 58.52
CA THR E 1078 -28.06 53.31 58.95
C THR E 1078 -29.32 53.03 58.14
N SER E 1079 -30.08 54.10 57.90
CA SER E 1079 -31.33 54.16 57.16
C SER E 1079 -31.14 54.27 55.64
N ALA E 1080 -30.09 55.01 55.20
CA ALA E 1080 -29.74 55.35 53.80
C ALA E 1080 -29.87 54.23 52.76
N ALA E 1081 -29.82 52.96 53.19
CA ALA E 1081 -29.94 51.80 52.31
C ALA E 1081 -31.28 51.75 51.58
N THR E 1082 -32.33 52.32 52.21
CA THR E 1082 -33.72 52.33 51.76
C THR E 1082 -33.91 52.86 50.32
N ASN E 1083 -33.19 53.93 49.96
CA ASN E 1083 -33.32 54.56 48.65
C ASN E 1083 -32.33 54.02 47.62
N MET E 1084 -31.24 53.40 48.08
CA MET E 1084 -30.18 52.88 47.20
C MET E 1084 -30.51 51.57 46.47
N THR E 1085 -31.76 51.08 46.53
CA THR E 1085 -32.24 49.84 45.90
C THR E 1085 -31.57 49.52 44.55
N SER E 1086 -31.45 50.55 43.70
CA SER E 1086 -30.86 50.54 42.36
C SER E 1086 -29.35 50.25 42.37
N LEU E 1087 -28.60 50.98 43.21
CA LEU E 1087 -27.15 50.89 43.41
C LEU E 1087 -26.78 49.63 44.17
N LEU E 1088 -27.48 49.36 45.28
CA LEU E 1088 -27.31 48.21 46.16
C LEU E 1088 -27.41 46.90 45.38
N LYS E 1089 -28.13 46.94 44.25
CA LYS E 1089 -28.30 45.82 43.32
C LYS E 1089 -26.94 45.44 42.73
N LEU E 1090 -26.11 46.46 42.41
CA LEU E 1090 -24.76 46.32 41.84
C LEU E 1090 -23.68 45.89 42.85
N LEU E 1091 -24.08 45.46 44.06
CA LEU E 1091 -23.12 44.91 45.03
C LEU E 1091 -22.79 43.49 44.59
N THR E 1092 -23.67 42.90 43.75
CA THR E 1092 -23.62 41.57 43.13
C THR E 1092 -22.96 41.72 41.77
N THR E 1093 -21.90 40.92 41.53
CA THR E 1093 -21.04 40.90 40.34
C THR E 1093 -21.79 40.87 39.01
N LYS E 1094 -22.65 39.84 38.85
CA LYS E 1094 -23.47 39.57 37.67
C LYS E 1094 -24.10 40.85 37.07
N ASN E 1095 -24.66 41.71 37.95
CA ASN E 1095 -25.32 42.97 37.59
C ASN E 1095 -24.41 43.99 36.94
N ILE E 1096 -23.15 44.09 37.41
CA ILE E 1096 -22.17 45.00 36.84
C ILE E 1096 -21.69 44.43 35.51
N LYS E 1097 -21.47 43.09 35.46
CA LYS E 1097 -21.05 42.36 34.25
C LYS E 1097 -22.06 42.65 33.14
N ALA E 1098 -23.35 42.71 33.52
CA ALA E 1098 -24.46 42.99 32.63
C ALA E 1098 -24.41 44.40 32.06
N LYS E 1099 -24.32 45.42 32.95
CA LYS E 1099 -24.29 46.84 32.54
C LYS E 1099 -23.06 47.21 31.70
N LEU E 1100 -21.94 46.49 31.89
CA LEU E 1100 -20.70 46.73 31.15
C LEU E 1100 -20.66 46.01 29.80
N GLY E 1101 -21.72 45.24 29.51
CA GLY E 1101 -21.85 44.49 28.27
C GLY E 1101 -20.94 43.30 28.21
N LYS E 1102 -20.92 42.54 29.32
CA LYS E 1102 -20.12 41.33 29.46
C LYS E 1102 -21.11 40.19 29.69
N GLY E 1103 -20.88 39.13 28.91
CA GLY E 1103 -21.72 37.94 28.86
C GLY E 1103 -21.75 37.40 27.45
N ASN E 1112 -15.02 30.08 23.00
CA ASN E 1112 -13.70 30.51 22.53
C ASN E 1112 -12.58 30.26 23.54
N GLY E 1113 -11.42 29.83 23.05
CA GLY E 1113 -10.25 29.52 23.85
C GLY E 1113 -10.06 28.04 24.14
N GLY E 1114 -9.29 27.74 25.19
CA GLY E 1114 -8.99 26.37 25.60
C GLY E 1114 -7.67 25.87 25.04
N GLY E 1115 -6.60 26.08 25.81
CA GLY E 1115 -5.25 25.68 25.42
C GLY E 1115 -4.15 26.12 26.37
N VAL E 1116 -3.03 26.62 25.82
CA VAL E 1116 -1.86 27.00 26.61
C VAL E 1116 -1.40 28.46 26.36
N SER E 1117 -1.20 29.23 27.47
CA SER E 1117 -0.78 30.63 27.42
C SER E 1117 0.71 30.82 27.74
N GLN E 1118 1.50 31.21 26.72
CA GLN E 1118 2.94 31.47 26.80
C GLN E 1118 3.18 32.93 27.22
N THR E 1119 4.20 33.20 28.02
CA THR E 1119 4.51 34.56 28.46
C THR E 1119 5.18 35.37 27.34
N ILE E 1120 5.27 36.71 27.56
CA ILE E 1120 5.89 37.67 26.64
C ILE E 1120 7.41 37.40 26.45
N ASN E 1121 7.94 37.76 25.27
CA ASN E 1121 9.37 37.56 24.97
C ASN E 1121 10.21 38.66 25.61
N THR E 1122 10.97 38.28 26.64
CA THR E 1122 11.81 39.21 27.38
C THR E 1122 13.26 38.93 27.07
N ILE E 1123 14.08 39.99 27.10
CA ILE E 1123 15.51 39.96 26.89
C ILE E 1123 16.23 40.55 28.12
N THR E 1124 17.56 40.51 28.13
CA THR E 1124 18.41 40.99 29.22
C THR E 1124 18.18 42.47 29.56
N THR E 1125 17.96 43.28 28.52
CA THR E 1125 17.72 44.73 28.60
C THR E 1125 16.25 45.05 28.99
N THR E 1126 15.33 44.06 28.87
CA THR E 1126 13.91 44.23 29.21
C THR E 1126 13.80 44.51 30.71
N GLY E 1127 13.06 45.56 31.04
CA GLY E 1127 12.83 46.01 32.40
C GLY E 1127 13.68 47.19 32.80
N ASN E 1128 14.55 47.65 31.88
CA ASN E 1128 15.46 48.75 32.18
C ASN E 1128 14.76 50.10 32.19
N ILE E 1129 14.32 50.49 33.38
CA ILE E 1129 13.65 51.77 33.62
C ILE E 1129 14.61 52.80 34.23
N SER E 1130 15.94 52.60 34.04
CA SER E 1130 16.97 53.47 34.60
C SER E 1130 16.82 54.92 34.18
N GLU E 1131 16.48 55.17 32.89
CA GLU E 1131 16.28 56.53 32.39
C GLU E 1131 15.18 57.27 33.14
N GLY E 1132 14.13 56.52 33.48
CA GLY E 1132 12.98 57.02 34.23
C GLY E 1132 13.24 57.23 35.70
N LEU E 1133 14.34 56.69 36.24
CA LEU E 1133 14.62 56.84 37.67
C LEU E 1133 15.57 57.99 37.98
N LYS E 1134 16.24 58.53 36.93
CA LYS E 1134 17.15 59.67 37.01
C LYS E 1134 16.45 60.87 37.63
N GLU E 1135 17.13 61.57 38.53
CA GLU E 1135 16.53 62.74 39.17
C GLU E 1135 16.95 64.05 38.51
N GLU E 1136 17.64 63.96 37.37
CA GLU E 1136 18.27 64.99 36.54
C GLU E 1136 17.50 66.32 36.43
N THR E 1137 16.31 66.32 35.82
CA THR E 1137 15.49 67.51 35.59
C THR E 1137 14.33 67.60 36.57
N SER E 1138 13.73 66.46 36.89
CA SER E 1138 12.57 66.42 37.77
C SER E 1138 12.81 65.41 38.88
N ILE E 1139 11.98 65.47 39.94
CA ILE E 1139 12.06 64.52 41.05
C ILE E 1139 11.76 63.12 40.48
N GLN E 1140 12.37 62.08 41.07
CA GLN E 1140 12.27 60.69 40.62
C GLN E 1140 10.86 60.29 40.12
N ALA E 1141 9.80 60.56 40.91
CA ALA E 1141 8.44 60.24 40.53
C ALA E 1141 7.99 60.93 39.23
N GLU E 1142 8.40 62.20 39.02
CA GLU E 1142 8.05 62.94 37.80
C GLU E 1142 8.77 62.37 36.58
N THR E 1143 10.11 62.19 36.65
CA THR E 1143 10.90 61.64 35.54
C THR E 1143 10.39 60.26 35.09
N LEU E 1144 9.87 59.44 36.03
CA LEU E 1144 9.34 58.11 35.71
C LEU E 1144 7.99 58.22 35.00
N LYS E 1145 7.11 59.14 35.45
CA LYS E 1145 5.81 59.36 34.82
C LYS E 1145 6.04 59.77 33.36
N LYS E 1146 7.01 60.67 33.11
CA LYS E 1146 7.38 61.15 31.78
C LYS E 1146 7.87 59.97 30.93
N PHE E 1147 8.73 59.12 31.51
CA PHE E 1147 9.31 57.94 30.88
C PHE E 1147 8.25 56.92 30.49
N PHE E 1148 7.33 56.61 31.41
CA PHE E 1148 6.26 55.64 31.15
C PHE E 1148 5.34 56.11 30.06
N ASP E 1149 5.04 57.42 30.06
CA ASP E 1149 4.19 58.06 29.05
C ASP E 1149 4.81 57.94 27.67
N SER E 1150 6.14 58.10 27.59
CA SER E 1150 6.87 57.99 26.33
C SER E 1150 6.85 56.55 25.80
N LYS E 1151 6.85 55.57 26.72
CA LYS E 1151 6.84 54.15 26.40
C LYS E 1151 5.43 53.52 26.50
N GLN E 1152 4.39 54.27 26.12
CA GLN E 1152 3.01 53.77 26.20
C GLN E 1152 2.61 52.88 25.03
N ASN E 1153 3.26 53.04 23.87
CA ASN E 1153 2.93 52.22 22.70
C ASN E 1153 3.74 50.93 22.70
N ASN E 1154 4.86 50.92 23.42
CA ASN E 1154 5.71 49.75 23.54
C ASN E 1154 5.91 49.38 25.02
N LYS E 1155 4.82 48.92 25.67
CA LYS E 1155 4.83 48.50 27.08
C LYS E 1155 5.64 47.21 27.26
N SER E 1156 5.77 46.45 26.15
CA SER E 1156 6.55 45.22 26.00
C SER E 1156 8.02 45.42 26.38
N GLU E 1157 8.58 46.60 26.05
CA GLU E 1157 9.95 47.00 26.34
C GLU E 1157 10.26 46.98 27.84
N ILE E 1158 9.24 47.27 28.68
CA ILE E 1158 9.35 47.33 30.13
C ILE E 1158 9.11 45.96 30.75
N GLY E 1159 8.21 45.20 30.15
CA GLY E 1159 7.87 43.86 30.61
C GLY E 1159 6.40 43.67 30.89
N ILE E 1160 5.55 44.54 30.31
CA ILE E 1160 4.10 44.44 30.45
C ILE E 1160 3.54 44.10 29.07
N GLY E 1161 2.72 43.06 29.02
CA GLY E 1161 2.14 42.63 27.75
C GLY E 1161 1.15 41.48 27.78
N ASP E 1162 0.54 41.22 26.62
CA ASP E 1162 -0.44 40.16 26.43
C ASP E 1162 0.26 38.86 26.12
N SER E 1163 0.00 37.86 26.96
CA SER E 1163 0.55 36.53 26.81
C SER E 1163 -0.03 35.89 25.54
N THR E 1164 0.85 35.44 24.62
CA THR E 1164 0.46 34.77 23.37
C THR E 1164 -0.20 33.42 23.68
N PHE E 1165 -1.13 32.98 22.83
CA PHE E 1165 -1.84 31.73 23.09
C PHE E 1165 -1.80 30.76 21.91
N THR E 1166 -1.77 29.45 22.24
CA THR E 1166 -1.79 28.38 21.26
C THR E 1166 -2.99 27.49 21.55
N LYS E 1167 -3.96 27.43 20.62
CA LYS E 1167 -5.19 26.65 20.74
C LYS E 1167 -4.93 25.17 20.86
N MET E 1168 -5.70 24.50 21.73
CA MET E 1168 -5.59 23.06 21.96
C MET E 1168 -6.95 22.38 21.93
N ASP E 1169 -6.98 21.16 21.39
CA ASP E 1169 -8.19 20.36 21.26
C ASP E 1169 -8.45 19.51 22.49
N GLY E 1170 -9.68 19.57 22.99
CA GLY E 1170 -10.13 18.81 24.14
C GLY E 1170 -9.80 19.43 25.48
N LYS E 1171 -10.34 18.82 26.56
CA LYS E 1171 -10.13 19.21 27.95
C LYS E 1171 -8.68 18.92 28.34
N LEU E 1172 -7.99 19.95 28.84
CA LEU E 1172 -6.60 19.87 29.31
C LEU E 1172 -6.69 19.58 30.82
N THR E 1173 -6.06 18.49 31.28
CA THR E 1173 -6.13 18.08 32.68
C THR E 1173 -4.84 18.34 33.43
N GLY E 1174 -3.73 18.33 32.69
CA GLY E 1174 -2.40 18.54 33.24
C GLY E 1174 -1.31 18.22 32.25
N VAL E 1175 -0.05 18.20 32.75
CA VAL E 1175 1.14 17.91 31.95
C VAL E 1175 1.96 16.78 32.63
N VAL E 1176 2.71 16.01 31.82
CA VAL E 1176 3.61 14.96 32.31
C VAL E 1176 4.98 15.43 31.91
N SER E 1177 5.81 15.76 32.88
CA SER E 1177 7.09 16.34 32.57
C SER E 1177 8.29 15.51 32.99
N THR E 1178 9.07 15.06 32.00
CA THR E 1178 10.33 14.34 32.17
C THR E 1178 11.40 15.36 31.86
N PRO E 1179 12.65 15.20 32.33
CA PRO E 1179 13.69 16.18 31.97
C PRO E 1179 13.78 16.46 30.46
N LEU E 1180 13.47 15.43 29.62
CA LEU E 1180 13.48 15.50 28.16
C LEU E 1180 12.28 16.23 27.54
N VAL E 1181 11.05 16.04 28.11
CA VAL E 1181 9.82 16.57 27.50
C VAL E 1181 8.69 16.93 28.49
N ASN E 1182 7.79 17.82 28.06
CA ASN E 1182 6.55 18.20 28.77
C ASN E 1182 5.42 17.81 27.81
N LEU E 1183 4.59 16.83 28.18
CA LEU E 1183 3.50 16.40 27.31
C LEU E 1183 2.17 16.75 27.91
N ILE E 1184 1.37 17.58 27.21
CA ILE E 1184 0.04 17.95 27.71
C ILE E 1184 -0.82 16.72 27.67
N ASN E 1185 -1.21 16.27 28.88
CA ASN E 1185 -1.92 15.05 29.17
C ASN E 1185 -0.89 13.96 28.77
N GLY E 1186 -1.16 13.13 27.82
CA GLY E 1186 -0.11 12.21 27.44
C GLY E 1186 0.09 12.35 25.97
N GLN E 1187 0.28 13.58 25.52
CA GLN E 1187 0.53 13.92 24.13
C GLN E 1187 1.64 12.99 23.57
N GLY E 1188 1.64 12.79 22.26
CA GLY E 1188 2.56 11.95 21.50
C GLY E 1188 3.98 11.75 22.02
N ALA E 1189 4.15 10.83 22.97
CA ALA E 1189 5.47 10.49 23.45
C ALA E 1189 6.05 9.54 22.41
N THR E 1190 7.20 9.93 21.83
CA THR E 1190 7.86 9.16 20.79
C THR E 1190 9.25 8.75 21.22
N SER E 1191 9.79 7.71 20.57
CA SER E 1191 11.15 7.21 20.77
C SER E 1191 12.13 8.33 20.36
N ASP E 1192 13.28 8.43 21.06
CA ASP E 1192 14.27 9.47 20.76
C ASP E 1192 14.94 9.20 19.40
N SER E 1193 14.84 10.18 18.48
CA SER E 1193 15.41 10.11 17.13
C SER E 1193 16.95 10.09 17.16
N ASP E 1194 17.57 10.66 18.20
CA ASP E 1194 19.02 10.70 18.34
C ASP E 1194 19.57 9.31 18.61
N THR E 1195 18.89 8.54 19.46
CA THR E 1195 19.34 7.20 19.85
C THR E 1195 18.77 6.04 19.04
N GLU E 1196 17.76 6.31 18.18
CA GLU E 1196 17.06 5.31 17.37
C GLU E 1196 17.96 4.28 16.63
N LYS E 1197 19.23 4.65 16.33
CA LYS E 1197 20.15 3.76 15.64
C LYS E 1197 21.05 2.93 16.59
N ILE E 1198 21.14 3.36 17.87
CA ILE E 1198 21.88 2.69 18.95
C ILE E 1198 21.00 1.57 19.56
N SER E 1199 21.60 0.40 19.83
CA SER E 1199 20.93 -0.75 20.41
C SER E 1199 21.96 -1.67 21.02
N PHE E 1200 21.57 -2.56 21.95
CA PHE E 1200 22.52 -3.54 22.50
C PHE E 1200 22.67 -4.67 21.48
N LYS E 1201 23.81 -5.36 21.52
CA LYS E 1201 24.03 -6.49 20.64
C LYS E 1201 23.28 -7.68 21.23
N PRO E 1202 22.43 -8.38 20.44
CA PRO E 1202 21.71 -9.54 21.00
C PRO E 1202 22.65 -10.62 21.51
N GLY E 1203 22.31 -11.23 22.65
CA GLY E 1203 23.08 -12.27 23.34
C GLY E 1203 23.95 -13.17 22.48
N ASN E 1204 23.36 -13.71 21.40
CA ASN E 1204 23.99 -14.61 20.43
C ASN E 1204 25.19 -13.99 19.69
N GLN E 1205 25.04 -12.72 19.28
CA GLN E 1205 25.99 -11.92 18.50
C GLN E 1205 27.26 -11.48 19.26
N ILE E 1206 27.39 -11.86 20.54
CA ILE E 1206 28.54 -11.52 21.38
C ILE E 1206 29.74 -12.42 21.02
N ASP E 1207 30.94 -11.84 21.05
CA ASP E 1207 32.19 -12.53 20.65
C ASP E 1207 32.62 -13.66 21.64
N PHE E 1208 32.33 -13.50 22.96
CA PHE E 1208 32.63 -14.43 24.06
C PHE E 1208 34.12 -14.64 24.37
N ASN E 1209 34.98 -14.85 23.35
CA ASN E 1209 36.41 -15.07 23.61
C ASN E 1209 37.12 -13.82 24.17
N ARG E 1210 37.11 -12.70 23.40
CA ARG E 1210 37.76 -11.43 23.73
C ARG E 1210 37.29 -10.88 25.07
N LEU E 1211 38.19 -11.04 26.05
CA LEU E 1211 38.19 -10.59 27.44
C LEU E 1211 36.88 -10.93 28.25
N PHE E 1212 36.02 -11.87 27.74
CA PHE E 1212 34.84 -12.37 28.45
C PHE E 1212 35.15 -13.77 29.01
N THR E 1213 36.31 -14.36 28.57
CA THR E 1213 36.86 -15.63 29.02
C THR E 1213 37.49 -15.34 30.37
N LEU E 1214 38.43 -14.38 30.36
CA LEU E 1214 39.13 -13.87 31.54
C LEU E 1214 38.15 -12.99 32.40
N PRO E 1215 38.36 -12.85 33.73
CA PRO E 1215 37.42 -12.09 34.59
C PRO E 1215 36.77 -10.80 34.05
N VAL E 1216 35.55 -10.58 34.53
CA VAL E 1216 34.64 -9.46 34.22
C VAL E 1216 35.24 -8.09 34.56
N THR E 1217 35.96 -8.00 35.70
CA THR E 1217 36.63 -6.79 36.22
C THR E 1217 37.54 -6.09 35.20
N GLU E 1218 38.02 -6.85 34.19
CA GLU E 1218 38.91 -6.41 33.11
C GLU E 1218 38.19 -5.71 31.95
N LEU E 1219 36.87 -5.53 32.07
CA LEU E 1219 36.06 -4.92 31.01
C LEU E 1219 35.58 -3.51 31.34
N PHE E 1220 35.83 -3.07 32.57
CA PHE E 1220 35.44 -1.74 33.03
C PHE E 1220 36.48 -1.17 33.99
N ASP E 1221 36.59 0.17 34.02
CA ASP E 1221 37.50 0.90 34.89
C ASP E 1221 36.92 0.86 36.29
N PRO E 1222 37.57 0.17 37.25
CA PRO E 1222 36.98 0.03 38.60
C PRO E 1222 36.68 1.32 39.33
N ASN E 1223 37.51 2.34 39.13
CA ASN E 1223 37.33 3.64 39.75
C ASN E 1223 36.04 4.35 39.21
N THR E 1224 35.90 4.41 37.85
CA THR E 1224 34.80 5.12 37.19
C THR E 1224 33.52 4.28 37.03
N MET E 1225 33.68 2.95 36.90
CA MET E 1225 32.66 1.91 36.73
C MET E 1225 32.02 1.93 35.34
N PHE E 1226 32.80 2.38 34.33
CA PHE E 1226 32.38 2.43 32.94
C PHE E 1226 33.15 1.44 32.11
N VAL E 1227 32.48 0.81 31.11
CA VAL E 1227 33.11 -0.16 30.21
C VAL E 1227 34.17 0.58 29.44
N TYR E 1228 35.38 0.00 29.34
CA TYR E 1228 36.50 0.64 28.63
C TYR E 1228 36.11 0.88 27.20
N ASP E 1229 36.40 2.10 26.69
CA ASP E 1229 36.04 2.58 25.34
C ASP E 1229 36.21 1.56 24.22
N GLN E 1230 37.16 0.64 24.39
CA GLN E 1230 37.47 -0.41 23.45
C GLN E 1230 36.43 -1.54 23.34
N TYR E 1231 35.79 -1.96 24.44
CA TYR E 1231 34.79 -3.04 24.39
C TYR E 1231 33.39 -2.53 24.09
N VAL E 1232 33.17 -1.21 24.21
CA VAL E 1232 31.87 -0.61 23.96
C VAL E 1232 31.28 -1.02 22.61
N PRO E 1233 32.00 -0.94 21.45
CA PRO E 1233 31.37 -1.37 20.19
C PRO E 1233 31.18 -2.89 20.08
N LEU E 1234 31.78 -3.64 21.01
CA LEU E 1234 31.67 -5.07 21.07
C LEU E 1234 30.30 -5.47 21.67
N LEU E 1235 29.71 -4.59 22.51
CA LEU E 1235 28.43 -4.81 23.18
C LEU E 1235 27.25 -4.05 22.59
N VAL E 1236 27.50 -2.92 21.90
CA VAL E 1236 26.42 -2.11 21.32
C VAL E 1236 26.53 -2.03 19.78
N ASN E 1237 25.37 -2.05 19.10
CA ASN E 1237 25.27 -1.92 17.66
C ASN E 1237 25.15 -0.45 17.38
N LEU E 1238 26.09 0.11 16.62
CA LEU E 1238 26.14 1.53 16.30
C LEU E 1238 26.12 1.82 14.81
N PRO E 1239 25.49 2.94 14.37
CA PRO E 1239 25.48 3.25 12.93
C PRO E 1239 26.89 3.50 12.41
N SER E 1240 27.19 3.10 11.15
CA SER E 1240 28.55 3.27 10.58
C SER E 1240 28.98 4.70 10.66
N GLY E 1241 30.11 4.90 11.33
CA GLY E 1241 30.69 6.22 11.55
C GLY E 1241 30.03 6.99 12.66
N PHE E 1242 29.81 6.33 13.80
CA PHE E 1242 29.17 6.99 14.94
C PHE E 1242 30.21 7.35 15.96
N ASP E 1243 30.04 8.53 16.61
CA ASP E 1243 30.96 8.99 17.65
C ASP E 1243 30.81 8.17 18.91
N GLN E 1244 31.81 7.32 19.14
CA GLN E 1244 31.92 6.42 20.27
C GLN E 1244 31.88 7.17 21.61
N ALA E 1245 32.33 8.44 21.60
CA ALA E 1245 32.43 9.33 22.75
C ALA E 1245 31.11 10.00 23.15
N SER E 1246 30.10 9.89 22.30
CA SER E 1246 28.77 10.42 22.60
C SER E 1246 27.88 9.35 23.27
N ILE E 1247 28.44 8.15 23.55
CA ILE E 1247 27.75 7.05 24.25
C ILE E 1247 28.62 6.42 25.31
N ARG E 1248 27.96 5.90 26.38
CA ARG E 1248 28.67 5.22 27.47
C ARG E 1248 27.90 4.04 28.04
N LEU E 1249 28.66 3.12 28.64
CA LEU E 1249 28.13 1.89 29.21
C LEU E 1249 28.51 1.81 30.72
N LYS E 1250 27.59 2.26 31.64
CA LYS E 1250 27.86 2.21 33.07
C LYS E 1250 27.58 0.83 33.57
N VAL E 1251 28.47 0.30 34.42
CA VAL E 1251 28.31 -1.04 35.00
C VAL E 1251 27.48 -0.90 36.26
N ILE E 1252 26.25 -1.42 36.18
CA ILE E 1252 25.22 -1.33 37.20
C ILE E 1252 25.38 -2.40 38.25
N SER E 1253 25.89 -3.56 37.82
CA SER E 1253 26.18 -4.73 38.66
C SER E 1253 27.13 -5.64 37.89
N TYR E 1254 27.90 -6.46 38.62
CA TYR E 1254 28.83 -7.43 38.03
C TYR E 1254 29.12 -8.54 39.00
N SER E 1255 29.47 -9.72 38.48
CA SER E 1255 29.85 -10.88 39.27
C SER E 1255 30.98 -11.58 38.59
N VAL E 1256 32.18 -11.45 39.14
CA VAL E 1256 33.38 -12.09 38.57
C VAL E 1256 33.10 -13.57 38.60
N GLU E 1257 32.60 -14.05 39.75
CA GLU E 1257 32.23 -15.43 40.08
C GLU E 1257 31.26 -16.06 39.08
N ASN E 1258 30.08 -15.42 38.90
CA ASN E 1258 29.00 -15.86 38.03
C ASN E 1258 29.16 -15.45 36.56
N GLN E 1259 30.21 -14.64 36.25
CA GLN E 1259 30.52 -14.10 34.92
C GLN E 1259 29.30 -13.36 34.34
N THR E 1260 28.89 -12.25 34.99
CA THR E 1260 27.75 -11.41 34.59
C THR E 1260 28.18 -9.95 34.58
N LEU E 1261 27.71 -9.18 33.61
CA LEU E 1261 28.07 -7.77 33.44
C LEU E 1261 26.81 -6.97 33.13
N GLY E 1262 26.23 -6.37 34.16
CA GLY E 1262 25.03 -5.55 34.02
C GLY E 1262 25.35 -4.14 33.60
N VAL E 1263 24.78 -3.66 32.48
CA VAL E 1263 25.06 -2.31 31.96
C VAL E 1263 23.82 -1.51 31.60
N ARG E 1264 24.01 -0.21 31.48
CA ARG E 1264 23.03 0.79 31.07
C ARG E 1264 23.70 1.64 30.02
N LEU E 1265 23.02 1.79 28.88
CA LEU E 1265 23.50 2.56 27.74
C LEU E 1265 23.08 3.99 27.91
N GLU E 1266 24.05 4.88 27.97
CA GLU E 1266 23.78 6.30 28.08
C GLU E 1266 24.27 7.01 26.80
N PHE E 1267 23.68 8.15 26.47
CA PHE E 1267 24.00 8.92 25.29
C PHE E 1267 24.06 10.40 25.61
N LYS E 1268 25.12 11.08 25.17
CA LYS E 1268 25.35 12.51 25.37
C LYS E 1268 24.31 13.30 24.58
N ASP E 1269 23.30 13.87 25.27
CA ASP E 1269 22.24 14.67 24.63
C ASP E 1269 22.88 15.83 23.85
N PRO E 1270 22.53 16.07 22.57
CA PRO E 1270 23.17 17.15 21.82
C PRO E 1270 22.85 18.54 22.39
N GLN E 1271 21.60 18.72 22.91
CA GLN E 1271 21.14 19.99 23.50
C GLN E 1271 21.97 20.30 24.77
N THR E 1272 21.68 19.57 25.87
CA THR E 1272 22.42 19.68 27.14
C THR E 1272 23.52 18.63 27.03
N GLN E 1273 24.78 18.97 27.30
CA GLN E 1273 25.86 18.00 27.12
C GLN E 1273 25.94 16.91 28.22
N GLN E 1274 24.76 16.53 28.79
CA GLN E 1274 24.61 15.48 29.80
C GLN E 1274 24.15 14.16 29.19
N PHE E 1275 24.52 13.03 29.81
CA PHE E 1275 24.14 11.74 29.31
C PHE E 1275 22.74 11.35 29.69
N ILE E 1276 21.95 10.91 28.71
CA ILE E 1276 20.57 10.46 28.85
C ILE E 1276 20.52 8.94 28.56
N PRO E 1277 19.58 8.15 29.16
CA PRO E 1277 19.59 6.72 28.88
C PRO E 1277 18.99 6.40 27.51
N VAL E 1278 19.64 5.46 26.79
CA VAL E 1278 19.24 4.96 25.47
C VAL E 1278 18.14 3.98 25.76
N LEU E 1279 16.91 4.50 25.91
CA LEU E 1279 15.74 3.71 26.30
C LEU E 1279 15.42 2.60 25.31
N ASN E 1280 15.83 2.79 24.04
CA ASN E 1280 15.64 1.81 22.97
C ASN E 1280 16.73 0.73 22.92
N ALA E 1281 17.64 0.76 23.90
CA ALA E 1281 18.76 -0.17 24.00
C ALA E 1281 18.29 -1.61 24.11
N SER E 1282 17.20 -1.85 24.86
CA SER E 1282 16.62 -3.18 25.05
C SER E 1282 15.10 -3.14 24.95
N SER E 1283 14.53 -4.37 24.84
CA SER E 1283 13.10 -4.69 24.81
C SER E 1283 12.42 -4.21 26.10
N THR E 1284 13.18 -4.26 27.20
CA THR E 1284 12.80 -3.88 28.55
C THR E 1284 13.10 -2.40 28.82
N GLY E 1285 14.34 -1.96 28.59
CA GLY E 1285 14.79 -0.60 28.85
C GLY E 1285 16.24 -0.36 28.53
N PRO E 1286 16.88 0.71 29.07
CA PRO E 1286 18.30 0.97 28.74
C PRO E 1286 19.28 0.04 29.48
N GLN E 1287 18.76 -0.81 30.33
CA GLN E 1287 19.46 -1.76 31.18
C GLN E 1287 19.48 -3.11 30.51
N THR E 1288 20.56 -3.88 30.71
CA THR E 1288 20.69 -5.28 30.27
C THR E 1288 21.83 -6.01 30.96
N VAL E 1289 21.73 -7.35 31.02
CA VAL E 1289 22.82 -8.13 31.59
C VAL E 1289 23.47 -8.97 30.54
N PHE E 1290 24.79 -8.95 30.53
CA PHE E 1290 25.61 -9.73 29.61
C PHE E 1290 26.24 -10.89 30.38
N GLN E 1291 25.97 -12.11 29.92
CA GLN E 1291 26.49 -13.32 30.56
C GLN E 1291 26.89 -14.36 29.51
N PRO E 1292 27.99 -15.11 29.71
CA PRO E 1292 28.38 -16.11 28.70
C PRO E 1292 27.42 -17.30 28.64
N PHE E 1293 26.85 -17.53 27.43
CA PHE E 1293 25.91 -18.58 27.03
C PHE E 1293 25.04 -19.16 28.19
N ASN E 1294 24.49 -18.24 28.99
CA ASN E 1294 23.63 -18.58 30.14
C ASN E 1294 22.25 -17.97 29.93
N GLN F 5 67.24 12.63 49.22
CA GLN F 5 67.37 14.03 48.83
C GLN F 5 66.54 15.00 49.73
N GLN F 6 65.43 14.48 50.30
CA GLN F 6 64.56 15.28 51.19
C GLN F 6 64.37 14.60 52.55
N ALA F 7 65.47 14.03 53.11
CA ALA F 7 65.49 13.45 54.45
C ALA F 7 65.50 14.65 55.42
N VAL F 8 64.90 14.50 56.61
CA VAL F 8 64.78 15.62 57.56
C VAL F 8 66.14 16.14 58.00
N ASP F 9 66.40 17.40 57.64
CA ASP F 9 67.62 18.13 57.99
C ASP F 9 67.40 18.68 59.38
N GLU F 10 68.16 18.15 60.35
CA GLU F 10 68.01 18.53 61.75
C GLU F 10 68.52 19.94 62.06
N THR F 11 69.32 20.53 61.16
CA THR F 11 69.86 21.88 61.33
C THR F 11 68.78 22.95 61.11
N LEU F 12 67.71 22.56 60.42
CA LEU F 12 66.56 23.40 60.15
C LEU F 12 65.57 23.24 61.32
N THR F 13 64.89 24.34 61.70
CA THR F 13 63.93 24.36 62.81
C THR F 13 62.71 25.18 62.43
N PRO F 14 61.52 24.94 63.02
CA PRO F 14 60.34 25.74 62.61
C PRO F 14 60.49 27.23 62.88
N TRP F 15 59.81 28.04 62.08
CA TRP F 15 59.82 29.50 62.15
C TRP F 15 58.46 30.05 61.76
N THR F 16 58.22 31.32 62.05
CA THR F 16 56.95 31.95 61.71
C THR F 16 57.21 33.17 60.83
N TRP F 17 56.51 33.31 59.68
CA TRP F 17 56.76 34.49 58.85
C TRP F 17 56.03 35.67 59.43
N ASN F 18 56.75 36.78 59.70
CA ASN F 18 56.19 38.01 60.26
C ASN F 18 54.95 38.55 59.53
N ASN F 19 54.99 38.54 58.16
CA ASN F 19 53.94 39.06 57.30
C ASN F 19 52.63 38.30 57.34
N ASN F 20 52.61 36.98 57.62
CA ASN F 20 51.31 36.30 57.65
C ASN F 20 51.03 35.59 58.97
N ASN F 21 52.11 35.22 59.66
CA ASN F 21 52.21 34.47 60.92
C ASN F 21 51.95 32.98 60.70
N PHE F 22 52.32 32.48 59.50
CA PHE F 22 52.23 31.06 59.17
C PHE F 22 53.43 30.34 59.77
N SER F 23 53.18 29.19 60.42
CA SER F 23 54.26 28.41 61.00
C SER F 23 54.14 26.93 60.64
N SER F 24 52.89 26.51 60.36
CA SER F 24 52.50 25.14 59.97
C SER F 24 51.05 25.09 59.50
N LEU F 25 50.75 24.18 58.56
CA LEU F 25 49.41 23.96 58.02
C LEU F 25 48.92 22.66 58.64
N LYS F 26 47.69 22.68 59.18
CA LYS F 26 47.09 21.49 59.76
C LYS F 26 46.55 20.61 58.63
N ILE F 27 47.26 19.50 58.32
CA ILE F 27 46.83 18.61 57.25
C ILE F 27 45.74 17.67 57.73
N THR F 28 44.61 17.69 57.03
CA THR F 28 43.41 16.90 57.27
C THR F 28 43.37 15.68 56.31
N GLY F 29 42.32 14.89 56.45
CA GLY F 29 42.06 13.75 55.58
C GLY F 29 42.71 12.42 55.87
N GLU F 30 42.78 11.56 54.83
CA GLU F 30 43.30 10.20 54.83
C GLU F 30 44.73 10.13 55.38
N ASN F 31 45.61 11.07 54.95
CA ASN F 31 46.99 11.20 55.41
C ASN F 31 47.14 12.55 56.13
N PRO F 32 46.80 12.57 57.43
CA PRO F 32 46.87 13.83 58.18
C PRO F 32 48.27 14.13 58.70
N GLY F 33 48.42 15.32 59.25
CA GLY F 33 49.68 15.76 59.81
C GLY F 33 49.85 17.27 59.73
N SER F 34 51.06 17.69 59.35
CA SER F 34 51.36 19.12 59.25
C SER F 34 52.43 19.38 58.25
N PHE F 35 52.37 20.55 57.63
CA PHE F 35 53.40 21.05 56.72
C PHE F 35 53.83 22.32 57.38
N GLY F 36 54.95 22.23 58.07
CA GLY F 36 55.48 23.36 58.85
C GLY F 36 56.68 24.00 58.23
N LEU F 37 56.75 25.34 58.30
CA LEU F 37 57.87 26.13 57.79
C LEU F 37 59.10 25.69 58.58
N VAL F 38 60.28 25.72 57.95
CA VAL F 38 61.49 25.29 58.60
C VAL F 38 62.70 26.09 58.04
N ARG F 39 63.58 26.53 58.96
CA ARG F 39 64.70 27.43 58.70
C ARG F 39 66.01 27.06 59.36
N SER F 40 67.13 27.47 58.72
CA SER F 40 68.51 27.38 59.21
C SER F 40 68.68 28.56 60.16
N GLN F 41 69.35 28.35 61.31
CA GLN F 41 69.53 29.42 62.30
C GLN F 41 71.04 29.81 62.48
N ASN F 42 71.80 29.76 61.36
CA ASN F 42 73.24 30.07 61.29
C ASN F 42 73.62 31.45 61.86
N ASP F 43 73.01 32.57 61.40
CA ASP F 43 73.33 33.99 61.70
C ASP F 43 74.71 34.34 61.15
N ASN F 44 75.46 35.23 61.81
CA ASN F 44 76.78 35.66 61.37
C ASN F 44 76.78 35.99 59.86
N LEU F 45 75.85 36.86 59.46
CA LEU F 45 75.71 37.29 58.09
C LEU F 45 75.61 38.79 58.04
N ASN F 46 76.39 39.40 57.16
CA ASN F 46 76.33 40.84 57.01
C ASN F 46 75.97 41.19 55.60
N ILE F 47 74.71 41.61 55.40
CA ILE F 47 74.18 42.07 54.12
C ILE F 47 74.99 43.33 53.75
N SER F 48 75.75 43.84 54.75
CA SER F 48 76.67 44.96 54.70
C SER F 48 77.79 44.62 53.71
N SER F 49 78.16 43.32 53.62
CA SER F 49 79.20 42.86 52.69
C SER F 49 78.86 43.22 51.24
N VAL F 50 77.60 43.03 50.85
CA VAL F 50 77.09 43.36 49.51
C VAL F 50 77.03 44.90 49.40
N THR F 51 77.81 45.47 48.48
CA THR F 51 77.87 46.92 48.28
C THR F 51 77.29 47.36 46.94
N LYS F 52 76.90 48.64 46.87
CA LYS F 52 76.37 49.27 45.66
C LYS F 52 77.25 50.47 45.27
N ASN F 53 78.17 50.26 44.32
CA ASN F 53 79.12 51.31 43.88
C ASN F 53 78.51 52.32 42.86
N SER F 54 77.29 52.84 43.12
CA SER F 54 76.57 53.77 42.23
C SER F 54 76.47 53.26 40.77
N SER F 55 76.37 51.92 40.64
CA SER F 55 76.30 51.19 39.37
C SER F 55 74.90 51.30 38.75
N ASP F 56 74.25 50.15 38.41
CA ASP F 56 72.91 50.16 37.80
C ASP F 56 71.82 50.42 38.83
N ASP F 57 72.10 50.00 40.08
CA ASP F 57 71.37 50.21 41.31
C ASP F 57 70.16 49.33 41.46
N ASN F 58 69.38 49.61 42.52
CA ASN F 58 68.32 48.92 43.22
C ASN F 58 68.24 47.45 42.83
N LEU F 59 67.76 47.13 41.61
CA LEU F 59 67.65 45.76 41.12
C LEU F 59 68.99 45.01 41.12
N LYS F 60 70.05 45.68 40.61
CA LYS F 60 71.41 45.15 40.54
C LYS F 60 71.88 44.80 41.97
N TYR F 61 71.59 45.70 42.93
CA TYR F 61 71.91 45.51 44.34
C TYR F 61 71.14 44.34 44.88
N LEU F 62 69.82 44.31 44.65
CA LEU F 62 68.96 43.23 45.12
C LEU F 62 69.40 41.86 44.68
N ASN F 63 69.58 41.66 43.35
CA ASN F 63 70.00 40.38 42.79
C ASN F 63 71.22 39.86 43.50
N ALA F 64 72.16 40.78 43.77
CA ALA F 64 73.41 40.54 44.48
C ALA F 64 73.16 40.10 45.94
N VAL F 65 72.16 40.74 46.61
CA VAL F 65 71.82 40.37 47.98
C VAL F 65 71.21 38.98 47.95
N GLU F 66 70.25 38.71 47.02
CA GLU F 66 69.62 37.39 46.91
C GLU F 66 70.68 36.34 46.63
N LYS F 67 71.67 36.66 45.78
CA LYS F 67 72.77 35.74 45.51
C LYS F 67 73.60 35.46 46.75
N TYR F 68 73.81 36.49 47.62
CA TYR F 68 74.54 36.37 48.89
C TYR F 68 73.79 35.44 49.83
N LEU F 69 72.51 35.79 50.06
CA LEU F 69 71.61 35.05 50.93
C LEU F 69 71.42 33.64 50.45
N ASP F 70 71.51 33.41 49.12
CA ASP F 70 71.41 32.09 48.52
C ASP F 70 72.48 31.19 49.10
N GLY F 71 73.67 31.74 49.29
CA GLY F 71 74.77 31.00 49.87
C GLY F 71 74.86 31.07 51.38
N GLN F 72 73.83 31.59 52.04
CA GLN F 72 73.90 31.71 53.49
C GLN F 72 72.72 31.03 54.19
N GLN F 73 71.50 31.55 53.95
CA GLN F 73 70.24 31.08 54.50
C GLN F 73 69.84 29.73 53.90
N ASN F 74 68.97 28.99 54.60
CA ASN F 74 68.41 27.73 54.14
C ASN F 74 66.97 27.53 54.61
N PHE F 75 66.07 27.16 53.69
CA PHE F 75 64.67 26.98 54.05
C PHE F 75 64.06 25.79 53.35
N ALA F 76 63.06 25.18 53.99
CA ALA F 76 62.28 24.07 53.46
C ALA F 76 60.89 24.19 54.09
N ILE F 77 60.05 23.15 53.91
CA ILE F 77 58.73 23.01 54.54
C ILE F 77 58.68 21.58 54.94
N ARG F 78 58.83 21.23 56.22
CA ARG F 78 58.81 19.78 56.41
C ARG F 78 57.44 19.23 56.79
N ARG F 79 57.20 18.01 56.30
CA ARG F 79 55.97 17.23 56.47
C ARG F 79 56.06 16.42 57.75
N TYR F 80 55.08 16.59 58.65
CA TYR F 80 55.02 15.89 59.92
C TYR F 80 53.85 14.94 59.89
N ASP F 81 53.97 13.81 60.61
CA ASP F 81 52.91 12.82 60.71
C ASP F 81 51.87 13.30 61.67
N ASN F 82 50.71 12.63 61.71
CA ASN F 82 49.62 13.03 62.59
C ASN F 82 50.00 13.21 64.09
N ASN F 83 51.11 12.58 64.54
CA ASN F 83 51.61 12.71 65.90
C ASN F 83 52.50 13.94 66.14
N GLY F 84 52.98 14.54 65.05
CA GLY F 84 53.84 15.70 65.09
C GLY F 84 55.29 15.39 64.74
N ARG F 85 55.59 14.10 64.49
CA ARG F 85 56.95 13.68 64.14
C ARG F 85 57.26 13.99 62.71
N ALA F 86 58.42 14.60 62.45
CA ALA F 86 58.85 14.92 61.11
C ALA F 86 59.06 13.65 60.26
N LEU F 87 58.62 13.70 58.99
CA LEU F 87 58.72 12.60 58.03
C LEU F 87 59.80 12.90 56.99
N TYR F 88 59.62 13.97 56.20
CA TYR F 88 60.53 14.40 55.17
C TYR F 88 60.58 15.89 55.10
N ASP F 89 61.56 16.44 54.38
CA ASP F 89 61.82 17.85 54.41
C ASP F 89 61.37 18.73 53.23
N ILE F 90 61.50 18.32 51.96
CA ILE F 90 61.19 19.14 50.75
C ILE F 90 61.75 20.65 50.85
N ASN F 91 63.07 20.78 50.51
CA ASN F 91 63.89 22.01 50.42
C ASN F 91 64.22 22.20 48.95
N LEU F 92 63.63 23.22 48.31
CA LEU F 92 63.78 23.49 46.87
C LEU F 92 65.21 23.75 46.40
N ALA F 93 66.01 24.37 47.27
CA ALA F 93 67.39 24.68 46.95
C ALA F 93 68.24 23.42 46.86
N LYS F 94 68.03 22.45 47.77
CA LYS F 94 68.84 21.23 47.83
C LYS F 94 68.25 20.05 47.06
N MET F 95 67.12 20.26 46.35
CA MET F 95 66.54 19.20 45.53
C MET F 95 67.28 19.19 44.21
N GLU F 96 67.97 18.04 43.96
CA GLU F 96 68.84 17.76 42.79
C GLU F 96 68.06 17.30 41.55
N ASN F 97 67.07 16.44 41.77
CA ASN F 97 66.25 15.93 40.67
C ASN F 97 64.77 16.22 40.98
N PRO F 98 64.31 17.50 40.88
CA PRO F 98 62.90 17.76 41.19
C PRO F 98 62.03 17.34 40.00
N SER F 99 60.91 16.68 40.25
CA SER F 99 60.14 16.23 39.10
C SER F 99 58.70 16.71 39.09
N THR F 100 58.16 16.92 37.89
CA THR F 100 56.74 17.22 37.75
C THR F 100 56.02 15.87 37.77
N VAL F 101 54.77 15.86 38.21
CA VAL F 101 53.97 14.63 38.28
C VAL F 101 53.49 14.25 36.88
N GLN F 102 53.39 12.95 36.63
CA GLN F 102 52.85 12.40 35.39
C GLN F 102 51.36 12.56 35.49
N ARG F 103 50.68 12.88 34.40
CA ARG F 103 49.22 12.97 34.42
C ARG F 103 48.63 11.98 33.44
N GLY F 104 47.30 11.90 33.46
CA GLY F 104 46.51 11.13 32.52
C GLY F 104 46.17 12.09 31.37
N LEU F 105 45.25 11.68 30.48
CA LEU F 105 44.89 12.57 29.39
C LEU F 105 44.01 13.71 29.88
N ASN F 106 43.26 13.41 30.95
CA ASN F 106 42.31 14.30 31.64
C ASN F 106 43.02 15.35 32.48
N GLY F 107 44.30 15.12 32.74
CA GLY F 107 45.16 15.98 33.52
C GLY F 107 45.31 15.48 34.94
N GLU F 108 44.64 14.36 35.26
CA GLU F 108 44.69 13.76 36.58
C GLU F 108 46.05 13.08 36.80
N PRO F 109 46.81 13.50 37.85
CA PRO F 109 48.11 12.87 38.12
C PRO F 109 48.06 11.38 38.36
N ILE F 110 49.17 10.73 38.01
CA ILE F 110 49.35 9.29 38.09
C ILE F 110 49.79 8.97 39.51
N PHE F 111 49.02 8.09 40.25
CA PHE F 111 49.35 7.79 41.64
C PHE F 111 48.93 6.41 42.14
N ASP F 112 49.86 5.68 42.82
CA ASP F 112 49.63 4.42 43.55
C ASP F 112 49.87 4.75 45.03
N PRO F 113 49.00 4.29 45.95
CA PRO F 113 49.16 4.63 47.36
C PRO F 113 50.47 4.24 48.02
N PHE F 114 51.13 3.22 47.46
CA PHE F 114 52.36 2.67 47.97
C PHE F 114 53.57 3.11 47.17
N LYS F 115 53.47 3.07 45.83
CA LYS F 115 54.54 3.44 44.92
C LYS F 115 54.71 4.95 44.87
N GLY F 116 53.58 5.64 45.07
CA GLY F 116 53.52 7.10 45.03
C GLY F 116 53.18 7.62 43.65
N PHE F 117 53.63 8.83 43.37
CA PHE F 117 53.37 9.48 42.10
C PHE F 117 54.31 9.05 41.01
N GLY F 118 53.78 9.01 39.79
CA GLY F 118 54.55 8.79 38.59
C GLY F 118 55.28 10.08 38.28
N LEU F 119 56.60 10.02 38.09
CA LEU F 119 57.36 11.25 37.90
C LEU F 119 57.92 11.39 36.49
N THR F 120 57.72 12.57 35.90
CA THR F 120 58.15 12.87 34.54
C THR F 120 59.63 12.93 34.41
N GLY F 121 60.27 13.34 35.48
CA GLY F 121 61.71 13.48 35.49
C GLY F 121 62.12 14.83 34.94
N ASN F 122 61.16 15.73 34.82
CA ASN F 122 61.44 17.07 34.38
C ASN F 122 61.17 18.03 35.49
N ALA F 123 62.08 18.98 35.70
CA ALA F 123 61.94 19.99 36.74
C ALA F 123 60.84 20.97 36.37
N PRO F 124 60.12 21.51 37.37
CA PRO F 124 59.05 22.47 37.04
C PRO F 124 59.54 23.76 36.43
N THR F 125 58.67 24.41 35.63
CA THR F 125 58.93 25.64 34.87
C THR F 125 59.50 26.77 35.72
N ASP F 126 60.55 27.42 35.21
CA ASP F 126 61.28 28.49 35.87
C ASP F 126 61.97 27.99 37.18
N TRP F 127 62.45 26.73 37.21
CA TRP F 127 63.04 26.14 38.42
C TRP F 127 64.20 26.91 38.98
N ASN F 128 65.08 27.42 38.11
CA ASN F 128 66.26 28.11 38.60
C ASN F 128 65.95 29.36 39.44
N GLU F 129 64.87 30.11 39.07
CA GLU F 129 64.49 31.31 39.83
C GLU F 129 63.79 30.97 41.12
N ILE F 130 62.88 29.98 41.05
CA ILE F 130 62.03 29.53 42.16
C ILE F 130 62.74 28.62 43.19
N LYS F 131 63.85 27.91 42.85
CA LYS F 131 64.53 27.02 43.80
C LYS F 131 65.03 27.78 45.04
N GLY F 132 65.58 28.96 44.77
CA GLY F 132 66.13 29.87 45.78
C GLY F 132 65.11 30.57 46.67
N LYS F 133 63.80 30.51 46.28
CA LYS F 133 62.74 31.18 47.02
C LYS F 133 62.44 30.49 48.31
N VAL F 134 61.90 31.27 49.28
CA VAL F 134 61.59 30.79 50.63
C VAL F 134 60.08 30.48 50.77
N PRO F 135 59.76 29.20 51.17
CA PRO F 135 58.35 28.86 51.39
C PRO F 135 57.88 29.54 52.67
N VAL F 136 56.75 30.27 52.56
CA VAL F 136 56.15 31.07 53.63
C VAL F 136 54.72 30.65 54.01
N GLU F 137 54.03 29.85 53.15
CA GLU F 137 52.66 29.39 53.40
C GLU F 137 52.31 28.13 52.59
N VAL F 138 51.67 27.14 53.25
CA VAL F 138 51.22 25.90 52.61
C VAL F 138 49.70 25.79 52.81
N VAL F 139 48.94 25.57 51.72
CA VAL F 139 47.48 25.40 51.81
C VAL F 139 47.08 24.13 51.06
N GLN F 140 46.21 23.30 51.65
CA GLN F 140 45.82 22.07 50.97
C GLN F 140 44.49 22.19 50.23
N SER F 141 44.39 21.54 49.05
CA SER F 141 43.18 21.55 48.24
C SER F 141 42.11 20.86 49.02
N PRO F 142 40.90 21.43 49.04
CA PRO F 142 39.84 20.86 49.88
C PRO F 142 39.23 19.60 49.31
N HIS F 143 38.97 19.60 48.00
CA HIS F 143 38.35 18.51 47.28
C HIS F 143 39.36 17.54 46.72
N SER F 144 40.39 18.05 46.05
CA SER F 144 41.37 17.16 45.48
C SER F 144 42.38 16.66 46.53
N PRO F 145 42.60 15.32 46.59
CA PRO F 145 43.57 14.77 47.55
C PRO F 145 45.03 14.81 47.04
N ASN F 146 46.00 14.88 47.98
CA ASN F 146 47.44 14.94 47.71
C ASN F 146 47.83 16.26 47.08
N LEU F 147 46.87 17.16 46.86
CA LEU F 147 47.17 18.44 46.27
C LEU F 147 47.37 19.48 47.34
N TYR F 148 48.43 20.25 47.23
CA TYR F 148 48.77 21.31 48.17
C TYR F 148 49.35 22.45 47.35
N PHE F 149 49.52 23.62 47.98
CA PHE F 149 50.03 24.82 47.32
C PHE F 149 51.01 25.53 48.21
N VAL F 150 52.18 25.85 47.65
CA VAL F 150 53.20 26.54 48.39
C VAL F 150 53.33 27.99 47.93
N LEU F 151 53.60 28.90 48.89
CA LEU F 151 53.80 30.33 48.64
C LEU F 151 55.30 30.58 48.78
N LEU F 152 55.90 31.11 47.72
CA LEU F 152 57.32 31.39 47.68
C LEU F 152 57.61 32.85 47.51
N VAL F 153 58.54 33.36 48.28
CA VAL F 153 58.97 34.76 48.23
C VAL F 153 60.50 34.81 48.11
N PRO F 154 61.11 35.90 47.57
CA PRO F 154 62.59 35.96 47.50
C PRO F 154 63.19 36.04 48.92
N LYS F 155 64.45 35.52 49.11
CA LYS F 155 65.18 35.53 50.41
C LYS F 155 65.34 36.95 50.91
N VAL F 156 65.41 37.90 49.94
CA VAL F 156 65.50 39.36 50.05
C VAL F 156 64.27 39.94 50.77
N ALA F 157 63.06 39.49 50.38
CA ALA F 157 61.79 39.93 50.98
C ALA F 157 61.80 39.74 52.51
N LEU F 158 62.51 38.71 53.00
CA LEU F 158 62.64 38.46 54.43
C LEU F 158 63.59 39.48 55.08
N GLU F 159 64.83 39.63 54.52
CA GLU F 159 65.87 40.54 55.00
C GLU F 159 65.67 41.98 54.52
N TYR F 160 64.43 42.35 54.13
CA TYR F 160 64.09 43.68 53.64
C TYR F 160 64.60 44.81 54.52
N HIS F 161 64.38 44.70 55.83
CA HIS F 161 64.77 45.74 56.78
C HIS F 161 66.28 45.86 57.01
N ASN F 162 67.03 44.81 56.67
CA ASN F 162 68.47 44.79 56.85
C ASN F 162 69.24 45.24 55.61
N LEU F 163 68.53 45.70 54.56
CA LEU F 163 69.19 46.18 53.35
C LEU F 163 69.80 47.58 53.60
N ASN F 164 70.76 48.02 52.74
CA ASN F 164 71.46 49.31 52.86
C ASN F 164 70.53 50.50 53.14
N ASN F 165 70.94 51.35 54.11
CA ASN F 165 70.26 52.57 54.59
C ASN F 165 69.88 53.51 53.48
N GLN F 166 70.69 53.56 52.41
CA GLN F 166 70.43 54.41 51.24
C GLN F 166 69.43 53.77 50.28
N VAL F 167 69.22 52.45 50.37
CA VAL F 167 68.24 51.75 49.53
C VAL F 167 66.89 51.66 50.29
N VAL F 168 66.88 51.01 51.47
CA VAL F 168 65.67 50.89 52.30
C VAL F 168 65.71 51.96 53.40
N LYS F 169 64.96 53.05 53.18
CA LYS F 169 64.88 54.17 54.12
C LYS F 169 63.42 54.51 54.50
N GLU F 170 63.24 55.51 55.39
CA GLU F 170 61.94 56.02 55.84
C GLU F 170 61.47 57.20 54.96
N SER F 171 60.16 57.48 54.95
CA SER F 171 59.59 58.61 54.20
C SER F 171 59.90 59.96 54.88
N LEU F 172 60.12 59.96 56.20
CA LEU F 172 60.45 61.17 56.95
C LEU F 172 61.94 61.37 56.93
N GLU F 173 62.39 62.45 56.27
CA GLU F 173 63.80 62.78 56.11
C GLU F 173 64.44 63.10 57.45
N VAL F 174 65.50 62.34 57.77
CA VAL F 174 66.38 62.44 58.92
C VAL F 174 67.11 63.80 58.89
N LYS F 175 66.75 64.69 59.82
CA LYS F 175 67.23 66.06 59.93
C LYS F 175 68.76 66.24 60.00
N ALA F 176 69.50 65.30 60.68
CA ALA F 176 70.96 65.32 60.92
C ALA F 176 71.52 66.60 61.59
N THR F 177 70.64 67.48 62.12
CA THR F 177 71.01 68.73 62.77
C THR F 177 70.54 68.75 64.24
N GLN F 178 71.45 69.14 65.15
CA GLN F 178 71.12 69.31 66.57
C GLN F 178 71.08 70.83 66.89
N SER F 179 70.68 71.61 65.86
CA SER F 179 70.49 73.06 65.92
C SER F 179 69.41 73.45 66.92
N SER F 180 68.16 73.19 66.54
CA SER F 180 66.97 73.35 67.35
C SER F 180 65.92 72.53 66.66
N PHE F 181 65.10 71.80 67.42
CA PHE F 181 64.08 70.99 66.78
C PHE F 181 62.80 71.78 66.60
N ASN F 182 62.36 71.89 65.34
CA ASN F 182 61.11 72.54 64.98
C ASN F 182 60.39 71.57 64.06
N PRO F 183 59.28 70.95 64.54
CA PRO F 183 58.54 70.03 63.68
C PRO F 183 58.09 70.68 62.36
N THR F 184 57.58 71.92 62.43
CA THR F 184 57.08 72.72 61.28
C THR F 184 58.12 73.07 60.22
N GLN F 185 59.40 72.73 60.44
CA GLN F 185 60.46 73.09 59.51
C GLN F 185 60.23 72.50 58.10
N ARG F 186 59.73 71.26 57.99
CA ARG F 186 59.47 70.63 56.68
C ARG F 186 58.16 71.09 56.05
N LEU F 187 57.23 71.60 56.88
CA LEU F 187 55.88 72.02 56.56
C LEU F 187 55.75 73.37 55.81
N GLN F 188 54.81 73.42 54.83
CA GLN F 188 54.46 74.62 54.06
C GLN F 188 53.27 75.22 54.82
N LYS F 189 53.48 76.38 55.48
CA LYS F 189 52.48 77.00 56.35
C LYS F 189 51.99 78.41 55.94
N ASP F 190 52.53 79.01 54.86
CA ASP F 190 52.12 80.35 54.44
C ASP F 190 50.84 80.37 53.62
N SER F 191 49.77 80.87 54.26
CA SER F 191 48.41 80.97 53.72
C SER F 191 48.33 81.79 52.42
N PRO F 192 47.40 81.44 51.49
CA PRO F 192 47.28 82.22 50.24
C PRO F 192 46.78 83.65 50.44
N VAL F 193 46.94 84.48 49.41
CA VAL F 193 46.58 85.91 49.43
C VAL F 193 45.73 86.27 48.22
N LYS F 194 45.04 87.44 48.23
CA LYS F 194 44.24 87.84 47.06
C LYS F 194 45.18 88.13 45.89
N ASP F 195 44.86 87.59 44.71
CA ASP F 195 45.76 87.66 43.57
C ASP F 195 45.92 89.06 42.91
N SER F 196 44.94 89.98 42.95
CA SER F 196 44.93 91.33 42.36
C SER F 196 45.06 91.32 40.83
N SER F 197 45.90 90.43 40.25
CA SER F 197 46.13 90.24 38.81
C SER F 197 44.80 90.09 38.08
N LYS F 198 43.91 89.25 38.64
CA LYS F 198 42.58 89.09 38.11
C LYS F 198 41.58 88.92 39.23
N GLN F 199 40.76 89.95 39.40
CA GLN F 199 39.68 89.99 40.38
C GLN F 199 38.37 89.79 39.62
N GLY F 200 38.50 89.60 38.31
CA GLY F 200 37.40 89.27 37.41
C GLY F 200 37.05 87.80 37.60
N GLU F 201 37.95 87.07 38.30
CA GLU F 201 37.85 85.67 38.68
C GLU F 201 37.06 85.51 40.01
N LYS F 202 36.62 86.64 40.61
CA LYS F 202 35.80 86.63 41.82
C LYS F 202 34.37 86.45 41.31
N LEU F 203 33.61 85.52 41.91
CA LEU F 203 32.23 85.21 41.51
C LEU F 203 31.28 86.40 41.55
N SER F 204 30.32 86.44 40.61
CA SER F 204 29.34 87.52 40.47
C SER F 204 28.04 87.21 41.20
N GLU F 205 27.32 88.26 41.65
CA GLU F 205 26.02 88.13 42.32
C GLU F 205 24.93 87.96 41.26
N THR F 206 23.77 87.38 41.64
CA THR F 206 22.65 87.24 40.72
C THR F 206 21.99 88.60 40.55
N THR F 207 21.45 88.88 39.35
CA THR F 207 20.81 90.14 39.02
C THR F 207 19.46 90.32 39.76
N ALA F 208 18.37 89.65 39.32
CA ALA F 208 17.03 89.75 39.92
C ALA F 208 16.24 88.43 39.82
N SER F 209 14.91 88.49 40.02
CA SER F 209 14.02 87.31 39.94
C SER F 209 13.06 87.41 38.76
N SER F 213 4.87 88.79 43.66
CA SER F 213 5.32 87.43 43.37
C SER F 213 5.71 86.69 44.66
N GLY F 214 7.01 86.40 44.83
CA GLY F 214 7.56 85.71 45.99
C GLY F 214 7.26 86.42 47.29
N MET F 215 6.65 85.68 48.23
CA MET F 215 6.27 86.21 49.54
C MET F 215 7.43 86.70 50.39
N ALA F 216 8.38 85.84 50.80
CA ALA F 216 9.45 86.33 51.67
C ALA F 216 10.60 87.04 50.94
N THR F 217 11.15 88.10 51.57
CA THR F 217 12.27 88.91 51.05
C THR F 217 13.21 89.38 52.18
N SER F 218 14.49 89.61 51.85
CA SER F 218 15.52 90.09 52.78
C SER F 218 16.61 90.91 52.10
N THR F 219 17.28 91.76 52.89
CA THR F 219 18.34 92.67 52.47
C THR F 219 19.74 92.00 52.41
N ARG F 220 19.80 90.68 52.66
CA ARG F 220 21.08 89.95 52.64
C ARG F 220 21.64 89.81 51.25
N ALA F 221 22.97 90.03 51.12
CA ALA F 221 23.76 89.96 49.88
C ALA F 221 23.35 88.76 49.04
N LYS F 222 22.94 89.02 47.79
CA LYS F 222 22.48 88.00 46.83
C LYS F 222 23.47 86.84 46.62
N ALA F 223 22.95 85.65 46.23
CA ALA F 223 23.76 84.44 45.97
C ALA F 223 24.77 84.68 44.84
N LEU F 224 25.86 83.92 44.84
CA LEU F 224 26.90 84.03 43.83
C LEU F 224 26.67 83.01 42.73
N LYS F 225 26.65 83.45 41.48
CA LYS F 225 26.40 82.54 40.36
C LYS F 225 27.67 81.89 39.83
N VAL F 226 27.59 80.56 39.63
CA VAL F 226 28.62 79.67 39.10
C VAL F 226 28.07 79.16 37.77
N GLU F 227 28.43 79.85 36.69
CA GLU F 227 27.98 79.57 35.35
C GLU F 227 29.00 78.75 34.58
N VAL F 228 28.55 77.70 33.89
CA VAL F 228 29.41 76.83 33.08
C VAL F 228 28.70 76.52 31.75
N GLU F 229 29.31 76.94 30.63
CA GLU F 229 28.79 76.73 29.28
C GLU F 229 29.90 76.20 28.40
N ARG F 230 29.59 75.22 27.55
CA ARG F 230 30.58 74.56 26.69
C ARG F 230 31.10 75.43 25.56
N GLY F 231 30.19 75.94 24.72
CA GLY F 231 30.56 76.73 23.55
C GLY F 231 31.14 75.85 22.45
N SER F 232 31.60 76.47 21.36
CA SER F 232 32.18 75.71 20.24
C SER F 232 33.69 75.85 20.16
N GLN F 233 34.38 75.33 21.18
CA GLN F 233 35.84 75.35 21.22
C GLN F 233 36.41 74.01 21.62
N SER F 234 37.52 73.63 20.98
CA SER F 234 38.19 72.35 21.20
C SER F 234 38.89 72.28 22.57
N ASP F 235 39.51 73.39 23.00
CA ASP F 235 40.28 73.48 24.25
C ASP F 235 39.69 74.43 25.28
N SER F 236 38.70 75.22 24.90
CA SER F 236 38.12 76.21 25.81
C SER F 236 36.61 76.10 26.01
N LEU F 237 36.15 76.59 27.17
CA LEU F 237 34.74 76.62 27.53
C LEU F 237 34.23 78.03 27.40
N LEU F 238 32.96 78.19 26.97
CA LEU F 238 32.29 79.49 26.85
C LEU F 238 32.30 80.19 28.21
N LYS F 239 31.99 79.43 29.27
CA LYS F 239 31.99 79.87 30.67
C LYS F 239 32.51 78.70 31.52
N ASN F 240 33.32 79.00 32.54
CA ASN F 240 33.90 77.99 33.43
C ASN F 240 34.17 78.64 34.78
N ASP F 241 33.10 78.99 35.51
CA ASP F 241 33.20 79.67 36.80
C ASP F 241 33.88 78.85 37.91
N PHE F 242 33.81 77.50 37.86
CA PHE F 242 34.46 76.69 38.89
C PHE F 242 36.00 76.85 38.86
N ALA F 243 36.56 77.14 37.66
CA ALA F 243 37.98 77.33 37.45
C ALA F 243 38.50 78.63 38.05
N LYS F 244 37.61 79.64 38.17
CA LYS F 244 37.88 80.99 38.69
C LYS F 244 38.56 80.95 40.07
N LYS F 245 39.87 81.30 40.05
CA LYS F 245 40.80 81.31 41.19
C LYS F 245 41.29 82.76 41.47
N PRO F 246 40.53 83.58 42.22
CA PRO F 246 41.00 84.95 42.51
C PRO F 246 41.97 85.04 43.69
N LEU F 247 42.64 83.92 44.04
CA LEU F 247 43.65 83.86 45.08
C LEU F 247 44.95 83.29 44.50
N LYS F 248 46.06 83.41 45.26
CA LYS F 248 47.37 82.93 44.83
C LYS F 248 48.30 82.65 46.01
N HIS F 249 49.25 81.71 45.83
CA HIS F 249 50.25 81.30 46.81
C HIS F 249 51.08 82.49 47.27
N LYS F 250 51.43 82.54 48.56
CA LYS F 250 52.29 83.57 49.16
C LYS F 250 53.62 83.58 48.40
N ASN F 251 54.08 84.77 47.97
CA ASN F 251 55.34 84.87 47.22
C ASN F 251 56.49 85.36 48.09
N SER F 252 57.33 84.40 48.54
CA SER F 252 58.52 84.64 49.35
C SER F 252 59.74 84.63 48.41
N SER F 253 59.68 85.49 47.34
CA SER F 253 60.65 85.59 46.22
C SER F 253 60.77 84.21 45.54
N GLY F 254 59.71 83.42 45.75
CA GLY F 254 59.49 82.05 45.33
C GLY F 254 58.28 81.55 46.10
N GLU F 255 57.23 81.14 45.36
CA GLU F 255 55.94 80.67 45.87
C GLU F 255 56.01 79.67 47.02
N VAL F 256 55.10 79.80 47.99
CA VAL F 256 54.96 78.86 49.11
C VAL F 256 53.88 77.90 48.63
N LYS F 257 54.32 76.89 47.88
CA LYS F 257 53.51 75.85 47.27
C LYS F 257 54.21 74.50 47.41
N LEU F 258 53.49 73.40 47.17
CA LEU F 258 54.01 72.05 47.27
C LEU F 258 54.75 71.64 45.98
N GLU F 259 56.10 71.55 46.08
CA GLU F 259 56.99 71.16 44.98
C GLU F 259 57.80 69.96 45.42
N ALA F 260 57.58 68.81 44.76
CA ALA F 260 58.26 67.55 45.09
C ALA F 260 59.75 67.59 44.78
N GLU F 261 60.13 68.37 43.76
CA GLU F 261 61.51 68.55 43.31
C GLU F 261 62.35 69.15 44.43
N LYS F 262 61.91 70.31 44.94
CA LYS F 262 62.58 71.05 46.01
C LYS F 262 62.49 70.38 47.39
N GLU F 263 61.29 69.90 47.78
CA GLU F 263 61.05 69.30 49.09
C GLU F 263 61.65 67.90 49.29
N PHE F 264 61.52 67.01 48.29
CA PHE F 264 62.03 65.63 48.38
C PHE F 264 63.29 65.45 47.57
N THR F 265 64.39 65.98 48.11
CA THR F 265 65.75 65.94 47.54
C THR F 265 66.31 64.52 47.62
N GLU F 266 66.08 63.85 48.76
CA GLU F 266 66.46 62.46 49.00
C GLU F 266 65.15 61.68 49.12
N ALA F 267 64.30 61.83 48.08
CA ALA F 267 62.97 61.26 47.94
C ALA F 267 62.88 59.77 48.21
N TRP F 268 61.84 59.35 48.97
CA TRP F 268 61.57 57.95 49.26
C TRP F 268 61.07 57.32 47.97
N LYS F 269 61.67 56.20 47.61
CA LYS F 269 61.28 55.45 46.42
C LYS F 269 61.22 53.93 46.77
N PRO F 270 60.32 53.17 46.12
CA PRO F 270 60.20 51.73 46.45
C PRO F 270 61.39 50.90 45.99
N LEU F 271 61.62 49.72 46.60
CA LEU F 271 62.73 48.85 46.24
C LEU F 271 62.74 48.50 44.77
N LEU F 272 61.57 48.16 44.22
CA LEU F 272 61.40 47.81 42.81
C LEU F 272 60.07 48.32 42.30
N THR F 273 60.02 48.82 41.04
CA THR F 273 58.78 49.30 40.41
C THR F 273 57.94 48.10 40.06
N THR F 274 56.62 48.31 39.91
CA THR F 274 55.65 47.28 39.55
C THR F 274 56.10 46.47 38.32
N ASP F 275 56.70 47.14 37.32
CA ASP F 275 57.18 46.50 36.10
C ASP F 275 58.40 45.63 36.33
N GLN F 276 59.30 46.04 37.26
CA GLN F 276 60.49 45.27 37.65
C GLN F 276 60.04 43.96 38.27
N ILE F 277 59.11 44.00 39.28
CA ILE F 277 58.57 42.81 39.95
C ILE F 277 57.86 41.91 38.94
N ALA F 278 57.19 42.52 37.95
CA ALA F 278 56.50 41.81 36.89
C ALA F 278 57.50 41.06 35.99
N ARG F 279 58.58 41.75 35.52
CA ARG F 279 59.62 41.18 34.66
C ARG F 279 60.47 40.17 35.41
N GLU F 280 61.12 40.61 36.50
CA GLU F 280 62.02 39.80 37.31
C GLU F 280 61.30 38.71 38.09
N LYS F 281 61.20 37.54 37.41
CA LYS F 281 60.54 36.32 37.87
C LYS F 281 60.94 35.90 39.27
N GLY F 282 62.22 35.98 39.58
CA GLY F 282 62.73 35.63 40.89
C GLY F 282 62.42 36.64 41.99
N MET F 283 62.21 37.93 41.61
CA MET F 283 61.95 39.00 42.59
C MET F 283 60.49 39.08 43.04
N GLY F 284 59.61 38.27 42.44
CA GLY F 284 58.20 38.22 42.81
C GLY F 284 57.78 36.97 43.57
N ALA F 285 56.58 37.00 44.13
CA ALA F 285 55.99 35.86 44.83
C ALA F 285 55.47 34.84 43.81
N THR F 286 55.65 33.55 44.13
CA THR F 286 55.24 32.45 43.25
C THR F 286 54.40 31.45 44.03
N VAL F 287 53.39 30.89 43.38
CA VAL F 287 52.55 29.86 43.97
C VAL F 287 52.71 28.57 43.19
N VAL F 288 53.35 27.57 43.85
CA VAL F 288 53.63 26.28 43.25
C VAL F 288 52.73 25.18 43.82
N SER F 289 51.87 24.62 42.92
CA SER F 289 50.98 23.49 43.10
C SER F 289 51.89 22.26 43.20
N PHE F 290 51.73 21.46 44.24
CA PHE F 290 52.52 20.23 44.37
C PHE F 290 51.67 19.08 44.93
N TYR F 291 52.19 17.85 44.82
CA TYR F 291 51.53 16.62 45.24
C TYR F 291 52.28 15.97 46.40
N ASP F 292 51.52 15.31 47.31
CA ASP F 292 52.07 14.77 48.55
C ASP F 292 51.28 13.65 49.23
N ALA F 293 51.88 12.45 49.22
CA ALA F 293 51.40 11.22 49.84
C ALA F 293 52.56 10.73 50.74
N PRO F 294 52.50 10.91 52.07
CA PRO F 294 53.68 10.65 52.90
C PRO F 294 54.13 9.22 53.05
N TYR F 295 53.18 8.29 53.04
CA TYR F 295 53.58 6.92 53.28
C TYR F 295 53.89 6.17 52.00
N SER F 296 53.87 6.90 50.86
CA SER F 296 54.20 6.34 49.55
C SER F 296 55.69 6.48 49.25
N GLU F 297 56.20 5.73 48.26
CA GLU F 297 57.61 5.71 47.85
C GLU F 297 58.00 7.06 47.24
N ASN F 298 57.44 7.41 46.06
CA ASN F 298 57.68 8.69 45.41
C ASN F 298 56.61 9.59 45.97
N HIS F 299 56.85 10.11 47.18
CA HIS F 299 55.89 10.89 47.96
C HIS F 299 55.71 12.34 47.56
N THR F 300 56.69 12.93 46.91
CA THR F 300 56.55 14.33 46.51
C THR F 300 56.73 14.41 44.99
N ALA F 301 55.95 15.29 44.34
CA ALA F 301 55.94 15.58 42.91
C ALA F 301 55.44 17.01 42.74
N PHE F 302 55.95 17.71 41.73
CA PHE F 302 55.53 19.08 41.47
C PHE F 302 54.41 19.16 40.44
N GLY F 303 53.71 20.28 40.43
CA GLY F 303 52.60 20.48 39.51
C GLY F 303 52.70 21.69 38.62
N LEU F 304 52.16 22.83 39.09
CA LEU F 304 52.02 24.09 38.35
C LEU F 304 52.73 25.21 39.08
N VAL F 305 53.66 25.90 38.41
CA VAL F 305 54.39 27.04 38.97
C VAL F 305 53.88 28.37 38.32
N ASP F 306 53.20 29.21 39.15
CA ASP F 306 52.57 30.47 38.75
C ASP F 306 53.11 31.62 39.54
N HIS F 307 53.59 32.61 38.81
CA HIS F 307 54.12 33.82 39.42
C HIS F 307 52.98 34.79 39.63
N ILE F 308 52.96 35.47 40.78
CA ILE F 308 51.91 36.42 41.11
C ILE F 308 52.26 37.79 40.51
N ASP F 309 51.93 37.97 39.22
CA ASP F 309 52.23 39.19 38.47
C ASP F 309 51.51 40.39 39.10
N PRO F 310 52.27 41.40 39.64
CA PRO F 310 51.59 42.57 40.23
C PRO F 310 50.73 43.31 39.20
N LYS F 311 51.17 43.30 37.91
CA LYS F 311 50.48 43.91 36.77
C LYS F 311 49.09 43.35 36.55
N LYS F 312 48.86 42.06 36.90
CA LYS F 312 47.55 41.41 36.81
C LYS F 312 46.50 42.06 37.72
N MET F 313 46.94 42.61 38.88
CA MET F 313 46.11 43.32 39.86
C MET F 313 45.93 44.76 39.38
N VAL F 314 47.04 45.40 38.97
CA VAL F 314 47.09 46.78 38.50
C VAL F 314 46.20 46.97 37.26
N GLU F 315 46.12 45.95 36.39
CA GLU F 315 45.25 45.91 35.22
C GLU F 315 43.79 46.10 35.61
N ASN F 316 43.36 45.49 36.72
CA ASN F 316 41.97 45.56 37.19
C ASN F 316 41.70 46.67 38.21
N TYR F 317 42.58 47.69 38.25
CA TYR F 317 42.34 48.86 39.10
C TYR F 317 41.32 49.74 38.37
N PRO F 318 40.44 50.48 39.10
CA PRO F 318 39.53 51.42 38.43
C PRO F 318 40.28 52.44 37.56
N PRO F 319 39.65 53.03 36.50
CA PRO F 319 40.37 54.02 35.68
C PRO F 319 40.59 55.36 36.41
N SER F 320 39.89 55.50 37.58
CA SER F 320 39.91 56.62 38.52
C SER F 320 41.33 56.76 39.01
N TRP F 321 41.95 55.59 39.25
CA TRP F 321 43.28 55.35 39.83
C TRP F 321 44.47 55.70 38.93
N LYS F 322 44.25 55.94 37.61
CA LYS F 322 45.27 56.36 36.65
C LYS F 322 45.60 57.85 36.87
N THR F 323 44.64 58.57 37.46
CA THR F 323 44.67 60.00 37.74
C THR F 323 44.27 60.21 39.22
N PRO F 324 45.12 59.84 40.19
CA PRO F 324 44.69 59.93 41.59
C PRO F 324 44.97 61.26 42.30
N LYS F 325 45.58 62.23 41.59
CA LYS F 325 45.86 63.58 42.11
C LYS F 325 44.64 64.48 41.82
N TRP F 326 43.55 63.88 41.30
CA TRP F 326 42.31 64.52 40.87
C TRP F 326 41.13 63.72 41.40
N ASN F 327 39.91 64.32 41.37
CA ASN F 327 38.66 63.67 41.76
C ASN F 327 37.48 64.20 40.93
N HIS F 328 36.29 63.55 41.05
CA HIS F 328 35.11 63.90 40.26
C HIS F 328 34.66 65.36 40.42
N HIS F 329 34.92 66.00 41.60
CA HIS F 329 34.60 67.43 41.85
C HIS F 329 35.47 68.32 40.96
N GLY F 330 36.66 67.81 40.64
CA GLY F 330 37.59 68.42 39.72
C GLY F 330 38.31 69.70 40.10
N ILE F 331 38.28 70.66 39.16
CA ILE F 331 39.00 71.91 39.18
C ILE F 331 38.61 72.81 40.36
N TRP F 332 37.32 72.85 40.78
CA TRP F 332 36.99 73.72 41.92
C TRP F 332 37.72 73.27 43.17
N ASP F 333 37.69 71.96 43.42
CA ASP F 333 38.31 71.32 44.57
C ASP F 333 39.83 71.31 44.44
N TYR F 334 40.35 71.16 43.19
CA TYR F 334 41.79 71.15 42.96
C TYR F 334 42.44 72.43 43.45
N ASN F 335 41.98 73.58 42.92
CA ASN F 335 42.48 74.91 43.26
C ASN F 335 42.31 75.16 44.75
N ALA F 336 41.09 74.89 45.29
CA ALA F 336 40.76 75.05 46.71
C ALA F 336 41.74 74.33 47.65
N ARG F 337 41.98 73.01 47.44
CA ARG F 337 42.92 72.18 48.21
C ARG F 337 44.34 72.71 48.00
N ASN F 338 44.76 72.84 46.72
CA ASN F 338 46.07 73.30 46.30
C ASN F 338 46.50 74.58 47.02
N LEU F 339 45.64 75.63 46.97
CA LEU F 339 45.87 76.93 47.61
C LEU F 339 45.97 76.82 49.10
N LEU F 340 45.11 75.98 49.70
CA LEU F 340 45.06 75.73 51.14
C LEU F 340 46.23 74.84 51.62
N LEU F 341 47.27 74.64 50.75
CA LEU F 341 48.48 73.82 50.99
C LEU F 341 48.12 72.42 51.51
N GLN F 342 47.16 71.82 50.82
CA GLN F 342 46.57 70.53 51.11
C GLN F 342 46.89 69.63 49.91
N THR F 343 46.83 68.32 50.13
CA THR F 343 47.03 67.33 49.09
C THR F 343 45.79 67.27 48.21
N THR F 344 45.95 67.18 46.89
CA THR F 344 44.80 67.10 45.98
C THR F 344 44.45 65.63 45.68
N GLY F 345 43.24 65.40 45.19
CA GLY F 345 42.76 64.06 44.83
C GLY F 345 42.18 63.21 45.93
N PHE F 346 42.14 61.88 45.68
CA PHE F 346 41.61 60.86 46.59
C PHE F 346 42.69 59.90 47.09
N PHE F 347 43.84 59.87 46.39
CA PHE F 347 44.99 59.05 46.69
C PHE F 347 46.22 59.76 46.12
N ASN F 348 46.76 60.71 46.88
CA ASN F 348 47.89 61.51 46.46
C ASN F 348 49.23 60.92 46.86
N PRO F 349 50.22 60.90 45.92
CA PRO F 349 51.53 60.34 46.26
C PRO F 349 52.11 60.88 47.54
N ARG F 350 51.98 62.21 47.79
CA ARG F 350 52.43 62.89 49.01
C ARG F 350 51.87 62.22 50.29
N ARG F 351 50.58 61.79 50.26
CA ARG F 351 49.99 61.10 51.40
C ARG F 351 50.47 59.65 51.51
N HIS F 352 50.25 58.86 50.44
CA HIS F 352 50.61 57.44 50.37
C HIS F 352 51.58 57.15 49.21
N PRO F 353 52.90 57.40 49.39
CA PRO F 353 53.84 57.15 48.29
C PRO F 353 54.16 55.67 48.04
N GLU F 354 53.80 54.79 49.00
CA GLU F 354 54.05 53.34 48.96
C GLU F 354 53.50 52.67 47.70
N TRP F 355 52.40 53.25 47.13
CA TRP F 355 51.69 52.72 45.96
C TRP F 355 52.11 53.35 44.62
N PHE F 356 53.01 54.33 44.64
CA PHE F 356 53.48 54.98 43.41
C PHE F 356 54.84 54.50 43.03
N ASP F 357 54.99 54.05 41.76
CA ASP F 357 56.24 53.51 41.24
C ASP F 357 57.45 54.45 41.48
N GLU F 358 57.26 55.78 41.33
CA GLU F 358 58.32 56.76 41.57
C GLU F 358 58.29 57.41 42.96
N GLY F 359 57.59 56.78 43.91
CA GLY F 359 57.48 57.26 45.29
C GLY F 359 57.24 58.75 45.47
N GLN F 360 58.00 59.36 46.41
CA GLN F 360 57.93 60.79 46.77
C GLN F 360 58.27 61.77 45.63
N ALA F 361 58.86 61.27 44.52
CA ALA F 361 59.20 62.08 43.33
C ALA F 361 57.99 62.80 42.74
N LYS F 362 56.81 62.20 42.88
CA LYS F 362 55.57 62.78 42.40
C LYS F 362 54.72 63.29 43.58
N ALA F 363 55.35 63.49 44.77
CA ALA F 363 54.69 63.96 46.00
C ALA F 363 54.40 65.49 46.02
N ASP F 364 53.50 65.92 45.12
CA ASP F 364 52.99 67.28 44.95
C ASP F 364 51.66 67.21 44.21
N ASN F 365 51.14 68.33 43.70
CA ASN F 365 49.86 68.30 43.02
C ASN F 365 49.98 68.46 41.50
N THR F 366 51.21 68.71 41.01
CA THR F 366 51.54 68.93 39.59
C THR F 366 51.11 67.79 38.67
N SER F 367 50.79 68.13 37.39
CA SER F 367 50.32 67.22 36.34
C SER F 367 49.27 66.20 36.85
N PRO F 368 48.05 66.65 37.28
CA PRO F 368 47.07 65.69 37.81
C PRO F 368 46.36 64.85 36.74
N GLY F 369 46.59 65.21 35.47
CA GLY F 369 46.00 64.56 34.30
C GLY F 369 44.93 65.45 33.68
N PHE F 370 44.86 66.68 34.19
CA PHE F 370 43.90 67.70 33.79
C PHE F 370 44.58 69.08 33.81
N LYS F 371 44.38 69.89 32.74
CA LYS F 371 44.96 71.23 32.60
C LYS F 371 44.59 72.12 33.78
N VAL F 372 45.60 72.59 34.51
CA VAL F 372 45.43 73.44 35.68
C VAL F 372 46.36 74.65 35.60
N GLY F 373 45.89 75.78 36.14
CA GLY F 373 46.64 77.03 36.19
C GLY F 373 47.04 77.65 34.87
N ASP F 374 46.23 77.45 33.81
CA ASP F 374 46.48 78.04 32.50
C ASP F 374 46.22 79.55 32.59
N THR F 375 46.91 80.35 31.74
CA THR F 375 46.82 81.82 31.65
C THR F 375 45.36 82.30 31.56
N ASP F 376 44.52 81.51 30.86
CA ASP F 376 43.08 81.69 30.69
C ASP F 376 42.42 80.53 31.41
N HIS F 377 41.68 80.82 32.50
CA HIS F 377 41.03 79.82 33.33
C HIS F 377 40.00 78.94 32.59
N LYS F 378 39.31 79.47 31.56
CA LYS F 378 38.31 78.66 30.85
C LYS F 378 38.94 77.62 29.90
N LYS F 379 40.25 77.34 30.08
CA LYS F 379 41.01 76.32 29.36
C LYS F 379 41.37 75.20 30.36
N ASP F 380 41.12 75.43 31.68
CA ASP F 380 41.37 74.50 32.78
C ASP F 380 40.31 73.37 32.86
N GLY F 381 40.67 72.29 33.55
CA GLY F 381 39.79 71.14 33.79
C GLY F 381 39.57 70.22 32.60
N PHE F 382 40.42 70.32 31.57
CA PHE F 382 40.39 69.47 30.38
C PHE F 382 41.39 68.35 30.53
N LYS F 383 41.04 67.16 30.04
CA LYS F 383 41.87 65.96 30.12
C LYS F 383 43.20 66.17 29.41
N LYS F 384 44.30 66.04 30.17
CA LYS F 384 45.67 66.13 29.67
C LYS F 384 46.44 64.86 30.06
N ASN F 385 47.71 64.78 29.68
CA ASN F 385 48.56 63.62 29.98
C ASN F 385 49.01 63.56 31.45
N SER F 386 48.87 62.37 32.05
CA SER F 386 49.29 62.08 33.43
C SER F 386 50.54 61.20 33.42
N SER F 387 51.25 61.18 34.55
CA SER F 387 52.47 60.41 34.78
C SER F 387 52.55 60.01 36.27
N SER F 388 51.38 59.98 36.93
CA SER F 388 51.28 59.65 38.35
C SER F 388 50.23 58.54 38.72
N PRO F 389 50.05 57.43 37.96
CA PRO F 389 49.05 56.44 38.37
C PRO F 389 49.40 55.59 39.60
N ILE F 390 48.36 54.98 40.21
CA ILE F 390 48.49 54.04 41.33
C ILE F 390 49.02 52.76 40.71
N ALA F 391 50.01 52.14 41.35
CA ALA F 391 50.63 50.92 40.89
C ALA F 391 50.70 49.93 42.06
N LEU F 392 51.72 49.04 42.06
CA LEU F 392 51.95 48.05 43.12
C LEU F 392 53.47 47.78 43.26
N PRO F 393 54.23 48.75 43.81
CA PRO F 393 55.68 48.56 43.96
C PRO F 393 56.01 47.57 45.06
N PHE F 394 57.27 47.07 45.08
CA PHE F 394 57.83 46.04 45.99
C PHE F 394 57.20 46.03 47.40
N GLU F 395 57.26 47.21 48.04
CA GLU F 395 56.76 47.56 49.36
C GLU F 395 55.30 47.12 49.55
N ALA F 396 54.38 47.74 48.78
CA ALA F 396 52.95 47.47 48.79
C ALA F 396 52.60 46.08 48.27
N TYR F 397 53.43 45.58 47.31
CA TYR F 397 53.26 44.28 46.68
C TYR F 397 53.39 43.14 47.68
N PHE F 398 54.54 43.06 48.37
CA PHE F 398 54.81 42.01 49.35
C PHE F 398 53.92 42.11 50.59
N ALA F 399 53.38 43.31 50.87
CA ALA F 399 52.42 43.53 51.94
C ALA F 399 51.13 42.72 51.60
N ASN F 400 50.86 42.54 50.26
CA ASN F 400 49.72 41.79 49.72
C ASN F 400 50.09 40.32 49.40
N ILE F 401 51.23 39.85 49.92
CA ILE F 401 51.65 38.47 49.75
C ILE F 401 51.54 37.75 51.08
N GLY F 402 50.57 36.87 51.14
CA GLY F 402 50.25 36.07 52.32
C GLY F 402 48.76 35.75 52.35
N ASN F 403 48.33 35.00 53.38
CA ASN F 403 46.95 34.57 53.64
C ASN F 403 46.24 34.09 52.35
N MET F 404 46.59 32.84 51.94
CA MET F 404 46.06 32.16 50.76
C MET F 404 45.07 31.04 51.16
N VAL F 405 43.93 30.91 50.43
CA VAL F 405 42.87 29.89 50.63
C VAL F 405 42.38 29.25 49.32
N ALA F 406 42.17 27.91 49.36
CA ALA F 406 41.71 27.14 48.21
C ALA F 406 40.22 26.87 48.27
N ILE F 407 39.48 27.47 47.34
CA ILE F 407 38.03 27.30 47.28
C ILE F 407 37.73 26.80 45.89
N GLY F 408 37.34 25.52 45.82
CA GLY F 408 37.05 24.83 44.57
C GLY F 408 38.26 24.72 43.66
N ASN F 409 38.10 25.10 42.39
CA ASN F 409 39.22 25.03 41.46
C ASN F 409 40.13 26.29 41.47
N SER F 410 39.95 27.18 42.47
CA SER F 410 40.77 28.38 42.59
C SER F 410 41.54 28.49 43.92
N VAL F 411 42.66 29.25 43.89
CA VAL F 411 43.48 29.58 45.05
C VAL F 411 43.57 31.08 45.14
N PHE F 412 43.24 31.62 46.32
CA PHE F 412 43.19 33.05 46.57
C PHE F 412 44.26 33.52 47.54
N ILE F 413 44.84 34.72 47.29
CA ILE F 413 45.84 35.38 48.13
C ILE F 413 45.25 36.73 48.58
N PHE F 414 44.91 36.84 49.85
CA PHE F 414 44.30 38.05 50.41
C PHE F 414 45.29 39.06 50.95
N GLY F 415 46.50 38.60 51.20
CA GLY F 415 47.59 39.44 51.67
C GLY F 415 47.92 39.31 53.14
N GLY F 416 49.04 39.90 53.55
CA GLY F 416 49.51 39.87 54.92
C GLY F 416 49.28 41.15 55.68
N ASN F 417 49.85 41.25 56.90
CA ASN F 417 49.75 42.43 57.76
C ASN F 417 50.66 43.58 57.27
N GLY F 418 51.48 43.30 56.25
CA GLY F 418 52.40 44.27 55.67
C GLY F 418 53.65 44.57 56.48
N HIS F 419 53.94 43.78 57.54
CA HIS F 419 55.11 43.98 58.39
C HIS F 419 56.43 43.69 57.71
N ALA F 420 56.41 42.82 56.68
CA ALA F 420 57.59 42.42 55.93
C ALA F 420 58.27 43.60 55.26
N THR F 421 57.49 44.64 54.86
CA THR F 421 57.99 45.87 54.21
C THR F 421 57.71 47.17 55.02
N LYS F 422 57.00 47.07 56.17
CA LYS F 422 56.66 48.23 57.01
C LYS F 422 57.83 48.83 57.78
N MET F 423 58.04 50.14 57.58
CA MET F 423 59.02 50.99 58.25
C MET F 423 58.19 51.84 59.26
N PHE F 424 58.83 52.69 60.09
CA PHE F 424 58.11 53.52 61.07
C PHE F 424 57.27 54.56 60.40
N THR F 425 57.72 55.05 59.24
CA THR F 425 57.01 56.09 58.48
C THR F 425 56.36 55.57 57.17
N THR F 426 56.20 54.24 57.05
CA THR F 426 55.54 53.65 55.88
C THR F 426 54.37 52.80 56.33
N ASN F 427 53.37 52.64 55.46
CA ASN F 427 52.19 51.81 55.75
C ASN F 427 51.84 50.91 54.57
N PRO F 428 52.73 49.93 54.21
CA PRO F 428 52.42 49.03 53.07
C PRO F 428 51.29 48.09 53.45
N LEU F 429 50.26 48.01 52.60
CA LEU F 429 49.09 47.20 52.89
C LEU F 429 48.54 46.43 51.69
N SER F 430 47.67 45.43 51.97
CA SER F 430 47.03 44.60 50.95
C SER F 430 45.91 45.43 50.31
N ILE F 431 46.09 45.78 49.04
CA ILE F 431 45.15 46.59 48.26
C ILE F 431 43.98 45.76 47.69
N GLY F 432 44.20 44.45 47.48
CA GLY F 432 43.20 43.54 46.95
C GLY F 432 43.46 42.06 47.16
N VAL F 433 42.83 41.21 46.30
CA VAL F 433 42.93 39.74 46.31
C VAL F 433 43.48 39.26 44.97
N PHE F 434 44.36 38.25 45.03
CA PHE F 434 44.93 37.57 43.86
C PHE F 434 44.27 36.19 43.75
N ARG F 435 43.99 35.70 42.51
CA ARG F 435 43.37 34.39 42.37
C ARG F 435 43.87 33.59 41.18
N ILE F 436 44.48 32.43 41.50
CA ILE F 436 44.91 31.48 40.51
C ILE F 436 43.77 30.49 40.29
N LYS F 437 43.13 30.59 39.10
CA LYS F 437 42.04 29.73 38.67
C LYS F 437 42.61 28.52 37.87
N TYR F 438 42.69 27.37 38.56
CA TYR F 438 43.19 26.11 38.03
C TYR F 438 42.13 25.35 37.27
N THR F 439 42.52 24.72 36.15
CA THR F 439 41.61 23.98 35.28
C THR F 439 42.17 22.58 34.97
N ASP F 440 41.37 21.74 34.31
CA ASP F 440 41.75 20.42 33.83
C ASP F 440 42.58 19.63 34.85
N ASN F 441 41.94 19.23 35.96
CA ASN F 441 42.56 18.49 37.08
C ASN F 441 43.82 19.21 37.61
N PHE F 442 43.74 20.57 37.64
CA PHE F 442 44.79 21.47 38.12
C PHE F 442 46.09 21.34 37.28
N SER F 443 45.91 21.10 35.93
CA SER F 443 46.97 20.98 34.93
C SER F 443 47.19 22.32 34.17
N LYS F 444 46.18 23.18 34.18
CA LYS F 444 46.23 24.50 33.55
C LYS F 444 45.90 25.56 34.61
N SER F 445 46.35 26.80 34.42
CA SER F 445 46.15 27.87 35.42
C SER F 445 45.91 29.24 34.77
N SER F 446 45.35 30.18 35.57
CA SER F 446 45.10 31.57 35.17
C SER F 446 45.24 32.47 36.39
N VAL F 447 46.12 33.48 36.34
CA VAL F 447 46.33 34.38 37.48
C VAL F 447 45.72 35.77 37.25
N THR F 448 45.01 36.29 38.27
CA THR F 448 44.33 37.59 38.26
C THR F 448 44.34 38.26 39.65
N GLY F 449 44.09 39.56 39.66
CA GLY F 449 44.02 40.35 40.87
C GLY F 449 42.90 41.36 40.81
N TRP F 450 42.06 41.42 41.88
CA TRP F 450 40.98 42.40 41.98
C TRP F 450 41.22 43.30 43.21
N PRO F 451 41.19 44.66 43.08
CA PRO F 451 41.39 45.52 44.26
C PRO F 451 40.19 45.45 45.21
N TYR F 452 40.44 45.52 46.54
CA TYR F 452 39.39 45.47 47.57
C TYR F 452 38.31 46.51 47.31
N ALA F 453 38.72 47.69 46.81
CA ALA F 453 37.83 48.81 46.46
C ALA F 453 36.62 48.39 45.63
N VAL F 454 36.80 47.53 44.61
CA VAL F 454 35.68 47.08 43.78
C VAL F 454 34.89 46.00 44.50
N LEU F 455 35.58 45.09 45.22
CA LEU F 455 34.98 44.00 45.98
C LEU F 455 34.11 44.52 47.15
N PHE F 456 34.43 45.73 47.64
CA PHE F 456 33.74 46.39 48.75
C PHE F 456 32.81 47.58 48.33
N GLY F 457 32.53 47.70 47.03
CA GLY F 457 31.67 48.75 46.48
C GLY F 457 30.23 48.70 46.96
N GLY F 458 29.73 47.49 47.19
CA GLY F 458 28.37 47.24 47.65
C GLY F 458 28.10 47.48 49.12
N LEU F 459 29.08 48.06 49.85
CA LEU F 459 28.99 48.34 51.28
C LEU F 459 27.91 49.36 51.69
N ILE F 460 27.04 48.92 52.63
CA ILE F 460 25.88 49.62 53.20
C ILE F 460 25.74 49.39 54.71
N ASN F 461 25.24 50.42 55.43
CA ASN F 461 25.03 50.43 56.88
C ASN F 461 24.39 49.15 57.42
N PRO F 462 23.27 48.65 56.83
CA PRO F 462 22.64 47.42 57.33
C PRO F 462 23.54 46.19 57.49
N GLN F 463 24.72 46.14 56.81
CA GLN F 463 25.63 45.00 56.90
C GLN F 463 26.31 44.90 58.28
N THR F 464 26.44 46.04 59.01
CA THR F 464 27.02 46.08 60.36
C THR F 464 25.93 46.15 61.44
N ASN F 465 26.29 45.73 62.68
CA ASN F 465 25.40 45.73 63.85
C ASN F 465 25.97 46.58 65.00
N GLY F 466 27.11 47.20 64.73
CA GLY F 466 27.80 48.08 65.65
C GLY F 466 27.63 49.53 65.22
N LEU F 467 28.78 50.25 65.06
CA LEU F 467 28.78 51.66 64.65
C LEU F 467 28.30 51.83 63.21
N LYS F 468 27.48 52.86 62.98
CA LYS F 468 26.89 53.18 61.69
C LYS F 468 27.44 54.49 61.14
N ASP F 469 27.32 54.67 59.81
CA ASP F 469 27.76 55.83 59.01
C ASP F 469 29.29 55.99 58.95
N LEU F 470 30.03 54.89 59.14
CA LEU F 470 31.49 54.91 59.06
C LEU F 470 31.93 55.24 57.62
N PRO F 471 33.04 55.99 57.43
CA PRO F 471 33.47 56.31 56.05
C PRO F 471 34.04 55.11 55.28
N LEU F 472 33.16 54.24 54.75
CA LEU F 472 33.53 53.05 53.94
C LEU F 472 32.80 53.02 52.58
N GLY F 473 32.10 54.12 52.29
CA GLY F 473 31.37 54.34 51.04
C GLY F 473 32.28 54.83 49.94
N THR F 474 31.88 54.55 48.69
CA THR F 474 32.61 54.91 47.48
C THR F 474 31.59 55.40 46.44
N ASN F 475 31.95 55.44 45.14
CA ASN F 475 31.10 55.91 44.03
C ASN F 475 31.63 55.38 42.70
N ARG F 476 30.94 55.69 41.56
CA ARG F 476 31.29 55.22 40.19
C ARG F 476 32.78 55.26 39.89
N TRP F 477 33.47 56.34 40.29
CA TRP F 477 34.93 56.52 40.23
C TRP F 477 35.30 56.04 41.64
N PHE F 478 35.98 54.91 41.79
CA PHE F 478 36.20 54.37 43.14
C PHE F 478 37.24 55.16 43.91
N GLU F 479 36.79 56.25 44.53
CA GLU F 479 37.61 57.20 45.28
C GLU F 479 38.03 56.69 46.64
N TYR F 480 37.23 55.77 47.22
CA TYR F 480 37.60 55.14 48.47
C TYR F 480 38.42 53.94 48.09
N VAL F 481 39.65 53.92 48.62
CA VAL F 481 40.66 52.90 48.38
C VAL F 481 40.92 52.09 49.68
N PRO F 482 40.04 51.11 50.02
CA PRO F 482 40.30 50.29 51.20
C PRO F 482 41.53 49.40 50.98
N ARG F 483 42.37 49.34 52.01
CA ARG F 483 43.58 48.54 52.10
C ARG F 483 43.54 47.83 53.45
N MET F 484 44.20 46.66 53.56
CA MET F 484 44.14 45.90 54.80
C MET F 484 45.48 45.39 55.32
N ALA F 485 45.49 45.11 56.63
CA ALA F 485 46.53 44.43 57.37
C ALA F 485 45.79 43.11 57.76
N VAL F 486 45.72 42.19 56.77
CA VAL F 486 44.99 40.92 56.80
C VAL F 486 45.47 39.97 57.91
N SER F 487 44.54 39.64 58.82
CA SER F 487 44.72 38.67 59.91
C SER F 487 44.68 37.26 59.30
N GLY F 488 43.70 37.05 58.41
CA GLY F 488 43.51 35.79 57.69
C GLY F 488 42.14 35.69 57.06
N VAL F 489 41.96 34.66 56.21
CA VAL F 489 40.69 34.31 55.59
C VAL F 489 40.49 32.89 56.00
N LYS F 490 39.39 32.64 56.69
CA LYS F 490 39.09 31.33 57.23
C LYS F 490 37.58 31.00 57.21
N TRP F 491 37.27 29.71 57.30
CA TRP F 491 35.88 29.31 57.34
C TRP F 491 35.50 29.25 58.80
N VAL F 492 34.49 30.05 59.18
CA VAL F 492 33.95 30.02 60.54
C VAL F 492 32.61 29.37 60.33
N GLY F 493 32.57 28.07 60.64
CA GLY F 493 31.41 27.26 60.35
C GLY F 493 31.36 27.09 58.84
N ASN F 494 30.24 27.49 58.24
CA ASN F 494 30.04 27.42 56.78
C ASN F 494 30.17 28.80 56.15
N GLN F 495 30.65 29.77 56.94
CA GLN F 495 30.79 31.16 56.49
C GLN F 495 32.24 31.54 56.25
N LEU F 496 32.53 32.26 55.14
CA LEU F 496 33.91 32.64 54.84
C LEU F 496 34.25 34.00 55.43
N VAL F 497 35.12 34.02 56.45
CA VAL F 497 35.48 35.26 57.14
C VAL F 497 36.88 35.76 56.80
N LEU F 498 36.94 37.02 56.37
CA LEU F 498 38.15 37.76 56.10
C LEU F 498 38.25 38.74 57.27
N ALA F 499 39.33 38.69 58.04
CA ALA F 499 39.50 39.56 59.21
C ALA F 499 40.82 40.37 59.19
N GLY F 500 40.97 41.31 60.14
CA GLY F 500 42.16 42.15 60.26
C GLY F 500 41.81 43.61 60.48
N THR F 501 42.66 44.52 59.96
CA THR F 501 42.41 45.96 60.10
C THR F 501 42.36 46.64 58.73
N LEU F 502 41.36 47.52 58.57
CA LEU F 502 41.01 48.24 57.35
C LEU F 502 41.27 49.72 57.41
N THR F 503 41.64 50.28 56.24
CA THR F 503 41.86 51.71 56.11
C THR F 503 40.54 52.33 55.69
N MET F 504 39.89 53.04 56.62
CA MET F 504 38.65 53.78 56.39
C MET F 504 38.98 55.01 55.52
N GLY F 505 37.94 55.75 55.12
CA GLY F 505 38.05 56.99 54.38
C GLY F 505 38.60 58.08 55.29
N ASP F 506 39.15 59.15 54.69
CA ASP F 506 39.69 60.23 55.50
C ASP F 506 38.61 61.03 56.14
N THR F 507 38.75 61.19 57.46
CA THR F 507 37.79 61.82 58.36
C THR F 507 38.40 63.07 59.07
N ALA F 508 39.72 63.06 59.38
CA ALA F 508 40.40 64.15 60.06
C ALA F 508 40.72 65.40 59.22
N THR F 509 40.64 65.31 57.87
CA THR F 509 40.92 66.42 56.94
C THR F 509 39.65 66.81 56.14
N VAL F 510 38.49 66.23 56.53
CA VAL F 510 37.17 66.53 55.94
C VAL F 510 36.87 68.03 56.04
N PRO F 511 36.99 68.71 57.24
CA PRO F 511 36.76 70.17 57.26
C PRO F 511 37.90 70.91 56.54
N ARG F 512 37.59 72.06 55.92
CA ARG F 512 38.59 72.86 55.24
C ARG F 512 38.75 74.22 55.91
N LEU F 513 39.98 74.74 55.96
CA LEU F 513 40.24 76.02 56.62
C LEU F 513 39.86 77.24 55.78
N LYS F 514 39.73 78.40 56.46
CA LYS F 514 39.51 79.70 55.82
C LYS F 514 40.93 80.10 55.38
N TYR F 515 41.12 80.48 54.10
CA TYR F 515 42.42 80.76 53.46
C TYR F 515 43.46 81.50 54.32
N ASP F 516 43.05 82.32 55.30
CA ASP F 516 44.03 83.02 56.13
C ASP F 516 44.48 82.21 57.36
N GLN F 517 43.59 81.39 57.94
CA GLN F 517 43.80 80.62 59.17
C GLN F 517 44.87 79.48 59.11
N LEU F 518 45.70 79.40 58.05
CA LEU F 518 46.67 78.32 57.92
C LEU F 518 47.76 78.25 59.01
N GLU F 519 48.33 79.39 59.41
CA GLU F 519 49.44 79.42 60.37
C GLU F 519 49.03 79.19 61.83
N LYS F 520 47.74 79.37 62.15
CA LYS F 520 47.23 79.15 63.52
C LYS F 520 46.88 77.66 63.78
N HIS F 521 46.56 76.92 62.70
CA HIS F 521 46.09 75.52 62.68
C HIS F 521 47.08 74.49 62.10
N LEU F 522 48.38 74.66 62.41
CA LEU F 522 49.51 73.85 61.92
C LEU F 522 49.30 72.32 61.93
N ASN F 523 48.80 71.75 63.05
CA ASN F 523 48.56 70.31 63.19
C ASN F 523 47.67 69.82 62.04
N LEU F 524 46.52 70.50 61.83
CA LEU F 524 45.53 70.22 60.78
C LEU F 524 46.10 70.35 59.37
N VAL F 525 46.92 71.39 59.12
CA VAL F 525 47.53 71.64 57.82
C VAL F 525 48.43 70.48 57.46
N ALA F 526 49.27 70.05 58.42
CA ALA F 526 50.21 68.93 58.32
C ALA F 526 49.51 67.60 58.02
N GLN F 527 48.28 67.42 58.54
CA GLN F 527 47.48 66.24 58.27
C GLN F 527 47.08 66.24 56.77
N GLY F 528 46.75 67.41 56.21
CA GLY F 528 46.40 67.54 54.80
C GLY F 528 47.61 67.53 53.90
N GLN F 529 48.72 68.04 54.42
CA GLN F 529 50.01 68.16 53.75
C GLN F 529 50.71 66.82 53.56
N GLY F 530 50.29 65.82 54.33
CA GLY F 530 50.92 64.52 54.27
C GLY F 530 52.07 64.35 55.25
N LEU F 531 52.43 65.43 55.98
CA LEU F 531 53.51 65.42 56.98
C LEU F 531 53.11 64.72 58.30
N LEU F 532 51.96 65.12 58.89
CA LEU F 532 51.45 64.50 60.10
C LEU F 532 50.56 63.34 59.67
N ARG F 533 51.11 62.11 59.77
CA ARG F 533 50.41 60.88 59.38
C ARG F 533 49.41 60.41 60.45
N GLU F 534 48.67 61.35 61.06
CA GLU F 534 47.69 61.07 62.10
C GLU F 534 46.31 60.97 61.50
N ASP F 535 45.66 59.82 61.71
CA ASP F 535 44.33 59.56 61.17
C ASP F 535 43.19 60.10 62.06
N LEU F 536 43.47 60.24 63.38
CA LEU F 536 42.53 60.77 64.38
C LEU F 536 42.22 62.22 64.09
N GLN F 537 41.00 62.64 64.42
CA GLN F 537 40.54 64.01 64.24
C GLN F 537 41.13 64.91 65.30
N ILE F 538 41.88 65.93 64.87
CA ILE F 538 42.42 66.87 65.83
C ILE F 538 41.43 68.03 65.93
N PHE F 539 41.04 68.37 67.17
CA PHE F 539 40.07 69.42 67.47
C PHE F 539 40.70 70.81 67.42
N THR F 540 40.70 71.41 66.22
CA THR F 540 41.18 72.77 65.95
C THR F 540 40.09 73.34 65.03
N PRO F 541 38.92 73.75 65.60
CA PRO F 541 37.80 74.13 64.74
C PRO F 541 37.62 75.60 64.40
N TYR F 542 38.25 76.52 65.17
CA TYR F 542 38.12 77.96 64.98
C TYR F 542 38.25 78.41 63.52
N GLY F 543 39.36 78.02 62.89
CA GLY F 543 39.73 78.41 61.54
C GLY F 543 39.00 77.81 60.38
N TRP F 544 38.17 76.77 60.64
CA TRP F 544 37.41 76.09 59.61
C TRP F 544 36.51 77.05 58.86
N ALA F 545 36.40 76.85 57.55
CA ALA F 545 35.47 77.59 56.69
C ALA F 545 34.11 76.96 56.99
N ASN F 546 33.03 77.78 56.98
CA ASN F 546 31.66 77.33 57.26
C ASN F 546 31.25 76.07 56.50
N ARG F 547 31.80 75.88 55.28
CA ARG F 547 31.60 74.72 54.41
C ARG F 547 32.90 74.39 53.65
N PRO F 548 33.27 73.10 53.50
CA PRO F 548 34.48 72.77 52.75
C PRO F 548 34.28 72.86 51.22
N ASP F 549 33.03 72.79 50.74
CA ASP F 549 32.72 72.80 49.31
C ASP F 549 32.60 74.20 48.65
N ILE F 550 32.85 75.31 49.41
CA ILE F 550 32.81 76.70 48.87
C ILE F 550 33.97 76.88 47.88
N PRO F 551 33.68 77.27 46.61
CA PRO F 551 34.77 77.44 45.62
C PRO F 551 35.53 78.74 45.83
N VAL F 552 36.80 78.79 45.42
CA VAL F 552 37.76 79.91 45.57
C VAL F 552 37.17 81.29 45.17
N GLY F 553 36.36 81.34 44.11
CA GLY F 553 35.71 82.56 43.64
C GLY F 553 34.89 83.29 44.69
N ALA F 554 34.28 82.54 45.61
CA ALA F 554 33.44 83.04 46.69
C ALA F 554 34.20 83.38 48.00
N TRP F 555 35.52 83.19 48.01
CA TRP F 555 36.33 83.43 49.21
C TRP F 555 36.55 84.90 49.54
N LEU F 556 36.51 85.78 48.55
CA LEU F 556 36.81 87.19 48.78
C LEU F 556 35.63 88.13 48.62
N GLN F 557 34.41 87.66 48.92
CA GLN F 557 33.23 88.54 48.86
C GLN F 557 33.28 89.52 50.04
N ASP F 558 33.59 89.00 51.22
CA ASP F 558 33.77 89.79 52.42
C ASP F 558 35.17 89.50 52.90
N GLU F 559 36.09 90.40 52.57
CA GLU F 559 37.50 90.28 52.90
C GLU F 559 37.76 90.74 54.33
N MET F 560 37.23 91.91 54.72
CA MET F 560 37.41 92.46 56.06
C MET F 560 36.80 91.59 57.15
N GLY F 561 35.73 90.89 56.80
CA GLY F 561 35.04 89.99 57.71
C GLY F 561 33.82 90.60 58.35
N SER F 562 33.82 91.94 58.47
CA SER F 562 32.77 92.79 59.06
C SER F 562 31.33 92.38 58.73
N LYS F 563 31.08 92.00 57.46
CA LYS F 563 29.78 91.58 56.92
C LYS F 563 29.34 90.17 57.40
N PHE F 564 30.29 89.42 58.02
CA PHE F 564 30.13 88.01 58.44
C PHE F 564 29.71 87.22 57.20
N GLY F 565 30.39 87.54 56.08
CA GLY F 565 30.22 87.01 54.73
C GLY F 565 29.29 85.82 54.68
N PRO F 566 28.00 86.04 54.32
CA PRO F 566 27.02 84.93 54.34
C PRO F 566 27.45 83.67 53.58
N HIS F 567 28.22 83.90 52.51
CA HIS F 567 28.77 82.90 51.61
C HIS F 567 29.87 82.07 52.28
N TYR F 568 31.03 82.69 52.52
CA TYR F 568 32.25 82.11 53.08
C TYR F 568 32.60 82.84 54.38
N PHE F 569 32.60 82.13 55.52
CA PHE F 569 32.91 82.71 56.83
C PHE F 569 33.49 81.69 57.82
N LEU F 570 34.12 82.14 58.92
CA LEU F 570 34.66 81.26 59.96
C LEU F 570 33.53 80.48 60.61
N ASN F 571 33.53 79.15 60.39
CA ASN F 571 32.58 78.18 60.89
C ASN F 571 32.21 78.41 62.35
N ASN F 572 30.92 78.74 62.60
CA ASN F 572 30.35 78.96 63.93
C ASN F 572 28.87 78.57 63.89
N PRO F 573 28.45 77.48 64.57
CA PRO F 573 27.05 77.06 64.48
C PRO F 573 26.05 77.97 65.18
N ASP F 574 26.52 78.94 65.98
CA ASP F 574 25.66 79.87 66.69
C ASP F 574 25.05 80.90 65.75
N ILE F 575 25.84 81.36 64.76
CA ILE F 575 25.39 82.36 63.78
C ILE F 575 24.75 81.70 62.51
N GLN F 576 24.41 80.40 62.59
CA GLN F 576 23.74 79.69 61.50
C GLN F 576 22.28 80.15 61.42
N ASP F 577 21.67 80.02 60.23
CA ASP F 577 20.28 80.41 60.00
C ASP F 577 19.32 79.30 60.41
N ASN F 578 18.08 79.70 60.76
CA ASN F 578 17.00 78.79 61.13
C ASN F 578 16.36 78.15 59.90
N VAL F 579 15.51 77.14 60.10
CA VAL F 579 14.89 76.47 58.98
C VAL F 579 13.42 76.95 58.77
N ASN F 580 13.03 78.09 59.43
CA ASN F 580 11.69 78.67 59.27
C ASN F 580 11.44 79.06 57.81
N ASN F 581 10.24 78.70 57.29
CA ASN F 581 9.83 78.91 55.89
C ASN F 581 10.26 80.24 55.32
N ASP F 582 10.08 81.31 56.08
CA ASP F 582 10.44 82.66 55.66
C ASP F 582 11.93 82.82 55.41
N THR F 583 12.79 82.24 56.28
CA THR F 583 14.26 82.27 56.17
C THR F 583 14.71 81.55 54.89
N VAL F 584 14.24 80.31 54.70
CA VAL F 584 14.55 79.42 53.57
C VAL F 584 14.04 80.00 52.25
N GLU F 585 12.79 80.52 52.26
CA GLU F 585 12.12 81.10 51.10
C GLU F 585 12.94 82.24 50.52
N ALA F 586 13.37 83.17 51.38
CA ALA F 586 14.11 84.34 50.98
C ALA F 586 15.57 84.08 50.65
N LEU F 587 16.26 83.25 51.45
CA LEU F 587 17.70 83.00 51.29
C LEU F 587 18.08 81.83 50.38
N ILE F 588 17.16 80.86 50.13
CA ILE F 588 17.51 79.71 49.30
C ILE F 588 16.62 79.57 48.04
N SER F 589 15.30 79.30 48.19
CA SER F 589 14.38 79.07 47.04
C SER F 589 14.20 80.28 46.11
N SER F 590 14.66 81.48 46.53
CA SER F 590 14.62 82.70 45.72
C SER F 590 15.52 82.54 44.49
N TYR F 591 16.63 81.80 44.64
CA TYR F 591 17.62 81.50 43.61
C TYR F 591 17.42 80.07 43.13
N LYS F 592 17.28 79.89 41.81
CA LYS F 592 17.06 78.56 41.25
C LYS F 592 18.19 78.17 40.29
N ASN F 593 18.84 77.02 40.56
CA ASN F 593 19.94 76.49 39.74
C ASN F 593 19.40 75.92 38.44
N THR F 594 20.25 75.86 37.41
CA THR F 594 19.86 75.35 36.11
C THR F 594 20.89 74.40 35.52
N ASP F 595 20.75 74.17 34.21
CA ASP F 595 21.60 73.36 33.33
C ASP F 595 23.01 73.98 33.25
N LYS F 596 23.08 75.32 33.23
CA LYS F 596 24.30 76.09 33.09
C LYS F 596 24.58 77.03 34.28
N LEU F 597 23.92 76.81 35.44
CA LEU F 597 24.10 77.67 36.61
C LEU F 597 23.89 76.99 37.94
N LYS F 598 24.82 77.22 38.88
CA LYS F 598 24.78 76.77 40.28
C LYS F 598 24.98 78.01 41.16
N HIS F 599 24.46 78.01 42.40
CA HIS F 599 24.57 79.16 43.30
C HIS F 599 25.32 78.92 44.60
N VAL F 600 26.11 79.92 45.04
CA VAL F 600 26.79 79.90 46.33
C VAL F 600 25.84 80.71 47.21
N TYR F 601 24.85 80.01 47.77
CA TYR F 601 23.76 80.55 48.57
C TYR F 601 24.21 81.44 49.75
N PRO F 602 23.48 82.56 50.00
CA PRO F 602 23.84 83.46 51.12
C PRO F 602 23.26 83.01 52.47
N TYR F 603 22.60 81.85 52.49
CA TYR F 603 22.08 81.24 53.71
C TYR F 603 23.32 80.84 54.53
N ARG F 604 23.36 81.23 55.81
CA ARG F 604 24.49 80.93 56.68
C ARG F 604 24.47 79.47 57.15
N TYR F 605 25.28 78.60 56.49
CA TYR F 605 25.43 77.20 56.89
C TYR F 605 26.72 77.15 57.72
N SER F 606 26.80 76.20 58.66
CA SER F 606 27.96 75.90 59.52
C SER F 606 27.57 74.89 60.62
N GLY F 607 28.57 74.15 61.09
CA GLY F 607 28.44 73.11 62.12
C GLY F 607 29.77 72.52 62.52
N LEU F 608 29.78 71.78 63.63
CA LEU F 608 31.00 71.16 64.15
C LEU F 608 31.23 69.74 63.62
N TYR F 609 32.43 69.14 63.88
CA TYR F 609 32.91 67.85 63.37
C TYR F 609 31.82 66.93 62.85
N ALA F 610 30.89 66.51 63.71
CA ALA F 610 29.78 65.62 63.34
C ALA F 610 29.05 66.04 62.05
N TRP F 611 28.63 67.31 61.98
CA TRP F 611 27.93 67.91 60.84
C TRP F 611 28.81 67.95 59.57
N GLN F 612 30.05 68.45 59.71
CA GLN F 612 31.04 68.55 58.61
C GLN F 612 31.27 67.17 57.98
N LEU F 613 31.42 66.14 58.83
CA LEU F 613 31.62 64.76 58.41
C LEU F 613 30.37 64.23 57.77
N PHE F 614 29.22 64.41 58.44
CA PHE F 614 27.93 63.95 57.96
C PHE F 614 27.66 64.34 56.50
N ASN F 615 28.05 65.56 56.09
CA ASN F 615 27.79 66.00 54.73
C ASN F 615 28.96 65.85 53.78
N TRP F 616 30.21 65.87 54.25
CA TRP F 616 31.31 65.79 53.31
C TRP F 616 32.27 64.61 53.47
N SER F 617 31.89 63.61 54.29
CA SER F 617 32.69 62.38 54.41
C SER F 617 32.03 61.28 53.57
N ASN F 618 32.76 60.17 53.33
CA ASN F 618 32.26 59.02 52.56
C ASN F 618 31.53 58.03 53.47
N LYS F 619 30.58 58.56 54.26
CA LYS F 619 29.73 57.81 55.18
C LYS F 619 28.95 56.72 54.47
N LEU F 620 28.66 55.66 55.20
CA LEU F 620 27.87 54.53 54.76
C LEU F 620 26.38 54.91 54.81
N THR F 621 25.60 54.47 53.81
CA THR F 621 24.15 54.71 53.81
C THR F 621 23.41 53.41 53.59
N ASN F 622 22.20 53.49 53.04
CA ASN F 622 21.42 52.30 52.75
C ASN F 622 21.56 51.88 51.29
N THR F 623 22.12 52.77 50.45
CA THR F 623 22.38 52.54 49.03
C THR F 623 23.89 52.44 48.80
N PRO F 624 24.38 51.59 47.86
CA PRO F 624 25.84 51.52 47.66
C PRO F 624 26.30 52.56 46.64
N LEU F 625 27.63 52.84 46.57
CA LEU F 625 28.23 53.82 45.65
C LEU F 625 27.55 55.20 45.75
N SER F 626 27.14 55.52 46.99
CA SER F 626 26.37 56.66 47.46
C SER F 626 27.15 57.90 47.88
N ALA F 627 28.46 57.77 48.10
CA ALA F 627 29.29 58.87 48.58
C ALA F 627 29.62 59.89 47.49
N ASN F 628 28.99 61.09 47.55
CA ASN F 628 29.31 62.13 46.57
C ASN F 628 30.61 62.82 47.00
N PHE F 629 31.00 62.65 48.26
CA PHE F 629 32.22 63.20 48.81
C PHE F 629 33.01 62.09 49.48
N VAL F 630 34.22 61.84 48.97
CA VAL F 630 35.24 60.94 49.52
C VAL F 630 36.41 61.91 49.60
N ASN F 631 36.76 62.35 50.82
CA ASN F 631 37.81 63.34 51.04
C ASN F 631 39.16 62.83 50.53
N GLU F 632 39.70 61.83 51.21
CA GLU F 632 40.94 61.15 50.90
C GLU F 632 40.88 59.77 51.57
N ASN F 633 42.03 59.10 51.73
CA ASN F 633 42.12 57.80 52.40
C ASN F 633 43.11 57.84 53.55
N SER F 634 42.83 57.06 54.62
CA SER F 634 43.68 57.03 55.81
C SER F 634 45.10 56.55 55.52
N TYR F 635 46.06 57.03 56.33
CA TYR F 635 47.47 56.68 56.22
C TYR F 635 47.70 55.24 56.66
N ALA F 636 47.21 54.94 57.88
CA ALA F 636 47.35 53.66 58.55
C ALA F 636 45.98 52.98 58.72
N PRO F 637 45.91 51.63 58.88
CA PRO F 637 44.60 50.99 59.13
C PRO F 637 43.98 51.64 60.37
N ASN F 638 42.78 52.20 60.25
CA ASN F 638 42.17 52.90 61.38
C ASN F 638 40.91 52.22 61.88
N SER F 639 40.65 50.98 61.44
CA SER F 639 39.47 50.25 61.87
C SER F 639 39.59 48.73 61.94
N LEU F 640 39.01 48.14 63.02
CA LEU F 640 38.92 46.69 63.17
C LEU F 640 37.95 46.26 62.10
N PHE F 641 38.21 45.13 61.46
CA PHE F 641 37.33 44.71 60.38
C PHE F 641 37.33 43.22 60.15
N ALA F 642 36.14 42.65 60.10
CA ALA F 642 35.92 41.23 59.83
C ALA F 642 34.69 41.22 58.93
N ALA F 643 34.71 40.39 57.88
CA ALA F 643 33.60 40.34 56.94
C ALA F 643 33.32 38.96 56.37
N ILE F 644 32.02 38.61 56.29
CA ILE F 644 31.54 37.37 55.71
C ILE F 644 31.50 37.61 54.20
N LEU F 645 32.36 36.86 53.48
CA LEU F 645 32.51 36.97 52.05
C LEU F 645 31.66 35.97 51.30
N ASN F 646 31.41 36.28 50.01
CA ASN F 646 30.65 35.44 49.09
C ASN F 646 31.57 34.53 48.27
N GLU F 647 31.75 33.29 48.76
CA GLU F 647 32.56 32.23 48.17
C GLU F 647 32.25 32.03 46.69
N ASP F 648 30.96 31.91 46.35
CA ASP F 648 30.46 31.73 44.98
C ASP F 648 30.82 32.86 44.05
N LEU F 649 30.91 34.07 44.59
CA LEU F 649 31.28 35.23 43.81
C LEU F 649 32.76 35.19 43.53
N LEU F 650 33.58 35.02 44.60
CA LEU F 650 35.04 34.92 44.53
C LEU F 650 35.47 33.88 43.50
N THR F 651 34.88 32.69 43.57
CA THR F 651 35.19 31.58 42.66
C THR F 651 34.62 31.75 41.28
N GLY F 652 33.45 32.39 41.21
CA GLY F 652 32.72 32.59 39.97
C GLY F 652 33.19 33.69 39.06
N LEU F 653 33.38 34.90 39.63
CA LEU F 653 33.79 36.13 38.94
C LEU F 653 34.88 35.96 37.89
N SER F 654 34.75 36.72 36.81
CA SER F 654 35.70 36.68 35.71
C SER F 654 37.10 37.26 36.07
N ASP F 655 38.13 36.86 35.32
CA ASP F 655 39.50 37.32 35.59
C ASP F 655 39.60 38.80 35.32
N LYS F 656 39.34 39.24 34.06
CA LYS F 656 39.42 40.67 33.76
C LYS F 656 38.11 41.36 33.98
N ILE F 657 38.18 42.45 34.72
CA ILE F 657 37.06 43.30 35.09
C ILE F 657 37.09 44.48 34.15
N PHE F 658 35.99 44.63 33.40
CA PHE F 658 35.78 45.67 32.42
C PHE F 658 34.94 46.76 32.99
N TYR F 659 35.54 47.95 33.11
CA TYR F 659 34.84 49.13 33.58
C TYR F 659 34.22 49.82 32.37
N GLY F 660 33.47 50.89 32.62
CA GLY F 660 32.82 51.68 31.58
C GLY F 660 33.19 53.15 31.64
N LYS F 661 32.57 53.97 30.77
CA LYS F 661 32.83 55.41 30.80
C LYS F 661 32.30 56.00 32.12
N GLU F 662 31.36 55.26 32.78
CA GLU F 662 30.75 55.60 34.06
C GLU F 662 31.74 55.53 35.23
N ASN F 663 32.88 54.85 35.04
CA ASN F 663 33.90 54.74 36.07
C ASN F 663 35.02 55.74 35.85
N GLU F 664 34.91 56.53 34.76
CA GLU F 664 35.90 57.52 34.32
C GLU F 664 35.46 58.95 34.61
N PHE F 665 36.43 59.83 34.96
CA PHE F 665 36.20 61.25 35.22
C PHE F 665 35.90 61.97 33.89
N ALA F 666 35.13 63.09 33.95
CA ALA F 666 34.75 63.86 32.77
C ALA F 666 35.93 64.49 32.05
N GLU F 667 35.89 64.48 30.71
CA GLU F 667 36.93 65.01 29.82
C GLU F 667 37.09 66.55 29.89
N ASN F 668 36.07 67.28 30.39
CA ASN F 668 36.07 68.74 30.56
C ASN F 668 35.11 69.16 31.65
N GLU F 669 35.33 70.34 32.24
CA GLU F 669 34.51 70.88 33.33
C GLU F 669 33.02 71.12 32.96
N ALA F 670 32.69 71.13 31.66
CA ALA F 670 31.30 71.29 31.17
C ALA F 670 30.52 69.99 31.34
N ASP F 671 31.13 68.84 30.94
CA ASP F 671 30.54 67.52 31.08
C ASP F 671 30.40 67.27 32.59
N ARG F 672 31.49 67.55 33.34
CA ARG F 672 31.63 67.41 34.80
C ARG F 672 30.53 68.10 35.58
N PHE F 673 30.12 69.29 35.12
CA PHE F 673 29.12 70.13 35.77
C PHE F 673 27.78 69.44 36.04
N ASN F 674 27.28 68.63 35.09
CA ASN F 674 25.96 67.98 35.22
C ASN F 674 26.04 66.46 35.50
N GLN F 675 27.17 66.00 36.08
CA GLN F 675 27.46 64.62 36.45
C GLN F 675 26.42 64.06 37.41
N LEU F 676 25.82 62.89 37.09
CA LEU F 676 24.88 62.22 38.00
C LEU F 676 25.73 61.29 38.86
N LEU F 677 25.62 61.37 40.20
CA LEU F 677 26.43 60.53 41.10
C LEU F 677 26.25 59.02 40.86
N SER F 678 25.06 58.61 40.44
CA SER F 678 24.76 57.22 40.16
C SER F 678 24.43 57.03 38.68
N LEU F 679 25.16 56.12 38.03
CA LEU F 679 24.97 55.80 36.64
C LEU F 679 24.76 54.31 36.46
N ASN F 680 23.90 53.94 35.50
CA ASN F 680 23.65 52.52 35.22
C ASN F 680 24.78 51.97 34.34
N PRO F 681 25.41 50.85 34.74
CA PRO F 681 26.51 50.29 33.94
C PRO F 681 26.05 49.88 32.55
N ASN F 682 26.89 50.15 31.52
CA ASN F 682 26.50 49.81 30.16
C ASN F 682 26.64 48.30 29.95
N PRO F 683 25.81 47.69 29.07
CA PRO F 683 25.79 46.21 28.96
C PRO F 683 27.10 45.52 28.58
N ASN F 684 28.08 46.27 28.08
CA ASN F 684 29.36 45.69 27.67
C ASN F 684 30.33 45.53 28.86
N THR F 685 30.09 46.27 29.98
CA THR F 685 30.90 46.20 31.21
C THR F 685 30.48 45.02 32.10
N ASN F 686 31.32 44.68 33.09
CA ASN F 686 31.04 43.62 34.05
C ASN F 686 31.44 44.03 35.48
N TRP F 687 32.07 45.21 35.60
CA TRP F 687 32.58 45.79 36.85
C TRP F 687 31.59 45.72 38.01
N ALA F 688 30.32 45.99 37.68
CA ALA F 688 29.22 46.03 38.61
C ALA F 688 29.02 44.72 39.37
N ARG F 689 29.35 43.57 38.73
CA ARG F 689 29.17 42.25 39.34
C ARG F 689 30.09 41.95 40.52
N TYR F 690 31.22 42.70 40.64
CA TYR F 690 32.25 42.52 41.66
C TYR F 690 31.95 43.20 43.00
N LEU F 691 30.96 44.13 43.02
CA LEU F 691 30.62 44.98 44.17
C LEU F 691 30.14 44.27 45.44
N ASN F 692 29.42 43.17 45.30
CA ASN F 692 28.86 42.60 46.50
C ASN F 692 29.54 41.32 46.99
N VAL F 693 30.89 41.35 47.17
CA VAL F 693 31.52 40.13 47.70
C VAL F 693 31.37 40.10 49.24
N VAL F 694 31.17 41.29 49.85
CA VAL F 694 30.94 41.43 51.30
C VAL F 694 29.46 41.25 51.57
N GLN F 695 29.09 40.17 52.27
CA GLN F 695 27.69 39.89 52.62
C GLN F 695 27.31 40.67 53.89
N ARG F 696 28.18 40.63 54.91
CA ARG F 696 28.03 41.34 56.18
C ARG F 696 29.42 41.71 56.67
N PHE F 697 29.49 42.56 57.72
CA PHE F 697 30.78 42.98 58.29
C PHE F 697 30.67 43.50 59.72
N THR F 698 31.78 43.42 60.46
CA THR F 698 31.87 43.96 61.80
C THR F 698 33.04 44.91 61.85
N THR F 699 33.03 45.76 62.86
CA THR F 699 34.00 46.83 63.01
C THR F 699 34.41 47.01 64.50
N GLY F 700 33.90 46.11 65.34
CA GLY F 700 34.12 46.07 66.78
C GLY F 700 32.89 45.56 67.51
N PRO F 701 32.62 46.02 68.77
CA PRO F 701 31.42 45.54 69.47
C PRO F 701 30.14 46.10 68.88
N ASN F 702 29.00 45.42 69.15
CA ASN F 702 27.68 45.77 68.63
C ASN F 702 27.00 46.89 69.45
N LEU F 703 27.63 48.08 69.48
CA LEU F 703 27.15 49.29 70.18
C LEU F 703 27.20 50.46 69.19
N ASP F 704 26.33 51.47 69.35
CA ASP F 704 26.35 52.65 68.47
C ASP F 704 26.30 53.97 69.25
N SER F 705 26.78 55.05 68.62
CA SER F 705 26.86 56.42 69.12
C SER F 705 27.25 56.51 70.61
N SER F 706 26.55 57.33 71.40
CA SER F 706 26.79 57.58 72.81
C SER F 706 26.92 56.31 73.67
N THR F 707 26.12 55.26 73.35
CA THR F 707 26.17 53.96 74.04
C THR F 707 27.58 53.39 73.91
N PHE F 708 28.20 53.53 72.71
CA PHE F 708 29.54 53.02 72.41
C PHE F 708 30.59 53.65 73.30
N ASP F 709 30.48 54.98 73.57
CA ASP F 709 31.44 55.72 74.41
C ASP F 709 31.56 55.13 75.80
N GLN F 710 30.42 54.66 76.36
CA GLN F 710 30.34 54.06 77.69
C GLN F 710 31.22 52.82 77.80
N PHE F 711 31.34 52.07 76.68
CA PHE F 711 32.22 50.91 76.60
C PHE F 711 33.66 51.39 76.49
N LEU F 712 33.95 52.38 75.63
CA LEU F 712 35.30 52.92 75.46
C LEU F 712 35.93 53.24 76.81
N ASP F 713 35.12 53.75 77.76
CA ASP F 713 35.59 54.06 79.10
C ASP F 713 35.82 52.79 79.90
N PHE F 714 34.87 51.85 79.83
CA PHE F 714 34.93 50.57 80.54
C PHE F 714 36.23 49.80 80.34
N LEU F 715 36.82 49.85 79.12
CA LEU F 715 38.07 49.14 78.82
C LEU F 715 39.30 49.85 79.40
N PRO F 716 40.35 49.09 79.82
CA PRO F 716 41.53 49.75 80.39
C PRO F 716 42.66 50.05 79.40
N TRP F 717 43.68 50.79 79.85
CA TRP F 717 44.85 51.10 79.03
C TRP F 717 45.95 50.10 79.37
N ILE F 718 46.46 49.35 78.36
CA ILE F 718 47.49 48.30 78.55
C ILE F 718 48.69 48.73 79.38
N GLY F 719 49.20 49.93 79.13
CA GLY F 719 50.34 50.49 79.84
C GLY F 719 50.17 50.59 81.34
N ASN F 720 48.97 50.99 81.80
CA ASN F 720 48.63 51.20 83.20
C ASN F 720 47.88 50.10 83.91
N GLY F 721 46.90 49.52 83.22
CA GLY F 721 45.99 48.55 83.80
C GLY F 721 44.82 49.31 84.39
N LYS F 722 44.86 50.66 84.23
CA LYS F 722 43.86 51.59 84.70
C LYS F 722 42.84 51.87 83.58
N PRO F 723 41.53 51.92 83.89
CA PRO F 723 40.55 52.18 82.83
C PRO F 723 40.46 53.64 82.46
N PHE F 724 39.92 53.90 81.26
CA PHE F 724 39.70 55.24 80.73
C PHE F 724 38.62 55.98 81.52
N SER F 725 37.78 55.21 82.24
CA SER F 725 36.69 55.67 83.07
C SER F 725 37.16 56.44 84.32
N ASN F 726 38.26 55.98 84.97
CA ASN F 726 38.82 56.54 86.22
C ASN F 726 37.79 56.47 87.37
N SER F 727 36.76 55.62 87.22
CA SER F 727 35.66 55.49 88.18
C SER F 727 36.05 54.99 89.59
N PRO F 728 37.01 54.03 89.81
CA PRO F 728 37.32 53.64 91.20
C PRO F 728 37.88 54.81 92.04
N SER F 729 37.35 54.99 93.29
CA SER F 729 37.74 56.07 94.21
C SER F 729 39.17 55.95 94.71
N SER F 737 36.17 66.55 93.85
CA SER F 737 37.47 66.64 93.19
C SER F 737 38.12 65.26 93.03
N THR F 738 37.44 64.44 92.23
CA THR F 738 37.77 63.05 91.88
C THR F 738 37.74 62.99 90.35
N PRO F 739 38.73 62.29 89.73
CA PRO F 739 38.80 62.24 88.27
C PRO F 739 37.55 61.76 87.51
N LEU F 740 37.28 62.45 86.41
CA LEU F 740 36.16 62.22 85.50
C LEU F 740 36.55 61.24 84.38
N PRO F 741 35.57 60.59 83.69
CA PRO F 741 35.94 59.72 82.56
C PRO F 741 36.31 60.52 81.32
N THR F 742 37.14 59.92 80.46
CA THR F 742 37.64 60.54 79.23
C THR F 742 36.59 60.53 78.08
N PHE F 743 35.89 59.40 77.85
CA PHE F 743 34.96 59.27 76.73
C PHE F 743 33.48 59.59 77.00
N SER F 744 32.99 59.31 78.22
CA SER F 744 31.59 59.52 78.61
C SER F 744 31.25 60.97 78.94
N ASN F 745 29.95 61.30 78.84
CA ASN F 745 29.37 62.59 79.16
C ASN F 745 28.48 62.45 80.40
N ILE F 746 27.97 61.22 80.63
CA ILE F 746 27.11 60.82 81.76
C ILE F 746 27.79 61.14 83.09
N ASN F 747 27.09 61.93 83.95
CA ASN F 747 27.55 62.41 85.26
C ASN F 747 28.73 63.39 85.14
N VAL F 748 28.95 63.93 83.93
CA VAL F 748 30.02 64.88 83.65
C VAL F 748 29.37 66.23 83.34
N GLY F 749 29.76 67.22 84.12
CA GLY F 749 29.25 68.57 83.98
C GLY F 749 27.86 68.74 84.54
N VAL F 750 26.94 69.25 83.72
CA VAL F 750 25.58 69.50 84.17
C VAL F 750 24.53 68.85 83.27
N LYS F 751 23.39 68.44 83.86
CA LYS F 751 22.29 67.83 83.14
C LYS F 751 21.42 68.97 82.54
N SER F 752 21.45 69.07 81.20
CA SER F 752 20.70 70.08 80.44
C SER F 752 19.32 69.56 80.04
N MET F 753 18.35 70.46 79.84
CA MET F 753 17.01 70.08 79.44
C MET F 753 16.79 70.27 77.93
N ILE F 754 16.26 69.24 77.24
CA ILE F 754 16.01 69.26 75.79
C ILE F 754 14.69 69.92 75.40
N ARG F 764 8.80 64.01 66.02
CA ARG F 764 7.89 63.07 66.65
C ARG F 764 7.15 63.65 67.86
N TRP F 765 7.56 63.32 69.13
CA TRP F 765 6.87 63.72 70.36
C TRP F 765 5.53 62.97 70.55
N VAL F 766 5.18 62.05 69.63
CA VAL F 766 3.93 61.28 69.73
C VAL F 766 3.97 60.32 70.91
N PHE F 767 5.11 59.63 71.12
CA PHE F 767 5.23 58.71 72.24
C PHE F 767 6.32 59.19 73.20
N ILE F 768 5.90 59.52 74.43
CA ILE F 768 6.73 60.06 75.50
C ILE F 768 7.13 58.97 76.51
N PRO F 769 8.44 58.81 76.79
CA PRO F 769 8.85 57.76 77.72
C PRO F 769 8.54 58.01 79.19
N ASN F 770 8.50 56.94 80.00
CA ASN F 770 8.22 56.97 81.44
C ASN F 770 9.35 57.59 82.29
N PHE F 771 10.21 58.40 81.66
CA PHE F 771 11.33 59.08 82.32
C PHE F 771 11.68 60.38 81.61
N SER F 772 12.47 61.25 82.27
CA SER F 772 12.90 62.51 81.67
C SER F 772 14.21 62.25 80.90
N PRO F 773 14.22 62.45 79.56
CA PRO F 773 15.46 62.21 78.79
C PRO F 773 16.35 63.47 78.79
N ASP F 774 16.91 63.83 79.93
CA ASP F 774 17.80 64.99 80.08
C ASP F 774 19.25 64.58 79.76
N ILE F 775 19.87 65.29 78.79
CA ILE F 775 21.22 65.03 78.28
C ILE F 775 22.27 65.75 79.11
N TRP F 776 23.37 65.06 79.45
CA TRP F 776 24.49 65.68 80.15
C TRP F 776 25.33 66.42 79.13
N THR F 777 25.77 67.62 79.49
CA THR F 777 26.59 68.51 78.66
C THR F 777 28.00 67.98 78.43
N GLY F 778 28.51 67.26 79.44
CA GLY F 778 29.86 66.75 79.44
C GLY F 778 30.76 67.82 79.99
N ALA F 779 32.06 67.79 79.61
CA ALA F 779 33.07 68.75 80.05
C ALA F 779 33.20 69.88 79.04
N GLY F 780 33.61 71.06 79.50
CA GLY F 780 33.78 72.22 78.63
C GLY F 780 32.46 72.79 78.14
N TYR F 781 31.46 72.77 79.02
CA TYR F 781 30.11 73.25 78.73
C TYR F 781 29.95 74.75 78.91
N ARG F 782 28.88 75.28 78.32
CA ARG F 782 28.55 76.69 78.38
C ARG F 782 27.18 76.89 79.00
N VAL F 783 27.14 77.61 80.15
CA VAL F 783 25.91 77.91 80.86
C VAL F 783 25.77 79.43 81.08
N GLN F 784 24.51 79.89 81.10
CA GLN F 784 24.12 81.30 81.29
C GLN F 784 24.48 81.68 82.73
N SER F 785 24.02 80.85 83.68
CA SER F 785 24.23 80.95 85.11
C SER F 785 24.13 79.53 85.69
N ALA F 786 24.56 79.34 86.95
CA ALA F 786 24.49 78.05 87.64
C ALA F 786 23.03 77.60 87.80
N ASN F 787 22.12 78.59 87.98
CA ASN F 787 20.67 78.43 88.14
C ASN F 787 20.02 78.07 86.80
N GLN F 788 20.45 78.73 85.70
CA GLN F 788 19.91 78.52 84.36
C GLN F 788 20.79 77.65 83.46
N LYS F 789 20.43 76.35 83.37
CA LYS F 789 21.15 75.36 82.57
C LYS F 789 20.24 74.65 81.53
N ASN F 790 19.26 75.40 80.97
CA ASN F 790 18.33 74.90 79.96
C ASN F 790 18.43 75.74 78.68
N GLY F 791 19.57 75.58 77.98
CA GLY F 791 19.87 76.29 76.75
C GLY F 791 20.67 77.54 77.00
N ILE F 792 21.32 78.06 75.95
CA ILE F 792 22.12 79.27 76.05
C ILE F 792 21.56 80.37 75.16
N PRO F 793 21.21 81.55 75.73
CA PRO F 793 20.70 82.64 74.88
C PRO F 793 21.74 83.09 73.87
N PHE F 794 21.31 83.51 72.67
CA PHE F 794 22.20 83.95 71.61
C PHE F 794 23.20 85.05 72.03
N GLU F 795 22.94 85.76 73.15
CA GLU F 795 23.79 86.84 73.66
C GLU F 795 25.28 86.43 73.88
N GLN F 796 25.58 85.12 73.91
CA GLN F 796 26.95 84.59 74.05
C GLN F 796 27.37 84.15 72.63
N VAL F 797 27.45 85.20 71.77
CA VAL F 797 27.61 85.32 70.32
C VAL F 797 29.04 85.58 69.88
N LYS F 798 29.34 85.22 68.60
CA LYS F 798 30.62 85.47 67.96
C LYS F 798 30.76 86.98 67.74
N PRO F 799 31.66 87.65 68.51
CA PRO F 799 31.81 89.11 68.38
C PRO F 799 33.02 89.50 67.54
N SER F 800 33.33 88.66 66.54
CA SER F 800 34.48 88.82 65.65
C SER F 800 34.44 90.12 64.82
N ASN F 801 35.59 90.46 64.23
CA ASN F 801 35.87 91.63 63.38
C ASN F 801 35.86 92.93 64.11
N ASN F 802 37.08 93.44 64.38
CA ASN F 802 37.36 94.72 65.03
C ASN F 802 36.61 94.86 66.38
N SER F 803 36.42 93.71 67.11
CA SER F 803 35.71 93.60 68.39
C SER F 803 34.31 94.26 68.39
N THR F 804 33.64 94.23 67.22
CA THR F 804 32.29 94.77 67.02
C THR F 804 31.33 93.57 66.90
N PRO F 805 30.68 93.17 68.01
CA PRO F 805 29.79 91.99 67.97
C PRO F 805 28.74 91.95 66.87
N PHE F 806 28.43 90.73 66.44
CA PHE F 806 27.45 90.38 65.42
C PHE F 806 26.08 90.81 65.96
N ASP F 807 25.33 91.60 65.18
CA ASP F 807 23.99 92.00 65.61
C ASP F 807 22.92 91.15 64.94
N PRO F 808 22.24 90.29 65.73
CA PRO F 808 21.08 89.60 65.18
C PRO F 808 20.15 90.83 65.22
N ASN F 809 19.26 90.97 64.30
CA ASN F 809 18.35 92.11 64.14
C ASN F 809 18.86 93.14 63.12
N SER F 810 20.11 93.02 62.62
CA SER F 810 20.61 93.90 61.56
C SER F 810 19.82 93.61 60.28
N ASP F 811 19.61 94.65 59.43
CA ASP F 811 18.84 94.57 58.18
C ASP F 811 19.09 93.30 57.34
N ASP F 812 20.37 92.90 57.19
CA ASP F 812 20.70 91.70 56.41
C ASP F 812 20.42 90.38 57.19
N ASN F 813 20.54 90.40 58.53
CA ASN F 813 20.29 89.23 59.37
C ASN F 813 18.80 89.01 59.72
N LYS F 814 17.89 89.76 59.07
CA LYS F 814 16.44 89.66 59.25
C LYS F 814 15.76 89.41 57.92
N VAL F 815 14.61 88.72 57.94
CA VAL F 815 13.79 88.43 56.77
C VAL F 815 12.39 88.97 57.04
N THR F 816 11.71 89.50 56.00
CA THR F 816 10.36 90.05 56.15
C THR F 816 9.38 89.34 55.19
N PRO F 817 8.33 88.65 55.70
CA PRO F 817 7.37 88.00 54.77
C PRO F 817 6.39 89.03 54.18
N SER F 818 5.68 88.65 53.10
CA SER F 818 4.70 89.53 52.43
C SER F 818 3.52 89.77 53.36
N GLY F 819 3.64 90.85 54.10
CA GLY F 819 2.67 91.27 55.10
C GLY F 819 3.33 92.18 56.11
N GLY F 820 4.66 92.08 56.23
CA GLY F 820 5.49 92.88 57.11
C GLY F 820 5.54 92.40 58.55
N SER F 821 6.75 92.16 59.08
CA SER F 821 7.01 91.70 60.46
C SER F 821 8.48 91.67 60.89
N SER F 822 9.44 91.82 59.94
CA SER F 822 10.90 91.68 59.95
C SER F 822 11.46 90.98 61.19
N LYS F 823 11.57 89.64 61.09
CA LYS F 823 12.09 88.77 62.15
C LYS F 823 13.54 88.34 61.83
N PRO F 824 14.43 88.09 62.85
CA PRO F 824 15.80 87.64 62.51
C PRO F 824 15.88 86.15 62.13
N THR F 825 16.95 85.77 61.40
CA THR F 825 17.22 84.40 60.90
C THR F 825 17.90 83.50 61.95
N THR F 826 18.60 84.10 62.91
CA THR F 826 19.34 83.42 63.95
C THR F 826 18.46 82.63 64.93
N TYR F 827 19.08 81.76 65.72
CA TYR F 827 18.40 80.98 66.75
C TYR F 827 18.39 81.77 68.06
N PRO F 828 17.33 81.62 68.88
CA PRO F 828 17.29 82.35 70.16
C PRO F 828 18.18 81.74 71.23
N ALA F 829 18.20 80.40 71.28
CA ALA F 829 18.96 79.62 72.23
C ALA F 829 19.73 78.53 71.50
N LEU F 830 20.95 78.27 71.97
CA LEU F 830 21.85 77.29 71.36
C LEU F 830 22.32 76.26 72.41
N PRO F 831 22.71 75.02 72.01
CA PRO F 831 23.10 73.99 73.00
C PRO F 831 24.21 74.36 73.99
N ASN F 832 24.18 73.72 75.16
CA ASN F 832 25.08 73.99 76.29
C ASN F 832 26.49 73.34 76.23
N SER F 833 27.06 73.14 75.01
CA SER F 833 28.43 72.61 74.79
C SER F 833 28.86 72.71 73.34
N ILE F 834 30.09 73.16 73.11
CA ILE F 834 30.68 73.23 71.78
C ILE F 834 32.09 72.63 71.82
N SER F 835 32.41 71.98 72.97
CA SER F 835 33.67 71.32 73.31
C SER F 835 33.88 70.06 72.46
N PRO F 836 35.12 69.48 72.43
CA PRO F 836 35.31 68.22 71.66
C PRO F 836 34.42 67.08 72.15
N THR F 837 34.12 67.04 73.46
CA THR F 837 33.30 66.01 74.11
C THR F 837 31.77 66.30 73.97
N SER F 838 31.34 67.27 73.12
CA SER F 838 29.92 67.59 72.91
C SER F 838 29.19 66.45 72.19
N ASP F 839 28.06 66.00 72.77
CA ASP F 839 27.22 64.94 72.21
C ASP F 839 25.75 65.35 72.29
N TRP F 840 25.27 66.09 71.27
CA TRP F 840 23.89 66.58 71.18
C TRP F 840 23.13 65.83 70.09
N ILE F 841 22.31 64.87 70.52
CA ILE F 841 21.52 64.01 69.63
C ILE F 841 20.52 64.80 68.77
N ASN F 842 19.90 65.84 69.34
CA ASN F 842 18.95 66.66 68.60
C ASN F 842 19.59 67.93 68.01
N ALA F 843 20.95 67.99 67.95
CA ALA F 843 21.68 69.14 67.41
C ALA F 843 22.99 68.70 66.77
N LEU F 844 22.90 68.03 65.59
CA LEU F 844 24.03 67.52 64.80
C LEU F 844 25.10 68.58 64.58
N THR F 845 24.63 69.79 64.25
CA THR F 845 25.39 70.97 63.94
C THR F 845 26.28 71.40 65.13
N PHE F 846 25.87 71.09 66.38
CA PHE F 846 26.61 71.42 67.62
C PHE F 846 27.41 70.25 68.22
N THR F 847 27.30 69.05 67.62
CA THR F 847 27.97 67.84 68.08
C THR F 847 29.32 67.67 67.42
N ASN F 848 30.31 67.22 68.20
CA ASN F 848 31.68 66.96 67.77
C ASN F 848 31.98 65.47 67.80
N LYS F 849 31.42 64.76 68.81
CA LYS F 849 31.59 63.32 68.97
C LYS F 849 30.93 62.63 67.76
N ASN F 850 31.65 61.69 67.13
CA ASN F 850 31.18 60.98 65.94
C ASN F 850 31.68 59.54 65.88
N ASN F 851 30.88 58.64 65.25
CA ASN F 851 31.18 57.23 65.05
C ASN F 851 32.51 57.03 64.31
N PRO F 852 32.81 57.71 63.16
CA PRO F 852 34.12 57.54 62.53
C PRO F 852 35.29 57.69 63.51
N GLN F 853 35.18 58.62 64.49
CA GLN F 853 36.21 58.80 65.51
C GLN F 853 36.13 57.70 66.56
N ARG F 854 34.89 57.39 67.05
CA ARG F 854 34.63 56.32 68.03
C ARG F 854 35.30 55.03 67.60
N ASN F 855 35.22 54.70 66.29
CA ASN F 855 35.83 53.51 65.71
C ASN F 855 37.34 53.52 65.87
N GLN F 856 38.00 54.59 65.41
CA GLN F 856 39.45 54.76 65.50
C GLN F 856 39.89 54.66 66.95
N LEU F 857 39.16 55.38 67.84
CA LEU F 857 39.41 55.46 69.27
C LEU F 857 39.46 54.10 69.95
N LEU F 858 38.54 53.18 69.55
CA LEU F 858 38.51 51.81 70.06
C LEU F 858 39.81 51.08 69.73
N LEU F 859 40.20 51.08 68.43
CA LEU F 859 41.42 50.44 67.91
C LEU F 859 42.62 51.02 68.63
N ARG F 860 42.64 52.36 68.77
CA ARG F 860 43.70 53.14 69.38
C ARG F 860 43.77 53.06 70.90
N SER F 861 42.69 52.63 71.58
CA SER F 861 42.73 52.48 73.05
C SER F 861 43.25 51.08 73.41
N LEU F 862 43.03 50.13 72.49
CA LEU F 862 43.52 48.76 72.60
C LEU F 862 44.99 48.78 72.24
N LEU F 863 45.38 49.56 71.22
CA LEU F 863 46.78 49.76 70.86
C LEU F 863 47.40 50.66 71.93
N GLY F 864 46.54 51.41 72.63
CA GLY F 864 46.85 52.35 73.71
C GLY F 864 47.76 53.49 73.29
N THR F 865 47.56 53.98 72.05
CA THR F 865 48.38 55.01 71.43
C THR F 865 47.64 56.32 71.15
N ILE F 866 46.50 56.58 71.83
CA ILE F 866 45.74 57.83 71.65
C ILE F 866 46.57 59.00 72.22
N PRO F 867 46.89 60.05 71.42
CA PRO F 867 47.75 61.13 71.95
C PRO F 867 47.11 62.08 72.96
N VAL F 868 47.97 62.75 73.75
CA VAL F 868 47.58 63.73 74.78
C VAL F 868 48.19 65.10 74.51
N LEU F 869 47.41 66.18 74.75
CA LEU F 869 47.88 67.55 74.56
C LEU F 869 48.69 68.00 75.78
N ILE F 870 49.90 68.49 75.52
CA ILE F 870 50.83 68.85 76.56
C ILE F 870 51.12 70.36 76.55
N ASN F 871 51.02 70.97 77.75
CA ASN F 871 51.26 72.40 78.02
C ASN F 871 52.45 72.55 78.94
N LYS F 872 52.53 71.69 79.97
CA LYS F 872 53.59 71.67 80.97
C LYS F 872 54.25 70.29 80.88
N SER F 873 55.59 70.24 80.66
CA SER F 873 56.35 68.98 80.57
C SER F 873 56.45 68.34 81.98
N GLY F 874 57.63 67.99 82.45
CA GLY F 874 57.75 67.43 83.79
C GLY F 874 58.93 68.01 84.51
N ASP F 875 59.72 68.78 83.74
CA ASP F 875 60.93 69.49 84.10
C ASP F 875 60.66 70.50 85.22
N SER F 876 61.65 70.65 86.13
CA SER F 876 61.64 71.47 87.35
C SER F 876 60.90 72.83 87.28
N ASN F 877 61.03 73.55 86.18
CA ASN F 877 60.47 74.88 85.96
C ASN F 877 59.22 74.90 85.05
N ASP F 878 58.66 73.72 84.74
CA ASP F 878 57.52 73.53 83.84
C ASP F 878 56.73 72.30 84.33
N GLN F 879 56.10 72.43 85.50
CA GLN F 879 55.37 71.32 86.13
C GLN F 879 53.85 71.45 86.13
N PHE F 880 53.16 70.35 86.50
CA PHE F 880 51.71 70.29 86.61
C PHE F 880 51.31 69.63 87.94
N ASN F 881 51.09 70.47 88.96
CA ASN F 881 50.69 70.04 90.30
C ASN F 881 49.18 69.85 90.30
N LYS F 882 48.75 68.57 90.17
CA LYS F 882 47.35 68.15 90.09
C LYS F 882 46.45 68.73 91.19
N ASP F 883 46.91 68.66 92.45
CA ASP F 883 46.19 69.11 93.64
C ASP F 883 45.77 70.57 93.59
N SER F 884 46.55 71.41 92.90
CA SER F 884 46.30 72.84 92.78
C SER F 884 45.74 73.29 91.44
N GLU F 885 46.31 72.79 90.32
CA GLU F 885 45.93 73.20 88.97
C GLU F 885 44.74 72.43 88.37
N GLN F 886 44.39 71.24 88.91
CA GLN F 886 43.26 70.44 88.39
C GLN F 886 42.07 70.38 89.34
N LYS F 887 40.98 71.04 88.93
CA LYS F 887 39.74 71.09 89.68
C LYS F 887 38.69 70.39 88.81
N TRP F 888 38.39 69.10 89.14
CA TRP F 888 37.45 68.27 88.38
C TRP F 888 36.02 68.81 88.38
N ASP F 889 35.63 69.51 89.46
CA ASP F 889 34.30 70.10 89.61
C ASP F 889 34.09 71.40 88.79
N LYS F 890 35.18 72.03 88.34
CA LYS F 890 35.11 73.29 87.60
C LYS F 890 35.43 73.12 86.09
N THR F 891 34.81 72.11 85.43
CA THR F 891 34.93 71.81 83.98
C THR F 891 34.40 72.96 83.10
N GLU F 892 33.51 73.78 83.67
CA GLU F 892 32.82 74.95 83.10
C GLU F 892 33.82 76.08 82.81
N THR F 893 34.88 76.19 83.65
CA THR F 893 35.94 77.20 83.64
C THR F 893 37.29 76.67 83.14
N ASN F 894 38.33 77.50 83.26
CA ASN F 894 39.72 77.18 82.90
C ASN F 894 40.34 76.18 83.88
N GLU F 895 39.72 76.00 85.06
CA GLU F 895 40.20 75.08 86.10
C GLU F 895 39.95 73.60 85.74
N GLY F 896 39.09 73.39 84.73
CA GLY F 896 38.75 72.09 84.18
C GLY F 896 39.81 71.60 83.22
N ASN F 897 40.68 72.53 82.79
CA ASN F 897 41.83 72.34 81.88
C ASN F 897 41.46 71.62 80.57
N LEU F 898 40.24 71.92 80.05
CA LEU F 898 39.80 71.37 78.78
C LEU F 898 40.40 72.29 77.70
N PRO F 899 41.38 71.80 76.92
CA PRO F 899 41.98 72.65 75.88
C PRO F 899 41.01 73.41 74.98
N GLY F 900 40.06 72.70 74.39
CA GLY F 900 39.11 73.26 73.44
C GLY F 900 39.78 73.66 72.14
N PHE F 901 41.02 73.17 71.95
CA PHE F 901 41.87 73.41 70.79
C PHE F 901 43.17 72.63 70.88
N GLY F 902 43.45 71.84 69.84
CA GLY F 902 44.67 71.07 69.67
C GLY F 902 44.65 69.64 70.17
N GLU F 903 43.62 69.26 70.93
CA GLU F 903 43.45 67.93 71.51
C GLU F 903 42.75 66.96 70.57
N VAL F 904 42.76 65.64 70.90
CA VAL F 904 42.07 64.61 70.10
C VAL F 904 40.56 64.82 70.29
N ASN F 905 39.84 65.01 69.16
CA ASN F 905 38.39 65.24 69.14
C ASN F 905 37.61 64.12 69.81
N GLY F 906 36.56 64.47 70.53
CA GLY F 906 35.66 63.52 71.17
C GLY F 906 36.06 62.93 72.51
N LEU F 907 36.99 63.59 73.21
CA LEU F 907 37.43 63.13 74.53
C LEU F 907 37.89 64.30 75.40
N TYR F 908 37.92 64.09 76.72
CA TYR F 908 38.35 65.09 77.70
C TYR F 908 39.84 64.84 78.05
N ASN F 909 40.73 65.63 77.41
CA ASN F 909 42.19 65.54 77.52
C ASN F 909 42.72 65.29 78.93
N ALA F 910 42.21 66.04 79.93
CA ALA F 910 42.60 65.92 81.34
C ALA F 910 42.35 64.54 81.92
N ALA F 911 41.23 63.92 81.54
CA ALA F 911 40.90 62.58 82.01
C ALA F 911 41.85 61.55 81.36
N LEU F 912 42.18 61.73 80.05
CA LEU F 912 43.10 60.87 79.28
C LEU F 912 44.49 60.95 79.90
N LEU F 913 44.93 62.18 80.24
CA LEU F 913 46.23 62.40 80.87
C LEU F 913 46.30 61.71 82.22
N HIS F 914 45.21 61.79 83.00
CA HIS F 914 45.11 61.15 84.31
C HIS F 914 45.20 59.63 84.19
N THR F 915 44.42 59.06 83.24
CA THR F 915 44.34 57.63 82.89
C THR F 915 45.73 57.11 82.53
N TYR F 916 46.50 57.90 81.74
CA TYR F 916 47.87 57.61 81.30
C TYR F 916 48.89 57.78 82.43
N GLY F 917 48.45 58.35 83.56
CA GLY F 917 49.30 58.60 84.72
C GLY F 917 50.39 59.63 84.48
N PHE F 918 50.15 60.52 83.49
CA PHE F 918 51.02 61.63 83.08
C PHE F 918 51.20 62.60 84.24
N PHE F 919 50.13 62.75 85.03
CA PHE F 919 50.08 63.43 86.32
C PHE F 919 49.30 62.47 87.22
N GLY F 920 49.88 62.14 88.37
CA GLY F 920 49.30 61.19 89.30
C GLY F 920 50.12 59.92 89.47
N THR F 921 49.71 59.12 90.47
CA THR F 921 50.36 57.88 90.87
C THR F 921 50.07 56.68 89.94
N ASN F 922 49.13 56.82 88.98
CA ASN F 922 48.73 55.76 88.04
C ASN F 922 49.92 54.98 87.47
N THR F 923 50.85 55.66 86.77
CA THR F 923 52.02 55.02 86.15
C THR F 923 53.28 55.08 87.00
N ASN F 924 53.67 56.30 87.40
CA ASN F 924 54.86 56.51 88.21
C ASN F 924 54.46 56.72 89.66
N SER F 925 55.15 56.04 90.57
CA SER F 925 54.94 56.12 92.02
C SER F 925 55.12 57.54 92.53
N THR F 926 55.96 58.31 91.83
CA THR F 926 56.24 59.70 92.14
C THR F 926 55.70 60.51 90.97
N ASP F 927 54.58 61.25 91.18
CA ASP F 927 53.85 62.05 90.19
C ASP F 927 54.77 62.64 89.13
N PRO F 928 54.64 62.22 87.84
CA PRO F 928 55.54 62.75 86.79
C PRO F 928 55.30 64.23 86.51
N LYS F 929 54.16 64.77 86.97
CA LYS F 929 53.71 66.16 86.87
C LYS F 929 53.74 66.70 85.42
N ILE F 930 53.22 65.90 84.48
CA ILE F 930 53.09 66.22 83.06
C ILE F 930 51.62 66.48 82.77
N GLY F 931 51.30 67.56 82.07
CA GLY F 931 49.90 67.88 81.77
C GLY F 931 49.63 69.08 80.87
N PHE F 932 48.40 69.62 81.01
CA PHE F 932 47.92 70.80 80.29
C PHE F 932 47.25 71.74 81.28
N LYS F 933 47.73 73.00 81.35
CA LYS F 933 47.15 73.99 82.23
C LYS F 933 46.47 75.09 81.41
N ALA F 934 45.13 75.09 81.39
CA ALA F 934 44.36 76.12 80.68
C ALA F 934 44.54 77.39 81.51
N ASP F 935 45.50 78.21 81.08
CA ASP F 935 45.97 79.44 81.75
C ASP F 935 45.17 80.70 81.43
N SER F 936 44.83 81.44 82.48
CA SER F 936 44.08 82.70 82.38
C SER F 936 45.02 83.91 82.41
N SER F 937 46.33 83.66 82.57
CA SER F 937 47.34 84.71 82.65
C SER F 937 48.14 84.94 81.37
N SER F 938 48.41 83.87 80.58
CA SER F 938 49.24 84.04 79.39
C SER F 938 48.77 83.26 78.15
N SER F 939 49.43 83.53 77.00
CA SER F 939 49.18 82.84 75.73
C SER F 939 49.70 81.40 75.88
N SER F 940 48.88 80.41 75.54
CA SER F 940 49.23 79.01 75.69
C SER F 940 49.87 78.36 74.47
N SER F 941 50.99 77.71 74.71
CA SER F 941 51.79 76.99 73.72
C SER F 941 51.72 75.48 74.04
N SER F 942 51.15 74.68 73.11
CA SER F 942 50.95 73.25 73.32
C SER F 942 51.26 72.37 72.11
N THR F 943 51.54 71.07 72.34
CA THR F 943 51.79 70.04 71.30
C THR F 943 51.31 68.69 71.78
N LEU F 944 50.73 67.89 70.87
CA LEU F 944 50.31 66.52 71.22
C LEU F 944 51.55 65.63 71.37
N VAL F 945 51.48 64.62 72.24
CA VAL F 945 52.56 63.65 72.48
C VAL F 945 51.98 62.24 72.54
N GLY F 946 52.82 61.24 72.32
CA GLY F 946 52.42 59.84 72.39
C GLY F 946 52.19 59.38 73.82
N SER F 947 51.63 58.18 74.00
CA SER F 947 51.38 57.63 75.32
C SER F 947 52.66 57.04 75.89
N GLY F 948 53.54 56.60 74.99
CA GLY F 948 54.79 55.95 75.32
C GLY F 948 54.86 54.51 74.85
N LEU F 949 53.75 54.02 74.28
CA LEU F 949 53.63 52.67 73.75
C LEU F 949 53.95 52.70 72.26
N ASN F 950 54.43 51.57 71.71
CA ASN F 950 54.81 51.54 70.30
C ASN F 950 54.00 50.58 69.38
N TRP F 951 52.77 50.23 69.79
CA TRP F 951 51.90 49.35 69.00
C TRP F 951 51.30 50.08 67.80
N THR F 952 51.34 49.45 66.61
CA THR F 952 50.76 49.99 65.36
C THR F 952 49.52 49.22 64.96
N SER F 953 48.64 49.84 64.16
CA SER F 953 47.42 49.21 63.65
C SER F 953 47.71 48.14 62.57
N GLN F 954 48.98 47.75 62.42
CA GLN F 954 49.43 46.73 61.49
C GLN F 954 49.87 45.50 62.27
N ASP F 955 49.89 45.62 63.61
CA ASP F 955 50.26 44.57 64.56
C ASP F 955 49.12 43.53 64.69
N VAL F 956 48.73 42.96 63.53
CA VAL F 956 47.64 42.00 63.36
C VAL F 956 48.19 40.58 63.17
N GLY F 957 47.95 39.72 64.18
CA GLY F 957 48.36 38.32 64.18
C GLY F 957 47.53 37.44 63.27
N ASN F 958 47.79 36.13 63.26
CA ASN F 958 47.03 35.24 62.39
C ASN F 958 45.65 35.01 62.96
N LEU F 959 44.69 34.63 62.07
CA LEU F 959 43.27 34.36 62.40
C LEU F 959 43.09 33.01 63.10
N VAL F 960 42.33 33.00 64.19
CA VAL F 960 42.08 31.79 64.94
C VAL F 960 40.59 31.52 64.98
N VAL F 961 40.14 30.39 64.43
CA VAL F 961 38.70 30.07 64.50
C VAL F 961 38.51 29.31 65.82
N ILE F 962 37.61 29.81 66.67
CA ILE F 962 37.41 29.23 68.00
C ILE F 962 36.26 28.19 68.02
N ASN F 963 35.22 28.40 67.19
CA ASN F 963 34.06 27.51 67.00
C ASN F 963 33.29 27.95 65.75
N ASP F 964 32.17 27.27 65.44
CA ASP F 964 31.35 27.55 64.27
C ASP F 964 30.70 28.93 64.25
N THR F 965 30.86 29.70 65.34
CA THR F 965 30.27 31.04 65.49
C THR F 965 31.22 32.13 66.00
N SER F 966 32.43 31.74 66.42
CA SER F 966 33.40 32.69 66.96
C SER F 966 34.80 32.49 66.39
N PHE F 967 35.56 33.57 66.36
CA PHE F 967 36.91 33.64 65.85
C PHE F 967 37.58 34.86 66.47
N GLY F 968 38.89 34.90 66.40
CA GLY F 968 39.66 36.01 66.96
C GLY F 968 41.08 36.08 66.47
N PHE F 969 41.79 37.14 66.87
CA PHE F 969 43.17 37.34 66.49
C PHE F 969 43.87 38.28 67.44
N GLN F 970 45.21 38.22 67.49
CA GLN F 970 45.98 39.10 68.36
C GLN F 970 46.14 40.47 67.68
N LEU F 971 45.51 41.51 68.27
CA LEU F 971 45.62 42.90 67.81
C LEU F 971 46.45 43.62 68.87
N GLY F 972 47.71 43.84 68.55
CA GLY F 972 48.65 44.45 69.47
C GLY F 972 48.82 43.58 70.70
N GLY F 973 48.57 44.16 71.87
CA GLY F 973 48.69 43.46 73.15
C GLY F 973 47.39 42.83 73.62
N TRP F 974 46.33 43.03 72.85
CA TRP F 974 45.01 42.50 73.16
C TRP F 974 44.62 41.40 72.18
N PHE F 975 44.03 40.31 72.68
CA PHE F 975 43.53 39.27 71.79
C PHE F 975 42.03 39.48 71.69
N ILE F 976 41.59 39.98 70.53
CA ILE F 976 40.19 40.27 70.26
C ILE F 976 39.45 39.04 69.70
N THR F 977 38.20 38.79 70.17
CA THR F 977 37.34 37.68 69.76
C THR F 977 35.96 38.21 69.40
N PHE F 978 35.44 37.78 68.24
CA PHE F 978 34.17 38.21 67.68
C PHE F 978 33.08 37.14 67.88
N THR F 979 32.40 37.23 69.02
CA THR F 979 31.37 36.28 69.46
C THR F 979 30.04 36.44 68.74
N ASP F 980 29.64 37.69 68.50
CA ASP F 980 28.35 37.95 67.89
C ASP F 980 28.46 38.52 66.47
N PHE F 981 29.33 37.90 65.65
CA PHE F 981 29.39 38.24 64.24
C PHE F 981 28.67 37.16 63.47
N ILE F 982 29.07 35.88 63.63
CA ILE F 982 28.45 34.77 62.89
C ILE F 982 26.97 34.63 63.24
N ARG F 983 26.64 34.21 64.47
CA ARG F 983 25.24 34.12 64.93
C ARG F 983 25.14 35.15 66.03
N PRO F 984 24.66 36.37 65.69
CA PRO F 984 24.68 37.46 66.67
C PRO F 984 23.56 37.41 67.70
N ARG F 985 23.94 37.20 68.96
CA ARG F 985 23.04 37.16 70.12
C ARG F 985 22.72 38.63 70.48
N THR F 986 21.42 39.03 70.59
CA THR F 986 21.09 40.41 70.97
C THR F 986 21.29 40.63 72.46
N GLY F 987 21.64 41.86 72.84
CA GLY F 987 21.91 42.21 74.23
C GLY F 987 23.30 41.81 74.70
N TYR F 988 24.11 41.27 73.79
CA TYR F 988 25.49 40.86 74.03
C TYR F 988 26.39 41.83 73.26
N LEU F 989 27.53 42.22 73.85
CA LEU F 989 28.40 43.22 73.20
C LEU F 989 29.20 42.64 71.99
N GLY F 990 29.47 41.33 72.01
CA GLY F 990 30.11 40.63 70.89
C GLY F 990 31.61 40.74 70.70
N ILE F 991 32.35 41.07 71.77
CA ILE F 991 33.80 41.21 71.78
C ILE F 991 34.35 40.64 73.08
N THR F 992 35.50 39.93 73.02
CA THR F 992 36.21 39.49 74.21
C THR F 992 37.66 39.88 74.04
N LEU F 993 38.17 40.67 75.00
CA LEU F 993 39.54 41.19 74.99
C LEU F 993 40.41 40.66 76.13
N SER F 994 41.53 40.04 75.75
CA SER F 994 42.50 39.46 76.68
C SER F 994 43.83 40.19 76.53
N SER F 995 44.18 41.02 77.54
CA SER F 995 45.41 41.83 77.52
C SER F 995 46.60 41.04 77.94
N LEU F 996 47.74 41.37 77.33
CA LEU F 996 49.03 40.77 77.64
C LEU F 996 49.45 41.20 79.05
N GLN F 997 50.31 40.40 79.68
CA GLN F 997 50.77 40.68 81.05
C GLN F 997 52.24 41.18 81.12
N ASP F 998 53.15 40.60 80.28
CA ASP F 998 54.58 40.96 80.27
C ASP F 998 54.80 42.41 79.89
N GLN F 999 54.98 43.22 80.92
CA GLN F 999 55.19 44.66 80.83
C GLN F 999 56.40 45.01 79.95
N THR F 1000 57.46 44.16 79.99
CA THR F 1000 58.67 44.34 79.18
C THR F 1000 58.34 44.35 77.68
N ILE F 1001 57.23 43.72 77.29
CA ILE F 1001 56.74 43.68 75.90
C ILE F 1001 55.82 44.90 75.67
N ILE F 1002 54.82 45.10 76.56
CA ILE F 1002 53.81 46.19 76.50
C ILE F 1002 54.44 47.56 76.20
N TRP F 1003 55.55 47.87 76.88
CA TRP F 1003 56.21 49.15 76.73
C TRP F 1003 57.32 49.20 75.67
N ALA F 1004 57.90 48.03 75.32
CA ALA F 1004 59.00 47.84 74.35
C ALA F 1004 58.97 48.76 73.11
N ASP F 1005 60.16 49.01 72.54
CA ASP F 1005 60.40 49.89 71.40
C ASP F 1005 59.85 49.37 70.06
N GLN F 1006 59.96 48.06 69.79
CA GLN F 1006 59.35 47.41 68.63
C GLN F 1006 58.65 46.18 69.25
N PRO F 1007 57.44 46.34 69.83
CA PRO F 1007 56.86 45.25 70.62
C PRO F 1007 56.34 44.04 69.85
N TRP F 1008 55.86 44.25 68.63
CA TRP F 1008 55.28 43.17 67.84
C TRP F 1008 56.31 42.17 67.32
N THR F 1009 57.60 42.45 67.58
CA THR F 1009 58.73 41.61 67.19
C THR F 1009 58.89 40.42 68.15
N SER F 1010 58.17 40.46 69.29
CA SER F 1010 58.15 39.37 70.27
C SER F 1010 57.02 38.39 69.93
N PHE F 1011 56.10 38.79 69.02
CA PHE F 1011 54.96 37.96 68.62
C PHE F 1011 55.36 36.83 67.66
N LYS F 1012 55.04 35.58 68.06
CA LYS F 1012 55.36 34.40 67.29
C LYS F 1012 54.11 33.52 66.94
N GLY F 1013 53.01 34.18 66.60
CA GLY F 1013 51.78 33.52 66.18
C GLY F 1013 50.80 33.14 67.28
N SER F 1014 49.52 33.06 66.90
CA SER F 1014 48.40 32.63 67.75
C SER F 1014 47.95 31.25 67.21
N TYR F 1015 47.45 30.37 68.08
CA TYR F 1015 46.97 29.05 67.70
C TYR F 1015 45.84 28.57 68.65
N LEU F 1016 44.79 27.88 68.16
CA LEU F 1016 43.71 27.36 69.02
C LEU F 1016 44.22 26.04 69.60
N ASP F 1017 44.27 25.92 70.94
CA ASP F 1017 44.79 24.69 71.52
C ASP F 1017 43.74 23.62 71.65
N SER F 1018 44.21 22.36 71.77
CA SER F 1018 43.48 21.10 71.95
C SER F 1018 42.41 21.22 73.04
N ASP F 1019 42.70 22.03 74.09
CA ASP F 1019 41.80 22.31 75.21
C ASP F 1019 40.56 23.12 74.77
N GLY F 1020 40.67 23.83 73.65
CA GLY F 1020 39.59 24.65 73.10
C GLY F 1020 39.83 26.14 73.12
N THR F 1021 40.82 26.61 73.91
CA THR F 1021 41.15 28.04 74.07
C THR F 1021 42.27 28.52 73.13
N PRO F 1022 42.17 29.76 72.58
CA PRO F 1022 43.26 30.28 71.73
C PRO F 1022 44.44 30.76 72.57
N LYS F 1023 45.66 30.50 72.09
CA LYS F 1023 46.94 30.82 72.74
C LYS F 1023 47.88 31.57 71.78
N SER F 1024 48.75 32.45 72.31
CA SER F 1024 49.68 33.23 71.48
C SER F 1024 51.12 33.14 71.98
N LEU F 1025 52.06 32.88 71.07
CA LEU F 1025 53.49 32.77 71.39
C LEU F 1025 54.15 34.12 71.50
N TRP F 1026 54.91 34.29 72.58
CA TRP F 1026 55.68 35.50 72.85
C TRP F 1026 57.13 35.17 73.17
N ASP F 1027 58.06 35.94 72.59
CA ASP F 1027 59.49 35.75 72.80
C ASP F 1027 60.22 37.11 72.92
N PRO F 1028 60.25 37.68 74.15
CA PRO F 1028 60.89 38.99 74.33
C PRO F 1028 62.37 39.05 73.97
N THR F 1029 63.04 37.89 73.90
CA THR F 1029 64.46 37.78 73.51
C THR F 1029 64.59 38.20 72.05
N ALA F 1030 63.52 37.97 71.28
CA ALA F 1030 63.40 38.28 69.86
C ALA F 1030 62.91 39.73 69.60
N LEU F 1031 62.83 40.56 70.67
CA LEU F 1031 62.43 41.95 70.51
C LEU F 1031 63.53 42.73 69.78
N LYS F 1032 63.17 43.34 68.64
CA LYS F 1032 64.09 44.13 67.82
C LYS F 1032 64.25 45.50 68.43
N SER F 1033 65.51 45.94 68.57
CA SER F 1033 65.88 47.24 69.13
C SER F 1033 65.76 48.27 68.03
N LEU F 1034 65.62 49.56 68.39
CA LEU F 1034 65.54 50.65 67.42
C LEU F 1034 66.80 50.73 66.52
N PRO F 1035 66.77 51.44 65.36
CA PRO F 1035 67.90 51.37 64.41
C PRO F 1035 69.35 51.67 64.82
N ASN F 1036 69.67 52.59 65.76
CA ASN F 1036 71.06 53.00 66.06
C ASN F 1036 71.61 53.81 64.86
N SER F 1037 72.64 53.28 64.11
CA SER F 1037 73.37 53.90 63.00
C SER F 1037 74.15 55.13 63.49
N SER F 1038 73.44 56.22 63.88
CA SER F 1038 74.00 57.46 64.44
C SER F 1038 73.97 57.47 65.98
N THR F 1039 73.89 56.26 66.62
CA THR F 1039 73.77 55.96 68.06
C THR F 1039 72.39 56.38 68.58
N THR F 1040 71.76 55.50 69.38
CA THR F 1040 70.41 55.65 69.93
C THR F 1040 70.30 56.81 70.94
N TYR F 1041 71.44 57.23 71.54
CA TYR F 1041 71.49 58.30 72.51
C TYR F 1041 72.11 59.60 71.93
N ASP F 1042 71.43 60.23 70.93
CA ASP F 1042 71.87 61.47 70.26
C ASP F 1042 70.71 62.31 69.69
N THR F 1043 71.03 63.56 69.21
CA THR F 1043 70.23 64.64 68.57
C THR F 1043 68.84 64.79 69.25
N ASN F 1044 67.79 65.29 68.57
CA ASN F 1044 66.52 65.42 69.27
C ASN F 1044 65.47 64.37 68.87
N PRO F 1045 64.80 64.34 67.67
CA PRO F 1045 63.76 63.31 67.50
C PRO F 1045 64.25 61.93 67.09
N THR F 1046 63.64 60.87 67.67
CA THR F 1046 63.95 59.48 67.37
C THR F 1046 62.71 58.77 66.86
N LEU F 1047 62.76 58.37 65.59
CA LEU F 1047 61.69 57.67 64.89
C LEU F 1047 61.47 56.29 65.49
N SER F 1048 60.24 56.05 65.91
CA SER F 1048 59.77 54.81 66.51
C SER F 1048 58.47 54.39 65.76
N PRO F 1049 57.93 53.16 65.91
CA PRO F 1049 56.73 52.79 65.12
C PRO F 1049 55.51 53.66 65.38
N SER F 1050 55.34 54.09 66.63
CA SER F 1050 54.24 54.95 67.03
C SER F 1050 54.59 56.45 66.93
N PHE F 1051 55.81 56.79 66.46
CA PHE F 1051 56.24 58.19 66.33
C PHE F 1051 55.41 58.98 65.33
N GLN F 1052 54.97 60.19 65.76
CA GLN F 1052 54.21 61.12 64.95
C GLN F 1052 54.84 62.51 65.00
N LEU F 1053 54.64 63.29 63.94
CA LEU F 1053 55.21 64.63 63.83
C LEU F 1053 54.26 65.74 64.23
N TYR F 1054 53.71 65.69 65.45
CA TYR F 1054 52.77 66.69 65.96
C TYR F 1054 53.35 68.13 66.00
N GLN F 1055 52.63 69.03 65.31
CA GLN F 1055 52.88 70.45 65.17
C GLN F 1055 52.37 71.21 66.40
N PRO F 1056 53.02 72.33 66.77
CA PRO F 1056 52.54 73.12 67.91
C PRO F 1056 51.26 73.92 67.64
N ASN F 1057 50.43 74.03 68.66
CA ASN F 1057 49.20 74.80 68.65
C ASN F 1057 49.43 75.96 69.62
N LYS F 1058 48.95 77.16 69.28
CA LYS F 1058 49.09 78.31 70.17
C LYS F 1058 47.78 79.07 70.26
N VAL F 1059 47.22 79.18 71.48
CA VAL F 1059 45.97 79.89 71.75
C VAL F 1059 46.18 81.06 72.70
N LYS F 1060 45.25 82.03 72.70
CA LYS F 1060 45.26 83.18 73.60
C LYS F 1060 44.93 82.68 75.03
N ALA F 1061 45.08 83.56 76.05
CA ALA F 1061 44.78 83.18 77.43
C ALA F 1061 43.29 82.89 77.63
N TYR F 1062 43.00 81.76 78.30
CA TYR F 1062 41.65 81.29 78.60
C TYR F 1062 40.94 82.24 79.58
N GLN F 1063 39.61 82.37 79.46
CA GLN F 1063 38.85 83.24 80.36
C GLN F 1063 38.57 82.56 81.70
N THR F 1064 38.50 83.36 82.79
CA THR F 1064 38.23 82.86 84.15
C THR F 1064 36.77 82.44 84.26
N THR F 1065 35.90 83.14 83.52
CA THR F 1065 34.46 82.96 83.45
C THR F 1065 34.00 82.92 82.00
N ASN F 1066 32.98 82.07 81.71
CA ASN F 1066 32.37 81.86 80.38
C ASN F 1066 33.43 81.43 79.34
N THR F 1067 34.33 80.53 79.77
CA THR F 1067 35.48 80.04 79.02
C THR F 1067 35.10 79.43 77.68
N TYR F 1068 34.26 78.39 77.72
CA TYR F 1068 33.89 77.65 76.53
C TYR F 1068 32.54 78.06 75.98
N ASN F 1069 32.18 79.33 76.20
CA ASN F 1069 30.93 79.92 75.70
C ASN F 1069 31.10 80.14 74.20
N LYS F 1070 32.29 80.60 73.81
CA LYS F 1070 32.68 80.81 72.44
C LYS F 1070 33.78 79.81 72.15
N LEU F 1071 34.07 79.58 70.85
CA LEU F 1071 35.13 78.68 70.41
C LEU F 1071 36.49 79.25 70.84
N ILE F 1072 37.49 78.38 71.18
CA ILE F 1072 38.83 78.84 71.59
C ILE F 1072 39.57 79.40 70.37
N GLU F 1073 40.07 80.64 70.49
CA GLU F 1073 40.76 81.35 69.42
C GLU F 1073 42.28 81.12 69.43
N PRO F 1074 42.84 80.52 68.35
CA PRO F 1074 44.29 80.36 68.28
C PRO F 1074 44.96 81.61 67.68
N VAL F 1075 46.30 81.57 67.62
CA VAL F 1075 47.17 82.59 67.05
C VAL F 1075 48.27 81.87 66.29
N ASP F 1076 49.09 82.61 65.51
CA ASP F 1076 50.21 82.04 64.76
C ASP F 1076 51.13 81.24 65.67
N ALA F 1077 51.56 80.06 65.21
CA ALA F 1077 52.42 79.21 66.02
C ALA F 1077 53.68 78.74 65.27
N THR F 1078 53.89 79.23 64.04
CA THR F 1078 55.04 78.88 63.18
C THR F 1078 56.36 79.01 63.95
N SER F 1079 56.43 80.07 64.76
CA SER F 1079 57.53 80.47 65.62
C SER F 1079 57.52 79.75 66.97
N ALA F 1080 56.32 79.49 67.55
CA ALA F 1080 56.05 78.90 68.88
C ALA F 1080 56.92 77.70 69.30
N ALA F 1081 57.50 76.99 68.33
CA ALA F 1081 58.37 75.83 68.61
C ALA F 1081 59.61 76.20 69.42
N THR F 1082 60.07 77.46 69.28
CA THR F 1082 61.28 78.02 69.89
C THR F 1082 61.34 77.84 71.42
N ASN F 1083 60.22 78.04 72.11
CA ASN F 1083 60.18 77.94 73.56
C ASN F 1083 59.82 76.55 74.08
N MET F 1084 59.18 75.73 73.24
CA MET F 1084 58.73 74.40 73.61
C MET F 1084 59.82 73.32 73.70
N THR F 1085 61.12 73.69 73.59
CA THR F 1085 62.27 72.79 73.64
C THR F 1085 62.11 71.58 74.59
N SER F 1086 61.57 71.84 75.79
CA SER F 1086 61.29 70.91 76.88
C SER F 1086 60.21 69.88 76.52
N LEU F 1087 59.06 70.36 76.00
CA LEU F 1087 57.88 69.60 75.58
C LEU F 1087 58.16 68.85 74.29
N LEU F 1088 58.72 69.56 73.29
CA LEU F 1088 59.09 69.05 71.97
C LEU F 1088 59.98 67.83 72.07
N LYS F 1089 60.73 67.75 73.18
CA LYS F 1089 61.62 66.63 73.51
C LYS F 1089 60.79 65.34 73.66
N LEU F 1090 59.60 65.46 74.28
CA LEU F 1090 58.65 64.37 74.52
C LEU F 1090 57.84 63.94 73.28
N LEU F 1091 58.22 64.40 72.08
CA LEU F 1091 57.58 63.94 70.85
C LEU F 1091 58.16 62.55 70.52
N THR F 1092 59.34 62.24 71.12
CA THR F 1092 60.11 61.00 71.04
C THR F 1092 59.68 60.12 72.21
N THR F 1093 59.29 58.87 71.90
CA THR F 1093 58.75 57.85 72.81
C THR F 1093 59.59 57.63 74.07
N LYS F 1094 60.87 57.30 73.87
CA LYS F 1094 61.88 57.02 74.90
C LYS F 1094 61.78 58.00 76.10
N ASN F 1095 61.64 59.31 75.80
CA ASN F 1095 61.55 60.39 76.79
C ASN F 1095 60.33 60.31 77.70
N ILE F 1096 59.18 59.91 77.14
CA ILE F 1096 57.95 59.75 77.92
C ILE F 1096 58.06 58.48 78.76
N LYS F 1097 58.62 57.40 78.16
CA LYS F 1097 58.85 56.10 78.82
C LYS F 1097 59.68 56.36 80.08
N ALA F 1098 60.66 57.27 79.96
CA ALA F 1098 61.57 57.68 81.03
C ALA F 1098 60.83 58.39 82.17
N LYS F 1099 60.07 59.46 81.84
CA LYS F 1099 59.33 60.25 82.84
C LYS F 1099 58.24 59.45 83.57
N LEU F 1100 57.68 58.42 82.91
CA LEU F 1100 56.65 57.57 83.51
C LEU F 1100 57.21 56.42 84.34
N GLY F 1101 58.55 56.33 84.39
CA GLY F 1101 59.26 55.29 85.13
C GLY F 1101 59.16 53.93 84.49
N LYS F 1102 59.37 53.89 83.17
CA LYS F 1102 59.31 52.68 82.36
C LYS F 1102 60.57 52.60 81.48
N ASN F 1112 62.35 39.04 82.00
CA ASN F 1112 61.11 38.39 82.47
C ASN F 1112 60.12 38.08 81.33
N GLY F 1113 59.46 36.92 81.44
CA GLY F 1113 58.49 36.42 80.45
C GLY F 1113 59.08 35.41 79.49
N GLY F 1114 58.45 35.27 78.33
CA GLY F 1114 58.88 34.33 77.30
C GLY F 1114 58.14 33.01 77.38
N GLY F 1115 57.03 32.92 76.64
CA GLY F 1115 56.19 31.73 76.61
C GLY F 1115 54.90 31.87 75.81
N VAL F 1116 53.79 31.36 76.38
CA VAL F 1116 52.51 31.35 75.67
C VAL F 1116 51.37 32.02 76.49
N SER F 1117 50.62 32.95 75.85
CA SER F 1117 49.52 33.68 76.48
C SER F 1117 48.13 33.16 76.06
N GLN F 1118 47.42 32.54 77.02
CA GLN F 1118 46.08 31.98 76.84
C GLN F 1118 45.03 33.06 77.11
N THR F 1119 43.92 33.06 76.37
CA THR F 1119 42.85 34.04 76.58
C THR F 1119 42.02 33.74 77.83
N ILE F 1120 41.19 34.72 78.25
CA ILE F 1120 40.29 34.64 79.41
C ILE F 1120 39.23 33.53 79.24
N ASN F 1121 38.77 32.93 80.36
CA ASN F 1121 37.75 31.87 80.34
C ASN F 1121 36.37 32.46 80.17
N THR F 1122 35.80 32.25 78.99
CA THR F 1122 34.47 32.78 78.65
C THR F 1122 33.48 31.64 78.58
N ILE F 1123 32.22 31.96 78.90
CA ILE F 1123 31.07 31.04 78.84
C ILE F 1123 29.99 31.64 77.93
N THR F 1124 28.91 30.89 77.70
CA THR F 1124 27.80 31.29 76.83
C THR F 1124 27.13 32.60 77.25
N THR F 1125 27.02 32.80 78.57
CA THR F 1125 26.43 33.98 79.20
C THR F 1125 27.40 35.18 79.22
N THR F 1126 28.72 34.94 79.01
CA THR F 1126 29.75 35.98 79.00
C THR F 1126 29.47 36.94 77.85
N GLY F 1127 29.45 38.23 78.17
CA GLY F 1127 29.20 39.31 77.21
C GLY F 1127 27.79 39.84 77.28
N ASN F 1128 26.96 39.27 78.17
CA ASN F 1128 25.57 39.69 78.28
C ASN F 1128 25.42 41.01 79.00
N ILE F 1129 25.40 42.08 78.21
CA ILE F 1129 25.22 43.45 78.71
C ILE F 1129 23.77 43.93 78.51
N SER F 1130 22.81 42.97 78.38
CA SER F 1130 21.40 43.29 78.14
C SER F 1130 20.80 44.17 79.23
N GLU F 1131 21.16 43.94 80.51
CA GLU F 1131 20.66 44.75 81.61
C GLU F 1131 21.05 46.22 81.46
N GLY F 1132 22.28 46.44 80.97
CA GLY F 1132 22.82 47.76 80.71
C GLY F 1132 22.27 48.44 79.47
N LEU F 1133 21.57 47.71 78.60
CA LEU F 1133 21.04 48.31 77.38
C LEU F 1133 19.58 48.73 77.52
N LYS F 1134 18.90 48.27 78.59
CA LYS F 1134 17.50 48.59 78.94
C LYS F 1134 17.34 50.10 79.02
N GLU F 1135 16.26 50.64 78.44
CA GLU F 1135 16.02 52.06 78.48
C GLU F 1135 15.04 52.45 79.59
N GLU F 1136 14.71 51.51 80.46
CA GLU F 1136 13.75 51.51 81.56
C GLU F 1136 13.67 52.83 82.38
N THR F 1137 14.75 53.18 83.09
CA THR F 1137 14.82 54.36 83.95
C THR F 1137 15.58 55.51 83.29
N SER F 1138 16.66 55.18 82.58
CA SER F 1138 17.49 56.19 81.93
C SER F 1138 17.68 55.86 80.48
N ILE F 1139 18.17 56.83 79.67
CA ILE F 1139 18.45 56.61 78.26
C ILE F 1139 19.55 55.54 78.16
N GLN F 1140 19.52 54.72 77.09
CA GLN F 1140 20.45 53.61 76.88
C GLN F 1140 21.89 53.89 77.32
N ALA F 1141 22.48 55.01 76.87
CA ALA F 1141 23.85 55.38 77.26
C ALA F 1141 24.04 55.53 78.78
N GLU F 1142 23.05 56.10 79.49
CA GLU F 1142 23.11 56.26 80.95
C GLU F 1142 23.02 54.92 81.67
N THR F 1143 22.00 54.09 81.34
CA THR F 1143 21.83 52.76 81.95
C THR F 1143 23.06 51.87 81.78
N LEU F 1144 23.78 52.00 80.65
CA LEU F 1144 25.01 51.22 80.39
C LEU F 1144 26.16 51.71 81.26
N LYS F 1145 26.31 53.05 81.41
CA LYS F 1145 27.35 53.64 82.25
C LYS F 1145 27.16 53.12 83.69
N LYS F 1146 25.92 53.12 84.18
CA LYS F 1146 25.56 52.64 85.52
C LYS F 1146 25.93 51.14 85.66
N PHE F 1147 25.59 50.35 84.63
CA PHE F 1147 25.85 48.91 84.56
C PHE F 1147 27.34 48.60 84.59
N PHE F 1148 28.14 49.31 83.77
CA PHE F 1148 29.59 49.10 83.69
C PHE F 1148 30.26 49.44 85.00
N ASP F 1149 29.79 50.51 85.64
CA ASP F 1149 30.29 50.97 86.93
C ASP F 1149 30.05 49.93 88.01
N SER F 1150 28.88 49.26 87.97
CA SER F 1150 28.54 48.21 88.93
C SER F 1150 29.41 46.97 88.73
N LYS F 1151 29.81 46.71 87.48
CA LYS F 1151 30.64 45.57 87.09
C LYS F 1151 32.13 45.95 86.92
N GLN F 1152 32.63 46.86 87.74
CA GLN F 1152 34.03 47.30 87.64
C GLN F 1152 35.03 46.36 88.31
N ASN F 1153 34.59 45.59 89.30
CA ASN F 1153 35.46 44.65 90.01
C ASN F 1153 35.50 43.31 89.29
N ASN F 1154 34.46 43.01 88.49
CA ASN F 1154 34.38 41.78 87.72
C ASN F 1154 34.19 42.09 86.24
N LYS F 1155 35.24 42.65 85.61
CA LYS F 1155 35.25 43.01 84.18
C LYS F 1155 35.26 41.75 83.31
N SER F 1156 35.72 40.63 83.91
CA SER F 1156 35.78 39.28 83.36
C SER F 1156 34.40 38.79 82.90
N GLU F 1157 33.34 39.16 83.66
CA GLU F 1157 31.95 38.80 83.40
C GLU F 1157 31.47 39.30 82.03
N ILE F 1158 32.03 40.44 81.57
CA ILE F 1158 31.68 41.09 80.32
C ILE F 1158 32.53 40.54 79.17
N GLY F 1159 33.79 40.24 79.48
CA GLY F 1159 34.73 39.70 78.51
C GLY F 1159 36.00 40.51 78.38
N ILE F 1160 36.32 41.31 79.41
CA ILE F 1160 37.54 42.12 79.47
C ILE F 1160 38.40 41.56 80.59
N GLY F 1161 39.65 41.24 80.28
CA GLY F 1161 40.54 40.68 81.29
C GLY F 1161 41.97 40.42 80.86
N ASP F 1162 42.78 40.02 81.85
CA ASP F 1162 44.20 39.73 81.69
C ASP F 1162 44.38 38.30 81.23
N SER F 1163 45.01 38.13 80.08
CA SER F 1163 45.31 36.82 79.51
C SER F 1163 46.30 36.10 80.41
N THR F 1164 45.96 34.88 80.89
CA THR F 1164 46.82 34.05 81.72
C THR F 1164 48.06 33.59 80.94
N PHE F 1165 49.18 33.39 81.62
CA PHE F 1165 50.41 33.03 80.93
C PHE F 1165 51.09 31.80 81.50
N THR F 1166 51.74 31.02 80.62
CA THR F 1166 52.49 29.83 81.00
C THR F 1166 53.92 30.01 80.50
N LYS F 1167 54.88 30.07 81.45
CA LYS F 1167 56.31 30.25 81.17
C LYS F 1167 56.89 29.13 80.35
N MET F 1168 57.76 29.47 79.39
CA MET F 1168 58.41 28.49 78.52
C MET F 1168 59.91 28.74 78.45
N ASP F 1169 60.69 27.66 78.38
CA ASP F 1169 62.15 27.76 78.31
C ASP F 1169 62.64 27.82 76.87
N GLY F 1170 63.54 28.75 76.61
CA GLY F 1170 64.13 28.96 75.30
C GLY F 1170 63.32 29.83 74.36
N LYS F 1171 63.96 30.19 73.22
CA LYS F 1171 63.36 30.98 72.15
C LYS F 1171 62.26 30.17 71.46
N LEU F 1172 61.06 30.75 71.39
CA LEU F 1172 59.90 30.15 70.73
C LEU F 1172 59.90 30.68 69.29
N THR F 1173 59.91 29.78 68.30
CA THR F 1173 59.97 30.15 66.89
C THR F 1173 58.65 29.99 66.18
N GLY F 1174 57.85 29.04 66.65
CA GLY F 1174 56.56 28.72 66.08
C GLY F 1174 55.97 27.43 66.62
N VAL F 1175 54.88 26.98 66.01
CA VAL F 1175 54.17 25.76 66.40
C VAL F 1175 54.00 24.82 65.18
N VAL F 1176 53.91 23.51 65.43
CA VAL F 1176 53.65 22.50 64.40
C VAL F 1176 52.32 21.91 64.77
N SER F 1177 51.30 22.14 63.94
CA SER F 1177 49.95 21.72 64.29
C SER F 1177 49.34 20.69 63.36
N THR F 1178 49.10 19.52 63.92
CA THR F 1178 48.44 18.40 63.26
C THR F 1178 47.03 18.40 63.84
N PRO F 1179 46.01 17.83 63.17
CA PRO F 1179 44.67 17.79 63.78
C PRO F 1179 44.67 17.26 65.22
N LEU F 1180 45.60 16.31 65.53
CA LEU F 1180 45.76 15.71 66.85
C LEU F 1180 46.46 16.59 67.89
N VAL F 1181 47.50 17.36 67.50
CA VAL F 1181 48.31 18.12 68.47
C VAL F 1181 48.91 19.43 67.92
N ASN F 1182 49.25 20.36 68.84
CA ASN F 1182 49.98 21.61 68.56
C ASN F 1182 51.26 21.52 69.39
N LEU F 1183 52.43 21.44 68.74
CA LEU F 1183 53.70 21.32 69.47
C LEU F 1183 54.52 22.56 69.28
N ILE F 1184 54.87 23.24 70.39
CA ILE F 1184 55.68 24.46 70.31
C ILE F 1184 57.07 24.04 69.88
N ASN F 1185 57.44 24.48 68.67
CA ASN F 1185 58.66 24.13 67.96
C ASN F 1185 58.45 22.63 67.68
N GLY F 1186 59.27 21.74 68.16
CA GLY F 1186 58.95 20.36 67.90
C GLY F 1186 58.91 19.68 69.23
N GLN F 1187 58.17 20.25 70.17
CA GLN F 1187 58.00 19.74 71.52
C GLN F 1187 57.65 18.24 71.46
N GLY F 1188 57.96 17.50 72.52
CA GLY F 1188 57.76 16.05 72.68
C GLY F 1188 56.59 15.40 71.96
N ALA F 1189 56.80 15.08 70.68
CA ALA F 1189 55.80 14.38 69.90
C ALA F 1189 55.94 12.92 70.31
N THR F 1190 54.85 12.34 70.82
CA THR F 1190 54.86 10.97 71.31
C THR F 1190 53.88 10.11 70.54
N SER F 1191 54.10 8.78 70.59
CA SER F 1191 53.23 7.78 69.98
C SER F 1191 51.87 7.85 70.68
N ASP F 1192 50.77 7.62 69.94
CA ASP F 1192 49.43 7.70 70.54
C ASP F 1192 49.20 6.54 71.49
N SER F 1193 48.88 6.89 72.75
CA SER F 1193 48.62 5.95 73.84
C SER F 1193 47.36 5.11 73.60
N ASP F 1194 46.39 5.65 72.84
CA ASP F 1194 45.14 4.96 72.52
C ASP F 1194 45.41 3.79 71.58
N THR F 1195 46.27 3.98 70.57
CA THR F 1195 46.56 2.95 69.58
C THR F 1195 47.77 2.08 69.88
N GLU F 1196 48.59 2.42 70.91
CA GLU F 1196 49.84 1.73 71.26
C GLU F 1196 49.75 0.20 71.35
N LYS F 1197 48.55 -0.35 71.58
CA LYS F 1197 48.39 -1.81 71.67
C LYS F 1197 47.98 -2.46 70.33
N ILE F 1198 47.48 -1.64 69.37
CA ILE F 1198 47.07 -2.03 68.01
C ILE F 1198 48.32 -2.06 67.09
N SER F 1199 48.43 -3.08 66.26
CA SER F 1199 49.55 -3.28 65.33
C SER F 1199 49.12 -4.25 64.25
N PHE F 1200 49.80 -4.24 63.08
CA PHE F 1200 49.48 -5.20 62.03
C PHE F 1200 50.10 -6.55 62.40
N LYS F 1201 49.52 -7.64 61.90
CA LYS F 1201 50.06 -8.96 62.14
C LYS F 1201 51.27 -9.15 61.21
N PRO F 1202 52.47 -9.53 61.71
CA PRO F 1202 53.62 -9.74 60.80
C PRO F 1202 53.32 -10.82 59.74
N GLY F 1203 53.79 -10.58 58.51
CA GLY F 1203 53.59 -11.44 57.34
C GLY F 1203 53.48 -12.94 57.58
N ASN F 1204 54.40 -13.48 58.39
CA ASN F 1204 54.49 -14.90 58.77
C ASN F 1204 53.25 -15.39 59.53
N GLN F 1205 52.74 -14.58 60.47
CA GLN F 1205 51.63 -14.84 61.37
C GLN F 1205 50.22 -14.89 60.71
N ILE F 1206 50.15 -14.69 59.38
CA ILE F 1206 48.91 -14.72 58.62
C ILE F 1206 48.46 -16.16 58.38
N ASP F 1207 47.15 -16.39 58.43
CA ASP F 1207 46.54 -17.71 58.33
C ASP F 1207 46.66 -18.36 56.92
N PHE F 1208 46.65 -17.54 55.85
CA PHE F 1208 46.76 -17.91 54.42
C PHE F 1208 45.57 -18.72 53.85
N ASN F 1209 45.08 -19.77 54.55
CA ASN F 1209 43.98 -20.56 54.00
C ASN F 1209 42.66 -19.78 53.95
N ARG F 1210 42.15 -19.34 55.12
CA ARG F 1210 40.89 -18.66 55.30
C ARG F 1210 40.79 -17.41 54.42
N LEU F 1211 40.00 -17.57 53.34
CA LEU F 1211 39.59 -16.60 52.31
C LEU F 1211 40.75 -15.76 51.65
N PHE F 1212 42.04 -16.21 51.82
CA PHE F 1212 43.22 -15.60 51.18
C PHE F 1212 43.67 -16.49 50.01
N THR F 1213 43.11 -17.72 49.95
CA THR F 1213 43.29 -18.73 48.90
C THR F 1213 42.46 -18.23 47.73
N LEU F 1214 41.14 -18.09 48.00
CA LEU F 1214 40.11 -17.57 47.10
C LEU F 1214 40.32 -16.03 46.89
N PRO F 1215 39.88 -15.45 45.74
CA PRO F 1215 40.15 -14.02 45.44
C PRO F 1215 40.08 -13.00 46.57
N VAL F 1216 40.92 -11.97 46.43
CA VAL F 1216 41.11 -10.81 47.33
C VAL F 1216 39.82 -10.01 47.54
N THR F 1217 39.01 -9.85 46.48
CA THR F 1217 37.74 -9.12 46.46
C THR F 1217 36.74 -9.57 47.53
N GLU F 1218 36.91 -10.82 48.03
CA GLU F 1218 36.08 -11.47 49.04
C GLU F 1218 36.46 -11.08 50.47
N LEU F 1219 37.43 -10.18 50.64
CA LEU F 1219 37.90 -9.77 51.96
C LEU F 1219 37.47 -8.36 52.35
N PHE F 1220 36.85 -7.64 51.40
CA PHE F 1220 36.37 -6.29 51.62
C PHE F 1220 35.07 -6.03 50.87
N ASP F 1221 34.24 -5.11 51.42
CA ASP F 1221 32.96 -4.71 50.85
C ASP F 1221 33.27 -3.80 49.69
N PRO F 1222 32.98 -4.21 48.44
CA PRO F 1222 33.36 -3.38 47.28
C PRO F 1222 32.81 -1.97 47.26
N ASN F 1223 31.58 -1.80 47.77
CA ASN F 1223 30.93 -0.49 47.82
C ASN F 1223 31.66 0.46 48.80
N THR F 1224 31.91 -0.02 50.04
CA THR F 1224 32.50 0.76 51.11
C THR F 1224 34.05 0.82 51.07
N MET F 1225 34.68 -0.28 50.57
CA MET F 1225 36.12 -0.53 50.40
C MET F 1225 36.81 -0.80 51.72
N PHE F 1226 36.06 -1.35 52.69
CA PHE F 1226 36.58 -1.71 54.00
C PHE F 1226 36.62 -3.19 54.18
N VAL F 1227 37.65 -3.70 54.88
CA VAL F 1227 37.80 -5.12 55.18
C VAL F 1227 36.59 -5.52 56.04
N TYR F 1228 35.94 -6.64 55.70
CA TYR F 1228 34.77 -7.11 56.44
C TYR F 1228 35.16 -7.33 57.88
N ASP F 1229 34.32 -6.88 58.82
CA ASP F 1229 34.52 -6.94 60.28
C ASP F 1229 35.11 -8.24 60.79
N GLN F 1230 34.80 -9.35 60.10
CA GLN F 1230 35.21 -10.71 60.39
C GLN F 1230 36.75 -10.95 60.20
N TYR F 1231 37.35 -10.43 59.13
CA TYR F 1231 38.77 -10.66 58.84
C TYR F 1231 39.69 -9.67 59.54
N VAL F 1232 39.13 -8.55 60.04
CA VAL F 1232 39.92 -7.52 60.72
C VAL F 1232 40.81 -8.09 61.83
N PRO F 1233 40.34 -8.95 62.77
CA PRO F 1233 41.28 -9.48 63.79
C PRO F 1233 42.27 -10.49 63.23
N LEU F 1234 42.06 -10.93 61.97
CA LEU F 1234 42.94 -11.87 61.29
C LEU F 1234 44.20 -11.15 60.79
N LEU F 1235 44.08 -9.83 60.51
CA LEU F 1235 45.17 -8.97 60.00
C LEU F 1235 45.82 -8.05 61.03
N VAL F 1236 45.10 -7.71 62.11
CA VAL F 1236 45.62 -6.81 63.15
C VAL F 1236 45.70 -7.50 64.53
N ASN F 1237 46.75 -7.19 65.28
CA ASN F 1237 46.96 -7.69 66.63
C ASN F 1237 46.28 -6.70 67.54
N LEU F 1238 45.29 -7.18 68.33
CA LEU F 1238 44.52 -6.32 69.23
C LEU F 1238 44.60 -6.79 70.68
N PRO F 1239 44.56 -5.82 71.65
CA PRO F 1239 44.63 -6.21 73.06
C PRO F 1239 43.42 -7.03 73.47
N SER F 1240 43.58 -8.03 74.36
CA SER F 1240 42.47 -8.90 74.79
C SER F 1240 41.29 -8.08 75.25
N GLY F 1241 40.18 -8.29 74.57
CA GLY F 1241 38.92 -7.61 74.81
C GLY F 1241 38.88 -6.20 74.27
N PHE F 1242 39.25 -6.05 73.01
CA PHE F 1242 39.24 -4.72 72.41
C PHE F 1242 38.06 -4.55 71.52
N ASP F 1243 37.49 -3.32 71.51
CA ASP F 1243 36.33 -3.00 70.66
C ASP F 1243 36.72 -2.94 69.18
N GLN F 1244 36.33 -3.98 68.46
CA GLN F 1244 36.53 -4.17 67.04
C GLN F 1244 35.96 -3.02 66.20
N ALA F 1245 34.92 -2.37 66.73
CA ALA F 1245 34.19 -1.29 66.09
C ALA F 1245 34.84 0.07 66.23
N SER F 1246 35.87 0.17 67.06
CA SER F 1246 36.61 1.42 67.19
C SER F 1246 37.84 1.45 66.23
N ILE F 1247 38.00 0.40 65.38
CA ILE F 1247 39.07 0.30 64.37
C ILE F 1247 38.51 -0.13 63.02
N ARG F 1248 39.14 0.37 61.92
CA ARG F 1248 38.79 -0.01 60.55
C ARG F 1248 40.01 -0.22 59.67
N LEU F 1249 39.82 -1.04 58.64
CA LEU F 1249 40.87 -1.38 57.69
C LEU F 1249 40.41 -1.00 56.27
N LYS F 1250 40.81 0.22 55.78
CA LYS F 1250 40.40 0.67 54.46
C LYS F 1250 41.32 0.05 53.46
N VAL F 1251 40.76 -0.44 52.34
CA VAL F 1251 41.54 -1.02 51.25
C VAL F 1251 42.00 0.11 50.31
N ILE F 1252 43.29 0.37 50.32
CA ILE F 1252 43.96 1.45 49.61
C ILE F 1252 44.26 1.05 48.17
N SER F 1253 44.52 -0.23 47.96
CA SER F 1253 44.81 -0.83 46.66
C SER F 1253 44.65 -2.34 46.81
N TYR F 1254 44.38 -3.03 45.71
CA TYR F 1254 44.22 -4.49 45.67
C TYR F 1254 44.46 -5.03 44.27
N SER F 1255 44.88 -6.30 44.18
CA SER F 1255 45.08 -6.99 42.91
C SER F 1255 44.64 -8.41 43.06
N VAL F 1256 43.49 -8.73 42.47
CA VAL F 1256 42.93 -10.08 42.52
C VAL F 1256 43.97 -11.00 41.88
N GLU F 1257 44.50 -10.55 40.71
CA GLU F 1257 45.50 -11.19 39.86
C GLU F 1257 46.79 -11.52 40.61
N ASN F 1258 47.43 -10.49 41.22
CA ASN F 1258 48.69 -10.59 41.94
C ASN F 1258 48.55 -11.02 43.42
N GLN F 1259 47.28 -11.18 43.90
CA GLN F 1259 46.94 -11.55 45.28
C GLN F 1259 47.64 -10.61 46.28
N THR F 1260 47.27 -9.31 46.24
CA THR F 1260 47.79 -8.24 47.11
C THR F 1260 46.62 -7.44 47.70
N LEU F 1261 46.72 -7.08 48.98
CA LEU F 1261 45.68 -6.34 49.70
C LEU F 1261 46.32 -5.23 50.50
N GLY F 1262 46.33 -4.01 49.94
CA GLY F 1262 46.89 -2.83 50.59
C GLY F 1262 45.89 -2.21 51.54
N VAL F 1263 46.25 -2.07 52.84
CA VAL F 1263 45.36 -1.49 53.85
C VAL F 1263 46.00 -0.40 54.71
N ARG F 1264 45.13 0.38 55.37
CA ARG F 1264 45.46 1.43 56.30
C ARG F 1264 44.58 1.18 57.52
N LEU F 1265 45.21 1.16 58.69
CA LEU F 1265 44.53 0.94 59.96
C LEU F 1265 44.06 2.28 60.50
N GLU F 1266 42.76 2.43 60.67
CA GLU F 1266 42.20 3.65 61.23
C GLU F 1266 41.57 3.33 62.58
N PHE F 1267 41.50 4.31 63.47
CA PHE F 1267 40.98 4.15 64.82
C PHE F 1267 40.08 5.33 65.19
N LYS F 1268 38.90 5.03 65.71
CA LYS F 1268 37.93 6.02 66.16
C LYS F 1268 38.48 6.77 67.38
N ASP F 1269 38.89 8.03 67.20
CA ASP F 1269 39.42 8.87 68.28
C ASP F 1269 38.35 8.97 69.40
N PRO F 1270 38.71 8.76 70.69
CA PRO F 1270 37.69 8.83 71.74
C PRO F 1270 37.12 10.24 71.92
N GLN F 1271 37.97 11.28 71.74
CA GLN F 1271 37.59 12.68 71.86
C GLN F 1271 36.55 13.04 70.77
N THR F 1272 37.00 13.17 69.50
CA THR F 1272 36.15 13.43 68.32
C THR F 1272 35.87 12.07 67.78
N GLN F 1273 34.60 11.76 67.48
CA GLN F 1273 34.24 10.39 67.05
C GLN F 1273 34.65 10.01 65.59
N GLN F 1274 35.69 10.70 65.07
CA GLN F 1274 36.32 10.47 63.78
C GLN F 1274 37.59 9.63 63.80
N PHE F 1275 37.85 8.98 62.66
CA PHE F 1275 38.96 8.06 62.62
C PHE F 1275 40.25 8.63 62.28
N ILE F 1276 41.24 8.27 63.08
CA ILE F 1276 42.61 8.69 62.97
C ILE F 1276 43.47 7.49 62.53
N PRO F 1277 44.58 7.69 61.79
CA PRO F 1277 45.37 6.53 61.37
C PRO F 1277 46.22 6.00 62.52
N VAL F 1278 46.29 4.65 62.64
CA VAL F 1278 47.07 3.95 63.64
C VAL F 1278 48.48 3.97 63.10
N LEU F 1279 49.19 5.07 63.38
CA LEU F 1279 50.54 5.32 62.86
C LEU F 1279 51.54 4.27 63.29
N ASN F 1280 51.28 3.62 64.43
CA ASN F 1280 52.12 2.54 64.98
C ASN F 1280 51.82 1.17 64.39
N ALA F 1281 50.91 1.12 63.40
CA ALA F 1281 50.48 -0.09 62.74
C ALA F 1281 51.65 -0.82 62.08
N SER F 1282 52.58 -0.05 61.48
CA SER F 1282 53.77 -0.57 60.81
C SER F 1282 55.02 0.24 61.16
N SER F 1283 56.17 -0.36 60.85
CA SER F 1283 57.52 0.18 60.99
C SER F 1283 57.66 1.45 60.15
N THR F 1284 56.93 1.48 59.02
CA THR F 1284 56.86 2.54 58.02
C THR F 1284 55.74 3.57 58.34
N GLY F 1285 54.51 3.08 58.55
CA GLY F 1285 53.35 3.93 58.82
C GLY F 1285 52.06 3.18 59.01
N PRO F 1286 50.86 3.82 58.92
CA PRO F 1286 49.60 3.09 59.12
C PRO F 1286 49.18 2.23 57.93
N GLN F 1287 49.96 2.31 56.85
CA GLN F 1287 49.81 1.64 55.58
C GLN F 1287 50.61 0.36 55.57
N THR F 1288 50.10 -0.68 54.89
CA THR F 1288 50.82 -1.93 54.65
C THR F 1288 50.18 -2.76 53.54
N VAL F 1289 50.98 -3.63 52.92
CA VAL F 1289 50.46 -4.53 51.89
C VAL F 1289 50.53 -5.96 52.37
N PHE F 1290 49.44 -6.67 52.19
CA PHE F 1290 49.35 -8.07 52.55
C PHE F 1290 49.36 -8.91 51.28
N GLN F 1291 50.30 -9.84 51.20
CA GLN F 1291 50.44 -10.73 50.06
C GLN F 1291 50.82 -12.15 50.48
N PRO F 1292 50.23 -13.20 49.86
CA PRO F 1292 50.58 -14.58 50.25
C PRO F 1292 52.00 -14.96 49.87
N PHE F 1293 52.79 -15.36 50.88
CA PHE F 1293 54.20 -15.79 50.86
C PHE F 1293 55.05 -15.23 49.69
N ASN F 1294 54.90 -13.92 49.43
CA ASN F 1294 55.59 -13.23 48.35
C ASN F 1294 56.49 -12.14 48.92
#